data_9GK2
#
_entry.id   9GK2
#
_cell.length_a   1.00
_cell.length_b   1.00
_cell.length_c   1.00
_cell.angle_alpha   90.00
_cell.angle_beta   90.00
_cell.angle_gamma   90.00
#
_symmetry.space_group_name_H-M   'P 1'
#
_entity_poly.entity_id   1
_entity_poly.type   'polypeptide(L)'
_entity_poly.pdbx_seq_one_letter_code
;ETNPTFNITNGFNDADGSTIQPVGPVNHTEETLRDLTDSTGAYLEEFQNGTVEEIVEAYLQVQASADGFDPSEQAAYEAF
EAARVRASQELAASAETITKTRESVAYALKVDQEATAAFEAYRNALRDAAISINPDGSINPDTSINLLIDAANAANRTDR
AEIEDYAHLYTQTDIALETPQLAYAFQDLKALQAEVDADFEWLGEFGIDQEDGNYVQRYHLPAVEALKAEVDARVAAIEP
LRADSIAKNLEAQKSDVLVRQLFLERATAQRDTLRVVEAIFSTSARYVELYENVENVNVENKTLRQHYSALIPNLFIAAV
ANISELNAADAEAAAYYLHWDTDLATNDEDEAYYKAKLDFAIETYAKILFNGEVWQEPLAYVQNLDAGARQEAADREAAR
AADEAYRAEQLRIAQEAADAQKAIAEALAKEA
;
_entity_poly.pdbx_strand_id   G,H,I,J,K,L,M,N,O,P,Q,R,S,T,U,V,W,X
#
# COMPACT_ATOMS: atom_id res chain seq x y z
N GLU A 1 -31.77 -6.14 12.42
CA GLU A 1 -31.35 -6.31 11.03
C GLU A 1 -30.32 -5.25 10.67
N THR A 2 -30.09 -5.05 9.37
CA THR A 2 -29.14 -4.06 8.90
C THR A 2 -29.70 -2.67 9.17
N ASN A 3 -28.96 -1.65 8.73
CA ASN A 3 -29.41 -0.27 8.86
C ASN A 3 -29.55 0.36 7.48
N PRO A 4 -30.64 0.11 6.73
CA PRO A 4 -30.74 0.68 5.38
C PRO A 4 -31.31 2.09 5.32
N THR A 5 -31.36 2.80 6.45
CA THR A 5 -32.09 4.06 6.50
C THR A 5 -31.54 5.10 5.52
N PHE A 6 -30.22 5.20 5.39
CA PHE A 6 -29.68 6.27 4.55
C PHE A 6 -28.92 5.78 3.32
N ASN A 7 -29.42 4.77 2.68
CA ASN A 7 -28.86 4.18 1.45
C ASN A 7 -29.81 3.13 0.86
N ILE A 8 -29.62 2.75 -0.42
CA ILE A 8 -30.39 1.64 -1.07
C ILE A 8 -31.91 1.81 -0.96
N THR A 9 -32.39 2.90 -0.36
CA THR A 9 -33.86 3.14 -0.35
C THR A 9 -34.27 3.68 -1.72
N ASN A 10 -35.58 3.78 -1.99
CA ASN A 10 -35.99 4.45 -3.26
C ASN A 10 -35.20 5.75 -3.28
N GLY A 11 -34.28 5.93 -4.24
CA GLY A 11 -33.39 7.09 -4.19
C GLY A 11 -34.13 8.37 -3.83
N PHE A 12 -35.37 8.50 -4.29
CA PHE A 12 -36.19 9.64 -3.93
C PHE A 12 -37.40 9.12 -3.15
N ASN A 13 -37.41 9.39 -1.85
CA ASN A 13 -38.38 8.80 -0.93
C ASN A 13 -39.15 9.90 -0.22
N ASP A 14 -40.45 9.66 0.01
CA ASP A 14 -41.27 10.63 0.72
C ASP A 14 -40.94 10.64 2.21
N ALA A 15 -40.32 9.57 2.70
CA ALA A 15 -40.08 9.44 4.14
C ALA A 15 -39.10 10.47 4.67
N ASP A 16 -38.24 11.03 3.81
CA ASP A 16 -37.23 11.99 4.25
C ASP A 16 -37.49 13.39 3.74
N GLY A 17 -38.39 13.57 2.78
CA GLY A 17 -38.57 14.85 2.13
C GLY A 17 -37.71 15.04 0.90
N SER A 18 -37.31 13.96 0.24
CA SER A 18 -36.47 14.01 -0.94
C SER A 18 -37.28 13.85 -2.23
N THR A 19 -38.50 13.33 -2.15
CA THR A 19 -39.32 13.18 -3.34
C THR A 19 -39.94 14.52 -3.75
N ILE A 20 -40.49 14.56 -4.95
CA ILE A 20 -41.15 15.75 -5.48
C ILE A 20 -42.58 15.77 -4.98
N GLN A 21 -43.17 16.97 -4.92
CA GLN A 21 -44.52 17.13 -4.41
C GLN A 21 -45.30 18.13 -5.25
N PRO A 22 -46.29 17.67 -6.02
CA PRO A 22 -47.17 18.61 -6.76
C PRO A 22 -48.02 19.41 -5.78
N VAL A 23 -48.14 20.71 -6.01
CA VAL A 23 -48.86 21.60 -5.13
C VAL A 23 -49.89 22.39 -5.93
N GLY A 24 -51.12 22.43 -5.41
CA GLY A 24 -52.10 23.40 -5.85
C GLY A 24 -52.19 24.51 -4.83
N PRO A 25 -53.03 25.50 -5.07
CA PRO A 25 -53.21 26.55 -4.05
C PRO A 25 -54.26 26.18 -3.02
N VAL A 26 -53.83 26.00 -1.77
CA VAL A 26 -54.72 25.76 -0.64
C VAL A 26 -54.29 26.68 0.49
N ASN A 27 -55.27 27.32 1.14
CA ASN A 27 -54.99 28.32 2.16
C ASN A 27 -54.86 27.65 3.52
N HIS A 28 -53.62 27.60 4.02
CA HIS A 28 -53.35 27.26 5.41
C HIS A 28 -52.86 28.51 6.11
N THR A 29 -53.55 28.88 7.19
CA THR A 29 -53.30 30.17 7.82
C THR A 29 -51.92 30.21 8.48
N GLU A 30 -51.46 31.43 8.74
CA GLU A 30 -50.19 31.59 9.43
C GLU A 30 -50.21 30.92 10.80
N GLU A 31 -51.35 30.98 11.49
CA GLU A 31 -51.48 30.30 12.77
C GLU A 31 -51.36 28.80 12.63
N THR A 32 -51.99 28.23 11.59
CA THR A 32 -51.89 26.78 11.38
C THR A 32 -50.45 26.36 11.11
N LEU A 33 -49.74 27.12 10.29
CA LEU A 33 -48.35 26.79 10.01
C LEU A 33 -47.48 26.95 11.26
N ARG A 34 -47.73 27.99 12.06
CA ARG A 34 -46.96 28.15 13.28
C ARG A 34 -47.20 27.01 14.25
N ASP A 35 -48.45 26.55 14.35
CA ASP A 35 -48.75 25.39 15.19
C ASP A 35 -48.04 24.15 14.68
N LEU A 36 -48.07 23.92 13.37
CA LEU A 36 -47.43 22.73 12.81
C LEU A 36 -45.92 22.76 13.02
N THR A 37 -45.30 23.94 12.91
CA THR A 37 -43.86 24.03 13.12
C THR A 37 -43.51 23.89 14.61
N ASP A 38 -44.30 24.50 15.49
CA ASP A 38 -44.03 24.39 16.92
C ASP A 38 -44.24 22.96 17.42
N SER A 39 -45.08 22.18 16.73
CA SER A 39 -45.25 20.78 17.11
C SER A 39 -43.92 20.02 17.02
N THR A 40 -43.13 20.25 15.98
CA THR A 40 -41.84 19.61 15.86
C THR A 40 -40.77 20.36 16.66
N GLY A 41 -40.95 21.67 16.83
CA GLY A 41 -40.02 22.43 17.66
C GLY A 41 -40.03 21.95 19.10
N ALA A 42 -41.18 21.50 19.58
CA ALA A 42 -41.24 20.90 20.92
C ALA A 42 -40.33 19.68 21.01
N TYR A 43 -40.33 18.84 19.99
CA TYR A 43 -39.48 17.65 19.99
C TYR A 43 -38.01 18.04 19.91
N LEU A 44 -37.69 19.06 19.12
CA LEU A 44 -36.30 19.46 18.91
C LEU A 44 -35.76 20.40 19.99
N GLU A 45 -36.61 20.84 20.92
CA GLU A 45 -36.17 21.82 21.92
C GLU A 45 -35.01 21.30 22.75
N GLU A 46 -35.05 20.03 23.15
CA GLU A 46 -34.01 19.50 24.00
C GLU A 46 -32.65 19.53 23.30
N PHE A 47 -32.61 19.16 22.03
CA PHE A 47 -31.39 19.31 21.26
C PHE A 47 -30.99 20.77 21.11
N GLN A 48 -31.98 21.64 20.91
CA GLN A 48 -31.69 23.02 20.53
C GLN A 48 -30.98 23.78 21.63
N ASN A 49 -31.50 23.72 22.85
CA ASN A 49 -30.98 24.55 23.94
C ASN A 49 -30.78 23.79 25.24
N GLY A 50 -30.97 22.47 25.26
CA GLY A 50 -30.81 21.70 26.46
C GLY A 50 -29.36 21.35 26.73
N THR A 51 -29.16 20.59 27.80
CA THR A 51 -27.85 20.05 28.15
C THR A 51 -27.90 18.53 28.00
N VAL A 52 -26.74 17.90 28.25
CA VAL A 52 -26.61 16.47 27.99
C VAL A 52 -27.61 15.67 28.81
N GLU A 53 -27.79 16.03 30.08
CA GLU A 53 -28.73 15.31 30.93
C GLU A 53 -30.14 15.41 30.39
N GLU A 54 -30.55 16.60 29.94
CA GLU A 54 -31.87 16.76 29.35
C GLU A 54 -32.01 15.94 28.09
N ILE A 55 -30.97 15.87 27.27
CA ILE A 55 -31.04 15.11 26.02
C ILE A 55 -31.23 13.63 26.32
N VAL A 56 -30.45 13.08 27.25
CA VAL A 56 -30.60 11.66 27.54
C VAL A 56 -31.94 11.39 28.21
N GLU A 57 -32.41 12.35 29.01
CA GLU A 57 -33.72 12.20 29.66
C GLU A 57 -34.84 12.12 28.63
N ALA A 58 -34.88 13.06 27.69
CA ALA A 58 -36.07 13.22 26.86
C ALA A 58 -36.20 12.12 25.81
N TYR A 59 -35.10 11.79 25.13
CA TYR A 59 -35.21 10.93 23.96
C TYR A 59 -35.13 9.45 24.32
N LEU A 60 -34.40 9.13 25.38
CA LEU A 60 -34.42 7.80 25.97
C LEU A 60 -35.13 7.92 27.32
N GLN A 61 -36.24 7.21 27.48
CA GLN A 61 -37.08 7.33 28.67
C GLN A 61 -36.35 6.67 29.83
N VAL A 62 -35.58 7.47 30.57
CA VAL A 62 -34.83 6.94 31.70
C VAL A 62 -35.76 6.59 32.85
N GLN A 63 -36.69 7.49 33.18
CA GLN A 63 -37.58 7.26 34.31
C GLN A 63 -38.65 6.21 33.98
N ALA A 64 -39.09 6.16 32.72
CA ALA A 64 -40.10 5.20 32.33
C ALA A 64 -39.57 3.78 32.19
N SER A 65 -38.25 3.59 32.25
CA SER A 65 -37.68 2.25 32.17
C SER A 65 -37.98 1.49 33.44
N ALA A 66 -37.76 0.17 33.39
CA ALA A 66 -38.01 -0.68 34.55
C ALA A 66 -37.21 -0.19 35.75
N ASP A 67 -37.86 -0.16 36.91
CA ASP A 67 -37.26 0.42 38.10
C ASP A 67 -36.03 -0.37 38.52
N GLY A 68 -34.93 0.34 38.71
CA GLY A 68 -33.64 -0.29 38.87
C GLY A 68 -32.99 -0.35 37.51
N PHE A 69 -32.02 0.51 37.24
CA PHE A 69 -31.54 0.66 35.87
C PHE A 69 -30.87 -0.61 35.39
N ASP A 70 -31.33 -1.12 34.26
CA ASP A 70 -30.70 -2.26 33.63
C ASP A 70 -29.42 -1.81 32.92
N PRO A 71 -28.24 -2.14 33.43
CA PRO A 71 -27.00 -1.79 32.74
C PRO A 71 -26.68 -2.69 31.56
N SER A 72 -27.61 -3.57 31.18
CA SER A 72 -27.45 -4.45 30.04
C SER A 72 -27.32 -3.64 28.75
N GLU A 73 -26.54 -4.17 27.81
CA GLU A 73 -26.42 -3.53 26.52
C GLU A 73 -27.70 -3.71 25.70
N GLN A 74 -28.46 -4.76 25.98
CA GLN A 74 -29.75 -4.93 25.32
C GLN A 74 -30.70 -3.80 25.66
N ALA A 75 -30.67 -3.33 26.91
CA ALA A 75 -31.52 -2.21 27.31
C ALA A 75 -31.17 -0.96 26.51
N ALA A 76 -29.88 -0.68 26.36
CA ALA A 76 -29.46 0.45 25.55
C ALA A 76 -29.89 0.28 24.10
N TYR A 77 -29.78 -0.94 23.57
CA TYR A 77 -30.20 -1.20 22.20
C TYR A 77 -31.68 -0.89 22.02
N GLU A 78 -32.53 -1.36 22.93
CA GLU A 78 -33.96 -1.09 22.81
C GLU A 78 -34.28 0.38 22.97
N ALA A 79 -33.60 1.07 23.90
CA ALA A 79 -33.84 2.50 24.09
C ALA A 79 -33.48 3.28 22.83
N PHE A 80 -32.33 2.98 22.22
CA PHE A 80 -31.92 3.69 21.02
C PHE A 80 -32.82 3.35 19.85
N GLU A 81 -33.30 2.10 19.77
CA GLU A 81 -34.25 1.74 18.72
C GLU A 81 -35.55 2.52 18.85
N ALA A 82 -36.06 2.66 20.07
CA ALA A 82 -37.28 3.44 20.28
C ALA A 82 -37.06 4.90 19.89
N ALA A 83 -35.92 5.47 20.28
CA ALA A 83 -35.62 6.84 19.89
C ALA A 83 -35.57 6.98 18.36
N ARG A 84 -34.99 5.96 17.69
CA ARG A 84 -34.93 6.00 16.23
C ARG A 84 -36.32 5.97 15.61
N VAL A 85 -37.22 5.12 16.13
CA VAL A 85 -38.57 5.06 15.58
C VAL A 85 -39.30 6.39 15.77
N ARG A 86 -39.13 7.00 16.95
CA ARG A 86 -39.78 8.29 17.20
C ARG A 86 -39.26 9.36 16.23
N ALA A 87 -37.94 9.44 16.05
CA ALA A 87 -37.38 10.39 15.11
C ALA A 87 -37.84 10.10 13.68
N SER A 88 -37.99 8.82 13.34
CA SER A 88 -38.43 8.46 11.99
C SER A 88 -39.85 8.95 11.73
N GLN A 89 -40.73 8.84 12.71
CA GLN A 89 -42.08 9.38 12.53
C GLN A 89 -42.08 10.90 12.45
N GLU A 90 -41.27 11.54 13.29
CA GLU A 90 -41.18 13.00 13.24
C GLU A 90 -40.68 13.49 11.88
N LEU A 91 -39.79 12.71 11.24
CA LEU A 91 -39.28 13.08 9.93
C LEU A 91 -40.38 13.12 8.88
N ALA A 92 -41.26 12.11 8.86
CA ALA A 92 -42.37 12.13 7.93
C ALA A 92 -43.33 13.27 8.23
N ALA A 93 -43.54 13.56 9.52
CA ALA A 93 -44.37 14.71 9.88
C ALA A 93 -43.80 16.01 9.30
N SER A 94 -42.49 16.23 9.44
CA SER A 94 -41.88 17.44 8.89
C SER A 94 -41.93 17.44 7.37
N ALA A 95 -41.84 16.27 6.75
CA ALA A 95 -41.96 16.19 5.30
C ALA A 95 -43.33 16.68 4.83
N GLU A 96 -44.39 16.30 5.54
CA GLU A 96 -45.72 16.79 5.16
C GLU A 96 -45.88 18.28 5.49
N THR A 97 -45.24 18.74 6.57
CA THR A 97 -45.27 20.16 6.90
C THR A 97 -44.66 20.99 5.77
N ILE A 98 -43.59 20.48 5.15
CA ILE A 98 -43.00 21.15 4.00
C ILE A 98 -44.04 21.38 2.90
N THR A 99 -44.76 20.33 2.54
CA THR A 99 -45.75 20.42 1.46
C THR A 99 -46.84 21.43 1.81
N LYS A 100 -47.32 21.40 3.05
CA LYS A 100 -48.40 22.31 3.42
C LYS A 100 -47.93 23.77 3.40
N THR A 101 -46.71 24.04 3.90
CA THR A 101 -46.20 25.41 3.86
C THR A 101 -45.97 25.87 2.42
N ARG A 102 -45.63 24.95 1.52
CA ARG A 102 -45.52 25.32 0.11
C ARG A 102 -46.89 25.69 -0.47
N GLU A 103 -47.90 24.88 -0.16
CA GLU A 103 -49.25 25.14 -0.69
C GLU A 103 -49.77 26.50 -0.22
N SER A 104 -49.45 26.86 1.02
CA SER A 104 -49.90 28.13 1.56
C SER A 104 -49.32 29.32 0.77
N VAL A 105 -48.02 29.27 0.47
CA VAL A 105 -47.39 30.33 -0.32
C VAL A 105 -47.99 30.36 -1.72
N ALA A 106 -48.29 29.18 -2.27
CA ALA A 106 -48.91 29.11 -3.59
C ALA A 106 -50.23 29.87 -3.61
N TYR A 107 -51.05 29.69 -2.58
CA TYR A 107 -52.31 30.43 -2.50
C TYR A 107 -52.08 31.93 -2.35
N ALA A 108 -51.17 32.31 -1.43
CA ALA A 108 -50.99 33.72 -1.12
C ALA A 108 -50.52 34.51 -2.33
N LEU A 109 -49.52 34.00 -3.05
CA LEU A 109 -49.02 34.75 -4.18
C LEU A 109 -50.04 34.82 -5.32
N LYS A 110 -50.83 33.77 -5.50
CA LYS A 110 -51.85 33.79 -6.53
C LYS A 110 -52.87 34.89 -6.28
N VAL A 111 -53.37 34.98 -5.05
CA VAL A 111 -54.35 36.04 -4.77
C VAL A 111 -53.69 37.41 -4.86
N ASP A 112 -52.41 37.50 -4.51
CA ASP A 112 -51.71 38.77 -4.62
C ASP A 112 -51.59 39.25 -6.07
N GLN A 113 -51.22 38.35 -6.98
CA GLN A 113 -51.13 38.71 -8.39
C GLN A 113 -52.50 39.09 -8.94
N GLU A 114 -53.55 38.37 -8.54
CA GLU A 114 -54.88 38.73 -9.00
C GLU A 114 -55.26 40.14 -8.55
N ALA A 115 -54.93 40.49 -7.29
CA ALA A 115 -55.23 41.82 -6.79
C ALA A 115 -54.48 42.89 -7.57
N THR A 116 -53.19 42.65 -7.85
CA THR A 116 -52.43 43.63 -8.62
C THR A 116 -53.02 43.83 -10.02
N ALA A 117 -53.40 42.73 -10.68
CA ALA A 117 -54.00 42.83 -12.01
C ALA A 117 -55.29 43.62 -11.98
N ALA A 118 -56.15 43.35 -10.99
CA ALA A 118 -57.41 44.06 -10.90
C ALA A 118 -57.20 45.55 -10.64
N PHE A 119 -56.26 45.90 -9.75
CA PHE A 119 -56.00 47.32 -9.50
C PHE A 119 -55.49 48.00 -10.76
N GLU A 120 -54.61 47.33 -11.50
CA GLU A 120 -54.10 47.93 -12.73
C GLU A 120 -55.23 48.17 -13.73
N ALA A 121 -56.11 47.18 -13.91
CA ALA A 121 -57.20 47.34 -14.87
C ALA A 121 -58.12 48.49 -14.48
N TYR A 122 -58.46 48.58 -13.19
CA TYR A 122 -59.43 49.58 -12.77
C TYR A 122 -58.82 50.98 -12.79
N ARG A 123 -57.55 51.11 -12.43
CA ARG A 123 -56.88 52.41 -12.57
C ARG A 123 -56.74 52.81 -14.02
N ASN A 124 -56.50 51.85 -14.91
CA ASN A 124 -56.42 52.15 -16.33
C ASN A 124 -57.76 52.65 -16.87
N ALA A 125 -58.85 52.02 -16.44
CA ALA A 125 -60.17 52.49 -16.84
C ALA A 125 -60.44 53.91 -16.33
N LEU A 126 -60.08 54.18 -15.07
CA LEU A 126 -60.27 55.53 -14.55
C LEU A 126 -59.44 56.56 -15.31
N ARG A 127 -58.20 56.21 -15.66
CA ARG A 127 -57.35 57.11 -16.43
C ARG A 127 -57.95 57.37 -17.80
N ASP A 128 -58.45 56.31 -18.45
CA ASP A 128 -59.04 56.44 -19.78
C ASP A 128 -60.32 57.26 -19.73
N ALA A 129 -60.99 57.27 -18.58
CA ALA A 129 -62.22 58.04 -18.45
C ALA A 129 -61.99 59.53 -18.68
N ALA A 130 -60.95 60.09 -18.09
CA ALA A 130 -60.73 61.54 -18.17
C ALA A 130 -60.35 61.95 -19.59
N ILE A 131 -59.23 61.44 -20.09
CA ILE A 131 -58.79 61.76 -21.44
C ILE A 131 -58.60 60.46 -22.22
N SER A 132 -59.59 60.10 -23.02
CA SER A 132 -59.52 58.85 -23.77
C SER A 132 -58.54 58.98 -24.93
N ILE A 133 -57.88 57.87 -25.25
CA ILE A 133 -56.90 57.82 -26.33
C ILE A 133 -57.30 56.71 -27.29
N ASN A 134 -57.29 57.02 -28.58
CA ASN A 134 -57.70 56.09 -29.62
C ASN A 134 -56.67 54.98 -29.74
N PRO A 135 -57.06 53.84 -30.36
CA PRO A 135 -56.06 52.79 -30.60
C PRO A 135 -54.86 53.26 -31.40
N ASP A 136 -55.06 54.22 -32.31
CA ASP A 136 -53.95 54.78 -33.07
C ASP A 136 -53.05 55.67 -32.23
N GLY A 137 -53.51 56.13 -31.06
CA GLY A 137 -52.72 56.97 -30.19
C GLY A 137 -53.10 58.43 -30.17
N SER A 138 -54.35 58.77 -30.46
CA SER A 138 -54.80 60.15 -30.48
C SER A 138 -55.99 60.33 -29.54
N ILE A 139 -56.13 61.56 -29.04
CA ILE A 139 -57.25 61.87 -28.15
C ILE A 139 -58.55 61.79 -28.92
N ASN A 140 -59.59 61.26 -28.26
CA ASN A 140 -60.90 61.13 -28.88
C ASN A 140 -61.87 62.05 -28.14
N PRO A 141 -62.14 63.26 -28.64
CA PRO A 141 -63.06 64.16 -27.94
C PRO A 141 -64.47 63.63 -27.85
N ASP A 142 -64.86 62.68 -28.70
CA ASP A 142 -66.20 62.11 -28.64
C ASP A 142 -66.40 61.39 -27.30
N THR A 143 -65.41 60.63 -26.86
CA THR A 143 -65.52 59.84 -25.64
C THR A 143 -64.55 60.28 -24.55
N SER A 144 -64.26 61.58 -24.43
CA SER A 144 -63.36 62.10 -23.42
C SER A 144 -64.14 63.00 -22.48
N ILE A 145 -63.99 62.78 -21.17
CA ILE A 145 -64.79 63.51 -20.18
C ILE A 145 -64.40 64.97 -20.13
N ASN A 146 -63.09 65.27 -20.04
CA ASN A 146 -62.67 66.64 -19.81
C ASN A 146 -62.98 67.54 -21.00
N LEU A 147 -62.83 67.01 -22.22
CA LEU A 147 -63.15 67.80 -23.40
C LEU A 147 -64.64 68.12 -23.48
N LEU A 148 -65.49 67.12 -23.19
CA LEU A 148 -66.92 67.39 -23.15
C LEU A 148 -67.27 68.36 -22.03
N ILE A 149 -66.57 68.27 -20.91
CA ILE A 149 -66.80 69.19 -19.79
C ILE A 149 -66.51 70.62 -20.23
N ASP A 150 -65.39 70.82 -20.90
CA ASP A 150 -65.03 72.17 -21.33
C ASP A 150 -65.96 72.66 -22.43
N ALA A 151 -66.42 71.76 -23.30
CA ALA A 151 -67.40 72.13 -24.32
C ALA A 151 -68.68 72.62 -23.69
N ALA A 152 -69.17 71.91 -22.67
CA ALA A 152 -70.39 72.34 -21.98
C ALA A 152 -70.14 73.62 -21.18
N ASN A 153 -68.92 73.77 -20.65
CA ASN A 153 -68.60 74.95 -19.85
C ASN A 153 -68.57 76.20 -20.71
N ALA A 154 -68.07 76.10 -21.93
CA ALA A 154 -68.03 77.23 -22.84
C ALA A 154 -69.35 77.49 -23.54
N ALA A 155 -70.29 76.54 -23.49
CA ALA A 155 -71.55 76.65 -24.20
C ALA A 155 -72.68 77.17 -23.34
N ASN A 156 -72.38 77.71 -22.17
CA ASN A 156 -73.41 78.29 -21.30
C ASN A 156 -73.21 79.79 -21.20
N ARG A 157 -74.31 80.51 -20.92
CA ARG A 157 -74.30 81.95 -20.83
C ARG A 157 -74.82 82.45 -19.49
N THR A 158 -75.17 81.55 -18.58
CA THR A 158 -75.78 81.91 -17.31
C THR A 158 -74.73 82.56 -16.40
N ASP A 159 -75.20 83.18 -15.31
CA ASP A 159 -74.33 83.90 -14.39
C ASP A 159 -74.00 83.01 -13.19
N ARG A 160 -73.71 81.72 -13.45
CA ARG A 160 -73.06 80.85 -12.48
C ARG A 160 -73.91 80.55 -11.25
N ALA A 161 -75.10 81.15 -11.15
CA ALA A 161 -75.86 81.06 -9.91
C ALA A 161 -76.39 79.65 -9.67
N GLU A 162 -76.98 79.03 -10.70
CA GLU A 162 -77.62 77.73 -10.56
C GLU A 162 -77.02 76.65 -11.44
N ILE A 163 -76.48 77.01 -12.60
CA ILE A 163 -75.71 76.09 -13.44
C ILE A 163 -74.28 76.57 -13.42
N GLU A 164 -73.40 75.79 -12.80
CA GLU A 164 -72.06 76.24 -12.48
C GLU A 164 -71.05 75.57 -13.40
N ASP A 165 -69.83 76.11 -13.39
CA ASP A 165 -68.74 75.50 -14.15
C ASP A 165 -68.36 74.17 -13.51
N TYR A 166 -68.26 73.13 -14.34
CA TYR A 166 -67.83 71.83 -13.86
C TYR A 166 -66.31 71.80 -13.74
N ALA A 167 -65.82 71.50 -12.55
CA ALA A 167 -64.39 71.38 -12.34
C ALA A 167 -63.85 70.14 -13.06
N HIS A 168 -62.58 70.21 -13.44
CA HIS A 168 -61.97 69.12 -14.19
C HIS A 168 -61.82 67.88 -13.32
N LEU A 169 -61.76 66.72 -13.97
CA LEU A 169 -61.85 65.45 -13.25
C LEU A 169 -60.68 65.26 -12.29
N TYR A 170 -61.00 64.64 -11.16
CA TYR A 170 -60.02 64.23 -10.15
C TYR A 170 -59.25 65.43 -9.60
N THR A 171 -59.99 66.31 -8.92
CA THR A 171 -59.36 67.40 -8.20
C THR A 171 -58.72 66.92 -6.90
N GLN A 172 -59.24 65.84 -6.33
CA GLN A 172 -58.69 65.32 -5.08
C GLN A 172 -57.33 64.68 -5.28
N THR A 173 -57.18 63.85 -6.32
CA THR A 173 -55.98 63.06 -6.53
C THR A 173 -55.40 63.34 -7.91
N ASP A 174 -54.12 63.00 -8.06
CA ASP A 174 -53.42 63.07 -9.34
C ASP A 174 -53.39 61.67 -9.92
N ILE A 175 -54.25 61.40 -10.90
CA ILE A 175 -54.34 60.06 -11.46
C ILE A 175 -53.17 59.76 -12.38
N ALA A 176 -52.34 60.76 -12.70
CA ALA A 176 -51.15 60.50 -13.50
C ALA A 176 -50.12 59.71 -12.70
N LEU A 177 -50.18 59.80 -11.37
CA LEU A 177 -49.22 59.10 -10.54
C LEU A 177 -49.41 57.59 -10.65
N GLU A 178 -48.37 56.85 -10.28
CA GLU A 178 -48.41 55.40 -10.40
C GLU A 178 -49.49 54.80 -9.51
N THR A 179 -49.48 55.16 -8.22
CA THR A 179 -50.45 54.64 -7.27
C THR A 179 -51.29 55.76 -6.67
N PRO A 180 -52.42 56.11 -7.28
CA PRO A 180 -53.27 57.15 -6.72
C PRO A 180 -54.38 56.59 -5.84
N GLN A 181 -55.09 57.46 -5.12
CA GLN A 181 -56.23 57.05 -4.31
C GLN A 181 -57.47 57.00 -5.18
N LEU A 182 -57.81 55.81 -5.67
CA LEU A 182 -58.81 55.67 -6.71
C LEU A 182 -60.23 55.87 -6.16
N ALA A 183 -60.41 55.65 -4.86
CA ALA A 183 -61.70 55.92 -4.25
C ALA A 183 -62.08 57.39 -4.38
N TYR A 184 -61.10 58.27 -4.19
CA TYR A 184 -61.34 59.71 -4.37
C TYR A 184 -61.78 60.01 -5.80
N ALA A 185 -61.12 59.37 -6.78
CA ALA A 185 -61.46 59.60 -8.17
C ALA A 185 -62.87 59.12 -8.49
N PHE A 186 -63.24 57.94 -8.01
CA PHE A 186 -64.60 57.46 -8.23
C PHE A 186 -65.63 58.35 -7.55
N GLN A 187 -65.30 58.85 -6.35
CA GLN A 187 -66.16 59.82 -5.68
C GLN A 187 -66.39 61.05 -6.55
N ASP A 188 -65.31 61.59 -7.12
CA ASP A 188 -65.43 62.78 -7.97
C ASP A 188 -66.27 62.50 -9.21
N LEU A 189 -66.09 61.31 -9.81
CA LEU A 189 -66.87 60.97 -11.00
C LEU A 189 -68.35 60.86 -10.68
N LYS A 190 -68.68 60.22 -9.56
CA LYS A 190 -70.09 60.12 -9.16
C LYS A 190 -70.66 61.50 -8.83
N ALA A 191 -69.86 62.36 -8.20
CA ALA A 191 -70.30 63.72 -7.93
C ALA A 191 -70.61 64.47 -9.22
N LEU A 192 -69.78 64.29 -10.24
CA LEU A 192 -70.05 64.92 -11.54
C LEU A 192 -71.34 64.40 -12.15
N GLN A 193 -71.56 63.08 -12.11
CA GLN A 193 -72.80 62.53 -12.66
C GLN A 193 -74.02 63.11 -11.94
N ALA A 194 -73.96 63.17 -10.62
CA ALA A 194 -75.07 63.73 -9.85
C ALA A 194 -75.29 65.20 -10.17
N GLU A 195 -74.21 65.98 -10.28
CA GLU A 195 -74.34 67.41 -10.56
C GLU A 195 -74.95 67.65 -11.92
N VAL A 196 -74.57 66.85 -12.93
CA VAL A 196 -75.15 66.99 -14.25
C VAL A 196 -76.64 66.68 -14.21
N ASP A 197 -77.01 65.57 -13.57
CA ASP A 197 -78.43 65.22 -13.49
C ASP A 197 -79.22 66.28 -12.71
N ALA A 198 -78.56 66.93 -11.75
CA ALA A 198 -79.25 67.96 -10.96
C ALA A 198 -79.46 69.23 -11.78
N ASP A 199 -78.45 69.65 -12.55
CA ASP A 199 -78.60 70.84 -13.37
C ASP A 199 -79.55 70.60 -14.54
N PHE A 200 -79.82 69.33 -14.86
CA PHE A 200 -80.80 69.01 -15.91
C PHE A 200 -82.12 69.72 -15.68
N GLU A 201 -82.64 69.71 -14.45
CA GLU A 201 -83.95 70.28 -14.19
C GLU A 201 -83.93 71.80 -14.21
N TRP A 202 -82.79 72.40 -13.87
CA TRP A 202 -82.66 73.84 -14.00
C TRP A 202 -82.51 74.24 -15.46
N LEU A 203 -82.10 73.31 -16.31
CA LEU A 203 -82.14 73.55 -17.75
C LEU A 203 -83.56 73.57 -18.27
N GLY A 204 -84.47 72.87 -17.60
CA GLY A 204 -85.86 72.78 -18.00
C GLY A 204 -86.78 73.80 -17.38
N GLU A 205 -86.24 74.90 -16.87
CA GLU A 205 -87.06 75.94 -16.27
C GLU A 205 -87.60 76.90 -17.32
N PHE A 206 -88.70 77.57 -16.99
CA PHE A 206 -89.27 78.57 -17.90
C PHE A 206 -88.48 79.87 -17.85
N GLY A 207 -88.07 80.29 -16.66
CA GLY A 207 -87.49 81.59 -16.46
C GLY A 207 -85.98 81.66 -16.37
N ILE A 208 -85.27 80.63 -16.86
CA ILE A 208 -83.81 80.68 -16.83
C ILE A 208 -83.30 81.79 -17.73
N ASP A 209 -83.88 81.94 -18.92
CA ASP A 209 -83.52 83.00 -19.85
C ASP A 209 -84.03 84.31 -19.26
N GLN A 210 -83.13 85.14 -18.75
CA GLN A 210 -83.55 86.36 -18.07
C GLN A 210 -83.07 87.62 -18.77
N GLU A 211 -81.77 87.73 -18.97
CA GLU A 211 -81.14 89.00 -19.31
C GLU A 211 -79.85 88.73 -20.07
N ASP A 212 -79.34 89.76 -20.74
CA ASP A 212 -77.99 89.69 -21.30
C ASP A 212 -76.99 89.30 -20.22
N GLY A 213 -76.41 88.12 -20.37
CA GLY A 213 -75.52 87.58 -19.37
C GLY A 213 -76.14 86.53 -18.46
N ASN A 214 -77.47 86.46 -18.38
CA ASN A 214 -78.13 85.36 -17.67
C ASN A 214 -79.17 84.78 -18.63
N TYR A 215 -78.76 83.85 -19.47
CA TYR A 215 -79.70 83.17 -20.35
C TYR A 215 -79.05 81.90 -20.88
N VAL A 216 -79.88 81.07 -21.51
CA VAL A 216 -79.48 79.75 -21.98
C VAL A 216 -79.59 79.73 -23.51
N GLN A 217 -78.48 79.40 -24.17
CA GLN A 217 -78.47 79.29 -25.62
C GLN A 217 -78.97 77.90 -26.04
N ARG A 218 -79.23 77.75 -27.34
CA ARG A 218 -79.86 76.54 -27.83
C ARG A 218 -78.87 75.39 -27.98
N TYR A 219 -77.57 75.67 -27.81
CA TYR A 219 -76.58 74.62 -28.01
C TYR A 219 -76.06 74.09 -26.68
N HIS A 220 -76.40 74.75 -25.57
CA HIS A 220 -75.97 74.29 -24.25
C HIS A 220 -76.54 72.91 -23.94
N LEU A 221 -77.82 72.71 -24.22
CA LEU A 221 -78.48 71.47 -23.84
C LEU A 221 -77.92 70.26 -24.55
N PRO A 222 -77.66 70.27 -25.87
CA PRO A 222 -77.04 69.10 -26.49
C PRO A 222 -75.66 68.78 -25.93
N ALA A 223 -74.86 69.79 -25.57
CA ALA A 223 -73.57 69.55 -24.96
C ALA A 223 -73.72 68.85 -23.62
N VAL A 224 -74.64 69.35 -22.78
CA VAL A 224 -74.86 68.71 -21.49
C VAL A 224 -75.40 67.29 -21.68
N GLU A 225 -76.25 67.08 -22.69
CA GLU A 225 -76.82 65.76 -22.92
C GLU A 225 -75.76 64.76 -23.36
N ALA A 226 -74.86 65.16 -24.26
CA ALA A 226 -73.77 64.30 -24.67
C ALA A 226 -72.86 63.97 -23.49
N LEU A 227 -72.53 64.97 -22.67
CA LEU A 227 -71.72 64.74 -21.50
C LEU A 227 -72.39 63.74 -20.56
N LYS A 228 -73.70 63.87 -20.37
CA LYS A 228 -74.42 62.97 -19.48
C LYS A 228 -74.43 61.54 -20.01
N ALA A 229 -74.68 61.36 -21.30
CA ALA A 229 -74.69 60.02 -21.87
C ALA A 229 -73.32 59.37 -21.76
N GLU A 230 -72.26 60.14 -22.02
CA GLU A 230 -70.92 59.60 -21.91
C GLU A 230 -70.59 59.21 -20.47
N VAL A 231 -70.96 60.05 -19.50
CA VAL A 231 -70.70 59.71 -18.10
C VAL A 231 -71.47 58.46 -17.70
N ASP A 232 -72.70 58.34 -18.20
CA ASP A 232 -73.54 57.16 -17.87
C ASP A 232 -72.86 55.89 -18.38
N ALA A 233 -72.41 55.88 -19.65
CA ALA A 233 -71.73 54.71 -20.19
C ALA A 233 -70.43 54.43 -19.46
N ARG A 234 -69.67 55.48 -19.14
CA ARG A 234 -68.39 55.30 -18.46
C ARG A 234 -68.58 54.68 -17.08
N VAL A 235 -69.58 55.14 -16.33
CA VAL A 235 -69.85 54.57 -15.02
C VAL A 235 -70.30 53.12 -15.14
N ALA A 236 -71.16 52.83 -16.13
CA ALA A 236 -71.58 51.45 -16.33
C ALA A 236 -70.39 50.55 -16.63
N ALA A 237 -69.38 51.08 -17.30
CA ALA A 237 -68.17 50.30 -17.57
C ALA A 237 -67.31 50.15 -16.32
N ILE A 238 -67.19 51.22 -15.52
CA ILE A 238 -66.26 51.22 -14.40
C ILE A 238 -66.81 50.43 -13.22
N GLU A 239 -68.12 50.19 -13.19
CA GLU A 239 -68.71 49.45 -12.08
C GLU A 239 -68.12 48.06 -11.87
N PRO A 240 -68.19 47.11 -12.81
CA PRO A 240 -67.67 45.76 -12.51
C PRO A 240 -66.19 45.75 -12.21
N LEU A 241 -65.43 46.63 -12.85
CA LEU A 241 -63.99 46.69 -12.58
C LEU A 241 -63.73 47.08 -11.13
N ARG A 242 -64.42 48.11 -10.64
CA ARG A 242 -64.26 48.54 -9.26
C ARG A 242 -64.70 47.45 -8.29
N ALA A 243 -65.81 46.77 -8.61
CA ALA A 243 -66.27 45.69 -7.75
C ALA A 243 -65.23 44.59 -7.63
N ASP A 244 -64.70 44.13 -8.77
CA ASP A 244 -63.72 43.07 -8.76
C ASP A 244 -62.43 43.51 -8.07
N SER A 245 -62.02 44.76 -8.28
CA SER A 245 -60.82 45.28 -7.64
C SER A 245 -60.96 45.26 -6.13
N ILE A 246 -62.11 45.74 -5.62
CA ILE A 246 -62.33 45.72 -4.18
C ILE A 246 -62.32 44.29 -3.65
N ALA A 247 -63.02 43.40 -4.35
CA ALA A 247 -63.16 42.01 -3.88
C ALA A 247 -61.81 41.32 -3.79
N LYS A 248 -60.93 41.55 -4.76
CA LYS A 248 -59.66 40.85 -4.78
C LYS A 248 -58.62 41.54 -3.90
N ASN A 249 -58.67 42.87 -3.82
CA ASN A 249 -57.71 43.59 -2.99
C ASN A 249 -58.00 43.39 -1.51
N LEU A 250 -59.27 43.15 -1.15
CA LEU A 250 -59.58 42.80 0.23
C LEU A 250 -59.02 41.42 0.57
N GLU A 251 -59.19 40.46 -0.32
CA GLU A 251 -58.71 39.10 -0.08
C GLU A 251 -57.19 39.04 -0.04
N ALA A 252 -56.51 39.91 -0.78
CA ALA A 252 -55.06 39.94 -0.79
C ALA A 252 -54.47 40.64 0.42
N GLN A 253 -55.31 41.05 1.37
CA GLN A 253 -54.83 41.58 2.63
C GLN A 253 -54.97 40.61 3.79
N LYS A 254 -55.80 39.56 3.63
CA LYS A 254 -55.88 38.52 4.63
C LYS A 254 -54.55 37.78 4.78
N SER A 255 -53.89 37.48 3.66
CA SER A 255 -52.69 36.67 3.65
C SER A 255 -51.45 37.54 3.58
N ASP A 256 -50.36 37.07 4.18
CA ASP A 256 -49.06 37.72 4.10
C ASP A 256 -48.04 36.65 3.70
N VAL A 257 -47.48 36.78 2.51
CA VAL A 257 -46.73 35.68 1.90
C VAL A 257 -45.36 35.52 2.56
N LEU A 258 -44.83 36.59 3.14
CA LEU A 258 -43.48 36.53 3.71
C LEU A 258 -43.46 35.69 4.98
N VAL A 259 -44.51 35.76 5.79
CA VAL A 259 -44.62 34.89 6.96
C VAL A 259 -44.62 33.42 6.54
N ARG A 260 -45.38 33.11 5.49
CA ARG A 260 -45.48 31.73 5.03
C ARG A 260 -44.14 31.25 4.47
N GLN A 261 -43.40 32.14 3.80
CA GLN A 261 -42.05 31.79 3.37
C GLN A 261 -41.14 31.52 4.58
N LEU A 262 -41.24 32.34 5.62
CA LEU A 262 -40.44 32.13 6.82
C LEU A 262 -40.75 30.78 7.46
N PHE A 263 -42.04 30.41 7.49
CA PHE A 263 -42.40 29.12 8.07
C PHE A 263 -41.92 27.96 7.20
N LEU A 264 -41.93 28.12 5.88
CA LEU A 264 -41.36 27.10 5.01
C LEU A 264 -39.87 26.91 5.28
N GLU A 265 -39.14 28.01 5.45
CA GLU A 265 -37.70 27.90 5.71
C GLU A 265 -37.44 27.24 7.07
N ARG A 266 -38.24 27.59 8.08
CA ARG A 266 -38.10 26.93 9.37
C ARG A 266 -38.39 25.44 9.27
N ALA A 267 -39.40 25.07 8.49
CA ALA A 267 -39.73 23.66 8.32
C ALA A 267 -38.60 22.91 7.63
N THR A 268 -37.94 23.54 6.66
CA THR A 268 -36.78 22.91 6.02
C THR A 268 -35.64 22.69 7.01
N ALA A 269 -35.35 23.70 7.83
CA ALA A 269 -34.30 23.54 8.84
C ALA A 269 -34.66 22.42 9.82
N GLN A 270 -35.93 22.36 10.21
CA GLN A 270 -36.37 21.25 11.08
C GLN A 270 -36.17 19.91 10.40
N ARG A 271 -36.48 19.81 9.11
CA ARG A 271 -36.34 18.53 8.42
C ARG A 271 -34.90 18.07 8.39
N ASP A 272 -33.95 18.96 8.07
CA ASP A 272 -32.59 18.47 7.92
C ASP A 272 -31.96 18.18 9.29
N THR A 273 -32.28 18.99 10.30
CA THR A 273 -31.86 18.65 11.65
C THR A 273 -32.46 17.32 12.10
N LEU A 274 -33.70 17.05 11.70
CA LEU A 274 -34.35 15.79 12.04
C LEU A 274 -33.63 14.60 11.43
N ARG A 275 -33.23 14.70 10.16
CA ARG A 275 -32.53 13.56 9.57
C ARG A 275 -31.14 13.39 10.17
N VAL A 276 -30.50 14.49 10.57
CA VAL A 276 -29.22 14.36 11.29
C VAL A 276 -29.42 13.60 12.59
N VAL A 277 -30.46 13.94 13.35
CA VAL A 277 -30.72 13.28 14.62
C VAL A 277 -31.07 11.81 14.40
N GLU A 278 -31.88 11.52 13.37
CA GLU A 278 -32.25 10.13 13.09
C GLU A 278 -31.04 9.30 12.71
N ALA A 279 -30.12 9.89 11.94
CA ALA A 279 -28.87 9.20 11.63
C ALA A 279 -28.08 8.92 12.89
N ILE A 280 -28.01 9.91 13.81
CA ILE A 280 -27.31 9.69 15.06
C ILE A 280 -27.88 8.49 15.81
N PHE A 281 -29.21 8.44 15.94
CA PHE A 281 -29.84 7.37 16.70
C PHE A 281 -29.66 6.01 16.03
N SER A 282 -29.81 5.96 14.70
CA SER A 282 -29.63 4.68 14.00
C SER A 282 -28.19 4.19 14.12
N THR A 283 -27.23 5.11 14.01
CA THR A 283 -25.82 4.74 14.14
C THR A 283 -25.54 4.18 15.54
N SER A 284 -26.04 4.86 16.57
CA SER A 284 -25.81 4.36 17.94
C SER A 284 -26.47 3.00 18.14
N ALA A 285 -27.69 2.81 17.60
CA ALA A 285 -28.37 1.54 17.75
C ALA A 285 -27.60 0.41 17.09
N ARG A 286 -27.09 0.64 15.88
CA ARG A 286 -26.32 -0.40 15.21
C ARG A 286 -24.99 -0.66 15.93
N TYR A 287 -24.37 0.39 16.45
CA TYR A 287 -23.12 0.21 17.19
C TYR A 287 -23.34 -0.66 18.43
N VAL A 288 -24.44 -0.43 19.14
CA VAL A 288 -24.71 -1.24 20.33
C VAL A 288 -25.10 -2.66 19.93
N GLU A 289 -25.91 -2.81 18.88
CA GLU A 289 -26.43 -4.13 18.52
C GLU A 289 -25.35 -5.08 18.04
N LEU A 290 -24.22 -4.56 17.56
CA LEU A 290 -23.14 -5.41 17.07
C LEU A 290 -22.20 -5.87 18.18
N TYR A 291 -22.65 -5.84 19.43
CA TYR A 291 -21.87 -6.34 20.56
C TYR A 291 -21.79 -7.86 20.50
N GLU A 292 -20.62 -8.37 20.12
CA GLU A 292 -20.37 -9.81 20.02
C GLU A 292 -21.41 -10.50 19.13
N ASN A 293 -21.79 -9.82 18.05
CA ASN A 293 -22.75 -10.36 17.11
C ASN A 293 -22.04 -11.14 16.01
N VAL A 294 -22.78 -12.08 15.41
CA VAL A 294 -22.24 -12.86 14.30
C VAL A 294 -22.00 -12.02 13.06
N GLU A 295 -22.54 -10.80 13.02
CA GLU A 295 -22.39 -9.92 11.88
C GLU A 295 -21.23 -8.95 12.00
N ASN A 296 -20.58 -8.90 13.16
CA ASN A 296 -19.43 -8.00 13.36
C ASN A 296 -18.21 -8.65 12.72
N VAL A 297 -18.00 -8.39 11.44
CA VAL A 297 -16.94 -9.03 10.68
C VAL A 297 -15.80 -8.03 10.48
N ASN A 298 -14.70 -8.53 9.94
CA ASN A 298 -13.51 -7.73 9.69
C ASN A 298 -13.55 -7.15 8.28
N VAL A 299 -13.38 -5.83 8.18
CA VAL A 299 -13.36 -5.15 6.90
C VAL A 299 -12.36 -3.99 6.99
N GLU A 300 -11.43 -3.92 6.04
CA GLU A 300 -10.49 -2.82 5.92
C GLU A 300 -9.66 -2.64 7.19
N ASN A 301 -8.96 -3.70 7.58
CA ASN A 301 -8.06 -3.69 8.74
C ASN A 301 -8.77 -3.28 10.03
N LYS A 302 -10.07 -3.55 10.12
CA LYS A 302 -10.84 -3.19 11.30
C LYS A 302 -12.15 -3.98 11.29
N THR A 303 -12.90 -3.83 12.37
CA THR A 303 -14.23 -4.41 12.45
C THR A 303 -15.30 -3.36 12.14
N LEU A 304 -16.55 -3.80 12.13
CA LEU A 304 -17.64 -2.95 11.67
C LEU A 304 -17.89 -1.79 12.63
N ARG A 305 -17.66 -2.01 13.93
CA ARG A 305 -18.04 -1.02 14.93
C ARG A 305 -17.08 0.15 14.99
N GLN A 306 -15.82 -0.06 14.61
CA GLN A 306 -14.84 1.02 14.69
C GLN A 306 -15.16 2.14 13.70
N HIS A 307 -15.70 1.80 12.53
CA HIS A 307 -16.14 2.83 11.59
C HIS A 307 -17.27 3.66 12.19
N TYR A 308 -18.25 2.99 12.81
CA TYR A 308 -19.35 3.71 13.44
C TYR A 308 -18.83 4.63 14.54
N SER A 309 -17.85 4.15 15.32
CA SER A 309 -17.26 4.99 16.36
C SER A 309 -16.56 6.19 15.77
N ALA A 310 -15.81 6.00 14.68
CA ALA A 310 -15.12 7.11 14.03
C ALA A 310 -16.10 8.11 13.41
N LEU A 311 -17.32 7.69 13.13
CA LEU A 311 -18.33 8.60 12.59
C LEU A 311 -18.72 9.72 13.56
N ILE A 312 -18.15 9.76 14.76
CA ILE A 312 -18.67 10.65 15.80
C ILE A 312 -18.37 12.12 15.53
N PRO A 313 -17.12 12.54 15.30
CA PRO A 313 -16.87 13.98 15.10
C PRO A 313 -17.59 14.56 13.90
N ASN A 314 -17.78 13.77 12.83
CA ASN A 314 -18.56 14.24 11.69
C ASN A 314 -19.99 14.58 12.11
N LEU A 315 -20.64 13.67 12.82
CA LEU A 315 -22.00 13.92 13.28
C LEU A 315 -22.04 15.09 14.25
N PHE A 316 -21.00 15.25 15.07
CA PHE A 316 -20.95 16.37 15.99
C PHE A 316 -20.94 17.70 15.24
N ILE A 317 -20.06 17.83 14.25
CA ILE A 317 -19.98 19.08 13.49
C ILE A 317 -21.28 19.33 12.72
N ALA A 318 -21.82 18.28 12.10
CA ALA A 318 -23.06 18.43 11.35
C ALA A 318 -24.21 18.90 12.26
N ALA A 319 -24.32 18.29 13.44
CA ALA A 319 -25.38 18.67 14.36
C ALA A 319 -25.20 20.10 14.85
N VAL A 320 -23.97 20.51 15.13
CA VAL A 320 -23.74 21.88 15.60
C VAL A 320 -24.17 22.88 14.53
N ALA A 321 -23.78 22.64 13.28
CA ALA A 321 -24.15 23.56 12.21
C ALA A 321 -25.67 23.60 12.02
N ASN A 322 -26.31 22.44 11.99
CA ASN A 322 -27.76 22.40 11.79
C ASN A 322 -28.49 23.07 12.95
N ILE A 323 -28.01 22.89 14.18
CA ILE A 323 -28.63 23.52 15.33
C ILE A 323 -28.50 25.04 15.25
N SER A 324 -27.34 25.54 14.86
CA SER A 324 -27.18 26.98 14.74
C SER A 324 -28.12 27.57 13.69
N GLU A 325 -28.23 26.90 12.55
CA GLU A 325 -29.13 27.41 11.50
C GLU A 325 -30.59 27.33 11.94
N LEU A 326 -30.96 26.27 12.67
CA LEU A 326 -32.33 26.15 13.15
C LEU A 326 -32.65 27.23 14.18
N ASN A 327 -31.69 27.56 15.05
CA ASN A 327 -31.90 28.65 16.00
C ASN A 327 -32.10 29.98 15.28
N ALA A 328 -31.29 30.25 14.26
CA ALA A 328 -31.45 31.49 13.50
C ALA A 328 -32.82 31.54 12.84
N ALA A 329 -33.25 30.43 12.22
CA ALA A 329 -34.56 30.41 11.57
C ALA A 329 -35.69 30.59 12.57
N ASP A 330 -35.58 29.96 13.75
CA ASP A 330 -36.60 30.12 14.78
C ASP A 330 -36.73 31.56 15.21
N ALA A 331 -35.59 32.22 15.47
CA ALA A 331 -35.64 33.62 15.87
C ALA A 331 -36.23 34.48 14.78
N GLU A 332 -35.86 34.22 13.52
CA GLU A 332 -36.37 35.01 12.41
C GLU A 332 -37.89 34.90 12.31
N ALA A 333 -38.41 33.68 12.37
CA ALA A 333 -39.85 33.50 12.22
C ALA A 333 -40.62 34.00 13.44
N ALA A 334 -40.01 33.94 14.63
CA ALA A 334 -40.71 34.41 15.82
C ALA A 334 -40.77 35.93 15.87
N ALA A 335 -39.68 36.62 15.52
CA ALA A 335 -39.65 38.06 15.68
C ALA A 335 -40.44 38.81 14.62
N TYR A 336 -40.81 38.16 13.52
CA TYR A 336 -41.50 38.82 12.41
C TYR A 336 -42.77 38.08 12.05
N TYR A 337 -43.55 37.66 13.05
CA TYR A 337 -44.85 37.07 12.79
C TYR A 337 -45.85 38.13 12.34
N LEU A 338 -45.79 39.30 12.96
CA LEU A 338 -46.65 40.43 12.58
C LEU A 338 -45.80 41.69 12.68
N HIS A 339 -45.19 42.07 11.56
CA HIS A 339 -44.30 43.22 11.51
C HIS A 339 -44.48 43.93 10.18
N TRP A 340 -44.05 45.19 10.14
CA TRP A 340 -44.13 45.97 8.91
C TRP A 340 -43.26 45.37 7.82
N ASP A 341 -42.06 44.91 8.17
CA ASP A 341 -41.09 44.41 7.20
C ASP A 341 -41.55 43.10 6.56
N THR A 342 -42.76 42.68 6.88
CA THR A 342 -43.36 41.49 6.30
C THR A 342 -44.58 41.77 5.44
N ASP A 343 -45.41 42.73 5.82
CA ASP A 343 -46.48 43.26 4.98
C ASP A 343 -46.06 44.67 4.57
N LEU A 344 -45.54 44.81 3.35
CA LEU A 344 -44.90 46.03 2.92
C LEU A 344 -45.91 46.97 2.25
N ALA A 345 -45.39 48.00 1.57
CA ALA A 345 -46.21 49.10 1.11
C ALA A 345 -47.27 48.65 0.11
N THR A 346 -46.85 48.18 -1.05
CA THR A 346 -47.83 47.77 -2.05
C THR A 346 -48.46 46.45 -1.64
N ASN A 347 -49.65 46.16 -2.18
CA ASN A 347 -50.22 44.84 -1.97
C ASN A 347 -49.42 43.78 -2.70
N ASP A 348 -48.77 44.16 -3.82
CA ASP A 348 -48.05 43.19 -4.64
C ASP A 348 -46.90 42.55 -3.87
N GLU A 349 -45.97 43.37 -3.38
CA GLU A 349 -44.78 42.93 -2.65
C GLU A 349 -44.20 41.64 -3.24
N ASP A 350 -43.89 41.69 -4.54
CA ASP A 350 -43.38 40.52 -5.24
C ASP A 350 -41.86 40.53 -5.34
N GLU A 351 -41.25 41.70 -5.44
CA GLU A 351 -39.79 41.76 -5.56
C GLU A 351 -39.12 41.20 -4.32
N ALA A 352 -39.65 41.53 -3.13
CA ALA A 352 -39.07 41.01 -1.90
C ALA A 352 -39.25 39.50 -1.82
N TYR A 353 -40.40 38.99 -2.24
CA TYR A 353 -40.63 37.55 -2.24
C TYR A 353 -39.64 36.85 -3.15
N TYR A 354 -39.40 37.40 -4.35
CA TYR A 354 -38.49 36.75 -5.27
C TYR A 354 -37.05 36.84 -4.81
N LYS A 355 -36.66 37.95 -4.18
CA LYS A 355 -35.33 38.04 -3.60
C LYS A 355 -35.14 37.01 -2.49
N ALA A 356 -36.14 36.88 -1.62
CA ALA A 356 -36.07 35.89 -0.55
C ALA A 356 -36.04 34.47 -1.11
N LYS A 357 -36.80 34.20 -2.17
CA LYS A 357 -36.79 32.88 -2.78
C LYS A 357 -35.41 32.57 -3.37
N LEU A 358 -34.77 33.56 -3.98
CA LEU A 358 -33.41 33.37 -4.47
C LEU A 358 -32.45 33.05 -3.35
N ASP A 359 -32.51 33.81 -2.25
CA ASP A 359 -31.61 33.55 -1.13
C ASP A 359 -31.85 32.15 -0.57
N PHE A 360 -33.12 31.76 -0.44
CA PHE A 360 -33.46 30.44 0.07
C PHE A 360 -32.93 29.33 -0.84
N ALA A 361 -33.06 29.49 -2.15
CA ALA A 361 -32.55 28.49 -3.07
C ALA A 361 -31.03 28.39 -3.00
N ILE A 362 -30.35 29.53 -2.90
CA ILE A 362 -28.89 29.51 -2.76
C ILE A 362 -28.49 28.74 -1.51
N GLU A 363 -29.16 29.02 -0.40
CA GLU A 363 -28.84 28.34 0.86
C GLU A 363 -29.11 26.84 0.74
N THR A 364 -30.23 26.46 0.13
CA THR A 364 -30.56 25.04 0.00
C THR A 364 -29.53 24.29 -0.85
N TYR A 365 -29.11 24.91 -1.97
CA TYR A 365 -28.13 24.26 -2.82
C TYR A 365 -26.79 24.13 -2.14
N ALA A 366 -26.38 25.16 -1.37
CA ALA A 366 -25.15 25.05 -0.60
C ALA A 366 -25.26 23.96 0.47
N LYS A 367 -26.43 23.86 1.11
CA LYS A 367 -26.62 22.88 2.16
C LYS A 367 -26.59 21.46 1.63
N ILE A 368 -27.05 21.25 0.39
CA ILE A 368 -26.96 19.90 -0.19
C ILE A 368 -25.52 19.43 -0.20
N LEU A 369 -24.61 20.27 -0.70
CA LEU A 369 -23.19 19.93 -0.74
C LEU A 369 -22.62 19.77 0.67
N PHE A 370 -22.96 20.69 1.57
CA PHE A 370 -22.42 20.64 2.93
C PHE A 370 -22.80 19.32 3.62
N ASN A 371 -24.09 18.99 3.60
CA ASN A 371 -24.55 17.77 4.26
C ASN A 371 -24.02 16.52 3.57
N GLY A 372 -23.97 16.52 2.24
CA GLY A 372 -23.43 15.36 1.55
C GLY A 372 -21.97 15.12 1.88
N GLU A 373 -21.20 16.19 2.06
CA GLU A 373 -19.77 16.00 2.32
C GLU A 373 -19.48 15.71 3.78
N VAL A 374 -20.30 16.20 4.70
CA VAL A 374 -19.93 16.10 6.12
C VAL A 374 -20.31 14.75 6.71
N TRP A 375 -21.56 14.32 6.60
CA TRP A 375 -22.01 13.14 7.32
C TRP A 375 -22.71 12.08 6.48
N GLN A 376 -23.36 12.44 5.37
CA GLN A 376 -24.16 11.45 4.64
C GLN A 376 -23.31 10.33 4.08
N GLU A 377 -22.19 10.67 3.47
CA GLU A 377 -21.44 9.66 2.72
C GLU A 377 -20.54 8.83 3.61
N PRO A 378 -19.90 9.41 4.64
CA PRO A 378 -19.25 8.55 5.65
C PRO A 378 -20.17 7.52 6.24
N LEU A 379 -21.45 7.86 6.50
CA LEU A 379 -22.40 6.88 7.02
C LEU A 379 -22.81 5.89 5.93
N ALA A 380 -23.03 6.38 4.71
CA ALA A 380 -23.46 5.50 3.62
C ALA A 380 -22.41 4.46 3.32
N TYR A 381 -21.13 4.81 3.46
CA TYR A 381 -20.06 3.85 3.21
C TYR A 381 -20.13 2.68 4.19
N VAL A 382 -20.31 2.98 5.48
CA VAL A 382 -20.39 1.93 6.49
C VAL A 382 -21.64 1.07 6.27
N GLN A 383 -22.77 1.72 5.95
CA GLN A 383 -23.99 0.95 5.71
C GLN A 383 -23.85 0.06 4.48
N ASN A 384 -23.13 0.53 3.45
CA ASN A 384 -22.86 -0.31 2.29
C ASN A 384 -21.96 -1.47 2.65
N LEU A 385 -20.98 -1.26 3.52
CA LEU A 385 -20.17 -2.37 4.01
C LEU A 385 -21.05 -3.41 4.69
N ASP A 386 -21.96 -2.97 5.56
CA ASP A 386 -22.90 -3.87 6.22
C ASP A 386 -23.70 -4.67 5.20
N ALA A 387 -24.33 -3.97 4.26
CA ALA A 387 -25.20 -4.64 3.29
C ALA A 387 -24.43 -5.61 2.41
N GLY A 388 -23.22 -5.22 2.01
CA GLY A 388 -22.39 -6.11 1.21
C GLY A 388 -22.01 -7.36 1.96
N ALA A 389 -21.67 -7.22 3.24
CA ALA A 389 -21.34 -8.40 4.04
C ALA A 389 -22.53 -9.36 4.13
N ARG A 390 -23.72 -8.83 4.43
CA ARG A 390 -24.89 -9.71 4.51
C ARG A 390 -25.19 -10.35 3.17
N GLN A 391 -25.10 -9.58 2.08
CA GLN A 391 -25.43 -10.11 0.77
C GLN A 391 -24.44 -11.19 0.34
N GLU A 392 -23.15 -10.99 0.62
CA GLU A 392 -22.17 -12.00 0.23
C GLU A 392 -22.35 -13.28 1.05
N ALA A 393 -22.66 -13.15 2.35
CA ALA A 393 -22.96 -14.35 3.13
C ALA A 393 -24.17 -15.07 2.56
N ALA A 394 -25.22 -14.32 2.22
CA ALA A 394 -26.46 -14.93 1.74
C ALA A 394 -26.25 -15.67 0.42
N ASP A 395 -25.62 -15.02 -0.55
CA ASP A 395 -25.52 -15.70 -1.85
C ASP A 395 -24.42 -16.76 -1.81
N ARG A 396 -23.46 -16.66 -0.89
CA ARG A 396 -22.54 -17.77 -0.69
C ARG A 396 -23.27 -19.01 -0.21
N GLU A 397 -24.15 -18.85 0.78
CA GLU A 397 -24.95 -19.99 1.23
C GLU A 397 -25.84 -20.51 0.11
N ALA A 398 -26.47 -19.61 -0.64
CA ALA A 398 -27.35 -20.03 -1.73
C ALA A 398 -26.59 -20.78 -2.81
N ALA A 399 -25.40 -20.30 -3.16
CA ALA A 399 -24.59 -20.97 -4.18
C ALA A 399 -24.14 -22.35 -3.69
N ARG A 400 -23.77 -22.46 -2.42
CA ARG A 400 -23.39 -23.76 -1.88
C ARG A 400 -24.56 -24.74 -1.98
N ALA A 401 -25.75 -24.30 -1.57
CA ALA A 401 -26.92 -25.16 -1.64
C ALA A 401 -27.24 -25.56 -3.08
N ALA A 402 -27.16 -24.58 -4.00
CA ALA A 402 -27.46 -24.87 -5.40
C ALA A 402 -26.47 -25.87 -5.99
N ASP A 403 -25.18 -25.71 -5.66
CA ASP A 403 -24.18 -26.65 -6.15
C ASP A 403 -24.43 -28.05 -5.61
N GLU A 404 -24.74 -28.15 -4.32
CA GLU A 404 -25.01 -29.46 -3.73
C GLU A 404 -26.22 -30.12 -4.41
N ALA A 405 -27.29 -29.35 -4.60
CA ALA A 405 -28.49 -29.91 -5.23
C ALA A 405 -28.21 -30.32 -6.67
N TYR A 406 -27.44 -29.52 -7.40
CA TYR A 406 -27.14 -29.84 -8.79
C TYR A 406 -26.30 -31.12 -8.88
N ARG A 407 -25.30 -31.25 -8.00
CA ARG A 407 -24.50 -32.47 -7.99
C ARG A 407 -25.35 -33.68 -7.65
N ALA A 408 -26.23 -33.56 -6.65
CA ALA A 408 -27.08 -34.68 -6.28
C ALA A 408 -28.02 -35.07 -7.43
N GLU A 409 -28.58 -34.07 -8.10
CA GLU A 409 -29.45 -34.34 -9.24
C GLU A 409 -28.71 -35.07 -10.35
N GLN A 410 -27.52 -34.60 -10.69
CA GLN A 410 -26.74 -35.27 -11.74
C GLN A 410 -26.41 -36.71 -11.35
N LEU A 411 -25.96 -36.92 -10.12
CA LEU A 411 -25.59 -38.26 -9.70
C LEU A 411 -26.79 -39.19 -9.70
N ARG A 412 -27.93 -38.72 -9.21
CA ARG A 412 -29.11 -39.57 -9.15
C ARG A 412 -29.61 -39.90 -10.56
N ILE A 413 -29.58 -38.92 -11.47
CA ILE A 413 -30.01 -39.19 -12.84
C ILE A 413 -29.07 -40.21 -13.49
N ALA A 414 -27.76 -40.03 -13.33
CA ALA A 414 -26.82 -40.97 -13.93
C ALA A 414 -27.00 -42.37 -13.39
N GLN A 415 -27.11 -42.51 -12.06
CA GLN A 415 -27.29 -43.82 -11.46
C GLN A 415 -28.62 -44.45 -11.87
N GLU A 416 -29.68 -43.65 -11.96
CA GLU A 416 -30.98 -44.22 -12.31
C GLU A 416 -30.99 -44.69 -13.75
N ALA A 417 -30.35 -43.92 -14.64
CA ALA A 417 -30.14 -44.39 -16.01
C ALA A 417 -29.27 -45.64 -16.03
N ALA A 418 -28.32 -45.74 -15.11
CA ALA A 418 -27.51 -46.94 -15.02
C ALA A 418 -28.37 -48.16 -14.71
N ASP A 419 -29.28 -48.04 -13.73
CA ASP A 419 -30.22 -49.14 -13.47
C ASP A 419 -31.16 -49.39 -14.65
N ALA A 420 -31.49 -48.36 -15.44
CA ALA A 420 -32.25 -48.61 -16.67
C ALA A 420 -31.45 -49.49 -17.63
N GLN A 421 -30.17 -49.18 -17.81
CA GLN A 421 -29.31 -50.04 -18.62
C GLN A 421 -29.20 -51.42 -18.00
N LYS A 422 -29.27 -51.50 -16.67
CA LYS A 422 -29.23 -52.78 -15.97
C LYS A 422 -30.45 -53.62 -16.34
N ALA A 423 -31.62 -52.98 -16.38
CA ALA A 423 -32.84 -53.64 -16.81
C ALA A 423 -32.70 -54.14 -18.24
N ILE A 424 -32.14 -53.31 -19.12
CA ILE A 424 -31.89 -53.75 -20.50
C ILE A 424 -31.01 -55.00 -20.51
N ALA A 425 -29.92 -54.96 -19.74
CA ALA A 425 -28.98 -56.08 -19.72
C ALA A 425 -29.63 -57.35 -19.24
N GLU A 426 -30.37 -57.29 -18.14
CA GLU A 426 -31.01 -58.50 -17.61
C GLU A 426 -32.10 -59.00 -18.56
N ALA A 427 -32.83 -58.09 -19.20
CA ALA A 427 -33.89 -58.52 -20.10
C ALA A 427 -33.33 -59.28 -21.29
N LEU A 428 -32.35 -58.69 -22.00
CA LEU A 428 -31.79 -59.37 -23.16
C LEU A 428 -30.84 -60.51 -22.78
N ALA A 429 -30.45 -60.61 -21.51
CA ALA A 429 -29.80 -61.83 -21.05
C ALA A 429 -30.82 -62.93 -20.82
N LYS A 430 -32.01 -62.59 -20.33
CA LYS A 430 -33.03 -63.59 -20.04
C LYS A 430 -33.69 -64.09 -21.31
N GLU A 431 -33.86 -63.22 -22.31
CA GLU A 431 -34.50 -63.66 -23.56
C GLU A 431 -33.72 -64.79 -24.22
N ALA A 432 -32.38 -64.69 -24.21
CA ALA A 432 -31.55 -65.75 -24.77
C ALA A 432 -30.75 -66.45 -23.67
N GLU B 1 -29.84 7.87 -15.74
CA GLU B 1 -28.87 6.86 -16.19
C GLU B 1 -27.45 7.33 -15.86
N THR B 2 -26.47 6.71 -16.50
CA THR B 2 -25.08 7.08 -16.28
C THR B 2 -24.79 8.44 -16.89
N ASN B 3 -23.55 8.88 -16.82
CA ASN B 3 -23.15 10.15 -17.42
C ASN B 3 -22.09 9.90 -18.50
N PRO B 4 -22.46 9.46 -19.72
CA PRO B 4 -21.44 9.17 -20.73
C PRO B 4 -20.98 10.38 -21.54
N THR B 5 -21.28 11.59 -21.09
CA THR B 5 -21.05 12.77 -21.94
C THR B 5 -19.59 12.95 -22.33
N PHE B 6 -18.65 12.72 -21.42
CA PHE B 6 -17.26 13.00 -21.74
C PHE B 6 -16.36 11.77 -21.76
N ASN B 7 -16.85 10.65 -22.22
CA ASN B 7 -16.11 9.40 -22.37
C ASN B 7 -16.89 8.39 -23.22
N ILE B 8 -16.33 7.59 -24.09
CA ILE B 8 -16.88 6.44 -24.90
C ILE B 8 -17.61 6.95 -26.08
N THR B 9 -17.64 8.25 -26.13
CA THR B 9 -18.51 8.90 -27.12
C THR B 9 -17.72 8.60 -28.33
N ASN B 10 -18.36 8.03 -29.32
CA ASN B 10 -17.55 8.05 -30.51
C ASN B 10 -16.42 9.06 -30.32
N GLY B 11 -15.18 8.57 -30.38
CA GLY B 11 -14.04 9.37 -29.95
C GLY B 11 -13.99 10.73 -30.61
N PHE B 12 -14.41 10.80 -31.87
CA PHE B 12 -14.51 12.07 -32.58
C PHE B 12 -15.97 12.31 -32.93
N ASN B 13 -16.59 13.27 -32.23
CA ASN B 13 -18.02 13.49 -32.30
C ASN B 13 -18.30 14.91 -32.75
N ASP B 14 -19.36 15.08 -33.55
CA ASP B 14 -19.75 16.41 -34.01
C ASP B 14 -20.40 17.21 -32.88
N ALA B 15 -20.89 16.52 -31.85
CA ALA B 15 -21.64 17.18 -30.79
C ALA B 15 -20.78 18.14 -29.97
N ASP B 16 -19.47 17.95 -29.94
CA ASP B 16 -18.58 18.79 -29.14
C ASP B 16 -17.68 19.67 -29.98
N GLY B 17 -17.58 19.44 -31.27
CA GLY B 17 -16.61 20.12 -32.10
C GLY B 17 -15.28 19.42 -32.22
N SER B 18 -15.25 18.11 -32.02
CA SER B 18 -14.02 17.32 -32.10
C SER B 18 -13.86 16.60 -33.43
N THR B 19 -14.93 16.45 -34.20
CA THR B 19 -14.82 15.81 -35.50
C THR B 19 -14.24 16.77 -36.54
N ILE B 20 -13.86 16.21 -37.69
CA ILE B 20 -13.30 16.99 -38.78
C ILE B 20 -14.46 17.55 -39.62
N GLN B 21 -14.19 18.65 -40.32
CA GLN B 21 -15.23 19.31 -41.10
C GLN B 21 -14.68 19.77 -42.44
N PRO B 22 -15.08 19.15 -43.55
CA PRO B 22 -14.67 19.64 -44.88
C PRO B 22 -15.33 21.00 -45.15
N VAL B 23 -14.55 21.93 -45.70
CA VAL B 23 -15.03 23.29 -45.95
C VAL B 23 -14.76 23.64 -47.41
N GLY B 24 -15.78 24.19 -48.07
CA GLY B 24 -15.60 24.89 -49.32
C GLY B 24 -15.64 26.38 -49.06
N PRO B 25 -15.47 27.19 -50.09
CA PRO B 25 -15.60 28.65 -49.88
C PRO B 25 -17.04 29.12 -49.99
N VAL B 26 -17.59 29.62 -48.89
CA VAL B 26 -18.92 30.22 -48.85
C VAL B 26 -18.82 31.53 -48.08
N ASN B 27 -19.44 32.58 -48.61
CA ASN B 27 -19.31 33.91 -48.04
C ASN B 27 -20.38 34.12 -46.97
N HIS B 28 -19.94 34.16 -45.71
CA HIS B 28 -20.77 34.60 -44.60
C HIS B 28 -20.19 35.92 -44.11
N THR B 29 -21.02 36.95 -44.10
CA THR B 29 -20.54 38.31 -43.86
C THR B 29 -20.06 38.47 -42.42
N GLU B 30 -19.26 39.51 -42.19
CA GLU B 30 -18.79 39.81 -40.85
C GLU B 30 -19.97 40.05 -39.90
N GLU B 31 -21.03 40.69 -40.40
CA GLU B 31 -22.22 40.90 -39.58
C GLU B 31 -22.88 39.58 -39.20
N THR B 32 -22.97 38.65 -40.15
CA THR B 32 -23.58 37.35 -39.86
C THR B 32 -22.78 36.60 -38.80
N LEU B 33 -21.46 36.61 -38.91
CA LEU B 33 -20.62 35.94 -37.92
C LEU B 33 -20.73 36.63 -36.56
N ARG B 34 -20.78 37.96 -36.54
CA ARG B 34 -20.92 38.65 -35.26
C ARG B 34 -22.25 38.32 -34.60
N ASP B 35 -23.33 38.23 -35.40
CA ASP B 35 -24.62 37.84 -34.85
C ASP B 35 -24.57 36.41 -34.30
N LEU B 36 -23.95 35.50 -35.05
CA LEU B 36 -23.89 34.11 -34.59
C LEU B 36 -23.08 33.97 -33.31
N THR B 37 -22.00 34.75 -33.18
CA THR B 37 -21.20 34.69 -31.96
C THR B 37 -21.90 35.36 -30.79
N ASP B 38 -22.57 36.49 -31.03
CA ASP B 38 -23.30 37.15 -29.95
C ASP B 38 -24.48 36.33 -29.47
N SER B 39 -25.02 35.46 -30.33
CA SER B 39 -26.10 34.58 -29.90
C SER B 39 -25.67 33.69 -28.75
N THR B 40 -24.45 33.14 -28.82
CA THR B 40 -23.94 32.32 -27.72
C THR B 40 -23.35 33.19 -26.61
N GLY B 41 -22.83 34.37 -26.97
CA GLY B 41 -22.35 35.29 -25.95
C GLY B 41 -23.43 35.72 -24.99
N ALA B 42 -24.66 35.84 -25.49
CA ALA B 42 -25.79 36.13 -24.60
C ALA B 42 -25.96 35.04 -23.56
N TYR B 43 -25.83 33.78 -23.96
CA TYR B 43 -25.96 32.68 -23.01
C TYR B 43 -24.80 32.66 -22.01
N LEU B 44 -23.59 32.99 -22.48
CA LEU B 44 -22.42 32.94 -21.62
C LEU B 44 -22.20 34.21 -20.79
N GLU B 45 -23.01 35.25 -21.01
CA GLU B 45 -22.78 36.52 -20.33
C GLU B 45 -22.84 36.37 -18.81
N GLU B 46 -23.80 35.58 -18.31
CA GLU B 46 -23.94 35.45 -16.86
C GLU B 46 -22.69 34.83 -16.24
N PHE B 47 -22.12 33.80 -16.87
CA PHE B 47 -20.85 33.27 -16.41
C PHE B 47 -19.73 34.29 -16.55
N GLN B 48 -19.74 35.05 -17.64
CA GLN B 48 -18.60 35.89 -17.97
C GLN B 48 -18.39 37.00 -16.95
N ASN B 49 -19.45 37.74 -16.62
CA ASN B 49 -19.31 38.93 -15.79
C ASN B 49 -20.35 39.02 -14.69
N GLY B 50 -21.19 38.01 -14.51
CA GLY B 50 -22.21 38.04 -13.49
C GLY B 50 -21.67 37.65 -12.12
N THR B 51 -22.58 37.61 -11.15
CA THR B 51 -22.28 37.13 -9.81
C THR B 51 -23.06 35.84 -9.56
N VAL B 52 -22.82 35.26 -8.38
CA VAL B 52 -23.37 33.94 -8.08
C VAL B 52 -24.89 33.94 -8.18
N GLU B 53 -25.54 34.99 -7.66
CA GLU B 53 -27.00 35.07 -7.71
C GLU B 53 -27.49 35.08 -9.15
N GLU B 54 -26.83 35.87 -10.01
CA GLU B 54 -27.22 35.90 -11.42
C GLU B 54 -27.02 34.54 -12.07
N ILE B 55 -25.93 33.85 -11.73
CA ILE B 55 -25.68 32.54 -12.33
C ILE B 55 -26.77 31.55 -11.95
N VAL B 56 -27.12 31.49 -10.66
CA VAL B 56 -28.17 30.54 -10.26
C VAL B 56 -29.51 30.95 -10.84
N GLU B 57 -29.75 32.26 -10.97
CA GLU B 57 -30.99 32.74 -11.56
C GLU B 57 -31.13 32.30 -13.01
N ALA B 58 -30.10 32.54 -13.82
CA ALA B 58 -30.24 32.40 -15.26
C ALA B 58 -30.33 30.94 -15.70
N TYR B 59 -29.45 30.09 -15.19
CA TYR B 59 -29.31 28.75 -15.75
C TYR B 59 -30.26 27.75 -15.12
N LEU B 60 -30.60 27.95 -13.86
CA LEU B 60 -31.69 27.24 -13.20
C LEU B 60 -32.83 28.23 -12.99
N GLN B 61 -33.99 27.95 -13.58
CA GLN B 61 -35.12 28.87 -13.55
C GLN B 61 -35.70 28.86 -12.15
N VAL B 62 -35.22 29.79 -11.31
CA VAL B 62 -35.71 29.87 -9.94
C VAL B 62 -37.13 30.41 -9.91
N GLN B 63 -37.39 31.48 -10.66
CA GLN B 63 -38.72 32.09 -10.62
C GLN B 63 -39.74 31.27 -11.39
N ALA B 64 -39.32 30.58 -12.44
CA ALA B 64 -40.23 29.77 -13.23
C ALA B 64 -40.59 28.47 -12.56
N SER B 65 -39.93 28.11 -11.46
CA SER B 65 -40.26 26.89 -10.74
C SER B 65 -41.60 27.05 -10.03
N ALA B 66 -42.15 25.92 -9.58
CA ALA B 66 -43.44 25.94 -8.89
C ALA B 66 -43.37 26.87 -7.68
N ASP B 67 -44.42 27.67 -7.51
CA ASP B 67 -44.42 28.71 -6.49
C ASP B 67 -44.35 28.08 -5.10
N GLY B 68 -43.40 28.56 -4.31
CA GLY B 68 -43.05 27.93 -3.07
C GLY B 68 -41.91 26.98 -3.36
N PHE B 69 -40.69 27.34 -2.96
CA PHE B 69 -39.52 26.60 -3.43
C PHE B 69 -39.54 25.18 -2.89
N ASP B 70 -39.44 24.22 -3.80
CA ASP B 70 -39.32 22.82 -3.40
C ASP B 70 -37.88 22.56 -2.94
N PRO B 71 -37.64 22.38 -1.64
CA PRO B 71 -36.28 22.04 -1.17
C PRO B 71 -35.91 20.58 -1.40
N SER B 72 -36.73 19.83 -2.13
CA SER B 72 -36.45 18.46 -2.47
C SER B 72 -35.19 18.35 -3.32
N GLU B 73 -34.46 17.25 -3.13
CA GLU B 73 -33.29 17.01 -3.96
C GLU B 73 -33.69 16.63 -5.38
N GLN B 74 -34.90 16.08 -5.56
CA GLN B 74 -35.39 15.79 -6.90
C GLN B 74 -35.55 17.07 -7.71
N ALA B 75 -36.01 18.15 -7.06
CA ALA B 75 -36.13 19.43 -7.76
C ALA B 75 -34.78 19.92 -8.26
N ALA B 76 -33.76 19.84 -7.41
CA ALA B 76 -32.42 20.20 -7.83
C ALA B 76 -31.93 19.32 -8.98
N TYR B 77 -32.24 18.01 -8.91
CA TYR B 77 -31.84 17.11 -9.99
C TYR B 77 -32.46 17.52 -11.32
N GLU B 78 -33.76 17.82 -11.31
CA GLU B 78 -34.42 18.21 -12.55
C GLU B 78 -33.90 19.56 -13.06
N ALA B 79 -33.65 20.50 -12.16
CA ALA B 79 -33.13 21.80 -12.58
C ALA B 79 -31.76 21.65 -13.23
N PHE B 80 -30.87 20.87 -12.62
CA PHE B 80 -29.54 20.68 -13.18
C PHE B 80 -29.60 19.90 -14.49
N GLU B 81 -30.52 18.94 -14.59
CA GLU B 81 -30.69 18.22 -15.86
C GLU B 81 -31.14 19.15 -16.98
N ALA B 82 -32.08 20.06 -16.69
CA ALA B 82 -32.52 21.02 -17.69
C ALA B 82 -31.36 21.94 -18.11
N ALA B 83 -30.58 22.41 -17.14
CA ALA B 83 -29.42 23.23 -17.47
C ALA B 83 -28.44 22.46 -18.35
N ARG B 84 -28.24 21.17 -18.06
CA ARG B 84 -27.35 20.35 -18.89
C ARG B 84 -27.87 20.23 -20.32
N VAL B 85 -29.17 20.01 -20.49
CA VAL B 85 -29.70 19.89 -21.85
C VAL B 85 -29.53 21.19 -22.61
N ARG B 86 -29.78 22.32 -21.95
CA ARG B 86 -29.61 23.62 -22.61
C ARG B 86 -28.16 23.84 -23.03
N ALA B 87 -27.21 23.55 -22.15
CA ALA B 87 -25.81 23.69 -22.49
C ALA B 87 -25.42 22.73 -23.62
N SER B 88 -26.01 21.53 -23.62
CA SER B 88 -25.70 20.56 -24.66
C SER B 88 -26.14 21.06 -26.03
N GLN B 89 -27.31 21.68 -26.11
CA GLN B 89 -27.73 22.24 -27.40
C GLN B 89 -26.86 23.43 -27.80
N GLU B 90 -26.49 24.28 -26.84
CA GLU B 90 -25.63 25.41 -27.16
C GLU B 90 -24.27 24.94 -27.68
N LEU B 91 -23.79 23.80 -27.19
CA LEU B 91 -22.52 23.26 -27.65
C LEU B 91 -22.56 22.89 -29.13
N ALA B 92 -23.63 22.23 -29.57
CA ALA B 92 -23.76 21.91 -30.99
C ALA B 92 -23.90 23.18 -31.83
N ALA B 93 -24.61 24.18 -31.30
CA ALA B 93 -24.70 25.45 -32.01
C ALA B 93 -23.31 26.06 -32.22
N SER B 94 -22.48 26.08 -31.17
CA SER B 94 -21.13 26.63 -31.33
C SER B 94 -20.28 25.78 -32.25
N ALA B 95 -20.51 24.46 -32.27
CA ALA B 95 -19.79 23.60 -33.19
C ALA B 95 -20.08 23.98 -34.64
N GLU B 96 -21.35 24.27 -34.95
CA GLU B 96 -21.66 24.69 -36.32
C GLU B 96 -21.15 26.10 -36.62
N THR B 97 -21.14 26.97 -35.60
CA THR B 97 -20.57 28.30 -35.77
C THR B 97 -19.09 28.21 -36.17
N ILE B 98 -18.36 27.26 -35.59
CA ILE B 98 -16.96 27.04 -35.96
C ILE B 98 -16.84 26.79 -37.46
N THR B 99 -17.65 25.86 -37.98
CA THR B 99 -17.57 25.51 -39.40
C THR B 99 -17.89 26.71 -40.28
N LYS B 100 -18.92 27.47 -39.92
CA LYS B 100 -19.29 28.63 -40.75
C LYS B 100 -18.19 29.69 -40.75
N THR B 101 -17.60 29.97 -39.59
CA THR B 101 -16.52 30.96 -39.55
C THR B 101 -15.30 30.47 -40.32
N ARG B 102 -15.08 29.16 -40.36
CA ARG B 102 -14.00 28.64 -41.20
C ARG B 102 -14.28 28.85 -42.68
N GLU B 103 -15.52 28.56 -43.10
CA GLU B 103 -15.89 28.72 -44.51
C GLU B 103 -15.75 30.16 -44.96
N SER B 104 -16.08 31.10 -44.07
CA SER B 104 -15.96 32.51 -44.42
C SER B 104 -14.52 32.91 -44.71
N VAL B 105 -13.58 32.47 -43.87
CA VAL B 105 -12.16 32.75 -44.11
C VAL B 105 -11.70 32.09 -45.40
N ALA B 106 -12.21 30.88 -45.67
CA ALA B 106 -11.85 30.21 -46.91
C ALA B 106 -12.24 31.03 -48.12
N TYR B 107 -13.44 31.62 -48.11
CA TYR B 107 -13.84 32.48 -49.21
C TYR B 107 -12.97 33.73 -49.31
N ALA B 108 -12.75 34.40 -48.16
CA ALA B 108 -12.05 35.68 -48.18
C ALA B 108 -10.62 35.54 -48.71
N LEU B 109 -9.89 34.54 -48.24
CA LEU B 109 -8.50 34.42 -48.70
C LEU B 109 -8.44 34.01 -50.17
N LYS B 110 -9.39 33.19 -50.64
CA LYS B 110 -9.41 32.81 -52.04
C LYS B 110 -9.57 34.03 -52.95
N VAL B 111 -10.54 34.89 -52.63
CA VAL B 111 -10.72 36.07 -53.48
C VAL B 111 -9.52 37.00 -53.35
N ASP B 112 -8.89 37.03 -52.18
CA ASP B 112 -7.71 37.88 -52.01
C ASP B 112 -6.55 37.42 -52.88
N GLN B 113 -6.29 36.11 -52.91
CA GLN B 113 -5.22 35.58 -53.76
C GLN B 113 -5.53 35.82 -55.23
N GLU B 114 -6.79 35.66 -55.64
CA GLU B 114 -7.14 35.94 -57.03
C GLU B 114 -6.87 37.39 -57.38
N ALA B 115 -7.20 38.31 -56.48
CA ALA B 115 -6.94 39.72 -56.75
C ALA B 115 -5.45 40.01 -56.88
N THR B 116 -4.64 39.43 -55.99
CA THR B 116 -3.19 39.64 -56.09
C THR B 116 -2.65 39.10 -57.41
N ALA B 117 -3.10 37.92 -57.82
CA ALA B 117 -2.64 37.35 -59.09
C ALA B 117 -3.01 38.23 -60.27
N ALA B 118 -4.25 38.74 -60.28
CA ALA B 118 -4.68 39.59 -61.38
C ALA B 118 -3.89 40.89 -61.43
N PHE B 119 -3.65 41.51 -60.27
CA PHE B 119 -2.87 42.74 -60.26
C PHE B 119 -1.45 42.49 -60.77
N GLU B 120 -0.85 41.38 -60.36
CA GLU B 120 0.49 41.05 -60.84
C GLU B 120 0.51 40.89 -62.35
N ALA B 121 -0.46 40.16 -62.90
CA ALA B 121 -0.48 39.93 -64.34
C ALA B 121 -0.64 41.24 -65.10
N TYR B 122 -1.54 42.10 -64.63
CA TYR B 122 -1.83 43.33 -65.37
C TYR B 122 -0.69 44.33 -65.26
N ARG B 123 -0.05 44.41 -64.09
CA ARG B 123 1.14 45.25 -63.97
C ARG B 123 2.28 44.72 -64.82
N ASN B 124 2.42 43.40 -64.92
CA ASN B 124 3.46 42.84 -65.77
C ASN B 124 3.22 43.18 -67.23
N ALA B 125 1.96 43.10 -67.67
CA ALA B 125 1.65 43.49 -69.04
C ALA B 125 1.96 44.96 -69.29
N LEU B 126 1.61 45.83 -68.34
CA LEU B 126 1.92 47.25 -68.50
C LEU B 126 3.42 47.49 -68.55
N ARG B 127 4.19 46.80 -67.71
CA ARG B 127 5.64 46.93 -67.74
C ARG B 127 6.22 46.45 -69.07
N ASP B 128 5.72 45.33 -69.58
CA ASP B 128 6.19 44.79 -70.84
C ASP B 128 5.82 45.70 -72.01
N ALA B 129 4.75 46.49 -71.85
CA ALA B 129 4.35 47.41 -72.92
C ALA B 129 5.43 48.42 -73.24
N ALA B 130 6.03 49.02 -72.20
CA ALA B 130 7.00 50.09 -72.44
C ALA B 130 8.27 49.56 -73.08
N ILE B 131 8.97 48.66 -72.39
CA ILE B 131 10.20 48.07 -72.91
C ILE B 131 10.05 46.55 -72.91
N SER B 132 9.70 45.98 -74.06
CA SER B 132 9.50 44.55 -74.15
C SER B 132 10.84 43.82 -74.10
N ILE B 133 10.83 42.62 -73.51
CA ILE B 133 12.02 41.79 -73.37
C ILE B 133 11.72 40.43 -73.98
N ASN B 134 12.64 39.95 -74.81
CA ASN B 134 12.48 38.68 -75.51
C ASN B 134 12.58 37.53 -74.52
N PRO B 135 12.08 36.35 -74.90
CA PRO B 135 12.26 35.17 -74.01
C PRO B 135 13.71 34.89 -73.67
N ASP B 136 14.63 35.19 -74.60
CA ASP B 136 16.06 35.00 -74.32
C ASP B 136 16.60 36.04 -73.35
N GLY B 137 15.89 37.15 -73.13
CA GLY B 137 16.33 38.17 -72.21
C GLY B 137 16.89 39.42 -72.84
N SER B 138 16.47 39.76 -74.06
CA SER B 138 16.97 40.93 -74.76
C SER B 138 15.80 41.82 -75.16
N ILE B 139 16.08 43.12 -75.28
CA ILE B 139 15.06 44.08 -75.69
C ILE B 139 14.67 43.81 -77.13
N ASN B 140 13.37 43.94 -77.42
CA ASN B 140 12.84 43.73 -78.76
C ASN B 140 12.33 45.05 -79.30
N PRO B 141 13.13 45.79 -80.09
CA PRO B 141 12.65 47.08 -80.62
C PRO B 141 11.44 46.96 -81.52
N ASP B 142 11.18 45.78 -82.09
CA ASP B 142 10.02 45.60 -82.94
C ASP B 142 8.74 45.83 -82.15
N THR B 143 8.67 45.28 -80.94
CA THR B 143 7.47 45.36 -80.11
C THR B 143 7.68 46.15 -78.83
N SER B 144 8.48 47.21 -78.86
CA SER B 144 8.73 48.04 -77.69
C SER B 144 8.20 49.45 -77.95
N ILE B 145 7.41 49.98 -77.02
CA ILE B 145 6.75 51.27 -77.23
C ILE B 145 7.77 52.41 -77.26
N ASN B 146 8.66 52.46 -76.27
CA ASN B 146 9.53 53.62 -76.13
C ASN B 146 10.51 53.73 -77.30
N LEU B 147 11.03 52.58 -77.77
CA LEU B 147 11.95 52.60 -78.89
C LEU B 147 11.26 53.09 -80.17
N LEU B 148 10.04 52.60 -80.41
CA LEU B 148 9.27 53.09 -81.56
C LEU B 148 8.95 54.57 -81.41
N ILE B 149 8.67 55.01 -80.19
CA ILE B 149 8.41 56.42 -79.93
C ILE B 149 9.60 57.26 -80.31
N ASP B 150 10.79 56.85 -79.88
CA ASP B 150 11.98 57.63 -80.20
C ASP B 150 12.32 57.56 -81.68
N ALA B 151 12.06 56.42 -82.32
CA ALA B 151 12.25 56.33 -83.76
C ALA B 151 11.36 57.31 -84.51
N ALA B 152 10.10 57.40 -84.12
CA ALA B 152 9.20 58.36 -84.75
C ALA B 152 9.57 59.79 -84.39
N ASN B 153 10.09 60.00 -83.18
CA ASN B 153 10.47 61.34 -82.75
C ASN B 153 11.66 61.86 -83.53
N ALA B 154 12.62 60.99 -83.84
CA ALA B 154 13.79 61.37 -84.62
C ALA B 154 13.52 61.42 -86.11
N ALA B 155 12.41 60.86 -86.58
CA ALA B 155 12.11 60.76 -88.00
C ALA B 155 11.20 61.88 -88.50
N ASN B 156 11.01 62.93 -87.70
CA ASN B 156 10.19 64.07 -88.12
C ASN B 156 11.06 65.30 -88.28
N ARG B 157 10.64 66.22 -89.14
CA ARG B 157 11.37 67.44 -89.42
C ARG B 157 10.55 68.70 -89.15
N THR B 158 9.32 68.55 -88.67
CA THR B 158 8.42 69.67 -88.48
C THR B 158 8.88 70.52 -87.30
N ASP B 159 8.31 71.72 -87.18
CA ASP B 159 8.69 72.66 -86.14
C ASP B 159 7.71 72.56 -84.95
N ARG B 160 7.35 71.34 -84.57
CA ARG B 160 6.71 71.06 -83.30
C ARG B 160 5.32 71.68 -83.16
N ALA B 161 4.86 72.43 -84.16
CA ALA B 161 3.63 73.19 -84.00
C ALA B 161 2.40 72.29 -83.93
N GLU B 162 2.31 71.33 -84.83
CA GLU B 162 1.13 70.47 -84.93
C GLU B 162 1.42 68.99 -84.72
N ILE B 163 2.61 68.52 -85.08
CA ILE B 163 3.05 67.17 -84.75
C ILE B 163 4.18 67.31 -83.75
N GLU B 164 3.94 66.88 -82.52
CA GLU B 164 4.82 67.18 -81.40
C GLU B 164 5.59 65.94 -81.00
N ASP B 165 6.62 66.16 -80.19
CA ASP B 165 7.39 65.04 -79.64
C ASP B 165 6.54 64.26 -78.65
N TYR B 166 6.51 62.94 -78.81
CA TYR B 166 5.78 62.09 -77.88
C TYR B 166 6.62 61.86 -76.63
N ALA B 167 6.07 62.21 -75.48
CA ALA B 167 6.75 61.97 -74.22
C ALA B 167 6.83 60.48 -73.93
N HIS B 168 7.86 60.08 -73.19
CA HIS B 168 8.08 58.68 -72.90
C HIS B 168 6.99 58.15 -71.96
N LEU B 169 6.77 56.84 -72.03
CA LEU B 169 5.61 56.25 -71.37
C LEU B 169 5.66 56.42 -69.86
N TYR B 170 4.47 56.62 -69.28
CA TYR B 170 4.27 56.69 -67.83
C TYR B 170 5.07 57.82 -67.21
N THR B 171 4.69 59.05 -67.59
CA THR B 171 5.26 60.23 -66.95
C THR B 171 4.65 60.46 -65.57
N GLN B 172 3.41 60.00 -65.37
CA GLN B 172 2.75 60.21 -64.09
C GLN B 172 3.34 59.33 -63.00
N THR B 173 3.58 58.05 -63.30
CA THR B 173 4.00 57.08 -62.30
C THR B 173 5.29 56.41 -62.73
N ASP B 174 5.98 55.83 -61.75
CA ASP B 174 7.18 55.04 -61.98
C ASP B 174 6.79 53.57 -61.95
N ILE B 175 6.68 52.95 -63.14
CA ILE B 175 6.21 51.57 -63.21
C ILE B 175 7.30 50.60 -62.77
N ALA B 176 8.53 51.07 -62.57
CA ALA B 176 9.58 50.20 -62.05
C ALA B 176 9.31 49.83 -60.59
N LEU B 177 8.56 50.67 -59.88
CA LEU B 177 8.27 50.41 -58.48
C LEU B 177 7.40 49.17 -58.32
N GLU B 178 7.42 48.58 -57.12
CA GLU B 178 6.68 47.36 -56.88
C GLU B 178 5.18 47.60 -57.04
N THR B 179 4.64 48.60 -56.37
CA THR B 179 3.21 48.90 -56.43
C THR B 179 2.97 50.29 -57.00
N PRO B 180 2.82 50.42 -58.32
CA PRO B 180 2.54 51.73 -58.90
C PRO B 180 1.06 51.98 -59.10
N GLN B 181 0.68 53.22 -59.43
CA GLN B 181 -0.71 53.55 -59.73
C GLN B 181 -0.98 53.25 -61.19
N LEU B 182 -1.56 52.07 -61.45
CA LEU B 182 -1.63 51.55 -62.81
C LEU B 182 -2.71 52.26 -63.62
N ALA B 183 -3.69 52.87 -62.95
CA ALA B 183 -4.68 53.66 -63.67
C ALA B 183 -4.04 54.83 -64.38
N TYR B 184 -3.07 55.48 -63.73
CA TYR B 184 -2.33 56.57 -64.37
C TYR B 184 -1.60 56.08 -65.62
N ALA B 185 -0.99 54.91 -65.53
CA ALA B 185 -0.26 54.35 -66.66
C ALA B 185 -1.20 54.04 -67.84
N PHE B 186 -2.35 53.43 -67.55
CA PHE B 186 -3.31 53.16 -68.61
C PHE B 186 -3.85 54.45 -69.22
N GLN B 187 -4.07 55.47 -68.38
CA GLN B 187 -4.46 56.78 -68.90
C GLN B 187 -3.42 57.33 -69.87
N ASP B 188 -2.14 57.23 -69.50
CA ASP B 188 -1.09 57.73 -70.38
C ASP B 188 -1.03 56.95 -71.69
N LEU B 189 -1.21 55.63 -71.62
CA LEU B 189 -1.19 54.82 -72.83
C LEU B 189 -2.34 55.17 -73.76
N LYS B 190 -3.54 55.36 -73.21
CA LYS B 190 -4.67 55.76 -74.04
C LYS B 190 -4.47 57.16 -74.62
N ALA B 191 -3.86 58.06 -73.84
CA ALA B 191 -3.55 59.39 -74.35
C ALA B 191 -2.60 59.31 -75.53
N LEU B 192 -1.59 58.44 -75.44
CA LEU B 192 -0.68 58.25 -76.56
C LEU B 192 -1.39 57.73 -77.80
N GLN B 193 -2.26 56.73 -77.62
CA GLN B 193 -2.99 56.20 -78.76
C GLN B 193 -3.83 57.28 -79.43
N ALA B 194 -4.53 58.08 -78.62
CA ALA B 194 -5.35 59.17 -79.16
C ALA B 194 -4.49 60.20 -79.87
N GLU B 195 -3.35 60.57 -79.29
CA GLU B 195 -2.50 61.58 -79.90
C GLU B 195 -1.94 61.11 -81.24
N VAL B 196 -1.57 59.84 -81.33
CA VAL B 196 -1.08 59.30 -82.60
C VAL B 196 -2.18 59.35 -83.66
N ASP B 197 -3.37 58.88 -83.29
CA ASP B 197 -4.48 58.91 -84.26
C ASP B 197 -4.84 60.33 -84.66
N ALA B 198 -4.63 61.29 -83.75
CA ALA B 198 -4.95 62.68 -84.07
C ALA B 198 -3.91 63.29 -85.01
N ASP B 199 -2.63 62.99 -84.79
CA ASP B 199 -1.59 63.51 -85.68
C ASP B 199 -1.63 62.82 -87.05
N PHE B 200 -2.30 61.67 -87.13
CA PHE B 200 -2.46 61.00 -88.42
C PHE B 200 -3.02 61.94 -89.49
N GLU B 201 -4.05 62.72 -89.14
CA GLU B 201 -4.70 63.55 -90.16
C GLU B 201 -3.84 64.77 -90.51
N TRP B 202 -3.02 65.23 -89.57
CA TRP B 202 -2.07 66.30 -89.91
C TRP B 202 -0.93 65.77 -90.75
N LEU B 203 -0.69 64.46 -90.70
CA LEU B 203 0.25 63.84 -91.63
C LEU B 203 -0.31 63.81 -93.05
N GLY B 204 -1.63 63.80 -93.18
CA GLY B 204 -2.29 63.75 -94.47
C GLY B 204 -2.66 65.09 -95.08
N GLU B 205 -2.02 66.16 -94.62
CA GLU B 205 -2.30 67.49 -95.15
C GLU B 205 -1.50 67.75 -96.42
N PHE B 206 -2.00 68.68 -97.23
CA PHE B 206 -1.28 69.07 -98.44
C PHE B 206 -0.12 70.00 -98.13
N GLY B 207 -0.33 70.94 -97.22
CA GLY B 207 0.63 72.01 -96.96
C GLY B 207 1.52 71.83 -95.76
N ILE B 208 1.67 70.61 -95.24
CA ILE B 208 2.58 70.40 -94.11
C ILE B 208 4.02 70.69 -94.52
N ASP B 209 4.42 70.22 -95.70
CA ASP B 209 5.75 70.50 -96.22
C ASP B 209 5.82 71.97 -96.60
N GLN B 210 6.53 72.77 -95.78
CA GLN B 210 6.54 74.21 -96.01
C GLN B 210 7.92 74.73 -96.36
N GLU B 211 8.89 74.48 -95.50
CA GLU B 211 10.17 75.19 -95.51
C GLU B 211 11.23 74.31 -94.90
N ASP B 212 12.49 74.66 -95.15
CA ASP B 212 13.60 74.05 -94.43
C ASP B 212 13.37 74.17 -92.93
N GLY B 213 13.18 73.03 -92.27
CA GLY B 213 12.84 73.00 -90.87
C GLY B 213 11.38 72.79 -90.56
N ASN B 214 10.48 73.02 -91.51
CA ASN B 214 9.07 72.66 -91.35
C ASN B 214 8.67 71.84 -92.58
N TYR B 215 8.90 70.54 -92.52
CA TYR B 215 8.47 69.66 -93.61
C TYR B 215 8.48 68.22 -93.11
N VAL B 216 7.89 67.34 -93.92
CA VAL B 216 7.69 65.94 -93.57
C VAL B 216 8.49 65.09 -94.54
N GLN B 217 9.37 64.25 -94.00
CA GLN B 217 10.14 63.32 -94.81
C GLN B 217 9.33 62.07 -95.10
N ARG B 218 9.85 61.25 -96.03
CA ARG B 218 9.08 60.11 -96.52
C ARG B 218 9.15 58.93 -95.57
N TYR B 219 9.99 59.01 -94.54
CA TYR B 219 10.14 57.89 -93.62
C TYR B 219 9.39 58.12 -92.30
N HIS B 220 8.93 59.35 -92.08
CA HIS B 220 8.16 59.64 -90.87
C HIS B 220 6.89 58.81 -90.79
N LEU B 221 6.16 58.72 -91.90
CA LEU B 221 4.86 58.06 -91.89
C LEU B 221 4.95 56.58 -91.58
N PRO B 222 5.87 55.80 -92.16
CA PRO B 222 5.97 54.38 -91.75
C PRO B 222 6.32 54.20 -90.27
N ALA B 223 7.16 55.08 -89.70
CA ALA B 223 7.46 54.99 -88.28
C ALA B 223 6.21 55.22 -87.45
N VAL B 224 5.44 56.25 -87.78
CA VAL B 224 4.21 56.52 -87.05
C VAL B 224 3.23 55.37 -87.23
N GLU B 225 3.17 54.78 -88.43
CA GLU B 225 2.24 53.69 -88.69
C GLU B 225 2.60 52.45 -87.87
N ALA B 226 3.88 52.11 -87.81
CA ALA B 226 4.30 50.97 -87.00
C ALA B 226 4.01 51.21 -85.52
N LEU B 227 4.28 52.43 -85.04
CA LEU B 227 3.97 52.76 -83.65
C LEU B 227 2.48 52.61 -83.38
N LYS B 228 1.64 53.06 -84.31
CA LYS B 228 0.19 52.97 -84.13
C LYS B 228 -0.28 51.53 -84.10
N ALA B 229 0.21 50.69 -85.02
CA ALA B 229 -0.21 49.29 -85.03
C ALA B 229 0.21 48.59 -83.75
N GLU B 230 1.43 48.87 -83.27
CA GLU B 230 1.89 48.26 -82.04
C GLU B 230 1.05 48.70 -80.84
N VAL B 231 0.72 49.99 -80.76
CA VAL B 231 -0.11 50.47 -79.66
C VAL B 231 -1.49 49.83 -79.71
N ASP B 232 -2.01 49.67 -80.93
CA ASP B 232 -3.36 49.06 -81.11
C ASP B 232 -3.34 47.62 -80.57
N ALA B 233 -2.34 46.82 -80.96
CA ALA B 233 -2.25 45.45 -80.48
C ALA B 233 -2.03 45.40 -78.97
N ARG B 234 -1.18 46.29 -78.45
CA ARG B 234 -0.90 46.31 -77.02
C ARG B 234 -2.15 46.62 -76.21
N VAL B 235 -2.94 47.60 -76.66
CA VAL B 235 -4.17 47.93 -75.95
C VAL B 235 -5.16 46.78 -76.02
N ALA B 236 -5.27 46.14 -77.19
CA ALA B 236 -6.16 44.99 -77.31
C ALA B 236 -5.76 43.88 -76.34
N ALA B 237 -4.46 43.75 -76.08
CA ALA B 237 -4.00 42.75 -75.12
C ALA B 237 -4.27 43.19 -73.68
N ILE B 238 -4.09 44.48 -73.39
CA ILE B 238 -4.16 44.94 -72.00
C ILE B 238 -5.61 45.08 -71.54
N GLU B 239 -6.55 45.13 -72.49
CA GLU B 239 -7.95 45.28 -72.11
C GLU B 239 -8.48 44.18 -71.18
N PRO B 240 -8.49 42.89 -71.57
CA PRO B 240 -9.08 41.88 -70.67
C PRO B 240 -8.36 41.78 -69.34
N LEU B 241 -7.04 41.98 -69.33
CA LEU B 241 -6.29 41.93 -68.09
C LEU B 241 -6.75 43.03 -67.13
N ARG B 242 -6.90 44.24 -67.63
CA ARG B 242 -7.36 45.35 -66.78
C ARG B 242 -8.79 45.11 -66.30
N ALA B 243 -9.65 44.57 -67.18
CA ALA B 243 -11.02 44.28 -66.77
C ALA B 243 -11.05 43.27 -65.63
N ASP B 244 -10.31 42.16 -65.78
CA ASP B 244 -10.30 41.14 -64.75
C ASP B 244 -9.68 41.65 -63.46
N SER B 245 -8.62 42.47 -63.58
CA SER B 245 -7.98 43.02 -62.39
C SER B 245 -8.95 43.91 -61.62
N ILE B 246 -9.68 44.78 -62.31
CA ILE B 246 -10.65 45.62 -61.62
C ILE B 246 -11.73 44.77 -60.97
N ALA B 247 -12.24 43.78 -61.71
CA ALA B 247 -13.35 42.97 -61.20
C ALA B 247 -12.95 42.22 -59.93
N LYS B 248 -11.73 41.68 -59.89
CA LYS B 248 -11.34 40.88 -58.75
C LYS B 248 -10.84 41.75 -57.59
N ASN B 249 -10.18 42.87 -57.91
CA ASN B 249 -9.69 43.76 -56.86
C ASN B 249 -10.83 44.48 -56.17
N LEU B 250 -11.94 44.72 -56.87
CA LEU B 250 -13.11 45.28 -56.21
C LEU B 250 -13.72 44.27 -55.25
N GLU B 251 -13.84 43.01 -55.68
CA GLU B 251 -14.42 41.98 -54.83
C GLU B 251 -13.55 41.67 -53.62
N ALA B 252 -12.23 41.83 -53.74
CA ALA B 252 -11.33 41.59 -52.64
C ALA B 252 -11.28 42.74 -51.64
N GLN B 253 -12.13 43.76 -51.83
CA GLN B 253 -12.27 44.81 -50.84
C GLN B 253 -13.56 44.71 -50.04
N LYS B 254 -14.53 43.92 -50.51
CA LYS B 254 -15.73 43.67 -49.73
C LYS B 254 -15.41 42.93 -48.45
N SER B 255 -14.52 41.94 -48.52
CA SER B 255 -14.23 41.06 -47.40
C SER B 255 -12.95 41.49 -46.69
N ASP B 256 -12.89 41.27 -45.39
CA ASP B 256 -11.70 41.50 -44.58
C ASP B 256 -11.44 40.23 -43.78
N VAL B 257 -10.33 39.56 -44.07
CA VAL B 257 -10.13 38.20 -43.58
C VAL B 257 -9.77 38.20 -42.10
N LEU B 258 -9.18 39.29 -41.61
CA LEU B 258 -8.73 39.32 -40.22
C LEU B 258 -9.91 39.37 -39.26
N VAL B 259 -10.99 40.07 -39.61
CA VAL B 259 -12.19 40.05 -38.79
C VAL B 259 -12.74 38.64 -38.70
N ARG B 260 -12.77 37.92 -39.82
CA ARG B 260 -13.32 36.57 -39.83
C ARG B 260 -12.45 35.62 -39.01
N GLN B 261 -11.13 35.83 -39.04
CA GLN B 261 -10.24 35.06 -38.16
C GLN B 261 -10.52 35.37 -36.69
N LEU B 262 -10.74 36.64 -36.36
CA LEU B 262 -11.06 37.00 -34.98
C LEU B 262 -12.35 36.33 -34.53
N PHE B 263 -13.36 36.29 -35.40
CA PHE B 263 -14.61 35.65 -35.04
C PHE B 263 -14.45 34.14 -34.89
N LEU B 264 -13.61 33.52 -35.72
CA LEU B 264 -13.31 32.10 -35.54
C LEU B 264 -12.67 31.84 -34.18
N GLU B 265 -11.72 32.68 -33.78
CA GLU B 265 -11.06 32.48 -32.50
C GLU B 265 -12.03 32.67 -31.34
N ARG B 266 -12.92 33.67 -31.44
CA ARG B 266 -13.94 33.86 -30.41
C ARG B 266 -14.87 32.66 -30.34
N ALA B 267 -15.23 32.09 -31.49
CA ALA B 267 -16.11 30.93 -31.49
C ALA B 267 -15.42 29.72 -30.85
N THR B 268 -14.11 29.56 -31.07
CA THR B 268 -13.39 28.48 -30.39
C THR B 268 -13.40 28.66 -28.88
N ALA B 269 -13.13 29.89 -28.41
CA ALA B 269 -13.17 30.14 -26.98
C ALA B 269 -14.56 29.86 -26.41
N GLN B 270 -15.60 30.26 -27.14
CA GLN B 270 -16.95 29.96 -26.71
C GLN B 270 -17.17 28.45 -26.63
N ARG B 271 -16.67 27.70 -27.60
CA ARG B 271 -16.88 26.24 -27.59
C ARG B 271 -16.24 25.59 -26.38
N ASP B 272 -15.00 25.97 -26.05
CA ASP B 272 -14.34 25.24 -24.96
C ASP B 272 -14.91 25.68 -23.60
N THR B 273 -15.25 26.96 -23.46
CA THR B 273 -15.96 27.38 -22.25
C THR B 273 -17.30 26.66 -22.13
N LEU B 274 -17.98 26.43 -23.26
CA LEU B 274 -19.26 25.74 -23.25
C LEU B 274 -19.11 24.31 -22.78
N ARG B 275 -18.08 23.60 -23.23
CA ARG B 275 -17.94 22.22 -22.77
C ARG B 275 -17.52 22.18 -21.30
N VAL B 276 -16.76 23.17 -20.83
CA VAL B 276 -16.47 23.24 -19.40
C VAL B 276 -17.76 23.40 -18.60
N VAL B 277 -18.64 24.30 -19.04
CA VAL B 277 -19.90 24.54 -18.34
C VAL B 277 -20.80 23.29 -18.39
N GLU B 278 -20.84 22.62 -19.54
CA GLU B 278 -21.66 21.42 -19.66
C GLU B 278 -21.15 20.32 -18.74
N ALA B 279 -19.83 20.18 -18.63
CA ALA B 279 -19.26 19.22 -17.68
C ALA B 279 -19.66 19.59 -16.25
N ILE B 280 -19.61 20.87 -15.90
CA ILE B 280 -20.04 21.29 -14.56
C ILE B 280 -21.46 20.85 -14.29
N PHE B 281 -22.37 21.12 -15.23
CA PHE B 281 -23.78 20.82 -15.00
C PHE B 281 -24.02 19.31 -14.93
N SER B 282 -23.38 18.53 -15.81
CA SER B 282 -23.55 17.09 -15.77
C SER B 282 -23.01 16.49 -14.48
N THR B 283 -21.86 16.99 -14.02
CA THR B 283 -21.29 16.53 -12.76
C THR B 283 -22.22 16.81 -11.59
N SER B 284 -22.76 18.03 -11.54
CA SER B 284 -23.67 18.37 -10.45
C SER B 284 -24.93 17.51 -10.50
N ALA B 285 -25.46 17.28 -11.70
CA ALA B 285 -26.66 16.46 -11.85
C ALA B 285 -26.43 15.03 -11.36
N ARG B 286 -25.29 14.44 -11.74
CA ARG B 286 -25.00 13.09 -11.28
C ARG B 286 -24.75 13.04 -9.77
N TYR B 287 -24.10 14.08 -9.23
CA TYR B 287 -23.87 14.13 -7.79
C TYR B 287 -25.18 14.17 -7.02
N VAL B 288 -26.14 14.96 -7.50
CA VAL B 288 -27.43 15.03 -6.83
C VAL B 288 -28.22 13.74 -7.02
N GLU B 289 -28.19 13.16 -8.23
CA GLU B 289 -29.01 12.00 -8.51
C GLU B 289 -28.59 10.76 -7.73
N LEU B 290 -27.34 10.70 -7.26
CA LEU B 290 -26.86 9.55 -6.52
C LEU B 290 -27.18 9.63 -5.03
N TYR B 291 -28.16 10.45 -4.65
CA TYR B 291 -28.61 10.55 -3.27
C TYR B 291 -29.35 9.28 -2.87
N GLU B 292 -28.69 8.44 -2.06
CA GLU B 292 -29.28 7.18 -1.59
C GLU B 292 -29.76 6.32 -2.74
N ASN B 293 -29.00 6.31 -3.83
CA ASN B 293 -29.34 5.52 -5.00
C ASN B 293 -28.70 4.14 -4.91
N VAL B 294 -29.31 3.18 -5.60
CA VAL B 294 -28.77 1.82 -5.65
C VAL B 294 -27.44 1.75 -6.40
N GLU B 295 -27.09 2.81 -7.13
CA GLU B 295 -25.86 2.84 -7.91
C GLU B 295 -24.70 3.49 -7.16
N ASN B 296 -24.94 4.06 -5.99
CA ASN B 296 -23.87 4.69 -5.21
C ASN B 296 -23.12 3.58 -4.48
N VAL B 297 -22.10 3.04 -5.13
CA VAL B 297 -21.36 1.89 -4.61
C VAL B 297 -20.02 2.38 -4.08
N ASN B 298 -19.30 1.47 -3.42
CA ASN B 298 -18.00 1.77 -2.85
C ASN B 298 -16.89 1.44 -3.85
N VAL B 299 -16.03 2.41 -4.10
CA VAL B 299 -14.89 2.22 -4.99
C VAL B 299 -13.72 3.03 -4.45
N GLU B 300 -12.56 2.38 -4.32
CA GLU B 300 -11.31 3.02 -3.92
C GLU B 300 -11.45 3.75 -2.58
N ASN B 301 -11.83 2.99 -1.55
CA ASN B 301 -11.93 3.50 -0.18
C ASN B 301 -12.89 4.68 -0.06
N LYS B 302 -13.87 4.74 -0.95
CA LYS B 302 -14.84 5.85 -0.95
C LYS B 302 -16.05 5.43 -1.76
N THR B 303 -17.05 6.30 -1.75
CA THR B 303 -18.22 6.13 -2.59
C THR B 303 -18.12 6.99 -3.84
N LEU B 304 -19.11 6.85 -4.72
CA LEU B 304 -19.05 7.47 -6.04
C LEU B 304 -19.13 8.99 -5.94
N ARG B 305 -19.87 9.51 -4.95
CA ARG B 305 -20.13 10.94 -4.90
C ARG B 305 -18.94 11.75 -4.40
N GLN B 306 -18.07 11.13 -3.60
CA GLN B 306 -16.93 11.87 -3.07
C GLN B 306 -15.95 12.26 -4.16
N HIS B 307 -15.79 11.42 -5.19
CA HIS B 307 -14.96 11.80 -6.33
C HIS B 307 -15.53 13.01 -7.04
N TYR B 308 -16.85 13.00 -7.27
CA TYR B 308 -17.49 14.14 -7.92
C TYR B 308 -17.32 15.40 -7.10
N SER B 309 -17.44 15.28 -5.77
CA SER B 309 -17.22 16.44 -4.92
C SER B 309 -15.78 16.95 -5.01
N ALA B 310 -14.81 16.04 -5.02
CA ALA B 310 -13.42 16.44 -5.14
C ALA B 310 -13.11 17.07 -6.49
N LEU B 311 -13.92 16.79 -7.51
CA LEU B 311 -13.73 17.40 -8.82
C LEU B 311 -13.92 18.91 -8.82
N ILE B 312 -14.25 19.53 -7.69
CA ILE B 312 -14.68 20.93 -7.69
C ILE B 312 -13.53 21.91 -7.97
N PRO B 313 -12.41 21.88 -7.24
CA PRO B 313 -11.36 22.88 -7.52
C PRO B 313 -10.79 22.79 -8.93
N ASN B 314 -10.73 21.59 -9.50
CA ASN B 314 -10.28 21.45 -10.89
C ASN B 314 -11.20 22.23 -11.83
N LEU B 315 -12.51 22.01 -11.70
CA LEU B 315 -13.46 22.72 -12.55
C LEU B 315 -13.41 24.22 -12.29
N PHE B 316 -13.17 24.63 -11.04
CA PHE B 316 -13.06 26.05 -10.73
C PHE B 316 -11.90 26.69 -11.49
N ILE B 317 -10.71 26.06 -11.42
CA ILE B 317 -9.55 26.62 -12.10
C ILE B 317 -9.76 26.63 -13.61
N ALA B 318 -10.31 25.53 -14.15
CA ALA B 318 -10.55 25.45 -15.58
C ALA B 318 -11.51 26.54 -16.04
N ALA B 319 -12.60 26.74 -15.30
CA ALA B 319 -13.57 27.76 -15.65
C ALA B 319 -12.96 29.15 -15.58
N VAL B 320 -12.14 29.42 -14.56
CA VAL B 320 -11.53 30.75 -14.46
C VAL B 320 -10.63 31.03 -15.65
N ALA B 321 -9.80 30.05 -16.03
CA ALA B 321 -8.91 30.24 -17.17
C ALA B 321 -9.71 30.44 -18.46
N ASN B 322 -10.72 29.61 -18.69
CA ASN B 322 -11.50 29.72 -19.91
C ASN B 322 -12.24 31.06 -19.97
N ILE B 323 -12.76 31.52 -18.82
CA ILE B 323 -13.47 32.80 -18.78
C ILE B 323 -12.52 33.94 -19.10
N SER B 324 -11.30 33.91 -18.55
CA SER B 324 -10.36 34.99 -18.84
C SER B 324 -10.02 35.03 -20.33
N GLU B 325 -9.78 33.85 -20.93
CA GLU B 325 -9.45 33.84 -22.35
C GLU B 325 -10.63 34.29 -23.20
N LEU B 326 -11.85 33.91 -22.80
CA LEU B 326 -13.03 34.34 -23.56
C LEU B 326 -13.23 35.84 -23.47
N ASN B 327 -12.96 36.43 -22.29
CA ASN B 327 -13.05 37.88 -22.16
C ASN B 327 -12.04 38.58 -23.05
N ALA B 328 -10.80 38.06 -23.09
CA ALA B 328 -9.80 38.66 -23.96
C ALA B 328 -10.22 38.57 -25.43
N ALA B 329 -10.73 37.41 -25.84
CA ALA B 329 -11.16 37.25 -27.23
C ALA B 329 -12.33 38.18 -27.57
N ASP B 330 -13.28 38.31 -26.64
CA ASP B 330 -14.41 39.20 -26.86
C ASP B 330 -13.96 40.65 -27.05
N ALA B 331 -13.06 41.11 -26.18
CA ALA B 331 -12.56 42.47 -26.31
C ALA B 331 -11.81 42.65 -27.63
N GLU B 332 -11.01 41.66 -28.02
CA GLU B 332 -10.25 41.77 -29.25
C GLU B 332 -11.17 41.88 -30.46
N ALA B 333 -12.19 41.02 -30.53
CA ALA B 333 -13.08 41.07 -31.69
C ALA B 333 -13.98 42.30 -31.69
N ALA B 334 -14.32 42.81 -30.50
CA ALA B 334 -15.18 43.98 -30.46
C ALA B 334 -14.43 45.26 -30.84
N ALA B 335 -13.19 45.41 -30.37
CA ALA B 335 -12.46 46.66 -30.60
C ALA B 335 -11.93 46.79 -32.02
N TYR B 336 -11.88 45.71 -32.79
CA TYR B 336 -11.30 45.74 -34.13
C TYR B 336 -12.27 45.17 -35.15
N TYR B 337 -13.55 45.55 -35.06
CA TYR B 337 -14.50 45.14 -36.08
C TYR B 337 -14.29 45.93 -37.37
N LEU B 338 -13.96 47.22 -37.25
CA LEU B 338 -13.65 48.06 -38.41
C LEU B 338 -12.51 48.98 -38.00
N HIS B 339 -11.29 48.53 -38.27
CA HIS B 339 -10.10 49.27 -37.89
C HIS B 339 -9.05 49.11 -38.98
N TRP B 340 -8.08 50.03 -38.98
CA TRP B 340 -6.99 49.97 -39.95
C TRP B 340 -6.16 48.71 -39.77
N ASP B 341 -5.89 48.32 -38.53
CA ASP B 341 -5.00 47.21 -38.24
C ASP B 341 -5.63 45.88 -38.65
N THR B 342 -6.77 45.94 -39.30
CA THR B 342 -7.45 44.75 -39.80
C THR B 342 -7.54 44.71 -41.32
N ASP B 343 -7.75 45.85 -41.97
CA ASP B 343 -7.64 45.99 -43.42
C ASP B 343 -6.37 46.82 -43.68
N LEU B 344 -5.27 46.14 -44.03
CA LEU B 344 -3.97 46.77 -44.08
C LEU B 344 -3.69 47.32 -45.48
N ALA B 345 -2.42 47.67 -45.72
CA ALA B 345 -2.05 48.44 -46.90
C ALA B 345 -2.37 47.70 -48.19
N THR B 346 -1.70 46.58 -48.44
CA THR B 346 -1.93 45.87 -49.68
C THR B 346 -3.27 45.15 -49.60
N ASN B 347 -3.84 44.83 -50.77
CA ASN B 347 -5.03 43.99 -50.77
C ASN B 347 -4.69 42.58 -50.33
N ASP B 348 -3.46 42.12 -50.57
CA ASP B 348 -3.07 40.76 -50.27
C ASP B 348 -3.17 40.48 -48.77
N GLU B 349 -2.43 41.24 -47.96
CA GLU B 349 -2.36 41.09 -46.50
C GLU B 349 -2.36 39.62 -46.09
N ASP B 350 -1.42 38.86 -46.63
CA ASP B 350 -1.33 37.43 -46.36
C ASP B 350 -0.34 37.10 -45.25
N GLU B 351 0.73 37.88 -45.12
CA GLU B 351 1.72 37.60 -44.08
C GLU B 351 1.11 37.74 -42.69
N ALA B 352 0.28 38.76 -42.48
CA ALA B 352 -0.37 38.94 -41.19
C ALA B 352 -1.34 37.81 -40.91
N TYR B 353 -2.08 37.37 -41.93
CA TYR B 353 -2.99 36.25 -41.76
C TYR B 353 -2.26 34.99 -41.36
N TYR B 354 -1.12 34.72 -42.01
CA TYR B 354 -0.39 33.50 -41.69
C TYR B 354 0.27 33.57 -40.32
N LYS B 355 0.76 34.75 -39.93
CA LYS B 355 1.28 34.93 -38.58
C LYS B 355 0.20 34.69 -37.53
N ALA B 356 -0.99 35.26 -37.76
CA ALA B 356 -2.11 35.05 -36.85
C ALA B 356 -2.54 33.59 -36.80
N LYS B 357 -2.54 32.91 -37.95
CA LYS B 357 -2.89 31.50 -37.98
C LYS B 357 -1.88 30.67 -37.19
N LEU B 358 -0.60 31.01 -37.29
CA LEU B 358 0.41 30.33 -36.49
C LEU B 358 0.17 30.54 -35.01
N ASP B 359 -0.08 31.79 -34.59
CA ASP B 359 -0.33 32.05 -33.17
C ASP B 359 -1.56 31.29 -32.69
N PHE B 360 -2.61 31.27 -33.50
CA PHE B 360 -3.83 30.56 -33.14
C PHE B 360 -3.60 29.07 -32.99
N ALA B 361 -2.83 28.47 -33.92
CA ALA B 361 -2.53 27.05 -33.82
C ALA B 361 -1.70 26.73 -32.57
N ILE B 362 -0.72 27.58 -32.26
CA ILE B 362 0.08 27.39 -31.05
C ILE B 362 -0.82 27.40 -29.83
N GLU B 363 -1.71 28.39 -29.75
CA GLU B 363 -2.62 28.49 -28.61
C GLU B 363 -3.54 27.28 -28.51
N THR B 364 -4.06 26.81 -29.66
CA THR B 364 -4.97 25.66 -29.64
C THR B 364 -4.25 24.40 -29.16
N TYR B 365 -3.03 24.18 -29.64
CA TYR B 365 -2.29 22.99 -29.24
C TYR B 365 -1.93 23.05 -27.75
N ALA B 366 -1.56 24.23 -27.25
CA ALA B 366 -1.32 24.35 -25.81
C ALA B 366 -2.60 24.11 -25.01
N LYS B 367 -3.73 24.59 -25.51
CA LYS B 367 -4.99 24.44 -24.80
C LYS B 367 -5.43 22.99 -24.74
N ILE B 368 -5.12 22.21 -25.78
CA ILE B 368 -5.46 20.78 -25.73
C ILE B 368 -4.83 20.13 -24.50
N LEU B 369 -3.53 20.36 -24.31
CA LEU B 369 -2.84 19.81 -23.15
C LEU B 369 -3.39 20.38 -21.83
N PHE B 370 -3.61 21.70 -21.79
CA PHE B 370 -4.10 22.32 -20.56
C PHE B 370 -5.44 21.74 -20.13
N ASN B 371 -6.39 21.68 -21.07
CA ASN B 371 -7.72 21.15 -20.73
C ASN B 371 -7.68 19.67 -20.43
N GLY B 372 -6.88 18.91 -21.17
CA GLY B 372 -6.78 17.48 -20.88
C GLY B 372 -6.22 17.21 -19.50
N GLU B 373 -5.27 18.04 -19.06
CA GLU B 373 -4.65 17.77 -17.77
C GLU B 373 -5.48 18.32 -16.60
N VAL B 374 -6.24 19.39 -16.81
CA VAL B 374 -6.89 20.04 -15.68
C VAL B 374 -8.19 19.36 -15.28
N TRP B 375 -9.12 19.17 -16.22
CA TRP B 375 -10.46 18.71 -15.86
C TRP B 375 -10.97 17.51 -16.64
N GLN B 376 -10.53 17.28 -17.88
CA GLN B 376 -11.14 16.23 -18.68
C GLN B 376 -10.89 14.85 -18.09
N GLU B 377 -9.68 14.57 -17.66
CA GLU B 377 -9.35 13.21 -17.28
C GLU B 377 -9.77 12.88 -15.85
N PRO B 378 -9.66 13.82 -14.90
CA PRO B 378 -10.30 13.58 -13.60
C PRO B 378 -11.78 13.25 -13.72
N LEU B 379 -12.51 13.90 -14.62
CA LEU B 379 -13.92 13.58 -14.83
C LEU B 379 -14.10 12.24 -15.54
N ALA B 380 -13.25 11.98 -16.54
CA ALA B 380 -13.36 10.74 -17.30
C ALA B 380 -13.12 9.53 -16.41
N TYR B 381 -12.23 9.67 -15.43
CA TYR B 381 -11.96 8.57 -14.51
C TYR B 381 -13.20 8.20 -13.71
N VAL B 382 -13.89 9.20 -13.17
CA VAL B 382 -15.09 8.94 -12.39
C VAL B 382 -16.19 8.36 -13.27
N GLN B 383 -16.34 8.90 -14.49
CA GLN B 383 -17.36 8.36 -15.38
C GLN B 383 -17.05 6.93 -15.78
N ASN B 384 -15.77 6.59 -15.94
CA ASN B 384 -15.39 5.20 -16.22
C ASN B 384 -15.67 4.31 -15.03
N LEU B 385 -15.46 4.80 -13.81
CA LEU B 385 -15.87 4.05 -12.63
C LEU B 385 -17.35 3.74 -12.65
N ASP B 386 -18.17 4.77 -12.96
CA ASP B 386 -19.61 4.58 -13.08
C ASP B 386 -19.95 3.51 -14.10
N ALA B 387 -19.40 3.64 -15.32
CA ALA B 387 -19.75 2.72 -16.39
C ALA B 387 -19.30 1.30 -16.07
N GLY B 388 -18.11 1.16 -15.47
CA GLY B 388 -17.63 -0.15 -15.10
C GLY B 388 -18.51 -0.80 -14.05
N ALA B 389 -18.97 -0.02 -13.06
CA ALA B 389 -19.87 -0.57 -12.06
C ALA B 389 -21.17 -1.08 -12.70
N ARG B 390 -21.78 -0.26 -13.56
CA ARG B 390 -23.02 -0.72 -14.20
C ARG B 390 -22.77 -1.94 -15.07
N GLN B 391 -21.67 -1.95 -15.83
CA GLN B 391 -21.40 -3.07 -16.72
C GLN B 391 -21.15 -4.36 -15.94
N GLU B 392 -20.41 -4.28 -14.84
CA GLU B 392 -20.14 -5.48 -14.06
C GLU B 392 -21.41 -6.01 -13.41
N ALA B 393 -22.28 -5.12 -12.92
CA ALA B 393 -23.57 -5.58 -12.41
C ALA B 393 -24.37 -6.28 -13.50
N ALA B 394 -24.41 -5.67 -14.70
CA ALA B 394 -25.21 -6.21 -15.78
C ALA B 394 -24.73 -7.59 -16.21
N ASP B 395 -23.42 -7.74 -16.46
CA ASP B 395 -22.99 -9.02 -16.97
C ASP B 395 -22.91 -10.06 -15.85
N ARG B 396 -22.82 -9.63 -14.60
CA ARG B 396 -22.97 -10.57 -13.49
C ARG B 396 -24.37 -11.18 -13.48
N GLU B 397 -25.39 -10.32 -13.62
CA GLU B 397 -26.76 -10.84 -13.70
C GLU B 397 -26.94 -11.73 -14.92
N ALA B 398 -26.39 -11.31 -16.06
CA ALA B 398 -26.53 -12.10 -17.28
C ALA B 398 -25.84 -13.46 -17.14
N ALA B 399 -24.65 -13.49 -16.55
CA ALA B 399 -23.94 -14.76 -16.35
C ALA B 399 -24.70 -15.67 -15.39
N ARG B 400 -25.27 -15.10 -14.33
CA ARG B 400 -26.06 -15.91 -13.40
C ARG B 400 -27.25 -16.54 -14.12
N ALA B 401 -27.97 -15.73 -14.92
CA ALA B 401 -29.12 -16.27 -15.65
C ALA B 401 -28.69 -17.34 -16.65
N ALA B 402 -27.58 -17.10 -17.36
CA ALA B 402 -27.11 -18.06 -18.35
C ALA B 402 -26.71 -19.38 -17.68
N ASP B 403 -26.02 -19.30 -16.54
CA ASP B 403 -25.64 -20.52 -15.83
C ASP B 403 -26.86 -21.28 -15.36
N GLU B 404 -27.86 -20.58 -14.82
CA GLU B 404 -29.08 -21.25 -14.36
C GLU B 404 -29.78 -21.94 -15.54
N ALA B 405 -29.91 -21.25 -16.66
CA ALA B 405 -30.57 -21.83 -17.83
C ALA B 405 -29.80 -23.03 -18.35
N TYR B 406 -28.48 -22.94 -18.38
CA TYR B 406 -27.66 -24.04 -18.89
C TYR B 406 -27.79 -25.27 -17.99
N ARG B 407 -27.76 -25.06 -16.67
CA ARG B 407 -27.94 -26.17 -15.74
C ARG B 407 -29.32 -26.81 -15.91
N ALA B 408 -30.36 -25.98 -16.03
CA ALA B 408 -31.71 -26.52 -16.19
C ALA B 408 -31.82 -27.31 -17.49
N GLU B 409 -31.24 -26.79 -18.57
CA GLU B 409 -31.25 -27.50 -19.85
C GLU B 409 -30.56 -28.85 -19.74
N GLN B 410 -29.38 -28.89 -19.14
CA GLN B 410 -28.66 -30.15 -19.00
C GLN B 410 -29.47 -31.15 -18.18
N LEU B 411 -30.02 -30.69 -17.05
CA LEU B 411 -30.76 -31.60 -16.18
C LEU B 411 -32.01 -32.13 -16.89
N ARG B 412 -32.73 -31.26 -17.59
CA ARG B 412 -33.95 -31.71 -18.27
C ARG B 412 -33.62 -32.68 -19.40
N ILE B 413 -32.53 -32.43 -20.14
CA ILE B 413 -32.15 -33.34 -21.21
C ILE B 413 -31.76 -34.69 -20.64
N ALA B 414 -30.97 -34.70 -19.56
CA ALA B 414 -30.55 -35.96 -18.97
C ALA B 414 -31.74 -36.74 -18.45
N GLN B 415 -32.64 -36.08 -17.72
CA GLN B 415 -33.82 -36.77 -17.19
C GLN B 415 -34.73 -37.27 -18.31
N GLU B 416 -34.89 -36.49 -19.37
CA GLU B 416 -35.79 -36.90 -20.45
C GLU B 416 -35.21 -38.10 -21.18
N ALA B 417 -33.89 -38.10 -21.40
CA ALA B 417 -33.24 -39.30 -21.93
C ALA B 417 -33.38 -40.46 -20.97
N ALA B 418 -33.38 -40.19 -19.67
CA ALA B 418 -33.59 -41.26 -18.69
C ALA B 418 -34.96 -41.90 -18.87
N ASP B 419 -36.01 -41.09 -19.04
CA ASP B 419 -37.33 -41.65 -19.35
C ASP B 419 -37.36 -42.35 -20.70
N ALA B 420 -36.55 -41.93 -21.67
CA ALA B 420 -36.43 -42.67 -22.92
C ALA B 420 -35.88 -44.07 -22.65
N GLN B 421 -34.82 -44.15 -21.84
CA GLN B 421 -34.30 -45.46 -21.45
C GLN B 421 -35.34 -46.25 -20.66
N LYS B 422 -36.18 -45.54 -19.91
CA LYS B 422 -37.27 -46.17 -19.18
C LYS B 422 -38.25 -46.85 -20.13
N ALA B 423 -38.59 -46.13 -21.21
CA ALA B 423 -39.45 -46.70 -22.24
C ALA B 423 -38.80 -47.93 -22.86
N ILE B 424 -37.51 -47.86 -23.14
CA ILE B 424 -36.79 -49.04 -23.65
C ILE B 424 -36.94 -50.20 -22.67
N ALA B 425 -36.70 -49.94 -21.39
CA ALA B 425 -36.73 -51.00 -20.39
C ALA B 425 -38.12 -51.63 -20.30
N GLU B 426 -39.16 -50.82 -20.23
CA GLU B 426 -40.51 -51.37 -20.13
C GLU B 426 -40.90 -52.12 -21.40
N ALA B 427 -40.48 -51.62 -22.56
CA ALA B 427 -40.83 -52.29 -23.81
C ALA B 427 -40.22 -53.68 -23.89
N LEU B 428 -38.90 -53.78 -23.68
CA LEU B 428 -38.26 -55.08 -23.77
C LEU B 428 -38.51 -55.95 -22.55
N ALA B 429 -39.06 -55.38 -21.47
CA ALA B 429 -39.60 -56.22 -20.41
C ALA B 429 -40.96 -56.81 -20.79
N LYS B 430 -41.78 -56.02 -21.50
CA LYS B 430 -43.11 -56.49 -21.88
C LYS B 430 -43.05 -57.50 -23.01
N GLU B 431 -42.10 -57.34 -23.95
CA GLU B 431 -42.01 -58.27 -25.06
C GLU B 431 -41.76 -59.70 -24.57
N ALA B 432 -40.91 -59.86 -23.57
CA ALA B 432 -40.66 -61.17 -23.00
C ALA B 432 -41.19 -61.25 -21.56
N GLU C 1 -8.64 -25.21 22.11
CA GLU C 1 -9.43 -24.79 20.95
C GLU C 1 -9.27 -23.28 20.75
N THR C 2 -10.17 -22.70 19.97
CA THR C 2 -10.13 -21.26 19.72
C THR C 2 -10.52 -20.50 20.98
N ASN C 3 -10.60 -19.19 20.87
CA ASN C 3 -11.02 -18.36 22.00
C ASN C 3 -12.28 -17.58 21.62
N PRO C 4 -13.47 -18.20 21.67
CA PRO C 4 -14.69 -17.48 21.25
C PRO C 4 -15.34 -16.64 22.35
N THR C 5 -14.62 -16.37 23.45
CA THR C 5 -15.27 -15.77 24.61
C THR C 5 -15.87 -14.40 24.31
N PHE C 6 -15.18 -13.55 23.53
CA PHE C 6 -15.69 -12.20 23.33
C PHE C 6 -16.09 -11.89 21.90
N ASN C 7 -16.57 -12.89 21.14
CA ASN C 7 -17.05 -12.60 19.76
C ASN C 7 -18.01 -13.68 19.24
N ILE C 8 -18.88 -13.34 18.26
CA ILE C 8 -19.82 -14.30 17.58
C ILE C 8 -20.89 -14.85 18.54
N THR C 9 -20.51 -15.67 19.53
CA THR C 9 -21.47 -16.32 20.48
C THR C 9 -22.65 -15.42 20.87
N ASN C 10 -23.88 -15.97 20.87
CA ASN C 10 -25.14 -15.24 21.25
C ASN C 10 -24.89 -13.77 21.56
N GLY C 11 -25.23 -12.87 20.62
CA GLY C 11 -24.85 -11.47 20.80
C GLY C 11 -25.26 -10.92 22.16
N PHE C 12 -26.39 -11.38 22.67
CA PHE C 12 -26.83 -11.02 24.02
C PHE C 12 -26.86 -12.27 24.87
N ASN C 13 -25.91 -12.39 25.80
CA ASN C 13 -25.69 -13.61 26.56
C ASN C 13 -25.81 -13.31 28.05
N ASP C 14 -26.37 -14.27 28.79
CA ASP C 14 -26.50 -14.11 30.23
C ASP C 14 -25.15 -14.29 30.93
N ALA C 15 -24.20 -14.92 30.25
CA ALA C 15 -22.92 -15.24 30.87
C ALA C 15 -22.10 -14.00 31.21
N ASP C 16 -22.34 -12.88 30.54
CA ASP C 16 -21.57 -11.67 30.76
C ASP C 16 -22.36 -10.56 31.41
N GLY C 17 -23.69 -10.68 31.46
CA GLY C 17 -24.53 -9.59 31.91
C GLY C 17 -25.00 -8.68 30.80
N SER C 18 -25.06 -9.16 29.57
CA SER C 18 -25.48 -8.37 28.41
C SER C 18 -26.93 -8.63 28.02
N THR C 19 -27.52 -9.73 28.48
CA THR C 19 -28.92 -10.01 28.17
C THR C 19 -29.84 -9.18 29.05
N ILE C 20 -31.11 -9.16 28.68
CA ILE C 20 -32.14 -8.44 29.43
C ILE C 20 -32.64 -9.32 30.56
N GLN C 21 -33.17 -8.70 31.61
CA GLN C 21 -33.62 -9.43 32.79
C GLN C 21 -34.93 -8.86 33.30
N PRO C 22 -36.05 -9.56 33.17
CA PRO C 22 -37.32 -9.12 33.77
C PRO C 22 -37.22 -9.18 35.29
N VAL C 23 -37.71 -8.14 35.95
CA VAL C 23 -37.63 -8.03 37.40
C VAL C 23 -39.01 -7.77 37.97
N GLY C 24 -39.38 -8.52 39.00
CA GLY C 24 -40.49 -8.18 39.86
C GLY C 24 -39.96 -7.58 41.14
N PRO C 25 -40.83 -7.19 42.05
CA PRO C 25 -40.35 -6.69 43.35
C PRO C 25 -40.12 -7.81 44.35
N VAL C 26 -38.86 -8.02 44.74
CA VAL C 26 -38.48 -8.97 45.78
C VAL C 26 -37.53 -8.28 46.72
N ASN C 27 -37.74 -8.46 48.02
CA ASN C 27 -36.96 -7.75 49.03
C ASN C 27 -35.70 -8.53 49.37
N HIS C 28 -34.55 -8.02 48.94
CA HIS C 28 -33.25 -8.49 49.39
C HIS C 28 -32.64 -7.38 50.23
N THR C 29 -32.29 -7.71 51.47
CA THR C 29 -31.90 -6.70 52.43
C THR C 29 -30.56 -6.08 52.05
N GLU C 30 -30.29 -4.91 52.63
CA GLU C 30 -29.01 -4.25 52.40
C GLU C 30 -27.85 -5.12 52.84
N GLU C 31 -28.03 -5.88 53.93
CA GLU C 31 -26.98 -6.80 54.38
C GLU C 31 -26.75 -7.90 53.37
N THR C 32 -27.83 -8.45 52.79
CA THR C 32 -27.68 -9.51 51.80
C THR C 32 -26.92 -9.00 50.56
N LEU C 33 -27.26 -7.80 50.10
CA LEU C 33 -26.57 -7.23 48.95
C LEU C 33 -25.11 -6.95 49.28
N ARG C 34 -24.83 -6.44 50.48
CA ARG C 34 -23.45 -6.18 50.84
C ARG C 34 -22.64 -7.47 50.91
N ASP C 35 -23.24 -8.54 51.42
CA ASP C 35 -22.57 -9.83 51.43
C ASP C 35 -22.29 -10.31 50.01
N LEU C 36 -23.29 -10.20 49.13
CA LEU C 36 -23.11 -10.68 47.77
C LEU C 36 -22.03 -9.88 47.03
N THR C 37 -21.96 -8.57 47.29
CA THR C 37 -20.93 -7.76 46.63
C THR C 37 -19.55 -8.03 47.22
N ASP C 38 -19.46 -8.19 48.55
CA ASP C 38 -18.17 -8.49 49.16
C ASP C 38 -17.65 -9.86 48.77
N SER C 39 -18.55 -10.77 48.39
CA SER C 39 -18.11 -12.09 47.92
C SER C 39 -17.23 -11.96 46.69
N THR C 40 -17.61 -11.09 45.74
CA THR C 40 -16.78 -10.86 44.56
C THR C 40 -15.65 -9.87 44.84
N GLY C 41 -15.87 -8.95 45.79
CA GLY C 41 -14.80 -8.04 46.18
C GLY C 41 -13.61 -8.77 46.75
N ALA C 42 -13.85 -9.89 47.44
CA ALA C 42 -12.75 -10.71 47.93
C ALA C 42 -11.90 -11.23 46.77
N TYR C 43 -12.55 -11.66 45.69
CA TYR C 43 -11.81 -12.15 44.52
C TYR C 43 -11.04 -11.02 43.84
N LEU C 44 -11.64 -9.83 43.77
CA LEU C 44 -11.03 -8.70 43.08
C LEU C 44 -10.05 -7.92 43.94
N GLU C 45 -9.92 -8.25 45.22
CA GLU C 45 -9.07 -7.45 46.11
C GLU C 45 -7.61 -7.45 45.65
N GLU C 46 -7.10 -8.59 45.18
CA GLU C 46 -5.71 -8.65 44.76
C GLU C 46 -5.43 -7.72 43.60
N PHE C 47 -6.33 -7.69 42.62
CA PHE C 47 -6.21 -6.71 41.54
C PHE C 47 -6.34 -5.29 42.06
N GLN C 48 -7.26 -5.07 43.01
CA GLN C 48 -7.62 -3.71 43.40
C GLN C 48 -6.47 -2.99 44.07
N ASN C 49 -5.83 -3.61 45.06
CA ASN C 49 -4.83 -2.93 45.86
C ASN C 49 -3.57 -3.74 46.08
N GLY C 50 -3.44 -4.90 45.46
CA GLY C 50 -2.26 -5.73 45.63
C GLY C 50 -1.11 -5.29 44.74
N THR C 51 -0.02 -6.04 44.83
CA THR C 51 1.14 -5.85 43.98
C THR C 51 1.28 -7.05 43.06
N VAL C 52 2.28 -6.99 42.18
CA VAL C 52 2.43 -8.00 41.13
C VAL C 52 2.58 -9.39 41.74
N GLU C 53 3.40 -9.50 42.79
CA GLU C 53 3.61 -10.80 43.42
C GLU C 53 2.31 -11.37 43.98
N GLU C 54 1.51 -10.52 44.63
CA GLU C 54 0.22 -10.97 45.14
C GLU C 54 -0.70 -11.41 44.00
N ILE C 55 -0.68 -10.68 42.88
CA ILE C 55 -1.55 -11.03 41.76
C ILE C 55 -1.17 -12.40 41.20
N VAL C 56 0.12 -12.64 40.98
CA VAL C 56 0.52 -13.94 40.43
C VAL C 56 0.27 -15.04 41.45
N GLU C 57 0.42 -14.73 42.74
CA GLU C 57 0.16 -15.71 43.79
C GLU C 57 -1.31 -16.14 43.78
N ALA C 58 -2.23 -15.18 43.79
CA ALA C 58 -3.62 -15.50 44.07
C ALA C 58 -4.30 -16.20 42.91
N TYR C 59 -4.11 -15.71 41.68
CA TYR C 59 -4.93 -16.17 40.57
C TYR C 59 -4.32 -17.40 39.89
N LEU C 60 -3.01 -17.52 39.91
CA LEU C 60 -2.32 -18.74 39.53
C LEU C 60 -1.73 -19.35 40.79
N GLN C 61 -2.15 -20.57 41.12
CA GLN C 61 -1.76 -21.22 42.36
C GLN C 61 -0.30 -21.63 42.26
N VAL C 62 0.59 -20.75 42.70
CA VAL C 62 2.02 -21.03 42.64
C VAL C 62 2.40 -22.10 43.66
N GLN C 63 1.91 -21.97 44.88
CA GLN C 63 2.30 -22.91 45.93
C GLN C 63 1.58 -24.25 45.76
N ALA C 64 0.35 -24.23 45.24
CA ALA C 64 -0.40 -25.46 45.05
C ALA C 64 0.08 -26.27 43.85
N SER C 65 0.96 -25.71 43.03
CA SER C 65 1.48 -26.46 41.90
C SER C 65 2.44 -27.55 42.38
N ALA C 66 2.76 -28.48 41.47
CA ALA C 66 3.66 -29.57 41.81
C ALA C 66 4.98 -29.03 42.34
N ASP C 67 5.48 -29.64 43.40
CA ASP C 67 6.66 -29.14 44.09
C ASP C 67 7.87 -29.20 43.18
N GLY C 68 8.56 -28.07 43.06
CA GLY C 68 9.59 -27.92 42.06
C GLY C 68 8.94 -27.29 40.85
N PHE C 69 9.16 -26.00 40.62
CA PHE C 69 8.38 -25.29 39.62
C PHE C 69 8.65 -25.83 38.23
N ASP C 70 7.59 -26.21 37.55
CA ASP C 70 7.69 -26.63 36.15
C ASP C 70 7.84 -25.41 35.27
N PRO C 71 9.01 -25.15 34.70
CA PRO C 71 9.17 -24.02 33.78
C PRO C 71 8.61 -24.29 32.38
N SER C 72 7.92 -25.41 32.21
CA SER C 72 7.29 -25.74 30.94
C SER C 72 6.23 -24.72 30.57
N GLU C 73 6.08 -24.49 29.27
CA GLU C 73 5.03 -23.60 28.79
C GLU C 73 3.65 -24.24 28.95
N GLN C 74 3.60 -25.57 28.96
CA GLN C 74 2.33 -26.25 29.21
C GLN C 74 1.81 -25.95 30.61
N ALA C 75 2.71 -25.86 31.59
CA ALA C 75 2.31 -25.52 32.95
C ALA C 75 1.67 -24.13 33.00
N ALA C 76 2.29 -23.16 32.31
CA ALA C 76 1.71 -21.82 32.24
C ALA C 76 0.37 -21.85 31.54
N TYR C 77 0.24 -22.65 30.47
CA TYR C 77 -1.03 -22.75 29.76
C TYR C 77 -2.13 -23.26 30.69
N GLU C 78 -1.85 -24.33 31.44
CA GLU C 78 -2.87 -24.86 32.34
C GLU C 78 -3.20 -23.88 33.46
N ALA C 79 -2.19 -23.19 34.00
CA ALA C 79 -2.46 -22.22 35.06
C ALA C 79 -3.35 -21.09 34.56
N PHE C 80 -3.05 -20.56 33.38
CA PHE C 80 -3.87 -19.48 32.84
C PHE C 80 -5.26 -19.96 32.46
N GLU C 81 -5.38 -21.21 31.99
CA GLU C 81 -6.71 -21.76 31.72
C GLU C 81 -7.54 -21.87 32.98
N ALA C 82 -6.94 -22.34 34.08
CA ALA C 82 -7.66 -22.42 35.35
C ALA C 82 -8.09 -21.04 35.82
N ALA C 83 -7.21 -20.05 35.71
CA ALA C 83 -7.58 -18.69 36.09
C ALA C 83 -8.74 -18.19 35.23
N ARG C 84 -8.73 -18.52 33.93
CA ARG C 84 -9.82 -18.11 33.06
C ARG C 84 -11.14 -18.74 33.49
N VAL C 85 -11.13 -20.04 33.83
CA VAL C 85 -12.37 -20.69 34.25
C VAL C 85 -12.90 -20.07 35.52
N ARG C 86 -12.01 -19.77 36.48
CA ARG C 86 -12.44 -19.15 37.72
C ARG C 86 -13.07 -17.78 37.47
N ALA C 87 -12.42 -16.95 36.64
CA ALA C 87 -12.98 -15.64 36.32
C ALA C 87 -14.30 -15.79 35.57
N SER C 88 -14.43 -16.81 34.73
CA SER C 88 -15.67 -17.03 33.99
C SER C 88 -16.83 -17.33 34.92
N GLN C 89 -16.59 -18.14 35.96
CA GLN C 89 -17.65 -18.41 36.92
C GLN C 89 -17.98 -17.16 37.74
N GLU C 90 -16.96 -16.40 38.13
CA GLU C 90 -17.21 -15.17 38.89
C GLU C 90 -18.04 -14.19 38.08
N LEU C 91 -17.86 -14.17 36.75
CA LEU C 91 -18.62 -13.28 35.89
C LEU C 91 -20.11 -13.59 35.94
N ALA C 92 -20.47 -14.87 35.86
CA ALA C 92 -21.88 -15.25 35.96
C ALA C 92 -22.44 -14.92 37.34
N ALA C 93 -21.62 -15.12 38.38
CA ALA C 93 -22.06 -14.73 39.72
C ALA C 93 -22.39 -13.24 39.79
N SER C 94 -21.53 -12.39 39.25
CA SER C 94 -21.80 -10.96 39.25
C SER C 94 -23.01 -10.60 38.39
N ALA C 95 -23.21 -11.36 37.30
CA ALA C 95 -24.39 -11.13 36.48
C ALA C 95 -25.68 -11.37 37.28
N GLU C 96 -25.71 -12.42 38.08
CA GLU C 96 -26.90 -12.66 38.91
C GLU C 96 -27.02 -11.64 40.04
N THR C 97 -25.88 -11.18 40.56
CA THR C 97 -25.89 -10.13 41.58
C THR C 97 -26.55 -8.87 41.04
N ILE C 98 -26.29 -8.54 39.77
CA ILE C 98 -26.93 -7.39 39.13
C ILE C 98 -28.45 -7.51 39.22
N THR C 99 -28.99 -8.68 38.83
CA THR C 99 -30.43 -8.87 38.82
C THR C 99 -31.02 -8.75 40.21
N LYS C 100 -30.34 -9.34 41.21
CA LYS C 100 -30.87 -9.27 42.57
C LYS C 100 -30.87 -7.84 43.10
N THR C 101 -29.80 -7.08 42.86
CA THR C 101 -29.76 -5.70 43.31
C THR C 101 -30.81 -4.85 42.60
N ARG C 102 -31.13 -5.19 41.34
CA ARG C 102 -32.22 -4.49 40.67
C ARG C 102 -33.57 -4.80 41.33
N GLU C 103 -33.82 -6.07 41.63
CA GLU C 103 -35.08 -6.47 42.24
C GLU C 103 -35.28 -5.78 43.59
N SER C 104 -34.19 -5.62 44.35
CA SER C 104 -34.29 -4.97 45.65
C SER C 104 -34.75 -3.52 45.52
N VAL C 105 -34.18 -2.77 44.57
CA VAL C 105 -34.61 -1.39 44.34
C VAL C 105 -36.05 -1.35 43.88
N ALA C 106 -36.45 -2.33 43.06
CA ALA C 106 -37.83 -2.40 42.60
C ALA C 106 -38.80 -2.52 43.78
N TYR C 107 -38.46 -3.35 44.76
CA TYR C 107 -39.31 -3.46 45.95
C TYR C 107 -39.32 -2.17 46.76
N ALA C 108 -38.13 -1.59 46.99
CA ALA C 108 -38.04 -0.43 47.88
C ALA C 108 -38.82 0.75 47.34
N LEU C 109 -38.68 1.06 46.05
CA LEU C 109 -39.39 2.22 45.52
C LEU C 109 -40.89 1.98 45.48
N LYS C 110 -41.32 0.74 45.23
CA LYS C 110 -42.75 0.46 45.23
C LYS C 110 -43.37 0.73 46.59
N VAL C 111 -42.75 0.23 47.66
CA VAL C 111 -43.32 0.48 48.98
C VAL C 111 -43.24 1.96 49.32
N ASP C 112 -42.21 2.65 48.84
CA ASP C 112 -42.09 4.08 49.10
C ASP C 112 -43.23 4.87 48.45
N GLN C 113 -43.53 4.57 47.18
CA GLN C 113 -44.65 5.24 46.52
C GLN C 113 -45.97 4.94 47.19
N GLU C 114 -46.17 3.69 47.62
CA GLU C 114 -47.40 3.36 48.33
C GLU C 114 -47.53 4.19 49.62
N ALA C 115 -46.43 4.34 50.35
CA ALA C 115 -46.47 5.13 51.58
C ALA C 115 -46.80 6.58 51.30
N THR C 116 -46.20 7.16 50.26
CA THR C 116 -46.51 8.55 49.92
C THR C 116 -47.98 8.72 49.55
N ALA C 117 -48.51 7.78 48.76
CA ALA C 117 -49.93 7.86 48.37
C ALA C 117 -50.84 7.79 49.59
N ALA C 118 -50.54 6.86 50.51
CA ALA C 118 -51.38 6.72 51.70
C ALA C 118 -51.32 7.98 52.57
N PHE C 119 -50.12 8.55 52.75
CA PHE C 119 -50.03 9.77 53.55
C PHE C 119 -50.81 10.89 52.91
N GLU C 120 -50.72 11.03 51.58
CA GLU C 120 -51.47 12.07 50.91
C GLU C 120 -52.97 11.89 51.11
N ALA C 121 -53.47 10.66 50.95
CA ALA C 121 -54.91 10.43 51.10
C ALA C 121 -55.37 10.75 52.51
N TYR C 122 -54.60 10.33 53.52
CA TYR C 122 -55.05 10.50 54.90
C TYR C 122 -54.95 11.96 55.33
N ARG C 123 -53.91 12.68 54.88
CA ARG C 123 -53.84 14.11 55.16
C ARG C 123 -54.97 14.86 54.45
N ASN C 124 -55.33 14.44 53.23
CA ASN C 124 -56.43 15.08 52.53
C ASN C 124 -57.75 14.87 53.27
N ALA C 125 -57.97 13.66 53.79
CA ALA C 125 -59.17 13.42 54.59
C ALA C 125 -59.20 14.28 55.84
N LEU C 126 -58.06 14.40 56.52
CA LEU C 126 -58.01 15.25 57.72
C LEU C 126 -58.28 16.71 57.38
N ARG C 127 -57.73 17.19 56.26
CA ARG C 127 -57.98 18.57 55.83
C ARG C 127 -59.45 18.78 55.51
N ASP C 128 -60.05 17.82 54.81
CA ASP C 128 -61.47 17.92 54.45
C ASP C 128 -62.37 17.86 55.68
N ALA C 129 -61.88 17.22 56.75
CA ALA C 129 -62.67 17.14 57.98
C ALA C 129 -62.97 18.52 58.55
N ALA C 130 -61.98 19.40 58.62
CA ALA C 130 -62.18 20.69 59.26
C ALA C 130 -63.12 21.58 58.45
N ILE C 131 -62.74 21.90 57.21
CA ILE C 131 -63.57 22.72 56.35
C ILE C 131 -63.81 21.97 55.05
N SER C 132 -64.97 21.32 54.94
CA SER C 132 -65.28 20.55 53.75
C SER C 132 -65.59 21.47 52.58
N ILE C 133 -65.25 21.02 51.38
CA ILE C 133 -65.47 21.76 50.15
C ILE C 133 -66.26 20.89 49.18
N ASN C 134 -67.30 21.46 48.60
CA ASN C 134 -68.19 20.74 47.70
C ASN C 134 -67.45 20.44 46.40
N PRO C 135 -67.95 19.46 45.62
CA PRO C 135 -67.34 19.22 44.30
C PRO C 135 -67.32 20.45 43.41
N ASP C 136 -68.32 21.33 43.54
CA ASP C 136 -68.33 22.57 42.77
C ASP C 136 -67.30 23.57 43.26
N GLY C 137 -66.76 23.40 44.45
CA GLY C 137 -65.76 24.30 44.98
C GLY C 137 -66.24 25.26 46.05
N SER C 138 -67.28 24.92 46.80
CA SER C 138 -67.83 25.79 47.83
C SER C 138 -67.86 25.06 49.16
N ILE C 139 -67.77 25.84 50.24
CA ILE C 139 -67.83 25.27 51.58
C ILE C 139 -69.21 24.68 51.83
N ASN C 140 -69.23 23.53 52.51
CA ASN C 140 -70.47 22.85 52.84
C ASN C 140 -70.67 22.89 54.35
N PRO C 141 -71.44 23.84 54.90
CA PRO C 141 -71.62 23.88 56.35
C PRO C 141 -72.32 22.66 56.92
N ASP C 142 -73.03 21.90 56.10
CA ASP C 142 -73.69 20.70 56.58
C ASP C 142 -72.66 19.69 57.09
N THR C 143 -71.57 19.51 56.34
CA THR C 143 -70.55 18.53 56.67
C THR C 143 -69.20 19.15 56.99
N SER C 144 -69.17 20.31 57.63
CA SER C 144 -67.93 20.97 58.01
C SER C 144 -67.84 21.05 59.54
N ILE C 145 -66.70 20.63 60.09
CA ILE C 145 -66.56 20.54 61.54
C ILE C 145 -66.56 21.92 62.18
N ASN C 146 -65.74 22.85 61.65
CA ASN C 146 -65.55 24.13 62.32
C ASN C 146 -66.83 24.95 62.32
N LEU C 147 -67.57 24.92 61.21
CA LEU C 147 -68.83 25.67 61.14
C LEU C 147 -69.85 25.13 62.14
N LEU C 148 -69.97 23.80 62.24
CA LEU C 148 -70.86 23.21 63.23
C LEU C 148 -70.40 23.53 64.64
N ILE C 149 -69.07 23.56 64.85
CA ILE C 149 -68.52 23.92 66.15
C ILE C 149 -68.94 25.32 66.54
N ASP C 150 -68.82 26.27 65.61
CA ASP C 150 -69.17 27.65 65.93
C ASP C 150 -70.68 27.80 66.09
N ALA C 151 -71.46 27.04 65.33
CA ALA C 151 -72.91 27.04 65.50
C ALA C 151 -73.30 26.58 66.91
N ALA C 152 -72.69 25.50 67.38
CA ALA C 152 -72.97 25.02 68.73
C ALA C 152 -72.43 25.98 69.77
N ASN C 153 -71.31 26.65 69.48
CA ASN C 153 -70.70 27.57 70.43
C ASN C 153 -71.57 28.80 70.62
N ALA C 154 -72.20 29.29 69.55
CA ALA C 154 -73.08 30.44 69.64
C ALA C 154 -74.47 30.09 70.14
N ALA C 155 -74.83 28.81 70.16
CA ALA C 155 -76.17 28.38 70.53
C ALA C 155 -76.29 27.98 72.00
N ASN C 156 -75.29 28.28 72.82
CA ASN C 156 -75.36 27.98 74.25
C ASN C 156 -75.43 29.27 75.05
N ARG C 157 -76.03 29.17 76.25
CA ARG C 157 -76.20 30.32 77.12
C ARG C 157 -75.57 30.12 78.49
N THR C 158 -74.92 28.98 78.71
CA THR C 158 -74.37 28.63 80.02
C THR C 158 -73.15 29.51 80.33
N ASP C 159 -72.71 29.48 81.58
CA ASP C 159 -71.60 30.31 82.03
C ASP C 159 -70.32 29.48 82.04
N ARG C 160 -70.10 28.69 80.99
CA ARG C 160 -68.80 28.09 80.68
C ARG C 160 -68.31 27.10 81.73
N ALA C 161 -69.07 26.90 82.81
CA ALA C 161 -68.56 26.11 83.93
C ALA C 161 -68.44 24.64 83.57
N GLU C 162 -69.48 24.07 82.96
CA GLU C 162 -69.52 22.65 82.67
C GLU C 162 -69.64 22.32 81.19
N ILE C 163 -70.28 23.17 80.39
CA ILE C 163 -70.29 23.05 78.95
C ILE C 163 -69.49 24.22 78.40
N GLU C 164 -68.34 23.93 77.81
CA GLU C 164 -67.35 24.95 77.49
C GLU C 164 -67.32 25.17 75.98
N ASP C 165 -66.68 26.27 75.59
CA ASP C 165 -66.49 26.56 74.18
C ASP C 165 -65.52 25.55 73.56
N TYR C 166 -65.91 24.96 72.44
CA TYR C 166 -65.04 24.04 71.74
C TYR C 166 -64.02 24.82 70.92
N ALA C 167 -62.75 24.55 71.16
CA ALA C 167 -61.69 25.18 70.38
C ALA C 167 -61.70 24.66 68.95
N HIS C 168 -61.23 25.51 68.03
CA HIS C 168 -61.25 25.15 66.62
C HIS C 168 -60.24 24.02 66.35
N LEU C 169 -60.51 23.28 65.27
CA LEU C 169 -59.78 22.04 65.03
C LEU C 169 -58.29 22.29 64.81
N TYR C 170 -57.49 21.34 65.30
CA TYR C 170 -56.05 21.31 65.09
C TYR C 170 -55.37 22.56 65.66
N THR C 171 -55.45 22.69 66.99
CA THR C 171 -54.71 23.74 67.67
C THR C 171 -53.23 23.39 67.79
N GLN C 172 -52.90 22.10 67.80
CA GLN C 172 -51.51 21.68 67.94
C GLN C 172 -50.73 21.97 66.66
N THR C 173 -51.29 21.64 65.51
CA THR C 173 -50.58 21.70 64.24
C THR C 173 -51.33 22.57 63.25
N ASP C 174 -50.61 23.03 62.23
CA ASP C 174 -51.19 23.78 61.12
C ASP C 174 -51.36 22.82 59.96
N ILE C 175 -52.60 22.37 59.73
CA ILE C 175 -52.84 21.38 58.69
C ILE C 175 -52.79 21.99 57.30
N ALA C 176 -52.71 23.32 57.21
CA ALA C 176 -52.55 23.96 55.90
C ALA C 176 -51.17 23.70 55.33
N LEU C 177 -50.19 23.42 56.19
CA LEU C 177 -48.83 23.17 55.74
C LEU C 177 -48.76 21.88 54.93
N GLU C 178 -47.72 21.77 54.11
CA GLU C 178 -47.56 20.61 53.24
C GLU C 178 -47.43 19.34 54.07
N THR C 179 -46.49 19.32 55.02
CA THR C 179 -46.25 18.13 55.83
C THR C 179 -46.51 18.43 57.30
N PRO C 180 -47.73 18.25 57.79
CA PRO C 180 -48.00 18.48 59.21
C PRO C 180 -47.90 17.21 60.05
N GLN C 181 -47.94 17.35 61.37
CA GLN C 181 -47.91 16.20 62.27
C GLN C 181 -49.34 15.70 62.45
N LEU C 182 -49.70 14.67 61.67
CA LEU C 182 -51.10 14.27 61.57
C LEU C 182 -51.57 13.52 62.81
N ALA C 183 -50.64 12.93 63.56
CA ALA C 183 -51.01 12.30 64.81
C ALA C 183 -51.60 13.30 65.80
N TYR C 184 -51.02 14.51 65.85
CA TYR C 184 -51.56 15.56 66.69
C TYR C 184 -52.99 15.91 66.27
N ALA C 185 -53.22 16.00 64.96
CA ALA C 185 -54.56 16.33 64.46
C ALA C 185 -55.58 15.26 64.81
N PHE C 186 -55.21 13.99 64.64
CA PHE C 186 -56.13 12.91 65.02
C PHE C 186 -56.39 12.90 66.52
N GLN C 187 -55.35 13.19 67.32
CA GLN C 187 -55.54 13.33 68.76
C GLN C 187 -56.57 14.41 69.08
N ASP C 188 -56.45 15.57 68.42
CA ASP C 188 -57.39 16.65 68.67
C ASP C 188 -58.81 16.27 68.26
N LEU C 189 -58.95 15.58 67.14
CA LEU C 189 -60.27 15.16 66.69
C LEU C 189 -60.91 14.18 67.67
N LYS C 190 -60.13 13.22 68.16
CA LYS C 190 -60.66 12.28 69.14
C LYS C 190 -61.01 12.99 70.45
N ALA C 191 -60.20 13.97 70.84
CA ALA C 191 -60.50 14.76 72.04
C ALA C 191 -61.82 15.49 71.88
N LEU C 192 -62.06 16.06 70.70
CA LEU C 192 -63.35 16.72 70.45
C LEU C 192 -64.51 15.74 70.54
N GLN C 193 -64.37 14.56 69.94
CA GLN C 193 -65.46 13.58 70.02
C GLN C 193 -65.75 13.21 71.47
N ALA C 194 -64.70 12.96 72.25
CA ALA C 194 -64.89 12.62 73.66
C ALA C 194 -65.53 13.76 74.44
N GLU C 195 -65.10 15.00 74.18
CA GLU C 195 -65.65 16.14 74.91
C GLU C 195 -67.13 16.34 74.60
N VAL C 196 -67.52 16.15 73.33
CA VAL C 196 -68.93 16.26 72.97
C VAL C 196 -69.75 15.19 73.68
N ASP C 197 -69.28 13.94 73.64
CA ASP C 197 -70.01 12.87 74.30
C ASP C 197 -70.08 13.09 75.81
N ALA C 198 -69.06 13.75 76.38
CA ALA C 198 -69.06 14.01 77.81
C ALA C 198 -70.04 15.12 78.18
N ASP C 199 -70.11 16.18 77.37
CA ASP C 199 -71.05 17.25 77.66
C ASP C 199 -72.49 16.82 77.38
N PHE C 200 -72.67 15.73 76.63
CA PHE C 200 -74.01 15.21 76.40
C PHE C 200 -74.77 14.99 77.70
N GLU C 201 -74.12 14.40 78.71
CA GLU C 201 -74.84 14.08 79.95
C GLU C 201 -75.11 15.32 80.79
N TRP C 202 -74.26 16.34 80.67
CA TRP C 202 -74.54 17.60 81.33
C TRP C 202 -75.66 18.35 80.63
N LEU C 203 -75.89 18.03 79.35
CA LEU C 203 -77.07 18.56 78.67
C LEU C 203 -78.35 17.91 79.19
N GLY C 204 -78.25 16.70 79.71
CA GLY C 204 -79.40 15.97 80.23
C GLY C 204 -79.67 16.13 81.70
N GLU C 205 -79.14 17.19 82.32
CA GLU C 205 -79.36 17.44 83.73
C GLU C 205 -80.68 18.16 83.96
N PHE C 206 -81.22 18.02 85.18
CA PHE C 206 -82.44 18.73 85.53
C PHE C 206 -82.16 20.19 85.85
N GLY C 207 -81.07 20.46 86.56
CA GLY C 207 -80.79 21.78 87.08
C GLY C 207 -79.82 22.63 86.29
N ILE C 208 -79.57 22.32 85.02
CA ILE C 208 -78.67 23.14 84.22
C ILE C 208 -79.26 24.54 84.03
N ASP C 209 -80.57 24.61 83.74
CA ASP C 209 -81.24 25.89 83.60
C ASP C 209 -81.35 26.52 84.98
N GLN C 210 -80.54 27.56 85.24
CA GLN C 210 -80.50 28.14 86.57
C GLN C 210 -80.99 29.58 86.60
N GLU C 211 -80.36 30.44 85.79
CA GLU C 211 -80.47 31.88 85.95
C GLU C 211 -80.22 32.55 84.60
N ASP C 212 -80.62 33.82 84.50
CA ASP C 212 -80.22 34.63 83.36
C ASP C 212 -78.71 34.60 83.21
N GLY C 213 -78.25 34.01 82.11
CA GLY C 213 -76.85 33.82 81.87
C GLY C 213 -76.33 32.42 82.17
N ASN C 214 -77.06 31.62 82.95
CA ASN C 214 -76.72 30.20 83.12
C ASN C 214 -77.99 29.40 82.83
N TYR C 215 -78.21 29.08 81.56
CA TYR C 215 -79.35 28.24 81.20
C TYR C 215 -79.13 27.69 79.79
N VAL C 216 -79.97 26.73 79.43
CA VAL C 216 -79.85 26.01 78.17
C VAL C 216 -81.08 26.29 77.33
N GLN C 217 -80.86 26.81 76.11
CA GLN C 217 -81.95 27.06 75.18
C GLN C 217 -82.33 25.77 74.44
N ARG C 218 -83.48 25.83 73.75
CA ARG C 218 -84.02 24.62 73.14
C ARG C 218 -83.32 24.29 71.82
N TYR C 219 -82.45 25.18 71.33
CA TYR C 219 -81.80 24.93 70.05
C TYR C 219 -80.36 24.46 70.23
N HIS C 220 -79.83 24.55 71.45
CA HIS C 220 -78.47 24.09 71.72
C HIS C 220 -78.32 22.59 71.44
N LEU C 221 -79.30 21.80 71.90
CA LEU C 221 -79.18 20.35 71.81
C LEU C 221 -79.16 19.85 70.37
N PRO C 222 -80.03 20.32 69.46
CA PRO C 222 -79.90 19.88 68.06
C PRO C 222 -78.58 20.24 67.41
N ALA C 223 -78.00 21.40 67.75
CA ALA C 223 -76.69 21.76 67.21
C ALA C 223 -75.63 20.80 67.70
N VAL C 224 -75.62 20.49 69.00
CA VAL C 224 -74.66 19.54 69.53
C VAL C 224 -74.87 18.16 68.91
N GLU C 225 -76.12 17.77 68.69
CA GLU C 225 -76.42 16.45 68.13
C GLU C 225 -75.92 16.34 66.70
N ALA C 226 -76.15 17.37 65.89
CA ALA C 226 -75.63 17.36 64.52
C ALA C 226 -74.11 17.32 64.50
N LEU C 227 -73.47 18.10 65.37
CA LEU C 227 -72.02 18.07 65.45
C LEU C 227 -71.53 16.67 65.83
N LYS C 228 -72.20 16.02 66.77
CA LYS C 228 -71.79 14.69 67.20
C LYS C 228 -71.94 13.67 66.08
N ALA C 229 -73.07 13.70 65.36
CA ALA C 229 -73.26 12.75 64.27
C ALA C 229 -72.22 12.95 63.18
N GLU C 230 -71.93 14.21 62.86
CA GLU C 230 -70.92 14.49 61.84
C GLU C 230 -69.54 14.00 62.27
N VAL C 231 -69.16 14.24 63.53
CA VAL C 231 -67.86 13.77 64.01
C VAL C 231 -67.79 12.25 63.98
N ASP C 232 -68.91 11.61 64.33
CA ASP C 232 -68.96 10.12 64.33
C ASP C 232 -68.70 9.60 62.91
N ALA C 233 -69.40 10.15 61.92
CA ALA C 233 -69.20 9.70 60.54
C ALA C 233 -67.79 10.01 60.05
N ARG C 234 -67.27 11.19 60.41
CA ARG C 234 -65.93 11.58 59.97
C ARG C 234 -64.88 10.64 60.53
N VAL C 235 -64.99 10.29 61.81
CA VAL C 235 -64.03 9.37 62.42
C VAL C 235 -64.14 7.99 61.78
N ALA C 236 -65.36 7.52 61.52
CA ALA C 236 -65.54 6.24 60.87
C ALA C 236 -64.88 6.23 59.49
N ALA C 237 -64.87 7.38 58.81
CA ALA C 237 -64.21 7.47 57.52
C ALA C 237 -62.69 7.52 57.67
N ILE C 238 -62.20 8.25 58.68
CA ILE C 238 -60.76 8.49 58.80
C ILE C 238 -60.04 7.27 59.37
N GLU C 239 -60.78 6.35 60.00
CA GLU C 239 -60.14 5.17 60.58
C GLU C 239 -59.36 4.32 59.57
N PRO C 240 -59.97 3.75 58.52
CA PRO C 240 -59.18 2.88 57.63
C PRO C 240 -58.03 3.60 56.94
N LEU C 241 -58.22 4.88 56.61
CA LEU C 241 -57.15 5.65 56.00
C LEU C 241 -55.94 5.77 56.91
N ARG C 242 -56.18 6.09 58.19
CA ARG C 242 -55.08 6.19 59.14
C ARG C 242 -54.42 4.84 59.35
N ALA C 243 -55.20 3.76 59.42
CA ALA C 243 -54.63 2.43 59.58
C ALA C 243 -53.71 2.09 58.42
N ASP C 244 -54.18 2.29 57.19
CA ASP C 244 -53.38 1.96 56.01
C ASP C 244 -52.14 2.86 55.94
N SER C 245 -52.29 4.14 56.29
CA SER C 245 -51.15 5.05 56.27
C SER C 245 -50.06 4.60 57.23
N ILE C 246 -50.45 4.24 58.46
CA ILE C 246 -49.46 3.75 59.42
C ILE C 246 -48.80 2.48 58.91
N ALA C 247 -49.62 1.55 58.39
CA ALA C 247 -49.08 0.26 57.97
C ALA C 247 -48.06 0.42 56.85
N LYS C 248 -48.32 1.31 55.90
CA LYS C 248 -47.43 1.44 54.76
C LYS C 248 -46.24 2.35 55.07
N ASN C 249 -46.46 3.37 55.90
CA ASN C 249 -45.37 4.28 56.25
C ASN C 249 -44.37 3.59 57.18
N LEU C 250 -44.81 2.63 57.98
CA LEU C 250 -43.87 1.84 58.77
C LEU C 250 -43.01 0.96 57.87
N GLU C 251 -43.64 0.30 56.89
CA GLU C 251 -42.90 -0.58 55.99
C GLU C 251 -41.95 0.19 55.10
N ALA C 252 -42.26 1.44 54.77
CA ALA C 252 -41.39 2.26 53.94
C ALA C 252 -40.23 2.85 54.72
N GLN C 253 -40.07 2.50 56.00
CA GLN C 253 -38.90 2.87 56.76
C GLN C 253 -37.92 1.74 56.96
N LYS C 254 -38.35 0.50 56.75
CA LYS C 254 -37.44 -0.64 56.79
C LYS C 254 -36.38 -0.54 55.70
N SER C 255 -36.79 -0.15 54.49
CA SER C 255 -35.92 -0.15 53.32
C SER C 255 -35.38 1.25 53.07
N ASP C 256 -34.17 1.32 52.53
CA ASP C 256 -33.55 2.57 52.10
C ASP C 256 -33.04 2.36 50.68
N VAL C 257 -33.65 3.06 49.72
CA VAL C 257 -33.46 2.73 48.31
C VAL C 257 -32.09 3.19 47.81
N LEU C 258 -31.51 4.21 48.46
CA LEU C 258 -30.24 4.76 47.98
C LEU C 258 -29.09 3.78 48.24
N VAL C 259 -29.12 3.07 49.37
CA VAL C 259 -28.12 2.03 49.61
C VAL C 259 -28.19 0.96 48.53
N ARG C 260 -29.41 0.54 48.17
CA ARG C 260 -29.57 -0.51 47.17
C ARG C 260 -29.10 -0.04 45.81
N GLN C 261 -29.33 1.25 45.49
CA GLN C 261 -28.77 1.81 44.27
C GLN C 261 -27.24 1.79 44.29
N LEU C 262 -26.65 2.16 45.44
CA LEU C 262 -25.19 2.13 45.56
C LEU C 262 -24.65 0.71 45.34
N PHE C 263 -25.33 -0.28 45.88
CA PHE C 263 -24.88 -1.66 45.71
C PHE C 263 -25.04 -2.12 44.26
N LEU C 264 -26.11 -1.68 43.58
CA LEU C 264 -26.24 -1.98 42.17
C LEU C 264 -25.09 -1.38 41.36
N GLU C 265 -24.70 -0.14 41.66
CA GLU C 265 -23.61 0.49 40.92
C GLU C 265 -22.28 -0.22 41.19
N ARG C 266 -22.05 -0.62 42.44
CA ARG C 266 -20.84 -1.38 42.75
C ARG C 266 -20.84 -2.71 42.01
N ALA C 267 -21.99 -3.37 41.93
CA ALA C 267 -22.05 -4.64 41.21
C ALA C 267 -21.76 -4.46 39.72
N THR C 268 -22.23 -3.36 39.14
CA THR C 268 -21.90 -3.08 37.74
C THR C 268 -20.40 -2.89 37.54
N ALA C 269 -19.77 -2.11 38.43
CA ALA C 269 -18.33 -1.91 38.33
C ALA C 269 -17.59 -3.24 38.48
N GLN C 270 -18.04 -4.08 39.40
CA GLN C 270 -17.45 -5.40 39.54
C GLN C 270 -17.61 -6.21 38.26
N ARG C 271 -18.77 -6.14 37.62
CA ARG C 271 -19.00 -6.93 36.41
C ARG C 271 -18.05 -6.52 35.29
N ASP C 272 -17.88 -5.21 35.06
CA ASP C 272 -17.07 -4.81 33.92
C ASP C 272 -15.58 -5.03 34.20
N THR C 273 -15.15 -4.81 35.44
CA THR C 273 -13.78 -5.17 35.80
C THR C 273 -13.56 -6.67 35.65
N LEU C 274 -14.59 -7.48 35.97
CA LEU C 274 -14.47 -8.93 35.83
C LEU C 274 -14.30 -9.34 34.38
N ARG C 275 -15.05 -8.73 33.46
CA ARG C 275 -14.88 -9.13 32.07
C ARG C 275 -13.54 -8.65 31.53
N VAL C 276 -13.04 -7.51 32.01
CA VAL C 276 -11.68 -7.09 31.63
C VAL C 276 -10.65 -8.13 32.08
N VAL C 277 -10.77 -8.59 33.31
CA VAL C 277 -9.82 -9.58 33.83
C VAL C 277 -9.94 -10.90 33.07
N GLU C 278 -11.17 -11.33 32.77
CA GLU C 278 -11.37 -12.57 32.04
C GLU C 278 -10.77 -12.48 30.63
N ALA C 279 -10.92 -11.32 29.98
CA ALA C 279 -10.27 -11.13 28.69
C ALA C 279 -8.76 -11.21 28.82
N ILE C 280 -8.20 -10.61 29.87
CA ILE C 280 -6.75 -10.71 30.09
C ILE C 280 -6.31 -12.17 30.18
N PHE C 281 -7.01 -12.96 30.99
CA PHE C 281 -6.61 -14.34 31.19
C PHE C 281 -6.76 -15.17 29.92
N SER C 282 -7.88 -14.98 29.20
CA SER C 282 -8.07 -15.73 27.96
C SER C 282 -7.02 -15.37 26.91
N THR C 283 -6.69 -14.09 26.82
CA THR C 283 -5.66 -13.65 25.88
C THR C 283 -4.31 -14.28 26.22
N SER C 284 -3.94 -14.26 27.50
CA SER C 284 -2.67 -14.86 27.89
C SER C 284 -2.66 -16.37 27.61
N ALA C 285 -3.77 -17.04 27.89
CA ALA C 285 -3.85 -18.48 27.65
C ALA C 285 -3.68 -18.80 26.18
N ARG C 286 -4.34 -18.05 25.29
CA ARG C 286 -4.20 -18.30 23.87
C ARG C 286 -2.80 -17.96 23.38
N TYR C 287 -2.20 -16.90 23.92
CA TYR C 287 -0.84 -16.55 23.55
C TYR C 287 0.14 -17.66 23.90
N VAL C 288 -0.01 -18.25 25.08
CA VAL C 288 0.88 -19.34 25.48
C VAL C 288 0.59 -20.59 24.66
N GLU C 289 -0.68 -20.91 24.43
CA GLU C 289 -1.03 -22.15 23.77
C GLU C 289 -0.58 -22.21 22.31
N LEU C 290 -0.35 -21.07 21.68
CA LEU C 290 0.08 -21.03 20.28
C LEU C 290 1.59 -21.16 20.13
N TYR C 291 2.28 -21.69 21.15
CA TYR C 291 3.72 -21.94 21.08
C TYR C 291 3.99 -23.09 20.13
N GLU C 292 4.50 -22.77 18.94
CA GLU C 292 4.84 -23.77 17.93
C GLU C 292 3.65 -24.67 17.61
N ASN C 293 2.46 -24.08 17.58
CA ASN C 293 1.24 -24.80 17.28
C ASN C 293 0.97 -24.78 15.78
N VAL C 294 0.23 -25.79 15.31
CA VAL C 294 -0.16 -25.86 13.91
C VAL C 294 -1.13 -24.75 13.52
N GLU C 295 -1.71 -24.06 14.50
CA GLU C 295 -2.67 -22.99 14.24
C GLU C 295 -2.03 -21.61 14.20
N ASN C 296 -0.75 -21.48 14.53
CA ASN C 296 -0.07 -20.20 14.50
C ASN C 296 0.31 -19.90 13.05
N VAL C 297 -0.59 -19.26 12.32
CA VAL C 297 -0.43 -19.01 10.91
C VAL C 297 -0.07 -17.55 10.69
N ASN C 298 0.28 -17.22 9.46
CA ASN C 298 0.66 -15.86 9.09
C ASN C 298 -0.55 -15.08 8.61
N VAL C 299 -0.76 -13.91 9.21
CA VAL C 299 -1.87 -13.03 8.82
C VAL C 299 -1.40 -11.59 8.97
N GLU C 300 -1.59 -10.80 7.90
CA GLU C 300 -1.30 -9.36 7.91
C GLU C 300 0.16 -9.08 8.30
N ASN C 301 1.08 -9.64 7.52
CA ASN C 301 2.52 -9.41 7.69
C ASN C 301 3.00 -9.79 9.08
N LYS C 302 2.34 -10.74 9.73
CA LYS C 302 2.71 -11.15 11.07
C LYS C 302 2.05 -12.50 11.36
N THR C 303 2.39 -13.05 12.52
CA THR C 303 1.75 -14.26 13.02
C THR C 303 0.67 -13.92 14.03
N LEU C 304 -0.02 -14.96 14.49
CA LEU C 304 -1.19 -14.75 15.34
C LEU C 304 -0.80 -14.19 16.71
N ARG C 305 0.37 -14.56 17.21
CA ARG C 305 0.72 -14.22 18.59
C ARG C 305 1.15 -12.77 18.73
N GLN C 306 1.66 -12.15 17.66
CA GLN C 306 2.12 -10.77 17.76
C GLN C 306 0.96 -9.82 18.00
N HIS C 307 -0.21 -10.10 17.43
CA HIS C 307 -1.39 -9.29 17.71
C HIS C 307 -1.76 -9.37 19.19
N TYR C 308 -1.76 -10.59 19.74
CA TYR C 308 -2.07 -10.77 21.15
C TYR C 308 -1.07 -10.02 22.03
N SER C 309 0.21 -10.05 21.64
CA SER C 309 1.21 -9.32 22.40
C SER C 309 0.97 -7.82 22.32
N ALA C 310 0.62 -7.31 21.14
CA ALA C 310 0.34 -5.88 21.00
C ALA C 310 -0.91 -5.46 21.76
N LEU C 311 -1.80 -6.40 22.06
CA LEU C 311 -3.00 -6.09 22.85
C LEU C 311 -2.70 -5.64 24.27
N ILE C 312 -1.42 -5.59 24.68
CA ILE C 312 -1.10 -5.41 26.10
C ILE C 312 -1.38 -4.00 26.59
N PRO C 313 -0.88 -2.92 25.98
CA PRO C 313 -1.15 -1.58 26.53
C PRO C 313 -2.63 -1.22 26.57
N ASN C 314 -3.41 -1.70 25.61
CA ASN C 314 -4.86 -1.48 25.64
C ASN C 314 -5.46 -2.07 26.91
N LEU C 315 -5.15 -3.34 27.19
CA LEU C 315 -5.67 -3.98 28.39
C LEU C 315 -5.16 -3.30 29.65
N PHE C 316 -3.92 -2.81 29.61
CA PHE C 316 -3.38 -2.10 30.76
C PHE C 316 -4.20 -0.85 31.07
N ILE C 317 -4.44 -0.02 30.06
CA ILE C 317 -5.21 1.21 30.27
C ILE C 317 -6.64 0.88 30.71
N ALA C 318 -7.26 -0.11 30.08
CA ALA C 318 -8.63 -0.48 30.43
C ALA C 318 -8.70 -0.95 31.88
N ALA C 319 -7.75 -1.78 32.30
CA ALA C 319 -7.75 -2.28 33.66
C ALA C 319 -7.53 -1.15 34.66
N VAL C 320 -6.64 -0.21 34.35
CA VAL C 320 -6.38 0.89 35.27
C VAL C 320 -7.65 1.72 35.47
N ALA C 321 -8.33 2.04 34.37
CA ALA C 321 -9.56 2.83 34.46
C ALA C 321 -10.64 2.09 35.26
N ASN C 322 -10.83 0.81 34.95
CA ASN C 322 -11.86 0.03 35.65
C ASN C 322 -11.54 -0.09 37.13
N ILE C 323 -10.26 -0.27 37.47
CA ILE C 323 -9.86 -0.39 38.87
C ILE C 323 -10.13 0.91 39.61
N SER C 324 -9.81 2.05 38.98
CA SER C 324 -10.07 3.33 39.65
C SER C 324 -11.55 3.53 39.91
N GLU C 325 -12.39 3.21 38.91
CA GLU C 325 -13.83 3.38 39.11
C GLU C 325 -14.36 2.41 40.17
N LEU C 326 -13.83 1.19 40.21
CA LEU C 326 -14.28 0.22 41.22
C LEU C 326 -13.88 0.67 42.62
N ASN C 327 -12.68 1.25 42.75
CA ASN C 327 -12.27 1.78 44.06
C ASN C 327 -13.18 2.91 44.50
N ALA C 328 -13.53 3.81 43.58
CA ALA C 328 -14.43 4.90 43.94
C ALA C 328 -15.80 4.35 44.37
N ALA C 329 -16.33 3.38 43.63
CA ALA C 329 -17.63 2.80 43.98
C ALA C 329 -17.58 2.10 45.33
N ASP C 330 -16.50 1.37 45.59
CA ASP C 330 -16.35 0.68 46.88
C ASP C 330 -16.34 1.67 48.03
N ALA C 331 -15.57 2.75 47.90
CA ALA C 331 -15.54 3.76 48.95
C ALA C 331 -16.91 4.39 49.15
N GLU C 332 -17.61 4.68 48.05
CA GLU C 332 -18.92 5.31 48.15
C GLU C 332 -19.91 4.42 48.88
N ALA C 333 -19.95 3.13 48.53
CA ALA C 333 -20.91 2.24 49.17
C ALA C 333 -20.52 1.94 50.61
N ALA C 334 -19.23 1.94 50.93
CA ALA C 334 -18.81 1.64 52.29
C ALA C 334 -19.09 2.82 53.23
N ALA C 335 -18.82 4.05 52.78
CA ALA C 335 -18.94 5.18 53.68
C ALA C 335 -20.38 5.61 53.94
N TYR C 336 -21.34 5.14 53.13
CA TYR C 336 -22.73 5.56 53.26
C TYR C 336 -23.65 4.36 53.36
N TYR C 337 -23.27 3.37 54.15
CA TYR C 337 -24.17 2.25 54.41
C TYR C 337 -25.30 2.66 55.33
N LEU C 338 -25.02 3.49 56.32
CA LEU C 338 -26.04 4.01 57.23
C LEU C 338 -25.66 5.47 57.52
N HIS C 339 -26.22 6.37 56.72
CA HIS C 339 -25.93 7.79 56.84
C HIS C 339 -27.20 8.58 56.55
N TRP C 340 -27.20 9.83 57.01
CA TRP C 340 -28.34 10.72 56.77
C TRP C 340 -28.55 10.98 55.29
N ASP C 341 -27.46 11.17 54.54
CA ASP C 341 -27.53 11.54 53.13
C ASP C 341 -28.06 10.39 52.28
N THR C 342 -28.47 9.31 52.93
CA THR C 342 -29.06 8.17 52.25
C THR C 342 -30.52 7.94 52.61
N ASP C 343 -30.91 8.17 53.86
CA ASP C 343 -32.31 8.20 54.28
C ASP C 343 -32.63 9.67 54.59
N LEU C 344 -33.27 10.36 53.67
CA LEU C 344 -33.44 11.80 53.73
C LEU C 344 -34.74 12.16 54.46
N ALA C 345 -35.14 13.43 54.34
CA ALA C 345 -36.20 13.99 55.17
C ALA C 345 -37.53 13.28 54.94
N THR C 346 -38.08 13.40 53.74
CA THR C 346 -39.38 12.79 53.49
C THR C 346 -39.21 11.29 53.33
N ASN C 347 -40.29 10.55 53.54
CA ASN C 347 -40.24 9.12 53.25
C ASN C 347 -40.13 8.88 51.74
N ASP C 348 -40.66 9.80 50.94
CA ASP C 348 -40.68 9.62 49.49
C ASP C 348 -39.27 9.54 48.93
N GLU C 349 -38.47 10.60 49.14
CA GLU C 349 -37.10 10.72 48.62
C GLU C 349 -36.97 10.14 47.22
N ASP C 350 -37.81 10.66 46.30
CA ASP C 350 -37.81 10.17 44.93
C ASP C 350 -36.97 11.02 44.00
N GLU C 351 -36.89 12.33 44.26
CA GLU C 351 -36.10 13.20 43.38
C GLU C 351 -34.62 12.83 43.40
N ALA C 352 -34.09 12.51 44.59
CA ALA C 352 -32.70 12.10 44.69
C ALA C 352 -32.47 10.78 43.98
N TYR C 353 -33.41 9.84 44.11
CA TYR C 353 -33.28 8.57 43.42
C TYR C 353 -33.27 8.76 41.91
N TYR C 354 -34.14 9.62 41.40
CA TYR C 354 -34.18 9.81 39.95
C TYR C 354 -32.96 10.56 39.44
N LYS C 355 -32.45 11.51 40.22
CA LYS C 355 -31.19 12.18 39.85
C LYS C 355 -30.03 11.18 39.81
N ALA C 356 -29.95 10.32 40.82
CA ALA C 356 -28.91 9.30 40.84
C ALA C 356 -29.06 8.32 39.69
N LYS C 357 -30.29 7.94 39.36
CA LYS C 357 -30.51 7.03 38.23
C LYS C 357 -30.08 7.68 36.92
N LEU C 358 -30.34 8.98 36.76
CA LEU C 358 -29.86 9.68 35.58
C LEU C 358 -28.34 9.68 35.50
N ASP C 359 -27.67 10.00 36.61
CA ASP C 359 -26.21 10.00 36.61
C ASP C 359 -25.66 8.62 36.28
N PHE C 360 -26.27 7.58 36.85
CA PHE C 360 -25.85 6.21 36.61
C PHE C 360 -26.02 5.83 35.15
N ALA C 361 -27.14 6.20 34.54
CA ALA C 361 -27.36 5.90 33.13
C ALA C 361 -26.36 6.63 32.23
N ILE C 362 -26.08 7.89 32.55
CA ILE C 362 -25.08 8.64 31.79
C ILE C 362 -23.73 7.94 31.85
N GLU C 363 -23.33 7.53 33.06
CA GLU C 363 -22.04 6.85 33.21
C GLU C 363 -22.02 5.53 32.46
N THR C 364 -23.11 4.77 32.52
CA THR C 364 -23.16 3.48 31.82
C THR C 364 -23.05 3.65 30.31
N TYR C 365 -23.77 4.63 29.77
CA TYR C 365 -23.72 4.85 28.33
C TYR C 365 -22.34 5.32 27.89
N ALA C 366 -21.69 6.18 28.69
CA ALA C 366 -20.32 6.58 28.36
C ALA C 366 -19.37 5.39 28.44
N LYS C 367 -19.57 4.51 29.43
CA LYS C 367 -18.69 3.36 29.60
C LYS C 367 -18.82 2.38 28.46
N ILE C 368 -20.02 2.25 27.88
CA ILE C 368 -20.18 1.36 26.73
C ILE C 368 -19.22 1.77 25.61
N LEU C 369 -19.21 3.07 25.28
CA LEU C 369 -18.31 3.57 24.25
C LEU C 369 -16.85 3.41 24.65
N PHE C 370 -16.52 3.76 25.91
CA PHE C 370 -15.13 3.67 26.36
C PHE C 370 -14.60 2.24 26.24
N ASN C 371 -15.33 1.28 26.78
CA ASN C 371 -14.88 -0.11 26.74
C ASN C 371 -14.86 -0.65 25.32
N GLY C 372 -15.87 -0.31 24.51
CA GLY C 372 -15.86 -0.77 23.14
C GLY C 372 -14.67 -0.26 22.35
N GLU C 373 -14.25 0.98 22.62
CA GLU C 373 -13.16 1.54 21.84
C GLU C 373 -11.80 1.12 22.37
N VAL C 374 -11.66 0.84 23.66
CA VAL C 374 -10.33 0.63 24.23
C VAL C 374 -9.85 -0.81 24.02
N TRP C 375 -10.63 -1.81 24.44
CA TRP C 375 -10.14 -3.18 24.44
C TRP C 375 -11.02 -4.21 23.75
N GLN C 376 -12.33 -4.01 23.67
CA GLN C 376 -13.20 -5.06 23.15
C GLN C 376 -12.91 -5.36 21.69
N GLU C 377 -12.78 -4.33 20.88
CA GLU C 377 -12.71 -4.55 19.44
C GLU C 377 -11.31 -4.94 18.97
N PRO C 378 -10.24 -4.38 19.54
CA PRO C 378 -8.91 -4.95 19.26
C PRO C 378 -8.83 -6.44 19.57
N LEU C 379 -9.47 -6.91 20.64
CA LEU C 379 -9.47 -8.34 20.93
C LEU C 379 -10.38 -9.11 19.97
N ALA C 380 -11.54 -8.54 19.66
CA ALA C 380 -12.48 -9.20 18.77
C ALA C 380 -11.89 -9.40 17.39
N TYR C 381 -11.06 -8.46 16.94
CA TYR C 381 -10.42 -8.58 15.62
C TYR C 381 -9.50 -9.79 15.58
N VAL C 382 -8.67 -9.97 16.61
CA VAL C 382 -7.75 -11.10 16.66
C VAL C 382 -8.53 -12.41 16.78
N GLN C 383 -9.58 -12.43 17.59
CA GLN C 383 -10.37 -13.65 17.70
C GLN C 383 -11.07 -13.99 16.39
N ASN C 384 -11.51 -12.98 15.65
CA ASN C 384 -12.10 -13.23 14.34
C ASN C 384 -11.06 -13.75 13.37
N LEU C 385 -9.82 -13.25 13.44
CA LEU C 385 -8.75 -13.83 12.63
C LEU C 385 -8.58 -15.31 12.94
N ASP C 386 -8.54 -15.65 14.23
CA ASP C 386 -8.44 -17.04 14.65
C ASP C 386 -9.57 -17.88 14.06
N ALA C 387 -10.81 -17.44 14.26
CA ALA C 387 -11.96 -18.22 13.82
C ALA C 387 -11.99 -18.35 12.31
N GLY C 388 -11.64 -17.29 11.59
CA GLY C 388 -11.59 -17.36 10.14
C GLY C 388 -10.55 -18.34 9.65
N ALA C 389 -9.38 -18.36 10.28
CA ALA C 389 -8.35 -19.32 9.90
C ALA C 389 -8.84 -20.74 10.08
N ARG C 390 -9.41 -21.05 11.25
CA ARG C 390 -9.90 -22.41 11.47
C ARG C 390 -11.02 -22.76 10.49
N GLN C 391 -11.94 -21.84 10.25
CA GLN C 391 -13.05 -22.12 9.35
C GLN C 391 -12.58 -22.35 7.92
N GLU C 392 -11.62 -21.55 7.45
CA GLU C 392 -11.14 -21.73 6.09
C GLU C 392 -10.39 -23.05 5.95
N ALA C 393 -9.59 -23.43 6.96
CA ALA C 393 -8.96 -24.74 6.91
C ALA C 393 -10.01 -25.85 6.86
N ALA C 394 -11.04 -25.75 7.69
CA ALA C 394 -12.05 -26.79 7.78
C ALA C 394 -12.81 -26.95 6.46
N ASP C 395 -13.30 -25.85 5.89
CA ASP C 395 -14.11 -26.02 4.69
C ASP C 395 -13.22 -26.28 3.48
N ARG C 396 -11.94 -25.91 3.53
CA ARG C 396 -11.03 -26.34 2.47
C ARG C 396 -10.88 -27.85 2.47
N GLU C 397 -10.68 -28.44 3.66
CA GLU C 397 -10.61 -29.90 3.74
C GLU C 397 -11.92 -30.55 3.29
N ALA C 398 -13.05 -29.97 3.73
CA ALA C 398 -14.36 -30.52 3.36
C ALA C 398 -14.58 -30.45 1.86
N ALA C 399 -14.22 -29.33 1.24
CA ALA C 399 -14.38 -29.19 -0.21
C ALA C 399 -13.50 -30.16 -0.96
N ARG C 400 -12.26 -30.36 -0.49
CA ARG C 400 -11.38 -31.33 -1.13
C ARG C 400 -11.98 -32.73 -1.07
N ALA C 401 -12.48 -33.12 0.11
CA ALA C 401 -13.09 -34.44 0.24
C ALA C 401 -14.33 -34.58 -0.64
N ALA C 402 -15.16 -33.54 -0.68
CA ALA C 402 -16.37 -33.58 -1.49
C ALA C 402 -16.04 -33.71 -2.97
N ASP C 403 -15.04 -32.96 -3.43
CA ASP C 403 -14.64 -33.04 -4.84
C ASP C 403 -14.11 -34.44 -5.17
N GLU C 404 -13.28 -35.00 -4.28
CA GLU C 404 -12.76 -36.34 -4.53
C GLU C 404 -13.90 -37.36 -4.60
N ALA C 405 -14.84 -37.29 -3.66
CA ALA C 405 -15.95 -38.23 -3.66
C ALA C 405 -16.82 -38.07 -4.90
N TYR C 406 -17.07 -36.82 -5.32
CA TYR C 406 -17.89 -36.58 -6.50
C TYR C 406 -17.22 -37.13 -7.75
N ARG C 407 -15.91 -36.91 -7.89
CA ARG C 407 -15.19 -37.45 -9.04
C ARG C 407 -15.23 -38.97 -9.03
N ALA C 408 -15.01 -39.59 -7.87
CA ALA C 408 -15.04 -41.05 -7.80
C ALA C 408 -16.42 -41.58 -8.15
N GLU C 409 -17.47 -40.94 -7.66
CA GLU C 409 -18.83 -41.35 -7.97
C GLU C 409 -19.10 -41.27 -9.47
N GLN C 410 -18.73 -40.15 -10.10
CA GLN C 410 -18.95 -40.01 -11.54
C GLN C 410 -18.19 -41.08 -12.32
N LEU C 411 -16.92 -41.30 -11.97
CA LEU C 411 -16.11 -42.27 -12.70
C LEU C 411 -16.68 -43.68 -12.54
N ARG C 412 -17.08 -44.04 -11.31
CA ARG C 412 -17.61 -45.39 -11.10
C ARG C 412 -18.94 -45.57 -11.82
N ILE C 413 -19.80 -44.55 -11.82
CA ILE C 413 -21.06 -44.67 -12.54
C ILE C 413 -20.82 -44.83 -14.04
N ALA C 414 -19.92 -44.02 -14.59
CA ALA C 414 -19.65 -44.10 -16.02
C ALA C 414 -19.07 -45.46 -16.40
N GLN C 415 -18.10 -45.95 -15.63
CA GLN C 415 -17.51 -47.25 -15.93
C GLN C 415 -18.52 -48.38 -15.75
N GLU C 416 -19.38 -48.29 -14.75
CA GLU C 416 -20.34 -49.37 -14.51
C GLU C 416 -21.37 -49.40 -15.63
N ALA C 417 -21.81 -48.22 -16.08
CA ALA C 417 -22.65 -48.16 -17.27
C ALA C 417 -21.92 -48.69 -18.50
N ALA C 418 -20.61 -48.47 -18.56
CA ALA C 418 -19.82 -49.02 -19.66
C ALA C 418 -19.88 -50.53 -19.67
N ASP C 419 -19.71 -51.16 -18.51
CA ASP C 419 -19.89 -52.62 -18.43
C ASP C 419 -21.32 -53.05 -18.73
N ALA C 420 -22.31 -52.22 -18.42
CA ALA C 420 -23.67 -52.54 -18.85
C ALA C 420 -23.78 -52.58 -20.37
N GLN C 421 -23.19 -51.58 -21.04
CA GLN C 421 -23.13 -51.61 -22.49
C GLN C 421 -22.34 -52.81 -22.98
N LYS C 422 -21.34 -53.22 -22.20
CA LYS C 422 -20.55 -54.40 -22.55
C LYS C 422 -21.42 -55.65 -22.53
N ALA C 423 -22.27 -55.77 -21.52
CA ALA C 423 -23.23 -56.86 -21.45
C ALA C 423 -24.17 -56.85 -22.65
N ILE C 424 -24.65 -55.65 -23.02
CA ILE C 424 -25.48 -55.53 -24.23
C ILE C 424 -24.73 -56.06 -25.44
N ALA C 425 -23.48 -55.62 -25.60
CA ALA C 425 -22.69 -56.00 -26.77
C ALA C 425 -22.49 -57.50 -26.83
N GLU C 426 -22.09 -58.13 -25.71
CA GLU C 426 -21.85 -59.56 -25.73
C GLU C 426 -23.15 -60.34 -25.94
N ALA C 427 -24.27 -59.85 -25.39
CA ALA C 427 -25.53 -60.55 -25.55
C ALA C 427 -25.97 -60.56 -27.01
N LEU C 428 -26.01 -59.39 -27.65
CA LEU C 428 -26.46 -59.36 -29.04
C LEU C 428 -25.38 -59.84 -30.00
N ALA C 429 -24.14 -60.01 -29.54
CA ALA C 429 -23.17 -60.75 -30.35
C ALA C 429 -23.41 -62.25 -30.26
N LYS C 430 -23.82 -62.74 -29.08
CA LYS C 430 -24.03 -64.17 -28.89
C LYS C 430 -25.33 -64.63 -29.55
N GLU C 431 -26.36 -63.78 -29.54
CA GLU C 431 -27.63 -64.18 -30.15
C GLU C 431 -27.46 -64.48 -31.63
N ALA C 432 -26.67 -63.69 -32.34
CA ALA C 432 -26.40 -63.96 -33.75
C ALA C 432 -24.94 -64.35 -33.95
N GLU D 1 -4.81 2.80 -34.20
CA GLU D 1 -4.52 1.58 -33.48
C GLU D 1 -3.59 1.87 -32.30
N THR D 2 -2.97 0.83 -31.76
CA THR D 2 -2.05 1.00 -30.65
C THR D 2 -0.77 1.70 -31.12
N ASN D 3 0.18 1.85 -30.23
CA ASN D 3 1.46 2.46 -30.59
C ASN D 3 2.59 1.46 -30.33
N PRO D 4 2.84 0.49 -31.23
CA PRO D 4 3.88 -0.52 -30.96
C PRO D 4 5.28 -0.09 -31.37
N THR D 5 5.51 1.20 -31.63
CA THR D 5 6.76 1.63 -32.24
C THR D 5 7.99 1.29 -31.39
N PHE D 6 7.90 1.45 -30.07
CA PHE D 6 9.09 1.23 -29.26
C PHE D 6 8.98 0.08 -28.27
N ASN D 7 8.39 -1.02 -28.62
CA ASN D 7 8.17 -2.21 -27.79
C ASN D 7 7.70 -3.37 -28.67
N ILE D 8 8.07 -4.62 -28.36
CA ILE D 8 7.58 -5.86 -29.06
C ILE D 8 8.20 -6.02 -30.45
N THR D 9 8.12 -4.98 -31.30
CA THR D 9 8.69 -5.02 -32.68
C THR D 9 10.02 -5.77 -32.65
N ASN D 10 10.18 -6.81 -33.51
CA ASN D 10 11.43 -7.62 -33.62
C ASN D 10 12.53 -6.98 -32.78
N GLY D 11 12.92 -7.61 -31.66
CA GLY D 11 13.80 -6.92 -30.73
C GLY D 11 14.96 -6.21 -31.40
N PHE D 12 15.47 -6.80 -32.48
CA PHE D 12 16.51 -6.16 -33.27
C PHE D 12 15.95 -5.90 -34.67
N ASN D 13 15.69 -4.62 -34.96
CA ASN D 13 14.99 -4.23 -36.17
C ASN D 13 15.85 -3.29 -36.99
N ASP D 14 15.75 -3.41 -38.31
CA ASP D 14 16.51 -2.52 -39.20
C ASP D 14 15.89 -1.13 -39.23
N ALA D 15 14.63 -1.01 -38.84
CA ALA D 15 13.92 0.26 -38.96
C ALA D 15 14.49 1.33 -38.04
N ASP D 16 15.17 0.95 -36.97
CA ASP D 16 15.71 1.92 -36.01
C ASP D 16 17.22 2.00 -36.02
N GLY D 17 17.91 1.05 -36.66
CA GLY D 17 19.34 0.96 -36.56
C GLY D 17 19.84 0.09 -35.43
N SER D 18 19.03 -0.87 -34.97
CA SER D 18 19.40 -1.76 -33.88
C SER D 18 19.87 -3.12 -34.36
N THR D 19 19.58 -3.48 -35.61
CA THR D 19 20.04 -4.76 -36.13
C THR D 19 21.52 -4.68 -36.53
N ILE D 20 22.10 -5.85 -36.77
CA ILE D 20 23.50 -5.95 -37.18
C ILE D 20 23.59 -5.76 -38.69
N GLN D 21 24.75 -5.32 -39.17
CA GLN D 21 24.93 -5.04 -40.58
C GLN D 21 26.29 -5.54 -41.06
N PRO D 22 26.35 -6.59 -41.87
CA PRO D 22 27.63 -7.02 -42.47
C PRO D 22 28.12 -5.98 -43.45
N VAL D 23 29.42 -5.67 -43.39
CA VAL D 23 30.02 -4.65 -44.24
C VAL D 23 31.22 -5.23 -44.98
N GLY D 24 31.27 -4.98 -46.28
CA GLY D 24 32.49 -5.16 -47.05
C GLY D 24 33.12 -3.80 -47.28
N PRO D 25 34.27 -3.76 -47.95
CA PRO D 25 34.85 -2.46 -48.27
C PRO D 25 34.30 -1.88 -49.56
N VAL D 26 33.60 -0.75 -49.47
CA VAL D 26 33.10 -0.01 -50.62
C VAL D 26 33.43 1.46 -50.39
N ASN D 27 33.93 2.12 -51.44
CA ASN D 27 34.41 3.49 -51.32
C ASN D 27 33.26 4.46 -51.56
N HIS D 28 32.82 5.12 -50.50
CA HIS D 28 31.92 6.26 -50.59
C HIS D 28 32.70 7.49 -50.17
N THR D 29 32.76 8.49 -51.06
CA THR D 29 33.64 9.62 -50.88
C THR D 29 33.19 10.47 -49.69
N GLU D 30 34.11 11.29 -49.19
CA GLU D 30 33.79 12.22 -48.11
C GLU D 30 32.66 13.16 -48.51
N GLU D 31 32.64 13.59 -49.78
CA GLU D 31 31.56 14.44 -50.26
C GLU D 31 30.23 13.71 -50.24
N THR D 32 30.21 12.44 -50.64
CA THR D 32 28.97 11.67 -50.63
C THR D 32 28.43 11.53 -49.21
N LEU D 33 29.31 11.23 -48.26
CA LEU D 33 28.88 11.10 -46.87
C LEU D 33 28.40 12.44 -46.32
N ARG D 34 29.09 13.53 -46.66
CA ARG D 34 28.64 14.84 -46.19
C ARG D 34 27.27 15.19 -46.75
N ASP D 35 27.03 14.86 -48.03
CA ASP D 35 25.72 15.09 -48.61
C ASP D 35 24.65 14.26 -47.90
N LEU D 36 24.95 12.98 -47.65
CA LEU D 36 23.97 12.11 -46.99
C LEU D 36 23.66 12.59 -45.58
N THR D 37 24.66 13.08 -44.85
CA THR D 37 24.42 13.57 -43.51
C THR D 37 23.67 14.90 -43.52
N ASP D 38 24.02 15.80 -44.45
CA ASP D 38 23.33 17.08 -44.54
C ASP D 38 21.87 16.90 -44.97
N SER D 39 21.57 15.82 -45.69
CA SER D 39 20.19 15.55 -46.06
C SER D 39 19.30 15.41 -44.82
N THR D 40 19.77 14.71 -43.80
CA THR D 40 19.01 14.59 -42.56
C THR D 40 19.20 15.80 -41.66
N GLY D 41 20.37 16.46 -41.76
CA GLY D 41 20.57 17.67 -41.00
C GLY D 41 19.59 18.77 -41.38
N ALA D 42 19.19 18.80 -42.65
CA ALA D 42 18.16 19.75 -43.06
C ALA D 42 16.86 19.50 -42.32
N TYR D 43 16.48 18.23 -42.16
CA TYR D 43 15.26 17.90 -41.44
C TYR D 43 15.38 18.25 -39.95
N LEU D 44 16.56 18.02 -39.37
CA LEU D 44 16.76 18.26 -37.95
C LEU D 44 17.11 19.71 -37.59
N GLU D 45 17.30 20.57 -38.60
CA GLU D 45 17.74 21.93 -38.32
C GLU D 45 16.75 22.68 -37.45
N GLU D 46 15.45 22.50 -37.69
CA GLU D 46 14.45 23.25 -36.92
C GLU D 46 14.52 22.87 -35.44
N PHE D 47 14.66 21.59 -35.14
CA PHE D 47 14.88 21.18 -33.75
C PHE D 47 16.19 21.72 -33.22
N GLN D 48 17.24 21.73 -34.05
CA GLN D 48 18.58 22.00 -33.55
C GLN D 48 18.73 23.44 -33.06
N ASN D 49 18.29 24.41 -33.86
CA ASN D 49 18.55 25.80 -33.55
C ASN D 49 17.33 26.70 -33.72
N GLY D 50 16.16 26.14 -34.03
CA GLY D 50 14.97 26.93 -34.22
C GLY D 50 14.30 27.28 -32.91
N THR D 51 13.16 27.98 -33.03
CA THR D 51 12.32 28.29 -31.89
C THR D 51 11.00 27.54 -32.04
N VAL D 52 10.14 27.71 -31.03
CA VAL D 52 8.92 26.92 -30.96
C VAL D 52 8.05 27.13 -32.18
N GLU D 53 7.92 28.39 -32.63
CA GLU D 53 7.11 28.69 -33.81
C GLU D 53 7.66 27.98 -35.04
N GLU D 54 8.97 28.00 -35.22
CA GLU D 54 9.57 27.30 -36.36
C GLU D 54 9.31 25.80 -36.27
N ILE D 55 9.40 25.24 -35.06
CA ILE D 55 9.19 23.80 -34.90
C ILE D 55 7.77 23.42 -35.28
N VAL D 56 6.77 24.16 -34.79
CA VAL D 56 5.40 23.82 -35.12
C VAL D 56 5.13 24.07 -36.61
N GLU D 57 5.79 25.09 -37.17
CA GLU D 57 5.62 25.36 -38.60
C GLU D 57 6.13 24.21 -39.45
N ALA D 58 7.36 23.75 -39.19
CA ALA D 58 8.02 22.85 -40.12
C ALA D 58 7.43 21.45 -40.10
N TYR D 59 7.21 20.89 -38.91
CA TYR D 59 6.89 19.48 -38.81
C TYR D 59 5.40 19.20 -38.93
N LEU D 60 4.58 20.16 -38.50
CA LEU D 60 3.15 20.14 -38.79
C LEU D 60 2.88 21.26 -39.78
N GLN D 61 2.36 20.92 -40.95
CA GLN D 61 2.16 21.87 -42.03
C GLN D 61 0.99 22.78 -41.66
N VAL D 62 1.31 23.91 -41.01
CA VAL D 62 0.26 24.84 -40.60
C VAL D 62 -0.34 25.56 -41.81
N GLN D 63 0.53 26.04 -42.71
CA GLN D 63 0.03 26.79 -43.86
C GLN D 63 -0.61 25.88 -44.90
N ALA D 64 -0.10 24.65 -45.03
CA ALA D 64 -0.64 23.72 -46.01
C ALA D 64 -1.98 23.12 -45.57
N SER D 65 -2.40 23.33 -44.33
CA SER D 65 -3.68 22.82 -43.87
C SER D 65 -4.82 23.59 -44.53
N ALA D 66 -6.03 23.05 -44.41
CA ALA D 66 -7.20 23.69 -45.00
C ALA D 66 -7.34 25.11 -44.47
N ASP D 67 -7.65 26.04 -45.37
CA ASP D 67 -7.68 27.45 -45.02
C ASP D 67 -8.77 27.73 -44.00
N GLY D 68 -8.38 28.39 -42.92
CA GLY D 68 -9.24 28.51 -41.76
C GLY D 68 -8.89 27.38 -40.82
N PHE D 69 -8.17 27.67 -39.74
CA PHE D 69 -7.60 26.60 -38.94
C PHE D 69 -8.70 25.77 -38.29
N ASP D 70 -8.64 24.46 -38.51
CA ASP D 70 -9.54 23.55 -37.84
C ASP D 70 -9.08 23.33 -36.41
N PRO D 71 -9.79 23.88 -35.42
CA PRO D 71 -9.42 23.62 -34.01
C PRO D 71 -9.85 22.26 -33.51
N SER D 72 -10.34 21.39 -34.39
CA SER D 72 -10.73 20.04 -34.04
C SER D 72 -9.53 19.24 -33.54
N GLU D 73 -9.78 18.34 -32.61
CA GLU D 73 -8.73 17.45 -32.13
C GLU D 73 -8.36 16.41 -33.18
N GLN D 74 -9.29 16.11 -34.09
CA GLN D 74 -8.97 15.20 -35.19
C GLN D 74 -7.92 15.80 -36.10
N ALA D 75 -7.97 17.11 -36.33
CA ALA D 75 -6.95 17.77 -37.14
C ALA D 75 -5.57 17.64 -36.51
N ALA D 76 -5.49 17.85 -35.20
CA ALA D 76 -4.22 17.67 -34.50
C ALA D 76 -3.75 16.22 -34.59
N TYR D 77 -4.68 15.27 -34.47
CA TYR D 77 -4.31 13.86 -34.58
C TYR D 77 -3.71 13.55 -35.94
N GLU D 78 -4.34 14.02 -37.02
CA GLU D 78 -3.80 13.76 -38.35
C GLU D 78 -2.47 14.45 -38.57
N ALA D 79 -2.32 15.69 -38.07
CA ALA D 79 -1.05 16.38 -38.23
C ALA D 79 0.09 15.65 -37.51
N PHE D 80 -0.16 15.20 -36.28
CA PHE D 80 0.87 14.50 -35.54
C PHE D 80 1.16 13.13 -36.17
N GLU D 81 0.13 12.47 -36.72
CA GLU D 81 0.37 11.21 -37.41
C GLU D 81 1.25 11.41 -38.63
N ALA D 82 1.00 12.47 -39.41
CA ALA D 82 1.85 12.75 -40.57
C ALA D 82 3.29 13.04 -40.15
N ALA D 83 3.46 13.82 -39.09
CA ALA D 83 4.80 14.08 -38.58
C ALA D 83 5.49 12.79 -38.16
N ARG D 84 4.75 11.88 -37.53
CA ARG D 84 5.30 10.60 -37.13
C ARG D 84 5.76 9.79 -38.33
N VAL D 85 4.95 9.74 -39.39
CA VAL D 85 5.34 8.98 -40.58
C VAL D 85 6.60 9.56 -41.20
N ARG D 86 6.67 10.89 -41.28
CA ARG D 86 7.86 11.53 -41.85
C ARG D 86 9.11 11.18 -41.03
N ALA D 87 9.02 11.30 -39.71
CA ALA D 87 10.15 10.95 -38.85
C ALA D 87 10.51 9.47 -38.98
N SER D 88 9.51 8.61 -39.16
CA SER D 88 9.76 7.18 -39.31
C SER D 88 10.55 6.89 -40.57
N GLN D 89 10.23 7.56 -41.66
CA GLN D 89 11.01 7.37 -42.88
C GLN D 89 12.43 7.93 -42.73
N GLU D 90 12.56 9.09 -42.08
CA GLU D 90 13.89 9.66 -41.87
C GLU D 90 14.76 8.73 -41.02
N LEU D 91 14.14 8.00 -40.08
CA LEU D 91 14.89 7.07 -39.24
C LEU D 91 15.52 5.96 -40.06
N ALA D 92 14.76 5.37 -40.99
CA ALA D 92 15.32 4.33 -41.85
C ALA D 92 16.41 4.89 -42.75
N ALA D 93 16.22 6.13 -43.23
CA ALA D 93 17.28 6.76 -44.02
C ALA D 93 18.57 6.88 -43.22
N SER D 94 18.49 7.34 -41.97
CA SER D 94 19.70 7.45 -41.15
C SER D 94 20.29 6.08 -40.83
N ALA D 95 19.44 5.06 -40.69
CA ALA D 95 19.93 3.72 -40.48
C ALA D 95 20.80 3.25 -41.65
N GLU D 96 20.37 3.53 -42.89
CA GLU D 96 21.19 3.15 -44.04
C GLU D 96 22.44 4.03 -44.14
N THR D 97 22.34 5.30 -43.74
CA THR D 97 23.51 6.17 -43.72
C THR D 97 24.59 5.61 -42.80
N ILE D 98 24.18 5.04 -41.66
CA ILE D 98 25.13 4.40 -40.75
C ILE D 98 25.93 3.32 -41.48
N THR D 99 25.23 2.42 -42.19
CA THR D 99 25.90 1.33 -42.88
C THR D 99 26.87 1.85 -43.93
N LYS D 100 26.46 2.85 -44.69
CA LYS D 100 27.33 3.37 -45.74
C LYS D 100 28.59 4.03 -45.16
N THR D 101 28.43 4.81 -44.09
CA THR D 101 29.59 5.42 -43.46
C THR D 101 30.52 4.38 -42.86
N ARG D 102 29.97 3.26 -42.39
CA ARG D 102 30.82 2.16 -41.92
C ARG D 102 31.62 1.55 -43.08
N GLU D 103 30.94 1.30 -44.21
CA GLU D 103 31.62 0.70 -45.36
C GLU D 103 32.76 1.58 -45.86
N SER D 104 32.56 2.90 -45.82
CA SER D 104 33.59 3.82 -46.27
C SER D 104 34.87 3.70 -45.42
N VAL D 105 34.71 3.66 -44.09
CA VAL D 105 35.87 3.49 -43.21
C VAL D 105 36.53 2.14 -43.45
N ALA D 106 35.72 1.11 -43.71
CA ALA D 106 36.27 -0.21 -44.00
C ALA D 106 37.18 -0.16 -45.22
N TYR D 107 36.77 0.55 -46.27
CA TYR D 107 37.64 0.67 -47.45
C TYR D 107 38.90 1.48 -47.13
N ALA D 108 38.74 2.61 -46.44
CA ALA D 108 39.87 3.51 -46.23
C ALA D 108 40.97 2.83 -45.41
N LEU D 109 40.60 2.17 -44.32
CA LEU D 109 41.63 1.54 -43.49
C LEU D 109 42.30 0.37 -44.21
N LYS D 110 41.55 -0.37 -45.02
CA LYS D 110 42.15 -1.47 -45.77
C LYS D 110 43.22 -0.97 -46.72
N VAL D 111 42.93 0.08 -47.49
CA VAL D 111 43.94 0.57 -48.41
C VAL D 111 45.11 1.17 -47.63
N ASP D 112 44.84 1.76 -46.45
CA ASP D 112 45.92 2.32 -45.65
C ASP D 112 46.89 1.23 -45.16
N GLN D 113 46.34 0.12 -44.66
CA GLN D 113 47.19 -0.98 -44.21
C GLN D 113 47.99 -1.56 -45.37
N GLU D 114 47.36 -1.71 -46.54
CA GLU D 114 48.10 -2.20 -47.69
C GLU D 114 49.26 -1.29 -48.04
N ALA D 115 49.04 0.03 -47.99
CA ALA D 115 50.12 0.97 -48.28
C ALA D 115 51.27 0.85 -47.28
N THR D 116 50.93 0.73 -46.00
CA THR D 116 51.98 0.59 -44.99
C THR D 116 52.78 -0.69 -45.21
N ALA D 117 52.11 -1.80 -45.52
CA ALA D 117 52.80 -3.06 -45.77
C ALA D 117 53.74 -2.94 -46.97
N ALA D 118 53.26 -2.32 -48.05
CA ALA D 118 54.09 -2.18 -49.24
C ALA D 118 55.32 -1.30 -48.96
N PHE D 119 55.14 -0.19 -48.24
CA PHE D 119 56.27 0.65 -47.93
C PHE D 119 57.28 -0.10 -47.08
N GLU D 120 56.82 -0.87 -46.10
CA GLU D 120 57.73 -1.64 -45.27
C GLU D 120 58.53 -2.63 -46.10
N ALA D 121 57.86 -3.35 -47.00
CA ALA D 121 58.55 -4.35 -47.81
C ALA D 121 59.61 -3.69 -48.70
N TYR D 122 59.25 -2.58 -49.33
CA TYR D 122 60.17 -1.96 -50.28
C TYR D 122 61.35 -1.31 -49.57
N ARG D 123 61.11 -0.68 -48.40
CA ARG D 123 62.22 -0.15 -47.62
C ARG D 123 63.12 -1.28 -47.11
N ASN D 124 62.53 -2.42 -46.75
CA ASN D 124 63.34 -3.54 -46.31
C ASN D 124 64.24 -4.06 -47.44
N ALA D 125 63.68 -4.14 -48.65
CA ALA D 125 64.50 -4.55 -49.79
C ALA D 125 65.63 -3.56 -50.05
N LEU D 126 65.34 -2.26 -49.97
CA LEU D 126 66.39 -1.26 -50.16
C LEU D 126 67.47 -1.38 -49.09
N ARG D 127 67.08 -1.60 -47.84
CA ARG D 127 68.04 -1.77 -46.76
C ARG D 127 68.90 -3.01 -47.00
N ASP D 128 68.28 -4.11 -47.41
CA ASP D 128 69.01 -5.35 -47.65
C ASP D 128 69.95 -5.21 -48.84
N ALA D 129 69.64 -4.29 -49.76
CA ALA D 129 70.50 -4.09 -50.92
C ALA D 129 71.90 -3.64 -50.52
N ALA D 130 72.00 -2.69 -49.59
CA ALA D 130 73.31 -2.14 -49.25
C ALA D 130 74.16 -3.17 -48.50
N ILE D 131 73.70 -3.63 -47.35
CA ILE D 131 74.43 -4.62 -46.57
C ILE D 131 73.50 -5.80 -46.31
N SER D 132 73.65 -6.85 -47.13
CA SER D 132 72.80 -8.02 -46.98
C SER D 132 73.18 -8.82 -45.74
N ILE D 133 72.18 -9.44 -45.12
CA ILE D 133 72.38 -10.26 -43.92
C ILE D 133 71.80 -11.64 -44.18
N ASN D 134 72.58 -12.67 -43.84
CA ASN D 134 72.20 -14.05 -44.07
C ASN D 134 71.06 -14.43 -43.14
N PRO D 135 70.32 -15.50 -43.46
CA PRO D 135 69.28 -15.97 -42.53
C PRO D 135 69.82 -16.28 -41.14
N ASP D 136 71.06 -16.73 -41.04
CA ASP D 136 71.67 -16.99 -39.74
C ASP D 136 72.01 -15.71 -38.99
N GLY D 137 72.06 -14.56 -39.67
CA GLY D 137 72.35 -13.30 -39.03
C GLY D 137 73.74 -12.75 -39.28
N SER D 138 74.37 -13.08 -40.41
CA SER D 138 75.71 -12.63 -40.72
C SER D 138 75.72 -11.94 -42.06
N ILE D 139 76.68 -11.01 -42.23
CA ILE D 139 76.81 -10.29 -43.48
C ILE D 139 77.25 -11.25 -44.58
N ASN D 140 76.70 -11.07 -45.77
CA ASN D 140 77.05 -11.90 -46.92
C ASN D 140 77.76 -11.05 -47.94
N PRO D 141 79.11 -11.05 -47.98
CA PRO D 141 79.82 -10.23 -48.96
C PRO D 141 79.54 -10.62 -50.41
N ASP D 142 79.07 -11.84 -50.66
CA ASP D 142 78.76 -12.26 -52.01
C ASP D 142 77.64 -11.39 -52.58
N THR D 143 76.60 -11.13 -51.80
CA THR D 143 75.44 -10.38 -52.26
C THR D 143 75.25 -9.05 -51.53
N SER D 144 76.34 -8.37 -51.18
CA SER D 144 76.27 -7.08 -50.50
C SER D 144 76.87 -6.01 -51.41
N ILE D 145 76.14 -4.91 -51.58
CA ILE D 145 76.57 -3.87 -52.53
C ILE D 145 77.81 -3.15 -52.04
N ASN D 146 77.82 -2.71 -50.78
CA ASN D 146 78.91 -1.86 -50.30
C ASN D 146 80.23 -2.62 -50.25
N LEU D 147 80.19 -3.89 -49.86
CA LEU D 147 81.41 -4.69 -49.81
C LEU D 147 81.99 -4.90 -51.22
N LEU D 148 81.12 -5.20 -52.19
CA LEU D 148 81.59 -5.33 -53.57
C LEU D 148 82.11 -3.99 -54.09
N ILE D 149 81.48 -2.89 -53.69
CA ILE D 149 81.93 -1.56 -54.08
C ILE D 149 83.34 -1.33 -53.58
N ASP D 150 83.59 -1.64 -52.31
CA ASP D 150 84.92 -1.39 -51.77
C ASP D 150 85.95 -2.36 -52.35
N ALA D 151 85.53 -3.58 -52.67
CA ALA D 151 86.43 -4.52 -53.34
C ALA D 151 86.86 -3.99 -54.69
N ALA D 152 85.90 -3.46 -55.47
CA ALA D 152 86.25 -2.89 -56.78
C ALA D 152 87.05 -1.61 -56.61
N ASN D 153 86.79 -0.85 -55.55
CA ASN D 153 87.50 0.41 -55.32
C ASN D 153 88.96 0.17 -54.98
N ALA D 154 89.25 -0.88 -54.22
CA ALA D 154 90.61 -1.22 -53.86
C ALA D 154 91.33 -1.98 -54.97
N ALA D 155 90.62 -2.50 -55.97
CA ALA D 155 91.20 -3.33 -57.01
C ALA D 155 91.55 -2.54 -58.26
N ASN D 156 91.54 -1.21 -58.21
CA ASN D 156 91.91 -0.40 -59.35
C ASN D 156 93.21 0.35 -59.06
N ARG D 157 93.94 0.68 -60.13
CA ARG D 157 95.22 1.36 -60.01
C ARG D 157 95.25 2.68 -60.79
N THR D 158 94.14 3.05 -61.42
CA THR D 158 94.09 4.23 -62.28
C THR D 158 94.16 5.50 -61.43
N ASP D 159 94.39 6.64 -62.09
CA ASP D 159 94.54 7.91 -61.40
C ASP D 159 93.21 8.68 -61.44
N ARG D 160 92.10 7.97 -61.21
CA ARG D 160 90.82 8.60 -60.89
C ARG D 160 90.23 9.43 -62.01
N ALA D 161 90.94 9.54 -63.15
CA ALA D 161 90.52 10.48 -64.19
C ALA D 161 89.23 10.01 -64.87
N GLU D 162 89.17 8.74 -65.25
CA GLU D 162 88.05 8.22 -66.01
C GLU D 162 87.30 7.09 -65.31
N ILE D 163 87.97 6.30 -64.49
CA ILE D 163 87.31 5.31 -63.64
C ILE D 163 87.50 5.78 -62.20
N GLU D 164 86.41 6.18 -61.56
CA GLU D 164 86.46 6.90 -60.30
C GLU D 164 86.03 5.98 -59.16
N ASP D 165 86.31 6.43 -57.94
CA ASP D 165 85.85 5.71 -56.76
C ASP D 165 84.34 5.80 -56.65
N TYR D 166 83.69 4.65 -56.45
CA TYR D 166 82.25 4.63 -56.26
C TYR D 166 81.92 5.00 -54.82
N ALA D 167 81.10 6.03 -54.65
CA ALA D 167 80.66 6.44 -53.33
C ALA D 167 79.73 5.38 -52.74
N HIS D 168 79.71 5.29 -51.42
CA HIS D 168 78.90 4.30 -50.74
C HIS D 168 77.42 4.60 -50.91
N LEU D 169 76.61 3.55 -50.80
CA LEU D 169 75.20 3.66 -51.16
C LEU D 169 74.45 4.65 -50.28
N TYR D 170 73.50 5.36 -50.90
CA TYR D 170 72.59 6.26 -50.22
C TYR D 170 73.33 7.38 -49.51
N THR D 171 73.99 8.22 -50.31
CA THR D 171 74.61 9.43 -49.78
C THR D 171 73.56 10.51 -49.51
N GLN D 172 72.45 10.48 -50.23
CA GLN D 172 71.41 11.50 -50.04
C GLN D 172 70.67 11.29 -48.72
N THR D 173 70.29 10.06 -48.41
CA THR D 173 69.45 9.76 -47.27
C THR D 173 70.12 8.75 -46.36
N ASP D 174 69.65 8.71 -45.12
CA ASP D 174 70.09 7.72 -44.13
C ASP D 174 69.02 6.63 -44.07
N ILE D 175 69.30 5.49 -44.70
CA ILE D 175 68.31 4.42 -44.78
C ILE D 175 68.19 3.68 -43.44
N ALA D 176 69.07 3.96 -42.48
CA ALA D 176 68.94 3.37 -41.16
C ALA D 176 67.74 3.94 -40.42
N LEU D 177 67.33 5.16 -40.78
CA LEU D 177 66.20 5.80 -40.11
C LEU D 177 64.91 5.04 -40.41
N GLU D 178 63.92 5.25 -39.54
CA GLU D 178 62.65 4.54 -39.68
C GLU D 178 61.96 4.91 -40.99
N THR D 179 61.79 6.20 -41.25
CA THR D 179 61.12 6.66 -42.46
C THR D 179 62.06 7.50 -43.31
N PRO D 180 62.80 6.89 -44.23
CA PRO D 180 63.68 7.66 -45.11
C PRO D 180 63.03 8.02 -46.43
N GLN D 181 63.67 8.88 -47.22
CA GLN D 181 63.17 9.25 -48.54
C GLN D 181 63.69 8.21 -49.54
N LEU D 182 62.84 7.24 -49.85
CA LEU D 182 63.29 6.07 -50.60
C LEU D 182 63.50 6.37 -52.08
N ALA D 183 62.85 7.42 -52.58
CA ALA D 183 63.08 7.83 -53.96
C ALA D 183 64.53 8.25 -54.16
N TYR D 184 65.10 8.96 -53.19
CA TYR D 184 66.51 9.35 -53.25
C TYR D 184 67.40 8.11 -53.31
N ALA D 185 67.08 7.09 -52.50
CA ALA D 185 67.87 5.87 -52.47
C ALA D 185 67.81 5.14 -53.81
N PHE D 186 66.61 5.01 -54.39
CA PHE D 186 66.50 4.37 -55.69
C PHE D 186 67.22 5.16 -56.78
N GLN D 187 67.17 6.50 -56.69
CA GLN D 187 67.94 7.33 -57.61
C GLN D 187 69.43 7.02 -57.51
N ASP D 188 69.94 6.93 -56.29
CA ASP D 188 71.36 6.63 -56.10
C ASP D 188 71.72 5.25 -56.64
N LEU D 189 70.86 4.27 -56.42
CA LEU D 189 71.13 2.92 -56.93
C LEU D 189 71.16 2.89 -58.45
N LYS D 190 70.21 3.58 -59.10
CA LYS D 190 70.22 3.63 -60.55
C LYS D 190 71.43 4.39 -61.07
N ALA D 191 71.85 5.44 -60.37
CA ALA D 191 73.05 6.16 -60.74
C ALA D 191 74.28 5.27 -60.68
N LEU D 192 74.36 4.43 -59.65
CA LEU D 192 75.46 3.47 -59.55
C LEU D 192 75.45 2.48 -60.71
N GLN D 193 74.27 1.94 -61.04
CA GLN D 193 74.21 1.00 -62.14
C GLN D 193 74.67 1.64 -63.45
N ALA D 194 74.20 2.87 -63.70
CA ALA D 194 74.61 3.58 -64.92
C ALA D 194 76.11 3.86 -64.91
N GLU D 195 76.67 4.28 -63.77
CA GLU D 195 78.10 4.59 -63.72
C GLU D 195 78.94 3.35 -63.96
N VAL D 196 78.53 2.20 -63.43
CA VAL D 196 79.27 0.96 -63.66
C VAL D 196 79.23 0.60 -65.14
N ASP D 197 78.05 0.65 -65.75
CA ASP D 197 77.95 0.33 -67.17
C ASP D 197 78.72 1.31 -68.02
N ALA D 198 78.86 2.56 -67.57
CA ALA D 198 79.60 3.55 -68.32
C ALA D 198 81.10 3.31 -68.23
N ASP D 199 81.60 2.98 -67.04
CA ASP D 199 83.02 2.70 -66.89
C ASP D 199 83.41 1.38 -67.55
N PHE D 200 82.43 0.52 -67.85
CA PHE D 200 82.70 -0.72 -68.56
C PHE D 200 83.49 -0.47 -69.84
N GLU D 201 83.10 0.54 -70.63
CA GLU D 201 83.74 0.76 -71.92
C GLU D 201 85.13 1.37 -71.76
N TRP D 202 85.34 2.13 -70.69
CA TRP D 202 86.69 2.62 -70.41
C TRP D 202 87.59 1.51 -69.89
N LEU D 203 86.99 0.44 -69.37
CA LEU D 203 87.76 -0.75 -69.04
C LEU D 203 88.22 -1.48 -70.30
N GLY D 204 87.49 -1.32 -71.39
CA GLY D 204 87.81 -1.97 -72.66
C GLY D 204 88.66 -1.18 -73.61
N GLU D 205 89.37 -0.16 -73.11
CA GLU D 205 90.22 0.65 -73.96
C GLU D 205 91.59 -0.01 -74.14
N PHE D 206 92.26 0.36 -75.24
CA PHE D 206 93.61 -0.13 -75.49
C PHE D 206 94.64 0.58 -74.62
N GLY D 207 94.50 1.90 -74.47
CA GLY D 207 95.51 2.72 -73.85
C GLY D 207 95.26 3.09 -72.40
N ILE D 208 94.40 2.37 -71.69
CA ILE D 208 94.18 2.68 -70.27
C ILE D 208 95.45 2.43 -69.47
N ASP D 209 96.12 1.31 -69.74
CA ASP D 209 97.39 0.99 -69.08
C ASP D 209 98.45 1.94 -69.60
N GLN D 210 98.84 2.92 -68.78
CA GLN D 210 99.76 3.94 -69.25
C GLN D 210 101.09 3.92 -68.51
N GLU D 211 101.05 4.03 -67.19
CA GLU D 211 102.22 4.36 -66.40
C GLU D 211 102.04 3.81 -64.99
N ASP D 212 103.15 3.72 -64.24
CA ASP D 212 103.06 3.44 -62.82
C ASP D 212 102.13 4.43 -62.14
N GLY D 213 101.01 3.91 -61.65
CA GLY D 213 99.98 4.74 -61.07
C GLY D 213 98.79 5.02 -61.96
N ASN D 214 98.92 4.82 -63.28
CA ASN D 214 97.77 4.89 -64.18
C ASN D 214 97.79 3.61 -65.01
N TYR D 215 97.19 2.54 -64.49
CA TYR D 215 97.08 1.31 -65.25
C TYR D 215 96.01 0.42 -64.61
N VAL D 216 95.64 -0.63 -65.33
CA VAL D 216 94.55 -1.52 -64.94
C VAL D 216 95.13 -2.90 -64.69
N GLN D 217 94.89 -3.43 -63.48
CA GLN D 217 95.33 -4.77 -63.15
C GLN D 217 94.32 -5.80 -63.64
N ARG D 218 94.74 -7.07 -63.60
CA ARG D 218 93.92 -8.13 -64.21
C ARG D 218 92.77 -8.54 -63.31
N TYR D 219 92.74 -8.05 -62.07
CA TYR D 219 91.68 -8.47 -61.15
C TYR D 219 90.60 -7.40 -61.01
N HIS D 220 90.84 -6.20 -61.53
CA HIS D 220 89.85 -5.13 -61.47
C HIS D 220 88.57 -5.52 -62.22
N LEU D 221 88.72 -6.10 -63.41
CA LEU D 221 87.57 -6.38 -64.25
C LEU D 221 86.63 -7.42 -63.64
N PRO D 222 87.10 -8.54 -63.07
CA PRO D 222 86.16 -9.46 -62.41
C PRO D 222 85.42 -8.83 -61.25
N ALA D 223 86.07 -7.95 -60.47
CA ALA D 223 85.39 -7.27 -59.38
C ALA D 223 84.27 -6.38 -59.90
N VAL D 224 84.57 -5.60 -60.95
CA VAL D 224 83.53 -4.76 -61.53
C VAL D 224 82.41 -5.60 -62.12
N GLU D 225 82.75 -6.74 -62.73
CA GLU D 225 81.73 -7.60 -63.34
C GLU D 225 80.81 -8.20 -62.29
N ALA D 226 81.37 -8.67 -61.17
CA ALA D 226 80.53 -9.20 -60.09
C ALA D 226 79.64 -8.11 -59.52
N LEU D 227 80.19 -6.91 -59.32
CA LEU D 227 79.38 -5.81 -58.82
C LEU D 227 78.23 -5.50 -59.78
N LYS D 228 78.51 -5.52 -61.08
CA LYS D 228 77.48 -5.22 -62.06
C LYS D 228 76.38 -6.28 -62.07
N ALA D 229 76.76 -7.56 -62.03
CA ALA D 229 75.75 -8.61 -62.02
C ALA D 229 74.88 -8.53 -60.77
N GLU D 230 75.50 -8.25 -59.62
CA GLU D 230 74.73 -8.13 -58.39
C GLU D 230 73.78 -6.95 -58.44
N VAL D 231 74.23 -5.79 -58.95
CA VAL D 231 73.35 -4.64 -59.06
C VAL D 231 72.19 -4.94 -60.01
N ASP D 232 72.49 -5.66 -61.10
CA ASP D 232 71.43 -6.00 -62.09
C ASP D 232 70.36 -6.85 -61.42
N ALA D 233 70.75 -7.90 -60.68
CA ALA D 233 69.78 -8.74 -60.00
C ALA D 233 69.02 -7.97 -58.92
N ARG D 234 69.72 -7.11 -58.19
CA ARG D 234 69.08 -6.33 -57.13
C ARG D 234 68.02 -5.41 -57.69
N VAL D 235 68.33 -4.73 -58.80
CA VAL D 235 67.36 -3.83 -59.41
C VAL D 235 66.17 -4.62 -59.94
N ALA D 236 66.42 -5.76 -60.56
CA ALA D 236 65.33 -6.60 -61.04
C ALA D 236 64.41 -7.01 -59.90
N ALA D 237 64.97 -7.22 -58.71
CA ALA D 237 64.16 -7.56 -57.55
C ALA D 237 63.40 -6.34 -57.01
N ILE D 238 64.04 -5.17 -57.01
CA ILE D 238 63.45 -4.00 -56.36
C ILE D 238 62.38 -3.37 -57.24
N GLU D 239 62.39 -3.68 -58.54
CA GLU D 239 61.39 -3.08 -59.44
C GLU D 239 59.95 -3.36 -59.03
N PRO D 240 59.46 -4.61 -58.97
CA PRO D 240 58.03 -4.80 -58.65
C PRO D 240 57.64 -4.27 -57.29
N LEU D 241 58.55 -4.34 -56.31
CA LEU D 241 58.25 -3.80 -54.99
C LEU D 241 58.02 -2.30 -55.04
N ARG D 242 58.89 -1.57 -55.75
CA ARG D 242 58.71 -0.13 -55.86
C ARG D 242 57.44 0.21 -56.62
N ALA D 243 57.13 -0.55 -57.68
CA ALA D 243 55.90 -0.31 -58.43
C ALA D 243 54.68 -0.48 -57.53
N ASP D 244 54.60 -1.58 -56.79
CA ASP D 244 53.46 -1.83 -55.93
C ASP D 244 53.39 -0.79 -54.81
N SER D 245 54.53 -0.40 -54.26
CA SER D 245 54.55 0.61 -53.21
C SER D 245 53.99 1.93 -53.70
N ILE D 246 54.42 2.37 -54.89
CA ILE D 246 53.89 3.62 -55.44
C ILE D 246 52.39 3.50 -55.68
N ALA D 247 51.96 2.38 -56.28
CA ALA D 247 50.56 2.21 -56.63
C ALA D 247 49.66 2.26 -55.40
N LYS D 248 50.09 1.63 -54.30
CA LYS D 248 49.24 1.57 -53.12
C LYS D 248 49.35 2.83 -52.27
N ASN D 249 50.54 3.43 -52.22
CA ASN D 249 50.72 4.64 -51.44
C ASN D 249 50.01 5.83 -52.08
N LEU D 250 49.88 5.82 -53.41
CA LEU D 250 49.09 6.85 -54.07
C LEU D 250 47.61 6.71 -53.73
N GLU D 251 47.11 5.48 -53.77
CA GLU D 251 45.70 5.24 -53.47
C GLU D 251 45.37 5.51 -52.02
N ALA D 252 46.32 5.33 -51.11
CA ALA D 252 46.10 5.59 -49.70
C ALA D 252 46.18 7.08 -49.35
N GLN D 253 46.33 7.95 -50.36
CA GLN D 253 46.25 9.38 -50.15
C GLN D 253 44.95 9.98 -50.64
N LYS D 254 44.20 9.26 -51.48
CA LYS D 254 42.88 9.71 -51.90
C LYS D 254 41.93 9.79 -50.70
N SER D 255 41.98 8.79 -49.83
CA SER D 255 41.02 8.66 -48.74
C SER D 255 41.63 9.18 -47.44
N ASP D 256 40.79 9.73 -46.58
CA ASP D 256 41.18 10.16 -45.23
C ASP D 256 40.19 9.55 -44.26
N VAL D 257 40.67 8.63 -43.41
CA VAL D 257 39.77 7.79 -42.63
C VAL D 257 39.13 8.56 -41.48
N LEU D 258 39.80 9.61 -41.01
CA LEU D 258 39.29 10.34 -39.85
C LEU D 258 38.03 11.14 -40.20
N VAL D 259 37.98 11.69 -41.41
CA VAL D 259 36.76 12.37 -41.86
C VAL D 259 35.59 11.39 -41.88
N ARG D 260 35.83 10.19 -42.40
CA ARG D 260 34.77 9.19 -42.49
C ARG D 260 34.31 8.73 -41.11
N GLN D 261 35.25 8.64 -40.16
CA GLN D 261 34.86 8.37 -38.79
C GLN D 261 34.01 9.49 -38.21
N LEU D 262 34.37 10.75 -38.49
CA LEU D 262 33.58 11.88 -38.01
C LEU D 262 32.17 11.83 -38.58
N PHE D 263 32.04 11.48 -39.86
CA PHE D 263 30.71 11.41 -40.47
C PHE D 263 29.90 10.25 -39.89
N LEU D 264 30.56 9.12 -39.57
CA LEU D 264 29.86 8.03 -38.91
C LEU D 264 29.33 8.47 -37.54
N GLU D 265 30.13 9.20 -36.77
CA GLU D 265 29.69 9.65 -35.46
C GLU D 265 28.53 10.64 -35.58
N ARG D 266 28.59 11.54 -36.56
CA ARG D 266 27.49 12.46 -36.79
C ARG D 266 26.22 11.71 -37.18
N ALA D 267 26.35 10.67 -38.00
CA ALA D 267 25.18 9.89 -38.40
C ALA D 267 24.58 9.16 -37.21
N THR D 268 25.41 8.67 -36.28
CA THR D 268 24.88 8.06 -35.07
C THR D 268 24.10 9.06 -34.21
N ALA D 269 24.65 10.26 -34.04
CA ALA D 269 23.95 11.29 -33.28
C ALA D 269 22.62 11.64 -33.95
N GLN D 270 22.63 11.74 -35.29
CA GLN D 270 21.39 11.98 -36.00
C GLN D 270 20.38 10.86 -35.77
N ARG D 271 20.85 9.60 -35.76
CA ARG D 271 19.92 8.49 -35.58
C ARG D 271 19.25 8.54 -34.21
N ASP D 272 20.01 8.79 -33.15
CA ASP D 272 19.39 8.71 -31.83
C ASP D 272 18.50 9.93 -31.58
N THR D 273 18.92 11.11 -32.06
CA THR D 273 18.02 12.26 -32.00
C THR D 273 16.74 11.99 -32.80
N LEU D 274 16.86 11.29 -33.93
CA LEU D 274 15.70 10.97 -34.74
C LEU D 274 14.73 10.07 -34.00
N ARG D 275 15.24 9.05 -33.29
CA ARG D 275 14.30 8.18 -32.59
C ARG D 275 13.68 8.90 -31.40
N VAL D 276 14.41 9.83 -30.77
CA VAL D 276 13.80 10.64 -29.72
C VAL D 276 12.64 11.47 -30.29
N VAL D 277 12.85 12.09 -31.44
CA VAL D 277 11.80 12.91 -32.05
C VAL D 277 10.61 12.05 -32.48
N GLU D 278 10.88 10.86 -33.03
CA GLU D 278 9.80 9.97 -33.44
C GLU D 278 8.99 9.52 -32.25
N ALA D 279 9.64 9.23 -31.13
CA ALA D 279 8.92 8.90 -29.90
C ALA D 279 8.06 10.07 -29.46
N ILE D 280 8.58 11.30 -29.53
CA ILE D 280 7.79 12.47 -29.15
C ILE D 280 6.51 12.53 -29.99
N PHE D 281 6.66 12.39 -31.32
CA PHE D 281 5.50 12.51 -32.19
C PHE D 281 4.49 11.39 -31.97
N SER D 282 4.97 10.15 -31.81
CA SER D 282 4.05 9.05 -31.58
C SER D 282 3.31 9.21 -30.25
N THR D 283 4.02 9.66 -29.22
CA THR D 283 3.39 9.89 -27.92
C THR D 283 2.30 10.95 -28.03
N SER D 284 2.60 12.06 -28.70
CA SER D 284 1.60 13.11 -28.85
C SER D 284 0.40 12.62 -29.65
N ALA D 285 0.64 11.85 -30.71
CA ALA D 285 -0.45 11.34 -31.52
C ALA D 285 -1.36 10.42 -30.71
N ARG D 286 -0.78 9.53 -29.91
CA ARG D 286 -1.60 8.64 -29.09
C ARG D 286 -2.34 9.42 -28.00
N TYR D 287 -1.69 10.43 -27.43
CA TYR D 287 -2.36 11.25 -26.42
C TYR D 287 -3.58 11.96 -26.99
N VAL D 288 -3.46 12.50 -28.20
CA VAL D 288 -4.59 13.17 -28.82
C VAL D 288 -5.66 12.16 -29.23
N GLU D 289 -5.26 11.02 -29.77
CA GLU D 289 -6.23 10.07 -30.30
C GLU D 289 -7.10 9.44 -29.22
N LEU D 290 -6.64 9.42 -27.97
CA LEU D 290 -7.41 8.84 -26.88
C LEU D 290 -8.42 9.81 -26.27
N TYR D 291 -8.78 10.86 -27.01
CA TYR D 291 -9.80 11.81 -26.56
C TYR D 291 -11.17 11.15 -26.60
N GLU D 292 -11.69 10.81 -25.42
CA GLU D 292 -13.01 10.18 -25.28
C GLU D 292 -13.11 8.91 -26.12
N ASN D 293 -12.02 8.16 -26.18
CA ASN D 293 -11.99 6.93 -26.93
C ASN D 293 -12.40 5.75 -26.06
N VAL D 294 -12.91 4.69 -26.70
CA VAL D 294 -13.28 3.48 -25.99
C VAL D 294 -12.09 2.75 -25.39
N GLU D 295 -10.87 3.13 -25.80
CA GLU D 295 -9.66 2.49 -25.32
C GLU D 295 -9.03 3.21 -24.14
N ASN D 296 -9.53 4.38 -23.77
CA ASN D 296 -8.99 5.14 -22.63
C ASN D 296 -9.56 4.52 -21.36
N VAL D 297 -8.86 3.52 -20.83
CA VAL D 297 -9.33 2.78 -19.68
C VAL D 297 -8.56 3.21 -18.44
N ASN D 298 -9.00 2.72 -17.28
CA ASN D 298 -8.37 3.05 -16.02
C ASN D 298 -7.31 2.03 -15.67
N VAL D 299 -6.10 2.51 -15.38
CA VAL D 299 -4.99 1.64 -14.98
C VAL D 299 -4.16 2.38 -13.95
N GLU D 300 -3.89 1.71 -12.82
CA GLU D 300 -3.00 2.24 -11.78
C GLU D 300 -3.47 3.61 -11.27
N ASN D 301 -4.70 3.65 -10.78
CA ASN D 301 -5.28 4.85 -10.17
C ASN D 301 -5.27 6.04 -11.12
N LYS D 302 -5.34 5.77 -12.42
CA LYS D 302 -5.33 6.83 -13.43
C LYS D 302 -5.81 6.26 -14.75
N THR D 303 -5.95 7.15 -15.73
CA THR D 303 -6.28 6.74 -17.08
C THR D 303 -5.03 6.70 -17.94
N LEU D 304 -5.21 6.28 -19.19
CA LEU D 304 -4.07 6.03 -20.07
C LEU D 304 -3.34 7.31 -20.43
N ARG D 305 -4.07 8.43 -20.55
CA ARG D 305 -3.48 9.65 -21.07
C ARG D 305 -2.61 10.36 -20.05
N GLN D 306 -2.88 10.16 -18.75
CA GLN D 306 -2.10 10.85 -17.73
C GLN D 306 -0.65 10.37 -17.73
N HIS D 307 -0.42 9.07 -17.99
CA HIS D 307 0.94 8.58 -18.12
C HIS D 307 1.67 9.26 -19.27
N TYR D 308 1.00 9.36 -20.42
CA TYR D 308 1.60 10.02 -21.57
C TYR D 308 1.93 11.47 -21.26
N SER D 309 1.02 12.15 -20.54
CA SER D 309 1.29 13.53 -20.14
C SER D 309 2.49 13.63 -19.22
N ALA D 310 2.60 12.71 -18.26
CA ALA D 310 3.73 12.71 -17.35
C ALA D 310 5.04 12.39 -18.04
N LEU D 311 4.98 11.74 -19.21
CA LEU D 311 6.19 11.44 -19.98
C LEU D 311 6.90 12.69 -20.49
N ILE D 312 6.38 13.89 -20.22
CA ILE D 312 6.89 15.09 -20.90
C ILE D 312 8.27 15.51 -20.41
N PRO D 313 8.52 15.70 -19.10
CA PRO D 313 9.87 16.15 -18.70
C PRO D 313 10.98 15.18 -19.07
N ASN D 314 10.70 13.88 -19.06
CA ASN D 314 11.69 12.90 -19.50
C ASN D 314 12.10 13.16 -20.95
N LEU D 315 11.11 13.30 -21.84
CA LEU D 315 11.40 13.57 -23.24
C LEU D 315 12.11 14.90 -23.40
N PHE D 316 11.75 15.88 -22.59
CA PHE D 316 12.42 17.19 -22.65
C PHE D 316 13.90 17.05 -22.36
N ILE D 317 14.25 16.39 -21.26
CA ILE D 317 15.66 16.24 -20.89
C ILE D 317 16.40 15.41 -21.95
N ALA D 318 15.78 14.33 -22.42
CA ALA D 318 16.42 13.50 -23.43
C ALA D 318 16.69 14.28 -24.71
N ALA D 319 15.71 15.07 -25.16
CA ALA D 319 15.88 15.86 -26.36
C ALA D 319 16.96 16.91 -26.18
N VAL D 320 17.02 17.56 -25.01
CA VAL D 320 18.05 18.57 -24.80
C VAL D 320 19.44 17.96 -24.88
N ALA D 321 19.63 16.81 -24.22
CA ALA D 321 20.93 16.15 -24.25
C ALA D 321 21.30 15.73 -25.67
N ASN D 322 20.36 15.11 -26.38
CA ASN D 322 20.66 14.65 -27.74
C ASN D 322 20.96 15.83 -28.66
N ILE D 323 20.25 16.94 -28.50
CA ILE D 323 20.49 18.12 -29.32
C ILE D 323 21.87 18.69 -29.06
N SER D 324 22.27 18.75 -27.79
CA SER D 324 23.60 19.27 -27.49
C SER D 324 24.69 18.40 -28.10
N GLU D 325 24.55 17.08 -27.99
CA GLU D 325 25.56 16.20 -28.57
C GLU D 325 25.57 16.29 -30.10
N LEU D 326 24.40 16.45 -30.72
CA LEU D 326 24.34 16.57 -32.18
C LEU D 326 24.99 17.87 -32.64
N ASN D 327 24.79 18.96 -31.88
CA ASN D 327 25.45 20.22 -32.21
C ASN D 327 26.96 20.09 -32.13
N ALA D 328 27.45 19.43 -31.07
CA ALA D 328 28.90 19.23 -30.95
C ALA D 328 29.44 18.40 -32.12
N ALA D 329 28.74 17.32 -32.48
CA ALA D 329 29.18 16.49 -33.60
C ALA D 329 29.18 17.25 -34.91
N ASP D 330 28.14 18.07 -35.13
CA ASP D 330 28.06 18.86 -36.35
C ASP D 330 29.23 19.82 -36.46
N ALA D 331 29.53 20.53 -35.36
CA ALA D 331 30.66 21.46 -35.38
C ALA D 331 31.96 20.72 -35.63
N GLU D 332 32.14 19.56 -34.99
CA GLU D 332 33.37 18.80 -35.16
C GLU D 332 33.57 18.38 -36.61
N ALA D 333 32.53 17.84 -37.23
CA ALA D 333 32.68 17.37 -38.60
C ALA D 333 32.79 18.52 -39.59
N ALA D 334 32.19 19.68 -39.29
CA ALA D 334 32.27 20.80 -40.20
C ALA D 334 33.64 21.47 -40.15
N ALA D 335 34.22 21.62 -38.96
CA ALA D 335 35.47 22.37 -38.84
C ALA D 335 36.68 21.58 -39.29
N TYR D 336 36.57 20.27 -39.44
CA TYR D 336 37.71 19.43 -39.79
C TYR D 336 37.40 18.56 -41.01
N TYR D 337 36.77 19.15 -42.02
CA TYR D 337 36.56 18.41 -43.27
C TYR D 337 37.86 18.28 -44.05
N LEU D 338 38.69 19.32 -44.03
CA LEU D 338 40.00 19.28 -44.68
C LEU D 338 40.97 20.05 -43.78
N HIS D 339 41.63 19.31 -42.89
CA HIS D 339 42.54 19.90 -41.91
C HIS D 339 43.72 18.96 -41.72
N TRP D 340 44.81 19.53 -41.19
CA TRP D 340 45.99 18.73 -40.91
C TRP D 340 45.71 17.66 -39.85
N ASP D 341 44.95 18.01 -38.82
CA ASP D 341 44.71 17.13 -37.69
C ASP D 341 43.84 15.94 -38.09
N THR D 342 43.55 15.82 -39.39
CA THR D 342 42.78 14.71 -39.92
C THR D 342 43.58 13.83 -40.88
N ASP D 343 44.45 14.42 -41.69
CA ASP D 343 45.44 13.68 -42.48
C ASP D 343 46.79 13.97 -41.86
N LEU D 344 47.29 13.03 -41.06
CA LEU D 344 48.47 13.26 -40.23
C LEU D 344 49.75 12.87 -40.96
N ALA D 345 50.85 12.77 -40.21
CA ALA D 345 52.17 12.66 -40.81
C ALA D 345 52.32 11.39 -41.64
N THR D 346 52.26 10.24 -40.99
CA THR D 346 52.44 9.00 -41.74
C THR D 346 51.20 8.70 -42.56
N ASN D 347 51.35 7.89 -43.60
CA ASN D 347 50.17 7.43 -44.32
C ASN D 347 49.34 6.48 -43.46
N ASP D 348 50.00 5.77 -42.55
CA ASP D 348 49.31 4.76 -41.73
C ASP D 348 48.23 5.41 -40.86
N GLU D 349 48.63 6.35 -40.00
CA GLU D 349 47.74 7.03 -39.05
C GLU D 349 46.70 6.08 -38.46
N ASP D 350 47.19 5.01 -37.86
CA ASP D 350 46.30 3.99 -37.30
C ASP D 350 46.08 4.18 -35.80
N GLU D 351 47.08 4.68 -35.08
CA GLU D 351 46.93 4.87 -33.64
C GLU D 351 45.84 5.87 -33.32
N ALA D 352 45.77 6.97 -34.10
CA ALA D 352 44.73 7.96 -33.87
C ALA D 352 43.36 7.39 -34.19
N TYR D 353 43.26 6.59 -35.25
CA TYR D 353 41.98 5.96 -35.59
C TYR D 353 41.52 5.03 -34.48
N TYR D 354 42.44 4.24 -33.92
CA TYR D 354 42.04 3.31 -32.87
C TYR D 354 41.69 4.02 -31.58
N LYS D 355 42.41 5.11 -31.26
CA LYS D 355 42.03 5.91 -30.10
C LYS D 355 40.65 6.53 -30.27
N ALA D 356 40.37 7.06 -31.45
CA ALA D 356 39.04 7.62 -31.73
C ALA D 356 37.96 6.54 -31.68
N LYS D 357 38.25 5.35 -32.19
CA LYS D 357 37.28 4.26 -32.14
C LYS D 357 36.99 3.85 -30.70
N LEU D 358 38.02 3.83 -29.86
CA LEU D 358 37.80 3.57 -28.43
C LEU D 358 36.91 4.62 -27.81
N ASP D 359 37.19 5.90 -28.05
CA ASP D 359 36.37 6.95 -27.47
C ASP D 359 34.93 6.86 -27.95
N PHE D 360 34.75 6.57 -29.24
CA PHE D 360 33.41 6.43 -29.80
C PHE D 360 32.66 5.26 -29.18
N ALA D 361 33.33 4.13 -28.98
CA ALA D 361 32.68 2.98 -28.35
C ALA D 361 32.29 3.28 -26.90
N ILE D 362 33.17 3.96 -26.17
CA ILE D 362 32.85 4.35 -24.80
C ILE D 362 31.60 5.22 -24.76
N GLU D 363 31.56 6.21 -25.65
CA GLU D 363 30.40 7.11 -25.70
C GLU D 363 29.13 6.35 -26.05
N THR D 364 29.21 5.44 -27.03
CA THR D 364 28.03 4.67 -27.45
C THR D 364 27.51 3.80 -26.31
N TYR D 365 28.41 3.13 -25.59
CA TYR D 365 27.97 2.27 -24.49
C TYR D 365 27.37 3.09 -23.36
N ALA D 366 27.95 4.27 -23.06
CA ALA D 366 27.33 5.13 -22.06
C ALA D 366 25.96 5.62 -22.51
N LYS D 367 25.82 5.94 -23.80
CA LYS D 367 24.57 6.45 -24.32
C LYS D 367 23.47 5.40 -24.28
N ILE D 368 23.82 4.12 -24.45
CA ILE D 368 22.81 3.07 -24.35
C ILE D 368 22.14 3.13 -22.99
N LEU D 369 22.94 3.19 -21.92
CA LEU D 369 22.39 3.27 -20.57
C LEU D 369 21.62 4.57 -20.36
N PHE D 370 22.17 5.69 -20.82
CA PHE D 370 21.51 6.98 -20.63
C PHE D 370 20.12 6.99 -21.27
N ASN D 371 20.04 6.61 -22.54
CA ASN D 371 18.77 6.61 -23.25
C ASN D 371 17.80 5.58 -22.67
N GLY D 372 18.30 4.40 -22.31
CA GLY D 372 17.42 3.41 -21.72
C GLY D 372 16.82 3.88 -20.41
N GLU D 373 17.59 4.61 -19.62
CA GLU D 373 17.07 5.02 -18.31
C GLU D 373 16.20 6.26 -18.40
N VAL D 374 16.43 7.15 -19.37
CA VAL D 374 15.75 8.43 -19.35
C VAL D 374 14.36 8.34 -19.98
N TRP D 375 14.22 7.83 -21.20
CA TRP D 375 12.95 7.91 -21.90
C TRP D 375 12.44 6.60 -22.47
N GLN D 376 13.30 5.63 -22.81
CA GLN D 376 12.81 4.44 -23.50
C GLN D 376 11.86 3.63 -22.64
N GLU D 377 12.21 3.42 -21.38
CA GLU D 377 11.45 2.49 -20.56
C GLU D 377 10.20 3.12 -19.97
N PRO D 378 10.22 4.38 -19.55
CA PRO D 378 8.94 5.05 -19.23
C PRO D 378 7.94 4.99 -20.36
N LEU D 379 8.37 5.13 -21.61
CA LEU D 379 7.46 5.01 -22.73
C LEU D 379 7.04 3.56 -22.98
N ALA D 380 7.98 2.63 -22.86
CA ALA D 380 7.68 1.23 -23.08
C ALA D 380 6.65 0.71 -22.08
N TYR D 381 6.70 1.22 -20.85
CA TYR D 381 5.73 0.80 -19.83
C TYR D 381 4.31 1.18 -20.23
N VAL D 382 4.14 2.42 -20.69
CA VAL D 382 2.81 2.88 -21.10
C VAL D 382 2.33 2.12 -22.34
N GLN D 383 3.23 1.88 -23.29
CA GLN D 383 2.84 1.13 -24.48
C GLN D 383 2.47 -0.31 -24.12
N ASN D 384 3.17 -0.90 -23.14
CA ASN D 384 2.80 -2.23 -22.69
C ASN D 384 1.45 -2.23 -21.99
N LEU D 385 1.14 -1.18 -21.23
CA LEU D 385 -0.19 -1.06 -20.66
C LEU D 385 -1.25 -1.03 -21.77
N ASP D 386 -1.01 -0.23 -22.81
CA ASP D 386 -1.92 -0.19 -23.95
C ASP D 386 -2.13 -1.58 -24.56
N ALA D 387 -1.03 -2.25 -24.88
CA ALA D 387 -1.11 -3.54 -25.56
C ALA D 387 -1.79 -4.58 -24.68
N GLY D 388 -1.49 -4.57 -23.38
CA GLY D 388 -2.14 -5.49 -22.47
C GLY D 388 -3.63 -5.26 -22.38
N ALA D 389 -4.05 -4.00 -22.35
CA ALA D 389 -5.48 -3.71 -22.32
C ALA D 389 -6.17 -4.24 -23.56
N ARG D 390 -5.61 -3.96 -24.74
CA ARG D 390 -6.23 -4.47 -25.97
C ARG D 390 -6.26 -5.99 -26.00
N GLN D 391 -5.15 -6.63 -25.60
CA GLN D 391 -5.09 -8.08 -25.64
C GLN D 391 -6.08 -8.72 -24.69
N GLU D 392 -6.22 -8.16 -23.47
CA GLU D 392 -7.16 -8.74 -22.52
C GLU D 392 -8.59 -8.56 -22.99
N ALA D 393 -8.92 -7.41 -23.59
CA ALA D 393 -10.25 -7.25 -24.16
C ALA D 393 -10.49 -8.28 -25.27
N ALA D 394 -9.49 -8.47 -26.14
CA ALA D 394 -9.66 -9.36 -27.28
C ALA D 394 -9.86 -10.81 -26.83
N ASP D 395 -9.01 -11.31 -25.94
CA ASP D 395 -9.15 -12.71 -25.58
C ASP D 395 -10.31 -12.93 -24.61
N ARG D 396 -10.75 -11.88 -23.91
CA ARG D 396 -11.98 -11.99 -23.14
C ARG D 396 -13.17 -12.21 -24.08
N GLU D 397 -13.25 -11.41 -25.15
CA GLU D 397 -14.31 -11.62 -26.13
C GLU D 397 -14.21 -13.00 -26.78
N ALA D 398 -12.99 -13.42 -27.12
CA ALA D 398 -12.80 -14.72 -27.75
C ALA D 398 -13.21 -15.85 -26.82
N ALA D 399 -12.85 -15.75 -25.55
CA ALA D 399 -13.22 -16.78 -24.58
C ALA D 399 -14.72 -16.84 -24.38
N ARG D 400 -15.37 -15.68 -24.33
CA ARG D 400 -16.83 -15.66 -24.20
C ARG D 400 -17.49 -16.36 -25.39
N ALA D 401 -17.02 -16.03 -26.61
CA ALA D 401 -17.59 -16.66 -27.80
C ALA D 401 -17.34 -18.17 -27.80
N ALA D 402 -16.13 -18.58 -27.42
CA ALA D 402 -15.79 -20.00 -27.40
C ALA D 402 -16.65 -20.75 -26.39
N ASP D 403 -16.85 -20.17 -25.21
CA ASP D 403 -17.69 -20.81 -24.20
C ASP D 403 -19.13 -20.94 -24.69
N GLU D 404 -19.66 -19.88 -25.30
CA GLU D 404 -21.02 -19.95 -25.82
C GLU D 404 -21.16 -21.03 -26.88
N ALA D 405 -20.20 -21.09 -27.82
CA ALA D 405 -20.26 -22.10 -28.86
C ALA D 405 -20.14 -23.50 -28.30
N TYR D 406 -19.26 -23.70 -27.31
CA TYR D 406 -19.07 -25.01 -26.71
C TYR D 406 -20.35 -25.46 -25.99
N ARG D 407 -20.98 -24.55 -25.25
CA ARG D 407 -22.22 -24.88 -24.58
C ARG D 407 -23.31 -25.24 -25.58
N ALA D 408 -23.43 -24.45 -26.66
CA ALA D 408 -24.44 -24.74 -27.67
C ALA D 408 -24.20 -26.08 -28.33
N GLU D 409 -22.93 -26.38 -28.63
CA GLU D 409 -22.59 -27.68 -29.23
C GLU D 409 -22.97 -28.83 -28.32
N GLN D 410 -22.61 -28.73 -27.03
CA GLN D 410 -22.95 -29.79 -26.10
C GLN D 410 -24.46 -29.98 -26.00
N LEU D 411 -25.20 -28.88 -25.86
CA LEU D 411 -26.65 -28.97 -25.71
C LEU D 411 -27.29 -29.58 -26.96
N ARG D 412 -26.85 -29.15 -28.15
CA ARG D 412 -27.44 -29.68 -29.37
C ARG D 412 -27.11 -31.15 -29.55
N ILE D 413 -25.89 -31.57 -29.21
CA ILE D 413 -25.54 -32.98 -29.32
C ILE D 413 -26.37 -33.81 -28.35
N ALA D 414 -26.51 -33.35 -27.11
CA ALA D 414 -27.28 -34.10 -26.13
C ALA D 414 -28.74 -34.22 -26.55
N GLN D 415 -29.35 -33.11 -26.99
CA GLN D 415 -30.74 -33.14 -27.42
C GLN D 415 -30.93 -34.02 -28.66
N GLU D 416 -29.98 -33.96 -29.60
CA GLU D 416 -30.13 -34.73 -30.82
C GLU D 416 -30.01 -36.22 -30.52
N ALA D 417 -29.09 -36.59 -29.64
CA ALA D 417 -29.03 -37.97 -29.16
C ALA D 417 -30.31 -38.34 -28.42
N ALA D 418 -30.92 -37.38 -27.72
CA ALA D 418 -32.18 -37.64 -27.05
C ALA D 418 -33.26 -38.01 -28.06
N ASP D 419 -33.35 -37.26 -29.16
CA ASP D 419 -34.30 -37.65 -30.23
C ASP D 419 -33.91 -38.98 -30.88
N ALA D 420 -32.63 -39.32 -30.93
CA ALA D 420 -32.25 -40.66 -31.39
C ALA D 420 -32.83 -41.74 -30.47
N GLN D 421 -32.69 -41.54 -29.16
CA GLN D 421 -33.31 -42.45 -28.21
C GLN D 421 -34.82 -42.45 -28.36
N LYS D 422 -35.39 -41.30 -28.75
CA LYS D 422 -36.82 -41.20 -28.99
C LYS D 422 -37.23 -42.10 -30.15
N ALA D 423 -36.44 -42.07 -31.22
CA ALA D 423 -36.66 -42.96 -32.35
C ALA D 423 -36.59 -44.42 -31.93
N ILE D 424 -35.61 -44.76 -31.10
CA ILE D 424 -35.52 -46.12 -30.57
C ILE D 424 -36.81 -46.48 -29.83
N ALA D 425 -37.25 -45.58 -28.96
CA ALA D 425 -38.43 -45.85 -28.14
C ALA D 425 -39.67 -46.07 -29.00
N GLU D 426 -39.90 -45.18 -29.97
CA GLU D 426 -41.08 -45.32 -30.80
C GLU D 426 -41.00 -46.57 -31.69
N ALA D 427 -39.79 -46.92 -32.16
CA ALA D 427 -39.65 -48.08 -33.01
C ALA D 427 -39.99 -49.36 -32.24
N LEU D 428 -39.37 -49.56 -31.08
CA LEU D 428 -39.63 -50.79 -30.33
C LEU D 428 -40.97 -50.73 -29.60
N ALA D 429 -41.62 -49.57 -29.52
CA ALA D 429 -43.01 -49.55 -29.10
C ALA D 429 -43.93 -49.98 -30.24
N LYS D 430 -43.60 -49.61 -31.48
CA LYS D 430 -44.44 -49.94 -32.62
C LYS D 430 -44.30 -51.41 -33.01
N GLU D 431 -43.10 -51.98 -32.85
CA GLU D 431 -42.91 -53.39 -33.22
C GLU D 431 -43.82 -54.30 -32.40
N ALA D 432 -43.97 -54.01 -31.10
CA ALA D 432 -44.86 -54.79 -30.26
C ALA D 432 -46.05 -53.95 -29.81
N GLU E 1 16.37 -30.31 3.67
CA GLU E 1 14.92 -30.11 3.67
C GLU E 1 14.59 -28.78 4.32
N THR E 2 13.33 -28.60 4.71
CA THR E 2 12.91 -27.37 5.35
C THR E 2 13.50 -27.29 6.75
N ASN E 3 13.14 -26.24 7.47
CA ASN E 3 13.60 -26.07 8.84
C ASN E 3 12.41 -26.05 9.80
N PRO E 4 11.82 -27.20 10.17
CA PRO E 4 10.63 -27.18 11.03
C PRO E 4 10.94 -27.12 12.53
N THR E 5 12.16 -26.79 12.90
CA THR E 5 12.57 -26.93 14.31
C THR E 5 11.72 -26.08 15.26
N PHE E 6 11.38 -24.85 14.88
CA PHE E 6 10.67 -23.99 15.82
C PHE E 6 9.26 -23.61 15.39
N ASN E 7 8.51 -24.57 14.91
CA ASN E 7 7.13 -24.40 14.42
C ASN E 7 6.53 -25.74 14.00
N ILE E 8 5.29 -26.06 14.24
CA ILE E 8 4.44 -27.19 13.77
C ILE E 8 4.78 -28.39 14.58
N THR E 9 5.78 -28.18 15.41
CA THR E 9 6.35 -29.31 16.16
C THR E 9 5.22 -29.57 17.08
N ASN E 10 4.72 -30.80 17.06
CA ASN E 10 3.80 -30.98 18.17
C ASN E 10 3.97 -29.82 19.14
N GLY E 11 2.89 -29.06 19.35
CA GLY E 11 3.00 -27.78 20.04
C GLY E 11 3.71 -27.88 21.37
N PHE E 12 3.50 -28.99 22.08
CA PHE E 12 4.20 -29.25 23.32
C PHE E 12 5.06 -30.49 23.13
N ASN E 13 6.38 -30.29 23.06
CA ASN E 13 7.32 -31.34 22.69
C ASN E 13 8.34 -31.52 23.80
N ASP E 14 8.74 -32.78 24.02
CA ASP E 14 9.76 -33.07 25.03
C ASP E 14 11.14 -32.65 24.57
N ALA E 15 11.32 -32.47 23.25
CA ALA E 15 12.64 -32.19 22.71
C ALA E 15 13.17 -30.83 23.13
N ASP E 16 12.30 -29.90 23.51
CA ASP E 16 12.73 -28.55 23.88
C ASP E 16 12.54 -28.25 25.36
N GLY E 17 11.80 -29.08 26.08
CA GLY E 17 11.43 -28.77 27.44
C GLY E 17 10.12 -28.02 27.58
N SER E 18 9.23 -28.14 26.61
CA SER E 18 7.93 -27.47 26.63
C SER E 18 6.80 -28.37 27.09
N THR E 19 6.99 -29.68 27.07
CA THR E 19 5.95 -30.59 27.54
C THR E 19 5.92 -30.64 29.07
N ILE E 20 4.85 -31.23 29.59
CA ILE E 20 4.67 -31.38 31.03
C ILE E 20 5.40 -32.65 31.49
N GLN E 21 5.78 -32.68 32.77
CA GLN E 21 6.54 -33.80 33.29
C GLN E 21 6.04 -34.17 34.68
N PRO E 22 5.38 -35.32 34.84
CA PRO E 22 4.99 -35.79 36.18
C PRO E 22 6.24 -36.16 36.98
N VAL E 23 6.27 -35.75 38.25
CA VAL E 23 7.42 -35.97 39.11
C VAL E 23 6.95 -36.65 40.40
N GLY E 24 7.67 -37.71 40.79
CA GLY E 24 7.60 -38.25 42.12
C GLY E 24 8.80 -37.78 42.91
N PRO E 25 8.90 -38.16 44.18
CA PRO E 25 10.11 -37.80 44.94
C PRO E 25 11.22 -38.82 44.76
N VAL E 26 12.32 -38.40 44.16
CA VAL E 26 13.53 -39.22 44.00
C VAL E 26 14.72 -38.36 44.39
N ASN E 27 15.63 -38.93 45.18
CA ASN E 27 16.75 -38.18 45.73
C ASN E 27 17.92 -38.21 44.75
N HIS E 28 18.19 -37.07 44.12
CA HIS E 28 19.42 -36.86 43.38
C HIS E 28 20.24 -35.84 44.15
N THR E 29 21.47 -36.21 44.49
CA THR E 29 22.27 -35.42 45.40
C THR E 29 22.68 -34.09 44.75
N GLU E 30 23.07 -33.14 45.60
CA GLU E 30 23.56 -31.86 45.11
C GLU E 30 24.77 -32.04 44.19
N GLU E 31 25.64 -33.01 44.51
CA GLU E 31 26.79 -33.28 43.66
C GLU E 31 26.34 -33.81 42.29
N THR E 32 25.35 -34.69 42.26
CA THR E 32 24.86 -35.22 40.99
C THR E 32 24.28 -34.10 40.13
N LEU E 33 23.49 -33.22 40.73
CA LEU E 33 22.93 -32.11 39.97
C LEU E 33 24.02 -31.15 39.49
N ARG E 34 25.02 -30.89 40.32
CA ARG E 34 26.10 -30.01 39.89
C ARG E 34 26.87 -30.62 38.73
N ASP E 35 27.09 -31.93 38.78
CA ASP E 35 27.75 -32.61 37.66
C ASP E 35 26.91 -32.51 36.39
N LEU E 36 25.60 -32.75 36.51
CA LEU E 36 24.73 -32.70 35.33
C LEU E 36 24.68 -31.30 34.74
N THR E 37 24.69 -30.27 35.58
CA THR E 37 24.67 -28.90 35.07
C THR E 37 26.01 -28.51 34.46
N ASP E 38 27.11 -28.91 35.09
CA ASP E 38 28.42 -28.59 34.54
C ASP E 38 28.69 -29.31 33.23
N SER E 39 28.02 -30.45 33.02
CA SER E 39 28.16 -31.15 31.74
C SER E 39 27.72 -30.27 30.57
N THR E 40 26.61 -29.55 30.73
CA THR E 40 26.15 -28.63 29.69
C THR E 40 26.88 -27.29 29.77
N GLY E 41 27.31 -26.90 30.97
CA GLY E 41 28.10 -25.68 31.10
C GLY E 41 29.41 -25.76 30.33
N ALA E 42 29.99 -26.96 30.24
CA ALA E 42 31.18 -27.13 29.43
C ALA E 42 30.89 -26.80 27.97
N TYR E 43 29.74 -27.25 27.45
CA TYR E 43 29.39 -26.95 26.07
C TYR E 43 29.12 -25.47 25.87
N LEU E 44 28.49 -24.82 26.85
CA LEU E 44 28.13 -23.41 26.73
C LEU E 44 29.24 -22.45 27.12
N GLU E 45 30.37 -22.96 27.61
CA GLU E 45 31.44 -22.07 28.09
C GLU E 45 31.96 -21.16 26.98
N GLU E 46 32.12 -21.69 25.77
CA GLU E 46 32.66 -20.88 24.68
C GLU E 46 31.76 -19.69 24.36
N PHE E 47 30.45 -19.92 24.32
CA PHE E 47 29.52 -18.81 24.17
C PHE E 47 29.58 -17.87 25.36
N GLN E 48 29.71 -18.42 26.57
CA GLN E 48 29.55 -17.62 27.78
C GLN E 48 30.64 -16.57 27.92
N ASN E 49 31.90 -16.97 27.78
CA ASN E 49 33.01 -16.07 28.07
C ASN E 49 34.10 -16.10 27.01
N GLY E 50 33.90 -16.79 25.90
CA GLY E 50 34.89 -16.87 24.85
C GLY E 50 34.84 -15.66 23.92
N THR E 51 35.71 -15.71 22.92
CA THR E 51 35.71 -14.71 21.86
C THR E 51 35.31 -15.39 20.55
N VAL E 52 35.23 -14.58 19.49
CA VAL E 52 34.68 -15.06 18.22
C VAL E 52 35.51 -16.23 17.69
N GLU E 53 36.83 -16.14 17.79
CA GLU E 53 37.69 -17.21 17.30
C GLU E 53 37.43 -18.50 18.05
N GLU E 54 37.29 -18.43 19.38
CA GLU E 54 36.98 -19.61 20.16
C GLU E 54 35.62 -20.19 19.77
N ILE E 55 34.64 -19.33 19.53
CA ILE E 55 33.31 -19.80 19.16
C ILE E 55 33.36 -20.56 17.84
N VAL E 56 34.02 -20.00 16.83
CA VAL E 56 34.06 -20.69 15.54
C VAL E 56 34.90 -21.96 15.66
N GLU E 57 35.93 -21.94 16.50
CA GLU E 57 36.75 -23.13 16.71
C GLU E 57 35.93 -24.27 17.31
N ALA E 58 35.21 -23.99 18.40
CA ALA E 58 34.63 -25.08 19.19
C ALA E 58 33.45 -25.74 18.49
N TYR E 59 32.53 -24.94 17.94
CA TYR E 59 31.25 -25.49 17.50
C TYR E 59 31.32 -25.98 16.06
N LEU E 60 32.16 -25.36 15.24
CA LEU E 60 32.50 -25.88 13.92
C LEU E 60 33.95 -26.36 13.98
N GLN E 61 34.16 -27.65 13.73
CA GLN E 61 35.47 -28.25 13.87
C GLN E 61 36.36 -27.76 12.73
N VAL E 62 37.09 -26.67 12.97
CA VAL E 62 37.96 -26.11 11.95
C VAL E 62 39.16 -27.01 11.72
N GLN E 63 39.80 -27.46 12.80
CA GLN E 63 41.01 -28.27 12.66
C GLN E 63 40.68 -29.69 12.22
N ALA E 64 39.53 -30.21 12.63
CA ALA E 64 39.15 -31.57 12.26
C ALA E 64 38.67 -31.67 10.81
N SER E 65 38.46 -30.55 10.13
CA SER E 65 38.05 -30.58 8.74
C SER E 65 39.19 -31.06 7.86
N ALA E 66 38.86 -31.41 6.62
CA ALA E 66 39.87 -31.88 5.67
C ALA E 66 40.98 -30.86 5.53
N ASP E 67 42.22 -31.33 5.53
CA ASP E 67 43.38 -30.45 5.53
C ASP E 67 43.43 -29.62 4.26
N GLY E 68 43.55 -28.32 4.43
CA GLY E 68 43.37 -27.38 3.34
C GLY E 68 41.93 -26.94 3.36
N PHE E 69 41.66 -25.73 3.83
CA PHE E 69 40.28 -25.34 4.10
C PHE E 69 39.47 -25.30 2.81
N ASP E 70 38.36 -26.02 2.81
CA ASP E 70 37.42 -25.97 1.70
C ASP E 70 36.61 -24.68 1.79
N PRO E 71 36.84 -23.69 0.92
CA PRO E 71 36.02 -22.48 0.92
C PRO E 71 34.65 -22.66 0.27
N SER E 72 34.29 -23.90 -0.06
CA SER E 72 33.00 -24.21 -0.65
C SER E 72 31.88 -23.87 0.34
N GLU E 73 30.74 -23.45 -0.21
CA GLU E 73 29.57 -23.19 0.62
C GLU E 73 28.97 -24.49 1.14
N GLN E 74 29.19 -25.60 0.42
CA GLN E 74 28.73 -26.89 0.91
C GLN E 74 29.44 -27.27 2.21
N ALA E 75 30.73 -26.95 2.32
CA ALA E 75 31.46 -27.22 3.55
C ALA E 75 30.86 -26.46 4.72
N ALA E 76 30.55 -25.18 4.51
CA ALA E 76 29.89 -24.40 5.56
C ALA E 76 28.53 -24.99 5.92
N TYR E 77 27.77 -25.44 4.90
CA TYR E 77 26.47 -26.05 5.17
C TYR E 77 26.61 -27.28 6.05
N GLU E 78 27.56 -28.16 5.74
CA GLU E 78 27.73 -29.36 6.54
C GLU E 78 28.21 -29.02 7.96
N ALA E 79 29.12 -28.05 8.08
CA ALA E 79 29.60 -27.67 9.41
C ALA E 79 28.46 -27.13 10.27
N PHE E 80 27.63 -26.26 9.70
CA PHE E 80 26.53 -25.70 10.47
C PHE E 80 25.47 -26.75 10.78
N GLU E 81 25.26 -27.71 9.86
CA GLU E 81 24.35 -28.81 10.15
C GLU E 81 24.83 -29.66 11.31
N ALA E 82 26.14 -29.96 11.35
CA ALA E 82 26.68 -30.73 12.46
C ALA E 82 26.54 -29.98 13.78
N ALA E 83 26.82 -28.67 13.75
CA ALA E 83 26.63 -27.87 14.96
C ALA E 83 25.18 -27.89 15.41
N ARG E 84 24.24 -27.84 14.47
CA ARG E 84 22.82 -27.90 14.80
C ARG E 84 22.47 -29.22 15.46
N VAL E 85 22.97 -30.34 14.93
CA VAL E 85 22.65 -31.65 15.51
C VAL E 85 23.20 -31.74 16.93
N ARG E 86 24.44 -31.24 17.14
CA ARG E 86 25.02 -31.28 18.47
C ARG E 86 24.19 -30.46 19.46
N ALA E 87 23.80 -29.24 19.06
CA ALA E 87 22.96 -28.42 19.93
C ALA E 87 21.61 -29.07 20.19
N SER E 88 21.07 -29.76 19.19
CA SER E 88 19.78 -30.43 19.34
C SER E 88 19.85 -31.53 20.39
N GLN E 89 20.94 -32.30 20.39
CA GLN E 89 21.09 -33.33 21.43
C GLN E 89 21.30 -32.70 22.80
N GLU E 90 22.09 -31.62 22.88
CA GLU E 90 22.30 -30.96 24.16
C GLU E 90 20.98 -30.42 24.72
N LEU E 91 20.07 -29.99 23.84
CA LEU E 91 18.78 -29.47 24.29
C LEU E 91 17.96 -30.56 24.99
N ALA E 92 17.91 -31.76 24.43
CA ALA E 92 17.19 -32.86 25.08
C ALA E 92 17.86 -33.23 26.41
N ALA E 93 19.20 -33.19 26.43
CA ALA E 93 19.90 -33.44 27.69
C ALA E 93 19.48 -32.45 28.77
N SER E 94 19.44 -31.15 28.44
CA SER E 94 19.01 -30.15 29.42
C SER E 94 17.55 -30.32 29.80
N ALA E 95 16.72 -30.77 28.86
CA ALA E 95 15.32 -31.05 29.18
C ALA E 95 15.20 -32.12 30.25
N GLU E 96 16.00 -33.18 30.15
CA GLU E 96 15.95 -34.22 31.18
C GLU E 96 16.56 -33.73 32.50
N THR E 97 17.59 -32.88 32.41
CA THR E 97 18.16 -32.29 33.61
C THR E 97 17.12 -31.49 34.39
N ILE E 98 16.24 -30.78 33.67
CA ILE E 98 15.15 -30.06 34.33
C ILE E 98 14.31 -31.00 35.17
N THR E 99 13.90 -32.12 34.61
CA THR E 99 13.04 -33.07 35.32
C THR E 99 13.74 -33.63 36.55
N LYS E 100 15.02 -33.97 36.41
CA LYS E 100 15.74 -34.54 37.56
C LYS E 100 15.90 -33.52 38.68
N THR E 101 16.22 -32.26 38.34
CA THR E 101 16.35 -31.24 39.37
C THR E 101 15.01 -30.97 40.05
N ARG E 102 13.91 -31.11 39.30
CA ARG E 102 12.59 -30.98 39.93
C ARG E 102 12.33 -32.11 40.92
N GLU E 103 12.65 -33.35 40.51
CA GLU E 103 12.42 -34.50 41.37
C GLU E 103 13.21 -34.39 42.67
N SER E 104 14.43 -33.85 42.58
CA SER E 104 15.26 -33.68 43.78
C SER E 104 14.62 -32.74 44.79
N VAL E 105 14.10 -31.60 44.33
CA VAL E 105 13.41 -30.67 45.23
C VAL E 105 12.17 -31.31 45.81
N ALA E 106 11.46 -32.11 44.99
CA ALA E 106 10.29 -32.81 45.49
C ALA E 106 10.62 -33.71 46.67
N TYR E 107 11.75 -34.44 46.58
CA TYR E 107 12.16 -35.28 47.70
C TYR E 107 12.55 -34.44 48.92
N ALA E 108 13.35 -33.39 48.70
CA ALA E 108 13.88 -32.62 49.81
C ALA E 108 12.77 -31.97 50.63
N LEU E 109 11.80 -31.32 49.95
CA LEU E 109 10.76 -30.65 50.71
C LEU E 109 9.86 -31.65 51.42
N LYS E 110 9.62 -32.82 50.83
CA LYS E 110 8.80 -33.82 51.48
C LYS E 110 9.42 -34.27 52.79
N VAL E 111 10.71 -34.59 52.78
CA VAL E 111 11.35 -35.02 54.02
C VAL E 111 11.39 -33.87 55.03
N ASP E 112 11.52 -32.64 54.53
CA ASP E 112 11.54 -31.49 55.44
C ASP E 112 10.21 -31.32 56.16
N GLN E 113 9.09 -31.42 55.43
CA GLN E 113 7.78 -31.32 56.05
C GLN E 113 7.55 -32.45 57.04
N GLU E 114 7.98 -33.66 56.70
CA GLU E 114 7.84 -34.76 57.64
C GLU E 114 8.60 -34.49 58.94
N ALA E 115 9.82 -33.95 58.81
CA ALA E 115 10.59 -33.63 60.01
C ALA E 115 9.91 -32.57 60.86
N THR E 116 9.37 -31.53 60.23
CA THR E 116 8.67 -30.49 61.00
C THR E 116 7.45 -31.07 61.71
N ALA E 117 6.69 -31.93 61.04
CA ALA E 117 5.52 -32.53 61.67
C ALA E 117 5.91 -33.39 62.87
N ALA E 118 6.98 -34.19 62.72
CA ALA E 118 7.41 -35.04 63.81
C ALA E 118 7.89 -34.22 65.01
N PHE E 119 8.66 -33.16 64.75
CA PHE E 119 9.11 -32.32 65.85
C PHE E 119 7.93 -31.68 66.57
N GLU E 120 6.94 -31.20 65.81
CA GLU E 120 5.77 -30.60 66.44
C GLU E 120 5.04 -31.62 67.32
N ALA E 121 4.85 -32.84 66.83
CA ALA E 121 4.13 -33.84 67.60
C ALA E 121 4.88 -34.18 68.89
N TYR E 122 6.20 -34.34 68.80
CA TYR E 122 6.96 -34.77 69.95
C TYR E 122 7.09 -33.66 70.98
N ARG E 123 7.25 -32.41 70.53
CA ARG E 123 7.23 -31.29 71.47
C ARG E 123 5.87 -31.13 72.12
N ASN E 124 4.79 -31.36 71.37
CA ASN E 124 3.45 -31.29 71.96
C ASN E 124 3.27 -32.35 73.04
N ALA E 125 3.76 -33.56 72.79
CA ALA E 125 3.67 -34.61 73.80
C ALA E 125 4.47 -34.23 75.05
N LEU E 126 5.68 -33.68 74.86
CA LEU E 126 6.47 -33.25 76.02
C LEU E 126 5.78 -32.15 76.80
N ARG E 127 5.17 -31.19 76.09
CA ARG E 127 4.44 -30.12 76.77
C ARG E 127 3.25 -30.67 77.55
N ASP E 128 2.51 -31.61 76.95
CA ASP E 128 1.36 -32.21 77.61
C ASP E 128 1.78 -33.03 78.81
N ALA E 129 3.01 -33.53 78.80
CA ALA E 129 3.49 -34.34 79.93
C ALA E 129 3.49 -33.54 81.23
N ALA E 130 3.99 -32.30 81.19
CA ALA E 130 4.14 -31.52 82.41
C ALA E 130 2.78 -31.13 82.98
N ILE E 131 2.00 -30.36 82.22
CA ILE E 131 0.68 -29.94 82.65
C ILE E 131 -0.34 -30.36 81.60
N SER E 132 -1.01 -31.49 81.84
CA SER E 132 -1.98 -32.00 80.88
C SER E 132 -3.25 -31.14 80.90
N ILE E 133 -3.87 -31.03 79.74
CA ILE E 133 -5.10 -30.24 79.57
C ILE E 133 -6.16 -31.15 78.96
N ASN E 134 -7.35 -31.12 79.55
CA ASN E 134 -8.46 -31.96 79.11
C ASN E 134 -8.96 -31.49 77.75
N PRO E 135 -9.69 -32.36 77.02
CA PRO E 135 -10.29 -31.90 75.76
C PRO E 135 -11.19 -30.69 75.92
N ASP E 136 -11.86 -30.56 77.07
CA ASP E 136 -12.68 -29.38 77.33
C ASP E 136 -11.86 -28.13 77.59
N GLY E 137 -10.57 -28.27 77.89
CA GLY E 137 -9.72 -27.12 78.13
C GLY E 137 -9.36 -26.87 79.58
N SER E 138 -9.35 -27.89 80.43
CA SER E 138 -9.05 -27.75 81.84
C SER E 138 -7.91 -28.66 82.22
N ILE E 139 -7.16 -28.25 83.26
CA ILE E 139 -6.06 -29.06 83.76
C ILE E 139 -6.60 -30.36 84.36
N ASN E 140 -5.88 -31.45 84.13
CA ASN E 140 -6.27 -32.75 84.65
C ASN E 140 -5.22 -33.20 85.67
N PRO E 141 -5.44 -32.98 86.97
CA PRO E 141 -4.44 -33.39 87.97
C PRO E 141 -4.20 -34.89 88.01
N ASP E 142 -5.13 -35.69 87.50
CA ASP E 142 -4.94 -37.14 87.49
C ASP E 142 -3.75 -37.50 86.62
N THR E 143 -3.63 -36.88 85.45
CA THR E 143 -2.58 -37.20 84.49
C THR E 143 -1.61 -36.04 84.26
N SER E 144 -1.31 -35.25 85.28
CA SER E 144 -0.38 -34.13 85.17
C SER E 144 0.83 -34.39 86.05
N ILE E 145 2.03 -34.23 85.48
CA ILE E 145 3.25 -34.57 86.20
C ILE E 145 3.50 -33.61 87.35
N ASN E 146 3.42 -32.30 87.10
CA ASN E 146 3.83 -31.33 88.11
C ASN E 146 2.89 -31.37 89.32
N LEU E 147 1.59 -31.53 89.08
CA LEU E 147 0.64 -31.60 90.18
C LEU E 147 0.89 -32.83 91.05
N LEU E 148 1.13 -33.98 90.42
CA LEU E 148 1.46 -35.19 91.19
C LEU E 148 2.78 -35.00 91.92
N ILE E 149 3.73 -34.31 91.30
CA ILE E 149 5.01 -34.04 91.95
C ILE E 149 4.80 -33.24 93.22
N ASP E 150 4.00 -32.18 93.14
CA ASP E 150 3.78 -31.35 94.32
C ASP E 150 2.94 -32.08 95.37
N ALA E 151 2.02 -32.94 94.93
CA ALA E 151 1.28 -33.76 95.88
C ALA E 151 2.20 -34.69 96.66
N ALA E 152 3.13 -35.34 95.97
CA ALA E 152 4.09 -36.19 96.66
C ALA E 152 5.06 -35.38 97.51
N ASN E 153 5.39 -34.17 97.06
CA ASN E 153 6.32 -33.33 97.80
C ASN E 153 5.72 -32.85 99.12
N ALA E 154 4.43 -32.55 99.12
CA ALA E 154 3.75 -32.12 100.34
C ALA E 154 3.35 -33.29 101.23
N ALA E 155 3.39 -34.52 100.73
CA ALA E 155 2.93 -35.69 101.48
C ALA E 155 4.05 -36.43 102.18
N ASN E 156 5.24 -35.84 102.26
CA ASN E 156 6.36 -36.45 102.97
C ASN E 156 6.70 -35.66 104.22
N ARG E 157 7.28 -36.34 105.20
CA ARG E 157 7.64 -35.73 106.47
C ARG E 157 9.13 -35.88 106.78
N THR E 158 9.90 -36.49 105.90
CA THR E 158 11.30 -36.79 106.15
C THR E 158 12.12 -35.49 106.12
N ASP E 159 13.36 -35.58 106.60
CA ASP E 159 14.24 -34.42 106.69
C ASP E 159 15.18 -34.38 105.48
N ARG E 160 14.64 -34.66 104.29
CA ARG E 160 15.31 -34.35 103.02
C ARG E 160 16.59 -35.14 102.79
N ALA E 161 17.00 -35.97 103.76
CA ALA E 161 18.32 -36.59 103.67
C ALA E 161 18.37 -37.63 102.55
N GLU E 162 17.37 -38.50 102.48
CA GLU E 162 17.38 -39.60 101.53
C GLU E 162 16.23 -39.57 100.54
N ILE E 163 15.07 -39.04 100.93
CA ILE E 163 13.97 -38.79 100.00
C ILE E 163 13.83 -37.28 99.89
N GLU E 164 14.13 -36.75 98.71
CA GLU E 164 14.28 -35.32 98.53
C GLU E 164 13.10 -34.76 97.75
N ASP E 165 12.99 -33.42 97.78
CA ASP E 165 11.97 -32.75 97.00
C ASP E 165 12.27 -32.89 95.51
N TYR E 166 11.27 -33.30 94.74
CA TYR E 166 11.42 -33.40 93.31
C TYR E 166 11.27 -32.02 92.67
N ALA E 167 12.29 -31.60 91.93
CA ALA E 167 12.21 -30.33 91.23
C ALA E 167 11.20 -30.41 90.09
N HIS E 168 10.62 -29.26 89.76
CA HIS E 168 9.59 -29.21 88.73
C HIS E 168 10.18 -29.51 87.36
N LEU E 169 9.33 -29.99 86.46
CA LEU E 169 9.82 -30.52 85.19
C LEU E 169 10.51 -29.47 84.34
N TYR E 170 11.55 -29.91 83.64
CA TYR E 170 12.27 -29.10 82.66
C TYR E 170 12.90 -27.87 83.31
N THR E 171 13.84 -28.12 84.21
CA THR E 171 14.63 -27.04 84.78
C THR E 171 15.69 -26.54 83.80
N GLN E 172 16.13 -27.41 82.89
CA GLN E 172 17.16 -27.02 81.93
C GLN E 172 16.60 -26.06 80.89
N THR E 173 15.42 -26.35 80.34
CA THR E 173 14.87 -25.60 79.22
C THR E 173 13.49 -25.08 79.57
N ASP E 174 13.06 -24.07 78.82
CA ASP E 174 11.72 -23.51 78.92
C ASP E 174 10.88 -24.10 77.79
N ILE E 175 10.04 -25.08 78.12
CA ILE E 175 9.26 -25.75 77.08
C ILE E 175 8.11 -24.89 76.58
N ALA E 176 7.85 -23.76 77.25
CA ALA E 176 6.82 -22.85 76.75
C ALA E 176 7.28 -22.16 75.46
N LEU E 177 8.58 -22.07 75.25
CA LEU E 177 9.10 -21.42 74.05
C LEU E 177 8.76 -22.22 72.81
N GLU E 178 8.78 -21.54 71.65
CA GLU E 178 8.41 -22.19 70.41
C GLU E 178 9.36 -23.33 70.08
N THR E 179 10.66 -23.07 70.09
CA THR E 179 11.66 -24.08 69.76
C THR E 179 12.58 -24.34 70.95
N PRO E 180 12.25 -25.28 71.82
CA PRO E 180 13.14 -25.57 72.96
C PRO E 180 14.07 -26.74 72.66
N GLN E 181 15.05 -26.97 73.54
CA GLN E 181 15.98 -28.10 73.41
C GLN E 181 15.32 -29.32 74.05
N LEU E 182 14.70 -30.16 73.22
CA LEU E 182 13.83 -31.21 73.73
C LEU E 182 14.64 -32.37 74.31
N ALA E 183 15.90 -32.52 73.89
CA ALA E 183 16.75 -33.54 74.48
C ALA E 183 16.96 -33.28 75.96
N TYR E 184 17.14 -32.02 76.34
CA TYR E 184 17.26 -31.67 77.75
C TYR E 184 16.01 -32.05 78.53
N ALA E 185 14.84 -31.80 77.94
CA ALA E 185 13.58 -32.14 78.60
C ALA E 185 13.43 -33.64 78.79
N PHE E 186 13.75 -34.42 77.76
CA PHE E 186 13.68 -35.88 77.90
C PHE E 186 14.68 -36.39 78.92
N GLN E 187 15.88 -35.78 78.96
CA GLN E 187 16.85 -36.12 80.00
C GLN E 187 16.27 -35.88 81.39
N ASP E 188 15.63 -34.73 81.59
CA ASP E 188 15.06 -34.43 82.89
C ASP E 188 13.94 -35.41 83.26
N LEU E 189 13.11 -35.78 82.28
CA LEU E 189 12.03 -36.72 82.55
C LEU E 189 12.58 -38.10 82.94
N LYS E 190 13.60 -38.56 82.23
CA LYS E 190 14.21 -39.85 82.58
C LYS E 190 14.89 -39.78 83.95
N ALA E 191 15.51 -38.64 84.27
CA ALA E 191 16.10 -38.46 85.59
C ALA E 191 15.03 -38.55 86.68
N LEU E 192 13.88 -37.95 86.45
CA LEU E 192 12.78 -38.05 87.42
C LEU E 192 12.32 -39.50 87.59
N GLN E 193 12.16 -40.22 86.48
CA GLN E 193 11.74 -41.62 86.60
C GLN E 193 12.74 -42.43 87.40
N ALA E 194 14.03 -42.25 87.13
CA ALA E 194 15.07 -42.96 87.86
C ALA E 194 15.06 -42.58 89.34
N GLU E 195 14.91 -41.28 89.65
CA GLU E 195 14.93 -40.85 91.04
C GLU E 195 13.75 -41.42 91.82
N VAL E 196 12.57 -41.48 91.20
CA VAL E 196 11.41 -42.07 91.86
C VAL E 196 11.65 -43.55 92.14
N ASP E 197 12.13 -44.28 91.13
CA ASP E 197 12.39 -45.70 91.34
C ASP E 197 13.48 -45.92 92.39
N ALA E 198 14.41 -44.98 92.51
CA ALA E 198 15.48 -45.11 93.51
C ALA E 198 14.97 -44.85 94.91
N ASP E 199 14.11 -43.83 95.08
CA ASP E 199 13.56 -43.55 96.40
C ASP E 199 12.55 -44.62 96.83
N PHE E 200 12.05 -45.40 95.86
CA PHE E 200 11.15 -46.50 96.21
C PHE E 200 11.73 -47.41 97.28
N GLU E 201 13.02 -47.77 97.17
CA GLU E 201 13.59 -48.72 98.12
C GLU E 201 13.85 -48.07 99.48
N TRP E 202 14.09 -46.76 99.51
CA TRP E 202 14.21 -46.07 100.78
C TRP E 202 12.84 -45.89 101.43
N LEU E 203 11.78 -45.97 100.63
CA LEU E 203 10.43 -46.02 101.20
C LEU E 203 10.18 -47.35 101.89
N GLY E 204 10.86 -48.41 101.45
CA GLY E 204 10.69 -49.75 101.99
C GLY E 204 11.62 -50.12 103.11
N GLU E 205 12.24 -49.13 103.77
CA GLU E 205 13.15 -49.40 104.86
C GLU E 205 12.39 -49.59 106.17
N PHE E 206 13.03 -50.29 107.11
CA PHE E 206 12.43 -50.47 108.43
C PHE E 206 12.59 -49.22 109.30
N GLY E 207 13.74 -48.58 109.24
CA GLY E 207 14.08 -47.49 110.13
C GLY E 207 13.91 -46.09 109.59
N ILE E 208 13.14 -45.90 108.51
CA ILE E 208 12.92 -44.55 107.99
C ILE E 208 12.16 -43.71 109.01
N ASP E 209 11.14 -44.28 109.63
CA ASP E 209 10.38 -43.60 110.67
C ASP E 209 11.27 -43.47 111.91
N GLN E 210 11.76 -42.27 112.17
CA GLN E 210 12.71 -42.10 113.27
C GLN E 210 12.18 -41.21 114.38
N GLU E 211 11.78 -39.99 114.03
CA GLU E 211 11.58 -38.93 115.00
C GLU E 211 10.57 -37.93 114.44
N ASP E 212 10.02 -37.10 115.34
CA ASP E 212 9.24 -35.96 114.90
C ASP E 212 10.05 -35.12 113.92
N GLY E 213 9.58 -35.09 112.67
CA GLY E 213 10.30 -34.42 111.60
C GLY E 213 11.09 -35.32 110.69
N ASN E 214 11.39 -36.56 111.12
CA ASN E 214 11.98 -37.56 110.23
C ASN E 214 11.13 -38.81 110.33
N TYR E 215 10.07 -38.89 109.54
CA TYR E 215 9.25 -40.10 109.50
C TYR E 215 8.40 -40.07 108.24
N VAL E 216 7.78 -41.22 107.96
CA VAL E 216 7.01 -41.43 106.74
C VAL E 216 5.56 -41.66 107.12
N GLN E 217 4.66 -40.85 106.57
CA GLN E 217 3.24 -41.02 106.80
C GLN E 217 2.66 -42.07 105.85
N ARG E 218 1.42 -42.47 106.13
CA ARG E 218 0.83 -43.59 105.41
C ARG E 218 0.31 -43.17 104.03
N TYR E 219 0.29 -41.86 103.75
CA TYR E 219 -0.26 -41.40 102.48
C TYR E 219 0.84 -41.03 101.49
N HIS E 220 2.09 -40.97 101.95
CA HIS E 220 3.22 -40.67 101.06
C HIS E 220 3.36 -41.72 99.97
N LEU E 221 3.27 -42.99 100.35
CA LEU E 221 3.53 -44.07 99.40
C LEU E 221 2.51 -44.12 98.26
N PRO E 222 1.20 -43.98 98.49
CA PRO E 222 0.28 -43.95 97.35
C PRO E 222 0.53 -42.78 96.41
N ALA E 223 0.92 -41.61 96.93
CA ALA E 223 1.24 -40.48 96.07
C ALA E 223 2.44 -40.79 95.19
N VAL E 224 3.49 -41.35 95.78
CA VAL E 224 4.67 -41.72 95.00
C VAL E 224 4.32 -42.80 93.98
N GLU E 225 3.45 -43.73 94.35
CA GLU E 225 3.08 -44.82 93.44
C GLU E 225 2.29 -44.30 92.25
N ALA E 226 1.34 -43.39 92.48
CA ALA E 226 0.60 -42.79 91.38
C ALA E 226 1.52 -41.99 90.47
N LEU E 227 2.44 -41.22 91.05
CA LEU E 227 3.40 -40.48 90.25
C LEU E 227 4.23 -41.42 89.39
N LYS E 228 4.67 -42.54 89.96
CA LYS E 228 5.50 -43.50 89.22
C LYS E 228 4.72 -44.12 88.07
N ALA E 229 3.47 -44.54 88.31
CA ALA E 229 2.69 -45.15 87.25
C ALA E 229 2.44 -44.16 86.12
N GLU E 230 2.15 -42.90 86.48
CA GLU E 230 1.92 -41.89 85.45
C GLU E 230 3.18 -41.63 84.64
N VAL E 231 4.34 -41.54 85.29
CA VAL E 231 5.60 -41.32 84.56
C VAL E 231 5.88 -42.50 83.65
N ASP E 232 5.59 -43.71 84.13
CA ASP E 232 5.84 -44.92 83.31
C ASP E 232 4.99 -44.87 82.04
N ALA E 233 3.68 -44.57 82.16
CA ALA E 233 2.82 -44.48 80.98
C ALA E 233 3.26 -43.35 80.06
N ARG E 234 3.63 -42.21 80.64
CA ARG E 234 4.04 -41.06 79.83
C ARG E 234 5.29 -41.38 79.02
N VAL E 235 6.28 -42.03 79.63
CA VAL E 235 7.49 -42.39 78.92
C VAL E 235 7.18 -43.40 77.81
N ALA E 236 6.32 -44.39 78.12
CA ALA E 236 5.94 -45.35 77.09
C ALA E 236 5.28 -44.67 75.91
N ALA E 237 4.56 -43.58 76.16
CA ALA E 237 3.95 -42.83 75.06
C ALA E 237 4.98 -42.00 74.30
N ILE E 238 5.93 -41.39 75.03
CA ILE E 238 6.86 -40.45 74.40
C ILE E 238 7.95 -41.17 73.63
N GLU E 239 8.15 -42.46 73.92
CA GLU E 239 9.20 -43.20 73.21
C GLU E 239 9.05 -43.22 71.69
N PRO E 240 7.98 -43.76 71.10
CA PRO E 240 7.93 -43.81 69.62
C PRO E 240 7.96 -42.44 68.98
N LEU E 241 7.36 -41.44 69.61
CA LEU E 241 7.40 -40.08 69.06
C LEU E 241 8.83 -39.56 68.97
N ARG E 242 9.61 -39.74 70.04
CA ARG E 242 10.99 -39.29 70.03
C ARG E 242 11.81 -40.06 69.00
N ALA E 243 11.57 -41.37 68.88
CA ALA E 243 12.28 -42.16 67.89
C ALA E 243 12.01 -41.66 66.48
N ASP E 244 10.73 -41.46 66.15
CA ASP E 244 10.38 -41.00 64.81
C ASP E 244 10.92 -39.59 64.56
N SER E 245 10.86 -38.72 65.57
CA SER E 245 11.37 -37.37 65.42
C SER E 245 12.86 -37.38 65.11
N ILE E 246 13.64 -38.18 65.85
CA ILE E 246 15.07 -38.26 65.58
C ILE E 246 15.31 -38.80 64.17
N ALA E 247 14.59 -39.87 63.80
CA ALA E 247 14.82 -40.50 62.51
C ALA E 247 14.55 -39.55 61.36
N LYS E 248 13.49 -38.75 61.46
CA LYS E 248 13.13 -37.89 60.34
C LYS E 248 13.93 -36.58 60.36
N ASN E 249 14.25 -36.08 61.55
CA ASN E 249 15.03 -34.84 61.64
C ASN E 249 16.47 -35.07 61.21
N LEU E 250 16.99 -36.28 61.40
CA LEU E 250 18.32 -36.59 60.87
C LEU E 250 18.31 -36.62 59.35
N GLU E 251 17.28 -37.24 58.76
CA GLU E 251 17.21 -37.34 57.32
C GLU E 251 16.96 -35.98 56.67
N ALA E 252 16.29 -35.07 57.36
CA ALA E 252 16.02 -33.73 56.84
C ALA E 252 17.23 -32.82 56.97
N GLN E 253 18.38 -33.33 57.42
CA GLN E 253 19.61 -32.57 57.41
C GLN E 253 20.57 -33.01 56.32
N LYS E 254 20.37 -34.19 55.74
CA LYS E 254 21.16 -34.60 54.59
C LYS E 254 20.94 -33.69 53.40
N SER E 255 19.70 -33.31 53.15
CA SER E 255 19.32 -32.56 51.96
C SER E 255 19.20 -31.07 52.29
N ASP E 256 19.51 -30.23 51.31
CA ASP E 256 19.32 -28.78 51.42
C ASP E 256 18.58 -28.33 50.16
N VAL E 257 17.34 -27.87 50.36
CA VAL E 257 16.43 -27.68 49.22
C VAL E 257 16.80 -26.45 48.41
N LEU E 258 17.47 -25.48 49.03
CA LEU E 258 17.77 -24.24 48.32
C LEU E 258 18.84 -24.45 47.27
N VAL E 259 19.82 -25.31 47.54
CA VAL E 259 20.81 -25.67 46.52
C VAL E 259 20.13 -26.31 45.32
N ARG E 260 19.19 -27.21 45.56
CA ARG E 260 18.52 -27.90 44.47
C ARG E 260 17.65 -26.94 43.67
N GLN E 261 17.04 -25.96 44.34
CA GLN E 261 16.34 -24.90 43.62
C GLN E 261 17.29 -24.08 42.75
N LEU E 262 18.47 -23.75 43.28
CA LEU E 262 19.45 -23.01 42.49
C LEU E 262 19.87 -23.80 41.25
N PHE E 263 20.06 -25.11 41.40
CA PHE E 263 20.45 -25.92 40.26
C PHE E 263 19.32 -26.02 39.24
N LEU E 264 18.06 -26.08 39.71
CA LEU E 264 16.93 -26.06 38.77
C LEU E 264 16.92 -24.76 37.98
N GLU E 265 17.15 -23.63 38.65
CA GLU E 265 17.13 -22.34 37.93
C GLU E 265 18.28 -22.26 36.93
N ARG E 266 19.46 -22.76 37.30
CA ARG E 266 20.57 -22.78 36.35
C ARG E 266 20.25 -23.67 35.16
N ALA E 267 19.60 -24.81 35.40
CA ALA E 267 19.24 -25.69 34.29
C ALA E 267 18.23 -25.04 33.36
N THR E 268 17.29 -24.26 33.90
CA THR E 268 16.36 -23.52 33.05
C THR E 268 17.08 -22.49 32.18
N ALA E 269 18.02 -21.75 32.78
CA ALA E 269 18.79 -20.77 32.00
C ALA E 269 19.59 -21.47 30.91
N GLN E 270 20.18 -22.62 31.23
CA GLN E 270 20.88 -23.40 30.22
C GLN E 270 19.95 -23.82 29.10
N ARG E 271 18.73 -24.26 29.44
CA ARG E 271 17.80 -24.71 28.41
C ARG E 271 17.44 -23.59 27.44
N ASP E 272 17.14 -22.40 27.95
CA ASP E 272 16.67 -21.36 27.03
C ASP E 272 17.84 -20.80 26.22
N THR E 273 19.02 -20.67 26.83
CA THR E 273 20.18 -20.32 26.04
C THR E 273 20.48 -21.37 24.97
N LEU E 274 20.25 -22.64 25.30
CA LEU E 274 20.47 -23.72 24.33
C LEU E 274 19.53 -23.60 23.14
N ARG E 275 18.25 -23.30 23.38
CA ARG E 275 17.36 -23.19 22.24
C ARG E 275 17.66 -21.94 21.41
N VAL E 276 18.14 -20.86 22.06
CA VAL E 276 18.59 -19.71 21.29
C VAL E 276 19.75 -20.09 20.37
N VAL E 277 20.73 -20.83 20.90
CA VAL E 277 21.88 -21.23 20.10
C VAL E 277 21.46 -22.18 18.98
N GLU E 278 20.55 -23.11 19.27
CA GLU E 278 20.08 -24.03 18.23
C GLU E 278 19.36 -23.30 17.12
N ALA E 279 18.55 -22.30 17.48
CA ALA E 279 17.92 -21.47 16.46
C ALA E 279 18.95 -20.75 15.61
N ILE E 280 20.01 -20.22 16.24
CA ILE E 280 21.06 -19.56 15.49
C ILE E 280 21.67 -20.51 14.46
N PHE E 281 22.01 -21.72 14.90
CA PHE E 281 22.66 -22.66 13.99
C PHE E 281 21.73 -23.12 12.86
N SER E 282 20.46 -23.39 13.19
CA SER E 282 19.52 -23.81 12.14
C SER E 282 19.29 -22.69 11.13
N THR E 283 19.19 -21.45 11.61
CA THR E 283 19.02 -20.31 10.72
C THR E 283 20.21 -20.17 9.78
N SER E 284 21.43 -20.26 10.32
CA SER E 284 22.61 -20.14 9.48
C SER E 284 22.67 -21.27 8.46
N ALA E 285 22.33 -22.50 8.88
CA ALA E 285 22.36 -23.63 7.97
C ALA E 285 21.38 -23.45 6.82
N ARG E 286 20.16 -22.99 7.13
CA ARG E 286 19.19 -22.77 6.06
C ARG E 286 19.60 -21.62 5.15
N TYR E 287 20.20 -20.57 5.72
CA TYR E 287 20.67 -19.45 4.91
C TYR E 287 21.74 -19.91 3.93
N VAL E 288 22.67 -20.74 4.37
CA VAL E 288 23.72 -21.22 3.48
C VAL E 288 23.13 -22.20 2.45
N GLU E 289 22.23 -23.08 2.88
CA GLU E 289 21.73 -24.12 1.98
C GLU E 289 20.91 -23.56 0.83
N LEU E 290 20.34 -22.37 0.97
CA LEU E 290 19.53 -21.77 -0.07
C LEU E 290 20.35 -21.02 -1.11
N TYR E 291 21.64 -21.30 -1.20
CA TYR E 291 22.51 -20.71 -2.21
C TYR E 291 22.16 -21.26 -3.59
N GLU E 292 21.49 -20.44 -4.40
CA GLU E 292 21.10 -20.81 -5.76
C GLU E 292 20.29 -22.10 -5.76
N ASN E 293 19.44 -22.26 -4.76
CA ASN E 293 18.59 -23.44 -4.66
C ASN E 293 17.26 -23.22 -5.36
N VAL E 294 16.64 -24.31 -5.78
CA VAL E 294 15.33 -24.24 -6.43
C VAL E 294 14.23 -23.78 -5.46
N GLU E 295 14.51 -23.78 -4.16
CA GLU E 295 13.54 -23.38 -3.15
C GLU E 295 13.64 -21.92 -2.76
N ASN E 296 14.66 -21.20 -3.24
CA ASN E 296 14.82 -19.78 -2.92
C ASN E 296 13.88 -18.99 -3.82
N VAL E 297 12.65 -18.79 -3.35
CA VAL E 297 11.61 -18.16 -4.15
C VAL E 297 11.40 -16.73 -3.65
N ASN E 298 10.60 -15.98 -4.39
CA ASN E 298 10.30 -14.59 -4.06
C ASN E 298 9.05 -14.51 -3.19
N VAL E 299 9.18 -13.84 -2.06
CA VAL E 299 8.04 -13.63 -1.15
C VAL E 299 8.18 -12.24 -0.52
N GLU E 300 7.11 -11.46 -0.58
CA GLU E 300 7.03 -10.16 0.07
C GLU E 300 8.15 -9.24 -0.38
N ASN E 301 8.22 -8.99 -1.69
CA ASN E 301 9.19 -8.06 -2.30
C ASN E 301 10.62 -8.43 -1.97
N LYS E 302 10.89 -9.72 -1.74
CA LYS E 302 12.23 -10.18 -1.40
C LYS E 302 12.30 -11.69 -1.61
N THR E 303 13.50 -12.23 -1.44
CA THR E 303 13.71 -13.66 -1.48
C THR E 303 13.77 -14.22 -0.06
N LEU E 304 13.89 -15.54 0.03
CA LEU E 304 13.81 -16.22 1.31
C LEU E 304 14.99 -15.89 2.21
N ARG E 305 16.16 -15.67 1.63
CA ARG E 305 17.38 -15.53 2.42
C ARG E 305 17.48 -14.17 3.09
N GLN E 306 16.85 -13.14 2.51
CA GLN E 306 16.96 -11.81 3.08
C GLN E 306 16.27 -11.72 4.43
N HIS E 307 15.17 -12.45 4.61
CA HIS E 307 14.52 -12.51 5.92
C HIS E 307 15.45 -13.14 6.96
N TYR E 308 16.10 -14.24 6.59
CA TYR E 308 17.03 -14.91 7.50
C TYR E 308 18.17 -13.97 7.86
N SER E 309 18.68 -13.21 6.88
CA SER E 309 19.73 -12.25 7.16
C SER E 309 19.25 -11.16 8.11
N ALA E 310 18.03 -10.66 7.91
CA ALA E 310 17.49 -9.63 8.79
C ALA E 310 17.24 -10.15 10.19
N LEU E 311 17.11 -11.47 10.36
CA LEU E 311 16.92 -12.06 11.67
C LEU E 311 18.14 -11.87 12.60
N ILE E 312 19.21 -11.24 12.13
CA ILE E 312 20.46 -11.26 12.89
C ILE E 312 20.43 -10.40 14.14
N PRO E 313 20.06 -9.11 14.09
CA PRO E 313 20.08 -8.31 15.34
C PRO E 313 19.16 -8.84 16.42
N ASN E 314 18.01 -9.42 16.04
CA ASN E 314 17.13 -10.03 17.02
C ASN E 314 17.83 -11.15 17.78
N LEU E 315 18.48 -12.06 17.04
CA LEU E 315 19.19 -13.15 17.68
C LEU E 315 20.36 -12.63 18.51
N PHE E 316 20.99 -11.56 18.05
CA PHE E 316 22.09 -10.96 18.82
C PHE E 316 21.60 -10.48 20.19
N ILE E 317 20.52 -9.71 20.20
CA ILE E 317 20.00 -9.19 21.47
C ILE E 317 19.53 -10.33 22.37
N ALA E 318 18.82 -11.31 21.78
CA ALA E 318 18.34 -12.44 22.57
C ALA E 318 19.50 -13.20 23.20
N ALA E 319 20.55 -13.47 22.43
CA ALA E 319 21.70 -14.20 22.95
C ALA E 319 22.39 -13.41 24.05
N VAL E 320 22.53 -12.09 23.88
CA VAL E 320 23.20 -11.29 24.90
C VAL E 320 22.43 -11.36 26.22
N ALA E 321 21.10 -11.21 26.15
CA ALA E 321 20.29 -11.26 27.36
C ALA E 321 20.37 -12.64 28.02
N ASN E 322 20.25 -13.70 27.23
CA ASN E 322 20.31 -15.04 27.79
C ASN E 322 21.67 -15.34 28.41
N ILE E 323 22.74 -14.87 27.77
CA ILE E 323 24.08 -15.08 28.30
C ILE E 323 24.26 -14.35 29.62
N SER E 324 23.77 -13.12 29.72
CA SER E 324 23.89 -12.40 30.98
C SER E 324 23.15 -13.11 32.10
N GLU E 325 21.93 -13.57 31.82
CA GLU E 325 21.18 -14.26 32.86
C GLU E 325 21.83 -15.59 33.25
N LEU E 326 22.41 -16.30 32.27
CA LEU E 326 23.10 -17.55 32.57
C LEU E 326 24.34 -17.31 33.42
N ASN E 327 25.07 -16.23 33.14
CA ASN E 327 26.23 -15.90 33.96
C ASN E 327 25.81 -15.60 35.40
N ALA E 328 24.74 -14.83 35.56
CA ALA E 328 24.26 -14.55 36.91
C ALA E 328 23.86 -15.82 37.64
N ALA E 329 23.14 -16.72 36.96
CA ALA E 329 22.72 -17.97 37.59
C ALA E 329 23.92 -18.84 37.96
N ASP E 330 24.93 -18.90 37.07
CA ASP E 330 26.12 -19.68 37.35
C ASP E 330 26.84 -19.16 38.59
N ALA E 331 27.01 -17.84 38.68
CA ALA E 331 27.66 -17.27 39.85
C ALA E 331 26.86 -17.55 41.12
N GLU E 332 25.53 -17.43 41.04
CA GLU E 332 24.70 -17.66 42.20
C GLU E 332 24.83 -19.10 42.70
N ALA E 333 24.76 -20.07 41.79
CA ALA E 333 24.83 -21.46 42.22
C ALA E 333 26.23 -21.84 42.67
N ALA E 334 27.27 -21.22 42.10
CA ALA E 334 28.62 -21.56 42.50
C ALA E 334 28.97 -20.99 43.88
N ALA E 335 28.56 -19.76 44.16
CA ALA E 335 28.98 -19.11 45.40
C ALA E 335 28.23 -19.62 46.63
N TYR E 336 27.11 -20.32 46.44
CA TYR E 336 26.28 -20.77 47.55
C TYR E 336 26.01 -22.25 47.46
N TYR E 337 27.04 -23.05 47.15
CA TYR E 337 26.89 -24.49 47.18
C TYR E 337 26.83 -25.01 48.61
N LEU E 338 27.63 -24.42 49.50
CA LEU E 338 27.61 -24.78 50.92
C LEU E 338 27.79 -23.48 51.70
N HIS E 339 26.68 -22.86 52.07
CA HIS E 339 26.69 -21.58 52.76
C HIS E 339 25.56 -21.57 53.78
N TRP E 340 25.68 -20.67 54.76
CA TRP E 340 24.64 -20.53 55.78
C TRP E 340 23.32 -20.07 55.17
N ASP E 341 23.38 -19.15 54.21
CA ASP E 341 22.19 -18.54 53.63
C ASP E 341 21.40 -19.55 52.80
N THR E 342 21.84 -20.81 52.80
CA THR E 342 21.17 -21.88 52.09
C THR E 342 20.60 -22.95 53.01
N ASP E 343 21.29 -23.27 54.10
CA ASP E 343 20.75 -24.10 55.18
C ASP E 343 20.53 -23.17 56.37
N LEU E 344 19.30 -22.75 56.59
CA LEU E 344 19.00 -21.71 57.55
C LEU E 344 18.70 -22.29 58.92
N ALA E 345 18.13 -21.45 59.81
CA ALA E 345 18.02 -21.79 61.23
C ALA E 345 17.16 -23.02 61.45
N THR E 346 15.87 -22.94 61.15
CA THR E 346 15.01 -24.07 61.40
C THR E 346 15.27 -25.15 60.35
N ASN E 347 14.89 -26.38 60.68
CA ASN E 347 14.96 -27.43 59.67
C ASN E 347 13.91 -27.20 58.59
N ASP E 348 12.79 -26.57 58.94
CA ASP E 348 11.70 -26.36 57.99
C ASP E 348 12.13 -25.52 56.80
N GLU E 349 12.59 -24.29 57.06
CA GLU E 349 13.01 -23.32 56.04
C GLU E 349 12.10 -23.38 54.81
N ASP E 350 10.80 -23.19 55.05
CA ASP E 350 9.83 -23.27 53.97
C ASP E 350 9.46 -21.89 53.41
N GLU E 351 9.48 -20.86 54.27
CA GLU E 351 9.12 -19.53 53.79
C GLU E 351 10.11 -19.03 52.74
N ALA E 352 11.41 -19.28 52.95
CA ALA E 352 12.40 -18.87 51.97
C ALA E 352 12.24 -19.64 50.67
N TYR E 353 11.93 -20.93 50.76
CA TYR E 353 11.70 -21.72 49.56
C TYR E 353 10.52 -21.19 48.77
N TYR E 354 9.44 -20.85 49.46
CA TYR E 354 8.26 -20.37 48.74
C TYR E 354 8.48 -18.98 48.16
N LYS E 355 9.22 -18.11 48.87
CA LYS E 355 9.58 -16.82 48.31
C LYS E 355 10.43 -16.98 47.06
N ALA E 356 11.42 -17.87 47.10
CA ALA E 356 12.25 -18.12 45.94
C ALA E 356 11.45 -18.72 44.78
N LYS E 357 10.51 -19.62 45.08
CA LYS E 357 9.67 -20.20 44.05
C LYS E 357 8.80 -19.13 43.38
N LEU E 358 8.29 -18.19 44.19
CA LEU E 358 7.54 -17.07 43.62
C LEU E 358 8.40 -16.23 42.69
N ASP E 359 9.62 -15.87 43.13
CA ASP E 359 10.50 -15.07 42.29
C ASP E 359 10.83 -15.81 41.00
N PHE E 360 11.10 -17.12 41.10
CA PHE E 360 11.41 -17.92 39.93
C PHE E 360 10.25 -17.98 38.94
N ALA E 361 9.02 -18.13 39.46
CA ALA E 361 7.86 -18.16 38.59
C ALA E 361 7.64 -16.82 37.90
N ILE E 362 7.83 -15.72 38.63
CA ILE E 362 7.71 -14.39 38.02
C ILE E 362 8.71 -14.24 36.89
N GLU E 363 9.96 -14.64 37.13
CA GLU E 363 10.99 -14.52 36.11
C GLU E 363 10.65 -15.39 34.89
N THR E 364 10.18 -16.61 35.13
CA THR E 364 9.85 -17.51 34.02
C THR E 364 8.71 -16.95 33.16
N TYR E 365 7.68 -16.41 33.81
CA TYR E 365 6.56 -15.86 33.06
C TYR E 365 6.97 -14.62 32.28
N ALA E 366 7.83 -13.77 32.85
CA ALA E 366 8.34 -12.64 32.10
C ALA E 366 9.19 -13.09 30.92
N LYS E 367 10.00 -14.15 31.13
CA LYS E 367 10.87 -14.63 30.07
C LYS E 367 10.09 -15.22 28.92
N ILE E 368 8.94 -15.83 29.19
CA ILE E 368 8.11 -16.35 28.10
C ILE E 368 7.77 -15.23 27.13
N LEU E 369 7.28 -14.10 27.65
CA LEU E 369 6.94 -12.97 26.81
C LEU E 369 8.17 -12.39 26.13
N PHE E 370 9.28 -12.24 26.86
CA PHE E 370 10.48 -11.66 26.29
C PHE E 370 10.97 -12.48 25.09
N ASN E 371 11.12 -13.80 25.29
CA ASN E 371 11.61 -14.66 24.22
C ASN E 371 10.62 -14.74 23.06
N GLY E 372 9.32 -14.81 23.36
CA GLY E 372 8.35 -14.85 22.29
C GLY E 372 8.38 -13.60 21.43
N GLU E 373 8.61 -12.44 22.06
CA GLU E 373 8.59 -11.21 21.28
C GLU E 373 9.90 -10.93 20.56
N VAL E 374 11.03 -11.39 21.09
CA VAL E 374 12.31 -10.99 20.53
C VAL E 374 12.71 -11.83 19.33
N TRP E 375 12.73 -13.16 19.45
CA TRP E 375 13.28 -13.98 18.38
C TRP E 375 12.40 -15.12 17.91
N GLN E 376 11.51 -15.67 18.74
CA GLN E 376 10.76 -16.85 18.33
C GLN E 376 9.85 -16.59 17.14
N GLU E 377 9.13 -15.49 17.16
CA GLU E 377 8.11 -15.28 16.16
C GLU E 377 8.66 -14.72 14.85
N PRO E 378 9.65 -13.82 14.89
CA PRO E 378 10.36 -13.49 13.64
C PRO E 378 10.91 -14.71 12.91
N LEU E 379 11.43 -15.70 13.65
CA LEU E 379 11.90 -16.92 13.02
C LEU E 379 10.76 -17.80 12.54
N ALA E 380 9.70 -17.90 13.35
CA ALA E 380 8.57 -18.73 12.99
C ALA E 380 7.90 -18.24 11.72
N TYR E 381 7.88 -16.92 11.51
CA TYR E 381 7.28 -16.35 10.32
C TYR E 381 8.02 -16.82 9.06
N VAL E 382 9.36 -16.76 9.10
CA VAL E 382 10.15 -17.18 7.95
C VAL E 382 10.01 -18.67 7.72
N GLN E 383 10.01 -19.46 8.80
CA GLN E 383 9.84 -20.90 8.63
C GLN E 383 8.46 -21.24 8.07
N ASN E 384 7.44 -20.48 8.45
CA ASN E 384 6.11 -20.68 7.88
C ASN E 384 6.08 -20.31 6.41
N LEU E 385 6.79 -19.25 6.03
CA LEU E 385 6.93 -18.94 4.61
C LEU E 385 7.54 -20.10 3.84
N ASP E 386 8.63 -20.67 4.39
CA ASP E 386 9.26 -21.84 3.80
C ASP E 386 8.27 -22.98 3.61
N ALA E 387 7.58 -23.35 4.70
CA ALA E 387 6.69 -24.50 4.66
C ALA E 387 5.52 -24.26 3.71
N GLY E 388 4.99 -23.03 3.69
CA GLY E 388 3.91 -22.72 2.78
C GLY E 388 4.35 -22.82 1.33
N ALA E 389 5.55 -22.35 1.02
CA ALA E 389 6.06 -22.47 -0.34
C ALA E 389 6.16 -23.94 -0.77
N ARG E 390 6.76 -24.76 0.08
CA ARG E 390 6.89 -26.18 -0.27
C ARG E 390 5.51 -26.83 -0.42
N GLN E 391 4.59 -26.53 0.50
CA GLN E 391 3.28 -27.15 0.46
C GLN E 391 2.50 -26.74 -0.79
N GLU E 392 2.58 -25.45 -1.17
CA GLU E 392 1.86 -25.01 -2.35
C GLU E 392 2.45 -25.62 -3.61
N ALA E 393 3.77 -25.75 -3.69
CA ALA E 393 4.36 -26.44 -4.83
C ALA E 393 3.88 -27.89 -4.88
N ALA E 394 3.88 -28.56 -3.74
CA ALA E 394 3.52 -29.97 -3.69
C ALA E 394 2.07 -30.20 -4.12
N ASP E 395 1.13 -29.45 -3.55
CA ASP E 395 -0.26 -29.74 -3.89
C ASP E 395 -0.61 -29.17 -5.25
N ARG E 396 0.14 -28.18 -5.75
CA ARG E 396 -0.03 -27.78 -7.15
C ARG E 396 0.32 -28.92 -8.09
N GLU E 397 1.46 -29.57 -7.85
CA GLU E 397 1.84 -30.72 -8.67
C GLU E 397 0.81 -31.84 -8.54
N ALA E 398 0.35 -32.10 -7.30
CA ALA E 398 -0.62 -33.16 -7.08
C ALA E 398 -1.94 -32.87 -7.79
N ALA E 399 -2.40 -31.62 -7.74
CA ALA E 399 -3.64 -31.25 -8.40
C ALA E 399 -3.50 -31.36 -9.92
N ARG E 400 -2.36 -30.96 -10.46
CA ARG E 400 -2.13 -31.11 -11.89
C ARG E 400 -2.20 -32.58 -12.31
N ALA E 401 -1.52 -33.44 -11.55
CA ALA E 401 -1.55 -34.87 -11.87
C ALA E 401 -2.96 -35.44 -11.74
N ALA E 402 -3.69 -35.05 -10.70
CA ALA E 402 -5.05 -35.55 -10.51
C ALA E 402 -5.96 -35.11 -11.64
N ASP E 403 -5.86 -33.85 -12.06
CA ASP E 403 -6.67 -33.36 -13.16
C ASP E 403 -6.35 -34.12 -14.45
N GLU E 404 -5.06 -34.33 -14.73
CA GLU E 404 -4.69 -35.07 -15.94
C GLU E 404 -5.25 -36.49 -15.91
N ALA E 405 -5.12 -37.17 -14.77
CA ALA E 405 -5.62 -38.53 -14.66
C ALA E 405 -7.14 -38.57 -14.80
N TYR E 406 -7.83 -37.61 -14.19
CA TYR E 406 -9.30 -37.58 -14.27
C TYR E 406 -9.76 -37.35 -15.70
N ARG E 407 -9.10 -36.42 -16.42
CA ARG E 407 -9.45 -36.20 -17.81
C ARG E 407 -9.20 -37.43 -18.66
N ALA E 408 -8.06 -38.09 -18.46
CA ALA E 408 -7.76 -39.30 -19.21
C ALA E 408 -8.77 -40.40 -18.93
N GLU E 409 -9.15 -40.56 -17.66
CA GLU E 409 -10.15 -41.56 -17.30
C GLU E 409 -11.48 -41.28 -17.99
N GLN E 410 -11.95 -40.03 -17.93
CA GLN E 410 -13.22 -39.69 -18.57
C GLN E 410 -13.16 -39.95 -20.07
N LEU E 411 -12.07 -39.51 -20.73
CA LEU E 411 -11.98 -39.69 -22.17
C LEU E 411 -11.94 -41.16 -22.55
N ARG E 412 -11.18 -41.97 -21.81
CA ARG E 412 -11.09 -43.38 -22.13
C ARG E 412 -12.41 -44.09 -21.90
N ILE E 413 -13.13 -43.73 -20.83
CA ILE E 413 -14.43 -44.34 -20.58
C ILE E 413 -15.41 -43.98 -21.69
N ALA E 414 -15.44 -42.70 -22.08
CA ALA E 414 -16.37 -42.27 -23.12
C ALA E 414 -16.06 -42.96 -24.45
N GLN E 415 -14.78 -43.01 -24.83
CA GLN E 415 -14.41 -43.66 -26.09
C GLN E 415 -14.70 -45.16 -26.04
N GLU E 416 -14.46 -45.80 -24.90
CA GLU E 416 -14.66 -47.25 -24.83
C GLU E 416 -16.16 -47.57 -24.90
N ALA E 417 -16.98 -46.75 -24.25
CA ALA E 417 -18.43 -46.87 -24.43
C ALA E 417 -18.83 -46.60 -25.87
N ALA E 418 -18.11 -45.70 -26.54
CA ALA E 418 -18.39 -45.44 -27.95
C ALA E 418 -18.15 -46.69 -28.78
N ASP E 419 -17.05 -47.39 -28.55
CA ASP E 419 -16.82 -48.67 -29.23
C ASP E 419 -17.85 -49.72 -28.83
N ALA E 420 -18.37 -49.67 -27.60
CA ALA E 420 -19.47 -50.56 -27.25
C ALA E 420 -20.71 -50.29 -28.10
N GLN E 421 -21.04 -49.00 -28.28
CA GLN E 421 -22.13 -48.64 -29.18
C GLN E 421 -21.80 -49.05 -30.60
N LYS E 422 -20.51 -49.03 -30.96
CA LYS E 422 -20.09 -49.47 -32.28
C LYS E 422 -20.39 -50.95 -32.48
N ALA E 423 -20.10 -51.75 -31.45
CA ALA E 423 -20.43 -53.17 -31.49
C ALA E 423 -21.94 -53.38 -31.63
N ILE E 424 -22.73 -52.58 -30.91
CA ILE E 424 -24.18 -52.65 -31.07
C ILE E 424 -24.57 -52.38 -32.51
N ALA E 425 -24.00 -51.31 -33.08
CA ALA E 425 -24.36 -50.90 -34.43
C ALA E 425 -24.02 -51.99 -35.44
N GLU E 426 -22.80 -52.53 -35.36
CA GLU E 426 -22.40 -53.56 -36.32
C GLU E 426 -23.22 -54.83 -36.14
N ALA E 427 -23.56 -55.18 -34.90
CA ALA E 427 -24.33 -56.39 -34.66
C ALA E 427 -25.72 -56.29 -35.27
N LEU E 428 -26.45 -55.22 -34.96
CA LEU E 428 -27.81 -55.09 -35.50
C LEU E 428 -27.81 -54.66 -36.96
N ALA E 429 -26.67 -54.24 -37.50
CA ALA E 429 -26.57 -54.11 -38.95
C ALA E 429 -26.37 -55.47 -39.61
N LYS E 430 -25.62 -56.37 -38.96
CA LYS E 430 -25.34 -57.67 -39.54
C LYS E 430 -26.55 -58.59 -39.44
N GLU E 431 -27.34 -58.47 -38.36
CA GLU E 431 -28.51 -59.34 -38.22
C GLU E 431 -29.50 -59.15 -39.36
N ALA E 432 -29.70 -57.90 -39.78
CA ALA E 432 -30.57 -57.63 -40.91
C ALA E 432 -29.78 -57.09 -42.10
N GLU F 1 18.30 -16.33 -24.50
CA GLU F 1 17.39 -16.96 -23.55
C GLU F 1 17.44 -16.22 -22.22
N THR F 2 16.95 -16.86 -21.16
CA THR F 2 16.96 -16.26 -19.84
C THR F 2 18.39 -16.19 -19.30
N ASN F 3 18.54 -15.74 -18.08
CA ASN F 3 19.85 -15.68 -17.44
C ASN F 3 19.85 -16.54 -16.19
N PRO F 4 19.99 -17.88 -16.28
CA PRO F 4 19.93 -18.72 -15.08
C PRO F 4 21.25 -18.86 -14.35
N THR F 5 22.24 -18.01 -14.63
CA THR F 5 23.59 -18.25 -14.12
C THR F 5 23.65 -18.26 -12.60
N PHE F 6 22.93 -17.36 -11.93
CA PHE F 6 23.07 -17.29 -10.48
C PHE F 6 21.80 -17.64 -9.70
N ASN F 7 21.08 -18.64 -10.13
CA ASN F 7 19.87 -19.14 -9.47
C ASN F 7 19.39 -20.43 -10.14
N ILE F 8 18.92 -21.44 -9.45
CA ILE F 8 18.26 -22.72 -9.87
C ILE F 8 19.31 -23.70 -10.27
N THR F 9 20.53 -23.20 -10.27
CA THR F 9 21.65 -23.98 -10.83
C THR F 9 21.75 -25.03 -9.79
N ASN F 10 21.64 -26.29 -10.17
CA ASN F 10 21.96 -27.21 -9.09
C ASN F 10 22.61 -26.42 -7.97
N GLY F 11 21.97 -26.45 -6.79
CA GLY F 11 22.34 -25.52 -5.73
C GLY F 11 23.81 -25.55 -5.41
N PHE F 12 24.43 -26.72 -5.50
CA PHE F 12 25.88 -26.85 -5.32
C PHE F 12 26.48 -27.33 -6.64
N ASN F 13 27.19 -26.42 -7.32
CA ASN F 13 27.68 -26.66 -8.68
C ASN F 13 29.18 -26.53 -8.71
N ASP F 14 29.83 -27.36 -9.53
CA ASP F 14 31.28 -27.29 -9.69
C ASP F 14 31.68 -26.08 -10.52
N ALA F 15 30.75 -25.53 -11.29
CA ALA F 15 31.08 -24.45 -12.21
C ALA F 15 31.47 -23.17 -11.50
N ASP F 16 31.07 -22.98 -10.25
CA ASP F 16 31.37 -21.76 -9.51
C ASP F 16 32.34 -21.98 -8.36
N GLY F 17 32.61 -23.23 -7.98
CA GLY F 17 33.37 -23.50 -6.79
C GLY F 17 32.55 -23.65 -5.53
N SER F 18 31.28 -24.01 -5.65
CA SER F 18 30.38 -24.18 -4.52
C SER F 18 30.21 -25.63 -4.11
N THR F 19 30.55 -26.58 -4.97
CA THR F 19 30.45 -27.99 -4.62
C THR F 19 31.61 -28.41 -3.73
N ILE F 20 31.48 -29.60 -3.14
CA ILE F 20 32.51 -30.16 -2.27
C ILE F 20 33.53 -30.88 -3.13
N GLN F 21 34.75 -31.01 -2.63
CA GLN F 21 35.83 -31.62 -3.39
C GLN F 21 36.66 -32.54 -2.50
N PRO F 22 36.59 -33.85 -2.67
CA PRO F 22 37.48 -34.76 -1.93
C PRO F 22 38.92 -34.57 -2.38
N VAL F 23 39.85 -34.54 -1.43
CA VAL F 23 41.25 -34.29 -1.70
C VAL F 23 42.09 -35.40 -1.07
N GLY F 24 43.02 -35.95 -1.86
CA GLY F 24 44.10 -36.74 -1.32
C GLY F 24 45.36 -35.90 -1.29
N PRO F 25 46.47 -36.46 -0.82
CA PRO F 25 47.72 -35.71 -0.86
C PRO F 25 48.44 -35.86 -2.19
N VAL F 26 48.57 -34.78 -2.95
CA VAL F 26 49.33 -34.74 -4.19
C VAL F 26 50.21 -33.50 -4.16
N ASN F 27 51.48 -33.65 -4.55
CA ASN F 27 52.44 -32.57 -4.44
C ASN F 27 52.41 -31.71 -5.71
N HIS F 28 51.88 -30.50 -5.58
CA HIS F 28 52.02 -29.48 -6.60
C HIS F 28 52.93 -28.39 -6.06
N THR F 29 54.00 -28.12 -6.77
CA THR F 29 55.05 -27.26 -6.25
C THR F 29 54.56 -25.82 -6.11
N GLU F 30 55.28 -25.04 -5.30
CA GLU F 30 54.97 -23.63 -5.14
C GLU F 30 55.02 -22.90 -6.48
N GLU F 31 55.98 -23.27 -7.33
CA GLU F 31 56.06 -22.67 -8.66
C GLU F 31 54.83 -23.00 -9.50
N THR F 32 54.36 -24.25 -9.45
CA THR F 32 53.19 -24.63 -10.21
C THR F 32 51.96 -23.85 -9.76
N LEU F 33 51.79 -23.70 -8.45
CA LEU F 33 50.65 -22.94 -7.93
C LEU F 33 50.77 -21.46 -8.30
N ARG F 34 51.99 -20.90 -8.24
CA ARG F 34 52.14 -19.50 -8.62
C ARG F 34 51.83 -19.29 -10.10
N ASP F 35 52.24 -20.24 -10.95
CA ASP F 35 51.89 -20.15 -12.37
C ASP F 35 50.38 -20.22 -12.57
N LEU F 36 49.73 -21.16 -11.88
CA LEU F 36 48.29 -21.31 -12.04
C LEU F 36 47.53 -20.07 -11.57
N THR F 37 48.00 -19.44 -10.48
CA THR F 37 47.34 -18.23 -10.00
C THR F 37 47.62 -17.04 -10.91
N ASP F 38 48.86 -16.91 -11.40
CA ASP F 38 49.18 -15.80 -12.30
C ASP F 38 48.45 -15.93 -13.63
N SER F 39 48.09 -17.16 -14.02
CA SER F 39 47.31 -17.33 -15.25
C SER F 39 45.98 -16.59 -15.18
N THR F 40 45.30 -16.65 -14.04
CA THR F 40 44.05 -15.91 -13.87
C THR F 40 44.31 -14.46 -13.48
N GLY F 41 45.43 -14.19 -12.80
CA GLY F 41 45.79 -12.82 -12.48
C GLY F 41 46.01 -11.98 -13.73
N ALA F 42 46.51 -12.61 -14.80
CA ALA F 42 46.64 -11.90 -16.07
C ALA F 42 45.28 -11.44 -16.58
N TYR F 43 44.26 -12.29 -16.46
CA TYR F 43 42.92 -11.93 -16.91
C TYR F 43 42.33 -10.83 -16.03
N LEU F 44 42.59 -10.89 -14.72
CA LEU F 44 42.02 -9.93 -13.79
C LEU F 44 42.82 -8.64 -13.66
N GLU F 45 43.98 -8.55 -14.30
CA GLU F 45 44.83 -7.38 -14.14
C GLU F 45 44.13 -6.10 -14.57
N GLU F 46 43.39 -6.13 -15.67
CA GLU F 46 42.74 -4.93 -16.16
C GLU F 46 41.73 -4.40 -15.17
N PHE F 47 40.93 -5.28 -14.55
CA PHE F 47 40.04 -4.86 -13.48
C PHE F 47 40.83 -4.36 -12.27
N GLN F 48 41.95 -5.02 -11.96
CA GLN F 48 42.64 -4.76 -10.70
C GLN F 48 43.22 -3.35 -10.65
N ASN F 49 43.95 -2.95 -11.69
CA ASN F 49 44.68 -1.69 -11.64
C ASN F 49 44.53 -0.86 -12.91
N GLY F 50 43.68 -1.27 -13.84
CA GLY F 50 43.50 -0.53 -15.06
C GLY F 50 42.53 0.62 -14.91
N THR F 51 42.28 1.31 -16.01
CA THR F 51 41.29 2.37 -16.08
C THR F 51 40.16 1.92 -16.99
N VAL F 52 39.15 2.77 -17.12
CA VAL F 52 37.92 2.40 -17.83
C VAL F 52 38.22 2.04 -19.27
N GLU F 53 39.08 2.82 -19.93
CA GLU F 53 39.43 2.54 -21.32
C GLU F 53 40.09 1.17 -21.46
N GLU F 54 41.01 0.84 -20.55
CA GLU F 54 41.64 -0.47 -20.58
C GLU F 54 40.63 -1.58 -20.37
N ILE F 55 39.67 -1.36 -19.45
CA ILE F 55 38.67 -2.38 -19.17
C ILE F 55 37.82 -2.65 -20.41
N VAL F 56 37.33 -1.59 -21.06
CA VAL F 56 36.50 -1.82 -22.24
C VAL F 56 37.33 -2.40 -23.37
N GLU F 57 38.60 -2.03 -23.45
CA GLU F 57 39.49 -2.59 -24.48
C GLU F 57 39.66 -4.09 -24.31
N ALA F 58 40.00 -4.53 -23.09
CA ALA F 58 40.46 -5.90 -22.91
C ALA F 58 39.32 -6.91 -23.01
N TYR F 59 38.19 -6.64 -22.35
CA TYR F 59 37.17 -7.66 -22.20
C TYR F 59 36.19 -7.68 -23.36
N LEU F 60 35.95 -6.53 -23.97
CA LEU F 60 35.24 -6.44 -25.24
C LEU F 60 36.25 -6.04 -26.31
N GLN F 61 36.42 -6.91 -27.31
CA GLN F 61 37.45 -6.71 -28.33
C GLN F 61 37.01 -5.56 -29.23
N VAL F 62 37.45 -4.35 -28.89
CA VAL F 62 37.09 -3.17 -29.67
C VAL F 62 37.81 -3.19 -31.01
N GLN F 63 39.11 -3.46 -31.00
CA GLN F 63 39.88 -3.41 -32.23
C GLN F 63 39.60 -4.62 -33.12
N ALA F 64 39.31 -5.77 -32.51
CA ALA F 64 39.03 -6.98 -33.28
C ALA F 64 37.64 -6.98 -33.90
N SER F 65 36.79 -6.03 -33.55
CA SER F 65 35.47 -5.94 -34.15
C SER F 65 35.57 -5.49 -35.60
N ALA F 66 34.48 -5.65 -36.33
CA ALA F 66 34.46 -5.25 -37.74
C ALA F 66 34.83 -3.79 -37.89
N ASP F 67 35.67 -3.49 -38.87
CA ASP F 67 36.22 -2.15 -39.03
C ASP F 67 35.11 -1.16 -39.34
N GLY F 68 35.09 -0.07 -38.56
CA GLY F 68 33.96 0.84 -38.57
C GLY F 68 33.01 0.40 -37.48
N PHE F 69 32.99 1.11 -36.36
CA PHE F 69 32.29 0.60 -35.19
C PHE F 69 30.80 0.50 -35.45
N ASP F 70 30.25 -0.68 -35.22
CA ASP F 70 28.82 -0.87 -35.31
C ASP F 70 28.15 -0.31 -34.06
N PRO F 71 27.45 0.81 -34.15
CA PRO F 71 26.72 1.34 -32.98
C PRO F 71 25.43 0.60 -32.68
N SER F 72 25.17 -0.50 -33.37
CA SER F 72 23.99 -1.32 -33.14
C SER F 72 24.01 -1.90 -31.72
N GLU F 73 22.81 -2.05 -31.16
CA GLU F 73 22.70 -2.67 -29.85
C GLU F 73 22.97 -4.18 -29.94
N GLN F 74 22.75 -4.76 -31.11
CA GLN F 74 23.08 -6.17 -31.29
C GLN F 74 24.59 -6.41 -31.15
N ALA F 75 25.39 -5.47 -31.65
CA ALA F 75 26.85 -5.58 -31.50
C ALA F 75 27.25 -5.59 -30.03
N ALA F 76 26.66 -4.68 -29.24
CA ALA F 76 26.93 -4.66 -27.82
C ALA F 76 26.48 -5.96 -27.16
N TYR F 77 25.33 -6.49 -27.57
CA TYR F 77 24.84 -7.75 -27.01
C TYR F 77 25.83 -8.88 -27.26
N GLU F 78 26.32 -8.99 -28.49
CA GLU F 78 27.28 -10.07 -28.81
C GLU F 78 28.59 -9.87 -28.06
N ALA F 79 29.06 -8.62 -27.96
CA ALA F 79 30.31 -8.37 -27.24
C ALA F 79 30.19 -8.77 -25.78
N PHE F 80 29.09 -8.38 -25.13
CA PHE F 80 28.91 -8.72 -23.73
C PHE F 80 28.70 -10.22 -23.54
N GLU F 81 28.03 -10.88 -24.49
CA GLU F 81 27.89 -12.33 -24.42
C GLU F 81 29.24 -13.03 -24.51
N ALA F 82 30.11 -12.57 -25.40
CA ALA F 82 31.45 -13.15 -25.51
C ALA F 82 32.24 -12.94 -24.22
N ALA F 83 32.16 -11.74 -23.65
CA ALA F 83 32.83 -11.49 -22.37
C ALA F 83 32.30 -12.42 -21.29
N ARG F 84 30.98 -12.65 -21.27
CA ARG F 84 30.40 -13.55 -20.29
C ARG F 84 30.93 -14.97 -20.45
N VAL F 85 31.02 -15.46 -21.69
CA VAL F 85 31.52 -16.81 -21.91
C VAL F 85 32.97 -16.93 -21.44
N ARG F 86 33.78 -15.92 -21.75
CA ARG F 86 35.19 -15.95 -21.31
C ARG F 86 35.29 -15.98 -19.79
N ALA F 87 34.52 -15.12 -19.11
CA ALA F 87 34.54 -15.12 -17.65
C ALA F 87 34.03 -16.45 -17.09
N SER F 88 33.05 -17.06 -17.76
CA SER F 88 32.50 -18.34 -17.31
C SER F 88 33.56 -19.43 -17.36
N GLN F 89 34.37 -19.46 -18.42
CA GLN F 89 35.43 -20.45 -18.48
C GLN F 89 36.51 -20.17 -17.43
N GLU F 90 36.85 -18.89 -17.23
CA GLU F 90 37.85 -18.56 -16.22
C GLU F 90 37.39 -18.97 -14.82
N LEU F 91 36.08 -18.91 -14.57
CA LEU F 91 35.54 -19.31 -13.28
C LEU F 91 35.78 -20.79 -13.00
N ALA F 92 35.54 -21.65 -14.00
CA ALA F 92 35.81 -23.07 -13.82
C ALA F 92 37.30 -23.33 -13.64
N ALA F 93 38.13 -22.57 -14.37
CA ALA F 93 39.57 -22.70 -14.17
C ALA F 93 39.97 -22.39 -12.73
N SER F 94 39.44 -21.30 -12.17
CA SER F 94 39.77 -20.96 -10.78
C SER F 94 39.21 -21.98 -9.82
N ALA F 95 38.06 -22.57 -10.14
CA ALA F 95 37.50 -23.63 -9.30
C ALA F 95 38.45 -24.82 -9.21
N GLU F 96 39.05 -25.22 -10.34
CA GLU F 96 40.01 -26.32 -10.28
C GLU F 96 41.31 -25.91 -9.59
N THR F 97 41.71 -24.64 -9.75
CA THR F 97 42.88 -24.14 -9.04
C THR F 97 42.70 -24.26 -7.53
N ILE F 98 41.49 -24.00 -7.04
CA ILE F 98 41.19 -24.17 -5.62
C ILE F 98 41.51 -25.60 -5.17
N THR F 99 41.01 -26.58 -5.90
CA THR F 99 41.22 -27.98 -5.53
C THR F 99 42.70 -28.34 -5.53
N LYS F 100 43.43 -27.89 -6.54
CA LYS F 100 44.85 -28.22 -6.60
C LYS F 100 45.64 -27.59 -5.45
N THR F 101 45.34 -26.33 -5.13
CA THR F 101 46.04 -25.69 -4.01
C THR F 101 45.68 -26.35 -2.68
N ARG F 102 44.46 -26.89 -2.57
CA ARG F 102 44.12 -27.66 -1.36
C ARG F 102 44.93 -28.95 -1.28
N GLU F 103 45.04 -29.66 -2.41
CA GLU F 103 45.77 -30.92 -2.41
C GLU F 103 47.24 -30.71 -2.05
N SER F 104 47.81 -29.59 -2.49
CA SER F 104 49.21 -29.29 -2.18
C SER F 104 49.43 -29.14 -0.67
N VAL F 105 48.55 -28.40 0.00
CA VAL F 105 48.65 -28.24 1.45
C VAL F 105 48.46 -29.58 2.14
N ALA F 106 47.55 -30.40 1.61
CA ALA F 106 47.34 -31.72 2.20
C ALA F 106 48.63 -32.54 2.17
N TYR F 107 49.37 -32.50 1.06
CA TYR F 107 50.64 -33.21 1.01
C TYR F 107 51.67 -32.62 1.98
N ALA F 108 51.78 -31.29 1.98
CA ALA F 108 52.84 -30.65 2.77
C ALA F 108 52.67 -30.93 4.26
N LEU F 109 51.45 -30.78 4.78
CA LEU F 109 51.28 -30.99 6.21
C LEU F 109 51.46 -32.46 6.59
N LYS F 110 51.07 -33.38 5.70
CA LYS F 110 51.25 -34.79 6.00
C LYS F 110 52.73 -35.13 6.16
N VAL F 111 53.56 -34.68 5.22
CA VAL F 111 54.99 -34.98 5.34
C VAL F 111 55.58 -34.27 6.56
N ASP F 112 55.04 -33.09 6.89
CA ASP F 112 55.55 -32.38 8.06
C ASP F 112 55.25 -33.14 9.36
N GLN F 113 54.04 -33.65 9.51
CA GLN F 113 53.70 -34.44 10.69
C GLN F 113 54.53 -35.71 10.76
N GLU F 114 54.75 -36.36 9.62
CA GLU F 114 55.59 -37.55 9.63
C GLU F 114 57.00 -37.23 10.11
N ALA F 115 57.55 -36.10 9.65
CA ALA F 115 58.90 -35.72 10.08
C ALA F 115 58.94 -35.45 11.58
N THR F 116 57.94 -34.74 12.11
CA THR F 116 57.91 -34.49 13.55
C THR F 116 57.84 -35.79 14.35
N ALA F 117 57.00 -36.73 13.91
CA ALA F 117 56.89 -38.01 14.60
C ALA F 117 58.21 -38.76 14.60
N ALA F 118 58.88 -38.79 13.45
CA ALA F 118 60.15 -39.50 13.35
C ALA F 118 61.20 -38.87 14.25
N PHE F 119 61.28 -37.53 14.26
CA PHE F 119 62.27 -36.88 15.12
C PHE F 119 61.98 -37.17 16.58
N GLU F 120 60.70 -37.15 16.98
CA GLU F 120 60.37 -37.47 18.36
C GLU F 120 60.80 -38.88 18.72
N ALA F 121 60.51 -39.85 17.86
CA ALA F 121 60.86 -41.24 18.16
C ALA F 121 62.37 -41.41 18.29
N TYR F 122 63.13 -40.79 17.38
CA TYR F 122 64.57 -41.02 17.38
C TYR F 122 65.24 -40.29 18.55
N ARG F 123 64.75 -39.09 18.90
CA ARG F 123 65.27 -38.42 20.08
C ARG F 123 64.91 -39.19 21.35
N ASN F 124 63.72 -39.79 21.39
CA ASN F 124 63.35 -40.60 22.55
C ASN F 124 64.26 -41.81 22.69
N ALA F 125 64.58 -42.46 21.58
CA ALA F 125 65.51 -43.59 21.64
C ALA F 125 66.89 -43.15 22.12
N LEU F 126 67.37 -42.01 21.63
CA LEU F 126 68.67 -41.51 22.08
C LEU F 126 68.65 -41.19 23.58
N ARG F 127 67.57 -40.59 24.05
CA ARG F 127 67.44 -40.29 25.48
C ARG F 127 67.43 -41.57 26.31
N ASP F 128 66.68 -42.58 25.84
CA ASP F 128 66.59 -43.84 26.56
C ASP F 128 67.93 -44.57 26.56
N ALA F 129 68.77 -44.30 25.56
CA ALA F 129 70.07 -44.95 25.50
C ALA F 129 70.94 -44.62 26.71
N ALA F 130 70.99 -43.35 27.10
CA ALA F 130 71.87 -42.94 28.18
C ALA F 130 71.41 -43.50 29.52
N ILE F 131 70.22 -43.13 29.95
CA ILE F 131 69.67 -43.62 31.21
C ILE F 131 68.32 -44.26 30.94
N SER F 132 68.29 -45.58 30.82
CA SER F 132 67.06 -46.29 30.53
C SER F 132 66.15 -46.30 31.75
N ILE F 133 64.84 -46.26 31.50
CA ILE F 133 63.83 -46.27 32.55
C ILE F 133 62.87 -47.42 32.29
N ASN F 134 62.58 -48.20 33.34
CA ASN F 134 61.74 -49.36 33.23
C ASN F 134 60.30 -48.94 32.99
N PRO F 135 59.45 -49.85 32.50
CA PRO F 135 58.02 -49.50 32.36
C PRO F 135 57.38 -49.05 33.66
N ASP F 136 57.83 -49.60 34.80
CA ASP F 136 57.32 -49.17 36.09
C ASP F 136 57.79 -47.77 36.48
N GLY F 137 58.84 -47.26 35.84
CA GLY F 137 59.33 -45.93 36.14
C GLY F 137 60.62 -45.89 36.93
N SER F 138 61.47 -46.91 36.84
CA SER F 138 62.72 -46.95 37.59
C SER F 138 63.88 -47.16 36.63
N ILE F 139 65.05 -46.69 37.04
CA ILE F 139 66.26 -46.85 36.23
C ILE F 139 66.63 -48.32 36.17
N ASN F 140 67.08 -48.76 35.00
CA ASN F 140 67.49 -50.14 34.79
C ASN F 140 68.99 -50.17 34.54
N PRO F 141 69.82 -50.43 35.55
CA PRO F 141 71.28 -50.46 35.32
C PRO F 141 71.73 -51.53 34.36
N ASP F 142 70.92 -52.58 34.14
CA ASP F 142 71.29 -53.62 33.20
C ASP F 142 71.40 -53.05 31.79
N THR F 143 70.46 -52.21 31.39
CA THR F 143 70.43 -51.66 30.05
C THR F 143 70.62 -50.14 30.01
N SER F 144 71.45 -49.59 30.89
CA SER F 144 71.72 -48.16 30.92
C SER F 144 73.19 -47.91 30.59
N ILE F 145 73.45 -47.00 29.65
CA ILE F 145 74.82 -46.79 29.18
C ILE F 145 75.69 -46.15 30.26
N ASN F 146 75.20 -45.09 30.89
CA ASN F 146 76.05 -44.33 31.82
C ASN F 146 76.41 -45.15 33.04
N LEU F 147 75.47 -45.94 33.56
CA LEU F 147 75.76 -46.77 34.72
C LEU F 147 76.80 -47.84 34.38
N LEU F 148 76.67 -48.48 33.23
CA LEU F 148 77.68 -49.45 32.80
C LEU F 148 79.02 -48.77 32.58
N ILE F 149 79.00 -47.54 32.05
CA ILE F 149 80.23 -46.78 31.85
C ILE F 149 80.94 -46.56 33.18
N ASP F 150 80.19 -46.13 34.19
CA ASP F 150 80.81 -45.87 35.48
C ASP F 150 81.26 -47.16 36.16
N ALA F 151 80.51 -48.25 35.96
CA ALA F 151 80.93 -49.54 36.48
C ALA F 151 82.27 -49.97 35.88
N ALA F 152 82.42 -49.81 34.57
CA ALA F 152 83.70 -50.15 33.93
C ALA F 152 84.79 -49.17 34.34
N ASN F 153 84.43 -47.91 34.57
CA ASN F 153 85.42 -46.90 34.94
C ASN F 153 85.98 -47.17 36.34
N ALA F 154 85.14 -47.64 37.25
CA ALA F 154 85.58 -47.96 38.60
C ALA F 154 86.25 -49.32 38.70
N ALA F 155 86.10 -50.16 37.68
CA ALA F 155 86.60 -51.53 37.72
C ALA F 155 87.97 -51.67 37.06
N ASN F 156 88.66 -50.57 36.76
CA ASN F 156 89.99 -50.64 36.18
C ASN F 156 91.02 -50.11 37.17
N ARG F 157 92.25 -50.58 37.03
CA ARG F 157 93.35 -50.20 37.92
C ARG F 157 94.52 -49.58 37.17
N THR F 158 94.42 -49.44 35.85
CA THR F 158 95.53 -48.98 35.02
C THR F 158 95.77 -47.49 35.27
N ASP F 159 96.90 -46.99 34.78
CA ASP F 159 97.29 -45.61 35.00
C ASP F 159 96.92 -44.77 33.76
N ARG F 160 95.73 -45.00 33.21
CA ARG F 160 95.11 -44.08 32.26
C ARG F 160 95.86 -43.96 30.94
N ALA F 161 97.00 -44.64 30.80
CA ALA F 161 97.84 -44.40 29.64
C ALA F 161 97.20 -44.92 28.36
N GLU F 162 96.70 -46.15 28.39
CA GLU F 162 96.17 -46.80 27.20
C GLU F 162 94.69 -47.18 27.31
N ILE F 163 94.19 -47.47 28.50
CA ILE F 163 92.77 -47.65 28.73
C ILE F 163 92.32 -46.49 29.60
N GLU F 164 91.49 -45.62 29.04
CA GLU F 164 91.18 -44.34 29.66
C GLU F 164 89.77 -44.34 30.20
N ASP F 165 89.47 -43.34 31.03
CA ASP F 165 88.13 -43.17 31.54
C ASP F 165 87.18 -42.76 30.42
N TYR F 166 86.06 -43.45 30.31
CA TYR F 166 85.06 -43.10 29.32
C TYR F 166 84.23 -41.92 29.82
N ALA F 167 84.20 -40.85 29.04
CA ALA F 167 83.38 -39.70 29.38
C ALA F 167 81.90 -40.04 29.25
N HIS F 168 81.09 -39.35 30.05
CA HIS F 168 79.66 -39.63 30.06
C HIS F 168 79.00 -39.21 28.75
N LEU F 169 77.88 -39.85 28.44
CA LEU F 169 77.29 -39.72 27.11
C LEU F 169 76.87 -38.27 26.81
N TYR F 170 77.03 -37.90 25.55
CA TYR F 170 76.58 -36.62 25.01
C TYR F 170 77.24 -35.44 25.74
N THR F 171 78.56 -35.35 25.57
CA THR F 171 79.28 -34.19 26.07
C THR F 171 79.08 -32.98 25.17
N GLN F 172 78.79 -33.21 23.88
CA GLN F 172 78.61 -32.11 22.95
C GLN F 172 77.29 -31.39 23.20
N THR F 173 76.21 -32.14 23.39
CA THR F 173 74.87 -31.56 23.48
C THR F 173 74.20 -31.98 24.78
N ASP F 174 73.17 -31.22 25.15
CA ASP F 174 72.34 -31.53 26.30
C ASP F 174 71.06 -32.19 25.79
N ILE F 175 70.98 -33.51 25.90
CA ILE F 175 69.83 -34.23 25.37
C ILE F 175 68.58 -34.04 26.23
N ALA F 176 68.72 -33.44 27.40
CA ALA F 176 67.56 -33.14 28.22
C ALA F 176 66.71 -32.04 27.59
N LEU F 177 67.33 -31.20 26.77
CA LEU F 177 66.61 -30.10 26.14
C LEU F 177 65.58 -30.64 25.15
N GLU F 178 64.59 -29.80 24.84
CA GLU F 178 63.50 -30.21 23.96
C GLU F 178 64.04 -30.55 22.57
N THR F 179 64.79 -29.62 21.97
CA THR F 179 65.33 -29.81 20.63
C THR F 179 66.85 -29.80 20.64
N PRO F 180 67.50 -30.94 20.83
CA PRO F 180 68.97 -30.97 20.80
C PRO F 180 69.53 -31.33 19.44
N GLN F 181 70.84 -31.20 19.26
CA GLN F 181 71.50 -31.57 18.01
C GLN F 181 71.83 -33.06 18.07
N LEU F 182 70.96 -33.86 17.47
CA LEU F 182 71.02 -35.31 17.67
C LEU F 182 72.17 -35.94 16.89
N ALA F 183 72.64 -35.27 15.83
CA ALA F 183 73.79 -35.77 15.10
C ALA F 183 75.02 -35.80 15.99
N TYR F 184 75.19 -34.78 16.84
CA TYR F 184 76.30 -34.77 17.80
C TYR F 184 76.20 -35.96 18.75
N ALA F 185 74.99 -36.25 19.23
CA ALA F 185 74.80 -37.36 20.14
C ALA F 185 75.12 -38.70 19.49
N PHE F 186 74.66 -38.90 18.26
CA PHE F 186 74.99 -40.14 17.56
C PHE F 186 76.49 -40.24 17.29
N GLN F 187 77.13 -39.13 16.97
CA GLN F 187 78.59 -39.11 16.83
C GLN F 187 79.27 -39.58 18.11
N ASP F 188 78.83 -39.04 19.25
CA ASP F 188 79.42 -39.43 20.52
C ASP F 188 79.21 -40.92 20.82
N LEU F 189 78.01 -41.43 20.52
CA LEU F 189 77.73 -42.84 20.76
C LEU F 189 78.62 -43.73 19.89
N LYS F 190 78.78 -43.39 18.62
CA LYS F 190 79.65 -44.16 17.75
C LYS F 190 81.11 -44.07 18.20
N ALA F 191 81.53 -42.90 18.68
CA ALA F 191 82.88 -42.75 19.22
C ALA F 191 83.09 -43.66 20.41
N LEU F 192 82.08 -43.76 21.29
CA LEU F 192 82.18 -44.67 22.43
C LEU F 192 82.31 -46.12 21.99
N GLN F 193 81.48 -46.53 21.01
CA GLN F 193 81.57 -47.91 20.53
C GLN F 193 82.95 -48.21 19.97
N ALA F 194 83.49 -47.29 19.16
CA ALA F 194 84.82 -47.47 18.60
C ALA F 194 85.89 -47.52 19.68
N GLU F 195 85.80 -46.64 20.68
CA GLU F 195 86.80 -46.61 21.74
C GLU F 195 86.79 -47.91 22.55
N VAL F 196 85.61 -48.45 22.82
CA VAL F 196 85.52 -49.71 23.56
C VAL F 196 86.15 -50.84 22.74
N ASP F 197 85.80 -50.92 21.46
CA ASP F 197 86.38 -51.97 20.63
C ASP F 197 87.89 -51.80 20.49
N ALA F 198 88.38 -50.56 20.56
CA ALA F 198 89.81 -50.34 20.45
C ALA F 198 90.55 -50.74 21.73
N ASP F 199 89.97 -50.43 22.88
CA ASP F 199 90.60 -50.83 24.15
C ASP F 199 90.51 -52.34 24.37
N PHE F 200 89.61 -53.00 23.65
CA PHE F 200 89.52 -54.46 23.74
C PHE F 200 90.88 -55.13 23.53
N GLU F 201 91.63 -54.70 22.52
CA GLU F 201 92.89 -55.37 22.21
C GLU F 201 93.98 -55.04 23.23
N TRP F 202 93.90 -53.86 23.84
CA TRP F 202 94.83 -53.54 24.92
C TRP F 202 94.47 -54.30 26.19
N LEU F 203 93.22 -54.76 26.28
CA LEU F 203 92.85 -55.67 27.37
C LEU F 203 93.47 -57.05 27.16
N GLY F 204 93.73 -57.42 25.91
CA GLY F 204 94.30 -58.71 25.57
C GLY F 204 95.80 -58.77 25.48
N GLU F 205 96.50 -57.80 26.08
CA GLU F 205 97.95 -57.78 26.04
C GLU F 205 98.54 -58.67 27.14
N PHE F 206 99.78 -59.10 26.93
CA PHE F 206 100.47 -59.90 27.95
C PHE F 206 100.99 -59.02 29.08
N GLY F 207 101.53 -57.85 28.73
CA GLY F 207 102.24 -57.01 29.68
C GLY F 207 101.46 -55.85 30.25
N ILE F 208 100.12 -55.86 30.18
CA ILE F 208 99.34 -54.77 30.77
C ILE F 208 99.50 -54.76 32.28
N ASP F 209 99.47 -55.92 32.91
CA ASP F 209 99.69 -56.03 34.35
C ASP F 209 101.16 -55.76 34.63
N GLN F 210 101.46 -54.58 35.19
CA GLN F 210 102.84 -54.18 35.38
C GLN F 210 103.22 -54.03 36.84
N GLU F 211 102.49 -53.18 37.56
CA GLU F 211 102.91 -52.67 38.85
C GLU F 211 101.69 -52.29 39.68
N ASP F 212 101.90 -52.14 40.99
CA ASP F 212 100.87 -51.55 41.83
C ASP F 212 100.45 -50.20 41.27
N GLY F 213 99.20 -50.13 40.81
CA GLY F 213 98.70 -48.93 40.16
C GLY F 213 98.63 -49.01 38.66
N ASN F 214 99.36 -49.94 38.02
CA ASN F 214 99.23 -50.20 36.60
C ASN F 214 99.01 -51.70 36.42
N TYR F 215 97.77 -52.15 36.52
CA TYR F 215 97.46 -53.56 36.29
C TYR F 215 95.96 -53.70 36.06
N VAL F 216 95.58 -54.89 35.61
CA VAL F 216 94.20 -55.18 35.21
C VAL F 216 93.67 -56.26 36.13
N GLN F 217 92.54 -55.96 36.79
CA GLN F 217 91.88 -56.92 37.64
C GLN F 217 90.99 -57.85 36.82
N ARG F 218 90.52 -58.92 37.48
CA ARG F 218 89.81 -59.96 36.75
C ARG F 218 88.36 -59.59 36.49
N TYR F 219 87.89 -58.47 37.07
CA TYR F 219 86.49 -58.09 36.90
C TYR F 219 86.33 -56.96 35.89
N HIS F 220 87.43 -56.34 35.48
CA HIS F 220 87.38 -55.27 34.48
C HIS F 220 86.81 -55.78 33.16
N LEU F 221 87.28 -56.94 32.71
CA LEU F 221 86.90 -57.43 31.40
C LEU F 221 85.41 -57.75 31.28
N PRO F 222 84.77 -58.43 32.25
CA PRO F 222 83.31 -58.62 32.13
C PRO F 222 82.54 -57.31 32.10
N ALA F 223 82.96 -56.30 32.84
CA ALA F 223 82.29 -55.00 32.80
C ALA F 223 82.39 -54.38 31.40
N VAL F 224 83.59 -54.40 30.83
CA VAL F 224 83.77 -53.86 29.49
C VAL F 224 82.97 -54.67 28.48
N GLU F 225 82.90 -56.00 28.66
CA GLU F 225 82.16 -56.84 27.73
C GLU F 225 80.66 -56.57 27.77
N ALA F 226 80.11 -56.41 28.97
CA ALA F 226 78.70 -56.07 29.08
C ALA F 226 78.40 -54.71 28.48
N LEU F 227 79.28 -53.73 28.73
CA LEU F 227 79.09 -52.42 28.13
C LEU F 227 79.12 -52.51 26.60
N LYS F 228 80.04 -53.31 26.06
CA LYS F 228 80.14 -53.45 24.61
C LYS F 228 78.89 -54.10 24.01
N ALA F 229 78.40 -55.17 24.64
CA ALA F 229 77.21 -55.83 24.11
C ALA F 229 76.00 -54.90 24.16
N GLU F 230 75.87 -54.14 25.25
CA GLU F 230 74.76 -53.21 25.35
C GLU F 230 74.85 -52.11 24.29
N VAL F 231 76.05 -51.56 24.07
CA VAL F 231 76.21 -50.53 23.04
C VAL F 231 75.89 -51.10 21.66
N ASP F 232 76.29 -52.35 21.43
CA ASP F 232 76.04 -52.99 20.12
C ASP F 232 74.53 -53.10 19.89
N ALA F 233 73.78 -53.59 20.88
CA ALA F 233 72.33 -53.72 20.73
C ALA F 233 71.68 -52.35 20.59
N ARG F 234 72.15 -51.36 21.35
CA ARG F 234 71.56 -50.03 21.30
C ARG F 234 71.75 -49.40 19.92
N VAL F 235 72.94 -49.54 19.34
CA VAL F 235 73.19 -48.99 18.01
C VAL F 235 72.34 -49.71 16.97
N ALA F 236 72.23 -51.04 17.08
CA ALA F 236 71.39 -51.78 16.15
C ALA F 236 69.94 -51.30 16.22
N ALA F 237 69.50 -50.89 17.41
CA ALA F 237 68.15 -50.35 17.54
C ALA F 237 68.04 -48.94 16.97
N ILE F 238 69.06 -48.11 17.19
CA ILE F 238 68.97 -46.69 16.84
C ILE F 238 69.17 -46.49 15.34
N GLU F 239 69.75 -47.48 14.65
CA GLU F 239 69.98 -47.34 13.22
C GLU F 239 68.71 -47.07 12.40
N PRO F 240 67.70 -47.94 12.36
CA PRO F 240 66.54 -47.66 11.49
C PRO F 240 65.81 -46.39 11.87
N LEU F 241 65.76 -46.05 13.16
CA LEU F 241 65.11 -44.82 13.58
C LEU F 241 65.82 -43.60 13.01
N ARG F 242 67.15 -43.57 13.09
CA ARG F 242 67.90 -42.45 12.54
C ARG F 242 67.75 -42.38 11.02
N ALA F 243 67.75 -43.54 10.35
CA ALA F 243 67.56 -43.54 8.91
C ALA F 243 66.21 -42.95 8.52
N ASP F 244 65.14 -43.40 9.16
CA ASP F 244 63.81 -42.89 8.84
C ASP F 244 63.68 -41.42 9.19
N SER F 245 64.28 -40.99 10.31
CA SER F 245 64.22 -39.59 10.70
C SER F 245 64.90 -38.72 9.65
N ILE F 246 66.08 -39.11 9.19
CA ILE F 246 66.76 -38.33 8.16
C ILE F 246 65.92 -38.29 6.88
N ALA F 247 65.39 -39.45 6.47
CA ALA F 247 64.65 -39.53 5.22
C ALA F 247 63.42 -38.64 5.24
N LYS F 248 62.70 -38.59 6.36
CA LYS F 248 61.46 -37.82 6.41
C LYS F 248 61.73 -36.35 6.70
N ASN F 249 62.75 -36.05 7.50
CA ASN F 249 63.07 -34.66 7.81
C ASN F 249 63.67 -33.95 6.59
N LEU F 250 64.35 -34.68 5.71
CA LEU F 250 64.80 -34.08 4.47
C LEU F 250 63.63 -33.74 3.55
N GLU F 251 62.67 -34.66 3.44
CA GLU F 251 61.51 -34.43 2.59
C GLU F 251 60.62 -33.32 3.12
N ALA F 252 60.58 -33.13 4.44
CA ALA F 252 59.78 -32.07 5.04
C ALA F 252 60.44 -30.70 4.93
N GLN F 253 61.58 -30.60 4.25
CA GLN F 253 62.19 -29.31 3.96
C GLN F 253 62.00 -28.88 2.53
N LYS F 254 61.65 -29.80 1.63
CA LYS F 254 61.33 -29.43 0.26
C LYS F 254 60.10 -28.52 0.21
N SER F 255 59.08 -28.84 0.99
CA SER F 255 57.80 -28.15 0.94
C SER F 255 57.71 -27.11 2.04
N ASP F 256 56.99 -26.02 1.77
CA ASP F 256 56.69 -24.99 2.76
C ASP F 256 55.19 -24.73 2.70
N VAL F 257 54.49 -25.08 3.79
CA VAL F 257 53.04 -25.16 3.76
C VAL F 257 52.40 -23.77 3.76
N LEU F 258 53.11 -22.78 4.30
CA LEU F 258 52.53 -21.44 4.42
C LEU F 258 52.41 -20.77 3.05
N VAL F 259 53.37 -21.00 2.16
CA VAL F 259 53.25 -20.50 0.79
C VAL F 259 52.02 -21.09 0.11
N ARG F 260 51.81 -22.39 0.28
CA ARG F 260 50.68 -23.05 -0.36
C ARG F 260 49.36 -22.55 0.21
N GLN F 261 49.32 -22.25 1.51
CA GLN F 261 48.14 -21.62 2.09
C GLN F 261 47.90 -20.24 1.50
N LEU F 262 48.97 -19.46 1.32
CA LEU F 262 48.83 -18.14 0.71
C LEU F 262 48.27 -18.24 -0.70
N PHE F 263 48.74 -19.22 -1.47
CA PHE F 263 48.24 -19.39 -2.83
C PHE F 263 46.79 -19.85 -2.83
N LEU F 264 46.39 -20.69 -1.87
CA LEU F 264 44.98 -21.06 -1.75
C LEU F 264 44.12 -19.83 -1.47
N GLU F 265 44.57 -18.95 -0.57
CA GLU F 265 43.78 -17.77 -0.26
C GLU F 265 43.68 -16.83 -1.46
N ARG F 266 44.78 -16.68 -2.21
CA ARG F 266 44.72 -15.87 -3.42
C ARG F 266 43.77 -16.47 -4.44
N ALA F 267 43.77 -17.79 -4.57
CA ALA F 267 42.86 -18.43 -5.52
C ALA F 267 41.40 -18.23 -5.11
N THR F 268 41.11 -18.25 -3.80
CA THR F 268 39.75 -17.95 -3.35
C THR F 268 39.34 -16.53 -3.70
N ALA F 269 40.23 -15.57 -3.45
CA ALA F 269 39.92 -14.18 -3.80
C ALA F 269 39.69 -14.04 -5.31
N GLN F 270 40.51 -14.72 -6.11
CA GLN F 270 40.30 -14.71 -7.55
C GLN F 270 38.94 -15.30 -7.91
N ARG F 271 38.53 -16.38 -7.26
CA ARG F 271 37.26 -17.01 -7.59
C ARG F 271 36.09 -16.08 -7.31
N ASP F 272 36.08 -15.40 -6.15
CA ASP F 272 34.91 -14.61 -5.84
C ASP F 272 34.88 -13.32 -6.67
N THR F 273 36.04 -12.73 -6.92
CA THR F 273 36.08 -11.61 -7.86
C THR F 273 35.63 -12.03 -9.26
N LEU F 274 35.98 -13.26 -9.66
CA LEU F 274 35.56 -13.77 -10.96
C LEU F 274 34.04 -13.91 -11.05
N ARG F 275 33.39 -14.42 -10.00
CA ARG F 275 31.94 -14.54 -10.09
C ARG F 275 31.27 -13.17 -10.05
N VAL F 276 31.86 -12.21 -9.34
CA VAL F 276 31.34 -10.84 -9.39
C VAL F 276 31.39 -10.30 -10.82
N VAL F 277 32.54 -10.48 -11.48
CA VAL F 277 32.69 -9.98 -12.84
C VAL F 277 31.74 -10.71 -13.81
N GLU F 278 31.58 -12.02 -13.64
CA GLU F 278 30.68 -12.76 -14.51
C GLU F 278 29.24 -12.31 -14.33
N ALA F 279 28.84 -12.02 -13.08
CA ALA F 279 27.52 -11.46 -12.84
C ALA F 279 27.36 -10.12 -13.53
N ILE F 280 28.39 -9.27 -13.46
CA ILE F 280 28.34 -7.97 -14.15
C ILE F 280 28.08 -8.17 -15.64
N PHE F 281 28.84 -9.06 -16.27
CA PHE F 281 28.71 -9.24 -17.71
C PHE F 281 27.36 -9.84 -18.09
N SER F 282 26.89 -10.83 -17.32
CA SER F 282 25.59 -11.42 -17.63
C SER F 282 24.46 -10.40 -17.46
N THR F 283 24.54 -9.59 -16.41
CA THR F 283 23.54 -8.55 -16.19
C THR F 283 23.52 -7.56 -17.34
N SER F 284 24.69 -7.10 -17.78
CA SER F 284 24.74 -6.16 -18.89
C SER F 284 24.20 -6.79 -20.18
N ALA F 285 24.54 -8.05 -20.42
CA ALA F 285 24.06 -8.73 -21.62
C ALA F 285 22.54 -8.85 -21.62
N ARG F 286 21.95 -9.22 -20.48
CA ARG F 286 20.50 -9.31 -20.44
C ARG F 286 19.84 -7.94 -20.55
N TYR F 287 20.45 -6.91 -19.95
CA TYR F 287 19.91 -5.56 -20.07
C TYR F 287 19.88 -5.11 -21.53
N VAL F 288 20.95 -5.38 -22.27
CA VAL F 288 20.98 -4.98 -23.67
C VAL F 288 20.01 -5.83 -24.50
N GLU F 289 19.95 -7.14 -24.23
CA GLU F 289 19.14 -8.02 -25.06
C GLU F 289 17.65 -7.75 -24.94
N LEU F 290 17.20 -7.14 -23.85
CA LEU F 290 15.79 -6.85 -23.66
C LEU F 290 15.35 -5.55 -24.32
N TYR F 291 16.13 -5.05 -25.28
CA TYR F 291 15.77 -3.85 -26.04
C TYR F 291 14.58 -4.15 -26.96
N GLU F 292 13.40 -3.66 -26.58
CA GLU F 292 12.18 -3.85 -27.37
C GLU F 292 11.92 -5.33 -27.63
N ASN F 293 12.19 -6.16 -26.65
CA ASN F 293 11.98 -7.59 -26.77
C ASN F 293 10.59 -7.96 -26.29
N VAL F 294 10.08 -9.09 -26.80
CA VAL F 294 8.78 -9.59 -26.38
C VAL F 294 8.77 -10.05 -24.93
N GLU F 295 9.94 -10.21 -24.31
CA GLU F 295 10.05 -10.66 -22.94
C GLU F 295 10.16 -9.52 -21.94
N ASN F 296 10.28 -8.28 -22.40
CA ASN F 296 10.36 -7.13 -21.49
C ASN F 296 8.95 -6.79 -21.03
N VAL F 297 8.52 -7.42 -19.94
CA VAL F 297 7.16 -7.29 -19.45
C VAL F 297 7.16 -6.37 -18.23
N ASN F 298 5.96 -6.03 -17.77
CA ASN F 298 5.79 -5.15 -16.62
C ASN F 298 5.68 -5.98 -15.34
N VAL F 299 6.50 -5.65 -14.36
CA VAL F 299 6.48 -6.31 -13.06
C VAL F 299 6.80 -5.28 -11.99
N GLU F 300 5.95 -5.23 -10.96
CA GLU F 300 6.17 -4.37 -9.78
C GLU F 300 6.34 -2.91 -10.18
N ASN F 301 5.32 -2.37 -10.85
CA ASN F 301 5.27 -0.95 -11.23
C ASN F 301 6.48 -0.55 -12.08
N LYS F 302 7.05 -1.48 -12.83
CA LYS F 302 8.20 -1.20 -13.66
C LYS F 302 8.37 -2.32 -14.68
N THR F 303 9.32 -2.14 -15.58
CA THR F 303 9.68 -3.17 -16.53
C THR F 303 10.92 -3.93 -16.05
N LEU F 304 11.30 -4.94 -16.82
CA LEU F 304 12.36 -5.84 -16.40
C LEU F 304 13.71 -5.15 -16.36
N ARG F 305 13.94 -4.19 -17.26
CA ARG F 305 15.27 -3.62 -17.41
C ARG F 305 15.59 -2.62 -16.31
N GLN F 306 14.58 -2.00 -15.71
CA GLN F 306 14.85 -1.00 -14.67
C GLN F 306 15.45 -1.64 -13.43
N HIS F 307 15.05 -2.87 -13.10
CA HIS F 307 15.68 -3.59 -12.00
C HIS F 307 17.17 -3.83 -12.28
N TYR F 308 17.47 -4.28 -13.50
CA TYR F 308 18.86 -4.52 -13.87
C TYR F 308 19.67 -3.23 -13.79
N SER F 309 19.08 -2.12 -14.22
CA SER F 309 19.76 -0.84 -14.12
C SER F 309 20.01 -0.44 -12.67
N ALA F 310 19.02 -0.66 -11.80
CA ALA F 310 19.18 -0.34 -10.39
C ALA F 310 20.21 -1.23 -9.71
N LEU F 311 20.49 -2.41 -10.28
CA LEU F 311 21.51 -3.30 -9.73
C LEU F 311 22.92 -2.72 -9.78
N ILE F 312 23.10 -1.51 -10.32
CA ILE F 312 24.45 -1.01 -10.62
C ILE F 312 25.24 -0.65 -9.36
N PRO F 313 24.75 0.19 -8.45
CA PRO F 313 25.58 0.55 -7.28
C PRO F 313 25.94 -0.64 -6.40
N ASN F 314 25.05 -1.63 -6.30
CA ASN F 314 25.39 -2.85 -5.57
C ASN F 314 26.60 -3.54 -6.16
N LEU F 315 26.58 -3.75 -7.48
CA LEU F 315 27.72 -4.39 -8.14
C LEU F 315 28.98 -3.53 -8.02
N PHE F 316 28.82 -2.21 -8.05
CA PHE F 316 29.97 -1.33 -7.89
C PHE F 316 30.64 -1.53 -6.53
N ILE F 317 29.85 -1.51 -5.46
CA ILE F 317 30.41 -1.68 -4.12
C ILE F 317 31.03 -3.07 -3.97
N ALA F 318 30.33 -4.10 -4.47
CA ALA F 318 30.85 -5.45 -4.37
C ALA F 318 32.18 -5.59 -5.09
N ALA F 319 32.26 -5.04 -6.30
CA ALA F 319 33.51 -5.12 -7.08
C ALA F 319 34.63 -4.38 -6.38
N VAL F 320 34.34 -3.20 -5.81
CA VAL F 320 35.40 -2.45 -5.13
C VAL F 320 35.95 -3.24 -3.96
N ALA F 321 35.06 -3.82 -3.15
CA ALA F 321 35.52 -4.60 -2.00
C ALA F 321 36.34 -5.82 -2.44
N ASN F 322 35.84 -6.55 -3.44
CA ASN F 322 36.55 -7.74 -3.91
C ASN F 322 37.90 -7.37 -4.49
N ILE F 323 37.98 -6.26 -5.22
CA ILE F 323 39.24 -5.83 -5.80
C ILE F 323 40.24 -5.47 -4.71
N SER F 324 39.80 -4.76 -3.67
CA SER F 324 40.71 -4.42 -2.59
C SER F 324 41.26 -5.67 -1.90
N GLU F 325 40.39 -6.63 -1.64
CA GLU F 325 40.86 -7.86 -0.98
C GLU F 325 41.79 -8.65 -1.89
N LEU F 326 41.52 -8.67 -3.20
CA LEU F 326 42.39 -9.38 -4.12
C LEU F 326 43.76 -8.72 -4.21
N ASN F 327 43.80 -7.38 -4.18
CA ASN F 327 45.08 -6.67 -4.18
C ASN F 327 45.88 -7.00 -2.92
N ALA F 328 45.21 -7.02 -1.76
CA ALA F 328 45.91 -7.37 -0.53
C ALA F 328 46.46 -8.80 -0.60
N ALA F 329 45.66 -9.74 -1.10
CA ALA F 329 46.12 -11.13 -1.20
C ALA F 329 47.29 -11.26 -2.17
N ASP F 330 47.22 -10.55 -3.29
CA ASP F 330 48.32 -10.58 -4.26
C ASP F 330 49.62 -10.08 -3.65
N ALA F 331 49.55 -8.94 -2.95
CA ALA F 331 50.74 -8.41 -2.31
C ALA F 331 51.28 -9.38 -1.27
N GLU F 332 50.40 -9.99 -0.48
CA GLU F 332 50.82 -10.91 0.55
C GLU F 332 51.56 -12.11 -0.04
N ALA F 333 50.99 -12.71 -1.08
CA ALA F 333 51.62 -13.89 -1.67
C ALA F 333 52.88 -13.55 -2.43
N ALA F 334 52.97 -12.34 -3.00
CA ALA F 334 54.16 -11.97 -3.74
C ALA F 334 55.33 -11.65 -2.82
N ALA F 335 55.08 -10.95 -1.70
CA ALA F 335 56.17 -10.51 -0.85
C ALA F 335 56.74 -11.62 0.02
N TYR F 336 56.04 -12.75 0.15
CA TYR F 336 56.48 -13.83 1.03
C TYR F 336 56.52 -15.16 0.29
N TYR F 337 57.04 -15.15 -0.94
CA TYR F 337 57.24 -16.40 -1.66
C TYR F 337 58.41 -17.19 -1.08
N LEU F 338 59.48 -16.49 -0.68
CA LEU F 338 60.63 -17.13 -0.04
C LEU F 338 61.11 -16.18 1.06
N HIS F 339 60.59 -16.38 2.27
CA HIS F 339 60.91 -15.52 3.39
C HIS F 339 61.00 -16.37 4.65
N TRP F 340 61.67 -15.81 5.66
CA TRP F 340 61.79 -16.51 6.94
C TRP F 340 60.44 -16.72 7.60
N ASP F 341 59.57 -15.72 7.53
CA ASP F 341 58.28 -15.75 8.23
C ASP F 341 57.34 -16.77 7.60
N THR F 342 57.84 -17.54 6.65
CA THR F 342 57.08 -18.60 6.01
C THR F 342 57.64 -19.99 6.27
N ASP F 343 58.96 -20.14 6.33
CA ASP F 343 59.62 -21.36 6.81
C ASP F 343 60.24 -21.02 8.16
N LEU F 344 59.57 -21.41 9.23
CA LEU F 344 59.94 -20.96 10.57
C LEU F 344 60.93 -21.93 11.22
N ALA F 345 61.11 -21.78 12.53
CA ALA F 345 62.20 -22.45 13.24
C ALA F 345 62.08 -23.96 13.17
N THR F 346 61.04 -24.52 13.78
CA THR F 346 60.91 -25.96 13.79
C THR F 346 60.45 -26.44 12.41
N ASN F 347 60.70 -27.71 12.12
CA ASN F 347 60.16 -28.28 10.89
C ASN F 347 58.64 -28.40 10.98
N ASP F 348 58.12 -28.58 12.20
CA ASP F 348 56.69 -28.79 12.39
C ASP F 348 55.87 -27.59 11.92
N GLU F 349 56.14 -26.42 12.51
CA GLU F 349 55.42 -25.16 12.22
C GLU F 349 53.94 -25.40 11.98
N ASP F 350 53.29 -26.02 12.97
CA ASP F 350 51.87 -26.36 12.86
C ASP F 350 50.97 -25.32 13.53
N GLU F 351 51.45 -24.68 14.60
CA GLU F 351 50.63 -23.70 15.29
C GLU F 351 50.33 -22.50 14.38
N ALA F 352 51.33 -22.05 13.62
CA ALA F 352 51.10 -20.95 12.70
C ALA F 352 50.14 -21.34 11.59
N TYR F 353 50.26 -22.56 11.09
CA TYR F 353 49.34 -23.03 10.06
C TYR F 353 47.90 -23.06 10.58
N TYR F 354 47.71 -23.54 11.81
CA TYR F 354 46.36 -23.63 12.33
C TYR F 354 45.78 -22.25 12.65
N LYS F 355 46.63 -21.33 13.13
CA LYS F 355 46.17 -19.96 13.33
C LYS F 355 45.76 -19.31 12.01
N ALA F 356 46.56 -19.51 10.96
CA ALA F 356 46.21 -18.97 9.66
C ALA F 356 44.94 -19.61 9.11
N LYS F 357 44.78 -20.91 9.31
CA LYS F 357 43.55 -21.58 8.86
C LYS F 357 42.33 -21.04 9.58
N LEU F 358 42.46 -20.76 10.87
CA LEU F 358 41.36 -20.13 11.61
C LEU F 358 41.01 -18.76 11.04
N ASP F 359 42.04 -17.93 10.80
CA ASP F 359 41.78 -16.60 10.26
C ASP F 359 41.11 -16.70 8.89
N PHE F 360 41.59 -17.63 8.05
CA PHE F 360 41.03 -17.82 6.72
C PHE F 360 39.57 -18.26 6.79
N ALA F 361 39.24 -19.18 7.70
CA ALA F 361 37.87 -19.63 7.85
C ALA F 361 36.97 -18.50 8.32
N ILE F 362 37.44 -17.69 9.27
CA ILE F 362 36.67 -16.55 9.74
C ILE F 362 36.37 -15.60 8.58
N GLU F 363 37.40 -15.29 7.78
CA GLU F 363 37.20 -14.40 6.65
C GLU F 363 36.22 -14.99 5.64
N THR F 364 36.33 -16.28 5.35
CA THR F 364 35.44 -16.91 4.38
C THR F 364 33.99 -16.87 4.85
N TYR F 365 33.75 -17.17 6.14
CA TYR F 365 32.40 -17.15 6.65
C TYR F 365 31.82 -15.74 6.65
N ALA F 366 32.63 -14.74 6.98
CA ALA F 366 32.16 -13.36 6.89
C ALA F 366 31.84 -12.98 5.45
N LYS F 367 32.68 -13.43 4.51
CA LYS F 367 32.48 -13.09 3.11
C LYS F 367 31.22 -13.71 2.54
N ILE F 368 30.85 -14.90 3.02
CA ILE F 368 29.60 -15.51 2.56
C ILE F 368 28.43 -14.56 2.82
N LEU F 369 28.34 -14.05 4.05
CA LEU F 369 27.28 -13.12 4.40
C LEU F 369 27.39 -11.82 3.61
N PHE F 370 28.60 -11.28 3.50
CA PHE F 370 28.79 -10.01 2.79
C PHE F 370 28.32 -10.12 1.34
N ASN F 371 28.80 -11.14 0.62
CA ASN F 371 28.43 -11.31 -0.77
C ASN F 371 26.95 -11.63 -0.94
N GLY F 372 26.40 -12.46 -0.06
CA GLY F 372 24.99 -12.77 -0.14
C GLY F 372 24.11 -11.55 0.04
N GLU F 373 24.52 -10.64 0.93
CA GLU F 373 23.69 -9.48 1.19
C GLU F 373 23.88 -8.37 0.18
N VAL F 374 25.06 -8.25 -0.43
CA VAL F 374 25.34 -7.09 -1.26
C VAL F 374 24.80 -7.26 -2.68
N TRP F 375 25.15 -8.34 -3.37
CA TRP F 375 24.82 -8.44 -4.79
C TRP F 375 24.12 -9.73 -5.21
N GLN F 376 24.32 -10.85 -4.50
CA GLN F 376 23.77 -12.12 -5.00
C GLN F 376 22.25 -12.10 -5.03
N GLU F 377 21.61 -11.62 -3.98
CA GLU F 377 20.17 -11.77 -3.85
C GLU F 377 19.41 -10.71 -4.62
N PRO F 378 19.88 -9.45 -4.66
CA PRO F 378 19.28 -8.51 -5.61
C PRO F 378 19.28 -9.02 -7.05
N LEU F 379 20.35 -9.69 -7.48
CA LEU F 379 20.37 -10.26 -8.82
C LEU F 379 19.46 -11.48 -8.94
N ALA F 380 19.46 -12.33 -7.91
CA ALA F 380 18.64 -13.53 -7.94
C ALA F 380 17.17 -13.20 -8.02
N TYR F 381 16.76 -12.09 -7.38
CA TYR F 381 15.36 -11.68 -7.43
C TYR F 381 14.93 -11.35 -8.85
N VAL F 382 15.76 -10.57 -9.56
CA VAL F 382 15.43 -10.21 -10.93
C VAL F 382 15.44 -11.43 -11.84
N GLN F 383 16.41 -12.32 -11.65
CA GLN F 383 16.44 -13.53 -12.46
C GLN F 383 15.23 -14.42 -12.19
N ASN F 384 14.77 -14.46 -10.95
CA ASN F 384 13.56 -15.21 -10.63
C ASN F 384 12.34 -14.57 -11.28
N LEU F 385 12.28 -13.24 -11.31
CA LEU F 385 11.21 -12.57 -12.05
C LEU F 385 11.21 -12.99 -13.51
N ASP F 386 12.40 -12.98 -14.13
CA ASP F 386 12.53 -13.44 -15.51
C ASP F 386 12.00 -14.85 -15.70
N ALA F 387 12.49 -15.78 -14.87
CA ALA F 387 12.12 -17.17 -15.03
C ALA F 387 10.64 -17.40 -14.78
N GLY F 388 10.08 -16.69 -13.80
CA GLY F 388 8.65 -16.81 -13.53
C GLY F 388 7.82 -16.31 -14.69
N ALA F 389 8.23 -15.20 -15.30
CA ALA F 389 7.50 -14.68 -16.47
C ALA F 389 7.51 -15.70 -17.60
N ARG F 390 8.68 -16.25 -17.93
CA ARG F 390 8.73 -17.23 -19.00
C ARG F 390 7.91 -18.47 -18.67
N GLN F 391 8.00 -18.95 -17.43
CA GLN F 391 7.28 -20.16 -17.05
C GLN F 391 5.77 -19.95 -17.10
N GLU F 392 5.30 -18.78 -16.63
CA GLU F 392 3.86 -18.54 -16.66
C GLU F 392 3.35 -18.41 -18.09
N ALA F 393 4.12 -17.76 -18.97
CA ALA F 393 3.73 -17.73 -20.37
C ALA F 393 3.66 -19.13 -20.96
N ALA F 394 4.67 -19.95 -20.65
CA ALA F 394 4.74 -21.29 -21.23
C ALA F 394 3.57 -22.15 -20.78
N ASP F 395 3.29 -22.21 -19.47
CA ASP F 395 2.25 -23.11 -19.03
C ASP F 395 0.86 -22.52 -19.31
N ARG F 396 0.76 -21.20 -19.48
CA ARG F 396 -0.50 -20.63 -19.97
C ARG F 396 -0.80 -21.13 -21.37
N GLU F 397 0.20 -21.08 -22.26
CA GLU F 397 0.01 -21.61 -23.61
C GLU F 397 -0.31 -23.11 -23.57
N ALA F 398 0.41 -23.86 -22.74
CA ALA F 398 0.18 -25.29 -22.65
C ALA F 398 -1.22 -25.60 -22.14
N ALA F 399 -1.69 -24.86 -21.13
CA ALA F 399 -3.02 -25.08 -20.60
C ALA F 399 -4.08 -24.74 -21.63
N ARG F 400 -3.89 -23.65 -22.38
CA ARG F 400 -4.83 -23.31 -23.45
C ARG F 400 -4.92 -24.42 -24.48
N ALA F 401 -3.77 -24.94 -24.92
CA ALA F 401 -3.77 -26.02 -25.89
C ALA F 401 -4.44 -27.27 -25.33
N ALA F 402 -4.14 -27.61 -24.09
CA ALA F 402 -4.73 -28.80 -23.47
C ALA F 402 -6.23 -28.67 -23.35
N ASP F 403 -6.73 -27.50 -22.96
CA ASP F 403 -8.16 -27.29 -22.86
C ASP F 403 -8.83 -27.41 -24.22
N GLU F 404 -8.22 -26.81 -25.26
CA GLU F 404 -8.79 -26.91 -26.59
C GLU F 404 -8.85 -28.35 -27.06
N ALA F 405 -7.76 -29.11 -26.85
CA ALA F 405 -7.73 -30.50 -27.27
C ALA F 405 -8.75 -31.33 -26.51
N TYR F 406 -8.90 -31.08 -25.20
CA TYR F 406 -9.85 -31.84 -24.39
C TYR F 406 -11.28 -31.56 -24.84
N ARG F 407 -11.60 -30.29 -25.10
CA ARG F 407 -12.93 -29.95 -25.59
C ARG F 407 -13.21 -30.61 -26.94
N ALA F 408 -12.23 -30.57 -27.85
CA ALA F 408 -12.42 -31.18 -29.16
C ALA F 408 -12.61 -32.69 -29.03
N GLU F 409 -11.84 -33.34 -28.16
CA GLU F 409 -11.99 -34.77 -27.94
C GLU F 409 -13.38 -35.11 -27.41
N GLN F 410 -13.84 -34.37 -26.41
CA GLN F 410 -15.17 -34.62 -25.86
C GLN F 410 -16.25 -34.45 -26.93
N LEU F 411 -16.17 -33.35 -27.68
CA LEU F 411 -17.20 -33.09 -28.68
C LEU F 411 -17.20 -34.16 -29.76
N ARG F 412 -16.02 -34.57 -30.22
CA ARG F 412 -15.96 -35.57 -31.28
C ARG F 412 -16.45 -36.93 -30.78
N ILE F 413 -16.13 -37.29 -29.53
CA ILE F 413 -16.62 -38.55 -28.99
C ILE F 413 -18.13 -38.53 -28.86
N ALA F 414 -18.68 -37.42 -28.34
CA ALA F 414 -20.14 -37.33 -28.19
C ALA F 414 -20.84 -37.40 -29.53
N GLN F 415 -20.35 -36.65 -30.53
CA GLN F 415 -20.97 -36.67 -31.85
C GLN F 415 -20.85 -38.03 -32.50
N GLU F 416 -19.70 -38.69 -32.34
CA GLU F 416 -19.50 -39.99 -33.00
C GLU F 416 -20.41 -41.03 -32.36
N ALA F 417 -20.56 -40.98 -31.04
CA ALA F 417 -21.55 -41.83 -30.38
C ALA F 417 -22.96 -41.49 -30.84
N ALA F 418 -23.21 -40.21 -31.13
CA ALA F 418 -24.52 -39.81 -31.66
C ALA F 418 -24.80 -40.49 -32.99
N ASP F 419 -23.81 -40.49 -33.89
CA ASP F 419 -23.97 -41.24 -35.14
C ASP F 419 -24.09 -42.75 -34.92
N ALA F 420 -23.47 -43.28 -33.87
CA ALA F 420 -23.70 -44.68 -33.53
C ALA F 420 -25.17 -44.93 -33.16
N GLN F 421 -25.73 -44.04 -32.34
CA GLN F 421 -27.15 -44.13 -32.04
C GLN F 421 -27.99 -43.94 -33.31
N LYS F 422 -27.48 -43.13 -34.24
CA LYS F 422 -28.16 -42.93 -35.51
C LYS F 422 -28.23 -44.23 -36.30
N ALA F 423 -27.12 -44.98 -36.32
CA ALA F 423 -27.08 -46.28 -36.95
C ALA F 423 -28.07 -47.23 -36.29
N ILE F 424 -28.14 -47.20 -34.96
CA ILE F 424 -29.13 -48.01 -34.25
C ILE F 424 -30.54 -47.65 -34.72
N ALA F 425 -30.83 -46.34 -34.77
CA ALA F 425 -32.17 -45.89 -35.13
C ALA F 425 -32.53 -46.33 -36.54
N GLU F 426 -31.64 -46.13 -37.51
CA GLU F 426 -31.95 -46.50 -38.88
C GLU F 426 -32.07 -48.02 -39.03
N ALA F 427 -31.25 -48.78 -38.29
CA ALA F 427 -31.32 -50.23 -38.40
C ALA F 427 -32.66 -50.76 -37.91
N LEU F 428 -33.05 -50.38 -36.69
CA LEU F 428 -34.32 -50.88 -36.15
C LEU F 428 -35.53 -50.19 -36.77
N ALA F 429 -35.34 -49.09 -37.51
CA ALA F 429 -36.41 -48.58 -38.35
C ALA F 429 -36.55 -49.41 -39.62
N LYS F 430 -35.43 -49.88 -40.18
CA LYS F 430 -35.47 -50.64 -41.41
C LYS F 430 -35.96 -52.06 -41.19
N GLU F 431 -35.63 -52.65 -40.03
CA GLU F 431 -36.07 -54.01 -39.75
C GLU F 431 -37.59 -54.12 -39.75
N ALA F 432 -38.27 -53.14 -39.18
CA ALA F 432 -39.72 -53.12 -39.19
C ALA F 432 -40.26 -51.97 -40.03
N GLU G 1 73.46 -113.37 96.07
CA GLU G 1 73.88 -113.54 94.68
C GLU G 1 74.90 -112.47 94.32
N THR G 2 75.13 -112.28 93.02
CA THR G 2 76.08 -111.28 92.56
C THR G 2 75.51 -109.89 92.80
N ASN G 3 76.23 -108.87 92.37
CA ASN G 3 75.77 -107.49 92.50
C ASN G 3 75.64 -106.86 91.11
N PRO G 4 74.55 -107.12 90.36
CA PRO G 4 74.45 -106.57 89.00
C PRO G 4 73.87 -105.17 88.94
N THR G 5 73.81 -104.45 90.06
CA THR G 5 73.07 -103.19 90.10
C THR G 5 73.60 -102.15 89.12
N PHE G 6 74.93 -102.03 88.99
CA PHE G 6 75.47 -100.98 88.15
C PHE G 6 76.23 -101.46 86.93
N ASN G 7 75.64 -102.46 86.37
CA ASN G 7 76.22 -102.93 85.14
C ASN G 7 75.46 -104.12 84.68
N ILE G 8 75.35 -104.31 83.40
CA ILE G 8 74.92 -105.58 82.77
C ILE G 8 73.44 -105.78 82.62
N THR G 9 72.66 -104.86 83.08
CA THR G 9 71.23 -105.20 82.97
C THR G 9 70.82 -104.75 81.61
N ASN G 10 69.89 -103.81 81.52
CA ASN G 10 69.45 -103.07 80.34
C ASN G 10 70.10 -101.69 80.37
N GLY G 11 70.90 -101.40 79.35
CA GLY G 11 71.76 -100.22 79.40
C GLY G 11 71.03 -98.96 79.75
N PHE G 12 69.79 -98.82 79.28
CA PHE G 12 68.95 -97.70 79.64
C PHE G 12 67.74 -98.22 80.42
N ASN G 13 67.72 -97.96 81.73
CA ASN G 13 66.75 -98.54 82.63
C ASN G 13 65.97 -97.45 83.33
N ASP G 14 64.68 -97.70 83.57
CA ASP G 14 63.84 -96.73 84.27
C ASP G 14 64.17 -96.73 85.76
N ALA G 15 64.80 -97.78 86.26
CA ALA G 15 65.03 -97.90 87.70
C ALA G 15 66.01 -96.86 88.22
N ASP G 16 66.86 -96.30 87.37
CA ASP G 16 67.85 -95.33 87.81
C ASP G 16 67.59 -93.93 87.29
N GLY G 17 66.69 -93.76 86.34
CA GLY G 17 66.51 -92.48 85.67
C GLY G 17 67.35 -92.29 84.44
N SER G 18 67.77 -93.38 83.80
CA SER G 18 68.61 -93.31 82.60
C SER G 18 67.82 -93.50 81.32
N THR G 19 66.60 -94.03 81.39
CA THR G 19 65.79 -94.18 80.20
C THR G 19 65.15 -92.85 79.80
N ILE G 20 64.61 -92.82 78.59
CA ILE G 20 63.94 -91.64 78.05
C ILE G 20 62.50 -91.63 78.54
N GLN G 21 61.90 -90.43 78.60
CA GLN G 21 60.54 -90.29 79.10
C GLN G 21 59.76 -89.31 78.25
N PRO G 22 58.77 -89.77 77.48
CA PRO G 22 57.90 -88.84 76.74
C PRO G 22 57.03 -88.05 77.71
N VAL G 23 56.91 -86.75 77.47
CA VAL G 23 56.17 -85.85 78.36
C VAL G 23 55.14 -85.08 77.55
N GLY G 24 53.90 -85.05 78.05
CA GLY G 24 52.92 -84.09 77.61
C GLY G 24 52.82 -82.97 78.63
N PRO G 25 51.97 -82.00 78.38
CA PRO G 25 51.78 -80.95 79.39
C PRO G 25 50.73 -81.32 80.42
N VAL G 26 51.15 -81.49 81.68
CA VAL G 26 50.26 -81.73 82.80
C VAL G 26 50.67 -80.81 83.94
N ASN G 27 49.69 -80.18 84.57
CA ASN G 27 49.95 -79.17 85.59
C ASN G 27 50.10 -79.83 86.96
N HIS G 28 51.32 -79.86 87.46
CA HIS G 28 51.60 -80.21 88.85
C HIS G 28 52.08 -78.95 89.56
N THR G 29 51.38 -78.57 90.62
CA THR G 29 51.61 -77.28 91.25
C THR G 29 52.98 -77.22 91.91
N GLU G 30 53.44 -76.01 92.17
CA GLU G 30 54.70 -75.82 92.87
C GLU G 30 54.68 -76.48 94.24
N GLU G 31 53.53 -76.44 94.92
CA GLU G 31 53.41 -77.11 96.21
C GLU G 31 53.54 -78.62 96.07
N THR G 32 52.93 -79.19 95.03
CA THR G 32 53.04 -80.64 94.83
C THR G 32 54.47 -81.05 94.57
N LEU G 33 55.20 -80.29 93.73
CA LEU G 33 56.59 -80.60 93.47
C LEU G 33 57.44 -80.43 94.72
N ARG G 34 57.18 -79.40 95.51
CA ARG G 34 57.95 -79.21 96.75
C ARG G 34 57.71 -80.36 97.72
N ASP G 35 56.47 -80.83 97.81
CA ASP G 35 56.18 -81.99 98.65
C ASP G 35 56.91 -83.22 98.16
N LEU G 36 56.88 -83.46 96.84
CA LEU G 36 57.52 -84.64 96.29
C LEU G 36 59.04 -84.60 96.50
N THR G 37 59.64 -83.41 96.39
CA THR G 37 61.08 -83.31 96.62
C THR G 37 61.43 -83.44 98.09
N ASP G 38 60.63 -82.84 98.97
CA ASP G 38 60.89 -82.94 100.40
C ASP G 38 60.70 -84.36 100.91
N SER G 39 59.88 -85.16 100.22
CA SER G 39 59.72 -86.56 100.60
C SER G 39 61.05 -87.31 100.53
N THR G 40 61.83 -87.07 99.48
CA THR G 40 63.15 -87.70 99.37
C THR G 40 64.20 -86.94 100.17
N GLY G 41 64.01 -85.62 100.33
CA GLY G 41 64.92 -84.86 101.17
C GLY G 41 64.93 -85.33 102.61
N ALA G 42 63.77 -85.79 103.09
CA ALA G 42 63.72 -86.38 104.43
C ALA G 42 64.63 -87.59 104.54
N TYR G 43 64.63 -88.44 103.50
CA TYR G 43 65.50 -89.62 103.52
C TYR G 43 66.97 -89.22 103.43
N LEU G 44 67.28 -88.20 102.65
CA LEU G 44 68.67 -87.79 102.44
C LEU G 44 69.19 -86.84 103.52
N GLU G 45 68.34 -86.40 104.45
CA GLU G 45 68.77 -85.42 105.43
C GLU G 45 69.93 -85.92 106.28
N GLU G 46 69.89 -87.19 106.68
CA GLU G 46 70.94 -87.71 107.54
C GLU G 46 72.30 -87.67 106.85
N PHE G 47 72.35 -88.04 105.56
CA PHE G 47 73.58 -87.89 104.80
C PHE G 47 73.96 -86.41 104.65
N GLN G 48 72.97 -85.55 104.44
CA GLN G 48 73.24 -84.17 104.06
C GLN G 48 73.95 -83.41 105.16
N ASN G 49 73.42 -83.47 106.38
CA ASN G 49 73.93 -82.63 107.46
C ASN G 49 74.12 -83.38 108.78
N GLY G 50 73.95 -84.69 108.79
CA GLY G 50 74.12 -85.46 110.00
C GLY G 50 75.57 -85.81 110.27
N THR G 51 75.78 -86.55 111.35
CA THR G 51 77.08 -87.09 111.70
C THR G 51 77.05 -88.60 111.57
N VAL G 52 78.21 -89.22 111.81
CA VAL G 52 78.36 -90.65 111.55
C VAL G 52 77.36 -91.45 112.37
N GLU G 53 77.18 -91.09 113.65
CA GLU G 53 76.24 -91.81 114.50
C GLU G 53 74.82 -91.73 113.95
N GLU G 54 74.41 -90.55 113.50
CA GLU G 54 73.08 -90.40 112.91
C GLU G 54 72.96 -91.24 111.65
N ILE G 55 74.00 -91.28 110.83
CA ILE G 55 73.95 -92.06 109.59
C ILE G 55 73.77 -93.54 109.89
N VAL G 56 74.55 -94.08 110.82
CA VAL G 56 74.41 -95.51 111.12
C VAL G 56 73.07 -95.77 111.79
N GLU G 57 72.58 -94.83 112.58
CA GLU G 57 71.28 -94.98 113.22
C GLU G 57 70.16 -95.08 112.20
N ALA G 58 70.11 -94.13 111.25
CA ALA G 58 68.94 -93.99 110.41
C ALA G 58 68.82 -95.10 109.38
N TYR G 59 69.91 -95.42 108.69
CA TYR G 59 69.82 -96.29 107.52
C TYR G 59 69.91 -97.76 107.89
N LEU G 60 70.65 -98.08 108.95
CA LEU G 60 70.63 -99.40 109.56
C LEU G 60 69.92 -99.28 110.90
N GLN G 61 68.82 -100.00 111.05
CA GLN G 61 67.98 -99.88 112.24
C GLN G 61 68.70 -100.53 113.41
N VAL G 62 69.47 -99.72 114.15
CA VAL G 62 70.22 -100.24 115.29
C VAL G 62 69.28 -100.60 116.43
N GLN G 63 68.34 -99.70 116.75
CA GLN G 63 67.44 -99.94 117.88
C GLN G 63 66.39 -100.99 117.54
N ALA G 64 65.96 -101.06 116.29
CA ALA G 64 64.96 -102.03 115.89
C ALA G 64 65.50 -103.44 115.77
N SER G 65 66.82 -103.61 115.84
CA SER G 65 67.40 -104.95 115.76
C SER G 65 67.11 -105.72 117.05
N ALA G 66 67.34 -107.03 117.00
CA ALA G 66 67.09 -107.88 118.16
C ALA G 66 67.88 -107.38 119.35
N ASP G 67 67.23 -107.34 120.51
CA ASP G 67 67.82 -106.76 121.71
C ASP G 67 69.06 -107.53 122.13
N GLY G 68 70.15 -106.81 122.32
CA GLY G 68 71.45 -107.43 122.49
C GLY G 68 72.09 -107.49 121.13
N PHE G 69 73.06 -106.62 120.86
CA PHE G 69 73.55 -106.48 119.50
C PHE G 69 74.23 -107.75 119.02
N ASP G 70 73.77 -108.26 117.89
CA ASP G 70 74.42 -109.40 117.26
C ASP G 70 75.69 -108.93 116.56
N PRO G 71 76.88 -109.25 117.08
CA PRO G 71 78.13 -108.89 116.39
C PRO G 71 78.45 -109.80 115.21
N SER G 72 77.53 -110.68 114.84
CA SER G 72 77.71 -111.56 113.69
C SER G 72 77.83 -110.76 112.41
N GLU G 73 78.62 -111.28 111.48
CA GLU G 73 78.74 -110.65 110.17
C GLU G 73 77.46 -110.85 109.35
N GLN G 74 76.71 -111.90 109.64
CA GLN G 74 75.42 -112.09 108.97
C GLN G 74 74.45 -110.97 109.30
N ALA G 75 74.48 -110.49 110.56
CA ALA G 75 73.63 -109.38 110.94
C ALA G 75 73.96 -108.12 110.15
N ALA G 76 75.25 -107.84 110.00
CA ALA G 76 75.67 -106.71 109.18
C ALA G 76 75.25 -106.89 107.73
N TYR G 77 75.36 -108.11 107.21
CA TYR G 77 74.95 -108.37 105.84
C TYR G 77 73.46 -108.08 105.64
N GLU G 78 72.61 -108.56 106.56
CA GLU G 78 71.19 -108.31 106.42
C GLU G 78 70.86 -106.82 106.58
N ALA G 79 71.53 -106.13 107.51
CA ALA G 79 71.27 -104.71 107.69
C ALA G 79 71.63 -103.93 106.43
N PHE G 80 72.79 -104.21 105.84
CA PHE G 80 73.19 -103.50 104.64
C PHE G 80 72.30 -103.87 103.45
N GLU G 81 71.83 -105.12 103.38
CA GLU G 81 70.90 -105.49 102.33
C GLU G 81 69.58 -104.72 102.45
N ALA G 82 69.06 -104.58 103.67
CA ALA G 82 67.84 -103.81 103.87
C ALA G 82 68.04 -102.35 103.48
N ALA G 83 69.17 -101.77 103.87
CA ALA G 83 69.47 -100.40 103.46
C ALA G 83 69.52 -100.27 101.94
N ARG G 84 70.11 -101.27 101.28
CA ARG G 84 70.17 -101.25 99.81
C ARG G 84 68.78 -101.29 99.20
N VAL G 85 67.89 -102.15 99.72
CA VAL G 85 66.54 -102.22 99.16
C VAL G 85 65.81 -100.89 99.34
N ARG G 86 65.96 -100.27 100.52
CA ARG G 86 65.31 -99.00 100.76
C ARG G 86 65.82 -97.93 99.80
N ALA G 87 67.14 -97.84 99.61
CA ALA G 87 67.69 -96.87 98.67
C ALA G 87 67.23 -97.18 97.24
N SER G 88 67.10 -98.46 96.90
CA SER G 88 66.66 -98.84 95.56
C SER G 88 65.25 -98.35 95.28
N GLN G 89 64.36 -98.47 96.27
CA GLN G 89 63.01 -97.95 96.07
C GLN G 89 62.99 -96.43 95.99
N GLU G 90 63.80 -95.77 96.83
CA GLU G 90 63.87 -94.31 96.78
C GLU G 90 64.37 -93.83 95.42
N LEU G 91 65.26 -94.60 94.79
CA LEU G 91 65.78 -94.23 93.49
C LEU G 91 64.68 -94.20 92.42
N ALA G 92 63.82 -95.22 92.41
CA ALA G 92 62.70 -95.22 91.47
C ALA G 92 61.73 -94.08 91.76
N ALA G 93 61.51 -93.78 93.05
CA ALA G 93 60.68 -92.64 93.40
C ALA G 93 61.23 -91.34 92.82
N SER G 94 62.54 -91.11 92.96
CA SER G 94 63.14 -89.91 92.41
C SER G 94 63.09 -89.91 90.89
N ALA G 95 63.20 -91.09 90.27
CA ALA G 95 63.09 -91.18 88.82
C ALA G 95 61.72 -90.69 88.36
N GLU G 96 60.65 -91.08 89.06
CA GLU G 96 59.33 -90.60 88.67
C GLU G 96 59.15 -89.11 88.99
N THR G 97 59.77 -88.64 90.08
CA THR G 97 59.74 -87.22 90.40
C THR G 97 60.34 -86.39 89.26
N ILE G 98 61.41 -86.89 88.65
CA ILE G 98 62.01 -86.21 87.50
C ILE G 98 60.98 -86.00 86.39
N THR G 99 60.25 -87.06 86.04
CA THR G 99 59.27 -86.98 84.96
C THR G 99 58.16 -85.99 85.29
N LYS G 100 57.68 -86.01 86.54
CA LYS G 100 56.60 -85.10 86.90
C LYS G 100 57.06 -83.65 86.87
N THR G 101 58.26 -83.37 87.37
CA THR G 101 58.76 -81.99 87.34
C THR G 101 59.00 -81.54 85.90
N ARG G 102 59.35 -82.46 85.00
CA ARG G 102 59.46 -82.09 83.59
C ARG G 102 58.09 -81.73 83.00
N GLU G 103 57.08 -82.55 83.30
CA GLU G 103 55.74 -82.31 82.77
C GLU G 103 55.20 -80.95 83.24
N SER G 104 55.50 -80.58 84.48
CA SER G 104 55.04 -79.30 85.01
C SER G 104 55.62 -78.13 84.22
N VAL G 105 56.92 -78.16 83.93
CA VAL G 105 57.54 -77.09 83.13
C VAL G 105 56.95 -77.08 81.73
N ALA G 106 56.66 -78.27 81.18
CA ALA G 106 56.05 -78.33 79.86
C ALA G 106 54.71 -77.60 79.83
N TYR G 107 53.89 -77.78 80.86
CA TYR G 107 52.63 -77.05 80.93
C TYR G 107 52.84 -75.55 81.07
N ALA G 108 53.74 -75.16 81.99
CA ALA G 108 53.91 -73.74 82.30
C ALA G 108 54.38 -72.95 81.09
N LEU G 109 55.38 -73.46 80.37
CA LEU G 109 55.89 -72.70 79.24
C LEU G 109 54.87 -72.65 78.11
N LYS G 110 54.09 -73.72 77.93
CA LYS G 110 53.07 -73.70 76.88
C LYS G 110 52.05 -72.61 77.13
N VAL G 111 51.53 -72.52 78.36
CA VAL G 111 50.55 -71.47 78.63
C VAL G 111 51.19 -70.09 78.53
N ASP G 112 52.48 -69.99 78.89
CA ASP G 112 53.16 -68.71 78.78
C ASP G 112 53.27 -68.24 77.33
N GLN G 113 53.67 -69.14 76.42
CA GLN G 113 53.75 -68.78 75.01
C GLN G 113 52.38 -68.42 74.45
N GLU G 114 51.34 -69.15 74.85
CA GLU G 114 50.00 -68.79 74.39
C GLU G 114 49.62 -67.39 74.85
N ALA G 115 49.93 -67.05 76.09
CA ALA G 115 49.62 -65.70 76.58
C ALA G 115 50.36 -64.63 75.80
N THR G 116 51.66 -64.86 75.52
CA THR G 116 52.41 -63.88 74.76
C THR G 116 51.83 -63.69 73.35
N ALA G 117 51.45 -64.80 72.70
CA ALA G 117 50.86 -64.71 71.36
C ALA G 117 49.55 -63.93 71.39
N ALA G 118 48.70 -64.21 72.38
CA ALA G 118 47.43 -63.50 72.46
C ALA G 118 47.63 -62.01 72.71
N PHE G 119 48.55 -61.65 73.61
CA PHE G 119 48.81 -60.24 73.85
C PHE G 119 49.31 -59.55 72.59
N GLU G 120 50.21 -60.21 71.85
CA GLU G 120 50.72 -59.62 70.62
C GLU G 120 49.58 -59.39 69.62
N ALA G 121 48.71 -60.38 69.44
CA ALA G 121 47.63 -60.23 68.47
C ALA G 121 46.70 -59.10 68.86
N TYR G 122 46.35 -59.00 70.14
CA TYR G 122 45.37 -58.01 70.57
C TYR G 122 45.96 -56.60 70.53
N ARG G 123 47.23 -56.46 70.90
CA ARG G 123 47.90 -55.16 70.76
C ARG G 123 48.03 -54.76 69.30
N ASN G 124 48.28 -55.73 68.42
CA ASN G 124 48.36 -55.42 67.00
C ASN G 124 47.02 -54.94 66.47
N ALA G 125 45.93 -55.58 66.89
CA ALA G 125 44.61 -55.12 66.47
C ALA G 125 44.33 -53.71 66.98
N LEU G 126 44.69 -53.42 68.24
CA LEU G 126 44.48 -52.08 68.76
C LEU G 126 45.30 -51.04 68.00
N ARG G 127 46.55 -51.38 67.65
CA ARG G 127 47.39 -50.47 66.88
C ARG G 127 46.80 -50.23 65.50
N ASP G 128 46.31 -51.30 64.85
CA ASP G 128 45.73 -51.17 63.52
C ASP G 128 44.43 -50.37 63.57
N ALA G 129 43.76 -50.35 64.71
CA ALA G 129 42.51 -49.60 64.84
C ALA G 129 42.74 -48.11 64.60
N ALA G 130 43.79 -47.54 65.20
CA ALA G 130 43.97 -46.09 65.10
C ALA G 130 44.36 -45.68 63.69
N ILE G 131 45.48 -46.18 63.19
CA ILE G 131 45.93 -45.85 61.84
C ILE G 131 46.14 -47.16 61.08
N SER G 132 45.14 -47.55 60.27
CA SER G 132 45.23 -48.78 59.52
C SER G 132 46.21 -48.65 58.37
N ILE G 133 46.89 -49.75 58.06
CA ILE G 133 47.87 -49.81 56.98
C ILE G 133 47.48 -50.92 56.02
N ASN G 134 47.50 -50.61 54.73
CA ASN G 134 47.09 -51.55 53.70
C ASN G 134 48.14 -52.66 53.57
N PRO G 135 47.76 -53.79 52.97
CA PRO G 135 48.77 -54.85 52.73
C PRO G 135 49.97 -54.35 51.94
N ASP G 136 49.76 -53.41 51.02
CA ASP G 136 50.86 -52.85 50.26
C ASP G 136 51.76 -51.94 51.11
N GLY G 137 51.29 -51.48 52.26
CA GLY G 137 52.07 -50.63 53.12
C GLY G 137 51.68 -49.17 53.14
N SER G 138 50.42 -48.84 52.86
CA SER G 138 49.96 -47.47 52.82
C SER G 138 48.77 -47.30 53.76
N ILE G 139 48.61 -46.07 54.26
CA ILE G 139 47.49 -45.77 55.14
C ILE G 139 46.18 -45.86 54.37
N ASN G 140 45.16 -46.39 55.01
CA ASN G 140 43.84 -46.54 54.41
C ASN G 140 42.86 -45.63 55.13
N PRO G 141 42.59 -44.43 54.62
CA PRO G 141 41.65 -43.53 55.32
C PRO G 141 40.24 -44.07 55.41
N ASP G 142 39.87 -45.03 54.56
CA ASP G 142 38.53 -45.61 54.62
C ASP G 142 38.34 -46.32 55.96
N THR G 143 39.33 -47.08 56.41
CA THR G 143 39.23 -47.86 57.64
C THR G 143 40.20 -47.40 58.72
N SER G 144 40.46 -46.11 58.83
CA SER G 144 41.36 -45.58 59.85
C SER G 144 40.57 -44.67 60.79
N ILE G 145 40.71 -44.90 62.10
CA ILE G 145 39.91 -44.17 63.08
C ILE G 145 40.28 -42.70 63.12
N ASN G 146 41.58 -42.39 63.21
CA ASN G 146 41.99 -41.00 63.44
C ASN G 146 41.68 -40.12 62.25
N LEU G 147 41.83 -40.64 61.04
CA LEU G 147 41.52 -39.87 59.85
C LEU G 147 40.03 -39.57 59.77
N LEU G 148 39.18 -40.56 60.05
CA LEU G 148 37.74 -40.32 60.09
C LEU G 148 37.38 -39.34 61.19
N ILE G 149 38.08 -39.42 62.33
CA ILE G 149 37.84 -38.50 63.43
C ILE G 149 38.12 -37.07 62.99
N ASP G 150 39.25 -36.86 62.32
CA ASP G 150 39.58 -35.50 61.90
C ASP G 150 38.66 -35.03 60.78
N ALA G 151 38.21 -35.94 59.92
CA ALA G 151 37.23 -35.59 58.89
C ALA G 151 35.94 -35.10 59.53
N ALA G 152 35.45 -35.81 60.54
CA ALA G 152 34.23 -35.38 61.22
C ALA G 152 34.47 -34.11 62.02
N ASN G 153 35.68 -33.94 62.55
CA ASN G 153 36.00 -32.76 63.35
C ASN G 153 36.02 -31.50 62.49
N ALA G 154 36.51 -31.61 61.26
CA ALA G 154 36.55 -30.48 60.35
C ALA G 154 35.23 -30.24 59.64
N ALA G 155 34.30 -31.19 59.70
CA ALA G 155 33.04 -31.10 58.97
C ALA G 155 31.90 -30.58 59.83
N ASN G 156 32.19 -30.04 61.01
CA ASN G 156 31.16 -29.47 61.87
C ASN G 156 31.33 -27.96 61.96
N ARG G 157 30.23 -27.25 62.23
CA ARG G 157 30.22 -25.81 62.32
C ARG G 157 29.71 -25.31 63.66
N THR G 158 29.35 -26.21 64.57
CA THR G 158 28.74 -25.85 65.85
C THR G 158 29.78 -25.19 66.75
N ASP G 159 29.30 -24.57 67.83
CA ASP G 159 30.15 -23.84 68.75
C ASP G 159 30.49 -24.73 69.96
N ARG G 160 30.79 -26.00 69.70
CA ARG G 160 31.45 -26.87 70.68
C ARG G 160 30.60 -27.17 71.90
N ALA G 161 29.41 -26.58 72.00
CA ALA G 161 28.64 -26.67 73.24
C ALA G 161 28.13 -28.09 73.48
N GLU G 162 27.54 -28.72 72.46
CA GLU G 162 26.92 -30.01 72.60
C GLU G 162 27.53 -31.10 71.73
N ILE G 163 28.07 -30.74 70.56
CA ILE G 163 28.84 -31.66 69.73
C ILE G 163 30.28 -31.16 69.76
N GLU G 164 31.15 -31.93 70.37
CA GLU G 164 32.50 -31.47 70.69
C GLU G 164 33.52 -32.13 69.79
N ASP G 165 34.73 -31.59 69.79
CA ASP G 165 35.82 -32.19 69.04
C ASP G 165 36.22 -33.51 69.68
N TYR G 166 36.33 -34.55 68.87
CA TYR G 166 36.77 -35.84 69.36
C TYR G 166 38.28 -35.85 69.48
N ALA G 167 38.78 -36.15 70.68
CA ALA G 167 40.21 -36.26 70.88
C ALA G 167 40.76 -37.49 70.17
N HIS G 168 42.03 -37.41 69.79
CA HIS G 168 42.65 -38.50 69.05
C HIS G 168 42.81 -39.74 69.93
N LEU G 169 42.88 -40.89 69.28
CA LEU G 169 42.80 -42.16 70.00
C LEU G 169 43.97 -42.34 70.98
N TYR G 170 43.66 -42.96 72.11
CA TYR G 170 44.64 -43.36 73.11
C TYR G 170 45.39 -42.14 73.67
N THR G 171 44.63 -41.28 74.35
CA THR G 171 45.26 -40.17 75.06
C THR G 171 45.90 -40.63 76.36
N GLN G 172 45.39 -41.73 76.94
CA GLN G 172 45.94 -42.23 78.19
C GLN G 172 47.31 -42.86 78.00
N THR G 173 47.46 -43.69 76.96
CA THR G 173 48.67 -44.48 76.76
C THR G 173 49.26 -44.20 75.38
N ASP G 174 50.54 -44.53 75.24
CA ASP G 174 51.24 -44.45 73.96
C ASP G 174 51.30 -45.86 73.38
N ILE G 175 50.43 -46.13 72.40
CA ILE G 175 50.36 -47.48 71.84
C ILE G 175 51.53 -47.77 70.92
N ALA G 176 52.35 -46.77 70.61
CA ALA G 176 53.55 -47.01 69.81
C ALA G 176 54.58 -47.78 70.62
N LEU G 177 54.53 -47.69 71.94
CA LEU G 177 55.49 -48.39 72.79
C LEU G 177 55.30 -49.89 72.69
N GLU G 178 56.35 -50.63 73.06
CA GLU G 178 56.32 -52.08 72.94
C GLU G 178 55.24 -52.67 73.84
N THR G 179 55.25 -52.31 75.12
CA THR G 179 54.28 -52.85 76.07
C THR G 179 53.43 -51.73 76.66
N PRO G 180 52.30 -51.40 76.04
CA PRO G 180 51.43 -50.36 76.60
C PRO G 180 50.33 -50.93 77.48
N GLN G 181 49.61 -50.06 78.18
CA GLN G 181 48.48 -50.48 79.02
C GLN G 181 47.24 -50.54 78.12
N LEU G 182 46.91 -51.74 77.65
CA LEU G 182 45.91 -51.89 76.60
C LEU G 182 44.50 -51.71 77.14
N ALA G 183 44.30 -51.91 78.44
CA ALA G 183 43.01 -51.66 79.05
C ALA G 183 42.62 -50.19 78.91
N TYR G 184 43.58 -49.29 79.10
CA TYR G 184 43.34 -47.86 78.91
C TYR G 184 42.91 -47.57 77.48
N ALA G 185 43.57 -48.21 76.50
CA ALA G 185 43.23 -47.99 75.11
C ALA G 185 41.83 -48.47 74.78
N PHE G 186 41.47 -49.66 75.27
CA PHE G 186 40.11 -50.15 75.05
C PHE G 186 39.06 -49.28 75.72
N GLN G 187 39.39 -48.77 76.92
CA GLN G 187 38.51 -47.81 77.58
C GLN G 187 38.28 -46.58 76.71
N ASP G 188 39.36 -46.03 76.14
CA ASP G 188 39.23 -44.85 75.29
C ASP G 188 38.40 -45.15 74.05
N LEU G 189 38.60 -46.32 73.45
CA LEU G 189 37.82 -46.68 72.26
C LEU G 189 36.34 -46.81 72.58
N LYS G 190 36.00 -47.44 73.70
CA LYS G 190 34.59 -47.55 74.09
C LYS G 190 34.01 -46.18 74.42
N ALA G 191 34.81 -45.31 75.03
CA ALA G 191 34.35 -43.95 75.31
C ALA G 191 34.04 -43.21 74.02
N LEU G 192 34.88 -43.38 72.99
CA LEU G 192 34.60 -42.78 71.70
C LEU G 192 33.31 -43.31 71.09
N GLN G 193 33.11 -44.62 71.13
CA GLN G 193 31.88 -45.18 70.57
C GLN G 193 30.65 -44.61 71.28
N ALA G 194 30.70 -44.55 72.61
CA ALA G 194 29.59 -43.99 73.37
C ALA G 194 29.36 -42.53 73.05
N GLU G 195 30.44 -41.74 72.93
CA GLU G 195 30.29 -40.32 72.65
C GLU G 195 29.68 -40.09 71.28
N VAL G 196 30.07 -40.88 70.29
CA VAL G 196 29.49 -40.75 68.95
C VAL G 196 28.00 -41.08 69.00
N ASP G 197 27.64 -42.19 69.64
CA ASP G 197 26.23 -42.54 69.71
C ASP G 197 25.43 -41.50 70.49
N ALA G 198 26.07 -40.83 71.45
CA ALA G 198 25.38 -39.80 72.23
C ALA G 198 25.16 -38.54 71.41
N ASP G 199 26.17 -38.12 70.64
CA ASP G 199 26.00 -36.93 69.81
C ASP G 199 25.05 -37.19 68.64
N PHE G 200 24.81 -38.46 68.32
CA PHE G 200 23.83 -38.79 67.27
C PHE G 200 22.50 -38.09 67.49
N GLU G 201 21.99 -38.11 68.73
CA GLU G 201 20.65 -37.55 68.97
C GLU G 201 20.67 -36.02 68.95
N TRP G 202 21.80 -35.42 69.30
CA TRP G 202 21.92 -33.97 69.16
C TRP G 202 22.07 -33.57 67.70
N LEU G 203 22.49 -34.51 66.85
CA LEU G 203 22.46 -34.27 65.41
C LEU G 203 21.04 -34.27 64.88
N GLY G 204 20.13 -34.97 65.55
CA GLY G 204 18.74 -35.08 65.15
C GLY G 204 17.80 -34.06 65.76
N GLU G 205 18.34 -32.96 66.26
CA GLU G 205 17.51 -31.93 66.86
C GLU G 205 16.96 -30.97 65.80
N PHE G 206 15.85 -30.32 66.13
CA PHE G 206 15.28 -29.33 65.21
C PHE G 206 16.05 -28.02 65.26
N GLY G 207 16.45 -27.59 66.45
CA GLY G 207 17.03 -26.27 66.65
C GLY G 207 18.53 -26.20 66.74
N ILE G 208 19.25 -27.22 66.26
CA ILE G 208 20.71 -27.15 66.30
C ILE G 208 21.22 -26.04 65.39
N ASP G 209 20.63 -25.92 64.19
CA ASP G 209 20.99 -24.84 63.28
C ASP G 209 20.46 -23.53 63.84
N GLN G 210 21.36 -22.70 64.36
CA GLN G 210 20.92 -21.48 65.03
C GLN G 210 21.39 -20.21 64.32
N GLU G 211 22.70 -20.09 64.13
CA GLU G 211 23.32 -18.83 63.80
C GLU G 211 24.62 -19.09 63.04
N ASP G 212 25.12 -18.05 62.36
CA ASP G 212 26.46 -18.11 61.80
C ASP G 212 27.46 -18.48 62.89
N GLY G 213 28.05 -19.66 62.75
CA GLY G 213 28.95 -20.19 63.76
C GLY G 213 28.34 -21.24 64.67
N ASN G 214 27.01 -21.33 64.74
CA ASN G 214 26.35 -22.42 65.46
C ASN G 214 25.32 -23.01 64.51
N TYR G 215 25.74 -23.95 63.66
CA TYR G 215 24.82 -24.64 62.77
C TYR G 215 25.47 -25.91 62.25
N VAL G 216 24.66 -26.74 61.63
CA VAL G 216 25.07 -28.06 61.15
C VAL G 216 24.98 -28.09 59.64
N GLN G 217 26.08 -28.41 58.98
CA GLN G 217 26.09 -28.53 57.53
C GLN G 217 25.62 -29.93 57.12
N ARG G 218 25.35 -30.08 55.81
CA ARG G 218 24.73 -31.30 55.32
C ARG G 218 25.74 -32.43 55.18
N TYR G 219 27.03 -32.15 55.35
CA TYR G 219 28.04 -33.19 55.17
C TYR G 219 28.56 -33.71 56.51
N HIS G 220 28.21 -33.04 57.61
CA HIS G 220 28.64 -33.49 58.92
C HIS G 220 28.09 -34.89 59.24
N LEU G 221 26.80 -35.09 58.95
CA LEU G 221 26.15 -36.34 59.34
C LEU G 221 26.73 -37.55 58.63
N PRO G 222 26.99 -37.55 57.32
CA PRO G 222 27.63 -38.72 56.71
C PRO G 222 29.01 -39.02 57.27
N ALA G 223 29.79 -37.99 57.62
CA ALA G 223 31.10 -38.22 58.24
C ALA G 223 30.94 -38.91 59.58
N VAL G 224 30.01 -38.42 60.42
CA VAL G 224 29.78 -39.05 61.71
C VAL G 224 29.27 -40.48 61.52
N GLU G 225 28.43 -40.71 60.52
CA GLU G 225 27.86 -42.03 60.28
C GLU G 225 28.94 -43.03 59.86
N ALA G 226 29.84 -42.62 58.96
CA ALA G 226 30.93 -43.48 58.56
C ALA G 226 31.85 -43.79 59.73
N LEU G 227 32.16 -42.77 60.55
CA LEU G 227 32.98 -43.01 61.73
C LEU G 227 32.31 -44.00 62.67
N LYS G 228 30.99 -43.88 62.86
CA LYS G 228 30.27 -44.79 63.75
C LYS G 228 30.29 -46.22 63.22
N ALA G 229 30.03 -46.40 61.93
CA ALA G 229 30.03 -47.76 61.37
C ALA G 229 31.41 -48.39 61.49
N GLU G 230 32.46 -47.61 61.22
CA GLU G 230 33.81 -48.13 61.35
C GLU G 230 34.15 -48.52 62.78
N VAL G 231 33.77 -47.67 63.76
CA VAL G 231 34.03 -48.00 65.16
C VAL G 231 33.26 -49.26 65.56
N ASP G 232 32.04 -49.39 65.04
CA ASP G 232 31.20 -50.58 65.39
C ASP G 232 31.90 -51.85 64.87
N ALA G 233 32.36 -51.85 63.62
CA ALA G 233 33.04 -53.02 63.08
C ALA G 233 34.35 -53.29 63.81
N ARG G 234 35.09 -52.23 64.14
CA ARG G 234 36.37 -52.39 64.83
C ARG G 234 36.18 -53.01 66.20
N VAL G 235 35.18 -52.56 66.95
CA VAL G 235 34.91 -53.12 68.26
C VAL G 235 34.47 -54.58 68.15
N ALA G 236 33.62 -54.88 67.16
CA ALA G 236 33.21 -56.27 66.96
C ALA G 236 34.41 -57.16 66.66
N ALA G 237 35.43 -56.62 65.99
CA ALA G 237 36.63 -57.40 65.73
C ALA G 237 37.50 -57.53 66.99
N ILE G 238 37.59 -56.46 67.78
CA ILE G 238 38.53 -56.44 68.90
C ILE G 238 37.98 -57.24 70.08
N GLU G 239 36.67 -57.49 70.10
CA GLU G 239 36.09 -58.22 71.23
C GLU G 239 36.69 -59.61 71.44
N PRO G 240 36.63 -60.57 70.50
CA PRO G 240 37.15 -61.90 70.81
C PRO G 240 38.64 -61.90 71.12
N LEU G 241 39.40 -61.02 70.47
CA LEU G 241 40.84 -60.94 70.75
C LEU G 241 41.09 -60.54 72.19
N ARG G 242 40.38 -59.52 72.68
CA ARG G 242 40.55 -59.08 74.06
C ARG G 242 40.10 -60.17 75.03
N ALA G 243 39.00 -60.86 74.72
CA ALA G 243 38.54 -61.94 75.58
C ALA G 243 39.59 -63.04 75.70
N ASP G 244 40.13 -63.49 74.57
CA ASP G 244 41.13 -64.55 74.59
C ASP G 244 42.41 -64.09 75.28
N SER G 245 42.81 -62.83 75.05
CA SER G 245 44.00 -62.31 75.71
C SER G 245 43.85 -62.31 77.22
N ILE G 246 42.71 -61.85 77.72
CA ILE G 246 42.48 -61.86 79.16
C ILE G 246 42.49 -63.29 79.69
N ALA G 247 41.80 -64.19 78.99
CA ALA G 247 41.68 -65.58 79.47
C ALA G 247 43.04 -66.25 79.57
N LYS G 248 43.92 -66.02 78.60
CA LYS G 248 45.19 -66.72 78.59
C LYS G 248 46.23 -66.01 79.47
N ASN G 249 46.17 -64.68 79.54
CA ASN G 249 47.11 -63.94 80.37
C ASN G 249 46.81 -64.14 81.85
N LEU G 250 45.55 -64.39 82.20
CA LEU G 250 45.24 -64.74 83.58
C LEU G 250 45.80 -66.11 83.94
N GLU G 251 45.65 -67.08 83.04
CA GLU G 251 46.14 -68.42 83.30
C GLU G 251 47.66 -68.48 83.33
N ALA G 252 48.34 -67.60 82.60
CA ALA G 252 49.79 -67.56 82.59
C ALA G 252 50.37 -66.84 83.80
N GLN G 253 49.52 -66.44 84.75
CA GLN G 253 49.99 -65.90 86.01
C GLN G 253 49.85 -66.88 87.18
N LYS G 254 49.04 -67.92 87.01
CA LYS G 254 48.96 -68.97 88.02
C LYS G 254 50.30 -69.69 88.18
N SER G 255 50.96 -69.99 87.06
CA SER G 255 52.17 -70.80 87.05
C SER G 255 53.41 -69.91 86.99
N ASP G 256 54.49 -70.36 87.60
CA ASP G 256 55.79 -69.70 87.51
C ASP G 256 56.82 -70.76 87.13
N VAL G 257 57.38 -70.64 85.93
CA VAL G 257 58.15 -71.73 85.33
C VAL G 257 59.52 -71.87 86.00
N LEU G 258 60.04 -70.79 86.57
CA LEU G 258 61.38 -70.85 87.14
C LEU G 258 61.41 -71.68 88.42
N VAL G 259 60.34 -71.61 89.22
CA VAL G 259 60.24 -72.48 90.40
C VAL G 259 60.26 -73.95 89.98
N ARG G 260 59.51 -74.28 88.93
CA ARG G 260 59.43 -75.66 88.48
C ARG G 260 60.76 -76.14 87.93
N GLN G 261 61.50 -75.24 87.26
CA GLN G 261 62.86 -75.58 86.84
C GLN G 261 63.77 -75.83 88.04
N LEU G 262 63.65 -75.00 89.08
CA LEU G 262 64.45 -75.21 90.28
C LEU G 262 64.15 -76.56 90.92
N PHE G 263 62.87 -76.94 90.95
CA PHE G 263 62.51 -78.23 91.53
C PHE G 263 63.02 -79.38 90.68
N LEU G 264 63.00 -79.23 89.35
CA LEU G 264 63.59 -80.26 88.49
C LEU G 264 65.08 -80.43 88.78
N GLU G 265 65.80 -79.32 88.93
CA GLU G 265 67.23 -79.42 89.20
C GLU G 265 67.50 -80.06 90.55
N ARG G 266 66.70 -79.72 91.57
CA ARG G 266 66.84 -80.37 92.87
C ARG G 266 66.56 -81.86 92.77
N ALA G 267 65.55 -82.25 91.98
CA ALA G 267 65.24 -83.66 91.83
C ALA G 267 66.38 -84.41 91.13
N THR G 268 67.03 -83.77 90.16
CA THR G 268 68.21 -84.39 89.53
C THR G 268 69.34 -84.61 90.53
N ALA G 269 69.62 -83.59 91.35
CA ALA G 269 70.66 -83.73 92.36
C ALA G 269 70.31 -84.84 93.34
N GLN G 270 69.05 -84.93 93.74
CA GLN G 270 68.61 -86.02 94.60
C GLN G 270 68.82 -87.37 93.93
N ARG G 271 68.53 -87.47 92.63
CA ARG G 271 68.67 -88.75 91.95
C ARG G 271 70.12 -89.21 91.93
N ASP G 272 71.06 -88.32 91.61
CA ASP G 272 72.43 -88.78 91.48
C ASP G 272 73.05 -89.06 92.84
N THR G 273 72.72 -88.25 93.85
CA THR G 273 73.15 -88.59 95.20
C THR G 273 72.56 -89.92 95.65
N LEU G 274 71.31 -90.20 95.24
CA LEU G 274 70.68 -91.47 95.60
C LEU G 274 71.41 -92.65 94.99
N ARG G 275 71.82 -92.55 93.72
CA ARG G 275 72.52 -93.69 93.14
C ARG G 275 73.92 -93.85 93.74
N VAL G 276 74.55 -92.73 94.14
CA VAL G 276 75.82 -92.85 94.86
C VAL G 276 75.62 -93.61 96.17
N VAL G 277 74.57 -93.27 96.92
CA VAL G 277 74.32 -93.94 98.19
C VAL G 277 73.98 -95.41 97.98
N GLU G 278 73.18 -95.71 96.95
CA GLU G 278 72.82 -97.09 96.68
C GLU G 278 74.05 -97.91 96.30
N ALA G 279 74.97 -97.32 95.52
CA ALA G 279 76.22 -98.00 95.23
C ALA G 279 77.01 -98.27 96.50
N ILE G 280 77.07 -97.29 97.41
CA ILE G 280 77.77 -97.49 98.67
C ILE G 280 77.19 -98.69 99.42
N PHE G 281 75.87 -98.75 99.54
CA PHE G 281 75.25 -99.83 100.31
C PHE G 281 75.44 -101.18 99.63
N SER G 282 75.30 -101.24 98.31
CA SER G 282 75.49 -102.52 97.61
C SER G 282 76.93 -102.99 97.73
N THR G 283 77.89 -102.07 97.62
CA THR G 283 79.30 -102.43 97.77
C THR G 283 79.58 -102.97 99.16
N SER G 284 79.08 -102.30 100.20
CA SER G 284 79.29 -102.79 101.56
C SER G 284 78.65 -104.16 101.77
N ALA G 285 77.44 -104.36 101.23
CA ALA G 285 76.77 -105.64 101.38
C ALA G 285 77.55 -106.77 100.72
N ARG G 286 78.07 -106.53 99.51
CA ARG G 286 78.85 -107.57 98.85
C ARG G 286 80.17 -107.81 99.57
N TYR G 287 80.79 -106.76 100.10
CA TYR G 287 82.03 -106.92 100.85
C TYR G 287 81.82 -107.78 102.08
N VAL G 288 80.72 -107.57 102.80
CA VAL G 288 80.45 -108.38 103.99
C VAL G 288 80.06 -109.80 103.59
N GLU G 289 79.26 -109.96 102.54
CA GLU G 289 78.76 -111.29 102.18
C GLU G 289 79.86 -112.23 101.70
N LEU G 290 80.98 -111.70 101.23
CA LEU G 290 82.07 -112.54 100.74
C LEU G 290 83.01 -112.99 101.86
N TYR G 291 82.55 -112.96 103.11
CA TYR G 291 83.33 -113.44 104.25
C TYR G 291 83.43 -114.96 104.19
N GLU G 292 84.61 -115.46 103.81
CA GLU G 292 84.87 -116.91 103.72
C GLU G 292 83.84 -117.60 102.83
N ASN G 293 83.46 -116.93 101.75
CA ASN G 293 82.50 -117.48 100.81
C ASN G 293 83.22 -118.26 99.72
N VAL G 294 82.50 -119.21 99.11
CA VAL G 294 83.05 -120.00 98.01
C VAL G 294 83.27 -119.15 96.77
N GLU G 295 82.73 -117.94 96.72
CA GLU G 295 82.87 -117.06 95.56
C GLU G 295 84.02 -116.08 95.70
N ASN G 296 84.68 -116.01 96.85
CA ASN G 296 85.80 -115.12 97.06
C ASN G 296 87.04 -115.75 96.43
N VAL G 297 87.25 -115.49 95.15
CA VAL G 297 88.32 -116.12 94.39
C VAL G 297 89.46 -115.12 94.19
N ASN G 298 90.56 -115.61 93.66
CA ASN G 298 91.74 -114.80 93.41
C ASN G 298 91.70 -114.22 92.00
N VAL G 299 91.85 -112.91 91.90
CA VAL G 299 91.89 -112.22 90.61
C VAL G 299 92.87 -111.06 90.70
N GLU G 300 93.79 -110.99 89.74
CA GLU G 300 94.74 -109.88 89.62
C GLU G 300 95.54 -109.69 90.91
N ASN G 301 96.25 -110.74 91.31
CA ASN G 301 97.16 -110.70 92.46
C ASN G 301 96.44 -110.30 93.74
N LYS G 302 95.14 -110.59 93.83
CA LYS G 302 94.36 -110.23 95.01
C LYS G 302 93.07 -111.03 95.00
N THR G 303 92.30 -110.88 96.07
CA THR G 303 90.98 -111.48 96.15
C THR G 303 89.92 -110.43 95.83
N LEU G 304 88.66 -110.89 95.81
CA LEU G 304 87.57 -110.04 95.35
C LEU G 304 87.31 -108.89 96.31
N ARG G 305 87.53 -109.10 97.61
CA ARG G 305 87.13 -108.11 98.60
C ARG G 305 88.09 -106.93 98.66
N GLN G 306 89.35 -107.14 98.28
CA GLN G 306 90.32 -106.04 98.36
C GLN G 306 89.99 -104.94 97.37
N HIS G 307 89.46 -105.28 96.20
CA HIS G 307 89.00 -104.26 95.25
C HIS G 307 87.88 -103.43 95.85
N TYR G 308 86.90 -104.11 96.47
CA TYR G 308 85.79 -103.40 97.09
C TYR G 308 86.29 -102.47 98.20
N SER G 309 87.27 -102.94 98.97
CA SER G 309 87.85 -102.10 100.01
C SER G 309 88.54 -100.88 99.41
N ALA G 310 89.29 -101.07 98.33
CA ALA G 310 89.97 -99.96 97.68
C ALA G 310 89.00 -98.98 97.06
N LEU G 311 87.77 -99.41 96.77
CA LEU G 311 86.76 -98.51 96.23
C LEU G 311 86.35 -97.39 97.18
N ILE G 312 86.92 -97.34 98.40
CA ILE G 312 86.39 -96.45 99.43
C ILE G 312 86.68 -94.97 99.15
N PRO G 313 87.93 -94.55 98.92
CA PRO G 313 88.17 -93.10 98.72
C PRO G 313 87.44 -92.54 97.50
N ASN G 314 87.27 -93.33 96.45
CA ASN G 314 86.49 -92.87 95.30
C ASN G 314 85.05 -92.53 95.71
N LEU G 315 84.40 -93.46 96.42
CA LEU G 315 83.04 -93.21 96.88
C LEU G 315 82.99 -92.04 97.84
N PHE G 316 84.02 -91.87 98.67
CA PHE G 316 84.06 -90.75 99.58
C PHE G 316 84.05 -89.42 98.83
N ILE G 317 84.94 -89.28 97.84
CA ILE G 317 85.01 -88.04 97.08
C ILE G 317 83.72 -87.80 96.31
N ALA G 318 83.18 -88.86 95.68
CA ALA G 318 81.93 -88.72 94.93
C ALA G 318 80.79 -88.27 95.83
N ALA G 319 80.67 -88.87 97.01
CA ALA G 319 79.62 -88.49 97.93
C ALA G 319 79.78 -87.06 98.41
N VAL G 320 81.01 -86.63 98.70
CA VAL G 320 81.22 -85.27 99.16
C VAL G 320 80.78 -84.26 98.09
N ALA G 321 81.18 -84.51 96.84
CA ALA G 321 80.80 -83.61 95.76
C ALA G 321 79.29 -83.57 95.56
N ASN G 322 78.65 -84.75 95.54
CA ASN G 322 77.21 -84.80 95.34
C ASN G 322 76.47 -84.13 96.48
N ILE G 323 76.95 -84.30 97.72
CA ILE G 323 76.31 -83.67 98.87
C ILE G 323 76.42 -82.15 98.79
N SER G 324 77.59 -81.64 98.39
CA SER G 324 77.73 -80.20 98.27
C SER G 324 76.79 -79.63 97.22
N GLU G 325 76.69 -80.30 96.07
CA GLU G 325 75.79 -79.80 95.02
C GLU G 325 74.33 -79.89 95.46
N LEU G 326 73.97 -80.94 96.19
CA LEU G 326 72.60 -81.08 96.66
C LEU G 326 72.26 -80.00 97.68
N ASN G 327 73.21 -79.66 98.56
CA ASN G 327 73.00 -78.57 99.51
C ASN G 327 72.78 -77.25 98.79
N ALA G 328 73.60 -76.97 97.76
CA ALA G 328 73.42 -75.74 97.00
C ALA G 328 72.05 -75.70 96.33
N ALA G 329 71.64 -76.81 95.72
CA ALA G 329 70.34 -76.86 95.06
C ALA G 329 69.20 -76.67 96.06
N ASP G 330 69.30 -77.29 97.24
CA ASP G 330 68.28 -77.16 98.26
C ASP G 330 68.15 -75.70 98.69
N ALA G 331 69.27 -75.04 98.95
CA ALA G 331 69.21 -73.64 99.35
C ALA G 331 68.61 -72.78 98.24
N GLU G 332 68.99 -73.05 97.00
CA GLU G 332 68.47 -72.26 95.88
C GLU G 332 66.96 -72.39 95.77
N ALA G 333 66.45 -73.62 95.83
CA ALA G 333 65.01 -73.80 95.68
C ALA G 333 64.24 -73.30 96.89
N ALA G 334 64.84 -73.35 98.09
CA ALA G 334 64.13 -72.89 99.28
C ALA G 334 64.05 -71.37 99.33
N ALA G 335 65.14 -70.68 98.96
CA ALA G 335 65.17 -69.23 99.12
C ALA G 335 64.36 -68.49 98.06
N TYR G 336 64.00 -69.15 96.96
CA TYR G 336 63.31 -68.51 95.85
C TYR G 336 62.05 -69.26 95.48
N TYR G 337 61.27 -69.67 96.49
CA TYR G 337 59.97 -70.29 96.22
C TYR G 337 58.97 -69.24 95.76
N LEU G 338 59.02 -68.05 96.37
CA LEU G 338 58.15 -66.94 95.99
C LEU G 338 58.98 -65.67 96.09
N HIS G 339 59.59 -65.29 94.97
CA HIS G 339 60.47 -64.14 94.92
C HIS G 339 60.29 -63.43 93.58
N TRP G 340 60.71 -62.16 93.54
CA TRP G 340 60.63 -61.40 92.31
C TRP G 340 61.51 -61.99 91.22
N ASP G 341 62.70 -62.44 91.57
CA ASP G 341 63.69 -62.93 90.61
C ASP G 341 63.24 -64.24 89.98
N THR G 342 62.03 -64.67 90.29
CA THR G 342 61.45 -65.88 89.72
C THR G 342 60.23 -65.61 88.86
N ASP G 343 59.38 -64.65 89.23
CA ASP G 343 58.31 -64.14 88.38
C ASP G 343 58.72 -62.72 87.97
N LEU G 344 59.24 -62.59 86.76
CA LEU G 344 59.87 -61.36 86.32
C LEU G 344 58.86 -60.44 85.64
N ALA G 345 59.38 -59.41 84.96
CA ALA G 345 58.54 -58.30 84.49
C ALA G 345 57.49 -58.78 83.49
N THR G 346 57.92 -59.25 82.33
CA THR G 346 56.95 -59.66 81.33
C THR G 346 56.33 -60.99 81.74
N ASN G 347 55.15 -61.29 81.20
CA ASN G 347 54.59 -62.62 81.41
C ASN G 347 55.40 -63.68 80.67
N ASP G 348 56.04 -63.30 79.57
CA ASP G 348 56.78 -64.26 78.76
C ASP G 348 57.93 -64.89 79.54
N GLU G 349 58.85 -64.06 80.02
CA GLU G 349 60.06 -64.48 80.76
C GLU G 349 60.64 -65.77 80.18
N ASP G 350 60.95 -65.71 78.87
CA ASP G 350 61.48 -66.89 78.18
C ASP G 350 63.00 -66.88 78.08
N GLU G 351 63.60 -65.69 77.98
CA GLU G 351 65.05 -65.62 77.87
C GLU G 351 65.73 -66.16 79.12
N ALA G 352 65.19 -65.84 80.29
CA ALA G 352 65.77 -66.35 81.53
C ALA G 352 65.61 -67.86 81.62
N TYR G 353 64.46 -68.38 81.20
CA TYR G 353 64.25 -69.82 81.20
C TYR G 353 65.25 -70.52 80.29
N TYR G 354 65.48 -69.97 79.11
CA TYR G 354 66.40 -70.63 78.18
C TYR G 354 67.85 -70.52 78.65
N LYS G 355 68.22 -69.40 79.27
CA LYS G 355 69.55 -69.28 79.86
C LYS G 355 69.74 -70.31 80.98
N ALA G 356 68.73 -70.45 81.84
CA ALA G 356 68.82 -71.44 82.91
C ALA G 356 68.86 -72.86 82.36
N LYS G 357 68.10 -73.15 81.31
CA LYS G 357 68.13 -74.46 80.69
C LYS G 357 69.51 -74.76 80.11
N LEU G 358 70.14 -73.76 79.50
CA LEU G 358 71.51 -73.94 79.01
C LEU G 358 72.47 -74.25 80.14
N ASP G 359 72.40 -73.48 81.23
CA ASP G 359 73.29 -73.74 82.36
C ASP G 359 73.08 -75.13 82.93
N PHE G 360 71.81 -75.54 83.05
CA PHE G 360 71.47 -76.86 83.57
C PHE G 360 72.01 -77.96 82.67
N ALA G 361 71.88 -77.80 81.35
CA ALA G 361 72.41 -78.81 80.43
C ALA G 361 73.93 -78.90 80.51
N ILE G 362 74.60 -77.75 80.61
CA ILE G 362 76.06 -77.75 80.75
C ILE G 362 76.47 -78.52 82.01
N GLU G 363 75.78 -78.23 83.12
CA GLU G 363 76.11 -78.92 84.37
C GLU G 363 75.86 -80.41 84.27
N THR G 364 74.74 -80.80 83.65
CA THR G 364 74.42 -82.23 83.52
C THR G 364 75.46 -82.96 82.68
N TYR G 365 75.88 -82.36 81.57
CA TYR G 365 76.87 -83.01 80.71
C TYR G 365 78.21 -83.11 81.41
N ALA G 366 78.60 -82.08 82.16
CA ALA G 366 79.84 -82.18 82.95
C ALA G 366 79.73 -83.26 84.01
N LYS G 367 78.56 -83.37 84.65
CA LYS G 367 78.37 -84.35 85.71
C LYS G 367 78.42 -85.77 85.18
N ILE G 368 77.97 -86.00 83.95
CA ILE G 368 78.07 -87.33 83.38
C ILE G 368 79.52 -87.80 83.37
N LEU G 369 80.42 -86.94 82.86
CA LEU G 369 81.84 -87.28 82.84
C LEU G 369 82.41 -87.43 84.24
N PHE G 370 82.06 -86.50 85.14
CA PHE G 370 82.59 -86.55 86.50
C PHE G 370 82.23 -87.86 87.20
N ASN G 371 80.94 -88.21 87.17
CA ASN G 371 80.49 -89.42 87.84
C ASN G 371 81.04 -90.67 87.16
N GLY G 372 81.08 -90.67 85.82
CA GLY G 372 81.64 -91.83 85.13
C GLY G 372 83.10 -92.06 85.48
N GLU G 373 83.86 -90.99 85.65
CA GLU G 373 85.28 -91.16 85.92
C GLU G 373 85.58 -91.45 87.38
N VAL G 374 84.75 -90.96 88.30
CA VAL G 374 85.11 -91.04 89.71
C VAL G 374 84.75 -92.39 90.32
N TRP G 375 83.50 -92.84 90.20
CA TRP G 375 83.06 -94.03 90.92
C TRP G 375 82.36 -95.09 90.08
N GLN G 376 81.73 -94.74 88.97
CA GLN G 376 80.93 -95.74 88.24
C GLN G 376 81.80 -96.86 87.69
N GLU G 377 82.91 -96.51 87.07
CA GLU G 377 83.68 -97.51 86.34
C GLU G 377 84.58 -98.33 87.24
N PRO G 378 85.21 -97.74 88.27
CA PRO G 378 85.86 -98.58 89.28
C PRO G 378 84.94 -99.64 89.88
N LEU G 379 83.68 -99.29 90.12
CA LEU G 379 82.72 -100.28 90.63
C LEU G 379 82.32 -101.29 89.56
N ALA G 380 82.10 -100.81 88.34
CA ALA G 380 81.69 -101.68 87.25
C ALA G 380 82.75 -102.73 86.96
N TYR G 381 84.03 -102.36 87.10
CA TYR G 381 85.11 -103.30 86.86
C TYR G 381 85.05 -104.48 87.85
N VAL G 382 84.86 -104.17 89.13
CA VAL G 382 84.77 -105.22 90.14
C VAL G 382 83.54 -106.08 89.93
N GLN G 383 82.41 -105.46 89.60
CA GLN G 383 81.20 -106.23 89.35
C GLN G 383 81.36 -107.13 88.13
N ASN G 384 82.07 -106.66 87.11
CA ASN G 384 82.34 -107.50 85.95
C ASN G 384 83.26 -108.65 86.31
N LEU G 385 84.23 -108.42 87.18
CA LEU G 385 85.05 -109.53 87.69
C LEU G 385 84.18 -110.58 88.37
N ASP G 386 83.27 -110.13 89.23
CA ASP G 386 82.33 -111.03 89.89
C ASP G 386 81.54 -111.85 88.87
N ALA G 387 80.90 -111.16 87.92
CA ALA G 387 80.04 -111.85 86.96
C ALA G 387 80.83 -112.80 86.08
N GLY G 388 82.04 -112.41 85.68
CA GLY G 388 82.87 -113.29 84.89
C GLY G 388 83.26 -114.54 85.64
N ALA G 389 83.60 -114.40 86.93
CA ALA G 389 83.94 -115.57 87.74
C ALA G 389 82.76 -116.53 87.81
N ARG G 390 81.56 -116.02 88.12
CA ARG G 390 80.40 -116.91 88.20
C ARG G 390 80.11 -117.56 86.85
N GLN G 391 80.19 -116.78 85.77
CA GLN G 391 79.88 -117.33 84.45
C GLN G 391 80.87 -118.41 84.04
N GLU G 392 82.16 -118.18 84.31
CA GLU G 392 83.15 -119.19 83.94
C GLU G 392 82.98 -120.46 84.76
N ALA G 393 82.67 -120.33 86.05
CA ALA G 393 82.38 -121.53 86.83
C ALA G 393 81.17 -122.28 86.27
N ALA G 394 80.12 -121.53 85.92
CA ALA G 394 78.89 -122.16 85.45
C ALA G 394 79.11 -122.90 84.13
N ASP G 395 79.73 -122.25 83.15
CA ASP G 395 79.86 -122.93 81.86
C ASP G 395 80.96 -123.97 81.90
N ARG G 396 81.91 -123.87 82.83
CA ARG G 396 82.84 -124.97 83.03
C ARG G 396 82.12 -126.21 83.51
N GLU G 397 81.24 -126.06 84.50
CA GLU G 397 80.45 -127.20 84.96
C GLU G 397 79.56 -127.74 83.83
N ALA G 398 78.92 -126.84 83.08
CA ALA G 398 78.05 -127.27 81.99
C ALA G 398 78.83 -128.02 80.92
N ALA G 399 80.02 -127.53 80.56
CA ALA G 399 80.83 -128.20 79.56
C ALA G 399 81.29 -129.57 80.05
N ARG G 400 81.67 -129.67 81.33
CA ARG G 400 82.05 -130.96 81.87
C ARG G 400 80.89 -131.96 81.78
N ALA G 401 79.69 -131.52 82.17
CA ALA G 401 78.53 -132.41 82.10
C ALA G 401 78.22 -132.80 80.66
N ALA G 402 78.29 -131.84 79.74
CA ALA G 402 78.01 -132.13 78.34
C ALA G 402 79.01 -133.12 77.76
N ASP G 403 80.29 -132.94 78.08
CA ASP G 403 81.30 -133.88 77.60
C ASP G 403 81.06 -135.28 78.15
N GLU G 404 80.75 -135.38 79.44
CA GLU G 404 80.48 -136.69 80.03
C GLU G 404 79.29 -137.37 79.36
N ALA G 405 78.21 -136.61 79.16
CA ALA G 405 77.02 -137.17 78.52
C ALA G 405 77.31 -137.60 77.09
N TYR G 406 78.07 -136.79 76.36
CA TYR G 406 78.38 -137.11 74.97
C TYR G 406 79.22 -138.38 74.88
N ARG G 407 80.23 -138.50 75.76
CA ARG G 407 81.04 -139.71 75.80
C ARG G 407 80.20 -140.93 76.13
N ALA G 408 79.32 -140.81 77.13
CA ALA G 408 78.47 -141.94 77.50
C ALA G 408 77.55 -142.34 76.36
N GLU G 409 76.97 -141.36 75.67
CA GLU G 409 76.11 -141.64 74.53
C GLU G 409 76.87 -142.37 73.43
N GLN G 410 78.06 -141.88 73.08
CA GLN G 410 78.84 -142.55 72.04
C GLN G 410 79.18 -143.98 72.43
N LEU G 411 79.63 -144.18 73.67
CA LEU G 411 80.01 -145.52 74.10
C LEU G 411 78.82 -146.46 74.10
N ARG G 412 77.67 -146.00 74.59
CA ARG G 412 76.50 -146.86 74.64
C ARG G 412 76.00 -147.20 73.24
N ILE G 413 76.04 -146.23 72.32
CA ILE G 413 75.62 -146.51 70.95
C ILE G 413 76.56 -147.51 70.29
N ALA G 414 77.87 -147.33 70.47
CA ALA G 414 78.82 -148.26 69.87
C ALA G 414 78.66 -149.67 70.43
N GLN G 415 78.53 -149.79 71.75
CA GLN G 415 78.37 -151.11 72.36
C GLN G 415 77.05 -151.75 71.94
N GLU G 416 75.97 -150.96 71.84
CA GLU G 416 74.68 -151.53 71.50
C GLU G 416 74.69 -152.02 70.05
N ALA G 417 75.32 -151.24 69.16
CA ALA G 417 75.53 -151.72 67.80
C ALA G 417 76.41 -152.96 67.79
N ALA G 418 77.37 -153.05 68.71
CA ALA G 418 78.20 -154.25 68.81
C ALA G 418 77.34 -155.47 69.13
N ASP G 419 76.42 -155.35 70.09
CA ASP G 419 75.50 -156.45 70.35
C ASP G 419 74.56 -156.72 69.18
N ALA G 420 74.23 -155.71 68.38
CA ALA G 420 73.48 -155.96 67.15
C ALA G 420 74.28 -156.83 66.20
N GLN G 421 75.56 -156.52 66.02
CA GLN G 421 76.43 -157.37 65.21
C GLN G 421 76.55 -158.75 65.84
N LYS G 422 76.49 -158.82 67.17
CA LYS G 422 76.53 -160.10 67.87
C LYS G 422 75.32 -160.95 67.51
N ALA G 423 74.14 -160.32 67.46
CA ALA G 423 72.93 -161.00 67.03
C ALA G 423 73.07 -161.50 65.59
N ILE G 424 73.64 -160.66 64.72
CA ILE G 424 73.90 -161.11 63.34
C ILE G 424 74.79 -162.35 63.34
N ALA G 425 75.87 -162.30 64.11
CA ALA G 425 76.82 -163.40 64.13
C ALA G 425 76.17 -164.70 64.62
N GLU G 426 75.43 -164.62 65.73
CA GLU G 426 74.81 -165.84 66.26
C GLU G 426 73.73 -166.35 65.30
N ALA G 427 72.99 -165.45 64.65
CA ALA G 427 71.93 -165.89 63.75
C ALA G 427 72.52 -166.65 62.56
N LEU G 428 73.49 -166.06 61.87
CA LEU G 428 74.05 -166.74 60.71
C LEU G 428 75.00 -167.87 61.09
N ALA G 429 75.40 -167.96 62.37
CA ALA G 429 76.06 -169.17 62.83
C ALA G 429 75.05 -170.29 63.06
N LYS G 430 73.86 -169.95 63.54
CA LYS G 430 72.84 -170.96 63.84
C LYS G 430 72.19 -171.48 62.56
N GLU G 431 72.02 -170.62 61.55
CA GLU G 431 71.39 -171.06 60.31
C GLU G 431 72.19 -172.18 59.66
N ALA G 432 73.51 -172.07 59.67
CA ALA G 432 74.36 -173.12 59.12
C ALA G 432 75.16 -173.81 60.22
N GLU H 1 75.06 -99.51 67.72
CA GLU H 1 76.03 -100.51 67.28
C GLU H 1 77.45 -100.04 67.61
N THR H 2 78.44 -100.66 66.98
CA THR H 2 79.83 -100.29 67.21
C THR H 2 80.10 -98.92 66.59
N ASN H 3 81.35 -98.48 66.65
CA ASN H 3 81.74 -97.22 66.05
C ASN H 3 82.81 -97.47 64.99
N PRO H 4 82.45 -97.91 63.76
CA PRO H 4 83.48 -98.20 62.75
C PRO H 4 83.94 -97.00 61.94
N THR H 5 83.63 -95.78 62.38
CA THR H 5 83.85 -94.61 61.54
C THR H 5 85.32 -94.42 61.15
N PHE H 6 86.25 -94.64 62.07
CA PHE H 6 87.64 -94.36 61.75
C PHE H 6 88.56 -95.59 61.74
N ASN H 7 88.00 -96.74 61.44
CA ASN H 7 88.82 -97.97 61.39
C ASN H 7 87.96 -99.01 60.73
N ILE H 8 88.53 -99.92 59.98
CA ILE H 8 87.78 -101.06 59.39
C ILE H 8 87.06 -100.61 58.13
N THR H 9 87.29 -99.38 57.73
CA THR H 9 86.54 -98.81 56.59
C THR H 9 87.28 -99.05 55.31
N ASN H 10 86.58 -99.35 54.18
CA ASN H 10 87.40 -99.34 52.99
C ASN H 10 88.52 -98.34 53.19
N GLY H 11 89.77 -98.82 53.13
CA GLY H 11 90.90 -98.01 53.56
C GLY H 11 90.95 -96.66 52.90
N PHE H 12 90.55 -96.59 51.64
CA PHE H 12 90.44 -95.33 50.92
C PHE H 12 88.98 -95.08 50.57
N ASN H 13 88.35 -94.13 51.26
CA ASN H 13 86.92 -93.91 51.18
C ASN H 13 86.63 -92.49 50.73
N ASP H 14 85.58 -92.33 49.93
CA ASP H 14 85.20 -90.99 49.47
C ASP H 14 84.54 -90.19 50.59
N ALA H 15 84.05 -90.89 51.62
CA ALA H 15 83.29 -90.22 52.67
C ALA H 15 84.14 -89.26 53.50
N ASP H 16 85.46 -89.45 53.53
CA ASP H 16 86.33 -88.61 54.33
C ASP H 16 87.24 -87.72 53.50
N GLY H 17 87.34 -87.96 52.19
CA GLY H 17 88.31 -87.27 51.36
C GLY H 17 89.65 -87.97 51.26
N SER H 18 89.68 -89.29 51.45
CA SER H 18 90.91 -90.07 51.39
C SER H 18 91.09 -90.78 50.07
N THR H 19 90.02 -90.95 49.29
CA THR H 19 90.12 -91.59 47.98
C THR H 19 90.71 -90.63 46.95
N ILE H 20 91.10 -91.20 45.81
CA ILE H 20 91.66 -90.41 44.71
C ILE H 20 90.51 -89.86 43.87
N GLN H 21 90.76 -88.77 43.17
CA GLN H 21 89.72 -88.10 42.38
C GLN H 21 90.29 -87.65 41.04
N PRO H 22 89.89 -88.27 39.93
CA PRO H 22 90.30 -87.79 38.60
C PRO H 22 89.64 -86.43 38.32
N VAL H 23 90.42 -85.50 37.78
CA VAL H 23 89.94 -84.15 37.51
C VAL H 23 90.21 -83.80 36.06
N GLY H 24 89.20 -83.26 35.39
CA GLY H 24 89.38 -82.55 34.15
C GLY H 24 89.34 -81.06 34.40
N PRO H 25 89.50 -80.25 33.37
CA PRO H 25 89.37 -78.80 33.57
C PRO H 25 87.93 -78.32 33.46
N VAL H 26 87.38 -77.83 34.55
CA VAL H 26 86.05 -77.23 34.58
C VAL H 26 86.13 -75.92 35.35
N ASN H 27 85.52 -74.87 34.81
CA ASN H 27 85.65 -73.53 35.38
C ASN H 27 84.58 -73.33 36.46
N HIS H 28 85.00 -73.29 37.70
CA HIS H 28 84.18 -72.84 38.81
C HIS H 28 84.74 -71.52 39.30
N THR H 29 83.91 -70.48 39.31
CA THR H 29 84.38 -69.13 39.54
C THR H 29 84.86 -68.96 40.99
N GLU H 30 85.66 -67.92 41.22
CA GLU H 30 86.12 -67.61 42.57
C GLU H 30 84.95 -67.38 43.50
N GLU H 31 83.88 -66.74 43.00
CA GLU H 31 82.69 -66.53 43.83
C GLU H 31 82.03 -67.85 44.20
N THR H 32 81.94 -68.78 43.24
CA THR H 32 81.34 -70.08 43.54
C THR H 32 82.14 -70.83 44.60
N LEU H 33 83.45 -70.81 44.49
CA LEU H 33 84.29 -71.48 45.49
C LEU H 33 84.18 -70.80 46.85
N ARG H 34 84.12 -69.46 46.86
CA ARG H 34 83.97 -68.76 48.14
C ARG H 34 82.64 -69.09 48.79
N ASP H 35 81.58 -69.19 48.00
CA ASP H 35 80.28 -69.58 48.54
C ASP H 35 80.33 -71.01 49.10
N LEU H 36 80.94 -71.93 48.36
CA LEU H 36 81.01 -73.31 48.81
C LEU H 36 81.83 -73.43 50.10
N THR H 37 82.90 -72.66 50.23
CA THR H 37 83.70 -72.72 51.45
C THR H 37 82.99 -72.04 52.62
N ASP H 38 82.32 -70.92 52.37
CA ASP H 38 81.59 -70.25 53.45
C ASP H 38 80.40 -71.07 53.91
N SER H 39 79.87 -71.94 53.07
CA SER H 39 78.79 -72.83 53.49
C SER H 39 79.21 -73.71 54.65
N THR H 40 80.43 -74.27 54.59
CA THR H 40 80.94 -75.07 55.69
C THR H 40 81.53 -74.20 56.80
N GLY H 41 82.05 -73.03 56.44
CA GLY H 41 82.53 -72.10 57.46
C GLY H 41 81.44 -71.67 58.42
N ALA H 42 80.20 -71.56 57.92
CA ALA H 42 79.08 -71.26 58.80
C ALA H 42 78.90 -72.35 59.85
N TYR H 43 79.04 -73.62 59.44
CA TYR H 43 78.91 -74.72 60.39
C TYR H 43 80.06 -74.72 61.40
N LEU H 44 81.27 -74.40 60.93
CA LEU H 44 82.45 -74.44 61.80
C LEU H 44 82.65 -73.16 62.62
N GLU H 45 81.84 -72.12 62.39
CA GLU H 45 82.07 -70.85 63.08
C GLU H 45 82.00 -70.99 64.59
N GLU H 46 81.05 -71.79 65.09
CA GLU H 46 80.90 -71.93 66.54
C GLU H 46 82.15 -72.53 67.17
N PHE H 47 82.72 -73.56 66.54
CA PHE H 47 83.99 -74.09 67.01
C PHE H 47 85.10 -73.07 66.87
N GLN H 48 85.10 -72.31 65.78
CA GLN H 48 86.24 -71.47 65.45
C GLN H 48 86.44 -70.36 66.47
N ASN H 49 85.39 -69.62 66.79
CA ASN H 49 85.53 -68.43 67.62
C ASN H 49 84.47 -68.33 68.72
N GLY H 50 83.64 -69.35 68.90
CA GLY H 50 82.61 -69.31 69.92
C GLY H 50 83.15 -69.70 71.29
N THR H 51 82.23 -69.74 72.25
CA THR H 51 82.54 -70.21 73.59
C THR H 51 81.76 -71.49 73.84
N VAL H 52 81.98 -72.07 75.02
CA VAL H 52 81.44 -73.40 75.33
C VAL H 52 79.92 -73.41 75.22
N GLU H 53 79.27 -72.36 75.74
CA GLU H 53 77.81 -72.28 75.68
C GLU H 53 77.32 -72.26 74.24
N GLU H 54 77.98 -71.48 73.38
CA GLU H 54 77.61 -71.45 71.97
C GLU H 54 77.80 -72.82 71.32
N ILE H 55 78.89 -73.51 71.67
CA ILE H 55 79.16 -74.81 71.07
C ILE H 55 78.06 -75.81 71.46
N VAL H 56 77.70 -75.86 72.75
CA VAL H 56 76.66 -76.82 73.14
C VAL H 56 75.31 -76.41 72.55
N GLU H 57 75.07 -75.10 72.42
CA GLU H 57 73.83 -74.63 71.82
C GLU H 57 73.70 -75.08 70.37
N ALA H 58 74.74 -74.84 69.56
CA ALA H 58 74.60 -74.98 68.12
C ALA H 58 74.52 -76.43 67.69
N TYR H 59 75.39 -77.29 68.21
CA TYR H 59 75.55 -78.62 67.65
C TYR H 59 74.59 -79.62 68.28
N LEU H 60 74.24 -79.42 69.55
CA LEU H 60 73.16 -80.13 70.19
C LEU H 60 72.01 -79.14 70.40
N GLN H 61 70.87 -79.43 69.80
CA GLN H 61 69.73 -78.51 69.82
C GLN H 61 69.14 -78.51 71.22
N VAL H 62 69.61 -77.58 72.06
CA VAL H 62 69.12 -77.50 73.44
C VAL H 62 67.70 -76.97 73.46
N GLN H 63 67.44 -75.89 72.71
CA GLN H 63 66.11 -75.28 72.74
C GLN H 63 65.08 -76.11 71.97
N ALA H 64 65.52 -76.80 70.92
CA ALA H 64 64.61 -77.62 70.12
C ALA H 64 64.24 -78.93 70.81
N SER H 65 64.91 -79.28 71.91
CA SER H 65 64.57 -80.50 72.62
C SER H 65 63.24 -80.34 73.33
N ALA H 66 62.68 -81.46 73.78
CA ALA H 66 61.40 -81.44 74.48
C ALA H 66 61.45 -80.51 75.68
N ASP H 67 60.40 -79.71 75.84
CA ASP H 67 60.39 -78.68 76.86
C ASP H 67 60.46 -79.29 78.25
N GLY H 68 61.41 -78.81 79.04
CA GLY H 68 61.76 -79.45 80.30
C GLY H 68 62.90 -80.39 80.01
N PHE H 69 64.12 -80.02 80.40
CA PHE H 69 65.29 -80.76 79.94
C PHE H 69 65.28 -82.17 80.49
N ASP H 70 65.39 -83.14 79.59
CA ASP H 70 65.51 -84.54 79.99
C ASP H 70 66.93 -84.80 80.45
N PRO H 71 67.18 -84.97 81.75
CA PRO H 71 68.53 -85.30 82.22
C PRO H 71 68.91 -86.77 82.00
N SER H 72 68.09 -87.52 81.26
CA SER H 72 68.37 -88.90 80.94
C SER H 72 69.64 -88.99 80.09
N GLU H 73 70.37 -90.09 80.29
CA GLU H 73 71.55 -90.34 79.46
C GLU H 73 71.16 -90.73 78.04
N GLN H 74 69.95 -91.27 77.87
CA GLN H 74 69.46 -91.56 76.52
C GLN H 74 69.29 -90.29 75.70
N ALA H 75 68.83 -89.21 76.35
CA ALA H 75 68.70 -87.93 75.65
C ALA H 75 70.06 -87.44 75.16
N ALA H 76 71.08 -87.53 76.00
CA ALA H 76 72.42 -87.16 75.58
C ALA H 76 72.91 -88.04 74.44
N TYR H 77 72.62 -89.34 74.51
CA TYR H 77 73.02 -90.26 73.44
C TYR H 77 72.40 -89.85 72.11
N GLU H 78 71.10 -89.56 72.11
CA GLU H 78 70.44 -89.16 70.86
C GLU H 78 70.97 -87.82 70.35
N ALA H 79 71.20 -86.86 71.26
CA ALA H 79 71.73 -85.57 70.83
C ALA H 79 73.10 -85.71 70.19
N PHE H 80 73.99 -86.50 70.81
CA PHE H 80 75.32 -86.69 70.24
C PHE H 80 75.27 -87.48 68.94
N GLU H 81 74.34 -88.44 68.83
CA GLU H 81 74.18 -89.15 67.57
C GLU H 81 73.74 -88.23 66.44
N ALA H 82 72.80 -87.33 66.73
CA ALA H 82 72.37 -86.37 65.73
C ALA H 82 73.51 -85.45 65.31
N ALA H 83 74.29 -84.98 66.28
CA ALA H 83 75.44 -84.16 65.95
C ALA H 83 76.44 -84.93 65.07
N ARG H 84 76.63 -86.21 65.37
CA ARG H 84 77.52 -87.03 64.55
C ARG H 84 77.02 -87.15 63.12
N VAL H 85 75.72 -87.38 62.94
CA VAL H 85 75.18 -87.51 61.58
C VAL H 85 75.36 -86.19 60.81
N ARG H 86 75.11 -85.07 61.47
CA ARG H 86 75.28 -83.78 60.80
C ARG H 86 76.73 -83.56 60.38
N ALA H 87 77.67 -83.84 61.28
CA ALA H 87 79.09 -83.70 60.93
C ALA H 87 79.47 -84.66 59.82
N SER H 88 78.89 -85.86 59.81
CA SER H 88 79.19 -86.84 58.78
C SER H 88 78.76 -86.34 57.40
N GLN H 89 77.60 -85.72 57.31
CA GLN H 89 77.17 -85.16 56.03
C GLN H 89 78.05 -83.98 55.62
N GLU H 90 78.41 -83.12 56.59
CA GLU H 90 79.28 -81.99 56.27
C GLU H 90 80.63 -82.46 55.75
N LEU H 91 81.11 -83.60 56.25
CA LEU H 91 82.39 -84.13 55.80
C LEU H 91 82.36 -84.51 54.31
N ALA H 92 81.28 -85.18 53.87
CA ALA H 92 81.15 -85.49 52.45
C ALA H 92 81.02 -84.24 51.61
N ALA H 93 80.31 -83.23 52.13
CA ALA H 93 80.22 -81.96 51.42
C ALA H 93 81.61 -81.35 51.21
N SER H 94 82.43 -81.32 52.25
CA SER H 94 83.78 -80.77 52.11
C SER H 94 84.64 -81.62 51.18
N ALA H 95 84.41 -82.93 51.18
CA ALA H 95 85.13 -83.81 50.26
C ALA H 95 84.84 -83.42 48.81
N GLU H 96 83.58 -83.15 48.49
CA GLU H 96 83.27 -82.73 47.11
C GLU H 96 83.79 -81.32 46.83
N THR H 97 83.79 -80.45 47.83
CA THR H 97 84.37 -79.12 47.66
C THR H 97 85.83 -79.20 47.28
N ILE H 98 86.57 -80.14 47.86
CA ILE H 98 87.97 -80.36 47.49
C ILE H 98 88.09 -80.62 46.00
N THR H 99 87.28 -81.54 45.46
CA THR H 99 87.37 -81.90 44.05
C THR H 99 87.05 -80.72 43.17
N LYS H 100 86.02 -79.95 43.53
CA LYS H 100 85.66 -78.81 42.69
C LYS H 100 86.74 -77.74 42.69
N THR H 101 87.33 -77.44 43.85
CA THR H 101 88.41 -76.46 43.90
C THR H 101 89.63 -76.94 43.12
N ARG H 102 89.86 -78.26 43.09
CA ARG H 102 90.95 -78.78 42.26
C ARG H 102 90.65 -78.57 40.77
N GLU H 103 89.43 -78.87 40.35
CA GLU H 103 89.06 -78.72 38.94
C GLU H 103 89.21 -77.28 38.49
N SER H 104 88.87 -76.33 39.37
CA SER H 104 88.98 -74.91 39.03
C SER H 104 90.43 -74.52 38.73
N VAL H 105 91.37 -74.96 39.58
CA VAL H 105 92.78 -74.66 39.34
C VAL H 105 93.25 -75.33 38.06
N ALA H 106 92.75 -76.55 37.79
CA ALA H 106 93.11 -77.22 36.55
C ALA H 106 92.72 -76.41 35.33
N TYR H 107 91.53 -75.82 35.34
CA TYR H 107 91.12 -74.96 34.23
C TYR H 107 91.99 -73.70 34.14
N ALA H 108 92.21 -73.04 35.28
CA ALA H 108 92.90 -71.76 35.26
C ALA H 108 94.32 -71.89 34.74
N LEU H 109 95.07 -72.89 35.21
CA LEU H 109 96.45 -73.02 34.75
C LEU H 109 96.52 -73.41 33.29
N LYS H 110 95.57 -74.24 32.82
CA LYS H 110 95.57 -74.63 31.41
C LYS H 110 95.40 -73.41 30.51
N VAL H 111 94.43 -72.55 30.82
CA VAL H 111 94.25 -71.38 29.97
C VAL H 111 95.44 -70.45 30.09
N ASP H 112 96.07 -70.41 31.27
CA ASP H 112 97.25 -69.56 31.44
C ASP H 112 98.42 -70.02 30.57
N GLN H 113 98.68 -71.33 30.55
CA GLN H 113 99.75 -71.85 29.70
C GLN H 113 99.45 -71.61 28.22
N GLU H 114 98.19 -71.78 27.82
CA GLU H 114 97.84 -71.52 26.43
C GLU H 114 98.11 -70.06 26.07
N ALA H 115 97.77 -69.14 26.97
CA ALA H 115 98.03 -67.72 26.70
C ALA H 115 99.52 -67.44 26.57
N THR H 116 100.33 -68.02 27.45
CA THR H 116 101.78 -67.80 27.38
C THR H 116 102.33 -68.34 26.06
N ALA H 117 101.88 -69.52 25.64
CA ALA H 117 102.35 -70.10 24.38
C ALA H 117 101.98 -69.21 23.20
N ALA H 118 100.73 -68.72 23.18
CA ALA H 118 100.30 -67.86 22.08
C ALA H 118 101.09 -66.56 22.02
N PHE H 119 101.33 -65.94 23.18
CA PHE H 119 102.11 -64.71 23.19
C PHE H 119 103.52 -64.96 22.69
N GLU H 120 104.14 -66.07 23.11
CA GLU H 120 105.48 -66.39 22.64
C GLU H 120 105.50 -66.56 21.13
N ALA H 121 104.54 -67.29 20.57
CA ALA H 121 104.53 -67.53 19.13
C ALA H 121 104.35 -66.21 18.36
N TYR H 122 103.45 -65.35 18.84
CA TYR H 122 103.16 -64.14 18.09
C TYR H 122 104.30 -63.13 18.20
N ARG H 123 104.94 -63.04 19.38
CA ARG H 123 106.13 -62.20 19.49
C ARG H 123 107.27 -62.72 18.65
N ASN H 124 107.41 -64.04 18.55
CA ASN H 124 108.46 -64.61 17.71
C ASN H 124 108.22 -64.28 16.25
N ALA H 125 106.97 -64.36 15.80
CA ALA H 125 106.66 -63.98 14.43
C ALA H 125 106.96 -62.51 14.17
N LEU H 126 106.60 -61.63 15.12
CA LEU H 126 106.92 -60.22 14.96
C LEU H 126 108.41 -59.97 14.91
N ARG H 127 109.18 -60.66 15.75
CA ARG H 127 110.63 -60.53 15.73
C ARG H 127 111.21 -60.99 14.41
N ASP H 128 110.71 -62.13 13.90
CA ASP H 128 111.20 -62.67 12.63
C ASP H 128 110.84 -61.76 11.47
N ALA H 129 109.76 -60.98 11.62
CA ALA H 129 109.36 -60.07 10.55
C ALA H 129 110.44 -59.04 10.23
N ALA H 130 111.04 -58.44 11.26
CA ALA H 130 112.00 -57.36 11.03
C ALA H 130 113.28 -57.89 10.39
N ILE H 131 113.97 -58.80 11.09
CA ILE H 131 115.20 -59.38 10.57
C ILE H 131 115.06 -60.90 10.58
N SER H 132 114.72 -61.47 9.43
CA SER H 132 114.53 -62.92 9.35
C SER H 132 115.87 -63.64 9.40
N ILE H 133 115.85 -64.83 9.99
CA ILE H 133 117.04 -65.66 10.13
C ILE H 133 116.76 -67.02 9.53
N ASN H 134 117.68 -67.51 8.71
CA ASN H 134 117.52 -68.77 8.01
C ASN H 134 117.62 -69.92 9.01
N PRO H 135 117.13 -71.11 8.64
CA PRO H 135 117.30 -72.28 9.52
C PRO H 135 118.75 -72.56 9.86
N ASP H 136 119.68 -72.28 8.95
CA ASP H 136 121.10 -72.44 9.23
C ASP H 136 121.64 -71.40 10.20
N GLY H 137 120.93 -70.31 10.40
CA GLY H 137 121.36 -69.28 11.33
C GLY H 137 121.91 -68.02 10.70
N SER H 138 121.50 -67.68 9.47
CA SER H 138 122.00 -66.51 8.78
C SER H 138 120.83 -65.63 8.37
N ILE H 139 121.11 -64.32 8.24
CA ILE H 139 120.09 -63.38 7.83
C ILE H 139 119.70 -63.65 6.38
N ASN H 140 118.40 -63.52 6.09
CA ASN H 140 117.89 -63.74 4.75
C ASN H 140 117.38 -62.41 4.20
N PRO H 141 118.16 -61.68 3.41
CA PRO H 141 117.68 -60.39 2.88
C PRO H 141 116.48 -60.52 1.97
N ASP H 142 116.23 -61.70 1.41
CA ASP H 142 115.07 -61.89 0.54
C ASP H 142 113.79 -61.67 1.34
N THR H 143 113.72 -62.20 2.55
CA THR H 143 112.51 -62.12 3.37
C THR H 143 112.71 -61.33 4.65
N SER H 144 113.52 -60.27 4.62
CA SER H 144 113.76 -59.43 5.79
C SER H 144 113.22 -58.02 5.52
N ILE H 145 112.43 -57.49 6.45
CA ILE H 145 111.78 -56.21 6.23
C ILE H 145 112.78 -55.07 6.20
N ASN H 146 113.67 -55.01 7.20
CA ASN H 146 114.55 -53.84 7.33
C ASN H 146 115.53 -53.74 6.17
N LEU H 147 116.05 -54.88 5.72
CA LEU H 147 116.97 -54.86 4.59
C LEU H 147 116.29 -54.39 3.31
N LEU H 148 115.07 -54.87 3.05
CA LEU H 148 114.31 -54.40 1.90
C LEU H 148 113.98 -52.92 2.04
N ILE H 149 113.69 -52.47 3.27
CA ILE H 149 113.42 -51.06 3.52
C ILE H 149 114.62 -50.22 3.14
N ASP H 150 115.81 -50.63 3.57
CA ASP H 150 117.00 -49.84 3.27
C ASP H 150 117.35 -49.92 1.79
N ALA H 151 117.08 -51.06 1.15
CA ALA H 151 117.28 -51.16 -0.30
C ALA H 151 116.40 -50.18 -1.04
N ALA H 152 115.12 -50.09 -0.66
CA ALA H 152 114.23 -49.14 -1.30
C ALA H 152 114.60 -47.70 -0.94
N ASN H 153 115.11 -47.49 0.27
CA ASN H 153 115.49 -46.15 0.70
C ASN H 153 116.68 -45.63 -0.08
N ALA H 154 117.64 -46.50 -0.38
CA ALA H 154 118.82 -46.11 -1.16
C ALA H 154 118.54 -46.06 -2.66
N ALA H 155 117.44 -46.63 -3.12
CA ALA H 155 117.15 -46.74 -4.54
C ALA H 155 116.24 -45.62 -5.05
N ASN H 156 116.03 -44.57 -4.25
CA ASN H 156 115.22 -43.44 -4.69
C ASN H 156 116.10 -42.20 -4.85
N ARG H 157 115.66 -41.28 -5.71
CA ARG H 157 116.39 -40.06 -5.99
C ARG H 157 115.58 -38.81 -5.72
N THR H 158 114.34 -38.96 -5.25
CA THR H 158 113.43 -37.83 -5.07
C THR H 158 113.89 -36.97 -3.89
N ASP H 159 113.31 -35.78 -3.77
CA ASP H 159 113.70 -34.84 -2.72
C ASP H 159 112.71 -34.94 -1.55
N ARG H 160 112.35 -36.16 -1.17
CA ARG H 160 111.70 -36.43 0.10
C ARG H 160 110.31 -35.82 0.24
N ALA H 161 109.85 -35.07 -0.77
CA ALA H 161 108.62 -34.31 -0.61
C ALA H 161 107.40 -35.22 -0.54
N GLU H 162 107.31 -36.19 -1.45
CA GLU H 162 106.14 -37.04 -1.54
C GLU H 162 106.42 -38.52 -1.33
N ILE H 163 107.62 -38.99 -1.69
CA ILE H 163 108.05 -40.33 -1.35
C ILE H 163 109.19 -40.19 -0.34
N GLU H 164 108.94 -40.62 0.89
CA GLU H 164 109.82 -40.32 2.00
C GLU H 164 110.59 -41.56 2.41
N ASP H 165 111.62 -41.33 3.23
CA ASP H 165 112.39 -42.45 3.78
C ASP H 165 111.53 -43.22 4.77
N TYR H 166 111.51 -44.53 4.61
CA TYR H 166 110.78 -45.38 5.55
C TYR H 166 111.62 -45.61 6.79
N ALA H 167 111.06 -45.26 7.95
CA ALA H 167 111.74 -45.50 9.22
C ALA H 167 111.81 -46.99 9.51
N HIS H 168 112.85 -47.38 10.25
CA HIS H 168 113.06 -48.79 10.55
C HIS H 168 111.98 -49.31 11.48
N LEU H 169 111.76 -50.62 11.42
CA LEU H 169 110.59 -51.21 12.07
C LEU H 169 110.64 -51.04 13.59
N TYR H 170 109.45 -50.83 14.16
CA TYR H 170 109.24 -50.76 15.61
C TYR H 170 110.04 -49.63 16.23
N THR H 171 109.67 -48.40 15.84
CA THR H 171 110.23 -47.22 16.48
C THR H 171 109.60 -46.99 17.86
N GLN H 172 108.36 -47.44 18.06
CA GLN H 172 107.70 -47.24 19.33
C GLN H 172 108.29 -48.11 20.43
N THR H 173 108.53 -49.39 20.13
CA THR H 173 108.95 -50.35 21.14
C THR H 173 110.26 -51.03 20.72
N ASP H 174 110.93 -51.61 21.69
CA ASP H 174 112.14 -52.40 21.48
C ASP H 174 111.74 -53.87 21.50
N ILE H 175 111.63 -54.48 20.33
CA ILE H 175 111.18 -55.86 20.25
C ILE H 175 112.26 -56.84 20.69
N ALA H 176 113.49 -56.36 20.91
CA ALA H 176 114.54 -57.23 21.43
C ALA H 176 114.28 -57.59 22.89
N LEU H 177 113.52 -56.75 23.59
CA LEU H 177 113.23 -57.01 25.00
C LEU H 177 112.36 -58.25 25.14
N GLU H 178 112.38 -58.83 26.35
CA GLU H 178 111.63 -60.05 26.60
C GLU H 178 110.13 -59.83 26.42
N THR H 179 109.59 -58.81 27.10
CA THR H 179 108.16 -58.53 27.03
C THR H 179 107.92 -57.14 26.45
N PRO H 180 107.78 -57.01 25.14
CA PRO H 180 107.49 -55.70 24.55
C PRO H 180 106.01 -55.46 24.33
N GLN H 181 105.63 -54.22 24.00
CA GLN H 181 104.24 -53.89 23.70
C GLN H 181 103.98 -54.20 22.24
N LEU H 182 103.40 -55.38 21.98
CA LEU H 182 103.33 -55.90 20.62
C LEU H 182 102.26 -55.19 19.80
N ALA H 183 101.27 -54.58 20.47
CA ALA H 183 100.27 -53.80 19.74
C ALA H 183 100.92 -52.63 19.03
N TYR H 184 101.89 -51.98 19.68
CA TYR H 184 102.63 -50.88 19.05
C TYR H 184 103.36 -51.38 17.81
N ALA H 185 103.98 -52.56 17.89
CA ALA H 185 104.70 -53.11 16.76
C ALA H 185 103.78 -53.43 15.60
N PHE H 186 102.63 -54.04 15.88
CA PHE H 186 101.67 -54.31 14.81
C PHE H 186 101.13 -53.02 14.20
N GLN H 187 100.91 -52.00 15.02
CA GLN H 187 100.52 -50.69 14.51
C GLN H 187 101.56 -50.16 13.55
N ASP H 188 102.84 -50.23 13.91
CA ASP H 188 103.89 -49.74 13.04
C ASP H 188 103.95 -50.53 11.73
N LEU H 189 103.78 -51.85 11.81
CA LEU H 189 103.81 -52.67 10.60
C LEU H 189 102.66 -52.31 9.66
N LYS H 190 101.46 -52.13 10.21
CA LYS H 190 100.32 -51.73 9.37
C LYS H 190 100.52 -50.34 8.79
N ALA H 191 101.12 -49.43 9.56
CA ALA H 191 101.44 -48.10 9.05
C ALA H 191 102.40 -48.18 7.88
N LEU H 192 103.41 -49.05 7.97
CA LEU H 192 104.33 -49.23 6.86
C LEU H 192 103.61 -49.77 5.62
N GLN H 193 102.74 -50.77 5.79
CA GLN H 193 102.02 -51.30 4.64
C GLN H 193 101.18 -50.23 3.98
N ALA H 194 100.47 -49.42 4.78
CA ALA H 194 99.66 -48.35 4.23
C ALA H 194 100.51 -47.31 3.52
N GLU H 195 101.66 -46.93 4.11
CA GLU H 195 102.51 -45.92 3.50
C GLU H 195 103.07 -46.40 2.17
N VAL H 196 103.44 -47.67 2.08
CA VAL H 196 103.94 -48.21 0.81
C VAL H 196 102.84 -48.17 -0.24
N ASP H 197 101.64 -48.64 0.11
CA ASP H 197 100.55 -48.62 -0.86
C ASP H 197 100.18 -47.19 -1.27
N ALA H 198 100.38 -46.23 -0.36
CA ALA H 198 100.08 -44.84 -0.68
C ALA H 198 101.11 -44.24 -1.63
N ASP H 199 102.39 -44.53 -1.39
CA ASP H 199 103.43 -44.01 -2.27
C ASP H 199 103.39 -44.70 -3.65
N PHE H 200 102.73 -45.85 -3.73
CA PHE H 200 102.58 -46.53 -5.02
C PHE H 200 102.01 -45.60 -6.09
N GLU H 201 100.99 -44.82 -5.76
CA GLU H 201 100.34 -43.99 -6.77
C GLU H 201 101.19 -42.78 -7.13
N TRP H 202 102.01 -42.30 -6.19
CA TRP H 202 102.96 -41.23 -6.52
C TRP H 202 104.11 -41.76 -7.35
N LEU H 203 104.34 -43.07 -7.30
CA LEU H 203 105.29 -43.69 -8.22
C LEU H 203 104.74 -43.73 -9.65
N GLY H 204 103.42 -43.75 -9.79
CA GLY H 204 102.76 -43.80 -11.08
C GLY H 204 102.40 -42.46 -11.69
N GLU H 205 103.02 -41.39 -11.23
CA GLU H 205 102.74 -40.06 -11.76
C GLU H 205 103.55 -39.80 -13.04
N PHE H 206 103.05 -38.87 -13.85
CA PHE H 206 103.77 -38.49 -15.07
C PHE H 206 104.93 -37.56 -14.74
N GLY H 207 104.72 -36.61 -13.84
CA GLY H 207 105.67 -35.54 -13.58
C GLY H 207 106.56 -35.72 -12.37
N ILE H 208 106.71 -36.93 -11.85
CA ILE H 208 107.62 -37.15 -10.72
C ILE H 208 109.06 -36.86 -11.12
N ASP H 209 109.46 -37.31 -12.30
CA ASP H 209 110.80 -37.04 -12.81
C ASP H 209 110.86 -35.57 -13.19
N GLN H 210 111.56 -34.77 -12.38
CA GLN H 210 111.58 -33.33 -12.61
C GLN H 210 112.96 -32.80 -12.96
N GLU H 211 113.93 -33.05 -12.10
CA GLU H 211 115.19 -32.33 -12.10
C GLU H 211 116.26 -33.21 -11.48
N ASP H 212 117.53 -32.85 -11.73
CA ASP H 212 118.63 -33.46 -11.01
C ASP H 212 118.40 -33.33 -9.51
N GLY H 213 118.20 -34.47 -8.85
CA GLY H 213 117.86 -34.50 -7.45
C GLY H 213 116.39 -34.72 -7.14
N ASN H 214 115.50 -34.50 -8.11
CA ASN H 214 114.09 -34.85 -7.95
C ASN H 214 113.70 -35.67 -9.16
N TYR H 215 113.93 -36.99 -9.11
CA TYR H 215 113.51 -37.86 -10.19
C TYR H 215 113.51 -39.30 -9.69
N VAL H 216 112.93 -40.18 -10.50
CA VAL H 216 112.74 -41.58 -10.14
C VAL H 216 113.53 -42.44 -11.11
N GLN H 217 114.41 -43.27 -10.56
CA GLN H 217 115.20 -44.20 -11.36
C GLN H 217 114.39 -45.46 -11.67
N ARG H 218 114.91 -46.26 -12.59
CA ARG H 218 114.15 -47.41 -13.07
C ARG H 218 114.21 -48.59 -12.12
N TYR H 219 115.06 -48.50 -11.08
CA TYR H 219 115.20 -49.63 -10.16
C TYR H 219 114.45 -49.40 -8.86
N HIS H 220 113.97 -48.17 -8.63
CA HIS H 220 113.21 -47.87 -7.43
C HIS H 220 111.94 -48.71 -7.35
N LEU H 221 111.22 -48.80 -8.47
CA LEU H 221 109.91 -49.46 -8.45
C LEU H 221 110.01 -50.95 -8.14
N PRO H 222 110.94 -51.73 -8.71
CA PRO H 222 111.05 -53.13 -8.29
C PRO H 222 111.38 -53.32 -6.82
N ALA H 223 112.21 -52.44 -6.25
CA ALA H 223 112.51 -52.51 -4.82
C ALA H 223 111.25 -52.29 -3.99
N VAL H 224 110.49 -51.25 -4.34
CA VAL H 224 109.24 -50.99 -3.61
C VAL H 224 108.27 -52.15 -3.79
N GLU H 225 108.22 -52.74 -4.98
CA GLU H 225 107.29 -53.84 -5.24
C GLU H 225 107.65 -55.06 -4.43
N ALA H 226 108.93 -55.41 -4.36
CA ALA H 226 109.36 -56.54 -3.53
C ALA H 226 109.05 -56.29 -2.07
N LEU H 227 109.33 -55.07 -1.58
CA LEU H 227 109.00 -54.75 -0.20
C LEU H 227 107.51 -54.89 0.06
N LYS H 228 106.68 -54.45 -0.87
CA LYS H 228 105.23 -54.54 -0.70
C LYS H 228 104.76 -55.99 -0.66
N ALA H 229 105.26 -56.82 -1.58
CA ALA H 229 104.84 -58.22 -1.59
C ALA H 229 105.26 -58.92 -0.31
N GLU H 230 106.47 -58.63 0.17
CA GLU H 230 106.94 -59.25 1.41
C GLU H 230 106.09 -58.80 2.60
N VAL H 231 105.76 -57.51 2.69
CA VAL H 231 104.92 -57.03 3.79
C VAL H 231 103.54 -57.67 3.73
N ASP H 232 103.01 -57.84 2.50
CA ASP H 232 101.68 -58.45 2.33
C ASP H 232 101.70 -59.89 2.87
N ALA H 233 102.71 -60.69 2.48
CA ALA H 233 102.80 -62.06 2.97
C ALA H 233 103.02 -62.10 4.48
N ARG H 234 103.85 -61.20 5.00
CA ARG H 234 104.13 -61.18 6.43
C ARG H 234 102.88 -60.88 7.23
N VAL H 235 102.09 -59.90 6.79
CA VAL H 235 100.86 -59.56 7.49
C VAL H 235 99.86 -60.71 7.42
N ALA H 236 99.76 -61.36 6.25
CA ALA H 236 98.87 -62.51 6.14
C ALA H 236 99.28 -63.62 7.09
N ALA H 237 100.58 -63.75 7.37
CA ALA H 237 101.03 -64.75 8.34
C ALA H 237 100.76 -64.31 9.77
N ILE H 238 100.93 -63.02 10.06
CA ILE H 238 100.86 -62.54 11.44
C ILE H 238 99.40 -62.41 11.89
N GLU H 239 98.47 -62.36 10.95
CA GLU H 239 97.06 -62.21 11.33
C GLU H 239 96.54 -63.31 12.24
N PRO H 240 96.53 -64.60 11.87
CA PRO H 240 95.94 -65.61 12.77
C PRO H 240 96.65 -65.71 14.10
N LEU H 241 97.97 -65.50 14.11
CA LEU H 241 98.72 -65.55 15.37
C LEU H 241 98.25 -64.45 16.31
N ARG H 242 98.10 -63.23 15.81
CA ARG H 242 97.63 -62.13 16.64
C ARG H 242 96.21 -62.37 17.13
N ALA H 243 95.36 -62.91 16.25
CA ALA H 243 93.98 -63.20 16.65
C ALA H 243 93.95 -64.21 17.79
N ASP H 244 94.69 -65.31 17.65
CA ASP H 244 94.69 -66.35 18.68
C ASP H 244 95.31 -65.82 19.97
N SER H 245 96.37 -65.01 19.85
CA SER H 245 97.00 -64.44 21.04
C SER H 245 96.03 -63.56 21.82
N ILE H 246 95.30 -62.69 21.12
CA ILE H 246 94.32 -61.85 21.78
C ILE H 246 93.25 -62.70 22.44
N ALA H 247 92.73 -63.69 21.71
CA ALA H 247 91.64 -64.51 22.22
C ALA H 247 92.03 -65.25 23.49
N LYS H 248 93.25 -65.78 23.53
CA LYS H 248 93.64 -66.59 24.69
C LYS H 248 94.14 -65.70 25.84
N ASN H 249 94.79 -64.59 25.51
CA ASN H 249 95.28 -63.70 26.57
C ASN H 249 94.13 -62.97 27.25
N LEU H 250 93.02 -62.73 26.55
CA LEU H 250 91.85 -62.19 27.20
C LEU H 250 91.24 -63.19 28.16
N GLU H 251 91.13 -64.44 27.74
CA GLU H 251 90.54 -65.47 28.59
C GLU H 251 91.41 -65.77 29.80
N ALA H 252 92.72 -65.61 29.68
CA ALA H 252 93.64 -65.85 30.80
C ALA H 252 93.66 -64.70 31.79
N GLN H 253 92.82 -63.68 31.59
CA GLN H 253 92.67 -62.62 32.58
C GLN H 253 91.38 -62.73 33.37
N LYS H 254 90.41 -63.52 32.90
CA LYS H 254 89.20 -63.78 33.67
C LYS H 254 89.53 -64.51 34.96
N SER H 255 90.41 -65.51 34.89
CA SER H 255 90.71 -66.38 36.02
C SER H 255 91.98 -65.94 36.72
N ASP H 256 92.03 -66.16 38.03
CA ASP H 256 93.22 -65.92 38.83
C ASP H 256 93.48 -67.19 39.65
N VAL H 257 94.59 -67.86 39.36
CA VAL H 257 94.80 -69.22 39.86
C VAL H 257 95.16 -69.22 41.34
N LEU H 258 95.74 -68.12 41.83
CA LEU H 258 96.19 -68.08 43.22
C LEU H 258 95.01 -68.04 44.19
N VAL H 259 93.93 -67.33 43.82
CA VAL H 259 92.72 -67.35 44.63
C VAL H 259 92.16 -68.77 44.73
N ARG H 260 92.14 -69.49 43.62
CA ARG H 260 91.60 -70.84 43.60
C ARG H 260 92.48 -71.78 44.43
N GLN H 261 93.80 -71.57 44.40
CA GLN H 261 94.68 -72.33 45.29
C GLN H 261 94.39 -72.03 46.76
N LEU H 262 94.16 -70.76 47.08
CA LEU H 262 93.83 -70.39 48.46
C LEU H 262 92.55 -71.06 48.92
N PHE H 263 91.54 -71.11 48.04
CA PHE H 263 90.29 -71.75 48.40
C PHE H 263 90.46 -73.25 48.55
N LEU H 264 91.30 -73.88 47.72
CA LEU H 264 91.59 -75.30 47.91
C LEU H 264 92.24 -75.56 49.27
N GLU H 265 93.19 -74.71 49.68
CA GLU H 265 93.84 -74.90 50.96
C GLU H 265 92.86 -74.70 52.12
N ARG H 266 91.98 -73.72 52.00
CA ARG H 266 90.95 -73.52 53.03
C ARG H 266 90.03 -74.74 53.10
N ALA H 267 89.66 -75.30 51.94
CA ALA H 267 88.79 -76.47 51.94
C ALA H 267 89.48 -77.67 52.59
N THR H 268 90.78 -77.83 52.39
CA THR H 268 91.51 -78.90 53.07
C THR H 268 91.50 -78.72 54.58
N ALA H 269 91.76 -77.49 55.04
CA ALA H 269 91.72 -77.23 56.48
C ALA H 269 90.33 -77.50 57.04
N GLN H 270 89.29 -77.12 56.30
CA GLN H 270 87.93 -77.43 56.74
C GLN H 270 87.72 -78.93 56.82
N ARG H 271 88.23 -79.68 55.85
CA ARG H 271 88.01 -81.13 55.87
C ARG H 271 88.65 -81.79 57.08
N ASP H 272 89.90 -81.41 57.42
CA ASP H 272 90.55 -82.12 58.51
C ASP H 272 89.97 -81.70 59.86
N THR H 273 89.63 -80.41 60.00
CA THR H 273 88.92 -79.99 61.20
C THR H 273 87.57 -80.71 61.32
N LEU H 274 86.91 -80.93 60.19
CA LEU H 274 85.63 -81.63 60.19
C LEU H 274 85.78 -83.06 60.68
N ARG H 275 86.81 -83.77 60.23
CA ARG H 275 86.95 -85.15 60.69
C ARG H 275 87.36 -85.18 62.16
N VAL H 276 88.11 -84.19 62.63
CA VAL H 276 88.40 -84.11 64.06
C VAL H 276 87.10 -83.95 64.86
N VAL H 277 86.23 -83.06 64.41
CA VAL H 277 84.97 -82.83 65.11
C VAL H 277 84.08 -84.07 65.06
N GLU H 278 84.03 -84.74 63.91
CA GLU H 278 83.22 -85.95 63.79
C GLU H 278 83.73 -87.04 64.72
N ALA H 279 85.05 -87.18 64.84
CA ALA H 279 85.61 -88.13 65.79
C ALA H 279 85.21 -87.77 67.22
N ILE H 280 85.25 -86.48 67.56
CA ILE H 280 84.83 -86.06 68.89
C ILE H 280 83.40 -86.50 69.17
N PHE H 281 82.49 -86.23 68.22
CA PHE H 281 81.09 -86.55 68.44
C PHE H 281 80.85 -88.05 68.52
N SER H 282 81.50 -88.83 67.64
CA SER H 282 81.32 -90.28 67.69
C SER H 282 81.87 -90.86 68.98
N THR H 283 83.01 -90.36 69.45
CA THR H 283 83.58 -90.83 70.70
C THR H 283 82.65 -90.53 71.87
N SER H 284 82.10 -89.31 71.92
CA SER H 284 81.18 -88.98 73.01
C SER H 284 79.92 -89.84 72.95
N ALA H 285 79.40 -90.07 71.74
CA ALA H 285 78.20 -90.90 71.61
C ALA H 285 78.44 -92.33 72.08
N ARG H 286 79.59 -92.91 71.72
CA ARG H 286 79.87 -94.27 72.19
C ARG H 286 80.12 -94.30 73.69
N TYR H 287 80.76 -93.27 74.23
CA TYR H 287 80.98 -93.22 75.67
C TYR H 287 79.66 -93.18 76.43
N VAL H 288 78.71 -92.39 75.95
CA VAL H 288 77.42 -92.32 76.62
C VAL H 288 76.63 -93.61 76.43
N GLU H 289 76.67 -94.19 75.22
CA GLU H 289 75.85 -95.36 74.94
C GLU H 289 76.28 -96.59 75.73
N LEU H 290 77.52 -96.65 76.20
CA LEU H 290 78.01 -97.80 76.95
C LEU H 290 77.67 -97.70 78.43
N TYR H 291 76.64 -96.93 78.77
CA TYR H 291 76.20 -96.81 80.19
C TYR H 291 75.46 -98.08 80.60
N GLU H 292 75.96 -98.80 81.62
CA GLU H 292 75.21 -99.99 82.17
C GLU H 292 74.80 -100.93 81.04
N ASN H 293 75.66 -101.14 80.05
CA ASN H 293 75.43 -101.82 78.76
C ASN H 293 76.04 -103.24 78.71
N VAL H 294 75.56 -104.16 77.88
CA VAL H 294 76.11 -105.52 77.84
C VAL H 294 77.43 -105.59 77.08
N GLU H 295 77.79 -104.54 76.35
CA GLU H 295 79.02 -104.50 75.59
C GLU H 295 80.18 -103.85 76.33
N ASN H 296 79.94 -103.28 77.50
CA ASN H 296 81.00 -102.64 78.28
C ASN H 296 81.75 -103.73 79.02
N VAL H 297 82.77 -104.29 78.37
CA VAL H 297 83.51 -105.42 78.90
C VAL H 297 84.86 -104.94 79.43
N ASN H 298 85.57 -105.85 80.10
CA ASN H 298 86.87 -105.55 80.67
C ASN H 298 87.97 -105.87 79.68
N VAL H 299 88.85 -104.90 79.43
CA VAL H 299 89.99 -105.09 78.54
C VAL H 299 91.15 -104.27 79.09
N GLU H 300 92.31 -104.93 79.23
CA GLU H 300 93.56 -104.28 79.62
C GLU H 300 93.41 -103.55 80.95
N ASN H 301 93.03 -104.30 81.99
CA ASN H 301 92.92 -103.80 83.36
C ASN H 301 91.96 -102.61 83.47
N LYS H 302 90.97 -102.55 82.58
CA LYS H 302 90.01 -101.46 82.58
C LYS H 302 88.80 -101.87 81.75
N THR H 303 87.80 -101.00 81.76
CA THR H 303 86.63 -101.19 80.92
C THR H 303 86.75 -100.33 79.66
N LEU H 304 85.75 -100.47 78.79
CA LEU H 304 85.81 -99.85 77.46
C LEU H 304 85.73 -98.34 77.56
N ARG H 305 84.99 -97.82 78.54
CA ARG H 305 84.72 -96.38 78.58
C ARG H 305 85.90 -95.58 79.09
N GLN H 306 86.78 -96.19 79.89
CA GLN H 306 87.91 -95.44 80.43
C GLN H 306 88.90 -95.05 79.33
N HIS H 307 89.06 -95.90 78.32
CA HIS H 307 89.90 -95.52 77.18
C HIS H 307 89.33 -94.30 76.46
N TYR H 308 88.01 -94.32 76.22
CA TYR H 308 87.35 -93.19 75.57
C TYR H 308 87.53 -91.92 76.38
N SER H 309 87.42 -92.03 77.71
CA SER H 309 87.62 -90.87 78.57
C SER H 309 89.05 -90.36 78.47
N ALA H 310 90.03 -91.27 78.46
CA ALA H 310 91.43 -90.87 78.36
C ALA H 310 91.73 -90.25 77.00
N LEU H 311 90.92 -90.52 75.99
CA LEU H 311 91.13 -89.92 74.67
C LEU H 311 90.93 -88.41 74.66
N ILE H 312 90.59 -87.79 75.79
CA ILE H 312 90.16 -86.38 75.78
C ILE H 312 91.30 -85.42 75.51
N PRO H 313 92.43 -85.44 76.24
CA PRO H 313 93.47 -84.44 75.96
C PRO H 313 94.05 -84.52 74.55
N ASN H 314 94.12 -85.72 73.98
CA ASN H 314 94.56 -85.86 72.60
C ASN H 314 93.66 -85.09 71.66
N LEU H 315 92.35 -85.31 71.78
CA LEU H 315 91.39 -84.60 70.93
C LEU H 315 91.44 -83.11 71.18
N PHE H 316 91.67 -82.70 72.44
CA PHE H 316 91.79 -81.28 72.74
C PHE H 316 92.95 -80.64 71.98
N ILE H 317 94.13 -81.25 72.06
CA ILE H 317 95.29 -80.70 71.38
C ILE H 317 95.08 -80.70 69.86
N ALA H 318 94.54 -81.80 69.33
CA ALA H 318 94.31 -81.89 67.89
C ALA H 318 93.35 -80.81 67.43
N ALA H 319 92.25 -80.59 68.17
CA ALA H 319 91.29 -79.58 67.80
C ALA H 319 91.89 -78.18 67.87
N VAL H 320 92.71 -77.91 68.89
CA VAL H 320 93.31 -76.59 69.01
C VAL H 320 94.21 -76.31 67.81
N ALA H 321 95.04 -77.28 67.45
CA ALA H 321 95.93 -77.09 66.30
C ALA H 321 95.16 -76.89 65.01
N ASN H 322 94.14 -77.74 64.78
CA ASN H 322 93.36 -77.63 63.56
C ASN H 322 92.61 -76.29 63.49
N ILE H 323 92.09 -75.83 64.63
CA ILE H 323 91.39 -74.55 64.67
C ILE H 323 92.33 -73.40 64.35
N SER H 324 93.55 -73.43 64.90
CA SER H 324 94.49 -72.36 64.60
C SER H 324 94.84 -72.32 63.13
N GLU H 325 95.08 -73.50 62.53
CA GLU H 325 95.42 -73.51 61.11
C GLU H 325 94.23 -73.07 60.25
N LEU H 326 93.00 -73.44 60.64
CA LEU H 326 91.83 -73.03 59.88
C LEU H 326 91.63 -71.52 59.98
N ASN H 327 91.88 -70.93 61.15
CA ASN H 327 91.79 -69.48 61.28
C ASN H 327 92.81 -68.78 60.38
N ALA H 328 94.04 -69.29 60.35
CA ALA H 328 95.05 -68.69 59.48
C ALA H 328 94.64 -68.79 58.01
N ALA H 329 94.13 -69.95 57.60
CA ALA H 329 93.71 -70.12 56.21
C ALA H 329 92.54 -69.19 55.87
N ASP H 330 91.59 -69.06 56.79
CA ASP H 330 90.44 -68.17 56.56
C ASP H 330 90.91 -66.73 56.37
N ALA H 331 91.80 -66.26 57.25
CA ALA H 331 92.30 -64.89 57.11
C ALA H 331 93.05 -64.72 55.79
N GLU H 332 93.85 -65.71 55.42
CA GLU H 332 94.63 -65.60 54.17
C GLU H 332 93.70 -65.49 52.97
N ALA H 333 92.68 -66.35 52.89
CA ALA H 333 91.80 -66.32 51.73
C ALA H 333 90.91 -65.09 51.73
N ALA H 334 90.55 -64.57 52.91
CA ALA H 334 89.68 -63.40 52.95
C ALA H 334 90.44 -62.13 52.57
N ALA H 335 91.68 -61.97 53.04
CA ALA H 335 92.40 -60.72 52.81
C ALA H 335 92.94 -60.58 51.39
N TYR H 336 92.99 -61.68 50.62
CA TYR H 336 93.58 -61.65 49.29
C TYR H 336 92.61 -62.23 48.26
N TYR H 337 91.33 -61.85 48.36
CA TYR H 337 90.38 -62.25 47.32
C TYR H 337 90.61 -61.47 46.04
N LEU H 338 90.93 -60.19 46.15
CA LEU H 338 91.23 -59.35 44.99
C LEU H 338 92.37 -58.43 45.40
N HIS H 339 93.60 -58.87 45.14
CA HIS H 339 94.79 -58.13 45.52
C HIS H 339 95.84 -58.29 44.43
N TRP H 340 96.81 -57.37 44.43
CA TRP H 340 97.90 -57.43 43.46
C TRP H 340 98.74 -58.68 43.64
N ASP H 341 99.00 -59.06 44.90
CA ASP H 341 99.89 -60.18 45.20
C ASP H 341 99.27 -61.51 44.80
N THR H 342 98.12 -61.46 44.13
CA THR H 342 97.44 -62.64 43.63
C THR H 342 97.36 -62.69 42.11
N ASP H 343 97.15 -61.55 41.46
CA ASP H 343 97.27 -61.42 40.00
C ASP H 343 98.54 -60.59 39.76
N LEU H 344 99.63 -61.26 39.41
CA LEU H 344 100.94 -60.63 39.35
C LEU H 344 101.22 -60.08 37.97
N ALA H 345 102.49 -59.73 37.72
CA ALA H 345 102.87 -58.96 36.54
C ALA H 345 102.55 -59.71 35.24
N THR H 346 103.23 -60.82 35.01
CA THR H 346 103.00 -61.55 33.77
C THR H 346 101.66 -62.27 33.84
N ASN H 347 101.10 -62.59 32.67
CA ASN H 347 99.91 -63.43 32.67
C ASN H 347 100.25 -64.85 33.12
N ASP H 348 101.48 -65.29 32.88
CA ASP H 348 101.87 -66.66 33.20
C ASP H 348 101.77 -66.94 34.69
N GLU H 349 102.51 -66.16 35.50
CA GLU H 349 102.57 -66.32 36.96
C GLU H 349 102.57 -67.79 37.38
N ASP H 350 103.53 -68.54 36.84
CA ASP H 350 103.61 -69.97 37.12
C ASP H 350 104.59 -70.29 38.23
N GLU H 351 105.66 -69.51 38.37
CA GLU H 351 106.65 -69.79 39.41
C GLU H 351 106.03 -69.64 40.79
N ALA H 352 105.20 -68.63 40.99
CA ALA H 352 104.55 -68.45 42.29
C ALA H 352 103.57 -69.58 42.56
N TYR H 353 102.85 -70.02 41.53
CA TYR H 353 101.93 -71.14 41.72
C TYR H 353 102.68 -72.41 42.12
N TYR H 354 103.80 -72.67 41.48
CA TYR H 354 104.54 -73.89 41.80
C TYR H 354 105.20 -73.81 43.17
N LYS H 355 105.68 -72.63 43.56
CA LYS H 355 106.20 -72.44 44.91
C LYS H 355 105.11 -72.67 45.96
N ALA H 356 103.92 -72.12 45.72
CA ALA H 356 102.81 -72.32 46.64
C ALA H 356 102.38 -73.79 46.68
N LYS H 357 102.38 -74.47 45.53
CA LYS H 357 102.03 -75.89 45.51
C LYS H 357 103.04 -76.71 46.30
N LEU H 358 104.33 -76.37 46.20
CA LEU H 358 105.33 -77.03 47.01
C LEU H 358 105.09 -76.83 48.50
N ASP H 359 104.83 -75.58 48.91
CA ASP H 359 104.58 -75.32 50.32
C ASP H 359 103.35 -76.08 50.81
N PHE H 360 102.30 -76.09 49.99
CA PHE H 360 101.07 -76.81 50.34
C PHE H 360 101.32 -78.31 50.49
N ALA H 361 102.09 -78.90 49.58
CA ALA H 361 102.39 -80.32 49.68
C ALA H 361 103.21 -80.63 50.93
N ILE H 362 104.19 -79.78 51.24
CA ILE H 362 104.98 -79.97 52.46
C ILE H 362 104.08 -79.95 53.69
N GLU H 363 103.18 -78.96 53.75
CA GLU H 363 102.28 -78.86 54.89
C GLU H 363 101.36 -80.09 54.99
N THR H 364 100.84 -80.55 53.85
CA THR H 364 99.94 -81.70 53.85
C THR H 364 100.66 -82.96 54.34
N TYR H 365 101.89 -83.18 53.86
CA TYR H 365 102.63 -84.37 54.28
C TYR H 365 102.98 -84.30 55.76
N ALA H 366 103.34 -83.12 56.27
CA ALA H 366 103.58 -82.99 57.70
C ALA H 366 102.30 -83.23 58.50
N LYS H 367 101.17 -82.76 57.99
CA LYS H 367 99.90 -82.90 58.70
C LYS H 367 99.46 -84.35 58.75
N ILE H 368 99.78 -85.15 57.73
CA ILE H 368 99.44 -86.57 57.78
C ILE H 368 100.07 -87.22 59.01
N LEU H 369 101.37 -86.98 59.21
CA LEU H 369 102.06 -87.53 60.38
C LEU H 369 101.50 -86.96 61.68
N PHE H 370 101.28 -85.64 61.72
CA PHE H 370 100.78 -85.02 62.95
C PHE H 370 99.44 -85.61 63.37
N ASN H 371 98.48 -85.66 62.44
CA ASN H 371 97.17 -86.19 62.76
C ASN H 371 97.21 -87.67 63.08
N GLY H 372 98.02 -88.44 62.33
CA GLY H 372 98.12 -89.86 62.63
C GLY H 372 98.68 -90.12 64.02
N GLU H 373 99.62 -89.29 64.46
CA GLU H 373 100.23 -89.56 65.76
C GLU H 373 99.40 -89.00 66.92
N VAL H 374 98.63 -87.94 66.71
CA VAL H 374 97.99 -87.28 67.83
C VAL H 374 96.68 -87.97 68.22
N TRP H 375 95.75 -88.15 67.28
CA TRP H 375 94.42 -88.63 67.64
C TRP H 375 93.91 -89.83 66.86
N GLN H 376 94.35 -90.06 65.62
CA GLN H 376 93.75 -91.11 64.82
C GLN H 376 93.99 -92.49 65.42
N GLU H 377 95.20 -92.77 65.85
CA GLU H 377 95.54 -94.12 66.23
C GLU H 377 95.12 -94.44 67.66
N PRO H 378 95.23 -93.50 68.62
CA PRO H 378 94.57 -93.75 69.92
C PRO H 378 93.10 -94.08 69.79
N LEU H 379 92.38 -93.42 68.88
CA LEU H 379 90.97 -93.75 68.67
C LEU H 379 90.79 -95.09 67.96
N ALA H 380 91.64 -95.36 66.97
CA ALA H 380 91.54 -96.60 66.21
C ALA H 380 91.78 -97.80 67.11
N TYR H 381 92.66 -97.66 68.09
CA TYR H 381 92.94 -98.76 69.01
C TYR H 381 91.70 -99.13 69.81
N VAL H 382 91.00 -98.13 70.35
CA VAL H 382 89.79 -98.40 71.12
C VAL H 382 88.70 -98.97 70.24
N GLN H 383 88.55 -98.44 69.02
CA GLN H 383 87.54 -98.99 68.12
C GLN H 383 87.86 -100.43 67.73
N ASN H 384 89.14 -100.76 67.57
CA ASN H 384 89.51 -102.13 67.30
C ASN H 384 89.22 -103.04 68.49
N LEU H 385 89.43 -102.53 69.71
CA LEU H 385 89.03 -103.29 70.90
C LEU H 385 87.54 -103.59 70.86
N ASP H 386 86.73 -102.58 70.55
CA ASP H 386 85.29 -102.76 70.43
C ASP H 386 84.95 -103.84 69.41
N ALA H 387 85.50 -103.71 68.20
CA ALA H 387 85.16 -104.64 67.12
C ALA H 387 85.62 -106.04 67.45
N GLY H 388 86.80 -106.18 68.05
CA GLY H 388 87.28 -107.49 68.43
C GLY H 388 86.40 -108.15 69.48
N ALA H 389 85.93 -107.36 70.46
CA ALA H 389 85.03 -107.91 71.47
C ALA H 389 83.74 -108.43 70.82
N ARG H 390 83.13 -107.62 69.95
CA ARG H 390 81.89 -108.07 69.31
C ARG H 390 82.14 -109.31 68.44
N GLN H 391 83.24 -109.30 67.69
CA GLN H 391 83.52 -110.44 66.80
C GLN H 391 83.78 -111.71 67.58
N GLU H 392 84.51 -111.62 68.69
CA GLU H 392 84.78 -112.82 69.48
C GLU H 392 83.51 -113.35 70.12
N ALA H 393 82.64 -112.47 70.61
CA ALA H 393 81.35 -112.93 71.12
C ALA H 393 80.55 -113.63 70.02
N ALA H 394 80.52 -113.04 68.83
CA ALA H 394 79.71 -113.57 67.74
C ALA H 394 80.21 -114.95 67.31
N ASP H 395 81.50 -115.09 67.07
CA ASP H 395 81.96 -116.39 66.56
C ASP H 395 82.03 -117.42 67.68
N ARG H 396 82.12 -116.99 68.94
CA ARG H 396 81.97 -117.93 70.05
C ARG H 396 80.57 -118.53 70.06
N GLU H 397 79.55 -117.68 69.92
CA GLU H 397 78.18 -118.20 69.83
C GLU H 397 78.01 -119.10 68.61
N ALA H 398 78.55 -118.68 67.47
CA ALA H 398 78.43 -119.48 66.26
C ALA H 398 79.10 -120.83 66.40
N ALA H 399 80.30 -120.86 67.00
CA ALA H 399 81.01 -122.12 67.21
C ALA H 399 80.25 -123.03 68.15
N ARG H 400 79.67 -122.46 69.22
CA ARG H 400 78.89 -123.27 70.14
C ARG H 400 77.70 -123.90 69.42
N ALA H 401 76.98 -123.11 68.63
CA ALA H 401 75.84 -123.65 67.89
C ALA H 401 76.27 -124.72 66.89
N ALA H 402 77.38 -124.47 66.18
CA ALA H 402 77.86 -125.44 65.21
C ALA H 402 78.25 -126.75 65.88
N ASP H 403 78.94 -126.67 67.02
CA ASP H 403 79.32 -127.89 67.74
C ASP H 403 78.09 -128.66 68.20
N GLU H 404 77.09 -127.94 68.73
CA GLU H 404 75.88 -128.62 69.18
C GLU H 404 75.18 -129.32 68.02
N ALA H 405 75.06 -128.62 66.88
CA ALA H 405 74.40 -129.21 65.72
C ALA H 405 75.18 -130.41 65.20
N TYR H 406 76.50 -130.32 65.17
CA TYR H 406 77.32 -131.42 64.68
C TYR H 406 77.19 -132.65 65.58
N ARG H 407 77.21 -132.44 66.90
CA ARG H 407 77.03 -133.55 67.83
C ARG H 407 75.66 -134.17 67.66
N ALA H 408 74.61 -133.35 67.54
CA ALA H 408 73.26 -133.90 67.36
C ALA H 408 73.16 -134.69 66.07
N GLU H 409 73.75 -134.18 64.99
CA GLU H 409 73.73 -134.89 63.71
C GLU H 409 74.42 -136.24 63.82
N GLN H 410 75.61 -136.27 64.43
CA GLN H 410 76.33 -137.53 64.58
C GLN H 410 75.53 -138.52 65.40
N LEU H 411 74.97 -138.07 66.52
CA LEU H 411 74.22 -138.98 67.40
C LEU H 411 72.98 -139.51 66.69
N ARG H 412 72.26 -138.65 65.97
CA ARG H 412 71.05 -139.11 65.30
C ARG H 412 71.39 -140.07 64.17
N ILE H 413 72.47 -139.81 63.43
CA ILE H 413 72.86 -140.74 62.37
C ILE H 413 73.25 -142.08 62.94
N ALA H 414 74.04 -142.09 64.03
CA ALA H 414 74.47 -143.35 64.62
C ALA H 414 73.27 -144.13 65.15
N GLN H 415 72.35 -143.47 65.86
CA GLN H 415 71.18 -144.15 66.39
C GLN H 415 70.28 -144.67 65.27
N GLU H 416 70.12 -143.89 64.21
CA GLU H 416 69.23 -144.30 63.13
C GLU H 416 69.81 -145.50 62.40
N ALA H 417 71.13 -145.50 62.18
CA ALA H 417 71.78 -146.69 61.66
C ALA H 417 71.65 -147.87 62.62
N ALA H 418 71.63 -147.58 63.93
CA ALA H 418 71.42 -148.65 64.90
C ALA H 418 70.06 -149.30 64.72
N ASP H 419 69.01 -148.48 64.54
CA ASP H 419 67.69 -149.05 64.23
C ASP H 419 67.67 -149.76 62.88
N ALA H 420 68.48 -149.32 61.92
CA ALA H 420 68.60 -150.09 60.67
C ALA H 420 69.16 -151.48 60.93
N GLN H 421 70.22 -151.56 61.75
CA GLN H 421 70.74 -152.86 62.15
C GLN H 421 69.70 -153.64 62.93
N LYS H 422 68.85 -152.93 63.68
CA LYS H 422 67.77 -153.58 64.42
C LYS H 422 66.78 -154.25 63.46
N ALA H 423 66.45 -153.54 62.39
CA ALA H 423 65.60 -154.12 61.35
C ALA H 423 66.24 -155.35 60.73
N ILE H 424 67.55 -155.28 60.46
CA ILE H 424 68.26 -156.46 59.96
C ILE H 424 68.12 -157.62 60.94
N ALA H 425 68.35 -157.35 62.23
CA ALA H 425 68.31 -158.40 63.23
C ALA H 425 66.93 -159.04 63.30
N GLU H 426 65.88 -158.23 63.37
CA GLU H 426 64.54 -158.79 63.47
C GLU H 426 64.15 -159.53 62.21
N ALA H 427 64.58 -159.04 61.04
CA ALA H 427 64.22 -159.71 59.79
C ALA H 427 64.85 -161.10 59.72
N LEU H 428 66.16 -161.19 59.93
CA LEU H 428 66.81 -162.51 59.84
C LEU H 428 66.54 -163.37 61.07
N ALA H 429 65.99 -162.80 62.15
CA ALA H 429 65.46 -163.64 63.21
C ALA H 429 64.10 -164.21 62.83
N LYS H 430 63.29 -163.44 62.11
CA LYS H 430 61.96 -163.91 61.73
C LYS H 430 62.01 -164.92 60.60
N GLU H 431 62.97 -164.77 59.67
CA GLU H 431 63.07 -165.70 58.55
C GLU H 431 63.32 -167.12 59.05
N ALA H 432 64.17 -167.28 60.06
CA ALA H 432 64.42 -168.59 60.63
C ALA H 432 63.89 -168.67 62.06
N GLU I 1 116.19 -55.32 -59.98
CA GLU I 1 116.63 -55.49 -61.37
C GLU I 1 117.65 -54.41 -61.72
N THR I 2 117.89 -54.22 -63.01
CA THR I 2 118.83 -53.21 -63.47
C THR I 2 118.27 -51.82 -63.21
N ASN I 3 118.99 -50.80 -63.64
CA ASN I 3 118.54 -49.42 -63.50
C ASN I 3 118.41 -48.78 -64.89
N PRO I 4 117.32 -49.04 -65.64
CA PRO I 4 117.22 -48.47 -67.00
C PRO I 4 116.65 -47.06 -67.05
N THR I 5 116.58 -46.36 -65.92
CA THR I 5 115.84 -45.10 -65.88
C THR I 5 116.40 -44.06 -66.84
N PHE I 6 117.72 -43.94 -66.97
CA PHE I 6 118.26 -42.88 -67.80
C PHE I 6 119.03 -43.36 -69.03
N ASN I 7 118.59 -44.45 -69.55
CA ASN I 7 119.18 -44.96 -70.78
C ASN I 7 118.32 -46.08 -71.26
N ILE I 8 118.34 -46.39 -72.52
CA ILE I 8 117.68 -47.60 -73.09
C ILE I 8 116.19 -47.38 -73.09
N THR I 9 115.83 -46.15 -72.87
CA THR I 9 114.39 -45.82 -72.74
C THR I 9 113.93 -45.30 -74.06
N ASN I 10 112.69 -45.66 -74.48
CA ASN I 10 112.27 -44.91 -75.65
C ASN I 10 112.92 -43.53 -75.60
N GLY I 11 113.71 -43.23 -76.63
CA GLY I 11 114.59 -42.07 -76.56
C GLY I 11 113.85 -40.79 -76.21
N PHE I 12 112.62 -40.66 -76.68
CA PHE I 12 111.77 -39.53 -76.32
C PHE I 12 110.57 -40.05 -75.54
N ASN I 13 110.54 -39.80 -74.24
CA ASN I 13 109.57 -40.39 -73.34
C ASN I 13 108.79 -39.30 -72.63
N ASP I 14 107.50 -39.55 -72.41
CA ASP I 14 106.66 -38.59 -71.69
C ASP I 14 106.98 -38.57 -70.21
N ALA I 15 107.61 -39.65 -69.71
CA ALA I 15 107.84 -39.78 -68.28
C ALA I 15 108.81 -38.74 -67.74
N ASP I 16 109.67 -38.18 -68.58
CA ASP I 16 110.66 -37.21 -68.14
C ASP I 16 110.40 -35.80 -68.65
N GLY I 17 109.50 -35.62 -69.61
CA GLY I 17 109.32 -34.35 -70.26
C GLY I 17 110.18 -34.16 -71.49
N SER I 18 110.61 -35.23 -72.14
CA SER I 18 111.45 -35.17 -73.33
C SER I 18 110.65 -35.33 -74.62
N THR I 19 109.44 -35.86 -74.55
CA THR I 19 108.62 -36.01 -75.75
C THR I 19 108.00 -34.68 -76.15
N ILE I 20 107.45 -34.64 -77.36
CA ILE I 20 106.79 -33.45 -77.89
C ILE I 20 105.35 -33.44 -77.40
N GLN I 21 104.75 -32.24 -77.34
CA GLN I 21 103.39 -32.10 -76.83
C GLN I 21 102.61 -31.11 -77.68
N PRO I 22 101.63 -31.56 -78.46
CA PRO I 22 100.76 -30.62 -79.20
C PRO I 22 99.89 -29.84 -78.23
N VAL I 23 99.77 -28.54 -78.46
CA VAL I 23 99.03 -27.65 -77.57
C VAL I 23 98.00 -26.87 -78.37
N GLY I 24 96.77 -26.84 -77.88
CA GLY I 24 95.78 -25.88 -78.31
C GLY I 24 95.68 -24.77 -77.29
N PRO I 25 94.84 -23.78 -77.53
CA PRO I 25 94.65 -22.74 -76.52
C PRO I 25 93.59 -23.12 -75.48
N VAL I 26 94.02 -23.29 -74.23
CA VAL I 26 93.11 -23.54 -73.12
C VAL I 26 93.52 -22.63 -71.97
N ASN I 27 92.54 -22.00 -71.34
CA ASN I 27 92.80 -20.99 -70.31
C ASN I 27 92.95 -21.67 -68.95
N HIS I 28 94.17 -21.70 -68.43
CA HIS I 28 94.43 -22.05 -67.05
C HIS I 28 94.91 -20.81 -66.34
N THR I 29 94.22 -20.43 -65.27
CA THR I 29 94.44 -19.14 -64.64
C THR I 29 95.82 -19.10 -63.96
N GLU I 30 96.29 -17.88 -63.70
CA GLU I 30 97.54 -17.70 -63.00
C GLU I 30 97.51 -18.38 -61.64
N GLU I 31 96.36 -18.33 -60.96
CA GLU I 31 96.24 -19.00 -59.67
C GLU I 31 96.37 -20.52 -59.81
N THR I 32 95.76 -21.09 -60.86
CA THR I 32 95.86 -22.53 -61.07
C THR I 32 97.30 -22.94 -61.33
N LEU I 33 98.02 -22.19 -62.16
CA LEU I 33 99.42 -22.50 -62.42
C LEU I 33 100.27 -22.34 -61.17
N ARG I 34 100.01 -21.30 -60.36
CA ARG I 34 100.77 -21.13 -59.13
C ARG I 34 100.53 -22.28 -58.17
N ASP I 35 99.28 -22.75 -58.08
CA ASP I 35 98.99 -23.91 -57.25
C ASP I 35 99.71 -25.15 -57.75
N LEU I 36 99.69 -25.38 -59.06
CA LEU I 36 100.33 -26.56 -59.62
C LEU I 36 101.85 -26.52 -59.40
N THR I 37 102.46 -25.34 -59.50
CA THR I 37 103.90 -25.23 -59.28
C THR I 37 104.24 -25.36 -57.79
N ASP I 38 103.43 -24.77 -56.92
CA ASP I 38 103.70 -24.89 -55.49
C ASP I 38 103.50 -26.31 -54.99
N SER I 39 102.67 -27.10 -55.68
CA SER I 39 102.51 -28.51 -55.32
C SER I 39 103.84 -29.26 -55.38
N THR I 40 104.63 -29.01 -56.43
CA THR I 40 105.94 -29.65 -56.54
C THR I 40 106.99 -28.89 -55.74
N GLY I 41 106.81 -27.58 -55.57
CA GLY I 41 107.72 -26.81 -54.73
C GLY I 41 107.71 -27.30 -53.29
N ALA I 42 106.55 -27.76 -52.81
CA ALA I 42 106.49 -28.36 -51.47
C ALA I 42 107.40 -29.57 -51.38
N TYR I 43 107.41 -30.42 -52.41
CA TYR I 43 108.27 -31.60 -52.40
C TYR I 43 109.74 -31.21 -52.47
N LEU I 44 110.06 -30.18 -53.26
CA LEU I 44 111.45 -29.76 -53.45
C LEU I 44 111.98 -28.82 -52.37
N GLU I 45 111.12 -28.39 -51.44
CA GLU I 45 111.55 -27.41 -50.45
C GLU I 45 112.69 -27.92 -49.60
N GLU I 46 112.66 -29.19 -49.21
CA GLU I 46 113.71 -29.73 -48.35
C GLU I 46 115.07 -29.69 -49.04
N PHE I 47 115.12 -30.05 -50.32
CA PHE I 47 116.35 -29.89 -51.08
C PHE I 47 116.74 -28.42 -51.22
N GLN I 48 115.74 -27.56 -51.42
CA GLN I 48 116.02 -26.18 -51.80
C GLN I 48 116.73 -25.41 -50.69
N ASN I 49 116.19 -25.48 -49.47
CA ASN I 49 116.71 -24.65 -48.39
C ASN I 49 116.90 -25.41 -47.07
N GLY I 50 116.72 -26.73 -47.08
CA GLY I 50 116.88 -27.50 -45.86
C GLY I 50 118.33 -27.85 -45.59
N THR I 51 118.53 -28.61 -44.51
CA THR I 51 119.83 -29.15 -44.16
C THR I 51 119.80 -30.66 -44.30
N VAL I 52 120.96 -31.28 -44.07
CA VAL I 52 121.11 -32.71 -44.33
C VAL I 52 120.11 -33.52 -43.52
N GLU I 53 119.92 -33.17 -42.24
CA GLU I 53 118.97 -33.89 -41.40
C GLU I 53 117.55 -33.80 -41.95
N GLU I 54 117.15 -32.61 -42.40
CA GLU I 54 115.83 -32.46 -42.99
C GLU I 54 115.69 -33.29 -44.26
N ILE I 55 116.75 -33.33 -45.08
CA ILE I 55 116.69 -34.09 -46.32
C ILE I 55 116.51 -35.57 -46.03
N VAL I 56 117.29 -36.13 -45.10
CA VAL I 56 117.15 -37.55 -44.81
C VAL I 56 115.81 -37.82 -44.14
N GLU I 57 115.31 -36.88 -43.35
CA GLU I 57 114.01 -37.03 -42.71
C GLU I 57 112.89 -37.12 -43.74
N ALA I 58 112.85 -36.17 -44.68
CA ALA I 58 111.68 -36.02 -45.52
C ALA I 58 111.56 -37.13 -46.57
N TYR I 59 112.65 -37.45 -47.25
CA TYR I 59 112.56 -38.30 -48.43
C TYR I 59 112.65 -39.78 -48.07
N LEU I 60 113.38 -40.11 -47.01
CA LEU I 60 113.36 -41.43 -46.41
C LEU I 60 112.64 -41.31 -45.07
N GLN I 61 111.54 -42.04 -44.92
CA GLN I 61 110.69 -41.92 -43.73
C GLN I 61 111.41 -42.58 -42.56
N VAL I 62 112.18 -41.78 -41.83
CA VAL I 62 112.92 -42.30 -40.68
C VAL I 62 111.98 -42.67 -39.54
N GLN I 63 111.04 -41.77 -39.23
CA GLN I 63 110.15 -42.01 -38.10
C GLN I 63 109.10 -43.06 -38.44
N ALA I 64 108.67 -43.12 -39.69
CA ALA I 64 107.66 -44.08 -40.11
C ALA I 64 108.20 -45.49 -40.24
N SER I 65 109.51 -45.68 -40.17
CA SER I 65 110.10 -47.00 -40.25
C SER I 65 109.81 -47.79 -38.97
N ALA I 66 110.03 -49.11 -39.03
CA ALA I 66 109.78 -49.95 -37.88
C ALA I 66 110.57 -49.45 -36.67
N ASP I 67 109.91 -49.44 -35.51
CA ASP I 67 110.50 -48.85 -34.32
C ASP I 67 111.72 -49.64 -33.90
N GLY I 68 112.82 -48.92 -33.69
CA GLY I 68 114.12 -49.54 -33.52
C GLY I 68 114.78 -49.60 -34.89
N PHE I 69 115.74 -48.73 -35.14
CA PHE I 69 116.23 -48.57 -36.50
C PHE I 69 116.91 -49.85 -36.98
N ASP I 70 116.46 -50.35 -38.12
CA ASP I 70 117.11 -51.49 -38.75
C ASP I 70 118.38 -51.02 -39.45
N PRO I 71 119.56 -51.35 -38.93
CA PRO I 71 120.81 -50.99 -39.62
C PRO I 71 121.13 -51.89 -40.79
N SER I 72 120.21 -52.76 -41.18
CA SER I 72 120.39 -53.64 -42.33
C SER I 72 120.52 -52.83 -43.61
N GLU I 73 121.32 -53.35 -44.54
CA GLU I 73 121.44 -52.71 -45.85
C GLU I 73 120.17 -52.89 -46.67
N GLN I 74 119.41 -53.94 -46.39
CA GLN I 74 118.12 -54.13 -47.06
C GLN I 74 117.16 -53.00 -46.72
N ALA I 75 117.18 -52.54 -45.46
CA ALA I 75 116.32 -51.42 -45.08
C ALA I 75 116.66 -50.16 -45.87
N ALA I 76 117.96 -49.88 -46.00
CA ALA I 76 118.38 -48.74 -46.82
C ALA I 76 117.97 -48.92 -48.27
N TYR I 77 118.07 -50.14 -48.80
CA TYR I 77 117.67 -50.39 -50.17
C TYR I 77 116.19 -50.09 -50.37
N GLU I 78 115.33 -50.56 -49.46
CA GLU I 78 113.90 -50.32 -49.59
C GLU I 78 113.57 -48.83 -49.43
N ALA I 79 114.25 -48.15 -48.49
CA ALA I 79 114.00 -46.72 -48.31
C ALA I 79 114.35 -45.93 -49.56
N PHE I 80 115.52 -46.23 -50.16
CA PHE I 80 115.92 -45.51 -51.35
C PHE I 80 115.04 -45.86 -52.54
N GLU I 81 114.56 -47.11 -52.62
CA GLU I 81 113.63 -47.48 -53.68
C GLU I 81 112.32 -46.71 -53.56
N ALA I 82 111.80 -46.57 -52.33
CA ALA I 82 110.57 -45.80 -52.13
C ALA I 82 110.78 -44.33 -52.51
N ALA I 83 111.92 -43.76 -52.12
CA ALA I 83 112.21 -42.39 -52.52
C ALA I 83 112.27 -42.25 -54.04
N ARG I 84 112.86 -43.24 -54.70
CA ARG I 84 112.92 -43.21 -56.16
C ARG I 84 111.54 -43.25 -56.78
N VAL I 85 110.65 -44.10 -56.27
CA VAL I 85 109.30 -44.17 -56.84
C VAL I 85 108.57 -42.84 -56.65
N ARG I 86 108.72 -42.24 -55.46
CA ARG I 86 108.07 -40.96 -55.23
C ARG I 86 108.58 -39.88 -56.17
N ALA I 87 109.90 -39.80 -56.35
CA ALA I 87 110.46 -38.83 -57.29
C ALA I 87 110.01 -39.12 -58.72
N SER I 88 109.87 -40.40 -59.07
CA SER I 88 109.44 -40.77 -60.41
C SER I 88 108.03 -40.28 -60.69
N GLN I 89 107.13 -40.40 -59.71
CA GLN I 89 105.78 -39.88 -59.91
C GLN I 89 105.77 -38.35 -59.97
N GLU I 90 106.58 -37.70 -59.13
CA GLU I 90 106.66 -36.24 -59.18
C GLU I 90 107.16 -35.75 -60.53
N LEU I 91 108.05 -36.52 -61.16
CA LEU I 91 108.57 -36.14 -62.46
C LEU I 91 107.47 -36.11 -63.53
N ALA I 92 106.61 -37.12 -63.55
CA ALA I 92 105.50 -37.11 -64.50
C ALA I 92 104.53 -35.98 -64.20
N ALA I 93 104.31 -35.69 -62.91
CA ALA I 93 103.48 -34.54 -62.56
C ALA I 93 104.04 -33.25 -63.13
N SER I 94 105.34 -33.02 -62.97
CA SER I 94 105.94 -31.81 -63.52
C SER I 94 105.91 -31.80 -65.04
N ALA I 95 106.01 -32.97 -65.66
CA ALA I 95 105.90 -33.05 -67.12
C ALA I 95 104.53 -32.56 -67.58
N GLU I 96 103.47 -32.95 -66.89
CA GLU I 96 102.14 -32.46 -67.27
C GLU I 96 101.96 -30.98 -66.95
N THR I 97 102.59 -30.52 -65.85
CA THR I 97 102.56 -29.10 -65.53
C THR I 97 103.16 -28.26 -66.65
N ILE I 98 104.24 -28.77 -67.27
CA ILE I 98 104.84 -28.08 -68.41
C ILE I 98 103.81 -27.86 -69.51
N THR I 99 103.08 -28.92 -69.88
CA THR I 99 102.11 -28.83 -70.97
C THR I 99 101.01 -27.83 -70.63
N LYS I 100 100.52 -27.87 -69.39
CA LYS I 100 99.44 -26.95 -69.02
C LYS I 100 99.90 -25.50 -69.03
N THR I 101 101.10 -25.22 -68.53
CA THR I 101 101.60 -23.86 -68.56
C THR I 101 101.84 -23.38 -69.99
N ARG I 102 102.20 -24.31 -70.89
CA ARG I 102 102.31 -23.93 -72.30
C ARG I 102 100.95 -23.56 -72.89
N GLU I 103 99.93 -24.38 -72.60
CA GLU I 103 98.59 -24.12 -73.13
C GLU I 103 98.06 -22.77 -72.66
N SER I 104 98.36 -22.42 -71.41
CA SER I 104 97.90 -21.14 -70.87
C SER I 104 98.48 -19.96 -71.66
N VAL I 105 99.79 -19.99 -71.94
CA VAL I 105 100.40 -18.93 -72.73
C VAL I 105 99.83 -18.90 -74.14
N ALA I 106 99.54 -20.08 -74.69
CA ALA I 106 98.92 -20.14 -76.02
C ALA I 106 97.59 -19.41 -76.04
N TYR I 107 96.77 -19.59 -75.02
CA TYR I 107 95.50 -18.86 -74.94
C TYR I 107 95.72 -17.35 -74.79
N ALA I 108 96.62 -16.97 -73.86
CA ALA I 108 96.79 -15.55 -73.54
C ALA I 108 97.27 -14.75 -74.75
N LEU I 109 98.27 -15.26 -75.47
CA LEU I 109 98.78 -14.50 -76.60
C LEU I 109 97.76 -14.43 -77.73
N LYS I 110 96.99 -15.51 -77.93
CA LYS I 110 95.97 -15.48 -78.97
C LYS I 110 94.94 -14.38 -78.72
N VAL I 111 94.43 -14.30 -77.49
CA VAL I 111 93.44 -13.25 -77.22
C VAL I 111 94.10 -11.88 -77.30
N ASP I 112 95.37 -11.78 -76.95
CA ASP I 112 96.07 -10.50 -77.04
C ASP I 112 96.18 -10.02 -78.50
N GLN I 113 96.57 -10.91 -79.40
CA GLN I 113 96.67 -10.55 -80.81
C GLN I 113 95.30 -10.18 -81.36
N GLU I 114 94.25 -10.91 -80.98
CA GLU I 114 92.91 -10.56 -81.44
C GLU I 114 92.53 -9.15 -80.98
N ALA I 115 92.85 -8.81 -79.73
CA ALA I 115 92.54 -7.48 -79.23
C ALA I 115 93.29 -6.39 -80.01
N THR I 116 94.57 -6.62 -80.28
CA THR I 116 95.34 -5.64 -81.04
C THR I 116 94.76 -5.45 -82.44
N ALA I 117 94.38 -6.55 -83.11
CA ALA I 117 93.80 -6.45 -84.44
C ALA I 117 92.49 -5.66 -84.41
N ALA I 118 91.63 -5.95 -83.43
CA ALA I 118 90.36 -5.24 -83.34
C ALA I 118 90.56 -3.75 -83.10
N PHE I 119 91.49 -3.39 -82.19
CA PHE I 119 91.74 -1.99 -81.94
C PHE I 119 92.25 -1.29 -83.19
N GLU I 120 93.15 -1.95 -83.92
CA GLU I 120 93.66 -1.35 -85.16
C GLU I 120 92.54 -1.11 -86.15
N ALA I 121 91.66 -2.10 -86.34
CA ALA I 121 90.58 -1.94 -87.31
C ALA I 121 89.65 -0.81 -86.92
N TYR I 122 89.31 -0.73 -85.63
CA TYR I 122 88.32 0.27 -85.22
C TYR I 122 88.92 1.67 -85.23
N ARG I 123 90.20 1.81 -84.86
CA ARG I 123 90.85 3.12 -84.98
C ARG I 123 90.99 3.53 -86.45
N ASN I 124 91.25 2.56 -87.33
CA ASN I 124 91.34 2.88 -88.75
C ASN I 124 90.00 3.37 -89.29
N ALA I 125 88.91 2.72 -88.87
CA ALA I 125 87.59 3.19 -89.28
C ALA I 125 87.30 4.60 -88.77
N LEU I 126 87.66 4.87 -87.51
CA LEU I 126 87.46 6.22 -86.99
C LEU I 126 88.28 7.25 -87.73
N ARG I 127 89.53 6.91 -88.08
CA ARG I 127 90.37 7.82 -88.85
C ARG I 127 89.78 8.08 -90.23
N ASP I 128 89.29 7.02 -90.88
CA ASP I 128 88.72 7.15 -92.21
C ASP I 128 87.43 7.96 -92.17
N ALA I 129 86.75 7.96 -91.02
CA ALA I 129 85.50 8.72 -90.89
C ALA I 129 85.73 10.21 -91.12
N ALA I 130 86.78 10.78 -90.51
CA ALA I 130 86.98 12.23 -90.60
C ALA I 130 87.37 12.65 -92.01
N ILE I 131 88.48 12.15 -92.51
CA ILE I 131 88.94 12.47 -93.86
C ILE I 131 89.14 11.17 -94.63
N SER I 132 88.15 10.80 -95.44
CA SER I 132 88.24 9.57 -96.20
C SER I 132 89.22 9.70 -97.34
N ILE I 133 89.90 8.60 -97.67
CA ILE I 133 90.89 8.56 -98.74
C ILE I 133 90.49 7.45 -99.71
N ASN I 134 90.51 7.77 -101.00
CA ASN I 134 90.11 6.83 -102.04
C ASN I 134 91.16 5.72 -102.17
N PRO I 135 90.78 4.59 -102.78
CA PRO I 135 91.80 3.55 -103.02
C PRO I 135 92.99 4.04 -103.80
N ASP I 136 92.78 4.99 -104.71
CA ASP I 136 93.90 5.56 -105.47
C ASP I 136 94.79 6.45 -104.62
N GLY I 137 94.31 6.90 -103.46
CA GLY I 137 95.09 7.75 -102.58
C GLY I 137 94.71 9.21 -102.55
N SER I 138 93.46 9.54 -102.85
CA SER I 138 92.99 10.92 -102.88
C SER I 138 91.81 11.08 -101.95
N ILE I 139 91.64 12.31 -101.44
CA ILE I 139 90.52 12.61 -100.56
C ILE I 139 89.21 12.53 -101.34
N ASN I 140 88.18 11.99 -100.69
CA ASN I 140 86.88 11.85 -101.31
C ASN I 140 85.89 12.76 -100.57
N PRO I 141 85.62 13.96 -101.08
CA PRO I 141 84.69 14.86 -100.39
C PRO I 141 83.28 14.32 -100.30
N ASP I 142 82.92 13.37 -101.16
CA ASP I 142 81.58 12.78 -101.10
C ASP I 142 81.37 12.08 -99.77
N THR I 143 82.35 11.31 -99.32
CA THR I 143 82.25 10.52 -98.10
C THR I 143 83.21 10.96 -97.01
N SER I 144 83.48 12.26 -96.88
CA SER I 144 84.38 12.79 -95.86
C SER I 144 83.58 13.69 -94.92
N ILE I 145 83.73 13.46 -93.61
CA ILE I 145 82.92 14.18 -92.63
C ILE I 145 83.30 15.65 -92.58
N ASN I 146 84.60 15.95 -92.48
CA ASN I 146 85.01 17.33 -92.24
C ASN I 146 84.70 18.22 -93.42
N LEU I 147 84.87 17.71 -94.64
CA LEU I 147 84.55 18.49 -95.82
C LEU I 147 83.06 18.80 -95.91
N LEU I 148 82.21 17.80 -95.63
CA LEU I 148 80.78 18.05 -95.60
C LEU I 148 80.40 19.02 -94.49
N ILE I 149 81.11 18.92 -93.36
CA ILE I 149 80.87 19.85 -92.25
C ILE I 149 81.14 21.28 -92.68
N ASP I 150 82.28 21.49 -93.35
CA ASP I 150 82.62 22.85 -93.76
C ASP I 150 81.70 23.33 -94.88
N ALA I 151 81.25 22.43 -95.75
CA ALA I 151 80.28 22.79 -96.77
C ALA I 151 78.98 23.28 -96.14
N ALA I 152 78.49 22.55 -95.13
CA ALA I 152 77.27 22.98 -94.45
C ALA I 152 77.50 24.25 -93.64
N ASN I 153 78.72 24.42 -93.11
CA ASN I 153 79.02 25.59 -92.30
C ASN I 153 79.06 26.85 -93.15
N ALA I 154 79.56 26.75 -94.38
CA ALA I 154 79.60 27.89 -95.29
C ALA I 154 78.28 28.13 -95.99
N ALA I 155 77.35 27.18 -95.94
CA ALA I 155 76.09 27.28 -96.66
C ALA I 155 74.95 27.80 -95.81
N ASN I 156 75.24 28.33 -94.63
CA ASN I 156 74.21 28.90 -93.77
C ASN I 156 74.38 30.41 -93.67
N ARG I 157 73.29 31.11 -93.40
CA ARG I 157 73.28 32.56 -93.30
C ARG I 157 72.76 33.05 -91.95
N THR I 158 72.40 32.14 -91.06
CA THR I 158 71.78 32.50 -89.79
C THR I 158 72.82 33.16 -88.87
N ASP I 159 72.34 33.77 -87.78
CA ASP I 159 73.19 34.49 -86.85
C ASP I 159 73.52 33.59 -85.65
N ARG I 160 73.83 32.32 -85.91
CA ARG I 160 74.47 31.44 -84.95
C ARG I 160 73.62 31.14 -83.73
N ALA I 161 72.43 31.72 -83.63
CA ALA I 161 71.66 31.62 -82.39
C ALA I 161 71.14 30.21 -82.16
N GLU I 162 70.57 29.60 -83.19
CA GLU I 162 69.94 28.30 -83.06
C GLU I 162 70.54 27.22 -83.94
N ILE I 163 71.08 27.58 -85.10
CA ILE I 163 71.86 26.66 -85.92
C ILE I 163 73.29 27.16 -85.90
N GLU I 164 74.18 26.39 -85.27
CA GLU I 164 75.52 26.85 -84.96
C GLU I 164 76.53 26.17 -85.86
N ASP I 165 77.74 26.73 -85.86
CA ASP I 165 78.84 26.12 -86.60
C ASP I 165 79.24 24.80 -85.96
N TYR I 166 79.34 23.76 -86.79
CA TYR I 166 79.77 22.47 -86.31
C TYR I 166 81.30 22.45 -86.18
N ALA I 167 81.78 22.14 -84.98
CA ALA I 167 83.21 22.03 -84.77
C ALA I 167 83.76 20.80 -85.49
N HIS I 168 85.04 20.88 -85.87
CA HIS I 168 85.65 19.80 -86.62
C HIS I 168 85.81 18.55 -85.74
N LEU I 169 85.88 17.40 -86.39
CA LEU I 169 85.79 16.13 -85.68
C LEU I 169 86.95 15.94 -84.71
N TYR I 170 86.64 15.31 -83.58
CA TYR I 170 87.62 14.91 -82.57
C TYR I 170 88.38 16.11 -82.01
N THR I 171 87.62 16.98 -81.33
CA THR I 171 88.24 18.08 -80.60
C THR I 171 88.88 17.61 -79.31
N GLN I 172 88.36 16.51 -78.74
CA GLN I 172 88.91 16.00 -77.48
C GLN I 172 90.27 15.37 -77.68
N THR I 173 90.43 14.55 -78.72
CA THR I 173 91.64 13.76 -78.92
C THR I 173 92.23 14.05 -80.29
N ASP I 174 93.51 13.72 -80.44
CA ASP I 174 94.21 13.80 -81.71
C ASP I 174 94.27 12.39 -82.30
N ILE I 175 93.40 12.13 -83.28
CA ILE I 175 93.33 10.78 -83.86
C ILE I 175 94.51 10.49 -84.77
N ALA I 176 95.33 11.50 -85.08
CA ALA I 176 96.53 11.25 -85.86
C ALA I 176 97.57 10.47 -85.07
N LEU I 177 97.50 10.56 -83.73
CA LEU I 177 98.45 9.85 -82.90
C LEU I 177 98.27 8.35 -83.00
N GLU I 178 99.32 7.61 -82.64
CA GLU I 178 99.29 6.16 -82.76
C GLU I 178 98.20 5.56 -81.87
N THR I 179 98.20 5.92 -80.59
CA THR I 179 97.23 5.38 -79.64
C THR I 179 96.38 6.50 -79.05
N PRO I 180 95.25 6.83 -79.67
CA PRO I 180 94.39 7.87 -79.11
C PRO I 180 93.27 7.30 -78.24
N GLN I 181 92.55 8.16 -77.53
CA GLN I 181 91.42 7.73 -76.71
C GLN I 181 90.18 7.69 -77.60
N LEU I 182 89.86 6.50 -78.08
CA LEU I 182 88.86 6.35 -79.14
C LEU I 182 87.44 6.53 -78.61
N ALA I 183 87.25 6.32 -77.30
CA ALA I 183 85.95 6.57 -76.70
C ALA I 183 85.57 8.05 -76.82
N TYR I 184 86.54 8.94 -76.63
CA TYR I 184 86.29 10.36 -76.81
C TYR I 184 85.86 10.67 -78.24
N ALA I 185 86.52 10.04 -79.21
CA ALA I 185 86.19 10.26 -80.62
C ALA I 185 84.78 9.78 -80.94
N PHE I 186 84.42 8.59 -80.47
CA PHE I 186 83.07 8.11 -80.70
C PHE I 186 82.02 8.99 -80.01
N GLN I 187 82.34 9.49 -78.82
CA GLN I 187 81.47 10.44 -78.15
C GLN I 187 81.25 11.68 -79.02
N ASP I 188 82.32 12.22 -79.59
CA ASP I 188 82.20 13.41 -80.42
C ASP I 188 81.37 13.12 -81.67
N LEU I 189 81.57 11.96 -82.28
CA LEU I 189 80.80 11.61 -83.47
C LEU I 189 79.31 11.48 -83.16
N LYS I 190 78.97 10.84 -82.04
CA LYS I 190 77.56 10.73 -81.65
C LYS I 190 76.98 12.10 -81.32
N ALA I 191 77.78 12.96 -80.69
CA ALA I 191 77.33 14.32 -80.42
C ALA I 191 77.02 15.07 -81.71
N LEU I 192 77.86 14.91 -82.73
CA LEU I 192 77.59 15.53 -84.01
C LEU I 192 76.30 15.01 -84.63
N GLN I 193 76.09 13.69 -84.60
CA GLN I 193 74.86 13.13 -85.16
C GLN I 193 73.64 13.70 -84.46
N ALA I 194 73.68 13.75 -83.13
CA ALA I 194 72.57 14.31 -82.37
C ALA I 194 72.34 15.78 -82.68
N GLU I 195 73.42 16.56 -82.78
CA GLU I 195 73.28 17.99 -83.06
C GLU I 195 72.67 18.23 -84.44
N VAL I 196 73.06 17.44 -85.43
CA VAL I 196 72.49 17.58 -86.76
C VAL I 196 71.00 17.26 -86.73
N ASP I 197 70.64 16.15 -86.09
CA ASP I 197 69.22 15.79 -86.03
C ASP I 197 68.42 16.82 -85.24
N ALA I 198 69.06 17.49 -84.28
CA ALA I 198 68.37 18.51 -83.50
C ALA I 198 68.15 19.78 -84.31
N ASP I 199 69.16 20.20 -85.07
CA ASP I 199 69.01 21.40 -85.90
C ASP I 199 68.07 21.15 -87.07
N PHE I 200 67.81 19.88 -87.40
CA PHE I 200 66.85 19.57 -88.45
C PHE I 200 65.51 20.26 -88.23
N GLU I 201 64.99 20.24 -87.00
CA GLU I 201 63.66 20.80 -86.75
C GLU I 201 63.68 22.32 -86.76
N TRP I 202 64.82 22.93 -86.41
CA TRP I 202 64.93 24.38 -86.54
C TRP I 202 65.08 24.79 -88.00
N LEU I 203 65.51 23.85 -88.85
CA LEU I 203 65.49 24.10 -90.29
C LEU I 203 64.06 24.10 -90.82
N GLY I 204 63.15 23.40 -90.16
CA GLY I 204 61.77 23.31 -90.57
C GLY I 204 60.83 24.31 -89.96
N GLU I 205 61.36 25.42 -89.44
CA GLU I 205 60.53 26.44 -88.84
C GLU I 205 60.00 27.40 -89.90
N PHE I 206 58.88 28.07 -89.57
CA PHE I 206 58.32 29.06 -90.48
C PHE I 206 59.09 30.37 -90.42
N GLY I 207 59.49 30.80 -89.23
CA GLY I 207 60.07 32.10 -89.02
C GLY I 207 61.57 32.17 -88.92
N ILE I 208 62.30 31.15 -89.40
CA ILE I 208 63.76 31.21 -89.36
C ILE I 208 64.27 32.33 -90.26
N ASP I 209 63.69 32.47 -91.45
CA ASP I 209 64.05 33.54 -92.37
C ASP I 209 63.52 34.85 -91.79
N GLN I 210 64.42 35.68 -91.26
CA GLN I 210 63.98 36.89 -90.59
C GLN I 210 64.45 38.16 -91.28
N GLU I 211 65.77 38.28 -91.47
CA GLU I 211 66.39 39.55 -91.81
C GLU I 211 67.69 39.30 -92.56
N ASP I 212 68.19 40.33 -93.22
CA ASP I 212 69.54 40.27 -93.78
C ASP I 212 70.53 39.90 -92.69
N GLY I 213 71.12 38.71 -92.84
CA GLY I 213 72.01 38.18 -91.84
C GLY I 213 71.40 37.12 -90.93
N ASN I 214 70.07 37.04 -90.85
CA ASN I 214 69.40 35.94 -90.16
C ASN I 214 68.37 35.35 -91.12
N TYR I 215 68.80 34.41 -91.96
CA TYR I 215 67.87 33.74 -92.85
C TYR I 215 68.53 32.48 -93.38
N VAL I 216 67.72 31.64 -94.02
CA VAL I 216 68.13 30.33 -94.50
C VAL I 216 68.03 30.31 -96.01
N GLN I 217 69.14 29.99 -96.67
CA GLN I 217 69.16 29.87 -98.12
C GLN I 217 68.68 28.49 -98.55
N ARG I 218 68.43 28.34 -99.86
CA ARG I 218 67.80 27.12 -100.35
C ARG I 218 68.80 25.99 -100.50
N TYR I 219 70.09 26.27 -100.32
CA TYR I 219 71.10 25.23 -100.50
C TYR I 219 71.62 24.69 -99.17
N HIS I 220 71.27 25.36 -98.07
CA HIS I 220 71.69 24.89 -96.74
C HIS I 220 71.13 23.52 -96.45
N LEU I 221 69.85 23.30 -96.74
CA LEU I 221 69.19 22.06 -96.36
C LEU I 221 69.76 20.85 -97.08
N PRO I 222 70.03 20.87 -98.39
CA PRO I 222 70.68 19.69 -99.00
C PRO I 222 72.05 19.39 -98.44
N ALA I 223 72.83 20.41 -98.08
CA ALA I 223 74.13 20.17 -97.46
C ALA I 223 73.97 19.46 -96.11
N VAL I 224 73.05 19.95 -95.29
CA VAL I 224 72.81 19.32 -94.00
C VAL I 224 72.30 17.89 -94.20
N GLU I 225 71.45 17.68 -95.21
CA GLU I 225 70.89 16.36 -95.45
C GLU I 225 71.97 15.36 -95.87
N ALA I 226 72.87 15.78 -96.77
CA ALA I 226 73.96 14.91 -97.17
C ALA I 226 74.87 14.59 -95.99
N LEU I 227 75.18 15.60 -95.18
CA LEU I 227 75.99 15.36 -93.99
C LEU I 227 75.32 14.36 -93.06
N LYS I 228 74.00 14.48 -92.88
CA LYS I 228 73.28 13.57 -91.99
C LYS I 228 73.29 12.15 -92.52
N ALA I 229 73.04 11.97 -93.82
CA ALA I 229 73.05 10.62 -94.39
C ALA I 229 74.43 9.98 -94.28
N GLU I 230 75.48 10.77 -94.52
CA GLU I 230 76.82 10.24 -94.41
C GLU I 230 77.14 9.84 -92.97
N VAL I 231 76.77 10.68 -92.00
CA VAL I 231 77.02 10.33 -90.59
C VAL I 231 76.25 9.08 -90.20
N ASP I 232 75.02 8.95 -90.72
CA ASP I 232 74.19 7.77 -90.40
C ASP I 232 74.89 6.50 -90.90
N ALA I 233 75.34 6.51 -92.16
CA ALA I 233 76.03 5.34 -92.71
C ALA I 233 77.34 5.06 -91.97
N ARG I 234 78.09 6.12 -91.63
CA ARG I 234 79.36 5.95 -90.95
C ARG I 234 79.16 5.31 -89.58
N VAL I 235 78.15 5.77 -88.83
CA VAL I 235 77.88 5.20 -87.52
C VAL I 235 77.44 3.74 -87.65
N ALA I 236 76.59 3.45 -88.64
CA ALA I 236 76.18 2.07 -88.85
C ALA I 236 77.38 1.17 -89.15
N ALA I 237 78.39 1.72 -89.81
CA ALA I 237 79.61 0.94 -90.07
C ALA I 237 80.47 0.80 -88.82
N ILE I 238 80.56 1.86 -88.02
CA ILE I 238 81.49 1.87 -86.89
C ILE I 238 80.94 1.07 -85.71
N GLU I 239 79.63 0.82 -85.70
CA GLU I 239 79.04 0.07 -84.59
C GLU I 239 79.64 -1.31 -84.38
N PRO I 240 79.57 -2.26 -85.33
CA PRO I 240 80.09 -3.60 -85.02
C PRO I 240 81.58 -3.61 -84.71
N LEU I 241 82.35 -2.72 -85.35
CA LEU I 241 83.78 -2.66 -85.07
C LEU I 241 84.04 -2.26 -83.61
N ARG I 242 83.32 -1.24 -83.13
CA ARG I 242 83.49 -0.82 -81.74
C ARG I 242 83.04 -1.91 -80.78
N ALA I 243 81.94 -2.59 -81.10
CA ALA I 243 81.47 -3.68 -80.25
C ALA I 243 82.53 -4.78 -80.13
N ASP I 244 83.06 -5.22 -81.27
CA ASP I 244 84.05 -6.28 -81.25
C ASP I 244 85.33 -5.84 -80.55
N SER I 245 85.74 -4.58 -80.77
CA SER I 245 86.93 -4.05 -80.10
C SER I 245 86.77 -4.07 -78.59
N ILE I 246 85.62 -3.61 -78.10
CA ILE I 246 85.40 -3.63 -76.64
C ILE I 246 85.41 -5.06 -76.13
N ALA I 247 84.72 -5.97 -76.83
CA ALA I 247 84.59 -7.33 -76.37
C ALA I 247 85.94 -8.02 -76.26
N LYS I 248 86.82 -7.79 -77.25
CA LYS I 248 88.10 -8.48 -77.25
C LYS I 248 89.13 -7.79 -76.36
N ASN I 249 89.07 -6.45 -76.29
CA ASN I 249 90.01 -5.72 -75.45
C ASN I 249 89.72 -5.94 -73.96
N LEU I 250 88.45 -6.18 -73.61
CA LEU I 250 88.14 -6.55 -72.24
C LEU I 250 88.70 -7.92 -71.89
N GLU I 251 88.54 -8.88 -72.79
CA GLU I 251 89.03 -10.23 -72.54
C GLU I 251 90.55 -10.29 -72.50
N ALA I 252 91.22 -9.40 -73.23
CA ALA I 252 92.69 -9.36 -73.24
C ALA I 252 93.25 -8.66 -72.01
N GLN I 253 92.41 -8.26 -71.07
CA GLN I 253 92.87 -7.73 -69.80
C GLN I 253 92.73 -8.72 -68.65
N LYS I 254 91.92 -9.76 -68.82
CA LYS I 254 91.84 -10.81 -67.82
C LYS I 254 93.17 -11.54 -67.67
N SER I 255 93.83 -11.82 -68.78
CA SER I 255 95.04 -12.64 -68.78
C SER I 255 96.28 -11.75 -68.85
N ASP I 256 97.37 -12.22 -68.24
CA ASP I 256 98.66 -11.56 -68.31
C ASP I 256 99.69 -12.62 -68.69
N VAL I 257 100.26 -12.48 -69.90
CA VAL I 257 101.02 -13.58 -70.50
C VAL I 257 102.39 -13.73 -69.82
N LEU I 258 102.91 -12.65 -69.24
CA LEU I 258 104.25 -12.71 -68.67
C LEU I 258 104.27 -13.55 -67.39
N VAL I 259 103.21 -13.49 -66.59
CA VAL I 259 103.11 -14.36 -65.42
C VAL I 259 103.11 -15.83 -65.85
N ARG I 260 102.36 -16.15 -66.91
CA ARG I 260 102.29 -17.52 -67.37
C ARG I 260 103.62 -18.00 -67.92
N GLN I 261 104.36 -17.10 -68.58
CA GLN I 261 105.72 -17.44 -69.00
C GLN I 261 106.62 -17.71 -67.80
N LEU I 262 106.51 -16.88 -66.75
CA LEU I 262 107.30 -17.09 -65.54
C LEU I 262 106.99 -18.45 -64.92
N PHE I 263 105.71 -18.83 -64.89
CA PHE I 263 105.36 -20.12 -64.32
C PHE I 263 105.85 -21.27 -65.18
N LEU I 264 105.84 -21.11 -66.51
CA LEU I 264 106.43 -22.12 -67.37
C LEU I 264 107.92 -22.31 -67.09
N GLU I 265 108.65 -21.20 -66.91
CA GLU I 265 110.09 -21.30 -66.65
C GLU I 265 110.34 -21.97 -65.29
N ARG I 266 109.53 -21.63 -64.28
CA ARG I 266 109.67 -22.28 -62.98
C ARG I 266 109.38 -23.77 -63.09
N ALA I 267 108.38 -24.16 -63.89
CA ALA I 267 108.07 -25.57 -64.05
C ALA I 267 109.20 -26.31 -64.75
N THR I 268 109.86 -25.67 -65.72
CA THR I 268 111.03 -26.29 -66.34
C THR I 268 112.16 -26.50 -65.34
N ALA I 269 112.44 -25.50 -64.52
CA ALA I 269 113.48 -25.65 -63.50
C ALA I 269 113.13 -26.77 -62.53
N GLN I 270 111.85 -26.85 -62.14
CA GLN I 270 111.42 -27.94 -61.29
C GLN I 270 111.63 -29.29 -61.96
N ARG I 271 111.34 -29.39 -63.26
CA ARG I 271 111.49 -30.66 -63.96
C ARG I 271 112.93 -31.13 -63.98
N ASP I 272 113.87 -30.23 -64.28
CA ASP I 272 115.25 -30.70 -64.42
C ASP I 272 115.86 -31.00 -63.05
N THR I 273 115.53 -30.19 -62.04
CA THR I 273 115.95 -30.52 -60.68
C THR I 273 115.35 -31.87 -60.24
N LEU I 274 114.11 -32.14 -60.66
CA LEU I 274 113.47 -33.41 -60.32
C LEU I 274 114.20 -34.59 -60.93
N ARG I 275 114.61 -34.48 -62.20
CA ARG I 275 115.32 -35.62 -62.78
C ARG I 275 116.71 -35.78 -62.18
N VAL I 276 117.34 -34.68 -61.77
CA VAL I 276 118.61 -34.80 -61.05
C VAL I 276 118.41 -35.56 -59.74
N VAL I 277 117.36 -35.23 -58.99
CA VAL I 277 117.10 -35.90 -57.73
C VAL I 277 116.75 -37.37 -57.95
N GLU I 278 115.95 -37.66 -58.98
CA GLU I 278 115.60 -39.05 -59.27
C GLU I 278 116.82 -39.86 -59.64
N ALA I 279 117.74 -39.28 -60.41
CA ALA I 279 119.00 -39.95 -60.71
C ALA I 279 119.78 -40.23 -59.45
N ILE I 280 119.84 -39.26 -58.53
CA ILE I 280 120.54 -39.47 -57.27
C ILE I 280 119.96 -40.67 -56.53
N PHE I 281 118.63 -40.72 -56.41
CA PHE I 281 118.01 -41.80 -55.65
C PHE I 281 118.20 -43.16 -56.33
N SER I 282 118.06 -43.22 -57.65
CA SER I 282 118.25 -44.49 -58.35
C SER I 282 119.69 -44.97 -58.23
N THR I 283 120.66 -44.04 -58.34
CA THR I 283 122.06 -44.40 -58.19
C THR I 283 122.33 -44.96 -56.79
N SER I 284 121.82 -44.30 -55.76
CA SER I 284 122.04 -44.79 -54.40
C SER I 284 121.39 -46.15 -54.20
N ALA I 285 120.19 -46.35 -54.75
CA ALA I 285 119.51 -47.63 -54.61
C ALA I 285 120.29 -48.76 -55.27
N ARG I 286 120.81 -48.51 -56.47
CA ARG I 286 121.60 -49.55 -57.14
C ARG I 286 122.91 -49.80 -56.41
N TYR I 287 123.53 -48.75 -55.88
CA TYR I 287 124.77 -48.92 -55.13
C TYR I 287 124.55 -49.80 -53.90
N VAL I 288 123.45 -49.57 -53.19
CA VAL I 288 123.17 -50.39 -52.01
C VAL I 288 122.79 -51.82 -52.41
N GLU I 289 121.99 -51.96 -53.47
CA GLU I 289 121.48 -53.29 -53.84
C GLU I 289 122.58 -54.23 -54.31
N LEU I 290 123.71 -53.70 -54.78
CA LEU I 290 124.80 -54.54 -55.27
C LEU I 290 125.73 -55.01 -54.15
N TYR I 291 125.27 -54.97 -52.90
CA TYR I 291 126.04 -55.46 -51.77
C TYR I 291 126.13 -56.98 -51.84
N GLU I 292 127.31 -57.49 -52.21
CA GLU I 292 127.57 -58.93 -52.31
C GLU I 292 126.55 -59.61 -53.21
N ASN I 293 126.18 -58.94 -54.29
CA ASN I 293 125.22 -59.48 -55.24
C ASN I 293 125.93 -60.26 -56.33
N VAL I 294 125.21 -61.21 -56.94
CA VAL I 294 125.76 -61.98 -58.05
C VAL I 294 126.00 -61.13 -59.28
N GLU I 295 125.45 -59.92 -59.32
CA GLU I 295 125.60 -59.03 -60.47
C GLU I 295 126.76 -58.05 -60.33
N ASN I 296 127.41 -58.00 -59.17
CA ASN I 296 128.54 -57.10 -58.96
C ASN I 296 129.77 -57.74 -59.59
N VAL I 297 129.99 -57.47 -60.87
CA VAL I 297 131.06 -58.10 -61.63
C VAL I 297 132.19 -57.10 -61.82
N ASN I 298 133.31 -57.59 -62.36
CA ASN I 298 134.48 -56.77 -62.58
C ASN I 298 134.46 -56.19 -63.99
N VAL I 299 134.60 -54.88 -64.09
CA VAL I 299 134.64 -54.18 -65.37
C VAL I 299 135.62 -53.02 -65.26
N GLU I 300 136.56 -52.95 -66.22
CA GLU I 300 137.50 -51.84 -66.33
C GLU I 300 138.31 -51.65 -65.05
N ASN I 301 139.02 -52.72 -64.65
CA ASN I 301 139.91 -52.69 -63.50
C ASN I 301 139.20 -52.30 -62.21
N LYS I 302 137.90 -52.58 -62.13
CA LYS I 302 137.11 -52.23 -60.95
C LYS I 302 135.82 -53.02 -60.98
N THR I 303 135.05 -52.88 -59.90
CA THR I 303 133.73 -53.47 -59.83
C THR I 303 132.66 -52.42 -60.15
N LEU I 304 131.40 -52.88 -60.16
CA LEU I 304 130.32 -52.03 -60.62
C LEU I 304 130.05 -50.87 -59.67
N ARG I 305 130.27 -51.10 -58.36
CA ARG I 305 129.87 -50.11 -57.37
C ARG I 305 130.84 -48.93 -57.29
N GLN I 306 132.09 -49.14 -57.67
CA GLN I 306 133.06 -48.04 -57.58
C GLN I 306 132.74 -46.93 -58.57
N HIS I 307 132.21 -47.28 -59.75
CA HIS I 307 131.77 -46.25 -60.69
C HIS I 307 130.64 -45.42 -60.09
N TYR I 308 129.66 -46.09 -59.48
CA TYR I 308 128.55 -45.39 -58.85
C TYR I 308 129.05 -44.47 -57.75
N SER I 309 130.03 -44.94 -56.96
CA SER I 309 130.60 -44.10 -55.91
C SER I 309 131.31 -42.88 -56.50
N ALA I 310 132.05 -43.08 -57.59
CA ALA I 310 132.74 -41.96 -58.22
C ALA I 310 131.77 -40.96 -58.85
N LEU I 311 130.54 -41.39 -59.14
CA LEU I 311 129.53 -40.49 -59.69
C LEU I 311 129.13 -39.37 -58.71
N ILE I 312 129.68 -39.34 -57.51
CA ILE I 312 129.15 -38.45 -56.47
C ILE I 312 129.46 -36.98 -56.73
N PRO I 313 130.71 -36.55 -56.96
CA PRO I 313 130.94 -35.11 -57.15
C PRO I 313 130.22 -34.53 -58.36
N ASN I 314 130.04 -35.31 -59.42
CA ASN I 314 129.27 -34.86 -60.57
C ASN I 314 127.85 -34.51 -60.16
N LEU I 315 127.19 -35.43 -59.46
CA LEU I 315 125.82 -35.19 -59.01
C LEU I 315 125.76 -34.02 -58.03
N PHE I 316 126.80 -33.87 -57.20
CA PHE I 316 126.84 -32.74 -56.28
C PHE I 316 126.84 -31.41 -57.04
N ILE I 317 127.74 -31.27 -58.02
CA ILE I 317 127.81 -30.03 -58.77
C ILE I 317 126.52 -29.78 -59.54
N ALA I 318 125.98 -30.83 -60.17
CA ALA I 318 124.74 -30.68 -60.93
C ALA I 318 123.59 -30.23 -60.03
N ALA I 319 123.47 -30.84 -58.86
CA ALA I 319 122.40 -30.47 -57.93
C ALA I 319 122.57 -29.04 -57.45
N VAL I 320 123.81 -28.62 -57.16
CA VAL I 320 124.01 -27.25 -56.68
C VAL I 320 123.59 -26.24 -57.75
N ALA I 321 123.98 -26.49 -59.00
CA ALA I 321 123.61 -25.57 -60.08
C ALA I 321 122.09 -25.53 -60.27
N ASN I 322 121.46 -26.70 -60.30
CA ASN I 322 120.02 -26.75 -60.51
C ASN I 322 119.28 -26.08 -59.36
N ILE I 323 119.76 -26.26 -58.13
CA ILE I 323 119.12 -25.64 -56.98
C ILE I 323 119.23 -24.13 -57.06
N SER I 324 120.40 -23.61 -57.44
CA SER I 324 120.55 -22.17 -57.54
C SER I 324 119.60 -21.59 -58.61
N GLU I 325 119.51 -22.25 -59.76
CA GLU I 325 118.62 -21.75 -60.79
C GLU I 325 117.15 -21.84 -60.37
N LEU I 326 116.79 -22.90 -59.64
CA LEU I 326 115.41 -23.03 -59.17
C LEU I 326 115.08 -21.95 -58.15
N ASN I 327 116.03 -21.62 -57.27
CA ASN I 327 115.80 -20.54 -56.32
C ASN I 327 115.60 -19.22 -57.03
N ALA I 328 116.42 -18.93 -58.05
CA ALA I 328 116.25 -17.70 -58.80
C ALA I 328 114.89 -17.65 -59.49
N ALA I 329 114.46 -18.76 -60.09
CA ALA I 329 113.17 -18.80 -60.76
C ALA I 329 112.02 -18.62 -59.77
N ASP I 330 112.13 -19.25 -58.59
CA ASP I 330 111.09 -19.11 -57.57
C ASP I 330 110.96 -17.65 -57.13
N ALA I 331 112.09 -17.00 -56.86
CA ALA I 331 112.04 -15.59 -56.46
C ALA I 331 111.44 -14.74 -57.55
N GLU I 332 111.82 -14.99 -58.81
CA GLU I 332 111.31 -14.19 -59.92
C GLU I 332 109.80 -14.32 -60.04
N ALA I 333 109.28 -15.55 -59.98
CA ALA I 333 107.85 -15.74 -60.14
C ALA I 333 107.07 -15.24 -58.92
N ALA I 334 107.66 -15.30 -57.73
CA ALA I 334 106.96 -14.84 -56.54
C ALA I 334 106.88 -13.32 -56.48
N ALA I 335 107.97 -12.63 -56.83
CA ALA I 335 108.00 -11.17 -56.66
C ALA I 335 107.21 -10.43 -57.73
N TYR I 336 106.85 -11.09 -58.84
CA TYR I 336 106.15 -10.44 -59.94
C TYR I 336 104.89 -11.18 -60.32
N TYR I 337 104.11 -11.60 -59.31
CA TYR I 337 102.82 -12.20 -59.60
C TYR I 337 101.81 -11.15 -60.04
N LEU I 338 101.86 -9.97 -59.43
CA LEU I 338 101.00 -8.85 -59.81
C LEU I 338 101.84 -7.58 -59.70
N HIS I 339 102.46 -7.21 -60.82
CA HIS I 339 103.34 -6.04 -60.85
C HIS I 339 103.16 -5.34 -62.19
N TRP I 340 103.58 -4.07 -62.22
CA TRP I 340 103.51 -3.29 -63.44
C TRP I 340 104.38 -3.88 -64.53
N ASP I 341 105.58 -4.33 -64.18
CA ASP I 341 106.56 -4.82 -65.14
C ASP I 341 106.12 -6.13 -65.78
N THR I 342 104.90 -6.56 -65.48
CA THR I 342 104.32 -7.76 -66.06
C THR I 342 103.11 -7.48 -66.93
N ASP I 343 102.27 -6.52 -66.55
CA ASP I 343 101.19 -6.00 -67.40
C ASP I 343 101.61 -4.59 -67.80
N LEU I 344 102.14 -4.45 -69.02
CA LEU I 344 102.77 -3.21 -69.44
C LEU I 344 101.76 -2.28 -70.11
N ALA I 345 102.29 -1.25 -70.79
CA ALA I 345 101.44 -0.15 -71.25
C ALA I 345 100.40 -0.61 -72.26
N THR I 346 100.83 -1.08 -73.42
CA THR I 346 99.86 -1.48 -74.42
C THR I 346 99.24 -2.82 -74.03
N ASN I 347 98.07 -3.10 -74.57
CA ASN I 347 97.49 -4.42 -74.37
C ASN I 347 98.31 -5.48 -75.10
N ASP I 348 98.95 -5.10 -76.21
CA ASP I 348 99.70 -6.06 -77.02
C ASP I 348 100.84 -6.70 -76.25
N GLU I 349 101.76 -5.87 -75.75
CA GLU I 349 102.96 -6.30 -75.02
C GLU I 349 103.55 -7.58 -75.60
N ASP I 350 103.85 -7.53 -76.90
CA ASP I 350 104.38 -8.70 -77.59
C ASP I 350 105.90 -8.69 -77.70
N GLU I 351 106.51 -7.50 -77.79
CA GLU I 351 107.97 -7.43 -77.90
C GLU I 351 108.64 -7.98 -76.65
N ALA I 352 108.10 -7.67 -75.47
CA ALA I 352 108.67 -8.19 -74.24
C ALA I 352 108.50 -9.70 -74.16
N TYR I 353 107.35 -10.21 -74.59
CA TYR I 353 107.14 -11.65 -74.59
C TYR I 353 108.14 -12.35 -75.51
N TYR I 354 108.38 -11.80 -76.69
CA TYR I 354 109.29 -12.44 -77.61
C TYR I 354 110.74 -12.34 -77.14
N LYS I 355 111.11 -11.22 -76.51
CA LYS I 355 112.44 -11.12 -75.92
C LYS I 355 112.63 -12.15 -74.80
N ALA I 356 111.62 -12.30 -73.94
CA ALA I 356 111.70 -13.29 -72.88
C ALA I 356 111.74 -14.71 -73.43
N LYS I 357 110.98 -14.99 -74.50
CA LYS I 357 111.01 -16.30 -75.12
C LYS I 357 112.39 -16.61 -75.71
N LEU I 358 113.03 -15.60 -76.31
CA LEU I 358 114.40 -15.77 -76.79
C LEU I 358 115.35 -16.10 -75.65
N ASP I 359 115.28 -15.33 -74.56
CA ASP I 359 116.17 -15.60 -73.43
C ASP I 359 115.95 -17.00 -72.87
N PHE I 360 114.68 -17.40 -72.76
CA PHE I 360 114.33 -18.72 -72.25
C PHE I 360 114.89 -19.82 -73.16
N ALA I 361 114.76 -19.66 -74.47
CA ALA I 361 115.28 -20.66 -75.39
C ALA I 361 116.80 -20.75 -75.31
N ILE I 362 117.48 -19.61 -75.20
CA ILE I 362 118.93 -19.61 -75.05
C ILE I 362 119.32 -20.39 -73.80
N GLU I 363 118.65 -20.10 -72.68
CA GLU I 363 118.96 -20.80 -71.44
C GLU I 363 118.71 -22.29 -71.56
N THR I 364 117.60 -22.69 -72.19
CA THR I 364 117.27 -24.10 -72.32
C THR I 364 118.32 -24.83 -73.17
N TYR I 365 118.73 -24.22 -74.27
CA TYR I 365 119.73 -24.86 -75.13
C TYR I 365 121.07 -24.97 -74.43
N ALA I 366 121.46 -23.94 -73.66
CA ALA I 366 122.69 -24.06 -72.88
C ALA I 366 122.58 -25.14 -71.82
N LYS I 367 121.41 -25.26 -71.18
CA LYS I 367 121.21 -26.25 -70.13
C LYS I 367 121.26 -27.66 -70.67
N ILE I 368 120.81 -27.88 -71.91
CA ILE I 368 120.91 -29.21 -72.50
C ILE I 368 122.36 -29.68 -72.49
N LEU I 369 123.26 -28.83 -72.99
CA LEU I 369 124.68 -29.16 -73.01
C LEU I 369 125.25 -29.32 -71.61
N PHE I 370 124.90 -28.40 -70.71
CA PHE I 370 125.43 -28.45 -69.35
C PHE I 370 125.06 -29.77 -68.66
N ASN I 371 123.77 -30.12 -68.69
CA ASN I 371 123.30 -31.34 -68.03
C ASN I 371 123.85 -32.58 -68.72
N GLY I 372 123.91 -32.58 -70.05
CA GLY I 372 124.46 -33.73 -70.75
C GLY I 372 125.92 -33.97 -70.40
N GLU I 373 126.69 -32.89 -70.22
CA GLU I 373 128.10 -33.07 -69.95
C GLU I 373 128.40 -33.37 -68.49
N VAL I 374 127.57 -32.88 -67.56
CA VAL I 374 127.92 -32.98 -66.15
C VAL I 374 127.56 -34.34 -65.55
N TRP I 375 126.30 -34.77 -65.68
CA TRP I 375 125.86 -35.97 -64.97
C TRP I 375 125.17 -37.03 -65.82
N GLN I 376 124.53 -36.67 -66.93
CA GLN I 376 123.74 -37.66 -67.66
C GLN I 376 124.61 -38.77 -68.22
N GLU I 377 125.72 -38.42 -68.83
CA GLU I 377 126.48 -39.43 -69.57
C GLU I 377 127.39 -40.25 -68.67
N PRO I 378 128.02 -39.67 -67.63
CA PRO I 378 128.67 -40.52 -66.63
C PRO I 378 127.74 -41.58 -66.05
N LEU I 379 126.47 -41.24 -65.80
CA LEU I 379 125.52 -42.22 -65.29
C LEU I 379 125.11 -43.21 -66.38
N ALA I 380 124.90 -42.73 -67.60
CA ALA I 380 124.49 -43.60 -68.69
C ALA I 380 125.55 -44.64 -68.99
N TYR I 381 126.82 -44.28 -68.84
CA TYR I 381 127.90 -45.23 -69.08
C TYR I 381 127.83 -46.40 -68.10
N VAL I 382 127.63 -46.11 -66.82
CA VAL I 382 127.56 -47.16 -65.82
C VAL I 382 126.31 -48.01 -66.04
N GLN I 383 125.19 -47.38 -66.37
CA GLN I 383 123.98 -48.16 -66.62
C GLN I 383 124.14 -49.04 -67.86
N ASN I 384 124.86 -48.57 -68.87
CA ASN I 384 125.13 -49.40 -70.04
C ASN I 384 126.04 -50.56 -69.67
N LEU I 385 127.02 -50.34 -68.79
CA LEU I 385 127.83 -51.45 -68.30
C LEU I 385 126.95 -52.50 -67.63
N ASP I 386 126.04 -52.06 -66.77
CA ASP I 386 125.09 -52.96 -66.12
C ASP I 386 124.31 -53.78 -67.14
N ALA I 387 123.67 -53.08 -68.09
CA ALA I 387 122.81 -53.75 -69.05
C ALA I 387 123.61 -54.71 -69.93
N GLY I 388 124.82 -54.32 -70.33
CA GLY I 388 125.64 -55.19 -71.12
C GLY I 388 126.03 -56.45 -70.37
N ALA I 389 126.36 -56.31 -69.08
CA ALA I 389 126.69 -57.49 -68.29
C ALA I 389 125.52 -58.45 -68.22
N ARG I 390 124.32 -57.93 -67.92
CA ARG I 390 123.16 -58.82 -67.85
C ARG I 390 122.87 -59.46 -69.20
N GLN I 391 122.95 -58.69 -70.28
CA GLN I 391 122.64 -59.22 -71.60
C GLN I 391 123.64 -60.29 -72.02
N GLU I 392 124.93 -60.09 -71.74
CA GLU I 392 125.92 -61.08 -72.11
C GLU I 392 125.74 -62.36 -71.30
N ALA I 393 125.43 -62.24 -70.01
CA ALA I 393 125.12 -63.44 -69.23
C ALA I 393 123.92 -64.18 -69.81
N ALA I 394 122.87 -63.43 -70.16
CA ALA I 394 121.64 -64.05 -70.64
C ALA I 394 121.86 -64.78 -71.96
N ASP I 395 122.50 -64.13 -72.93
CA ASP I 395 122.61 -64.80 -74.22
C ASP I 395 123.72 -65.85 -74.19
N ARG I 396 124.66 -65.75 -73.26
CA ARG I 396 125.60 -66.86 -73.05
C ARG I 396 124.87 -68.11 -72.59
N GLU I 397 123.98 -67.95 -71.60
CA GLU I 397 123.19 -69.09 -71.15
C GLU I 397 122.30 -69.62 -72.28
N ALA I 398 121.68 -68.72 -73.03
CA ALA I 398 120.80 -69.13 -74.13
C ALA I 398 121.58 -69.88 -75.20
N ALA I 399 122.77 -69.39 -75.56
CA ALA I 399 123.59 -70.06 -76.56
C ALA I 399 124.04 -71.44 -76.08
N ARG I 400 124.41 -71.54 -74.81
CA ARG I 400 124.79 -72.85 -74.26
C ARG I 400 123.63 -73.83 -74.37
N ALA I 401 122.43 -73.40 -73.97
CA ALA I 401 121.26 -74.28 -74.05
C ALA I 401 120.96 -74.67 -75.49
N ALA I 402 121.04 -73.69 -76.41
CA ALA I 402 120.76 -73.98 -77.81
C ALA I 402 121.76 -74.97 -78.39
N ASP I 403 123.04 -74.80 -78.07
CA ASP I 403 124.05 -75.73 -78.56
C ASP I 403 123.81 -77.13 -78.01
N GLU I 404 123.48 -77.24 -76.72
CA GLU I 404 123.22 -78.55 -76.14
C GLU I 404 122.02 -79.22 -76.82
N ALA I 405 120.94 -78.46 -77.02
CA ALA I 405 119.76 -79.01 -77.66
C ALA I 405 120.05 -79.43 -79.09
N TYR I 406 120.82 -78.62 -79.82
CA TYR I 406 121.14 -78.94 -81.21
C TYR I 406 121.98 -80.20 -81.30
N ARG I 407 122.98 -80.34 -80.43
CA ARG I 407 123.78 -81.55 -80.40
C ARG I 407 122.94 -82.78 -80.08
N ALA I 408 122.06 -82.66 -79.08
CA ALA I 408 121.20 -83.79 -78.71
C ALA I 408 120.28 -84.17 -79.87
N GLU I 409 119.72 -83.17 -80.54
CA GLU I 409 118.85 -83.45 -81.69
C GLU I 409 119.60 -84.18 -82.79
N GLN I 410 120.80 -83.70 -83.14
CA GLN I 410 121.59 -84.36 -84.17
C GLN I 410 121.91 -85.79 -83.79
N LEU I 411 122.37 -85.99 -82.56
CA LEU I 411 122.75 -87.34 -82.13
C LEU I 411 121.55 -88.28 -82.14
N ARG I 412 120.40 -87.82 -81.65
CA ARG I 412 119.23 -88.69 -81.61
C ARG I 412 118.74 -89.00 -83.02
N ILE I 413 118.78 -88.03 -83.93
CA ILE I 413 118.36 -88.30 -85.31
C ILE I 413 119.30 -89.31 -85.96
N ALA I 414 120.61 -89.13 -85.78
CA ALA I 414 121.56 -90.05 -86.39
C ALA I 414 121.39 -91.46 -85.83
N GLN I 415 121.26 -91.60 -84.51
CA GLN I 415 121.09 -92.92 -83.92
C GLN I 415 119.77 -93.56 -84.34
N GLU I 416 118.70 -92.76 -84.43
CA GLU I 416 117.41 -93.33 -84.79
C GLU I 416 117.42 -93.80 -86.24
N ALA I 417 118.06 -93.02 -87.12
CA ALA I 417 118.27 -93.49 -88.49
C ALA I 417 119.15 -94.74 -88.51
N ALA I 418 120.10 -94.83 -87.58
CA ALA I 418 120.92 -96.03 -87.48
C ALA I 418 120.07 -97.26 -87.17
N ASP I 419 119.15 -97.13 -86.21
CA ASP I 419 118.22 -98.24 -85.96
C ASP I 419 117.28 -98.50 -87.15
N ALA I 420 116.96 -97.48 -87.93
CA ALA I 420 116.21 -97.72 -89.16
C ALA I 420 117.01 -98.60 -90.13
N GLN I 421 118.30 -98.28 -90.30
CA GLN I 421 119.17 -99.13 -91.10
C GLN I 421 119.28 -100.51 -90.48
N LYS I 422 119.20 -100.59 -89.16
CA LYS I 422 119.25 -101.87 -88.47
C LYS I 422 118.04 -102.72 -88.85
N ALA I 423 116.86 -102.08 -88.89
CA ALA I 423 115.65 -102.76 -89.33
C ALA I 423 115.79 -103.25 -90.77
N ILE I 424 116.37 -102.41 -91.63
CA ILE I 424 116.63 -102.84 -93.01
C ILE I 424 117.51 -104.09 -93.01
N ALA I 425 118.59 -104.05 -92.24
CA ALA I 425 119.54 -105.16 -92.22
C ALA I 425 118.89 -106.45 -91.75
N GLU I 426 118.15 -106.39 -90.64
CA GLU I 426 117.52 -107.60 -90.13
C GLU I 426 116.44 -108.10 -91.07
N ALA I 427 115.71 -107.20 -91.72
CA ALA I 427 114.65 -107.63 -92.65
C ALA I 427 115.23 -108.38 -93.83
N LEU I 428 116.21 -107.79 -94.51
CA LEU I 428 116.78 -108.47 -95.68
C LEU I 428 117.73 -109.59 -95.30
N ALA I 429 118.13 -109.69 -94.02
CA ALA I 429 118.77 -110.91 -93.57
C ALA I 429 117.76 -112.03 -93.35
N LYS I 430 116.57 -111.68 -92.86
CA LYS I 430 115.55 -112.70 -92.58
C LYS I 430 114.90 -113.20 -93.86
N GLU I 431 114.73 -112.33 -94.86
CA GLU I 431 114.10 -112.77 -96.10
C GLU I 431 114.90 -113.88 -96.77
N ALA I 432 116.23 -113.79 -96.75
CA ALA I 432 117.07 -114.85 -97.30
C ALA I 432 117.86 -115.53 -96.21
N GLU J 1 139.44 -74.22 -50.24
CA GLU J 1 138.67 -73.79 -51.40
C GLU J 1 138.82 -72.29 -51.59
N THR J 2 137.92 -71.70 -52.37
CA THR J 2 137.96 -70.26 -52.63
C THR J 2 137.55 -69.52 -51.36
N ASN J 3 137.47 -68.20 -51.46
CA ASN J 3 137.04 -67.37 -50.34
C ASN J 3 135.77 -66.60 -50.71
N PRO J 4 134.57 -67.23 -50.68
CA PRO J 4 133.36 -66.51 -51.10
C PRO J 4 132.70 -65.69 -50.00
N THR J 5 133.41 -65.42 -48.90
CA THR J 5 132.76 -64.82 -47.74
C THR J 5 132.14 -63.46 -48.04
N PHE J 6 132.83 -62.60 -48.81
CA PHE J 6 132.31 -61.26 -49.01
C PHE J 6 131.92 -60.94 -50.44
N ASN J 7 131.25 -61.89 -51.00
CA ASN J 7 130.77 -61.65 -52.35
C ASN J 7 130.16 -62.91 -52.84
N ILE J 8 129.32 -62.82 -53.82
CA ILE J 8 128.89 -63.99 -54.62
C ILE J 8 127.81 -64.83 -54.01
N THR J 9 127.36 -64.46 -52.84
CA THR J 9 126.43 -65.43 -52.24
C THR J 9 125.03 -64.90 -52.39
N ASN J 10 124.31 -64.98 -51.29
CA ASN J 10 123.00 -64.33 -51.32
C ASN J 10 123.17 -62.88 -50.89
N GLY J 11 122.80 -61.96 -51.79
CA GLY J 11 123.17 -60.56 -51.59
C GLY J 11 122.75 -60.03 -50.24
N PHE J 12 121.62 -60.48 -49.73
CA PHE J 12 121.17 -60.13 -48.39
C PHE J 12 121.14 -61.39 -47.54
N ASN J 13 122.09 -61.50 -46.61
CA ASN J 13 122.30 -62.72 -45.85
C ASN J 13 122.16 -62.44 -44.37
N ASP J 14 121.61 -63.40 -43.63
CA ASP J 14 121.47 -63.25 -42.19
C ASP J 14 122.81 -63.42 -41.49
N ALA J 15 123.78 -64.04 -42.16
CA ALA J 15 125.05 -64.37 -41.52
C ALA J 15 125.87 -63.13 -41.18
N ASP J 16 125.62 -62.00 -41.85
CA ASP J 16 126.39 -60.79 -41.62
C ASP J 16 125.57 -59.68 -40.97
N GLY J 17 124.25 -59.80 -40.92
CA GLY J 17 123.41 -58.73 -40.48
C GLY J 17 122.94 -57.81 -41.58
N SER J 18 122.89 -58.30 -42.82
CA SER J 18 122.47 -57.50 -43.97
C SER J 18 121.02 -57.77 -44.38
N THR J 19 120.44 -58.88 -43.93
CA THR J 19 119.05 -59.16 -44.24
C THR J 19 118.11 -58.33 -43.37
N ILE J 20 116.83 -58.33 -43.75
CA ILE J 20 115.80 -57.61 -43.01
C ILE J 20 115.30 -58.50 -41.88
N GLN J 21 114.77 -57.88 -40.82
CA GLN J 21 114.31 -58.63 -39.66
C GLN J 21 112.99 -58.06 -39.16
N PRO J 22 111.87 -58.78 -39.30
CA PRO J 22 110.61 -58.33 -38.70
C PRO J 22 110.68 -58.40 -37.18
N VAL J 23 110.19 -57.37 -36.51
CA VAL J 23 110.26 -57.26 -35.06
C VAL J 23 108.87 -57.01 -34.50
N GLY J 24 108.50 -57.78 -33.48
CA GLY J 24 107.39 -57.44 -32.62
C GLY J 24 107.90 -56.85 -31.34
N PRO J 25 107.02 -56.47 -30.43
CA PRO J 25 107.49 -55.97 -29.13
C PRO J 25 107.73 -57.10 -28.13
N VAL J 26 108.98 -57.29 -27.74
CA VAL J 26 109.35 -58.25 -26.70
C VAL J 26 110.30 -57.56 -25.75
N ASN J 27 110.09 -57.75 -24.44
CA ASN J 27 110.85 -57.03 -23.43
C ASN J 27 112.11 -57.81 -23.08
N HIS J 28 113.26 -57.29 -23.51
CA HIS J 28 114.55 -57.76 -23.05
C HIS J 28 115.15 -56.65 -22.20
N THR J 29 115.50 -56.99 -20.96
CA THR J 29 115.88 -55.98 -19.98
C THR J 29 117.22 -55.35 -20.35
N GLU J 30 117.49 -54.18 -19.78
CA GLU J 30 118.76 -53.51 -19.99
C GLU J 30 119.93 -54.38 -19.55
N GLU J 31 119.75 -55.14 -18.46
CA GLU J 31 120.78 -56.06 -18.01
C GLU J 31 121.03 -57.16 -19.03
N THR J 32 119.96 -57.70 -19.61
CA THR J 32 120.13 -58.75 -20.62
C THR J 32 120.89 -58.25 -21.83
N LEU J 33 120.54 -57.04 -22.30
CA LEU J 33 121.24 -56.47 -23.44
C LEU J 33 122.69 -56.17 -23.10
N ARG J 34 122.96 -55.67 -21.89
CA ARG J 34 124.34 -55.39 -21.51
C ARG J 34 125.15 -56.68 -21.45
N ASP J 35 124.55 -57.76 -20.95
CA ASP J 35 125.24 -59.05 -20.94
C ASP J 35 125.53 -59.53 -22.36
N LEU J 36 124.53 -59.41 -23.25
CA LEU J 36 124.72 -59.88 -24.61
C LEU J 36 125.80 -59.08 -25.33
N THR J 37 125.87 -57.77 -25.08
CA THR J 37 126.90 -56.95 -25.72
C THR J 37 128.27 -57.22 -25.13
N ASP J 38 128.35 -57.39 -23.80
CA ASP J 38 129.64 -57.67 -23.18
C ASP J 38 130.16 -59.04 -23.58
N SER J 39 129.27 -59.96 -23.95
CA SER J 39 129.73 -61.27 -24.43
C SER J 39 130.62 -61.12 -25.66
N THR J 40 130.25 -60.25 -26.60
CA THR J 40 131.07 -60.02 -27.78
C THR J 40 132.19 -59.02 -27.47
N GLY J 41 131.97 -58.11 -26.53
CA GLY J 41 133.02 -57.20 -26.14
C GLY J 41 134.22 -57.92 -25.56
N ALA J 42 133.98 -59.04 -24.87
CA ALA J 42 135.08 -59.86 -24.39
C ALA J 42 135.94 -60.37 -25.54
N TYR J 43 135.31 -60.80 -26.64
CA TYR J 43 136.06 -61.28 -27.78
C TYR J 43 136.82 -60.14 -28.45
N LEU J 44 136.21 -58.96 -28.52
CA LEU J 44 136.82 -57.82 -29.21
C LEU J 44 137.80 -57.03 -28.34
N GLU J 45 137.92 -57.37 -27.05
CA GLU J 45 138.76 -56.58 -26.16
C GLU J 45 140.22 -56.55 -26.62
N GLU J 46 140.74 -57.70 -27.08
CA GLU J 46 142.13 -57.75 -27.48
C GLU J 46 142.41 -56.80 -28.65
N PHE J 47 141.52 -56.77 -29.64
CA PHE J 47 141.66 -55.79 -30.71
C PHE J 47 141.49 -54.38 -30.18
N GLN J 48 140.57 -54.17 -29.25
CA GLN J 48 140.20 -52.82 -28.84
C GLN J 48 141.35 -52.08 -28.17
N ASN J 49 141.98 -52.71 -27.18
CA ASN J 49 142.97 -52.03 -26.36
C ASN J 49 144.24 -52.83 -26.13
N GLY J 50 144.38 -53.99 -26.76
CA GLY J 50 145.55 -54.81 -26.59
C GLY J 50 146.71 -54.36 -27.46
N THR J 51 147.80 -55.11 -27.37
CA THR J 51 148.97 -54.91 -28.22
C THR J 51 149.12 -56.11 -29.14
N VAL J 52 150.13 -56.03 -30.02
CA VAL J 52 150.29 -57.04 -31.07
C VAL J 52 150.46 -58.43 -30.47
N GLU J 53 151.26 -58.54 -29.41
CA GLU J 53 151.47 -59.83 -28.77
C GLU J 53 150.17 -60.41 -28.23
N GLU J 54 149.36 -59.58 -27.58
CA GLU J 54 148.07 -60.04 -27.08
C GLU J 54 147.16 -60.48 -28.23
N ILE J 55 147.18 -59.74 -29.34
CA ILE J 55 146.33 -60.09 -30.48
C ILE J 55 146.72 -61.45 -31.04
N VAL J 56 148.02 -61.69 -31.25
CA VAL J 56 148.42 -62.98 -31.81
C VAL J 56 148.17 -64.09 -30.79
N GLU J 57 148.31 -63.79 -29.50
CA GLU J 57 148.04 -64.77 -28.46
C GLU J 57 146.58 -65.21 -28.48
N ALA J 58 145.66 -64.25 -28.47
CA ALA J 58 144.26 -64.58 -28.20
C ALA J 58 143.60 -65.28 -29.37
N TYR J 59 143.79 -64.78 -30.59
CA TYR J 59 142.99 -65.24 -31.71
C TYR J 59 143.59 -66.46 -32.40
N LEU J 60 144.91 -66.58 -32.37
CA LEU J 60 145.61 -67.79 -32.75
C LEU J 60 146.20 -68.41 -31.49
N GLN J 61 145.78 -69.63 -31.17
CA GLN J 61 146.16 -70.28 -29.92
C GLN J 61 147.62 -70.68 -30.01
N VAL J 62 148.51 -69.79 -29.57
CA VAL J 62 149.94 -70.08 -29.62
C VAL J 62 150.32 -71.15 -28.61
N GLN J 63 149.83 -71.01 -27.38
CA GLN J 63 150.21 -71.97 -26.33
C GLN J 63 149.50 -73.31 -26.52
N ALA J 64 148.28 -73.30 -27.04
CA ALA J 64 147.53 -74.52 -27.25
C ALA J 64 148.02 -75.33 -28.44
N SER J 65 148.91 -74.77 -29.26
CA SER J 65 149.44 -75.50 -30.39
C SER J 65 150.39 -76.59 -29.91
N ALA J 66 150.74 -77.50 -30.82
CA ALA J 66 151.64 -78.60 -30.48
C ALA J 66 152.95 -78.05 -29.94
N ASP J 67 153.45 -78.66 -28.86
CA ASP J 67 154.62 -78.16 -28.17
C ASP J 67 155.84 -78.22 -29.07
N GLY J 68 156.53 -77.08 -29.18
CA GLY J 68 157.56 -76.92 -30.18
C GLY J 68 156.91 -76.28 -31.39
N PHE J 69 157.13 -74.99 -31.61
CA PHE J 69 156.35 -74.28 -32.61
C PHE J 69 156.63 -74.82 -34.00
N ASP J 70 155.57 -75.20 -34.70
CA ASP J 70 155.69 -75.62 -36.09
C ASP J 70 155.83 -74.38 -36.97
N PRO J 71 157.02 -74.12 -37.53
CA PRO J 71 157.17 -72.98 -38.45
C PRO J 71 156.63 -73.25 -39.84
N SER J 72 155.93 -74.37 -40.04
CA SER J 72 155.32 -74.71 -41.30
C SER J 72 154.26 -73.68 -41.67
N GLU J 73 154.11 -73.45 -42.97
CA GLU J 73 153.06 -72.56 -43.45
C GLU J 73 151.69 -73.21 -43.32
N GLN J 74 151.64 -74.55 -43.31
CA GLN J 74 150.38 -75.23 -43.07
C GLN J 74 149.85 -74.94 -41.68
N ALA J 75 150.74 -74.85 -40.69
CA ALA J 75 150.31 -74.51 -39.33
C ALA J 75 149.68 -73.14 -39.28
N ALA J 76 150.30 -72.15 -39.95
CA ALA J 76 149.71 -70.83 -40.03
C ALA J 76 148.37 -70.85 -40.73
N TYR J 77 148.26 -71.65 -41.81
CA TYR J 77 146.99 -71.76 -42.53
C TYR J 77 145.88 -72.28 -41.61
N GLU J 78 146.16 -73.34 -40.86
CA GLU J 78 145.15 -73.89 -39.97
C GLU J 78 144.80 -72.91 -38.84
N ALA J 79 145.80 -72.22 -38.29
CA ALA J 79 145.52 -71.26 -37.23
C ALA J 79 144.62 -70.13 -37.73
N PHE J 80 144.93 -69.59 -38.91
CA PHE J 80 144.11 -68.51 -39.45
C PHE J 80 142.72 -69.00 -39.83
N GLU J 81 142.61 -70.24 -40.32
CA GLU J 81 141.30 -70.80 -40.60
C GLU J 81 140.45 -70.93 -39.34
N ALA J 82 141.06 -71.39 -38.25
CA ALA J 82 140.33 -71.49 -36.98
C ALA J 82 139.87 -70.11 -36.50
N ALA J 83 140.76 -69.11 -36.60
CA ALA J 83 140.38 -67.76 -36.24
C ALA J 83 139.22 -67.26 -37.09
N ARG J 84 139.24 -67.58 -38.38
CA ARG J 84 138.15 -67.18 -39.26
C ARG J 84 136.83 -67.82 -38.85
N VAL J 85 136.85 -69.11 -38.52
CA VAL J 85 135.61 -69.77 -38.11
C VAL J 85 135.06 -69.16 -36.82
N ARG J 86 135.95 -68.86 -35.87
CA ARG J 86 135.50 -68.24 -34.62
C ARG J 86 134.88 -66.88 -34.87
N ALA J 87 135.52 -66.05 -35.69
CA ALA J 87 134.96 -64.74 -36.02
C ALA J 87 133.64 -64.89 -36.77
N SER J 88 133.52 -65.90 -37.62
CA SER J 88 132.29 -66.13 -38.37
C SER J 88 131.13 -66.44 -37.44
N GLN J 89 131.36 -67.26 -36.42
CA GLN J 89 130.30 -67.54 -35.46
C GLN J 89 129.95 -66.30 -34.64
N GLU J 90 130.97 -65.53 -34.24
CA GLU J 90 130.71 -64.31 -33.47
C GLU J 90 129.88 -63.32 -34.29
N LEU J 91 130.07 -63.30 -35.61
CA LEU J 91 129.32 -62.40 -36.47
C LEU J 91 127.82 -62.73 -36.43
N ALA J 92 127.46 -64.01 -36.53
CA ALA J 92 126.06 -64.39 -36.44
C ALA J 92 125.49 -64.07 -35.06
N ALA J 93 126.30 -64.27 -34.02
CA ALA J 93 125.85 -63.89 -32.67
C ALA J 93 125.50 -62.40 -32.59
N SER J 94 126.38 -61.55 -33.13
CA SER J 94 126.09 -60.11 -33.12
C SER J 94 124.89 -59.77 -33.99
N ALA J 95 124.70 -60.51 -35.08
CA ALA J 95 123.51 -60.29 -35.92
C ALA J 95 122.23 -60.54 -35.12
N GLU J 96 122.20 -61.60 -34.32
CA GLU J 96 121.01 -61.85 -33.51
C GLU J 96 120.88 -60.83 -32.37
N THR J 97 122.01 -60.37 -31.83
CA THR J 97 121.98 -59.32 -30.82
C THR J 97 121.32 -58.06 -31.36
N ILE J 98 121.59 -57.73 -32.62
CA ILE J 98 120.94 -56.58 -33.25
C ILE J 98 119.42 -56.70 -33.18
N THR J 99 118.90 -57.87 -33.58
CA THR J 99 117.45 -58.07 -33.61
C THR J 99 116.85 -57.96 -32.21
N LYS J 100 117.53 -58.55 -31.22
CA LYS J 100 116.98 -58.49 -29.85
C LYS J 100 116.97 -57.06 -29.32
N THR J 101 118.05 -56.31 -29.55
CA THR J 101 118.07 -54.91 -29.09
C THR J 101 117.02 -54.08 -29.81
N ARG J 102 116.72 -54.41 -31.06
CA ARG J 102 115.62 -53.71 -31.75
C ARG J 102 114.27 -54.03 -31.10
N GLU J 103 114.03 -55.31 -30.80
CA GLU J 103 112.76 -55.72 -30.20
C GLU J 103 112.55 -55.03 -28.85
N SER J 104 113.64 -54.87 -28.09
CA SER J 104 113.52 -54.22 -26.78
C SER J 104 113.05 -52.77 -26.91
N VAL J 105 113.63 -52.02 -27.85
CA VAL J 105 113.19 -50.64 -28.07
C VAL J 105 111.75 -50.61 -28.55
N ALA J 106 111.37 -51.59 -29.38
CA ALA J 106 109.99 -51.65 -29.84
C ALA J 106 109.02 -51.79 -28.68
N TYR J 107 109.35 -52.63 -27.69
CA TYR J 107 108.50 -52.75 -26.50
C TYR J 107 108.47 -51.46 -25.69
N ALA J 108 109.65 -50.87 -25.45
CA ALA J 108 109.74 -49.72 -24.55
C ALA J 108 108.95 -48.54 -25.10
N LEU J 109 109.10 -48.23 -26.38
CA LEU J 109 108.39 -47.07 -26.92
C LEU J 109 106.88 -47.31 -26.96
N LYS J 110 106.46 -48.55 -27.22
CA LYS J 110 105.04 -48.84 -27.23
C LYS J 110 104.40 -48.58 -25.88
N VAL J 111 105.03 -49.08 -24.81
CA VAL J 111 104.45 -48.85 -23.49
C VAL J 111 104.51 -47.37 -23.14
N ASP J 112 105.55 -46.67 -23.61
CA ASP J 112 105.65 -45.24 -23.34
C ASP J 112 104.52 -44.45 -24.00
N GLN J 113 104.22 -44.74 -25.27
CA GLN J 113 103.11 -44.07 -25.94
C GLN J 113 101.78 -44.38 -25.27
N GLU J 114 101.59 -45.64 -24.85
CA GLU J 114 100.36 -45.97 -24.15
C GLU J 114 100.21 -45.16 -22.86
N ALA J 115 101.31 -45.02 -22.12
CA ALA J 115 101.26 -44.22 -20.88
C ALA J 115 100.91 -42.77 -21.17
N THR J 116 101.52 -42.18 -22.20
CA THR J 116 101.21 -40.79 -22.54
C THR J 116 99.74 -40.63 -22.91
N ALA J 117 99.21 -41.57 -23.71
CA ALA J 117 97.80 -41.50 -24.11
C ALA J 117 96.89 -41.58 -22.90
N ALA J 118 97.17 -42.51 -21.98
CA ALA J 118 96.33 -42.65 -20.79
C ALA J 118 96.37 -41.41 -19.91
N PHE J 119 97.57 -40.83 -19.72
CA PHE J 119 97.66 -39.62 -18.92
C PHE J 119 96.87 -38.48 -19.56
N GLU J 120 96.97 -38.35 -20.88
CA GLU J 120 96.22 -37.30 -21.56
C GLU J 120 94.71 -37.50 -21.37
N ALA J 121 94.22 -38.72 -21.54
CA ALA J 121 92.79 -38.96 -21.40
C ALA J 121 92.31 -38.65 -19.98
N TYR J 122 93.08 -39.07 -18.98
CA TYR J 122 92.62 -38.91 -17.61
C TYR J 122 92.71 -37.45 -17.16
N ARG J 123 93.74 -36.73 -17.60
CA ARG J 123 93.80 -35.29 -17.33
C ARG J 123 92.68 -34.55 -18.03
N ASN J 124 92.33 -34.97 -19.25
CA ASN J 124 91.22 -34.34 -19.96
C ASN J 124 89.91 -34.55 -19.22
N ALA J 125 89.69 -35.76 -18.70
CA ALA J 125 88.48 -36.02 -17.93
C ALA J 125 88.44 -35.16 -16.68
N LEU J 126 89.58 -35.04 -15.97
CA LEU J 126 89.62 -34.19 -14.79
C LEU J 126 89.34 -32.73 -15.12
N ARG J 127 89.90 -32.24 -16.22
CA ARG J 127 89.65 -30.87 -16.65
C ARG J 127 88.17 -30.67 -16.98
N ASP J 128 87.57 -31.62 -17.69
CA ASP J 128 86.16 -31.53 -18.06
C ASP J 128 85.26 -31.60 -16.83
N ALA J 129 85.75 -32.23 -15.76
CA ALA J 129 84.94 -32.32 -14.55
C ALA J 129 84.62 -30.96 -13.97
N ALA J 130 85.61 -30.08 -13.90
CA ALA J 130 85.40 -28.79 -13.24
C ALA J 130 84.46 -27.90 -14.05
N ILE J 131 84.86 -27.58 -15.28
CA ILE J 131 84.03 -26.74 -16.16
C ILE J 131 83.80 -27.49 -17.46
N SER J 132 82.63 -28.14 -17.58
CA SER J 132 82.34 -28.91 -18.78
C SER J 132 82.03 -28.00 -19.95
N ILE J 133 82.40 -28.43 -21.14
CA ILE J 133 82.17 -27.68 -22.38
C ILE J 133 81.39 -28.56 -23.34
N ASN J 134 80.35 -27.99 -23.94
CA ASN J 134 79.47 -28.72 -24.84
C ASN J 134 80.21 -29.01 -26.14
N PRO J 135 79.73 -29.97 -26.93
CA PRO J 135 80.35 -30.21 -28.24
C PRO J 135 80.38 -28.97 -29.13
N ASP J 136 79.37 -28.11 -29.01
CA ASP J 136 79.35 -26.86 -29.77
C ASP J 136 80.38 -25.86 -29.27
N GLY J 137 80.91 -26.03 -28.06
CA GLY J 137 81.90 -25.13 -27.52
C GLY J 137 81.41 -24.17 -26.46
N SER J 138 80.36 -24.53 -25.72
CA SER J 138 79.81 -23.66 -24.69
C SER J 138 79.77 -24.40 -23.36
N ILE J 139 79.84 -23.62 -22.28
CA ILE J 139 79.78 -24.20 -20.94
C ILE J 139 78.40 -24.80 -20.70
N ASN J 140 78.39 -25.95 -20.03
CA ASN J 140 77.13 -26.64 -19.71
C ASN J 140 76.93 -26.61 -18.20
N PRO J 141 76.15 -25.67 -17.66
CA PRO J 141 75.96 -25.63 -16.20
C PRO J 141 75.28 -26.85 -15.64
N ASP J 142 74.56 -27.62 -16.48
CA ASP J 142 73.90 -28.83 -16.00
C ASP J 142 74.94 -29.83 -15.50
N THR J 143 76.03 -30.01 -16.23
CA THR J 143 77.06 -30.98 -15.90
C THR J 143 78.41 -30.36 -15.56
N SER J 144 78.42 -29.20 -14.91
CA SER J 144 79.65 -28.52 -14.53
C SER J 144 79.73 -28.46 -13.01
N ILE J 145 80.88 -28.87 -12.45
CA ILE J 145 81.01 -28.96 -11.00
C ILE J 145 81.01 -27.59 -10.35
N ASN J 146 81.81 -26.65 -10.87
CA ASN J 146 81.99 -25.38 -10.19
C ASN J 146 80.71 -24.55 -10.20
N LEU J 147 79.97 -24.59 -11.31
CA LEU J 147 78.72 -23.85 -11.38
C LEU J 147 77.69 -24.41 -10.40
N LEU J 148 77.58 -25.74 -10.31
CA LEU J 148 76.68 -26.33 -9.32
C LEU J 148 77.14 -26.01 -7.91
N ILE J 149 78.46 -25.97 -7.69
CA ILE J 149 79.00 -25.62 -6.38
C ILE J 149 78.56 -24.22 -5.99
N ASP J 150 78.70 -23.27 -6.91
CA ASP J 150 78.32 -21.90 -6.58
C ASP J 150 76.82 -21.75 -6.44
N ALA J 151 76.04 -22.52 -7.20
CA ALA J 151 74.60 -22.51 -7.04
C ALA J 151 74.20 -22.98 -5.65
N ALA J 152 74.82 -24.07 -5.17
CA ALA J 152 74.53 -24.55 -3.83
C ALA J 152 75.06 -23.59 -2.77
N ASN J 153 76.18 -22.93 -3.07
CA ASN J 153 76.77 -22.00 -2.11
C ASN J 153 75.89 -20.77 -1.91
N ALA J 154 75.27 -20.29 -2.98
CA ALA J 154 74.38 -19.14 -2.89
C ALA J 154 72.98 -19.50 -2.41
N ALA J 155 72.64 -20.79 -2.38
CA ALA J 155 71.30 -21.22 -2.03
C ALA J 155 71.17 -21.64 -0.57
N ASN J 156 72.15 -21.33 0.26
CA ASN J 156 72.08 -21.63 1.68
C ASN J 156 71.99 -20.35 2.50
N ARG J 157 71.40 -20.45 3.68
CA ARG J 157 71.21 -19.31 4.56
C ARG J 157 71.84 -19.52 5.94
N THR J 158 72.49 -20.66 6.16
CA THR J 158 73.03 -21.00 7.46
C THR J 158 74.24 -20.13 7.78
N ASP J 159 74.67 -20.15 9.04
CA ASP J 159 75.78 -19.32 9.51
C ASP J 159 77.07 -20.15 9.51
N ARG J 160 77.29 -20.94 8.46
CA ARG J 160 78.59 -21.52 8.17
C ARG J 160 79.09 -22.52 9.21
N ALA J 161 78.32 -22.72 10.29
CA ALA J 161 78.83 -23.51 11.41
C ALA J 161 78.96 -24.98 11.04
N GLU J 162 77.93 -25.55 10.42
CA GLU J 162 77.90 -26.97 10.12
C GLU J 162 77.78 -27.30 8.64
N ILE J 163 77.15 -26.44 7.85
CA ILE J 163 77.15 -26.56 6.40
C ILE J 163 77.94 -25.39 5.87
N GLU J 164 79.10 -25.67 5.29
CA GLU J 164 80.08 -24.63 4.97
C GLU J 164 80.12 -24.40 3.47
N ASP J 165 80.76 -23.30 3.08
CA ASP J 165 80.96 -23.01 1.67
C ASP J 165 81.94 -24.01 1.07
N TYR J 166 81.56 -24.58 -0.07
CA TYR J 166 82.44 -25.50 -0.77
C TYR J 166 83.46 -24.71 -1.58
N ALA J 167 84.74 -24.97 -1.33
CA ALA J 167 85.79 -24.34 -2.09
C ALA J 167 85.79 -24.85 -3.53
N HIS J 168 86.27 -24.00 -4.43
CA HIS J 168 86.27 -24.35 -5.85
C HIS J 168 87.27 -25.47 -6.12
N LEU J 169 87.02 -26.21 -7.20
CA LEU J 169 87.76 -27.45 -7.45
C LEU J 169 89.25 -27.19 -7.66
N TYR J 170 90.05 -28.13 -7.16
CA TYR J 170 91.50 -28.16 -7.36
C TYR J 170 92.17 -26.90 -6.78
N THR J 171 92.07 -26.78 -5.47
CA THR J 171 92.80 -25.73 -4.76
C THR J 171 94.28 -26.06 -4.64
N GLN J 172 94.61 -27.36 -4.63
CA GLN J 172 96.00 -27.77 -4.49
C GLN J 172 96.80 -27.48 -5.75
N THR J 173 96.24 -27.81 -6.93
CA THR J 173 96.97 -27.74 -8.18
C THR J 173 96.21 -26.86 -9.17
N ASP J 174 96.94 -26.40 -10.18
CA ASP J 174 96.36 -25.64 -11.30
C ASP J 174 96.21 -26.61 -12.46
N ILE J 175 94.97 -27.06 -12.70
CA ILE J 175 94.74 -28.04 -13.75
C ILE J 175 94.80 -27.42 -15.14
N ALA J 176 94.87 -26.09 -15.22
CA ALA J 176 95.03 -25.44 -16.52
C ALA J 176 96.43 -25.69 -17.08
N LEU J 177 97.40 -25.97 -16.21
CA LEU J 177 98.76 -26.21 -16.66
C LEU J 177 98.85 -27.49 -17.48
N GLU J 178 99.90 -27.60 -18.29
CA GLU J 178 100.06 -28.75 -19.16
C GLU J 178 100.20 -30.03 -18.35
N THR J 179 101.13 -30.05 -17.39
CA THR J 179 101.37 -31.23 -16.58
C THR J 179 101.10 -30.94 -15.11
N PRO J 180 99.88 -31.15 -14.63
CA PRO J 180 99.59 -30.92 -13.21
C PRO J 180 99.70 -32.20 -12.38
N GLN J 181 99.65 -32.06 -11.05
CA GLN J 181 99.68 -33.20 -10.15
C GLN J 181 98.25 -33.72 -10.00
N LEU J 182 97.90 -34.74 -10.77
CA LEU J 182 96.51 -35.15 -10.89
C LEU J 182 96.03 -35.91 -9.66
N ALA J 183 96.96 -36.50 -8.90
CA ALA J 183 96.59 -37.14 -7.64
C ALA J 183 95.98 -36.14 -6.68
N TYR J 184 96.55 -34.94 -6.61
CA TYR J 184 96.00 -33.89 -5.77
C TYR J 184 94.57 -33.53 -6.19
N ALA J 185 94.34 -33.45 -7.50
CA ALA J 185 93.02 -33.13 -8.01
C ALA J 185 92.00 -34.20 -7.67
N PHE J 186 92.37 -35.48 -7.84
CA PHE J 186 91.46 -36.56 -7.48
C PHE J 186 91.19 -36.58 -5.98
N GLN J 187 92.22 -36.28 -5.17
CA GLN J 187 92.02 -36.15 -3.73
C GLN J 187 90.99 -35.08 -3.42
N ASP J 188 91.10 -33.91 -4.06
CA ASP J 188 90.15 -32.83 -3.81
C ASP J 188 88.74 -33.22 -4.24
N LEU J 189 88.60 -33.91 -5.37
CA LEU J 189 87.29 -34.34 -5.82
C LEU J 189 86.65 -35.32 -4.85
N LYS J 190 87.43 -36.28 -4.36
CA LYS J 190 86.90 -37.23 -3.39
C LYS J 190 86.54 -36.53 -2.07
N ALA J 191 87.34 -35.54 -1.68
CA ALA J 191 87.03 -34.76 -0.49
C ALA J 191 85.71 -34.03 -0.64
N LEU J 192 85.46 -33.47 -1.83
CA LEU J 192 84.18 -32.82 -2.08
C LEU J 192 83.02 -33.79 -2.00
N GLN J 193 83.17 -34.97 -2.60
CA GLN J 193 82.10 -35.96 -2.54
C GLN J 193 81.79 -36.34 -1.09
N ALA J 194 82.83 -36.59 -0.30
CA ALA J 194 82.65 -36.93 1.10
C ALA J 194 81.99 -35.80 1.87
N GLU J 195 82.42 -34.55 1.63
CA GLU J 195 81.85 -33.42 2.36
C GLU J 195 80.38 -33.24 2.04
N VAL J 196 80.00 -33.42 0.78
CA VAL J 196 78.59 -33.31 0.40
C VAL J 196 77.77 -34.39 1.10
N ASP J 197 78.25 -35.63 1.05
CA ASP J 197 77.51 -36.71 1.71
C ASP J 197 77.43 -36.50 3.22
N ALA J 198 78.45 -35.84 3.79
CA ALA J 198 78.43 -35.58 5.24
C ALA J 198 77.44 -34.49 5.60
N ASP J 199 77.38 -33.42 4.81
CA ASP J 199 76.43 -32.36 5.08
C ASP J 199 75.00 -32.80 4.80
N PHE J 200 74.83 -33.87 4.03
CA PHE J 200 73.49 -34.41 3.78
C PHE J 200 72.72 -34.64 5.08
N GLU J 201 73.36 -35.22 6.10
CA GLU J 201 72.64 -35.57 7.32
C GLU J 201 72.36 -34.33 8.17
N TRP J 202 73.21 -33.30 8.07
CA TRP J 202 72.91 -32.04 8.73
C TRP J 202 71.80 -31.29 8.03
N LEU J 203 71.57 -31.61 6.75
CA LEU J 203 70.40 -31.08 6.05
C LEU J 203 69.12 -31.73 6.56
N GLY J 204 69.21 -32.95 7.08
CA GLY J 204 68.07 -33.70 7.58
C GLY J 204 67.79 -33.54 9.06
N GLU J 205 68.30 -32.48 9.68
CA GLU J 205 68.07 -32.25 11.09
C GLU J 205 66.75 -31.53 11.32
N PHE J 206 66.21 -31.69 12.53
CA PHE J 206 64.98 -30.98 12.88
C PHE J 206 65.24 -29.52 13.21
N GLY J 207 66.33 -29.23 13.93
CA GLY J 207 66.60 -27.92 14.46
C GLY J 207 67.57 -27.07 13.68
N ILE J 208 67.83 -27.38 12.41
CA ILE J 208 68.72 -26.54 11.62
C ILE J 208 68.13 -25.14 11.43
N ASP J 209 66.84 -25.07 11.14
CA ASP J 209 66.15 -23.80 10.99
C ASP J 209 66.03 -23.17 12.37
N GLN J 210 66.83 -22.14 12.64
CA GLN J 210 66.85 -21.56 13.98
C GLN J 210 66.37 -20.12 14.01
N GLU J 211 66.99 -19.25 13.21
CA GLU J 211 66.87 -17.82 13.38
C GLU J 211 67.12 -17.14 12.03
N ASP J 212 66.72 -15.88 11.93
CA ASP J 212 67.12 -15.06 10.81
C ASP J 212 68.64 -15.08 10.65
N GLY J 213 69.10 -15.66 9.56
CA GLY J 213 70.52 -15.84 9.33
C GLY J 213 71.04 -17.23 9.62
N ASN J 214 70.31 -18.05 10.39
CA ASN J 214 70.65 -19.46 10.56
C ASN J 214 69.40 -20.27 10.26
N TYR J 215 69.18 -20.58 8.99
CA TYR J 215 68.05 -21.42 8.62
C TYR J 215 68.27 -21.97 7.21
N VAL J 216 67.45 -22.93 6.84
CA VAL J 216 67.58 -23.65 5.57
C VAL J 216 66.35 -23.36 4.72
N GLN J 217 66.57 -22.85 3.51
CA GLN J 217 65.49 -22.60 2.58
C GLN J 217 65.13 -23.87 1.83
N ARG J 218 63.99 -23.83 1.12
CA ARG J 218 63.45 -25.03 0.50
C ARG J 218 64.16 -25.36 -0.81
N TYR J 219 65.03 -24.46 -1.29
CA TYR J 219 65.68 -24.71 -2.57
C TYR J 219 67.14 -25.16 -2.39
N HIS J 220 67.65 -25.08 -1.16
CA HIS J 220 69.01 -25.53 -0.88
C HIS J 220 69.16 -27.02 -1.17
N LEU J 221 68.20 -27.82 -0.71
CA LEU J 221 68.32 -29.28 -0.82
C LEU J 221 68.35 -29.76 -2.26
N PRO J 222 67.49 -29.30 -3.17
CA PRO J 222 67.63 -29.74 -4.57
C PRO J 222 68.95 -29.36 -5.20
N ALA J 223 69.52 -28.20 -4.86
CA ALA J 223 70.82 -27.83 -5.38
C ALA J 223 71.90 -28.79 -4.89
N VAL J 224 71.89 -29.10 -3.59
CA VAL J 224 72.87 -30.05 -3.06
C VAL J 224 72.66 -31.42 -3.69
N GLU J 225 71.41 -31.82 -3.91
CA GLU J 225 71.13 -33.14 -4.48
C GLU J 225 71.64 -33.25 -5.91
N ALA J 226 71.42 -32.21 -6.73
CA ALA J 226 71.93 -32.21 -8.09
C ALA J 226 73.45 -32.25 -8.10
N LEU J 227 74.08 -31.46 -7.22
CA LEU J 227 75.54 -31.48 -7.14
C LEU J 227 76.04 -32.87 -6.77
N LYS J 228 75.37 -33.54 -5.83
CA LYS J 228 75.77 -34.87 -5.40
C LYS J 228 75.63 -35.89 -6.53
N ALA J 229 74.52 -35.86 -7.25
CA ALA J 229 74.33 -36.81 -8.34
C ALA J 229 75.38 -36.60 -9.43
N GLU J 230 75.67 -35.34 -9.74
CA GLU J 230 76.67 -35.05 -10.76
C GLU J 230 78.06 -35.53 -10.32
N VAL J 231 78.44 -35.29 -9.05
CA VAL J 231 79.73 -35.75 -8.56
C VAL J 231 79.80 -37.27 -8.60
N ASP J 232 78.69 -37.93 -8.27
CA ASP J 232 78.66 -39.41 -8.26
C ASP J 232 78.91 -39.93 -9.69
N ALA J 233 78.22 -39.37 -10.69
CA ALA J 233 78.43 -39.81 -12.06
C ALA J 233 79.85 -39.50 -12.54
N ARG J 234 80.36 -38.31 -12.18
CA ARG J 234 81.69 -37.92 -12.59
C ARG J 234 82.76 -38.85 -12.04
N VAL J 235 82.63 -39.21 -10.75
CA VAL J 235 83.59 -40.12 -10.15
C VAL J 235 83.49 -41.51 -10.79
N ALA J 236 82.28 -41.98 -11.06
CA ALA J 236 82.12 -43.26 -11.72
C ALA J 236 82.78 -43.26 -13.09
N ALA J 237 82.79 -42.11 -13.77
CA ALA J 237 83.46 -42.01 -15.06
C ALA J 237 84.98 -41.95 -14.89
N ILE J 238 85.45 -41.23 -13.88
CA ILE J 238 86.89 -40.97 -13.75
C ILE J 238 87.61 -42.20 -13.19
N GLU J 239 86.88 -43.11 -12.56
CA GLU J 239 87.52 -44.29 -11.99
C GLU J 239 88.31 -45.14 -13.00
N PRO J 240 87.71 -45.71 -14.05
CA PRO J 240 88.52 -46.57 -14.93
C PRO J 240 89.66 -45.84 -15.61
N LEU J 241 89.46 -44.56 -15.92
CA LEU J 241 90.53 -43.78 -16.54
C LEU J 241 91.74 -43.66 -15.61
N ARG J 242 91.49 -43.35 -14.34
CA ARG J 242 92.59 -43.24 -13.38
C ARG J 242 93.26 -44.59 -13.17
N ALA J 243 92.48 -45.67 -13.12
CA ALA J 243 93.05 -47.00 -12.95
C ALA J 243 93.98 -47.33 -14.11
N ASP J 244 93.52 -47.13 -15.34
CA ASP J 244 94.33 -47.45 -16.51
C ASP J 244 95.56 -46.54 -16.58
N SER J 245 95.40 -45.26 -16.22
CA SER J 245 96.54 -44.35 -16.23
C SER J 245 97.61 -44.79 -15.26
N ILE J 246 97.23 -45.17 -14.04
CA ILE J 246 98.21 -45.65 -13.08
C ILE J 246 98.88 -46.92 -13.59
N ALA J 247 98.08 -47.86 -14.10
CA ALA J 247 98.63 -49.15 -14.54
C ALA J 247 99.65 -48.97 -15.65
N LYS J 248 99.38 -48.07 -16.60
CA LYS J 248 100.29 -47.93 -17.74
C LYS J 248 101.46 -47.02 -17.41
N ASN J 249 101.25 -45.99 -16.58
CA ASN J 249 102.32 -45.09 -16.21
C ASN J 249 103.33 -45.77 -15.29
N LEU J 250 102.88 -46.75 -14.49
CA LEU J 250 103.82 -47.52 -13.70
C LEU J 250 104.68 -48.40 -14.60
N GLU J 251 104.08 -49.05 -15.58
CA GLU J 251 104.82 -49.93 -16.47
C GLU J 251 105.78 -49.16 -17.36
N ALA J 252 105.46 -47.90 -17.69
CA ALA J 252 106.33 -47.07 -18.51
C ALA J 252 107.49 -46.48 -17.72
N GLN J 253 107.63 -46.84 -16.45
CA GLN J 253 108.80 -46.46 -15.67
C GLN J 253 109.78 -47.59 -15.46
N LYS J 254 109.36 -48.84 -15.68
CA LYS J 254 110.28 -49.97 -15.64
C LYS J 254 111.34 -49.85 -16.73
N SER J 255 110.94 -49.46 -17.93
CA SER J 255 111.82 -49.45 -19.10
C SER J 255 112.35 -48.05 -19.34
N ASP J 256 113.57 -47.97 -19.87
CA ASP J 256 114.17 -46.71 -20.30
C ASP J 256 114.69 -46.92 -21.71
N VAL J 257 114.09 -46.21 -22.67
CA VAL J 257 114.30 -46.54 -24.08
C VAL J 257 115.67 -46.06 -24.56
N LEU J 258 116.23 -45.05 -23.92
CA LEU J 258 117.50 -44.50 -24.38
C LEU J 258 118.66 -45.46 -24.12
N VAL J 259 118.62 -46.18 -23.00
CA VAL J 259 119.62 -47.21 -22.75
C VAL J 259 119.57 -48.28 -23.82
N ARG J 260 118.36 -48.70 -24.20
CA ARG J 260 118.22 -49.75 -25.20
C ARG J 260 118.68 -49.26 -26.57
N GLN J 261 118.45 -47.99 -26.88
CA GLN J 261 119.02 -47.41 -28.09
C GLN J 261 120.55 -47.41 -28.06
N LEU J 262 121.13 -47.06 -26.91
CA LEU J 262 122.59 -47.07 -26.78
C LEU J 262 123.14 -48.49 -27.00
N PHE J 263 122.45 -49.49 -26.46
CA PHE J 263 122.92 -50.86 -26.64
C PHE J 263 122.77 -51.31 -28.09
N LEU J 264 121.72 -50.87 -28.77
CA LEU J 264 121.59 -51.18 -30.20
C LEU J 264 122.74 -50.56 -30.99
N GLU J 265 123.11 -49.32 -30.69
CA GLU J 265 124.21 -48.69 -31.41
C GLU J 265 125.54 -49.39 -31.14
N ARG J 266 125.76 -49.80 -29.88
CA ARG J 266 126.97 -50.55 -29.57
C ARG J 266 127.00 -51.88 -30.31
N ALA J 267 125.85 -52.55 -30.41
CA ALA J 267 125.80 -53.81 -31.13
C ALA J 267 126.08 -53.62 -32.62
N THR J 268 125.62 -52.52 -33.21
CA THR J 268 125.96 -52.23 -34.60
C THR J 268 127.45 -52.03 -34.78
N ALA J 269 128.07 -51.25 -33.89
CA ALA J 269 129.52 -51.04 -33.98
C ALA J 269 130.26 -52.37 -33.83
N GLN J 270 129.81 -53.22 -32.91
CA GLN J 270 130.41 -54.54 -32.78
C GLN J 270 130.26 -55.35 -34.06
N ARG J 271 129.10 -55.28 -34.71
CA ARG J 271 128.90 -56.06 -35.92
C ARG J 271 129.85 -55.63 -37.03
N ASP J 272 130.00 -54.33 -37.25
CA ASP J 272 130.82 -53.92 -38.39
C ASP J 272 132.31 -54.14 -38.10
N THR J 273 132.74 -53.90 -36.86
CA THR J 273 134.10 -54.27 -36.49
C THR J 273 134.33 -55.78 -36.65
N LEU J 274 133.31 -56.58 -36.34
CA LEU J 274 133.43 -58.03 -36.48
C LEU J 274 133.61 -58.43 -37.93
N ARG J 275 132.87 -57.82 -38.86
CA ARG J 275 133.06 -58.21 -40.25
C ARG J 275 134.40 -57.73 -40.78
N VAL J 276 134.88 -56.58 -40.28
CA VAL J 276 136.24 -56.16 -40.66
C VAL J 276 137.27 -57.19 -40.21
N VAL J 277 137.15 -57.67 -38.97
CA VAL J 277 138.10 -58.66 -38.45
C VAL J 277 137.99 -59.97 -39.22
N GLU J 278 136.76 -60.40 -39.53
CA GLU J 278 136.58 -61.64 -40.28
C GLU J 278 137.19 -61.53 -41.67
N ALA J 279 137.04 -60.38 -42.31
CA ALA J 279 137.69 -60.17 -43.60
C ALA J 279 139.21 -60.26 -43.47
N ILE J 280 139.76 -59.66 -42.41
CA ILE J 280 141.21 -59.74 -42.18
C ILE J 280 141.65 -61.20 -42.09
N PHE J 281 140.95 -62.00 -41.29
CA PHE J 281 141.36 -63.38 -41.10
C PHE J 281 141.21 -64.21 -42.37
N SER J 282 140.11 -64.01 -43.10
CA SER J 282 139.92 -64.77 -44.34
C SER J 282 140.97 -64.39 -45.37
N THR J 283 141.31 -63.10 -45.47
CA THR J 283 142.34 -62.66 -46.39
C THR J 283 143.68 -63.29 -46.05
N SER J 284 144.05 -63.27 -44.77
CA SER J 284 145.33 -63.87 -44.38
C SER J 284 145.34 -65.37 -44.65
N ALA J 285 144.23 -66.05 -44.39
CA ALA J 285 144.17 -67.49 -44.64
C ALA J 285 144.33 -67.81 -46.11
N ARG J 286 143.67 -67.04 -46.99
CA ARG J 286 143.83 -67.29 -48.42
C ARG J 286 145.23 -66.94 -48.89
N TYR J 287 145.83 -65.89 -48.34
CA TYR J 287 147.19 -65.52 -48.71
C TYR J 287 148.17 -66.63 -48.36
N VAL J 288 148.02 -67.22 -47.18
CA VAL J 288 148.91 -68.30 -46.79
C VAL J 288 148.64 -69.56 -47.60
N GLU J 289 147.36 -69.87 -47.85
CA GLU J 289 147.02 -71.13 -48.52
C GLU J 289 147.49 -71.17 -49.97
N LEU J 290 147.72 -70.03 -50.60
CA LEU J 290 148.15 -69.98 -51.99
C LEU J 290 149.67 -70.11 -52.12
N TYR J 291 150.35 -70.63 -51.10
CA TYR J 291 151.79 -70.87 -51.17
C TYR J 291 152.08 -72.02 -52.12
N GLU J 292 152.60 -71.69 -53.30
CA GLU J 292 152.94 -72.69 -54.32
C GLU J 292 151.76 -73.59 -54.65
N ASN J 293 150.58 -73.00 -54.69
CA ASN J 293 149.36 -73.74 -55.01
C ASN J 293 149.09 -73.71 -56.50
N VAL J 294 148.36 -74.71 -56.98
CA VAL J 294 147.99 -74.79 -58.38
C VAL J 294 147.01 -73.68 -58.77
N GLU J 295 146.42 -72.99 -57.80
CA GLU J 295 145.46 -71.93 -58.06
C GLU J 295 146.08 -70.54 -58.08
N ASN J 296 147.37 -70.42 -57.75
CA ASN J 296 148.04 -69.13 -57.77
C ASN J 296 148.43 -68.82 -59.21
N VAL J 297 147.52 -68.19 -59.94
CA VAL J 297 147.70 -67.93 -61.35
C VAL J 297 148.06 -66.45 -61.56
N ASN J 298 148.41 -66.11 -62.80
CA ASN J 298 148.78 -64.76 -63.16
C ASN J 298 147.57 -63.98 -63.63
N VAL J 299 147.34 -62.82 -63.03
CA VAL J 299 146.24 -61.94 -63.42
C VAL J 299 146.70 -60.49 -63.27
N GLU J 300 146.52 -59.70 -64.32
CA GLU J 300 146.80 -58.27 -64.31
C GLU J 300 148.24 -57.97 -63.92
N ASN J 301 149.17 -58.53 -64.69
CA ASN J 301 150.61 -58.29 -64.52
C ASN J 301 151.09 -58.67 -63.12
N LYS J 302 150.43 -59.62 -62.48
CA LYS J 302 150.79 -60.05 -61.14
C LYS J 302 150.14 -61.39 -60.85
N THR J 303 150.47 -61.94 -59.69
CA THR J 303 149.84 -63.17 -59.22
C THR J 303 148.75 -62.83 -58.20
N LEU J 304 148.06 -63.88 -57.75
CA LEU J 304 146.89 -63.70 -56.91
C LEU J 304 147.25 -63.12 -55.54
N ARG J 305 148.43 -63.50 -55.03
CA ARG J 305 148.78 -63.15 -53.65
C ARG J 305 149.19 -61.70 -53.50
N GLN J 306 149.71 -61.09 -54.56
CA GLN J 306 150.16 -59.70 -54.45
C GLN J 306 148.98 -58.75 -54.22
N HIS J 307 147.83 -59.04 -54.80
CA HIS J 307 146.64 -58.24 -54.51
C HIS J 307 146.26 -58.32 -53.04
N TYR J 308 146.26 -59.55 -52.49
CA TYR J 308 145.95 -59.74 -51.09
C TYR J 308 146.93 -59.00 -50.20
N SER J 309 148.22 -59.02 -50.57
CA SER J 309 149.22 -58.28 -49.81
C SER J 309 148.95 -56.77 -49.87
N ALA J 310 148.62 -56.26 -51.05
CA ALA J 310 148.33 -54.84 -51.20
C ALA J 310 147.07 -54.43 -50.44
N LEU J 311 146.18 -55.37 -50.15
CA LEU J 311 144.98 -55.07 -49.37
C LEU J 311 145.26 -54.63 -47.94
N ILE J 312 146.54 -54.57 -47.54
CA ILE J 312 146.86 -54.39 -46.12
C ILE J 312 146.55 -52.99 -45.60
N PRO J 313 147.05 -51.90 -46.22
CA PRO J 313 146.77 -50.56 -45.65
C PRO J 313 145.30 -50.22 -45.62
N ASN J 314 144.52 -50.69 -46.59
CA ASN J 314 143.07 -50.49 -46.56
C ASN J 314 142.46 -51.08 -45.30
N LEU J 315 142.77 -52.35 -45.04
CA LEU J 315 142.25 -53.00 -43.84
C LEU J 315 142.75 -52.32 -42.58
N PHE J 316 144.00 -51.82 -42.60
CA PHE J 316 144.52 -51.12 -41.44
C PHE J 316 143.69 -49.88 -41.13
N ILE J 317 143.45 -49.05 -42.14
CA ILE J 317 142.67 -47.82 -41.93
C ILE J 317 141.25 -48.15 -41.50
N ALA J 318 140.63 -49.15 -42.15
CA ALA J 318 139.27 -49.53 -41.81
C ALA J 318 139.18 -50.00 -40.36
N ALA J 319 140.14 -50.84 -39.94
CA ALA J 319 140.13 -51.34 -38.57
C ALA J 319 140.34 -50.21 -37.56
N VAL J 320 141.23 -49.27 -37.87
CA VAL J 320 141.47 -48.16 -36.94
C VAL J 320 140.20 -47.34 -36.76
N ALA J 321 139.52 -47.02 -37.86
CA ALA J 321 138.28 -46.24 -37.76
C ALA J 321 137.22 -46.99 -36.98
N ASN J 322 137.03 -48.28 -37.29
CA ASN J 322 136.00 -49.06 -36.61
C ASN J 322 136.30 -49.19 -35.13
N ILE J 323 137.58 -49.36 -34.78
CA ILE J 323 137.97 -49.49 -33.38
C ILE J 323 137.69 -48.18 -32.63
N SER J 324 138.01 -47.04 -33.24
CA SER J 324 137.75 -45.77 -32.58
C SER J 324 136.26 -45.58 -32.33
N GLU J 325 135.43 -45.90 -33.33
CA GLU J 325 133.99 -45.73 -33.15
C GLU J 325 133.45 -46.71 -32.10
N LEU J 326 133.98 -47.93 -32.05
CA LEU J 326 133.54 -48.90 -31.06
C LEU J 326 133.92 -48.46 -29.65
N ASN J 327 135.12 -47.88 -29.50
CA ASN J 327 135.52 -47.35 -28.20
C ASN J 327 134.59 -46.23 -27.75
N ALA J 328 134.26 -45.32 -28.66
CA ALA J 328 133.33 -44.25 -28.31
C ALA J 328 131.97 -44.80 -27.89
N ALA J 329 131.45 -45.77 -28.64
CA ALA J 329 130.15 -46.35 -28.30
C ALA J 329 130.20 -47.07 -26.96
N ASP J 330 131.29 -47.79 -26.68
CA ASP J 330 131.43 -48.48 -25.40
C ASP J 330 131.42 -47.49 -24.25
N ALA J 331 132.19 -46.41 -24.37
CA ALA J 331 132.20 -45.41 -23.31
C ALA J 331 130.83 -44.79 -23.12
N GLU J 332 130.14 -44.49 -24.22
CA GLU J 332 128.82 -43.87 -24.14
C GLU J 332 127.83 -44.78 -23.41
N ALA J 333 127.80 -46.06 -23.77
CA ALA J 333 126.84 -46.95 -23.13
C ALA J 333 127.22 -47.26 -21.69
N ALA J 334 128.52 -47.26 -21.37
CA ALA J 334 128.92 -47.56 -20.00
C ALA J 334 128.64 -46.40 -19.06
N ALA J 335 128.89 -45.17 -19.50
CA ALA J 335 128.77 -44.02 -18.60
C ALA J 335 127.32 -43.61 -18.35
N TYR J 336 126.38 -44.07 -19.16
CA TYR J 336 124.98 -43.67 -19.05
C TYR J 336 124.06 -44.87 -18.97
N TYR J 337 124.45 -45.87 -18.16
CA TYR J 337 123.54 -47.00 -17.92
C TYR J 337 122.40 -46.60 -17.01
N LEU J 338 122.68 -45.76 -16.00
CA LEU J 338 121.65 -45.26 -15.10
C LEU J 338 122.01 -43.80 -14.80
N HIS J 339 121.45 -42.90 -15.60
CA HIS J 339 121.74 -41.48 -15.48
C HIS J 339 120.47 -40.69 -15.76
N TRP J 340 120.46 -39.43 -15.31
CA TRP J 340 119.32 -38.56 -15.55
C TRP J 340 119.12 -38.30 -17.03
N ASP J 341 120.21 -38.09 -17.77
CA ASP J 341 120.15 -37.71 -19.17
C ASP J 341 119.63 -38.86 -20.04
N THR J 342 119.21 -39.94 -19.40
CA THR J 342 118.64 -41.09 -20.08
C THR J 342 117.17 -41.33 -19.74
N ASP J 343 116.78 -41.11 -18.49
CA ASP J 343 115.37 -41.08 -18.07
C ASP J 343 115.05 -39.62 -17.75
N LEU J 344 114.40 -38.93 -18.69
CA LEU J 344 114.23 -37.49 -18.61
C LEU J 344 112.92 -37.14 -17.90
N ALA J 345 112.52 -35.87 -18.01
CA ALA J 345 111.45 -35.33 -17.19
C ALA J 345 110.12 -36.04 -17.43
N THR J 346 109.57 -35.91 -18.64
CA THR J 346 108.29 -36.53 -18.89
C THR J 346 108.47 -38.03 -19.05
N ASN J 347 107.38 -38.78 -18.86
CA ASN J 347 107.44 -40.20 -19.17
C ASN J 347 107.57 -40.44 -20.66
N ASP J 348 107.04 -39.52 -21.47
CA ASP J 348 107.04 -39.68 -22.92
C ASP J 348 108.45 -39.76 -23.48
N GLU J 349 109.23 -38.70 -23.25
CA GLU J 349 110.60 -38.56 -23.75
C GLU J 349 110.75 -39.14 -25.16
N ASP J 350 109.92 -38.63 -26.08
CA ASP J 350 109.93 -39.11 -27.45
C ASP J 350 110.77 -38.24 -28.38
N GLU J 351 110.84 -36.94 -28.12
CA GLU J 351 111.62 -36.05 -28.98
C GLU J 351 113.11 -36.42 -28.94
N ALA J 352 113.63 -36.74 -27.76
CA ALA J 352 115.02 -37.14 -27.65
C ALA J 352 115.27 -38.46 -28.36
N TYR J 353 114.33 -39.40 -28.25
CA TYR J 353 114.47 -40.67 -28.95
C TYR J 353 114.51 -40.47 -30.45
N TYR J 354 113.63 -39.62 -30.97
CA TYR J 354 113.59 -39.42 -32.42
C TYR J 354 114.82 -38.66 -32.91
N LYS J 355 115.32 -37.71 -32.13
CA LYS J 355 116.57 -37.03 -32.49
C LYS J 355 117.73 -38.02 -32.51
N ALA J 356 117.81 -38.89 -31.51
CA ALA J 356 118.87 -39.91 -31.49
C ALA J 356 118.73 -40.89 -32.65
N LYS J 357 117.50 -41.27 -32.98
CA LYS J 357 117.29 -42.17 -34.12
C LYS J 357 117.72 -41.51 -35.42
N LEU J 358 117.45 -40.22 -35.58
CA LEU J 358 117.94 -39.50 -36.76
C LEU J 358 119.46 -39.50 -36.82
N ASP J 359 120.12 -39.19 -35.71
CA ASP J 359 121.59 -39.17 -35.70
C ASP J 359 122.14 -40.55 -36.03
N PHE J 360 121.54 -41.59 -35.47
CA PHE J 360 121.97 -42.96 -35.71
C PHE J 360 121.82 -43.34 -37.18
N ALA J 361 120.68 -42.96 -37.79
CA ALA J 361 120.48 -43.26 -39.20
C ALA J 361 121.48 -42.52 -40.08
N ILE J 362 121.76 -41.26 -39.76
CA ILE J 362 122.75 -40.50 -40.51
C ILE J 362 124.11 -41.20 -40.45
N GLU J 363 124.51 -41.61 -39.24
CA GLU J 363 125.79 -42.29 -39.07
C GLU J 363 125.82 -43.60 -39.85
N THR J 364 124.74 -44.37 -39.79
CA THR J 364 124.70 -45.66 -40.49
C THR J 364 124.82 -45.47 -42.00
N TYR J 365 124.11 -44.50 -42.55
CA TYR J 365 124.16 -44.27 -43.99
C TYR J 365 125.54 -43.78 -44.42
N ALA J 366 126.17 -42.93 -43.61
CA ALA J 366 127.54 -42.52 -43.92
C ALA J 366 128.51 -43.72 -43.84
N LYS J 367 128.31 -44.59 -42.85
CA LYS J 367 129.18 -45.73 -42.68
C LYS J 367 129.07 -46.72 -43.83
N ILE J 368 127.87 -46.85 -44.42
CA ILE J 368 127.73 -47.73 -45.57
C ILE J 368 128.70 -47.31 -46.68
N LEU J 369 128.70 -46.02 -47.01
CA LEU J 369 129.61 -45.51 -48.04
C LEU J 369 131.06 -45.65 -47.62
N PHE J 370 131.38 -45.31 -46.37
CA PHE J 370 132.77 -45.39 -45.90
C PHE J 370 133.31 -46.81 -46.02
N ASN J 371 132.58 -47.79 -45.49
CA ASN J 371 133.04 -49.17 -45.53
C ASN J 371 133.07 -49.71 -46.96
N GLY J 372 132.07 -49.37 -47.78
CA GLY J 372 132.09 -49.82 -49.16
C GLY J 372 133.28 -49.30 -49.93
N GLU J 373 133.69 -48.06 -49.65
CA GLU J 373 134.79 -47.49 -50.41
C GLU J 373 136.14 -47.91 -49.88
N VAL J 374 136.27 -48.19 -48.59
CA VAL J 374 137.59 -48.40 -48.02
C VAL J 374 138.08 -49.84 -48.22
N TRP J 375 137.31 -50.84 -47.83
CA TRP J 375 137.82 -52.21 -47.82
C TRP J 375 136.94 -53.24 -48.52
N GLN J 376 135.62 -53.04 -48.60
CA GLN J 376 134.77 -54.10 -49.14
C GLN J 376 135.06 -54.39 -50.59
N GLU J 377 135.20 -53.35 -51.41
CA GLU J 377 135.28 -53.57 -52.84
C GLU J 377 136.69 -53.95 -53.30
N PRO J 378 137.75 -53.38 -52.72
CA PRO J 378 139.08 -53.94 -52.99
C PRO J 378 139.17 -55.43 -52.70
N LEU J 379 138.53 -55.91 -51.64
CA LEU J 379 138.53 -57.35 -51.35
C LEU J 379 137.63 -58.12 -52.31
N ALA J 380 136.47 -57.55 -52.63
CA ALA J 380 135.53 -58.21 -53.53
C ALA J 380 136.15 -58.40 -54.91
N TYR J 381 136.97 -57.45 -55.36
CA TYR J 381 137.61 -57.57 -56.65
C TYR J 381 138.55 -58.77 -56.71
N VAL J 382 139.36 -58.95 -55.67
CA VAL J 382 140.28 -60.08 -55.63
C VAL J 382 139.53 -61.39 -55.52
N GLN J 383 138.47 -61.42 -54.70
CA GLN J 383 137.68 -62.64 -54.60
C GLN J 383 137.00 -62.98 -55.92
N ASN J 384 136.56 -61.97 -56.66
CA ASN J 384 135.98 -62.22 -57.97
C ASN J 384 137.02 -62.74 -58.95
N LEU J 385 138.26 -62.23 -58.86
CA LEU J 385 139.33 -62.79 -59.67
C LEU J 385 139.52 -64.27 -59.37
N ASP J 386 139.55 -64.62 -58.07
CA ASP J 386 139.65 -66.01 -57.66
C ASP J 386 138.53 -66.86 -58.27
N ALA J 387 137.28 -66.43 -58.08
CA ALA J 387 136.14 -67.21 -58.52
C ALA J 387 136.13 -67.33 -60.04
N GLY J 388 136.47 -66.26 -60.75
CA GLY J 388 136.54 -66.33 -62.19
C GLY J 388 137.59 -67.30 -62.69
N ALA J 389 138.75 -67.32 -62.04
CA ALA J 389 139.79 -68.26 -62.42
C ALA J 389 139.31 -69.70 -62.25
N ARG J 390 138.72 -70.01 -61.08
CA ARG J 390 138.24 -71.38 -60.87
C ARG J 390 137.14 -71.74 -61.87
N GLN J 391 136.21 -70.80 -62.11
CA GLN J 391 135.10 -71.09 -63.01
C GLN J 391 135.59 -71.32 -64.44
N GLU J 392 136.54 -70.51 -64.91
CA GLU J 392 137.04 -70.68 -66.26
C GLU J 392 137.79 -72.00 -66.40
N ALA J 393 138.58 -72.37 -65.39
CA ALA J 393 139.22 -73.68 -65.44
C ALA J 393 138.18 -74.80 -65.51
N ALA J 394 137.15 -74.69 -64.68
CA ALA J 394 136.14 -75.75 -64.60
C ALA J 394 135.40 -75.91 -65.92
N ASP J 395 134.90 -74.81 -66.49
CA ASP J 395 134.11 -74.98 -67.70
C ASP J 395 134.99 -75.22 -68.90
N ARG J 396 136.27 -74.85 -68.85
CA ARG J 396 137.20 -75.27 -69.89
C ARG J 396 137.35 -76.78 -69.90
N GLU J 397 137.55 -77.38 -68.72
CA GLU J 397 137.63 -78.83 -68.65
C GLU J 397 136.31 -79.48 -69.10
N ALA J 398 135.18 -78.92 -68.67
CA ALA J 398 133.89 -79.48 -69.05
C ALA J 398 133.67 -79.40 -70.56
N ALA J 399 134.03 -78.27 -71.17
CA ALA J 399 133.88 -78.12 -72.61
C ALA J 399 134.77 -79.09 -73.36
N ARG J 400 136.01 -79.28 -72.89
CA ARG J 400 136.90 -80.24 -73.52
C ARG J 400 136.30 -81.64 -73.47
N ALA J 401 135.80 -82.05 -72.30
CA ALA J 401 135.19 -83.37 -72.17
C ALA J 401 133.98 -83.51 -73.07
N ALA J 402 133.13 -82.48 -73.11
CA ALA J 402 131.92 -82.53 -73.93
C ALA J 402 132.26 -82.64 -75.41
N ASP J 403 133.26 -81.88 -75.87
CA ASP J 403 133.67 -81.96 -77.26
C ASP J 403 134.21 -83.35 -77.59
N GLU J 404 135.03 -83.91 -76.70
CA GLU J 404 135.56 -85.25 -76.96
C GLU J 404 134.45 -86.28 -77.04
N ALA J 405 133.49 -86.21 -76.11
CA ALA J 405 132.38 -87.16 -76.11
C ALA J 405 131.53 -87.00 -77.36
N TYR J 406 131.28 -85.76 -77.77
CA TYR J 406 130.45 -85.51 -78.96
C TYR J 406 131.13 -86.05 -80.21
N ARG J 407 132.44 -85.81 -80.34
CA ARG J 407 133.18 -86.35 -81.48
C ARG J 407 133.15 -87.87 -81.49
N ALA J 408 133.36 -88.49 -80.33
CA ALA J 408 133.34 -89.95 -80.27
C ALA J 408 131.97 -90.50 -80.63
N GLU J 409 130.90 -89.85 -80.14
CA GLU J 409 129.55 -90.28 -80.47
C GLU J 409 129.29 -90.19 -81.97
N GLN J 410 129.66 -89.06 -82.59
CA GLN J 410 129.45 -88.92 -84.02
C GLN J 410 130.22 -89.98 -84.80
N LEU J 411 131.49 -90.19 -84.45
CA LEU J 411 132.29 -91.16 -85.18
C LEU J 411 131.74 -92.57 -85.03
N ARG J 412 131.33 -92.94 -83.81
CA ARG J 412 130.81 -94.29 -83.60
C ARG J 412 129.50 -94.49 -84.32
N ILE J 413 128.63 -93.46 -84.34
CA ILE J 413 127.36 -93.59 -85.06
C ILE J 413 127.62 -93.73 -86.56
N ALA J 414 128.52 -92.91 -87.10
CA ALA J 414 128.80 -92.99 -88.54
C ALA J 414 129.38 -94.35 -88.91
N GLN J 415 130.35 -94.83 -88.13
CA GLN J 415 130.96 -96.12 -88.43
C GLN J 415 129.95 -97.26 -88.28
N GLU J 416 129.08 -97.19 -87.27
CA GLU J 416 128.14 -98.27 -87.05
C GLU J 416 127.11 -98.30 -88.18
N ALA J 417 126.66 -97.13 -88.62
CA ALA J 417 125.83 -97.06 -89.82
C ALA J 417 126.57 -97.58 -91.04
N ALA J 418 127.88 -97.35 -91.10
CA ALA J 418 128.68 -97.88 -92.19
C ALA J 418 128.63 -99.41 -92.21
N ASP J 419 128.79 -100.04 -91.05
CA ASP J 419 128.63 -101.50 -90.98
C ASP J 419 127.20 -101.94 -91.29
N ALA J 420 126.20 -101.12 -90.99
CA ALA J 420 124.84 -101.43 -91.41
C ALA J 420 124.75 -101.48 -92.95
N GLN J 421 125.33 -100.47 -93.60
CA GLN J 421 125.40 -100.49 -95.06
C GLN J 421 126.20 -101.68 -95.55
N LYS J 422 127.21 -102.10 -94.77
CA LYS J 422 128.00 -103.27 -95.11
C LYS J 422 127.14 -104.52 -95.11
N ALA J 423 126.27 -104.65 -94.10
CA ALA J 423 125.32 -105.75 -94.04
C ALA J 423 124.39 -105.73 -95.25
N ILE J 424 123.91 -104.53 -95.62
CA ILE J 424 123.09 -104.42 -96.82
C ILE J 424 123.86 -104.93 -98.03
N ALA J 425 125.10 -104.49 -98.19
CA ALA J 425 125.90 -104.86 -99.35
C ALA J 425 126.10 -106.37 -99.42
N GLU J 426 126.50 -106.98 -98.30
CA GLU J 426 126.74 -108.42 -98.33
C GLU J 426 125.45 -109.20 -98.55
N ALA J 427 124.33 -108.72 -98.00
CA ALA J 427 123.07 -109.42 -98.17
C ALA J 427 122.64 -109.43 -99.63
N LEU J 428 122.60 -108.27 -100.27
CA LEU J 428 122.17 -108.22 -101.66
C LEU J 428 123.25 -108.70 -102.63
N ALA J 429 124.49 -108.86 -102.15
CA ALA J 429 125.47 -109.59 -102.96
C ALA J 429 125.24 -111.09 -102.87
N LYS J 430 124.82 -111.59 -101.70
CA LYS J 430 124.61 -113.02 -101.52
C LYS J 430 123.33 -113.49 -102.18
N GLU J 431 122.29 -112.65 -102.19
CA GLU J 431 121.02 -113.04 -102.80
C GLU J 431 121.21 -113.35 -104.29
N ALA J 432 122.00 -112.55 -104.99
CA ALA J 432 122.28 -112.80 -106.39
C ALA J 432 123.75 -113.18 -106.59
N GLU K 1 -47.49 -55.08 121.94
CA GLU K 1 -47.19 -56.29 122.67
C GLU K 1 -46.26 -55.99 123.83
N THR K 2 -45.63 -57.02 124.38
CA THR K 2 -44.71 -56.85 125.50
C THR K 2 -43.44 -56.15 125.01
N ASN K 3 -42.48 -55.99 125.90
CA ASN K 3 -41.21 -55.39 125.53
C ASN K 3 -40.07 -56.38 125.79
N PRO K 4 -39.83 -57.36 124.90
CA PRO K 4 -38.79 -58.36 125.18
C PRO K 4 -37.38 -57.94 124.75
N THR K 5 -37.16 -56.64 124.48
CA THR K 5 -35.91 -56.23 123.86
C THR K 5 -34.68 -56.57 124.72
N PHE K 6 -34.76 -56.39 126.03
CA PHE K 6 -33.57 -56.60 126.84
C PHE K 6 -33.67 -57.74 127.84
N ASN K 7 -34.38 -58.78 127.44
CA ASN K 7 -34.48 -59.97 128.28
C ASN K 7 -35.20 -61.03 127.49
N ILE K 8 -34.91 -62.29 127.73
CA ILE K 8 -35.69 -63.40 127.13
C ILE K 8 -35.19 -63.63 125.72
N THR K 9 -34.21 -62.83 125.37
CA THR K 9 -33.71 -62.89 123.98
C THR K 9 -32.64 -63.93 123.89
N ASN K 10 -32.59 -64.72 122.79
CA ASN K 10 -31.39 -65.53 122.72
C ASN K 10 -30.27 -64.81 123.46
N GLY K 11 -29.74 -65.46 124.50
CA GLY K 11 -28.86 -64.76 125.43
C GLY K 11 -27.71 -64.05 124.74
N PHE K 12 -27.19 -64.65 123.67
CA PHE K 12 -26.16 -64.02 122.86
C PHE K 12 -26.73 -63.76 121.46
N ASN K 13 -26.99 -62.50 121.15
CA ASN K 13 -27.71 -62.11 119.95
C ASN K 13 -26.84 -61.17 119.12
N ASP K 14 -26.94 -61.31 117.80
CA ASP K 14 -26.19 -60.43 116.90
C ASP K 14 -26.80 -59.03 116.86
N ALA K 15 -28.07 -58.92 117.26
CA ALA K 15 -28.78 -57.64 117.13
C ALA K 15 -28.20 -56.56 118.03
N ASP K 16 -27.52 -56.93 119.11
CA ASP K 16 -26.98 -55.96 120.05
C ASP K 16 -25.47 -55.88 120.04
N GLY K 17 -24.78 -56.83 119.41
CA GLY K 17 -23.35 -56.92 119.51
C GLY K 17 -22.85 -57.78 120.64
N SER K 18 -23.65 -58.74 121.11
CA SER K 18 -23.29 -59.62 122.21
C SER K 18 -22.81 -60.99 121.74
N THR K 19 -23.10 -61.36 120.49
CA THR K 19 -22.64 -62.64 119.97
C THR K 19 -21.17 -62.57 119.58
N ILE K 20 -20.58 -63.73 119.33
CA ILE K 20 -19.19 -63.83 118.93
C ILE K 20 -19.11 -63.66 117.41
N GLN K 21 -17.95 -63.22 116.92
CA GLN K 21 -17.77 -62.95 115.50
C GLN K 21 -16.41 -63.45 115.04
N PRO K 22 -16.36 -64.52 114.23
CA PRO K 22 -15.08 -64.95 113.64
C PRO K 22 -14.58 -63.91 112.64
N VAL K 23 -13.29 -63.61 112.69
CA VAL K 23 -12.70 -62.58 111.84
C VAL K 23 -11.51 -63.18 111.10
N GLY K 24 -11.44 -62.94 109.78
CA GLY K 24 -10.24 -63.12 109.02
C GLY K 24 -9.60 -61.76 108.78
N PRO K 25 -8.46 -61.74 108.10
CA PRO K 25 -7.87 -60.43 107.76
C PRO K 25 -8.43 -59.86 106.46
N VAL K 26 -9.13 -58.73 106.56
CA VAL K 26 -9.64 -58.00 105.41
C VAL K 26 -9.31 -56.53 105.60
N ASN K 27 -8.81 -55.89 104.56
CA ASN K 27 -8.33 -54.51 104.67
C ASN K 27 -9.49 -53.54 104.42
N HIS K 28 -9.93 -52.87 105.48
CA HIS K 28 -10.82 -51.73 105.38
C HIS K 28 -10.04 -50.49 105.79
N THR K 29 -10.00 -49.51 104.89
CA THR K 29 -9.10 -48.38 105.06
C THR K 29 -9.55 -47.52 106.25
N GLU K 30 -8.63 -46.69 106.74
CA GLU K 30 -8.95 -45.76 107.81
C GLU K 30 -10.08 -44.82 107.41
N GLU K 31 -10.09 -44.40 106.13
CA GLU K 31 -11.18 -43.55 105.64
C GLU K 31 -12.52 -44.28 105.68
N THR K 32 -12.54 -45.56 105.28
CA THR K 32 -13.77 -46.33 105.31
C THR K 32 -14.31 -46.46 106.73
N LEU K 33 -13.43 -46.75 107.68
CA LEU K 33 -13.85 -46.87 109.07
C LEU K 33 -14.33 -45.53 109.62
N ARG K 34 -13.65 -44.43 109.26
CA ARG K 34 -14.09 -43.12 109.72
C ARG K 34 -15.46 -42.78 109.17
N ASP K 35 -15.71 -43.12 107.90
CA ASP K 35 -17.03 -42.89 107.31
C ASP K 35 -18.09 -43.72 108.03
N LEU K 36 -17.78 -44.99 108.30
CA LEU K 36 -18.76 -45.85 108.95
C LEU K 36 -19.07 -45.37 110.37
N THR K 37 -18.06 -44.87 111.08
CA THR K 37 -18.31 -44.36 112.43
C THR K 37 -19.05 -43.03 112.41
N ASP K 38 -18.71 -42.15 111.47
CA ASP K 38 -19.40 -40.86 111.38
C ASP K 38 -20.85 -41.05 110.95
N SER K 39 -21.16 -42.14 110.24
CA SER K 39 -22.55 -42.41 109.87
C SER K 39 -23.43 -42.54 111.12
N THR K 40 -22.95 -43.23 112.15
CA THR K 40 -23.71 -43.35 113.38
C THR K 40 -23.52 -42.13 114.28
N GLY K 41 -22.35 -41.47 114.17
CA GLY K 41 -22.14 -40.24 114.92
C GLY K 41 -23.12 -39.16 114.53
N ALA K 42 -23.53 -39.13 113.27
CA ALA K 42 -24.56 -38.19 112.84
C ALA K 42 -25.87 -38.44 113.60
N TYR K 43 -26.24 -39.70 113.77
CA TYR K 43 -27.46 -40.02 114.50
C TYR K 43 -27.33 -39.66 115.98
N LEU K 44 -26.16 -39.88 116.56
CA LEU K 44 -25.95 -39.64 117.99
C LEU K 44 -25.59 -38.19 118.31
N GLU K 45 -25.40 -37.34 117.31
CA GLU K 45 -24.96 -35.97 117.57
C GLU K 45 -25.96 -35.21 118.45
N GLU K 46 -27.26 -35.39 118.20
CA GLU K 46 -28.25 -34.65 118.97
C GLU K 46 -28.18 -35.00 120.45
N PHE K 47 -28.04 -36.28 120.77
CA PHE K 47 -27.81 -36.68 122.16
C PHE K 47 -26.50 -36.13 122.69
N GLN K 48 -25.46 -36.14 121.85
CA GLN K 48 -24.10 -35.86 122.33
C GLN K 48 -23.96 -34.42 122.82
N ASN K 49 -24.40 -33.45 122.00
CA ASN K 49 -24.14 -32.05 122.31
C ASN K 49 -25.36 -31.16 122.13
N GLY K 50 -26.53 -31.73 121.84
CA GLY K 50 -27.73 -30.94 121.64
C GLY K 50 -28.39 -30.57 122.96
N THR K 51 -29.52 -29.88 122.82
CA THR K 51 -30.37 -29.55 123.97
C THR K 51 -31.69 -30.30 123.84
N VAL K 52 -32.54 -30.13 124.84
CA VAL K 52 -33.77 -30.92 124.93
C VAL K 52 -34.64 -30.71 123.70
N GLU K 53 -34.77 -29.47 123.25
CA GLU K 53 -35.58 -29.18 122.07
C GLU K 53 -35.05 -29.89 120.84
N GLU K 54 -33.73 -29.88 120.65
CA GLU K 54 -33.13 -30.59 119.53
C GLU K 54 -33.38 -32.09 119.63
N ILE K 55 -33.29 -32.64 120.83
CA ILE K 55 -33.50 -34.07 121.01
C ILE K 55 -34.93 -34.45 120.64
N VAL K 56 -35.92 -33.71 121.12
CA VAL K 56 -37.30 -34.06 120.80
C VAL K 56 -37.56 -33.82 119.32
N GLU K 57 -36.92 -32.81 118.73
CA GLU K 57 -37.08 -32.54 117.31
C GLU K 57 -36.57 -33.70 116.46
N ALA K 58 -35.35 -34.16 116.73
CA ALA K 58 -34.69 -35.07 115.80
C ALA K 58 -35.27 -36.48 115.84
N TYR K 59 -35.50 -37.01 117.03
CA TYR K 59 -35.80 -38.43 117.15
C TYR K 59 -37.30 -38.70 117.03
N LEU K 60 -38.12 -37.76 117.45
CA LEU K 60 -39.56 -37.76 117.18
C LEU K 60 -39.83 -36.65 116.18
N GLN K 61 -40.36 -37.01 115.01
CA GLN K 61 -40.56 -36.07 113.92
C GLN K 61 -41.72 -35.16 114.29
N VAL K 62 -41.42 -34.02 114.92
CA VAL K 62 -42.45 -33.09 115.33
C VAL K 62 -43.05 -32.38 114.12
N GLN K 63 -42.20 -31.90 113.21
CA GLN K 63 -42.70 -31.16 112.06
C GLN K 63 -43.33 -32.09 111.03
N ALA K 64 -42.84 -33.31 110.90
CA ALA K 64 -43.39 -34.26 109.94
C ALA K 64 -44.71 -34.86 110.38
N SER K 65 -45.13 -34.63 111.63
CA SER K 65 -46.40 -35.13 112.09
C SER K 65 -47.54 -34.37 111.44
N ALA K 66 -48.75 -34.91 111.55
CA ALA K 66 -49.92 -34.28 110.97
C ALA K 66 -50.07 -32.86 111.49
N ASP K 67 -50.38 -31.93 110.58
CA ASP K 67 -50.41 -30.52 110.92
C ASP K 67 -51.49 -30.23 111.95
N GLY K 68 -51.11 -29.56 113.02
CA GLY K 68 -51.96 -29.43 114.18
C GLY K 68 -51.61 -30.55 115.13
N PHE K 69 -50.88 -30.26 116.20
CA PHE K 69 -50.31 -31.31 117.01
C PHE K 69 -51.40 -32.15 117.67
N ASP K 70 -51.34 -33.45 117.47
CA ASP K 70 -52.25 -34.36 118.14
C ASP K 70 -51.78 -34.56 119.57
N PRO K 71 -52.48 -34.01 120.57
CA PRO K 71 -52.11 -34.25 121.97
C PRO K 71 -52.53 -35.62 122.49
N SER K 72 -53.03 -36.49 121.61
CA SER K 72 -53.42 -37.83 121.98
C SER K 72 -52.21 -38.63 122.48
N GLU K 73 -52.46 -39.53 123.42
CA GLU K 73 -51.41 -40.40 123.91
C GLU K 73 -51.05 -41.45 122.85
N GLN K 74 -51.98 -41.77 121.96
CA GLN K 74 -51.67 -42.68 120.86
C GLN K 74 -50.60 -42.09 119.94
N ALA K 75 -50.67 -40.78 119.70
CA ALA K 75 -49.66 -40.13 118.88
C ALA K 75 -48.27 -40.25 119.50
N ALA K 76 -48.17 -40.03 120.81
CA ALA K 76 -46.91 -40.21 121.52
C ALA K 76 -46.44 -41.65 121.43
N TYR K 77 -47.36 -42.61 121.57
CA TYR K 77 -47.01 -44.02 121.47
C TYR K 77 -46.40 -44.34 120.10
N GLU K 78 -47.03 -43.88 119.03
CA GLU K 78 -46.50 -44.15 117.69
C GLU K 78 -45.16 -43.46 117.47
N ALA K 79 -45.02 -42.23 117.96
CA ALA K 79 -43.75 -41.51 117.79
C ALA K 79 -42.62 -42.25 118.50
N PHE K 80 -42.86 -42.68 119.74
CA PHE K 80 -41.82 -43.39 120.48
C PHE K 80 -41.54 -44.75 119.86
N GLU K 81 -42.56 -45.42 119.32
CA GLU K 81 -42.33 -46.69 118.64
C GLU K 81 -41.44 -46.50 117.41
N ALA K 82 -41.70 -45.44 116.62
CA ALA K 82 -40.86 -45.18 115.46
C ALA K 82 -39.42 -44.87 115.87
N ALA K 83 -39.24 -44.09 116.93
CA ALA K 83 -37.90 -43.82 117.42
C ALA K 83 -37.21 -45.11 117.86
N ARG K 84 -37.96 -46.01 118.50
CA ARG K 84 -37.39 -47.29 118.91
C ARG K 84 -36.94 -48.12 117.71
N VAL K 85 -37.75 -48.17 116.65
CA VAL K 85 -37.37 -48.95 115.48
C VAL K 85 -36.11 -48.37 114.83
N ARG K 86 -36.03 -47.04 114.75
CA ARG K 86 -34.86 -46.41 114.17
C ARG K 86 -33.60 -46.73 114.98
N ALA K 87 -33.68 -46.62 116.31
CA ALA K 87 -32.55 -46.96 117.16
C ALA K 87 -32.19 -48.44 117.04
N SER K 88 -33.20 -49.30 116.87
CA SER K 88 -32.95 -50.73 116.74
C SER K 88 -32.15 -51.04 115.48
N GLN K 89 -32.47 -50.37 114.38
CA GLN K 89 -31.70 -50.57 113.15
C GLN K 89 -30.28 -50.01 113.30
N GLU K 90 -30.15 -48.84 113.93
CA GLU K 90 -28.82 -48.27 114.15
C GLU K 90 -27.95 -49.19 114.99
N LEU K 91 -28.57 -49.91 115.94
CA LEU K 91 -27.81 -50.83 116.79
C LEU K 91 -27.18 -51.96 115.97
N ALA K 92 -27.95 -52.56 115.05
CA ALA K 92 -27.39 -53.60 114.20
C ALA K 92 -26.30 -53.04 113.29
N ALA K 93 -26.49 -51.81 112.80
CA ALA K 93 -25.45 -51.18 112.01
C ALA K 93 -24.14 -51.06 112.79
N SER K 94 -24.22 -50.59 114.04
CA SER K 94 -23.02 -50.47 114.86
C SER K 94 -22.42 -51.84 115.18
N ALA K 95 -23.28 -52.85 115.33
CA ALA K 95 -22.77 -54.20 115.56
C ALA K 95 -21.91 -54.67 114.39
N GLU K 96 -22.34 -54.40 113.15
CA GLU K 96 -21.52 -54.79 112.00
C GLU K 96 -20.27 -53.92 111.88
N THR K 97 -20.38 -52.65 112.27
CA THR K 97 -19.21 -51.78 112.28
C THR K 97 -18.13 -52.32 113.21
N ILE K 98 -18.53 -52.89 114.35
CA ILE K 98 -17.58 -53.52 115.26
C ILE K 98 -16.78 -54.60 114.54
N THR K 99 -17.48 -55.50 113.83
CA THR K 99 -16.81 -56.60 113.15
C THR K 99 -15.84 -56.09 112.09
N LYS K 100 -16.27 -55.09 111.33
CA LYS K 100 -15.40 -54.59 110.27
C LYS K 100 -14.14 -53.93 110.84
N THR K 101 -14.29 -53.14 111.91
CA THR K 101 -13.13 -52.51 112.52
C THR K 101 -12.19 -53.56 113.14
N ARG K 102 -12.74 -54.68 113.61
CA ARG K 102 -11.89 -55.75 114.08
C ARG K 102 -11.09 -56.38 112.93
N GLU K 103 -11.77 -56.64 111.81
CA GLU K 103 -11.11 -57.26 110.66
C GLU K 103 -9.97 -56.38 110.15
N SER K 104 -10.17 -55.07 110.18
CA SER K 104 -9.13 -54.15 109.72
C SER K 104 -7.86 -54.25 110.56
N VAL K 105 -8.01 -54.29 111.89
CA VAL K 105 -6.85 -54.44 112.77
C VAL K 105 -6.19 -55.80 112.54
N ALA K 106 -7.00 -56.83 112.29
CA ALA K 106 -6.45 -58.15 112.01
C ALA K 106 -5.53 -58.11 110.79
N TYR K 107 -5.95 -57.41 109.73
CA TYR K 107 -5.09 -57.29 108.56
C TYR K 107 -3.82 -56.49 108.85
N ALA K 108 -3.98 -55.34 109.53
CA ALA K 108 -2.85 -54.45 109.75
C ALA K 108 -1.75 -55.12 110.56
N LEU K 109 -2.12 -55.77 111.66
CA LEU K 109 -1.07 -56.39 112.48
C LEU K 109 -0.41 -57.56 111.77
N LYS K 110 -1.17 -58.31 110.97
CA LYS K 110 -0.58 -59.42 110.24
C LYS K 110 0.50 -58.93 109.27
N VAL K 111 0.19 -57.89 108.50
CA VAL K 111 1.22 -57.39 107.57
C VAL K 111 2.39 -56.79 108.34
N ASP K 112 2.12 -56.20 109.51
CA ASP K 112 3.20 -55.63 110.30
C ASP K 112 4.16 -56.71 110.80
N GLN K 113 3.62 -57.82 111.31
CA GLN K 113 4.47 -58.92 111.76
C GLN K 113 5.27 -59.51 110.61
N GLU K 114 4.64 -59.65 109.44
CA GLU K 114 5.37 -60.16 108.28
C GLU K 114 6.54 -59.25 107.93
N ALA K 115 6.32 -57.93 107.97
CA ALA K 115 7.39 -57.00 107.66
C ALA K 115 8.54 -57.12 108.66
N THR K 116 8.20 -57.22 109.95
CA THR K 116 9.26 -57.35 110.96
C THR K 116 10.07 -58.63 110.74
N ALA K 117 9.38 -59.74 110.45
CA ALA K 117 10.08 -61.00 110.20
C ALA K 117 11.01 -60.89 108.99
N ALA K 118 10.53 -60.29 107.91
CA ALA K 118 11.36 -60.16 106.72
C ALA K 118 12.58 -59.28 106.98
N PHE K 119 12.41 -58.16 107.69
CA PHE K 119 13.54 -57.31 108.00
C PHE K 119 14.56 -58.05 108.85
N GLU K 120 14.09 -58.81 109.84
CA GLU K 120 15.01 -59.58 110.67
C GLU K 120 15.80 -60.58 109.84
N ALA K 121 15.13 -61.31 108.96
CA ALA K 121 15.83 -62.31 108.15
C ALA K 121 16.87 -61.67 107.25
N TYR K 122 16.52 -60.55 106.62
CA TYR K 122 17.42 -59.94 105.65
C TYR K 122 18.61 -59.27 106.35
N ARG K 123 18.37 -58.65 107.51
CA ARG K 123 19.49 -58.11 108.30
C ARG K 123 20.39 -59.22 108.81
N ASN K 124 19.81 -60.36 109.19
CA ASN K 124 20.62 -61.49 109.63
C ASN K 124 21.50 -62.01 108.50
N ALA K 125 20.95 -62.10 107.29
CA ALA K 125 21.76 -62.53 106.15
C ALA K 125 22.89 -61.53 105.88
N LEU K 126 22.60 -60.24 105.95
CA LEU K 126 23.65 -59.24 105.74
C LEU K 126 24.74 -59.34 106.81
N ARG K 127 24.34 -59.56 108.06
CA ARG K 127 25.32 -59.72 109.13
C ARG K 127 26.17 -60.96 108.91
N ASP K 128 25.55 -62.07 108.51
CA ASP K 128 26.27 -63.31 108.27
C ASP K 128 27.22 -63.17 107.08
N ALA K 129 26.90 -62.26 106.16
CA ALA K 129 27.75 -62.07 104.99
C ALA K 129 29.16 -61.62 105.38
N ALA K 130 29.27 -60.65 106.30
CA ALA K 130 30.57 -60.10 106.64
C ALA K 130 31.43 -61.12 107.39
N ILE K 131 30.97 -61.57 108.55
CA ILE K 131 31.70 -62.56 109.33
C ILE K 131 30.78 -63.75 109.60
N SER K 132 30.93 -64.81 108.80
CA SER K 132 30.08 -65.97 108.95
C SER K 132 30.46 -66.76 110.20
N ILE K 133 29.46 -67.37 110.84
CA ILE K 133 29.66 -68.17 112.03
C ILE K 133 29.09 -69.57 111.80
N ASN K 134 29.87 -70.59 112.14
CA ASN K 134 29.49 -71.97 111.92
C ASN K 134 28.34 -72.35 112.86
N PRO K 135 27.61 -73.43 112.55
CA PRO K 135 26.58 -73.88 113.49
C PRO K 135 27.11 -74.18 114.88
N ASP K 136 28.37 -74.64 114.98
CA ASP K 136 28.98 -74.87 116.28
C ASP K 136 29.32 -73.58 117.02
N GLY K 137 29.36 -72.45 116.32
CA GLY K 137 29.66 -71.18 116.95
C GLY K 137 31.05 -70.62 116.69
N SER K 138 31.67 -70.98 115.58
CA SER K 138 33.02 -70.52 115.26
C SER K 138 33.02 -69.84 113.89
N ILE K 139 33.97 -68.92 113.73
CA ILE K 139 34.10 -68.20 112.46
C ILE K 139 34.54 -69.18 111.37
N ASN K 140 33.98 -69.00 110.17
CA ASN K 140 34.32 -69.85 109.03
C ASN K 140 35.04 -69.01 108.00
N PRO K 141 36.38 -69.01 107.96
CA PRO K 141 37.09 -68.19 106.96
C PRO K 141 36.81 -68.59 105.53
N ASP K 142 36.33 -69.82 105.29
CA ASP K 142 36.01 -70.25 103.94
C ASP K 142 34.90 -69.39 103.35
N THR K 143 33.86 -69.12 104.15
CA THR K 143 32.70 -68.37 103.69
C THR K 143 32.51 -67.04 104.41
N SER K 144 33.60 -66.35 104.75
CA SER K 144 33.53 -65.06 105.41
C SER K 144 34.13 -63.98 104.50
N ILE K 145 33.39 -62.89 104.31
CA ILE K 145 33.82 -61.86 103.36
C ILE K 145 35.07 -61.14 103.84
N ASN K 146 35.08 -60.69 105.10
CA ASN K 146 36.17 -59.83 105.56
C ASN K 146 37.49 -60.59 105.62
N LEU K 147 37.45 -61.85 106.02
CA LEU K 147 38.67 -62.66 106.06
C LEU K 147 39.24 -62.88 104.66
N LEU K 148 38.39 -63.19 103.70
CA LEU K 148 38.84 -63.32 102.32
C LEU K 148 39.36 -62.00 101.78
N ILE K 149 38.72 -60.89 102.18
CA ILE K 149 39.17 -59.57 101.77
C ILE K 149 40.59 -59.32 102.26
N ASP K 150 40.85 -59.62 103.53
CA ASP K 150 42.18 -59.37 104.07
C ASP K 150 43.20 -60.34 103.49
N ALA K 151 42.78 -61.57 103.18
CA ALA K 151 43.67 -62.51 102.52
C ALA K 151 44.10 -61.99 101.15
N ALA K 152 43.15 -61.47 100.37
CA ALA K 152 43.48 -60.91 99.07
C ALA K 152 44.29 -59.62 99.22
N ASN K 153 44.03 -58.85 100.28
CA ASN K 153 44.74 -57.60 100.49
C ASN K 153 46.20 -57.84 100.83
N ALA K 154 46.49 -58.88 101.59
CA ALA K 154 47.86 -59.22 101.94
C ALA K 154 48.58 -59.99 100.85
N ALA K 155 47.86 -60.52 99.86
CA ALA K 155 48.44 -61.35 98.83
C ALA K 155 48.78 -60.58 97.56
N ASN K 156 48.77 -59.25 97.61
CA ASN K 156 49.14 -58.44 96.45
C ASN K 156 50.44 -57.69 96.72
N ARG K 157 51.16 -57.37 95.66
CA ARG K 157 52.44 -56.68 95.77
C ARG K 157 52.47 -55.38 94.98
N THR K 158 51.36 -55.01 94.34
CA THR K 158 51.30 -53.84 93.48
C THR K 158 51.37 -52.56 94.31
N ASP K 159 51.61 -51.43 93.64
CA ASP K 159 51.75 -50.14 94.32
C ASP K 159 50.42 -49.38 94.28
N ARG K 160 49.31 -50.08 94.52
CA ARG K 160 48.04 -49.46 94.84
C ARG K 160 47.44 -48.65 93.71
N ALA K 161 48.15 -48.54 92.58
CA ALA K 161 47.72 -47.61 91.52
C ALA K 161 46.43 -48.07 90.86
N GLU K 162 46.37 -49.35 90.49
CA GLU K 162 45.24 -49.88 89.73
C GLU K 162 44.50 -51.00 90.44
N ILE K 163 45.17 -51.79 91.27
CA ILE K 163 44.52 -52.76 92.14
C ILE K 163 44.71 -52.28 93.56
N GLU K 164 43.62 -51.88 94.20
CA GLU K 164 43.68 -51.16 95.46
C GLU K 164 43.24 -52.05 96.61
N ASP K 165 43.53 -51.60 97.82
CA ASP K 165 43.08 -52.31 99.01
C ASP K 165 41.56 -52.22 99.13
N TYR K 166 40.92 -53.37 99.34
CA TYR K 166 39.49 -53.39 99.53
C TYR K 166 39.16 -53.00 100.97
N ALA K 167 38.34 -51.96 101.13
CA ALA K 167 37.91 -51.57 102.46
C ALA K 167 36.97 -52.61 103.05
N HIS K 168 36.97 -52.68 104.39
CA HIS K 168 36.16 -53.68 105.07
C HIS K 168 34.68 -53.38 104.91
N LEU K 169 33.86 -54.42 105.03
CA LEU K 169 32.45 -54.32 104.66
C LEU K 169 31.71 -53.33 105.55
N TYR K 170 30.76 -52.63 104.93
CA TYR K 170 29.85 -51.71 105.60
C TYR K 170 30.60 -50.58 106.29
N THR K 171 31.25 -49.76 105.48
CA THR K 171 31.87 -48.54 106.00
C THR K 171 30.82 -47.46 106.28
N GLN K 172 29.70 -47.50 105.55
CA GLN K 172 28.67 -46.48 105.74
C GLN K 172 27.93 -46.67 107.06
N THR K 173 27.56 -47.90 107.38
CA THR K 173 26.72 -48.19 108.53
C THR K 173 27.40 -49.19 109.45
N ASP K 174 26.92 -49.22 110.69
CA ASP K 174 27.36 -50.19 111.68
C ASP K 174 26.31 -51.30 111.76
N ILE K 175 26.59 -52.44 111.13
CA ILE K 175 25.59 -53.51 111.08
C ILE K 175 25.48 -54.23 112.41
N ALA K 176 26.36 -53.94 113.37
CA ALA K 176 26.23 -54.54 114.69
C ALA K 176 25.04 -53.95 115.43
N LEU K 177 24.62 -52.74 115.07
CA LEU K 177 23.50 -52.09 115.73
C LEU K 177 22.21 -52.85 115.45
N GLU K 178 21.22 -52.63 116.32
CA GLU K 178 19.95 -53.35 116.19
C GLU K 178 19.25 -53.00 114.88
N THR K 179 19.09 -51.70 114.61
CA THR K 179 18.41 -51.26 113.40
C THR K 179 19.34 -50.42 112.53
N PRO K 180 20.08 -51.04 111.62
CA PRO K 180 20.95 -50.27 110.73
C PRO K 180 20.30 -49.93 109.40
N GLN K 181 20.94 -49.07 108.62
CA GLN K 181 20.44 -48.71 107.28
C GLN K 181 20.95 -49.75 106.29
N LEU K 182 20.10 -50.74 105.99
CA LEU K 182 20.55 -51.92 105.26
C LEU K 182 20.75 -51.62 103.78
N ALA K 183 20.10 -50.59 103.26
CA ALA K 183 20.33 -50.18 101.89
C ALA K 183 21.77 -49.76 101.67
N TYR K 184 22.35 -49.05 102.64
CA TYR K 184 23.75 -48.66 102.56
C TYR K 184 24.65 -49.89 102.51
N ALA K 185 24.33 -50.90 103.33
CA ALA K 185 25.12 -52.12 103.35
C ALA K 185 25.06 -52.87 102.03
N PHE K 186 23.86 -53.00 101.47
CA PHE K 186 23.73 -53.65 100.16
C PHE K 186 24.45 -52.86 99.08
N GLN K 187 24.40 -51.53 99.15
CA GLN K 187 25.16 -50.71 98.21
C GLN K 187 26.66 -51.01 98.31
N ASP K 188 27.18 -51.10 99.53
CA ASP K 188 28.60 -51.39 99.71
C ASP K 188 28.96 -52.78 99.19
N LEU K 189 28.09 -53.76 99.41
CA LEU K 189 28.36 -55.11 98.93
C LEU K 189 28.39 -55.15 97.40
N LYS K 190 27.43 -54.48 96.76
CA LYS K 190 27.44 -54.43 95.30
C LYS K 190 28.66 -53.68 94.76
N ALA K 191 29.06 -52.62 95.47
CA ALA K 191 30.27 -51.90 95.07
C ALA K 191 31.49 -52.80 95.15
N LEU K 192 31.58 -53.63 96.18
CA LEU K 192 32.69 -54.57 96.28
C LEU K 192 32.68 -55.57 95.14
N GLN K 193 31.49 -56.11 94.81
CA GLN K 193 31.42 -57.08 93.71
C GLN K 193 31.88 -56.44 92.40
N ALA K 194 31.42 -55.21 92.13
CA ALA K 194 31.81 -54.51 90.93
C ALA K 194 33.32 -54.23 90.91
N GLU K 195 33.88 -53.82 92.04
CA GLU K 195 35.30 -53.50 92.09
C GLU K 195 36.16 -54.73 91.85
N VAL K 196 35.74 -55.88 92.41
CA VAL K 196 36.48 -57.12 92.17
C VAL K 196 36.44 -57.49 90.69
N ASP K 197 35.24 -57.45 90.09
CA ASP K 197 35.14 -57.79 88.68
C ASP K 197 35.92 -56.81 87.81
N ALA K 198 36.05 -55.55 88.26
CA ALA K 198 36.79 -54.57 87.49
C ALA K 198 38.30 -54.80 87.58
N ASP K 199 38.80 -55.14 88.77
CA ASP K 199 40.22 -55.42 88.92
C ASP K 199 40.61 -56.74 88.27
N PHE K 200 39.62 -57.59 87.98
CA PHE K 200 39.90 -58.85 87.28
C PHE K 200 40.68 -58.61 85.99
N GLU K 201 40.29 -57.60 85.20
CA GLU K 201 40.92 -57.39 83.90
C GLU K 201 42.31 -56.78 84.05
N TRP K 202 42.54 -56.01 85.12
CA TRP K 202 43.87 -55.51 85.38
C TRP K 202 44.78 -56.62 85.91
N LEU K 203 44.18 -57.69 86.44
CA LEU K 203 44.95 -58.87 86.78
C LEU K 203 45.41 -59.60 85.53
N GLY K 204 44.67 -59.47 84.43
CA GLY K 204 44.98 -60.12 83.18
C GLY K 204 45.83 -59.33 82.22
N GLU K 205 46.54 -58.32 82.70
CA GLU K 205 47.40 -57.51 81.84
C GLU K 205 48.75 -58.17 81.65
N PHE K 206 49.43 -57.81 80.56
CA PHE K 206 50.77 -58.32 80.31
C PHE K 206 51.81 -57.58 81.16
N GLY K 207 51.66 -56.27 81.30
CA GLY K 207 52.68 -55.44 81.92
C GLY K 207 52.44 -55.06 83.36
N ILE K 208 51.58 -55.77 84.08
CA ILE K 208 51.36 -55.45 85.49
C ILE K 208 52.64 -55.71 86.30
N ASP K 209 53.31 -56.81 86.03
CA ASP K 209 54.57 -57.13 86.68
C ASP K 209 55.64 -56.17 86.15
N GLN K 210 56.03 -55.20 86.97
CA GLN K 210 56.95 -54.17 86.49
C GLN K 210 58.29 -54.20 87.22
N GLU K 211 58.24 -54.08 88.54
CA GLU K 211 59.41 -53.74 89.33
C GLU K 211 59.24 -54.29 90.74
N ASP K 212 60.35 -54.36 91.47
CA ASP K 212 60.28 -54.64 92.90
C ASP K 212 59.34 -53.63 93.58
N GLY K 213 58.22 -54.15 94.09
CA GLY K 213 57.20 -53.31 94.66
C GLY K 213 56.01 -53.04 93.77
N ASN K 214 56.13 -53.25 92.46
CA ASN K 214 54.98 -53.20 91.55
C ASN K 214 54.99 -54.48 90.73
N TYR K 215 54.39 -55.54 91.27
CA TYR K 215 54.28 -56.78 90.52
C TYR K 215 53.22 -57.66 91.17
N VAL K 216 52.85 -58.72 90.46
CA VAL K 216 51.76 -59.60 90.86
C VAL K 216 52.33 -60.99 91.12
N GLN K 217 52.11 -61.50 92.33
CA GLN K 217 52.55 -62.84 92.68
C GLN K 217 51.54 -63.89 92.19
N ARG K 218 51.95 -65.15 92.24
CA ARG K 218 51.13 -66.22 91.65
C ARG K 218 49.98 -66.62 92.57
N TYR K 219 49.96 -66.11 93.80
CA TYR K 219 48.90 -66.52 94.73
C TYR K 219 47.82 -65.45 94.86
N HIS K 220 48.06 -64.26 94.33
CA HIS K 220 47.07 -63.19 94.38
C HIS K 220 45.78 -63.60 93.65
N LEU K 221 45.94 -64.17 92.45
CA LEU K 221 44.77 -64.47 91.62
C LEU K 221 43.84 -65.50 92.24
N PRO K 222 44.32 -66.62 92.81
CA PRO K 222 43.38 -67.53 93.49
C PRO K 222 42.65 -66.89 94.66
N ALA K 223 43.30 -66.01 95.41
CA ALA K 223 42.62 -65.32 96.50
C ALA K 223 41.50 -64.43 95.97
N VAL K 224 41.79 -63.66 94.93
CA VAL K 224 40.75 -62.82 94.34
C VAL K 224 39.62 -63.67 93.76
N GLU K 225 39.97 -64.82 93.17
CA GLU K 225 38.95 -65.68 92.57
C GLU K 225 38.02 -66.27 93.62
N ALA K 226 38.59 -66.74 94.74
CA ALA K 226 37.77 -67.25 95.82
C ALA K 226 36.87 -66.16 96.40
N LEU K 227 37.42 -64.96 96.58
CA LEU K 227 36.60 -63.85 97.08
C LEU K 227 35.46 -63.55 96.13
N LYS K 228 35.73 -63.58 94.81
CA LYS K 228 34.69 -63.29 93.83
C LYS K 228 33.59 -64.35 93.85
N ALA K 229 33.97 -65.63 93.89
CA ALA K 229 32.96 -66.68 93.91
C ALA K 229 32.10 -66.59 95.16
N GLU K 230 32.73 -66.30 96.31
CA GLU K 230 31.98 -66.17 97.54
C GLU K 230 31.01 -64.99 97.48
N VAL K 231 31.46 -63.85 96.95
CA VAL K 231 30.58 -62.69 96.85
C VAL K 231 29.42 -62.98 95.90
N ASP K 232 29.72 -63.72 94.82
CA ASP K 232 28.66 -64.07 93.84
C ASP K 232 27.57 -64.92 94.53
N ALA K 233 27.99 -65.96 95.26
CA ALA K 233 27.01 -66.80 95.95
C ALA K 233 26.25 -66.01 97.03
N ARG K 234 26.96 -65.15 97.75
CA ARG K 234 26.32 -64.37 98.81
C ARG K 234 25.26 -63.44 98.24
N VAL K 235 25.56 -62.77 97.14
CA VAL K 235 24.58 -61.88 96.51
C VAL K 235 23.39 -62.67 96.00
N ALA K 236 23.64 -63.83 95.38
CA ALA K 236 22.55 -64.67 94.91
C ALA K 236 21.63 -65.08 96.06
N ALA K 237 22.21 -65.26 97.25
CA ALA K 237 21.39 -65.60 98.42
C ALA K 237 20.64 -64.37 98.94
N ILE K 238 21.28 -63.20 98.94
CA ILE K 238 20.70 -62.03 99.57
C ILE K 238 19.62 -61.40 98.69
N GLU K 239 19.61 -61.73 97.39
CA GLU K 239 18.62 -61.14 96.50
C GLU K 239 17.17 -61.41 96.91
N PRO K 240 16.69 -62.66 97.00
CA PRO K 240 15.26 -62.85 97.32
C PRO K 240 14.88 -62.30 98.68
N LEU K 241 15.79 -62.37 99.65
CA LEU K 241 15.50 -61.82 100.97
C LEU K 241 15.27 -60.32 100.91
N ARG K 242 16.13 -59.60 100.19
CA ARG K 242 15.96 -58.16 100.06
C ARG K 242 14.68 -57.82 99.31
N ALA K 243 14.37 -58.60 98.26
CA ALA K 243 13.14 -58.36 97.51
C ALA K 243 11.91 -58.52 98.41
N ASP K 244 11.84 -59.62 99.16
CA ASP K 244 10.70 -59.86 100.03
C ASP K 244 10.63 -58.81 101.14
N SER K 245 11.78 -58.42 101.68
CA SER K 245 11.80 -57.40 102.73
C SER K 245 11.23 -56.08 102.22
N ILE K 246 11.66 -55.64 101.03
CA ILE K 246 11.14 -54.41 100.47
C ILE K 246 9.64 -54.53 100.24
N ALA K 247 9.20 -55.66 99.65
CA ALA K 247 7.79 -55.82 99.30
C ALA K 247 6.91 -55.77 100.53
N LYS K 248 7.34 -56.38 101.64
CA LYS K 248 6.49 -56.44 102.82
C LYS K 248 6.60 -55.18 103.66
N ASN K 249 7.79 -54.57 103.70
CA ASN K 249 7.97 -53.35 104.47
C ASN K 249 7.27 -52.17 103.82
N LEU K 250 7.13 -52.19 102.49
CA LEU K 250 6.33 -51.16 101.83
C LEU K 250 4.85 -51.31 102.18
N GLU K 251 4.35 -52.54 102.16
CA GLU K 251 2.94 -52.78 102.45
C GLU K 251 2.61 -52.50 103.91
N ALA K 252 3.58 -52.66 104.81
CA ALA K 252 3.37 -52.39 106.23
C ALA K 252 3.44 -50.89 106.55
N GLN K 253 3.59 -50.05 105.55
CA GLN K 253 3.51 -48.60 105.74
C GLN K 253 2.20 -48.01 105.24
N LYS K 254 1.46 -48.74 104.41
CA LYS K 254 0.13 -48.29 104.01
C LYS K 254 -0.81 -48.20 105.20
N SER K 255 -0.77 -49.20 106.08
CA SER K 255 -1.72 -49.31 107.18
C SER K 255 -1.10 -48.79 108.47
N ASP K 256 -1.94 -48.23 109.33
CA ASP K 256 -1.54 -47.79 110.67
C ASP K 256 -2.53 -48.38 111.66
N VAL K 257 -2.05 -49.29 112.51
CA VAL K 257 -2.95 -50.14 113.29
C VAL K 257 -3.58 -49.36 114.45
N LEU K 258 -2.91 -48.30 114.91
CA LEU K 258 -3.41 -47.56 116.06
C LEU K 258 -4.67 -46.77 115.71
N VAL K 259 -4.74 -46.22 114.50
CA VAL K 259 -5.95 -45.56 114.04
C VAL K 259 -7.12 -46.53 114.03
N ARG K 260 -6.88 -47.74 113.52
CA ARG K 260 -7.94 -48.74 113.43
C ARG K 260 -8.40 -49.19 114.82
N GLN K 261 -7.47 -49.27 115.77
CA GLN K 261 -7.84 -49.53 117.16
C GLN K 261 -8.70 -48.40 117.72
N LEU K 262 -8.32 -47.15 117.43
CA LEU K 262 -9.11 -46.01 117.90
C LEU K 262 -10.53 -46.06 117.34
N PHE K 263 -10.67 -46.43 116.06
CA PHE K 263 -11.99 -46.51 115.47
C PHE K 263 -12.80 -47.66 116.06
N LEU K 264 -12.15 -48.79 116.37
CA LEU K 264 -12.84 -49.87 117.06
C LEU K 264 -13.37 -49.42 118.42
N GLU K 265 -12.55 -48.68 119.17
CA GLU K 265 -13.00 -48.22 120.49
C GLU K 265 -14.16 -47.22 120.36
N ARG K 266 -14.09 -46.33 119.37
CA ARG K 266 -15.21 -45.42 119.14
C ARG K 266 -16.48 -46.18 118.77
N ALA K 267 -16.35 -47.22 117.96
CA ALA K 267 -17.52 -48.01 117.57
C ALA K 267 -18.13 -48.73 118.77
N THR K 268 -17.28 -49.20 119.69
CA THR K 268 -17.81 -49.82 120.92
C THR K 268 -18.58 -48.80 121.75
N ALA K 269 -18.03 -47.60 121.93
CA ALA K 269 -18.73 -46.57 122.67
C ALA K 269 -20.06 -46.21 122.01
N GLN K 270 -20.06 -46.14 120.67
CA GLN K 270 -21.31 -45.90 119.96
C GLN K 270 -22.31 -47.02 120.21
N ARG K 271 -21.85 -48.27 120.22
CA ARG K 271 -22.76 -49.39 120.42
C ARG K 271 -23.44 -49.33 121.78
N ASP K 272 -22.66 -49.07 122.84
CA ASP K 272 -23.28 -49.13 124.17
C ASP K 272 -24.16 -47.92 124.42
N THR K 273 -23.76 -46.75 123.92
CA THR K 273 -24.66 -45.59 123.98
C THR K 273 -25.94 -45.87 123.19
N LEU K 274 -25.82 -46.57 122.06
CA LEU K 274 -26.99 -46.89 121.25
C LEU K 274 -27.96 -47.80 122.01
N ARG K 275 -27.45 -48.81 122.71
CA ARG K 275 -28.38 -49.67 123.44
C ARG K 275 -28.99 -48.94 124.62
N VAL K 276 -28.26 -48.02 125.24
CA VAL K 276 -28.86 -47.18 126.28
C VAL K 276 -30.02 -46.37 125.71
N VAL K 277 -29.82 -45.75 124.55
CA VAL K 277 -30.87 -44.94 123.93
C VAL K 277 -32.06 -45.81 123.53
N GLU K 278 -31.79 -47.00 122.98
CA GLU K 278 -32.88 -47.89 122.58
C GLU K 278 -33.69 -48.33 123.79
N ALA K 279 -33.02 -48.61 124.90
CA ALA K 279 -33.74 -48.92 126.13
C ALA K 279 -34.61 -47.76 126.57
N ILE K 280 -34.08 -46.54 126.49
CA ILE K 280 -34.88 -45.36 126.85
C ILE K 280 -36.15 -45.30 126.02
N PHE K 281 -36.02 -45.46 124.70
CA PHE K 281 -37.18 -45.34 123.82
C PHE K 281 -38.18 -46.46 124.05
N SER K 282 -37.70 -47.70 124.23
CA SER K 282 -38.63 -48.81 124.47
C SER K 282 -39.36 -48.63 125.79
N THR K 283 -38.65 -48.18 126.83
CA THR K 283 -39.27 -47.94 128.12
C THR K 283 -40.36 -46.87 128.02
N SER K 284 -40.06 -45.76 127.33
CA SER K 284 -41.06 -44.71 127.18
C SER K 284 -42.27 -45.21 126.39
N ALA K 285 -42.03 -45.99 125.34
CA ALA K 285 -43.13 -46.52 124.53
C ALA K 285 -44.03 -47.43 125.35
N ARG K 286 -43.44 -48.31 126.16
CA ARG K 286 -44.26 -49.18 126.98
C ARG K 286 -45.00 -48.40 128.07
N TYR K 287 -44.35 -47.38 128.63
CA TYR K 287 -45.01 -46.56 129.64
C TYR K 287 -46.24 -45.86 129.07
N VAL K 288 -46.12 -45.32 127.84
CA VAL K 288 -47.26 -44.66 127.23
C VAL K 288 -48.34 -45.66 126.84
N GLU K 289 -47.93 -46.82 126.29
CA GLU K 289 -48.90 -47.78 125.78
C GLU K 289 -49.77 -48.39 126.87
N LEU K 290 -49.30 -48.39 128.12
CA LEU K 290 -50.06 -48.98 129.22
C LEU K 290 -51.07 -48.00 129.82
N TYR K 291 -51.43 -46.95 129.09
CA TYR K 291 -52.45 -46.00 129.52
C TYR K 291 -53.83 -46.67 129.50
N GLU K 292 -54.35 -46.99 130.68
CA GLU K 292 -55.66 -47.62 130.83
C GLU K 292 -55.77 -48.89 130.00
N ASN K 293 -54.68 -49.65 129.95
CA ASN K 293 -54.65 -50.89 129.20
C ASN K 293 -55.05 -52.06 130.08
N VAL K 294 -55.55 -53.13 129.44
CA VAL K 294 -55.93 -54.33 130.17
C VAL K 294 -54.73 -55.04 130.77
N GLU K 295 -53.52 -54.69 130.36
CA GLU K 295 -52.30 -55.31 130.84
C GLU K 295 -51.67 -54.58 132.02
N ASN K 296 -52.17 -53.40 132.38
CA ASN K 296 -51.63 -52.64 133.50
C ASN K 296 -52.19 -53.24 134.78
N VAL K 297 -51.50 -54.24 135.32
CA VAL K 297 -51.96 -54.98 136.47
C VAL K 297 -51.17 -54.53 137.71
N ASN K 298 -51.61 -55.01 138.86
CA ASN K 298 -50.99 -54.67 140.13
C ASN K 298 -49.91 -55.70 140.48
N VAL K 299 -48.71 -55.21 140.77
CA VAL K 299 -47.59 -56.07 141.17
C VAL K 299 -46.75 -55.32 142.19
N GLU K 300 -46.49 -55.98 143.33
CA GLU K 300 -45.60 -55.45 144.36
C GLU K 300 -46.06 -54.08 144.86
N ASN K 301 -47.30 -54.03 145.36
CA ASN K 301 -47.87 -52.83 145.95
C ASN K 301 -47.87 -51.64 144.99
N LYS K 302 -47.94 -51.92 143.69
CA LYS K 302 -47.93 -50.87 142.68
C LYS K 302 -48.42 -51.45 141.36
N THR K 303 -48.57 -50.57 140.38
CA THR K 303 -48.90 -50.99 139.03
C THR K 303 -47.65 -51.04 138.17
N LEU K 304 -47.83 -51.47 136.92
CA LEU K 304 -46.70 -51.73 136.03
C LEU K 304 -45.97 -50.45 135.67
N ARG K 305 -46.71 -49.33 135.54
CA ARG K 305 -46.12 -48.11 135.01
C ARG K 305 -45.25 -47.40 136.02
N GLN K 306 -45.51 -47.58 137.32
CA GLN K 306 -44.72 -46.88 138.32
C GLN K 306 -43.27 -47.36 138.34
N HIS K 307 -43.04 -48.66 138.08
CA HIS K 307 -41.68 -49.15 137.95
C HIS K 307 -40.95 -48.49 136.79
N TYR K 308 -41.63 -48.40 135.64
CA TYR K 308 -41.03 -47.74 134.48
C TYR K 308 -40.71 -46.29 134.77
N SER K 309 -41.61 -45.61 135.49
CA SER K 309 -41.34 -44.22 135.88
C SER K 309 -40.14 -44.13 136.80
N ALA K 310 -40.03 -45.03 137.77
CA ALA K 310 -38.89 -45.02 138.67
C ALA K 310 -37.58 -45.35 137.98
N LEU K 311 -37.65 -46.01 136.82
CA LEU K 311 -36.44 -46.31 136.04
C LEU K 311 -35.73 -45.07 135.52
N ILE K 312 -36.25 -43.87 135.78
CA ILE K 312 -35.75 -42.67 135.10
C ILE K 312 -34.36 -42.24 135.57
N PRO K 313 -34.10 -42.04 136.87
CA PRO K 313 -32.75 -41.59 137.27
C PRO K 313 -31.65 -42.56 136.91
N ASN K 314 -31.93 -43.86 136.92
CA ASN K 314 -30.94 -44.84 136.48
C ASN K 314 -30.53 -44.59 135.03
N LEU K 315 -31.53 -44.46 134.16
CA LEU K 315 -31.24 -44.21 132.75
C LEU K 315 -30.54 -42.87 132.56
N PHE K 316 -30.89 -41.88 133.38
CA PHE K 316 -30.24 -40.59 133.29
C PHE K 316 -28.74 -40.72 133.58
N ILE K 317 -28.39 -41.37 134.70
CA ILE K 317 -26.98 -41.52 135.05
C ILE K 317 -26.24 -42.35 134.00
N ALA K 318 -26.87 -43.43 133.54
CA ALA K 318 -26.23 -44.28 132.54
C ALA K 318 -25.96 -43.50 131.26
N ALA K 319 -26.95 -42.72 130.80
CA ALA K 319 -26.78 -41.94 129.59
C ALA K 319 -25.69 -40.88 129.76
N VAL K 320 -25.63 -40.23 130.91
CA VAL K 320 -24.60 -39.21 131.12
C VAL K 320 -23.21 -39.83 131.05
N ALA K 321 -23.03 -40.97 131.71
CA ALA K 321 -21.71 -41.63 131.68
C ALA K 321 -21.35 -42.06 130.27
N ASN K 322 -22.29 -42.68 129.55
CA ASN K 322 -22.01 -43.15 128.20
C ASN K 322 -21.71 -41.99 127.27
N ILE K 323 -22.41 -40.87 127.43
CA ILE K 323 -22.19 -39.71 126.58
C ILE K 323 -20.79 -39.13 126.84
N SER K 324 -20.39 -39.06 128.12
CA SER K 324 -19.05 -38.54 128.41
C SER K 324 -17.97 -39.41 127.79
N GLU K 325 -18.12 -40.73 127.91
CA GLU K 325 -17.11 -41.62 127.34
C GLU K 325 -17.10 -41.54 125.82
N LEU K 326 -18.28 -41.38 125.20
CA LEU K 326 -18.34 -41.27 123.74
C LEU K 326 -17.69 -39.98 123.27
N ASN K 327 -17.89 -38.88 124.01
CA ASN K 327 -17.23 -37.63 123.66
C ASN K 327 -15.71 -37.76 123.75
N ALA K 328 -15.22 -38.41 124.81
CA ALA K 328 -13.78 -38.60 124.92
C ALA K 328 -13.24 -39.44 123.77
N ALA K 329 -13.94 -40.52 123.42
CA ALA K 329 -13.50 -41.37 122.30
C ALA K 329 -13.51 -40.61 120.98
N ASP K 330 -14.55 -39.80 120.75
CA ASP K 330 -14.63 -39.02 119.53
C ASP K 330 -13.47 -38.05 119.41
N ALA K 331 -13.17 -37.33 120.50
CA ALA K 331 -12.03 -36.41 120.47
C ALA K 331 -10.73 -37.15 120.22
N GLU K 332 -10.55 -38.31 120.86
CA GLU K 332 -9.32 -39.07 120.70
C GLU K 332 -9.13 -39.50 119.26
N ALA K 333 -10.17 -40.04 118.64
CA ALA K 333 -10.03 -40.52 117.27
C ALA K 333 -9.91 -39.38 116.28
N ALA K 334 -10.53 -38.23 116.57
CA ALA K 334 -10.44 -37.10 115.64
C ALA K 334 -9.07 -36.44 115.68
N ALA K 335 -8.49 -36.28 116.87
CA ALA K 335 -7.24 -35.52 116.99
C ALA K 335 -6.02 -36.32 116.53
N TYR K 336 -6.14 -37.63 116.39
CA TYR K 336 -5.00 -38.49 116.05
C TYR K 336 -5.32 -39.36 114.84
N TYR K 337 -5.95 -38.78 113.82
CA TYR K 337 -6.16 -39.51 112.58
C TYR K 337 -4.86 -39.65 111.80
N LEU K 338 -4.03 -38.62 111.80
CA LEU K 338 -2.72 -38.66 111.15
C LEU K 338 -1.75 -37.89 112.05
N HIS K 339 -1.09 -38.61 112.95
CA HIS K 339 -0.18 -38.01 113.90
C HIS K 339 1.00 -38.95 114.11
N TRP K 340 2.09 -38.38 114.62
CA TRP K 340 3.28 -39.18 114.91
C TRP K 340 3.01 -40.23 115.97
N ASP K 341 2.24 -39.88 117.00
CA ASP K 341 2.01 -40.76 118.14
C ASP K 341 1.14 -41.95 117.75
N THR K 342 0.84 -42.08 116.47
CA THR K 342 0.07 -43.19 115.94
C THR K 342 0.87 -44.07 114.99
N ASP K 343 1.74 -43.50 114.17
CA ASP K 343 2.72 -44.24 113.37
C ASP K 343 4.09 -43.95 113.99
N LEU K 344 4.59 -44.88 114.79
CA LEU K 344 5.76 -44.64 115.62
C LEU K 344 7.03 -45.04 114.89
N ALA K 345 8.13 -45.13 115.63
CA ALA K 345 9.46 -45.24 115.03
C ALA K 345 9.61 -46.52 114.21
N THR K 346 9.55 -47.67 114.87
CA THR K 346 9.73 -48.91 114.13
C THR K 346 8.47 -49.21 113.32
N ASN K 347 8.63 -50.03 112.29
CA ASN K 347 7.45 -50.51 111.58
C ASN K 347 6.63 -51.44 112.44
N ASP K 348 7.29 -52.16 113.36
CA ASP K 348 6.59 -53.15 114.19
C ASP K 348 5.53 -52.50 115.05
N GLU K 349 5.93 -51.55 115.90
CA GLU K 349 5.05 -50.86 116.86
C GLU K 349 4.00 -51.80 117.45
N ASP K 350 4.49 -52.88 118.07
CA ASP K 350 3.61 -53.88 118.64
C ASP K 350 3.39 -53.68 120.14
N GLU K 351 4.40 -53.18 120.84
CA GLU K 351 4.25 -52.98 122.28
C GLU K 351 3.16 -51.97 122.60
N ALA K 352 3.10 -50.88 121.82
CA ALA K 352 2.05 -49.89 122.04
C ALA K 352 0.68 -50.46 121.73
N TYR K 353 0.57 -51.27 120.68
CA TYR K 353 -0.69 -51.91 120.34
C TYR K 353 -1.16 -52.83 121.47
N TYR K 354 -0.24 -53.61 122.03
CA TYR K 354 -0.64 -54.54 123.08
C TYR K 354 -0.98 -53.81 124.38
N LYS K 355 -0.26 -52.72 124.68
CA LYS K 355 -0.63 -51.90 125.84
C LYS K 355 -2.02 -51.30 125.67
N ALA K 356 -2.31 -50.77 124.47
CA ALA K 356 -3.63 -50.22 124.21
C ALA K 356 -4.71 -51.29 124.27
N LYS K 357 -4.43 -52.49 123.76
CA LYS K 357 -5.39 -53.58 123.83
C LYS K 357 -5.68 -53.96 125.27
N LEU K 358 -4.65 -53.98 126.11
CA LEU K 358 -4.85 -54.24 127.54
C LEU K 358 -5.75 -53.18 128.17
N ASP K 359 -5.46 -51.90 127.91
CA ASP K 359 -6.29 -50.84 128.48
C ASP K 359 -7.73 -50.95 128.00
N PHE K 360 -7.92 -51.25 126.72
CA PHE K 360 -9.26 -51.40 126.16
C PHE K 360 -10.01 -52.55 126.80
N ALA K 361 -9.33 -53.69 127.01
CA ALA K 361 -9.98 -54.83 127.65
C ALA K 361 -10.36 -54.52 129.09
N ILE K 362 -9.48 -53.82 129.82
CA ILE K 362 -9.80 -53.43 131.19
C ILE K 362 -11.04 -52.56 131.22
N GLU K 363 -11.09 -51.57 130.32
CA GLU K 363 -12.25 -50.68 130.27
C GLU K 363 -13.52 -51.44 129.92
N THR K 364 -13.44 -52.37 128.95
CA THR K 364 -14.62 -53.13 128.56
C THR K 364 -15.15 -53.99 129.70
N TYR K 365 -14.24 -54.66 130.43
CA TYR K 365 -14.67 -55.51 131.53
C TYR K 365 -15.27 -54.68 132.66
N ALA K 366 -14.70 -53.51 132.94
CA ALA K 366 -15.30 -52.62 133.94
C ALA K 366 -16.68 -52.14 133.49
N LYS K 367 -16.82 -51.83 132.19
CA LYS K 367 -18.08 -51.33 131.68
C LYS K 367 -19.18 -52.39 131.73
N ILE K 368 -18.82 -53.65 131.56
CA ILE K 368 -19.83 -54.71 131.68
C ILE K 368 -20.50 -54.64 133.05
N LEU K 369 -19.69 -54.57 134.11
CA LEU K 369 -20.25 -54.47 135.46
C LEU K 369 -21.01 -53.18 135.66
N PHE K 370 -20.46 -52.05 135.19
CA PHE K 370 -21.12 -50.77 135.37
C PHE K 370 -22.51 -50.76 134.74
N ASN K 371 -22.59 -51.16 133.47
CA ASN K 371 -23.87 -51.16 132.77
C ASN K 371 -24.83 -52.18 133.35
N GLY K 372 -24.34 -53.37 133.72
CA GLY K 372 -25.21 -54.35 134.32
C GLY K 372 -25.81 -53.88 135.63
N GLU K 373 -25.04 -53.13 136.42
CA GLU K 373 -25.55 -52.71 137.72
C GLU K 373 -26.42 -51.46 137.63
N VAL K 374 -26.19 -50.59 136.65
CA VAL K 374 -26.88 -49.30 136.66
C VAL K 374 -28.27 -49.40 136.04
N TRP K 375 -28.40 -49.92 134.83
CA TRP K 375 -29.68 -49.86 134.13
C TRP K 375 -30.21 -51.17 133.57
N GLN K 376 -29.35 -52.13 133.23
CA GLN K 376 -29.82 -53.33 132.56
C GLN K 376 -30.77 -54.13 133.44
N GLU K 377 -30.43 -54.33 134.69
CA GLU K 377 -31.18 -55.26 135.51
C GLU K 377 -32.43 -54.63 136.11
N PRO K 378 -32.41 -53.36 136.51
CA PRO K 378 -33.67 -52.70 136.84
C PRO K 378 -34.70 -52.76 135.71
N LEU K 379 -34.25 -52.63 134.45
CA LEU K 379 -35.18 -52.76 133.34
C LEU K 379 -35.60 -54.21 133.11
N ALA K 380 -34.66 -55.14 133.23
CA ALA K 380 -34.96 -56.55 133.02
C ALA K 380 -35.98 -57.05 134.02
N TYR K 381 -35.93 -56.54 135.26
CA TYR K 381 -36.89 -56.94 136.28
C TYR K 381 -38.31 -56.57 135.88
N VAL K 382 -38.49 -55.33 135.41
CA VAL K 382 -39.82 -54.88 135.01
C VAL K 382 -40.31 -55.66 133.79
N GLN K 383 -39.41 -55.90 132.82
CA GLN K 383 -39.80 -56.66 131.65
C GLN K 383 -40.17 -58.10 132.02
N ASN K 384 -39.47 -58.68 132.99
CA ASN K 384 -39.84 -60.01 133.47
C ASN K 384 -41.18 -60.01 134.16
N LEU K 385 -41.49 -58.95 134.92
CA LEU K 385 -42.83 -58.81 135.49
C LEU K 385 -43.88 -58.80 134.39
N ASP K 386 -43.65 -58.01 133.35
CA ASP K 386 -44.56 -57.98 132.20
C ASP K 386 -44.77 -59.37 131.61
N ALA K 387 -43.67 -60.05 131.28
CA ALA K 387 -43.76 -61.34 130.61
C ALA K 387 -44.43 -62.37 131.51
N GLY K 388 -44.12 -62.35 132.81
CA GLY K 388 -44.76 -63.26 133.72
C GLY K 388 -46.26 -63.04 133.82
N ALA K 389 -46.68 -61.78 133.84
CA ALA K 389 -48.11 -61.48 133.88
C ALA K 389 -48.82 -62.03 132.63
N ARG K 390 -48.25 -61.76 131.45
CA ARG K 390 -48.88 -62.27 130.24
C ARG K 390 -48.90 -63.80 130.22
N GLN K 391 -47.79 -64.42 130.62
CA GLN K 391 -47.73 -65.88 130.59
C GLN K 391 -48.72 -66.51 131.56
N GLU K 392 -48.86 -65.94 132.77
CA GLU K 392 -49.79 -66.51 133.73
C GLU K 392 -51.22 -66.34 133.25
N ALA K 393 -51.56 -65.20 132.65
CA ALA K 393 -52.90 -65.05 132.07
C ALA K 393 -53.13 -66.09 130.98
N ALA K 394 -52.14 -66.28 130.11
CA ALA K 394 -52.30 -67.18 128.99
C ALA K 394 -52.51 -68.62 129.45
N ASP K 395 -51.65 -69.11 130.34
CA ASP K 395 -51.79 -70.52 130.71
C ASP K 395 -52.95 -70.72 131.68
N ARG K 396 -53.38 -69.67 132.38
CA ARG K 396 -54.62 -69.78 133.14
C ARG K 396 -55.80 -70.00 132.22
N GLU K 397 -55.89 -69.22 131.14
CA GLU K 397 -56.96 -69.43 130.16
C GLU K 397 -56.86 -70.82 129.53
N ALA K 398 -55.64 -71.23 129.18
CA ALA K 398 -55.46 -72.54 128.56
C ALA K 398 -55.86 -73.66 129.51
N ALA K 399 -55.49 -73.56 130.78
CA ALA K 399 -55.85 -74.58 131.75
C ALA K 399 -57.35 -74.63 131.96
N ARG K 400 -58.00 -73.47 132.01
CA ARG K 400 -59.46 -73.46 132.13
C ARG K 400 -60.12 -74.16 130.95
N ALA K 401 -59.67 -73.84 129.73
CA ALA K 401 -60.23 -74.49 128.55
C ALA K 401 -59.98 -75.99 128.56
N ALA K 402 -58.77 -76.40 128.93
CA ALA K 402 -58.44 -77.82 128.98
C ALA K 402 -59.29 -78.56 130.00
N ASP K 403 -59.49 -77.97 131.17
CA ASP K 403 -60.32 -78.61 132.18
C ASP K 403 -61.76 -78.73 131.70
N GLU K 404 -62.30 -77.69 131.07
CA GLU K 404 -63.66 -77.76 130.57
C GLU K 404 -63.80 -78.85 129.52
N ALA K 405 -62.85 -78.92 128.58
CA ALA K 405 -62.90 -79.93 127.54
C ALA K 405 -62.78 -81.33 128.12
N TYR K 406 -61.91 -81.51 129.11
CA TYR K 406 -61.72 -82.82 129.72
C TYR K 406 -62.98 -83.27 130.44
N ARG K 407 -63.61 -82.35 131.19
CA ARG K 407 -64.86 -82.69 131.86
C ARG K 407 -65.95 -83.05 130.86
N ALA K 408 -66.07 -82.27 129.79
CA ALA K 408 -67.08 -82.56 128.78
C ALA K 408 -66.84 -83.92 128.12
N GLU K 409 -65.58 -84.23 127.81
CA GLU K 409 -65.24 -85.51 127.23
C GLU K 409 -65.62 -86.66 128.16
N GLN K 410 -65.25 -86.56 129.44
CA GLN K 410 -65.59 -87.61 130.39
C GLN K 410 -67.09 -87.79 130.50
N LEU K 411 -67.83 -86.68 130.62
CA LEU K 411 -69.27 -86.79 130.78
C LEU K 411 -69.93 -87.40 129.54
N ARG K 412 -69.48 -86.99 128.35
CA ARG K 412 -70.09 -87.52 127.13
C ARG K 412 -69.75 -88.99 126.96
N ILE K 413 -68.53 -89.41 127.30
CA ILE K 413 -68.18 -90.82 127.19
C ILE K 413 -69.00 -91.65 128.17
N ALA K 414 -69.15 -91.17 129.41
CA ALA K 414 -69.92 -91.92 130.40
C ALA K 414 -71.37 -92.04 129.98
N GLN K 415 -71.98 -90.93 129.54
CA GLN K 415 -73.37 -90.98 129.12
C GLN K 415 -73.56 -91.86 127.89
N GLU K 416 -72.62 -91.81 126.94
CA GLU K 416 -72.78 -92.59 125.73
C GLU K 416 -72.65 -94.08 126.04
N ALA K 417 -71.73 -94.43 126.93
CA ALA K 417 -71.67 -95.81 127.42
C ALA K 417 -72.94 -96.18 128.17
N ALA K 418 -73.55 -95.21 128.85
CA ALA K 418 -74.82 -95.47 129.53
C ALA K 418 -75.90 -95.85 128.53
N ASP K 419 -76.00 -95.11 127.42
CA ASP K 419 -76.94 -95.51 126.36
C ASP K 419 -76.56 -96.84 125.72
N ALA K 420 -75.27 -97.18 125.66
CA ALA K 420 -74.90 -98.52 125.22
C ALA K 420 -75.47 -99.59 126.15
N GLN K 421 -75.33 -99.38 127.45
CA GLN K 421 -75.95 -100.28 128.42
C GLN K 421 -77.46 -100.29 128.26
N LYS K 422 -78.02 -99.14 127.88
CA LYS K 422 -79.46 -99.05 127.64
C LYS K 422 -79.87 -99.94 126.49
N ALA K 423 -79.08 -99.94 125.41
CA ALA K 423 -79.32 -100.84 124.29
C ALA K 423 -79.24 -102.29 124.72
N ILE K 424 -78.25 -102.62 125.55
CA ILE K 424 -78.16 -103.98 126.10
C ILE K 424 -79.44 -104.33 126.84
N ALA K 425 -79.89 -103.42 127.71
CA ALA K 425 -81.06 -103.70 128.54
C ALA K 425 -82.31 -103.91 127.68
N GLU K 426 -82.54 -103.03 126.71
CA GLU K 426 -83.72 -103.18 125.87
C GLU K 426 -83.64 -104.44 125.00
N ALA K 427 -82.44 -104.79 124.53
CA ALA K 427 -82.30 -105.97 123.69
C ALA K 427 -82.64 -107.24 124.47
N LEU K 428 -82.00 -107.42 125.62
CA LEU K 428 -82.28 -108.64 126.39
C LEU K 428 -83.61 -108.59 127.13
N ALA K 429 -84.25 -107.42 127.20
CA ALA K 429 -85.65 -107.40 127.62
C ALA K 429 -86.57 -107.83 126.49
N LYS K 430 -86.24 -107.48 125.24
CA LYS K 430 -87.09 -107.82 124.11
C LYS K 430 -86.95 -109.29 123.73
N GLU K 431 -85.75 -109.87 123.89
CA GLU K 431 -85.56 -111.27 123.54
C GLU K 431 -86.46 -112.17 124.37
N ALA K 432 -86.61 -111.88 125.65
CA ALA K 432 -87.49 -112.65 126.51
C ALA K 432 -88.68 -111.81 126.97
N GLU L 1 -72.39 -49.83 140.56
CA GLU L 1 -71.42 -50.83 140.12
C GLU L 1 -70.01 -50.36 140.43
N THR L 2 -69.02 -50.99 139.80
CA THR L 2 -67.63 -50.62 140.01
C THR L 2 -67.35 -49.25 139.38
N ASN L 3 -66.11 -48.82 139.45
CA ASN L 3 -65.72 -47.56 138.83
C ASN L 3 -64.66 -47.81 137.75
N PRO L 4 -65.03 -48.25 136.54
CA PRO L 4 -64.00 -48.56 135.52
C PRO L 4 -63.56 -47.35 134.70
N THR L 5 -63.85 -46.14 135.14
CA THR L 5 -63.64 -44.98 134.29
C THR L 5 -62.18 -44.79 133.89
N PHE L 6 -61.24 -45.01 134.80
CA PHE L 6 -59.85 -44.73 134.47
C PHE L 6 -58.94 -45.95 134.46
N ASN L 7 -59.52 -47.01 133.97
CA ASN L 7 -58.69 -48.18 133.83
C ASN L 7 -59.55 -49.26 133.26
N ILE L 8 -58.96 -50.26 132.66
CA ILE L 8 -59.66 -51.50 132.26
C ILE L 8 -60.37 -51.23 130.96
N THR L 9 -60.21 -50.03 130.50
CA THR L 9 -61.05 -49.67 129.35
C THR L 9 -60.28 -49.85 128.08
N ASN L 10 -60.97 -49.76 126.94
CA ASN L 10 -60.14 -49.75 125.74
C ASN L 10 -59.03 -48.75 125.92
N GLY L 11 -57.78 -49.24 125.86
CA GLY L 11 -56.65 -48.43 126.28
C GLY L 11 -56.61 -47.08 125.61
N PHE L 12 -57.02 -47.01 124.34
CA PHE L 12 -57.13 -45.75 123.63
C PHE L 12 -58.59 -45.51 123.29
N ASN L 13 -59.21 -44.56 123.97
CA ASN L 13 -60.65 -44.34 123.91
C ASN L 13 -60.93 -42.92 123.45
N ASP L 14 -61.99 -42.76 122.65
CA ASP L 14 -62.38 -41.43 122.19
C ASP L 14 -63.04 -40.63 123.30
N ALA L 15 -63.51 -41.30 124.34
CA ALA L 15 -64.27 -40.64 125.40
C ALA L 15 -63.41 -39.68 126.21
N ASP L 16 -62.09 -39.86 126.23
CA ASP L 16 -61.22 -39.01 127.02
C ASP L 16 -60.31 -38.14 126.17
N GLY L 17 -60.21 -38.38 124.87
CA GLY L 17 -59.25 -37.70 124.04
C GLY L 17 -57.92 -38.40 123.93
N SER L 18 -57.88 -39.71 124.13
CA SER L 18 -56.66 -40.49 124.06
C SER L 18 -56.49 -41.22 122.73
N THR L 19 -57.57 -41.39 121.97
CA THR L 19 -57.46 -42.04 120.68
C THR L 19 -56.89 -41.08 119.63
N ILE L 20 -56.51 -41.66 118.48
CA ILE L 20 -55.96 -40.89 117.38
C ILE L 20 -57.12 -40.33 116.54
N GLN L 21 -56.87 -39.24 115.83
CA GLN L 21 -57.91 -38.58 115.04
C GLN L 21 -57.36 -38.14 113.70
N PRO L 22 -57.76 -38.77 112.60
CA PRO L 22 -57.36 -38.29 111.26
C PRO L 22 -58.02 -36.94 110.98
N VAL L 23 -57.25 -36.01 110.42
CA VAL L 23 -57.72 -34.66 110.15
C VAL L 23 -57.47 -34.31 108.70
N GLY L 24 -58.48 -33.77 108.03
CA GLY L 24 -58.31 -33.08 106.78
C GLY L 24 -58.35 -31.59 107.03
N PRO L 25 -58.20 -30.78 105.99
CA PRO L 25 -58.32 -29.34 106.18
C PRO L 25 -59.76 -28.86 106.07
N VAL L 26 -60.32 -28.35 107.17
CA VAL L 26 -61.64 -27.76 107.21
C VAL L 26 -61.55 -26.44 107.96
N ASN L 27 -62.17 -25.40 107.43
CA ASN L 27 -62.04 -24.06 107.99
C ASN L 27 -63.10 -23.84 109.06
N HIS L 28 -62.66 -23.80 110.32
CA HIS L 28 -63.48 -23.34 111.43
C HIS L 28 -62.91 -22.02 111.90
N THR L 29 -63.74 -20.98 111.91
CA THR L 29 -63.27 -19.63 112.14
C THR L 29 -62.78 -19.46 113.57
N GLU L 30 -61.98 -18.41 113.78
CA GLU L 30 -61.51 -18.09 115.13
C GLU L 30 -62.68 -17.85 116.08
N GLU L 31 -63.75 -17.21 115.58
CA GLU L 31 -64.93 -17.00 116.40
C GLU L 31 -65.59 -18.32 116.78
N THR L 32 -65.69 -19.26 115.84
CA THR L 32 -66.29 -20.55 116.16
C THR L 32 -65.49 -21.30 117.21
N LEU L 33 -64.16 -21.28 117.09
CA LEU L 33 -63.32 -21.94 118.09
C LEU L 33 -63.43 -21.24 119.45
N ARG L 34 -63.47 -19.91 119.46
CA ARG L 34 -63.61 -19.21 120.73
C ARG L 34 -64.95 -19.54 121.39
N ASP L 35 -66.02 -19.63 120.60
CA ASP L 35 -67.31 -20.03 121.15
C ASP L 35 -67.25 -21.45 121.73
N LEU L 36 -66.64 -22.37 120.99
CA LEU L 36 -66.57 -23.75 121.45
C LEU L 36 -65.76 -23.87 122.73
N THR L 37 -64.67 -23.09 122.84
CA THR L 37 -63.87 -23.14 124.07
C THR L 37 -64.58 -22.46 125.24
N ASP L 38 -65.25 -21.34 124.99
CA ASP L 38 -65.96 -20.66 126.06
C ASP L 38 -67.15 -21.48 126.55
N SER L 39 -67.69 -22.36 125.70
CA SER L 39 -68.77 -23.25 126.14
C SER L 39 -68.33 -24.13 127.31
N THR L 40 -67.11 -24.68 127.24
CA THR L 40 -66.59 -25.47 128.34
C THR L 40 -65.99 -24.59 129.43
N GLY L 41 -65.49 -23.41 129.07
CA GLY L 41 -64.99 -22.49 130.07
C GLY L 41 -66.08 -22.05 131.04
N ALA L 42 -67.32 -21.94 130.55
CA ALA L 42 -68.44 -21.64 131.43
C ALA L 42 -68.60 -22.72 132.50
N TYR L 43 -68.47 -24.00 132.10
CA TYR L 43 -68.59 -25.08 133.06
C TYR L 43 -67.43 -25.08 134.05
N LEU L 44 -66.23 -24.77 133.58
CA LEU L 44 -65.05 -24.80 134.42
C LEU L 44 -64.83 -23.52 135.24
N GLU L 45 -65.65 -22.49 135.02
CA GLU L 45 -65.42 -21.21 135.69
C GLU L 45 -65.47 -21.34 137.20
N GLU L 46 -66.41 -22.13 137.72
CA GLU L 46 -66.55 -22.25 139.17
C GLU L 46 -65.31 -22.86 139.80
N PHE L 47 -64.74 -23.89 139.17
CA PHE L 47 -63.47 -24.43 139.63
C PHE L 47 -62.35 -23.40 139.48
N GLN L 48 -62.36 -22.64 138.38
CA GLN L 48 -61.22 -21.81 138.04
C GLN L 48 -61.01 -20.69 139.05
N ASN L 49 -62.07 -19.95 139.37
CA ASN L 49 -61.93 -18.76 140.19
C ASN L 49 -62.97 -18.65 141.30
N GLY L 50 -63.80 -19.66 141.49
CA GLY L 50 -64.82 -19.63 142.52
C GLY L 50 -64.27 -20.00 143.88
N THR L 51 -65.18 -20.03 144.85
CA THR L 51 -64.87 -20.50 146.19
C THR L 51 -65.65 -21.79 146.46
N VAL L 52 -65.42 -22.36 147.64
CA VAL L 52 -65.95 -23.67 147.96
C VAL L 52 -67.47 -23.68 147.87
N GLU L 53 -68.12 -22.64 148.39
CA GLU L 53 -69.58 -22.56 148.34
C GLU L 53 -70.08 -22.55 146.89
N GLU L 54 -69.42 -21.77 146.03
CA GLU L 54 -69.81 -21.76 144.62
C GLU L 54 -69.62 -23.12 143.98
N ILE L 55 -68.53 -23.81 144.33
CA ILE L 55 -68.27 -25.12 143.74
C ILE L 55 -69.36 -26.11 144.13
N VAL L 56 -69.71 -26.16 145.42
CA VAL L 56 -70.75 -27.11 145.83
C VAL L 56 -72.10 -26.71 145.26
N GLU L 57 -72.33 -25.40 145.11
CA GLU L 57 -73.59 -24.92 144.52
C GLU L 57 -73.73 -25.38 143.07
N ALA L 58 -72.70 -25.16 142.26
CA ALA L 58 -72.86 -25.30 140.81
C ALA L 58 -72.94 -26.76 140.39
N TYR L 59 -72.05 -27.61 140.91
CA TYR L 59 -71.91 -28.95 140.35
C TYR L 59 -72.86 -29.95 141.00
N LEU L 60 -73.19 -29.73 142.27
CA LEU L 60 -74.28 -30.44 142.93
C LEU L 60 -75.41 -29.45 143.14
N GLN L 61 -76.57 -29.74 142.55
CA GLN L 61 -77.70 -28.83 142.57
C GLN L 61 -78.28 -28.81 143.98
N VAL L 62 -77.80 -27.89 144.81
CA VAL L 62 -78.28 -27.79 146.18
C VAL L 62 -79.72 -27.25 146.22
N GLN L 63 -79.98 -26.18 145.46
CA GLN L 63 -81.31 -25.58 145.50
C GLN L 63 -82.32 -26.41 144.74
N ALA L 64 -81.90 -27.11 143.68
CA ALA L 64 -82.82 -27.93 142.91
C ALA L 64 -83.18 -29.24 143.59
N SER L 65 -82.51 -29.58 144.70
CA SER L 65 -82.84 -30.79 145.43
C SER L 65 -84.17 -30.63 146.15
N ALA L 66 -84.73 -31.75 146.60
CA ALA L 66 -85.99 -31.73 147.30
C ALA L 66 -85.94 -30.79 148.50
N ASP L 67 -86.99 -29.99 148.67
CA ASP L 67 -86.99 -28.94 149.68
C ASP L 67 -86.91 -29.55 151.08
N GLY L 68 -85.96 -29.07 151.86
CA GLY L 68 -85.60 -29.69 153.11
C GLY L 68 -84.45 -30.64 152.82
N PHE L 69 -83.24 -30.26 153.20
CA PHE L 69 -82.08 -31.01 152.74
C PHE L 69 -82.08 -32.43 153.29
N ASP L 70 -81.98 -33.39 152.39
CA ASP L 70 -81.85 -34.78 152.80
C ASP L 70 -80.42 -35.04 153.26
N PRO L 71 -80.17 -35.21 154.56
CA PRO L 71 -78.82 -35.54 155.03
C PRO L 71 -78.44 -37.00 154.81
N SER L 72 -79.27 -37.76 154.09
CA SER L 72 -78.98 -39.14 153.76
C SER L 72 -77.72 -39.26 152.91
N GLU L 73 -76.98 -40.34 153.10
CA GLU L 73 -75.82 -40.59 152.27
C GLU L 73 -76.23 -40.99 150.85
N GLN L 74 -77.43 -41.54 150.69
CA GLN L 74 -77.93 -41.84 149.35
C GLN L 74 -78.10 -40.57 148.53
N ALA L 75 -78.55 -39.48 149.16
CA ALA L 75 -78.69 -38.21 148.47
C ALA L 75 -77.34 -37.72 147.96
N ALA L 76 -76.31 -37.80 148.80
CA ALA L 76 -74.96 -37.44 148.36
C ALA L 76 -74.49 -38.32 147.23
N TYR L 77 -74.78 -39.63 147.31
CA TYR L 77 -74.39 -40.54 146.24
C TYR L 77 -75.01 -40.15 144.91
N GLU L 78 -76.32 -39.86 144.91
CA GLU L 78 -76.99 -39.46 143.67
C GLU L 78 -76.47 -38.13 143.14
N ALA L 79 -76.22 -37.18 144.05
CA ALA L 79 -75.69 -35.88 143.61
C ALA L 79 -74.33 -36.03 142.96
N PHE L 80 -73.44 -36.81 143.57
CA PHE L 80 -72.11 -36.99 143.00
C PHE L 80 -72.17 -37.79 141.71
N GLU L 81 -73.10 -38.75 141.61
CA GLU L 81 -73.27 -39.48 140.35
C GLU L 81 -73.72 -38.56 139.23
N ALA L 82 -74.66 -37.66 139.51
CA ALA L 82 -75.10 -36.71 138.50
C ALA L 82 -73.96 -35.79 138.07
N ALA L 83 -73.17 -35.32 139.03
CA ALA L 83 -72.01 -34.49 138.69
C ALA L 83 -71.03 -35.27 137.81
N ARG L 84 -70.83 -36.55 138.11
CA ARG L 84 -69.95 -37.37 137.30
C ARG L 84 -70.46 -37.50 135.88
N VAL L 85 -71.76 -37.73 135.70
CA VAL L 85 -72.30 -37.87 134.34
C VAL L 85 -72.13 -36.57 133.57
N ARG L 86 -72.39 -35.43 134.22
CA ARG L 86 -72.23 -34.15 133.55
C ARG L 86 -70.78 -33.93 133.12
N ALA L 87 -69.82 -34.21 134.01
CA ALA L 87 -68.42 -34.06 133.65
C ALA L 87 -68.03 -35.03 132.53
N SER L 88 -68.62 -36.23 132.54
CA SER L 88 -68.32 -37.22 131.51
C SER L 88 -68.75 -36.73 130.13
N GLN L 89 -69.93 -36.10 130.05
CA GLN L 89 -70.36 -35.56 128.77
C GLN L 89 -69.48 -34.37 128.34
N GLU L 90 -69.12 -33.51 129.30
CA GLU L 90 -68.25 -32.39 128.97
C GLU L 90 -66.90 -32.86 128.45
N LEU L 91 -66.42 -34.00 128.95
CA LEU L 91 -65.14 -34.54 128.49
C LEU L 91 -65.20 -34.91 127.01
N ALA L 92 -66.27 -35.59 126.58
CA ALA L 92 -66.41 -35.92 125.17
C ALA L 92 -66.54 -34.66 124.31
N ALA L 93 -67.25 -33.66 124.83
CA ALA L 93 -67.34 -32.39 124.11
C ALA L 93 -65.96 -31.78 123.89
N SER L 94 -65.13 -31.74 124.94
CA SER L 94 -63.78 -31.19 124.77
C SER L 94 -62.93 -32.05 123.84
N ALA L 95 -63.16 -33.37 123.86
CA ALA L 95 -62.44 -34.24 122.93
C ALA L 95 -62.74 -33.87 121.48
N GLU L 96 -64.00 -33.59 121.16
CA GLU L 96 -64.33 -33.18 119.79
C GLU L 96 -63.81 -31.77 119.49
N THR L 97 -63.80 -30.90 120.50
CA THR L 97 -63.23 -29.57 120.31
C THR L 97 -61.76 -29.65 119.92
N ILE L 98 -61.03 -30.60 120.50
CA ILE L 98 -59.63 -30.81 120.13
C ILE L 98 -59.51 -31.08 118.62
N THR L 99 -60.33 -32.00 118.11
CA THR L 99 -60.25 -32.38 116.70
C THR L 99 -60.58 -31.19 115.81
N LYS L 100 -61.61 -30.42 116.17
CA LYS L 100 -61.98 -29.28 115.33
C LYS L 100 -60.89 -28.21 115.30
N THR L 101 -60.29 -27.92 116.47
CA THR L 101 -59.22 -26.93 116.50
C THR L 101 -58.00 -27.41 115.72
N ARG L 102 -57.76 -28.73 115.69
CA ARG L 102 -56.69 -29.26 114.86
C ARG L 102 -56.98 -29.07 113.38
N GLU L 103 -58.22 -29.36 112.96
CA GLU L 103 -58.60 -29.22 111.56
C GLU L 103 -58.46 -27.78 111.09
N SER L 104 -58.79 -26.83 111.96
CA SER L 104 -58.68 -25.41 111.62
C SER L 104 -57.23 -25.03 111.31
N VAL L 105 -56.28 -25.45 112.15
CA VAL L 105 -54.88 -25.16 111.90
C VAL L 105 -54.41 -25.84 110.62
N ALA L 106 -54.92 -27.05 110.37
CA ALA L 106 -54.57 -27.74 109.12
C ALA L 106 -54.96 -26.94 107.90
N TYR L 107 -56.16 -26.33 107.92
CA TYR L 107 -56.57 -25.49 106.81
C TYR L 107 -55.71 -24.23 106.70
N ALA L 108 -55.47 -23.56 107.83
CA ALA L 108 -54.78 -22.28 107.80
C ALA L 108 -53.36 -22.42 107.27
N LEU L 109 -52.61 -23.41 107.74
CA LEU L 109 -51.24 -23.54 107.28
C LEU L 109 -51.18 -23.96 105.81
N LYS L 110 -52.13 -24.78 105.36
CA LYS L 110 -52.15 -25.17 103.96
C LYS L 110 -52.32 -23.97 103.05
N VAL L 111 -53.29 -23.10 103.36
CA VAL L 111 -53.47 -21.93 102.50
C VAL L 111 -52.28 -21.00 102.61
N ASP L 112 -51.64 -20.95 103.78
CA ASP L 112 -50.47 -20.10 103.94
C ASP L 112 -49.30 -20.57 103.06
N GLN L 113 -49.03 -21.87 103.05
CA GLN L 113 -47.97 -22.41 102.20
C GLN L 113 -48.29 -22.18 100.72
N GLU L 114 -49.55 -22.36 100.33
CA GLU L 114 -49.91 -22.10 98.93
C GLU L 114 -49.64 -20.64 98.57
N ALA L 115 -49.97 -19.71 99.46
CA ALA L 115 -49.71 -18.30 99.19
C ALA L 115 -48.22 -18.02 99.04
N THR L 116 -47.41 -18.59 99.93
CA THR L 116 -45.96 -18.37 99.83
C THR L 116 -45.42 -18.92 98.50
N ALA L 117 -45.87 -20.10 98.10
CA ALA L 117 -45.42 -20.68 96.84
C ALA L 117 -45.79 -19.81 95.65
N ALA L 118 -47.04 -19.32 95.65
CA ALA L 118 -47.47 -18.47 94.54
C ALA L 118 -46.69 -17.17 94.47
N PHE L 119 -46.44 -16.54 95.63
CA PHE L 119 -45.66 -15.30 95.63
C PHE L 119 -44.25 -15.56 95.11
N GLU L 120 -43.64 -16.67 95.54
CA GLU L 120 -42.30 -16.99 95.05
C GLU L 120 -42.29 -17.16 93.54
N ALA L 121 -43.26 -17.91 93.00
CA ALA L 121 -43.28 -18.15 91.56
C ALA L 121 -43.45 -16.85 90.79
N TYR L 122 -44.35 -15.98 91.26
CA TYR L 122 -44.65 -14.77 90.50
C TYR L 122 -43.50 -13.75 90.61
N ARG L 123 -42.86 -13.66 91.77
CA ARG L 123 -41.67 -12.81 91.88
C ARG L 123 -40.54 -13.35 91.04
N ASN L 124 -40.39 -14.67 90.95
CA ASN L 124 -39.36 -15.25 90.10
C ASN L 124 -39.60 -14.92 88.64
N ALA L 125 -40.86 -15.00 88.19
CA ALA L 125 -41.18 -14.62 86.82
C ALA L 125 -40.87 -13.16 86.56
N LEU L 126 -41.22 -12.28 87.51
CA LEU L 126 -40.91 -10.86 87.33
C LEU L 126 -39.41 -10.62 87.27
N ARG L 127 -38.65 -11.30 88.11
CA ARG L 127 -37.20 -11.16 88.08
C ARG L 127 -36.63 -11.65 86.75
N ASP L 128 -37.13 -12.78 86.26
CA ASP L 128 -36.65 -13.34 84.99
C ASP L 128 -37.02 -12.43 83.82
N ALA L 129 -38.09 -11.65 83.98
CA ALA L 129 -38.50 -10.74 82.91
C ALA L 129 -37.42 -9.72 82.58
N ALA L 130 -36.81 -9.11 83.60
CA ALA L 130 -35.87 -8.04 83.35
C ALA L 130 -34.58 -8.57 82.71
N ILE L 131 -33.89 -9.47 83.40
CA ILE L 131 -32.66 -10.06 82.88
C ILE L 131 -32.80 -11.58 82.90
N SER L 132 -33.15 -12.15 81.76
CA SER L 132 -33.35 -13.60 81.68
C SER L 132 -32.01 -14.33 81.73
N ILE L 133 -32.01 -15.51 82.34
CA ILE L 133 -30.82 -16.34 82.48
C ILE L 133 -31.12 -17.71 81.88
N ASN L 134 -30.19 -18.19 81.04
CA ASN L 134 -30.36 -19.46 80.36
C ASN L 134 -30.26 -20.61 81.36
N PRO L 135 -30.75 -21.80 80.99
CA PRO L 135 -30.57 -22.96 81.89
C PRO L 135 -29.12 -23.23 82.22
N ASP L 136 -28.20 -22.96 81.30
CA ASP L 136 -26.78 -23.13 81.57
C ASP L 136 -26.23 -22.09 82.53
N GLY L 137 -26.93 -20.98 82.74
CA GLY L 137 -26.50 -19.95 83.64
C GLY L 137 -25.95 -18.70 83.00
N SER L 138 -26.37 -18.37 81.79
CA SER L 138 -25.88 -17.20 81.07
C SER L 138 -27.06 -16.31 80.67
N ILE L 139 -26.77 -15.02 80.54
CA ILE L 139 -27.80 -14.07 80.12
C ILE L 139 -28.19 -14.34 78.68
N ASN L 140 -29.49 -14.22 78.40
CA ASN L 140 -30.01 -14.45 77.06
C ASN L 140 -30.53 -13.13 76.50
N PRO L 141 -29.75 -12.40 75.71
CA PRO L 141 -30.24 -11.12 75.17
C PRO L 141 -31.44 -11.25 74.27
N ASP L 142 -31.70 -12.44 73.72
CA ASP L 142 -32.87 -12.63 72.87
C ASP L 142 -34.15 -12.39 73.67
N THR L 143 -34.21 -12.93 74.88
CA THR L 143 -35.40 -12.84 75.71
C THR L 143 -35.20 -12.04 76.99
N SER L 144 -34.39 -10.98 76.94
CA SER L 144 -34.14 -10.13 78.11
C SER L 144 -34.68 -8.74 77.83
N ILE L 145 -35.46 -8.20 78.77
CA ILE L 145 -36.12 -6.91 78.54
C ILE L 145 -35.12 -5.77 78.51
N ASN L 146 -34.22 -5.70 79.48
CA ASN L 146 -33.34 -4.54 79.60
C ASN L 146 -32.36 -4.45 78.44
N LEU L 147 -31.85 -5.59 77.99
CA LEU L 147 -30.93 -5.58 76.85
C LEU L 147 -31.63 -5.11 75.57
N LEU L 148 -32.85 -5.60 75.33
CA LEU L 148 -33.62 -5.12 74.18
C LEU L 148 -33.95 -3.64 74.32
N ILE L 149 -34.23 -3.19 75.54
CA ILE L 149 -34.50 -1.78 75.80
C ILE L 149 -33.29 -0.94 75.39
N ASP L 150 -32.10 -1.35 75.82
CA ASP L 150 -30.91 -0.57 75.51
C ASP L 150 -30.58 -0.65 74.02
N ALA L 151 -30.86 -1.79 73.39
CA ALA L 151 -30.66 -1.91 71.95
C ALA L 151 -31.55 -0.93 71.20
N ALA L 152 -32.82 -0.84 71.59
CA ALA L 152 -33.73 0.12 70.96
C ALA L 152 -33.34 1.55 71.29
N ASN L 153 -32.82 1.77 72.50
CA ASN L 153 -32.44 3.12 72.92
C ASN L 153 -31.26 3.63 72.13
N ALA L 154 -30.30 2.76 71.82
CA ALA L 154 -29.14 3.14 71.04
C ALA L 154 -29.41 3.18 69.55
N ALA L 155 -30.53 2.61 69.10
CA ALA L 155 -30.83 2.49 67.68
C ALA L 155 -31.74 3.61 67.17
N ASN L 156 -31.95 4.66 67.95
CA ASN L 156 -32.75 5.80 67.53
C ASN L 156 -31.88 7.04 67.35
N ARG L 157 -32.32 7.95 66.49
CA ARG L 157 -31.59 9.16 66.19
C ARG L 157 -32.40 10.41 66.45
N THR L 158 -33.64 10.27 66.93
CA THR L 158 -34.54 11.39 67.13
C THR L 158 -34.08 12.26 68.29
N ASP L 159 -34.66 13.45 68.41
CA ASP L 159 -34.26 14.41 69.44
C ASP L 159 -35.24 14.31 70.62
N ARG L 160 -35.60 13.09 71.02
CA ARG L 160 -36.24 12.83 72.30
C ARG L 160 -37.63 13.44 72.43
N ALA L 161 -38.09 14.18 71.43
CA ALA L 161 -39.32 14.94 71.59
C ALA L 161 -40.54 14.03 71.68
N GLU L 162 -40.64 13.07 70.78
CA GLU L 162 -41.82 12.22 70.70
C GLU L 162 -41.53 10.74 70.92
N ILE L 163 -40.34 10.26 70.56
CA ILE L 163 -39.90 8.92 70.89
C ILE L 163 -38.76 9.07 71.89
N GLU L 164 -38.99 8.65 73.12
CA GLU L 164 -38.11 8.96 74.23
C GLU L 164 -37.33 7.72 74.65
N ASP L 165 -36.30 7.95 75.45
CA ASP L 165 -35.53 6.84 76.00
C ASP L 165 -36.37 6.07 77.01
N TYR L 166 -36.40 4.75 76.85
CA TYR L 166 -37.12 3.91 77.79
C TYR L 166 -36.28 3.69 79.04
N ALA L 167 -36.82 4.05 80.20
CA ALA L 167 -36.13 3.82 81.46
C ALA L 167 -36.06 2.33 81.76
N HIS L 168 -35.03 1.94 82.50
CA HIS L 168 -34.80 0.54 82.80
C HIS L 168 -35.88 0.02 83.75
N LEU L 169 -36.10 -1.30 83.70
CA LEU L 169 -37.26 -1.88 84.36
C LEU L 169 -37.20 -1.69 85.88
N TYR L 170 -38.39 -1.49 86.46
CA TYR L 170 -38.58 -1.42 87.90
C TYR L 170 -37.79 -0.26 88.51
N THR L 171 -38.16 0.96 88.13
CA THR L 171 -37.59 2.14 88.76
C THR L 171 -38.21 2.39 90.13
N GLN L 172 -39.44 1.92 90.34
CA GLN L 172 -40.11 2.14 91.62
C GLN L 172 -39.49 1.27 92.71
N THR L 173 -39.27 -0.01 92.42
CA THR L 173 -38.84 -0.96 93.43
C THR L 173 -37.53 -1.63 93.00
N ASP L 174 -36.85 -2.21 93.99
CA ASP L 174 -35.65 -3.00 93.76
C ASP L 174 -36.04 -4.47 93.81
N ILE L 175 -36.16 -5.09 92.63
CA ILE L 175 -36.61 -6.48 92.56
C ILE L 175 -35.52 -7.45 93.01
N ALA L 176 -34.30 -6.97 93.21
CA ALA L 176 -33.25 -7.83 93.73
C ALA L 176 -33.50 -8.19 95.18
N LEU L 177 -34.25 -7.35 95.89
CA LEU L 177 -34.53 -7.60 97.31
C LEU L 177 -35.40 -8.84 97.46
N GLU L 178 -35.37 -9.41 98.67
CA GLU L 178 -36.11 -10.63 98.94
C GLU L 178 -37.61 -10.40 98.77
N THR L 179 -38.15 -9.39 99.44
CA THR L 179 -39.58 -9.10 99.38
C THR L 179 -39.82 -7.72 98.80
N PRO L 180 -39.98 -7.59 97.48
CA PRO L 180 -40.27 -6.28 96.89
C PRO L 180 -41.76 -6.05 96.68
N GLN L 181 -42.13 -4.82 96.34
CA GLN L 181 -43.52 -4.48 96.05
C GLN L 181 -43.80 -4.81 94.59
N LEU L 182 -44.38 -5.98 94.35
CA LEU L 182 -44.46 -6.51 92.99
C LEU L 182 -45.54 -5.81 92.18
N ALA L 183 -46.52 -5.20 92.85
CA ALA L 183 -47.52 -4.42 92.13
C ALA L 183 -46.87 -3.25 91.40
N TYR L 184 -45.90 -2.59 92.04
CA TYR L 184 -45.18 -1.51 91.40
C TYR L 184 -44.45 -2.01 90.15
N ALA L 185 -43.84 -3.18 90.24
CA ALA L 185 -43.11 -3.75 89.10
C ALA L 185 -44.05 -4.07 87.95
N PHE L 186 -45.20 -4.68 88.24
CA PHE L 186 -46.16 -4.96 87.18
C PHE L 186 -46.70 -3.67 86.57
N GLN L 187 -46.92 -2.65 87.39
CA GLN L 187 -47.32 -1.35 86.87
C GLN L 187 -46.28 -0.81 85.89
N ASP L 188 -45.00 -0.89 86.25
CA ASP L 188 -43.95 -0.40 85.37
C ASP L 188 -43.89 -1.20 84.06
N LEU L 189 -44.07 -2.51 84.15
CA LEU L 189 -44.05 -3.34 82.94
C LEU L 189 -45.21 -2.99 82.01
N LYS L 190 -46.41 -2.80 82.57
CA LYS L 190 -47.55 -2.41 81.73
C LYS L 190 -47.35 -1.03 81.15
N ALA L 191 -46.74 -0.12 81.91
CA ALA L 191 -46.44 1.21 81.39
C ALA L 191 -45.48 1.12 80.20
N LEU L 192 -44.48 0.25 80.30
CA LEU L 192 -43.56 0.06 79.18
C LEU L 192 -44.28 -0.48 77.95
N GLN L 193 -45.15 -1.47 78.14
CA GLN L 193 -45.89 -2.02 77.00
C GLN L 193 -46.73 -0.94 76.33
N ALA L 194 -47.43 -0.13 77.13
CA ALA L 194 -48.25 0.94 76.59
C ALA L 194 -47.40 1.98 75.86
N GLU L 195 -46.25 2.34 76.44
CA GLU L 195 -45.40 3.36 75.82
C GLU L 195 -44.86 2.88 74.48
N VAL L 196 -44.47 1.60 74.40
CA VAL L 196 -43.99 1.06 73.13
C VAL L 196 -45.10 1.09 72.09
N ASP L 197 -46.30 0.63 72.45
CA ASP L 197 -47.39 0.63 71.49
C ASP L 197 -47.76 2.06 71.08
N ALA L 198 -47.55 3.03 71.98
CA ALA L 198 -47.88 4.42 71.64
C ALA L 198 -46.85 5.01 70.69
N ASP L 199 -45.56 4.72 70.91
CA ASP L 199 -44.53 5.24 70.02
C ASP L 199 -44.57 4.54 68.66
N PHE L 200 -45.24 3.38 68.58
CA PHE L 200 -45.40 2.70 67.31
C PHE L 200 -45.97 3.62 66.23
N GLU L 201 -47.00 4.40 66.57
CA GLU L 201 -47.64 5.23 65.55
C GLU L 201 -46.80 6.44 65.18
N TRP L 202 -45.97 6.92 66.11
CA TRP L 202 -45.04 7.98 65.77
C TRP L 202 -43.88 7.45 64.92
N LEU L 203 -43.65 6.14 64.98
CA LEU L 203 -42.71 5.52 64.05
C LEU L 203 -43.27 5.47 62.64
N GLY L 204 -44.59 5.46 62.50
CA GLY L 204 -45.26 5.39 61.23
C GLY L 204 -45.62 6.72 60.61
N GLU L 205 -45.00 7.80 61.05
CA GLU L 205 -45.29 9.13 60.51
C GLU L 205 -44.49 9.38 59.24
N PHE L 206 -44.99 10.30 58.41
CA PHE L 206 -44.28 10.67 57.20
C PHE L 206 -43.12 11.61 57.51
N GLY L 207 -43.33 12.57 58.40
CA GLY L 207 -42.37 13.63 58.65
C GLY L 207 -41.47 13.46 59.85
N ILE L 208 -41.31 12.24 60.38
CA ILE L 208 -40.40 12.06 61.51
C ILE L 208 -38.97 12.34 61.10
N ASP L 209 -38.57 11.87 59.91
CA ASP L 209 -37.24 12.15 59.39
C ASP L 209 -37.17 13.61 59.00
N GLN L 210 -36.47 14.42 59.80
CA GLN L 210 -36.46 15.86 59.56
C GLN L 210 -35.08 16.39 59.20
N GLU L 211 -34.10 16.14 60.07
CA GLU L 211 -32.84 16.85 60.04
C GLU L 211 -31.76 15.97 60.66
N ASP L 212 -30.50 16.33 60.39
CA ASP L 212 -29.39 15.73 61.12
C ASP L 212 -29.61 15.87 62.62
N GLY L 213 -29.81 14.73 63.28
CA GLY L 213 -30.13 14.72 64.69
C GLY L 213 -31.60 14.50 65.01
N ASN L 214 -32.50 14.72 64.05
CA ASN L 214 -33.91 14.36 64.22
C ASN L 214 -34.31 13.53 63.01
N TYR L 215 -34.07 12.22 63.07
CA TYR L 215 -34.51 11.34 62.00
C TYR L 215 -34.49 9.91 62.50
N VAL L 216 -35.08 9.02 61.70
CA VAL L 216 -35.29 7.62 62.07
C VAL L 216 -34.48 6.76 61.11
N GLN L 217 -33.60 5.92 61.65
CA GLN L 217 -32.82 4.99 60.85
C GLN L 217 -33.63 3.73 60.56
N ARG L 218 -33.13 2.92 59.64
CA ARG L 218 -33.90 1.77 59.16
C ARG L 218 -33.81 0.59 60.13
N TYR L 219 -32.96 0.68 61.16
CA TYR L 219 -32.81 -0.43 62.08
C TYR L 219 -33.55 -0.19 63.40
N HIS L 220 -34.03 1.03 63.61
CA HIS L 220 -34.79 1.34 64.83
C HIS L 220 -36.06 0.51 64.92
N LEU L 221 -36.78 0.40 63.81
CA LEU L 221 -38.09 -0.25 63.83
C LEU L 221 -37.99 -1.75 64.16
N PRO L 222 -37.07 -2.52 63.58
CA PRO L 222 -36.96 -3.92 64.00
C PRO L 222 -36.61 -4.09 65.47
N ALA L 223 -35.78 -3.22 66.03
CA ALA L 223 -35.47 -3.29 67.46
C ALA L 223 -36.71 -3.06 68.30
N VAL L 224 -37.49 -2.02 67.95
CA VAL L 224 -38.72 -1.76 68.68
C VAL L 224 -39.70 -2.91 68.52
N GLU L 225 -39.76 -3.51 67.33
CA GLU L 225 -40.69 -4.61 67.09
C GLU L 225 -40.33 -5.84 67.90
N ALA L 226 -39.03 -6.17 67.97
CA ALA L 226 -38.61 -7.30 68.80
C ALA L 226 -38.91 -7.04 70.27
N LEU L 227 -38.63 -5.83 70.74
CA LEU L 227 -38.93 -5.49 72.12
C LEU L 227 -40.43 -5.63 72.40
N LYS L 228 -41.27 -5.19 71.47
CA LYS L 228 -42.72 -5.28 71.65
C LYS L 228 -43.19 -6.73 71.70
N ALA L 229 -42.69 -7.57 70.78
CA ALA L 229 -43.11 -8.97 70.79
C ALA L 229 -42.68 -9.66 72.08
N GLU L 230 -41.46 -9.38 72.54
CA GLU L 230 -40.99 -9.98 73.78
C GLU L 230 -41.83 -9.53 74.97
N VAL L 231 -42.16 -8.23 75.05
CA VAL L 231 -42.99 -7.75 76.15
C VAL L 231 -44.38 -8.39 76.11
N ASP L 232 -44.90 -8.56 74.88
CA ASP L 232 -46.24 -9.18 74.73
C ASP L 232 -46.22 -10.61 75.28
N ALA L 233 -45.21 -11.41 74.89
CA ALA L 233 -45.12 -12.78 75.39
C ALA L 233 -44.90 -12.82 76.89
N ARG L 234 -44.06 -11.91 77.40
CA ARG L 234 -43.76 -11.89 78.83
C ARG L 234 -45.01 -11.57 79.64
N VAL L 235 -45.80 -10.60 79.19
CA VAL L 235 -47.03 -10.25 79.90
C VAL L 235 -48.02 -11.41 79.84
N ALA L 236 -48.13 -12.06 78.68
CA ALA L 236 -49.02 -13.22 78.58
C ALA L 236 -48.61 -14.32 79.55
N ALA L 237 -47.31 -14.44 79.80
CA ALA L 237 -46.85 -15.43 80.77
C ALA L 237 -47.11 -14.99 82.21
N ILE L 238 -46.94 -13.69 82.49
CA ILE L 238 -47.00 -13.22 83.87
C ILE L 238 -48.45 -13.07 84.33
N GLU L 239 -49.40 -13.03 83.40
CA GLU L 239 -50.80 -12.88 83.78
C GLU L 239 -51.31 -13.98 84.72
N PRO L 240 -51.33 -15.27 84.34
CA PRO L 240 -51.91 -16.27 85.25
C PRO L 240 -51.18 -16.36 86.58
N LEU L 241 -49.87 -16.15 86.58
CA LEU L 241 -49.11 -16.20 87.83
C LEU L 241 -49.57 -15.10 88.77
N ARG L 242 -49.73 -13.87 88.26
CA ARG L 242 -50.19 -12.77 89.10
C ARG L 242 -51.61 -13.01 89.60
N ALA L 243 -52.47 -13.55 88.73
CA ALA L 243 -53.84 -13.85 89.13
C ALA L 243 -53.87 -14.85 90.29
N ASP L 244 -53.13 -15.95 90.14
CA ASP L 244 -53.11 -16.97 91.18
C ASP L 244 -52.48 -16.43 92.47
N SER L 245 -51.42 -15.62 92.33
CA SER L 245 -50.79 -15.05 93.52
C SER L 245 -51.75 -14.16 94.28
N ILE L 246 -52.48 -13.29 93.58
CA ILE L 246 -53.46 -12.46 94.26
C ILE L 246 -54.53 -13.30 94.93
N ALA L 247 -55.05 -14.30 94.21
CA ALA L 247 -56.15 -15.11 94.73
C ALA L 247 -55.75 -15.85 95.99
N LYS L 248 -54.52 -16.37 96.04
CA LYS L 248 -54.11 -17.18 97.20
C LYS L 248 -53.62 -16.29 98.33
N ASN L 249 -52.96 -15.17 98.00
CA ASN L 249 -52.47 -14.28 99.05
C ASN L 249 -53.61 -13.55 99.73
N LEU L 250 -54.72 -13.31 99.02
CA LEU L 250 -55.90 -12.76 99.69
C LEU L 250 -56.51 -13.76 100.67
N GLU L 251 -56.61 -15.02 100.25
CA GLU L 251 -57.20 -16.04 101.10
C GLU L 251 -56.31 -16.34 102.32
N ALA L 252 -55.00 -16.18 102.19
CA ALA L 252 -54.08 -16.40 103.29
C ALA L 252 -54.05 -15.25 104.28
N GLN L 253 -54.89 -14.23 104.09
CA GLN L 253 -55.03 -13.17 105.07
C GLN L 253 -56.32 -13.27 105.87
N LYS L 254 -57.29 -14.05 105.40
CA LYS L 254 -58.49 -14.31 106.20
C LYS L 254 -58.16 -15.04 107.49
N SER L 255 -57.27 -16.03 107.42
CA SER L 255 -56.98 -16.90 108.54
C SER L 255 -55.69 -16.46 109.24
N ASP L 256 -55.64 -16.67 110.54
CA ASP L 256 -54.43 -16.42 111.35
C ASP L 256 -54.16 -17.67 112.16
N VAL L 257 -53.06 -18.36 111.86
CA VAL L 257 -52.85 -19.71 112.37
C VAL L 257 -52.48 -19.70 113.86
N LEU L 258 -51.89 -18.60 114.33
CA LEU L 258 -51.45 -18.56 115.72
C LEU L 258 -52.61 -18.50 116.69
N VAL L 259 -53.69 -17.81 116.33
CA VAL L 259 -54.90 -17.82 117.15
C VAL L 259 -55.45 -19.24 117.27
N ARG L 260 -55.48 -19.96 116.15
CA ARG L 260 -56.02 -21.32 116.16
C ARG L 260 -55.14 -22.25 116.98
N GLN L 261 -53.82 -22.04 116.94
CA GLN L 261 -52.94 -22.81 117.82
C GLN L 261 -53.22 -22.49 119.29
N LEU L 262 -53.44 -21.21 119.61
CA LEU L 262 -53.75 -20.83 120.98
C LEU L 262 -55.04 -21.51 121.45
N PHE L 263 -56.04 -21.56 120.58
CA PHE L 263 -57.30 -22.20 120.96
C PHE L 263 -57.13 -23.71 121.12
N LEU L 264 -56.29 -24.33 120.29
CA LEU L 264 -56.00 -25.74 120.48
C LEU L 264 -55.34 -25.99 121.84
N GLU L 265 -54.39 -25.14 122.23
CA GLU L 265 -53.72 -25.33 123.51
C GLU L 265 -54.70 -25.13 124.68
N ARG L 266 -55.59 -24.13 124.56
CA ARG L 266 -56.60 -23.95 125.60
C ARG L 266 -57.53 -25.14 125.69
N ALA L 267 -57.90 -25.72 124.54
CA ALA L 267 -58.77 -26.90 124.55
C ALA L 267 -58.08 -28.08 125.20
N THR L 268 -56.77 -28.25 124.98
CA THR L 268 -56.04 -29.32 125.67
C THR L 268 -56.04 -29.12 127.17
N ALA L 269 -55.78 -27.89 127.62
CA ALA L 269 -55.81 -27.62 129.06
C ALA L 269 -57.20 -27.90 129.64
N GLN L 270 -58.25 -27.51 128.90
CA GLN L 270 -59.60 -27.82 129.35
C GLN L 270 -59.81 -29.32 129.44
N ARG L 271 -59.30 -30.09 128.48
CA ARG L 271 -59.51 -31.53 128.50
C ARG L 271 -58.88 -32.17 129.72
N ASP L 272 -57.63 -31.80 130.03
CA ASP L 272 -56.97 -32.50 131.13
C ASP L 272 -57.53 -32.07 132.48
N THR L 273 -57.87 -30.78 132.62
CA THR L 273 -58.58 -30.35 133.82
C THR L 273 -59.92 -31.07 133.95
N LEU L 274 -60.60 -31.30 132.82
CA LEU L 274 -61.88 -32.00 132.84
C LEU L 274 -61.73 -33.43 133.34
N ARG L 275 -60.69 -34.15 132.88
CA ARG L 275 -60.54 -35.52 133.36
C ARG L 275 -60.13 -35.55 134.82
N VAL L 276 -59.37 -34.55 135.28
CA VAL L 276 -59.08 -34.46 136.72
C VAL L 276 -60.36 -34.30 137.52
N VAL L 277 -61.25 -33.40 137.06
CA VAL L 277 -62.50 -33.17 137.78
C VAL L 277 -63.39 -34.41 137.74
N GLU L 278 -63.45 -35.10 136.59
CA GLU L 278 -64.26 -36.30 136.49
C GLU L 278 -63.74 -37.39 137.42
N ALA L 279 -62.42 -37.52 137.52
CA ALA L 279 -61.85 -38.47 138.48
C ALA L 279 -62.24 -38.10 139.91
N ILE L 280 -62.20 -36.81 140.25
CA ILE L 280 -62.61 -36.38 141.58
C ILE L 280 -64.04 -36.82 141.87
N PHE L 281 -64.95 -36.55 140.93
CA PHE L 281 -66.36 -36.87 141.16
C PHE L 281 -66.58 -38.37 141.24
N SER L 282 -65.95 -39.16 140.37
CA SER L 282 -66.13 -40.60 140.42
C SER L 282 -65.58 -41.17 141.72
N THR L 283 -64.42 -40.67 142.17
CA THR L 283 -63.85 -41.13 143.43
C THR L 283 -64.78 -40.84 144.60
N SER L 284 -65.32 -39.62 144.65
CA SER L 284 -66.23 -39.27 145.73
C SER L 284 -67.49 -40.14 145.70
N ALA L 285 -68.02 -40.38 144.49
CA ALA L 285 -69.22 -41.20 144.37
C ALA L 285 -68.97 -42.62 144.86
N ARG L 286 -67.83 -43.21 144.49
CA ARG L 286 -67.54 -44.56 144.96
C ARG L 286 -67.28 -44.59 146.46
N TYR L 287 -66.64 -43.55 146.99
CA TYR L 287 -66.40 -43.49 148.42
C TYR L 287 -67.72 -43.44 149.20
N VAL L 288 -68.68 -42.66 148.72
CA VAL L 288 -69.97 -42.59 149.40
C VAL L 288 -70.75 -43.89 149.23
N GLU L 289 -70.72 -44.46 148.02
CA GLU L 289 -71.54 -45.64 147.74
C GLU L 289 -71.11 -46.87 148.54
N LEU L 290 -69.87 -46.92 149.00
CA LEU L 290 -69.38 -48.06 149.76
C LEU L 290 -69.70 -47.96 151.25
N TYR L 291 -70.67 -47.15 151.62
CA TYR L 291 -71.12 -47.03 153.00
C TYR L 291 -71.85 -48.30 153.41
N GLU L 292 -71.19 -49.13 154.23
CA GLU L 292 -71.77 -50.39 154.71
C GLU L 292 -72.26 -51.27 153.58
N ASN L 293 -71.50 -51.28 152.49
CA ASN L 293 -71.84 -52.08 151.32
C ASN L 293 -71.20 -53.45 151.43
N VAL L 294 -71.82 -54.43 150.74
CA VAL L 294 -71.27 -55.78 150.70
C VAL L 294 -69.95 -55.85 149.95
N GLU L 295 -69.60 -54.80 149.21
CA GLU L 295 -68.37 -54.78 148.42
C GLU L 295 -67.21 -54.12 149.15
N ASN L 296 -67.44 -53.54 150.32
CA ASN L 296 -66.38 -52.90 151.10
C ASN L 296 -65.62 -53.99 151.84
N VAL L 297 -64.60 -54.55 151.18
CA VAL L 297 -63.86 -55.68 151.71
C VAL L 297 -62.51 -55.19 152.23
N ASN L 298 -61.80 -56.09 152.89
CA ASN L 298 -60.48 -55.79 153.47
C ASN L 298 -59.39 -56.13 152.46
N VAL L 299 -58.52 -55.16 152.20
CA VAL L 299 -57.39 -55.34 151.30
C VAL L 299 -56.21 -54.53 151.83
N GLU L 300 -55.06 -55.18 151.97
CA GLU L 300 -53.80 -54.53 152.36
C GLU L 300 -53.95 -53.79 153.69
N ASN L 301 -54.32 -54.54 154.73
CA ASN L 301 -54.41 -54.03 156.09
C ASN L 301 -55.37 -52.84 156.20
N LYS L 302 -56.37 -52.79 155.33
CA LYS L 302 -57.33 -51.69 155.32
C LYS L 302 -58.54 -52.11 154.51
N THR L 303 -59.55 -51.24 154.51
CA THR L 303 -60.72 -51.43 153.69
C THR L 303 -60.62 -50.58 152.41
N LEU L 304 -61.62 -50.73 151.56
CA LEU L 304 -61.57 -50.11 150.23
C LEU L 304 -61.65 -48.60 150.32
N ARG L 305 -62.38 -48.07 151.30
CA ARG L 305 -62.65 -46.64 151.34
C ARG L 305 -61.46 -45.83 151.83
N GLN L 306 -60.58 -46.43 152.63
CA GLN L 306 -59.45 -45.69 153.15
C GLN L 306 -58.47 -45.30 152.05
N HIS L 307 -58.31 -46.15 151.03
CA HIS L 307 -57.48 -45.79 149.89
C HIS L 307 -58.06 -44.58 149.16
N TYR L 308 -59.38 -44.58 148.93
CA TYR L 308 -60.03 -43.47 148.27
C TYR L 308 -59.86 -42.20 149.09
N SER L 309 -59.96 -42.30 150.41
CA SER L 309 -59.75 -41.14 151.27
C SER L 309 -58.32 -40.63 151.16
N ALA L 310 -57.34 -41.53 151.14
CA ALA L 310 -55.95 -41.13 151.02
C ALA L 310 -55.64 -40.52 149.67
N LEU L 311 -56.47 -40.80 148.65
CA LEU L 311 -56.28 -40.20 147.33
C LEU L 311 -56.46 -38.69 147.31
N ILE L 312 -56.80 -38.07 148.45
CA ILE L 312 -57.23 -36.67 148.43
C ILE L 312 -56.09 -35.69 148.14
N PRO L 313 -54.96 -35.71 148.87
CA PRO L 313 -53.91 -34.71 148.58
C PRO L 313 -53.35 -34.81 147.16
N ASN L 314 -53.28 -36.01 146.60
CA ASN L 314 -52.85 -36.16 145.21
C ASN L 314 -53.76 -35.39 144.27
N LEU L 315 -55.07 -35.61 144.40
CA LEU L 315 -56.03 -34.91 143.56
C LEU L 315 -55.99 -33.41 143.81
N PHE L 316 -55.75 -33.00 145.05
CA PHE L 316 -55.63 -31.57 145.34
C PHE L 316 -54.48 -30.94 144.58
N ILE L 317 -53.29 -31.55 144.66
CA ILE L 317 -52.13 -31.00 143.95
C ILE L 317 -52.35 -31.01 142.44
N ALA L 318 -52.89 -32.12 141.92
CA ALA L 318 -53.14 -32.21 140.48
C ALA L 318 -54.10 -31.13 140.02
N ALA L 319 -55.18 -30.92 140.77
CA ALA L 319 -56.17 -29.90 140.40
C ALA L 319 -55.55 -28.51 140.45
N VAL L 320 -54.74 -28.22 141.47
CA VAL L 320 -54.14 -26.90 141.58
C VAL L 320 -53.24 -26.63 140.38
N ALA L 321 -52.41 -27.62 140.01
CA ALA L 321 -51.52 -27.43 138.86
C ALA L 321 -52.32 -27.24 137.57
N ASN L 322 -53.34 -28.08 137.34
CA ASN L 322 -54.13 -27.98 136.13
C ASN L 322 -54.87 -26.65 136.06
N ILE L 323 -55.37 -26.17 137.21
CA ILE L 323 -56.08 -24.91 137.23
C ILE L 323 -55.14 -23.75 136.90
N SER L 324 -53.92 -23.78 137.45
CA SER L 324 -52.98 -22.70 137.14
C SER L 324 -52.64 -22.68 135.65
N GLU L 325 -52.40 -23.85 135.07
CA GLU L 325 -52.08 -23.88 133.64
C GLU L 325 -53.27 -23.44 132.78
N LEU L 326 -54.50 -23.81 133.19
CA LEU L 326 -55.67 -23.40 132.44
C LEU L 326 -55.88 -21.89 132.52
N ASN L 327 -55.61 -21.30 133.69
CA ASN L 327 -55.70 -19.84 133.81
C ASN L 327 -54.69 -19.15 132.91
N ALA L 328 -53.45 -19.66 132.87
CA ALA L 328 -52.45 -19.07 131.99
C ALA L 328 -52.88 -19.18 130.53
N ALA L 329 -53.39 -20.34 130.12
CA ALA L 329 -53.83 -20.51 128.74
C ALA L 329 -54.99 -19.59 128.40
N ASP L 330 -55.95 -19.45 129.32
CA ASP L 330 -57.08 -18.56 129.09
C ASP L 330 -56.63 -17.13 128.90
N ALA L 331 -55.73 -16.64 129.77
CA ALA L 331 -55.23 -15.28 129.61
C ALA L 331 -54.49 -15.12 128.29
N GLU L 332 -53.68 -16.11 127.92
CA GLU L 332 -52.93 -16.01 126.66
C GLU L 332 -53.85 -15.91 125.46
N ALA L 333 -54.88 -16.77 125.40
CA ALA L 333 -55.77 -16.75 124.25
C ALA L 333 -56.66 -15.52 124.25
N ALA L 334 -57.01 -14.99 125.42
CA ALA L 334 -57.87 -13.81 125.46
C ALA L 334 -57.13 -12.55 125.07
N ALA L 335 -55.87 -12.39 125.53
CA ALA L 335 -55.16 -11.15 125.29
C ALA L 335 -54.63 -11.01 123.87
N TYR L 336 -54.58 -12.10 123.10
CA TYR L 336 -54.00 -12.09 121.76
C TYR L 336 -54.98 -12.67 120.74
N TYR L 337 -56.25 -12.30 120.84
CA TYR L 337 -57.22 -12.70 119.82
C TYR L 337 -57.01 -11.94 118.53
N LEU L 338 -56.69 -10.64 118.64
CA LEU L 338 -56.39 -9.81 117.47
C LEU L 338 -55.24 -8.89 117.87
N HIS L 339 -54.01 -9.34 117.59
CA HIS L 339 -52.82 -8.60 117.97
C HIS L 339 -51.78 -8.75 116.87
N TRP L 340 -50.81 -7.83 116.86
CA TRP L 340 -49.73 -7.90 115.88
C TRP L 340 -48.89 -9.16 116.06
N ASP L 341 -48.62 -9.53 117.31
CA ASP L 341 -47.73 -10.64 117.62
C ASP L 341 -48.34 -11.98 117.23
N THR L 342 -49.51 -11.93 116.57
CA THR L 342 -50.19 -13.12 116.08
C THR L 342 -50.27 -13.17 114.57
N ASP L 343 -50.48 -12.04 113.91
CA ASP L 343 -50.37 -11.92 112.45
C ASP L 343 -49.11 -11.09 112.19
N LEU L 344 -48.02 -11.76 111.84
CA LEU L 344 -46.71 -11.13 111.77
C LEU L 344 -46.44 -10.59 110.37
N ALA L 345 -45.17 -10.24 110.12
CA ALA L 345 -44.81 -9.48 108.93
C ALA L 345 -45.13 -10.23 107.64
N THR L 346 -44.47 -11.36 107.41
CA THR L 346 -44.70 -12.08 106.18
C THR L 346 -46.04 -12.80 106.26
N ASN L 347 -46.60 -13.13 105.10
CA ASN L 347 -47.79 -13.98 105.11
C ASN L 347 -47.45 -15.39 105.57
N ASP L 348 -46.22 -15.83 105.32
CA ASP L 348 -45.82 -17.21 105.64
C ASP L 348 -45.91 -17.47 107.14
N GLU L 349 -45.17 -16.69 107.93
CA GLU L 349 -45.10 -16.83 109.40
C GLU L 349 -45.11 -18.30 109.82
N ASP L 350 -44.15 -19.05 109.28
CA ASP L 350 -44.07 -20.48 109.57
C ASP L 350 -43.08 -20.80 110.68
N GLU L 351 -42.00 -20.01 110.80
CA GLU L 351 -41.01 -20.29 111.83
C GLU L 351 -41.61 -20.14 113.23
N ALA L 352 -42.45 -19.12 113.43
CA ALA L 352 -43.08 -18.93 114.72
C ALA L 352 -44.06 -20.06 115.01
N TYR L 353 -44.80 -20.51 114.00
CA TYR L 353 -45.71 -21.63 114.19
C TYR L 353 -44.96 -22.88 114.59
N TYR L 354 -43.83 -23.16 113.94
CA TYR L 354 -43.09 -24.37 114.27
C TYR L 354 -42.42 -24.29 115.63
N LYS L 355 -41.94 -23.10 116.02
CA LYS L 355 -41.42 -22.92 117.37
C LYS L 355 -42.49 -23.13 118.42
N ALA L 356 -43.69 -22.58 118.19
CA ALA L 356 -44.80 -22.78 119.11
C ALA L 356 -45.23 -24.24 119.17
N LYS L 357 -45.23 -24.93 118.03
CA LYS L 357 -45.57 -26.35 118.01
C LYS L 357 -44.57 -27.16 118.80
N LEU L 358 -43.28 -26.83 118.68
CA LEU L 358 -42.27 -27.49 119.50
C LEU L 358 -42.51 -27.27 120.98
N ASP L 359 -42.76 -26.02 121.38
CA ASP L 359 -43.00 -25.75 122.80
C ASP L 359 -44.22 -26.50 123.30
N PHE L 360 -45.28 -26.53 122.50
CA PHE L 360 -46.50 -27.24 122.85
C PHE L 360 -46.26 -28.73 123.02
N ALA L 361 -45.49 -29.33 122.10
CA ALA L 361 -45.19 -30.75 122.21
C ALA L 361 -44.36 -31.06 123.45
N ILE L 362 -43.38 -30.20 123.76
CA ILE L 362 -42.57 -30.39 124.96
C ILE L 362 -43.46 -30.36 126.20
N GLU L 363 -44.37 -29.38 126.26
CA GLU L 363 -45.27 -29.27 127.41
C GLU L 363 -46.17 -30.49 127.51
N THR L 364 -46.71 -30.96 126.38
CA THR L 364 -47.61 -32.11 126.41
C THR L 364 -46.89 -33.37 126.89
N TYR L 365 -45.66 -33.59 126.41
CA TYR L 365 -44.92 -34.77 126.83
C TYR L 365 -44.55 -34.70 128.31
N ALA L 366 -44.20 -33.52 128.80
CA ALA L 366 -43.95 -33.38 130.24
C ALA L 366 -45.22 -33.62 131.05
N LYS L 367 -46.35 -33.14 130.54
CA LYS L 367 -47.61 -33.28 131.26
C LYS L 367 -48.05 -34.74 131.33
N ILE L 368 -47.74 -35.53 130.31
CA ILE L 368 -48.07 -36.96 130.37
C ILE L 368 -47.45 -37.60 131.59
N LEU L 369 -46.14 -37.35 131.79
CA LEU L 369 -45.44 -37.90 132.96
C LEU L 369 -45.99 -37.32 134.25
N PHE L 370 -46.21 -36.01 134.29
CA PHE L 370 -46.69 -35.36 135.51
C PHE L 370 -48.04 -35.96 135.95
N ASN L 371 -49.00 -36.02 135.03
CA ASN L 371 -50.31 -36.54 135.36
C ASN L 371 -50.26 -38.03 135.68
N GLY L 372 -49.47 -38.80 134.94
CA GLY L 372 -49.37 -40.22 135.25
C GLY L 372 -48.80 -40.47 136.63
N GLU L 373 -47.85 -39.64 137.06
CA GLU L 373 -47.23 -39.90 138.36
C GLU L 373 -48.05 -39.34 139.52
N VAL L 374 -48.82 -38.27 139.30
CA VAL L 374 -49.46 -37.61 140.43
C VAL L 374 -50.77 -38.29 140.83
N TRP L 375 -51.70 -38.49 139.90
CA TRP L 375 -53.03 -38.96 140.28
C TRP L 375 -53.55 -40.16 139.51
N GLN L 376 -53.12 -40.39 138.27
CA GLN L 376 -53.72 -41.45 137.48
C GLN L 376 -53.47 -42.83 138.09
N GLU L 377 -52.26 -43.10 138.50
CA GLU L 377 -51.91 -44.46 138.90
C GLU L 377 -52.33 -44.78 140.34
N PRO L 378 -52.22 -43.82 141.27
CA PRO L 378 -52.86 -44.05 142.58
C PRO L 378 -54.34 -44.38 142.47
N LEU L 379 -55.07 -43.74 141.56
CA LEU L 379 -56.47 -44.08 141.36
C LEU L 379 -56.65 -45.42 140.67
N ALA L 380 -55.82 -45.69 139.66
CA ALA L 380 -55.92 -46.93 138.91
C ALA L 380 -55.67 -48.13 139.82
N TYR L 381 -54.78 -47.99 140.79
CA TYR L 381 -54.50 -49.08 141.72
C TYR L 381 -55.74 -49.45 142.53
N VAL L 382 -56.43 -48.44 143.06
CA VAL L 382 -57.64 -48.70 143.85
C VAL L 382 -58.73 -49.28 142.98
N GLN L 383 -58.89 -48.76 141.75
CA GLN L 383 -59.91 -49.31 140.87
C GLN L 383 -59.60 -50.75 140.48
N ASN L 384 -58.32 -51.08 140.32
CA ASN L 384 -57.94 -52.46 140.05
C ASN L 384 -58.21 -53.35 141.25
N LEU L 385 -58.01 -52.85 142.47
CA LEU L 385 -58.40 -53.60 143.65
C LEU L 385 -59.89 -53.90 143.64
N ASP L 386 -60.70 -52.88 143.33
CA ASP L 386 -62.14 -53.06 143.21
C ASP L 386 -62.49 -54.16 142.20
N ALA L 387 -61.95 -54.04 140.98
CA ALA L 387 -62.29 -54.97 139.92
C ALA L 387 -61.83 -56.37 140.25
N GLY L 388 -60.65 -56.50 140.85
CA GLY L 388 -60.16 -57.81 141.24
C GLY L 388 -61.03 -58.46 142.30
N ALA L 389 -61.50 -57.67 143.27
CA ALA L 389 -62.40 -58.21 144.28
C ALA L 389 -63.68 -58.74 143.66
N ARG L 390 -64.31 -57.93 142.78
CA ARG L 390 -65.54 -58.39 142.15
C ARG L 390 -65.30 -59.63 141.29
N GLN L 391 -64.20 -59.63 140.53
CA GLN L 391 -63.93 -60.76 139.65
C GLN L 391 -63.67 -62.04 140.43
N GLU L 392 -62.93 -61.94 141.54
CA GLU L 392 -62.66 -63.14 142.32
C GLU L 392 -63.92 -63.67 142.98
N ALA L 393 -64.79 -62.78 143.47
CA ALA L 393 -66.08 -63.24 143.99
C ALA L 393 -66.88 -63.94 142.91
N ALA L 394 -66.92 -63.35 141.71
CA ALA L 394 -67.74 -63.90 140.63
C ALA L 394 -67.24 -65.28 140.22
N ASP L 395 -65.95 -65.43 139.96
CA ASP L 395 -65.50 -66.72 139.46
C ASP L 395 -65.42 -67.75 140.59
N ARG L 396 -65.33 -67.31 141.84
CA ARG L 396 -65.46 -68.24 142.95
C ARG L 396 -66.86 -68.84 142.97
N GLU L 397 -67.88 -67.99 142.84
CA GLU L 397 -69.25 -68.50 142.76
C GLU L 397 -69.44 -69.41 141.56
N ALA L 398 -68.90 -69.01 140.40
CA ALA L 398 -69.03 -69.81 139.19
C ALA L 398 -68.36 -71.17 139.34
N ALA L 399 -67.16 -71.19 139.93
CA ALA L 399 -66.44 -72.45 140.14
C ALA L 399 -67.20 -73.35 141.10
N ARG L 400 -67.76 -72.78 142.17
CA ARG L 400 -68.55 -73.58 143.10
C ARG L 400 -69.73 -74.22 142.39
N ALA L 401 -70.46 -73.43 141.59
CA ALA L 401 -71.61 -73.97 140.87
C ALA L 401 -71.18 -75.04 139.88
N ALA L 402 -70.08 -74.81 139.16
CA ALA L 402 -69.60 -75.78 138.18
C ALA L 402 -69.21 -77.08 138.85
N ASP L 403 -68.52 -77.00 140.00
CA ASP L 403 -68.12 -78.21 140.71
C ASP L 403 -69.35 -78.98 141.19
N GLU L 404 -70.35 -78.26 141.73
CA GLU L 404 -71.56 -78.94 142.19
C GLU L 404 -72.27 -79.64 141.04
N ALA L 405 -72.39 -78.95 139.90
CA ALA L 405 -73.06 -79.55 138.75
C ALA L 405 -72.30 -80.75 138.23
N TYR L 406 -70.96 -80.66 138.19
CA TYR L 406 -70.15 -81.77 137.70
C TYR L 406 -70.27 -82.99 138.60
N ARG L 407 -70.24 -82.77 139.92
CA ARG L 407 -70.42 -83.86 140.86
C ARG L 407 -71.80 -84.51 140.71
N ALA L 408 -72.84 -83.68 140.58
CA ALA L 408 -74.18 -84.23 140.42
C ALA L 408 -74.31 -85.03 139.13
N GLU L 409 -73.72 -84.52 138.05
CA GLU L 409 -73.74 -85.23 136.78
C GLU L 409 -73.04 -86.59 136.89
N GLN L 410 -71.86 -86.62 137.49
CA GLN L 410 -71.14 -87.87 137.64
C GLN L 410 -71.94 -88.87 138.48
N LEU L 411 -72.49 -88.40 139.61
CA LEU L 411 -73.23 -89.30 140.48
C LEU L 411 -74.47 -89.84 139.79
N ARG L 412 -75.21 -88.99 139.07
CA ARG L 412 -76.42 -89.45 138.41
C ARG L 412 -76.09 -90.41 137.28
N ILE L 413 -75.01 -90.17 136.53
CA ILE L 413 -74.63 -91.09 135.47
C ILE L 413 -74.23 -92.45 136.05
N ALA L 414 -73.43 -92.43 137.12
CA ALA L 414 -73.01 -93.68 137.73
C ALA L 414 -74.20 -94.47 138.27
N GLN L 415 -75.11 -93.80 138.99
CA GLN L 415 -76.27 -94.50 139.53
C GLN L 415 -77.19 -95.00 138.42
N GLU L 416 -77.35 -94.23 137.35
CA GLU L 416 -78.26 -94.66 136.29
C GLU L 416 -77.67 -95.86 135.56
N ALA L 417 -76.36 -95.86 135.34
CA ALA L 417 -75.70 -97.06 134.81
C ALA L 417 -75.84 -98.22 135.78
N ALA L 418 -75.83 -97.94 137.09
CA ALA L 418 -76.04 -98.99 138.06
C ALA L 418 -77.41 -99.64 137.90
N ASP L 419 -78.46 -98.83 137.73
CA ASP L 419 -79.78 -99.40 137.43
C ASP L 419 -79.82 -100.11 136.08
N ALA L 420 -79.01 -99.69 135.12
CA ALA L 420 -78.90 -100.45 133.87
C ALA L 420 -78.33 -101.85 134.14
N GLN L 421 -77.27 -101.92 134.95
CA GLN L 421 -76.74 -103.22 135.35
C GLN L 421 -77.78 -103.99 136.15
N LYS L 422 -78.63 -103.28 136.89
CA LYS L 422 -79.71 -103.93 137.64
C LYS L 422 -80.69 -104.59 136.71
N ALA L 423 -81.04 -103.90 135.61
CA ALA L 423 -81.90 -104.47 134.59
C ALA L 423 -81.26 -105.71 133.98
N ILE L 424 -79.96 -105.65 133.70
CA ILE L 424 -79.24 -106.82 133.20
C ILE L 424 -79.39 -107.99 134.19
N ALA L 425 -79.14 -107.70 135.46
CA ALA L 425 -79.17 -108.76 136.48
C ALA L 425 -80.55 -109.39 136.57
N GLU L 426 -81.60 -108.58 136.63
CA GLU L 426 -82.94 -109.14 136.75
C GLU L 426 -83.34 -109.89 135.49
N ALA L 427 -82.91 -109.41 134.32
CA ALA L 427 -83.28 -110.08 133.07
C ALA L 427 -82.66 -111.48 133.01
N LEU L 428 -81.35 -111.57 133.22
CA LEU L 428 -80.70 -112.87 133.13
C LEU L 428 -80.95 -113.73 134.36
N ALA L 429 -81.49 -113.16 135.44
CA ALA L 429 -82.02 -113.99 136.52
C ALA L 429 -83.38 -114.57 136.14
N LYS L 430 -84.20 -113.81 135.43
CA LYS L 430 -85.53 -114.27 135.05
C LYS L 430 -85.48 -115.29 133.92
N GLU L 431 -84.53 -115.14 133.00
CA GLU L 431 -84.44 -116.09 131.89
C GLU L 431 -84.19 -117.50 132.38
N ALA L 432 -83.33 -117.65 133.39
CA ALA L 432 -83.08 -118.96 133.97
C ALA L 432 -83.60 -119.02 135.41
N GLU M 1 -152.27 52.81 38.70
CA GLU M 1 -151.98 51.60 39.43
C GLU M 1 -151.04 51.90 40.60
N THR M 2 -150.42 50.85 41.13
CA THR M 2 -149.49 51.01 42.25
C THR M 2 -148.22 51.71 41.76
N ASN M 3 -147.26 51.86 42.65
CA ASN M 3 -145.98 52.45 42.29
C ASN M 3 -144.85 51.45 42.54
N PRO M 4 -144.62 50.47 41.65
CA PRO M 4 -143.58 49.47 41.91
C PRO M 4 -142.18 49.89 41.48
N THR M 5 -141.95 51.18 41.22
CA THR M 5 -140.68 51.59 40.60
C THR M 5 -139.46 51.24 41.44
N PHE M 6 -139.54 51.42 42.77
CA PHE M 6 -138.34 51.19 43.58
C PHE M 6 -138.46 50.05 44.56
N ASN M 7 -138.94 48.96 44.06
CA ASN M 7 -138.96 47.81 44.93
C ASN M 7 -139.83 46.84 44.25
N ILE M 8 -140.44 45.99 45.02
CA ILE M 8 -141.51 45.19 44.44
C ILE M 8 -141.22 44.43 43.14
N THR M 9 -140.08 43.77 42.91
CA THR M 9 -140.00 42.93 41.66
C THR M 9 -138.63 42.39 41.30
N ASN M 10 -137.87 43.21 40.58
CA ASN M 10 -136.65 42.65 39.94
C ASN M 10 -135.57 43.16 40.86
N GLY M 11 -134.58 42.32 41.19
CA GLY M 11 -133.69 43.01 42.12
C GLY M 11 -132.53 43.70 41.44
N PHE M 12 -132.03 43.11 40.36
CA PHE M 12 -131.00 43.73 39.56
C PHE M 12 -131.56 44.00 38.16
N ASN M 13 -131.81 45.28 37.86
CA ASN M 13 -132.53 45.67 36.66
C ASN M 13 -131.66 46.60 35.83
N ASP M 14 -131.76 46.46 34.50
CA ASP M 14 -131.01 47.34 33.61
C ASP M 14 -131.61 48.74 33.56
N ALA M 15 -132.87 48.87 33.97
CA ALA M 15 -133.58 50.15 33.85
C ALA M 15 -133.00 51.22 34.75
N ASP M 16 -132.31 50.84 35.83
CA ASP M 16 -131.77 51.82 36.78
C ASP M 16 -130.25 51.88 36.76
N GLY M 17 -129.58 50.93 36.13
CA GLY M 17 -128.14 50.83 36.22
C GLY M 17 -127.64 49.96 37.35
N SER M 18 -128.45 49.01 37.82
CA SER M 18 -128.10 48.12 38.91
C SER M 18 -127.62 46.76 38.43
N THR M 19 -127.92 46.39 37.19
CA THR M 19 -127.47 45.10 36.67
C THR M 19 -126.00 45.18 36.27
N ILE M 20 -125.42 44.00 36.03
CA ILE M 20 -124.03 43.89 35.61
C ILE M 20 -123.95 44.07 34.10
N GLN M 21 -122.78 44.50 33.61
CA GLN M 21 -122.60 44.77 32.19
C GLN M 21 -121.25 44.27 31.72
N PRO M 22 -121.20 43.21 30.91
CA PRO M 22 -119.93 42.76 30.32
C PRO M 22 -119.44 43.80 29.32
N VAL M 23 -118.15 44.10 29.36
CA VAL M 23 -117.54 45.12 28.51
C VAL M 23 -116.35 44.52 27.77
N GLY M 24 -116.30 44.76 26.46
CA GLY M 24 -115.09 44.58 25.69
C GLY M 24 -114.45 45.93 25.45
N PRO M 25 -113.31 45.96 24.76
CA PRO M 25 -112.71 47.25 24.43
C PRO M 25 -113.27 47.83 23.14
N VAL M 26 -113.97 48.96 23.25
CA VAL M 26 -114.47 49.71 22.10
C VAL M 26 -114.12 51.17 22.30
N ASN M 27 -113.63 51.83 21.25
CA ASN M 27 -113.14 53.19 21.36
C ASN M 27 -114.29 54.17 21.12
N HIS M 28 -114.72 54.84 22.18
CA HIS M 28 -115.61 55.98 22.08
C HIS M 28 -114.82 57.21 22.50
N THR M 29 -114.77 58.19 21.60
CA THR M 29 -113.88 59.33 21.78
C THR M 29 -114.31 60.19 22.96
N GLU M 30 -113.38 61.01 23.45
CA GLU M 30 -113.70 61.93 24.53
C GLU M 30 -114.82 62.89 24.12
N GLU M 31 -114.84 63.30 22.86
CA GLU M 31 -115.92 64.16 22.37
C GLU M 31 -117.26 63.44 22.40
N THR M 32 -117.28 62.16 22.01
CA THR M 32 -118.53 61.41 22.04
C THR M 32 -119.06 61.27 23.46
N LEU M 33 -118.18 60.97 24.41
CA LEU M 33 -118.60 60.86 25.80
C LEU M 33 -119.07 62.20 26.34
N ARG M 34 -118.38 63.28 25.99
CA ARG M 34 -118.82 64.60 26.46
C ARG M 34 -120.19 64.95 25.91
N ASP M 35 -120.44 64.62 24.63
CA ASP M 35 -121.76 64.85 24.06
C ASP M 35 -122.82 64.02 24.77
N LEU M 36 -122.53 62.75 25.04
CA LEU M 36 -123.51 61.90 25.69
C LEU M 36 -123.81 62.37 27.10
N THR M 37 -122.80 62.87 27.82
CA THR M 37 -123.03 63.37 29.17
C THR M 37 -123.77 64.71 29.15
N ASP M 38 -123.42 65.60 28.22
CA ASP M 38 -124.11 66.88 28.13
C ASP M 38 -125.56 66.71 27.70
N SER M 39 -125.88 65.63 26.99
CA SER M 39 -127.27 65.36 26.63
C SER M 39 -128.15 65.23 27.87
N THR M 40 -127.68 64.53 28.90
CA THR M 40 -128.43 64.42 30.14
C THR M 40 -128.22 65.64 31.03
N GLY M 41 -127.06 66.29 30.93
CA GLY M 41 -126.84 67.51 31.68
C GLY M 41 -127.82 68.61 31.30
N ALA M 42 -128.22 68.63 30.03
CA ALA M 42 -129.25 69.58 29.61
C ALA M 42 -130.55 69.35 30.37
N TYR M 43 -130.95 68.08 30.53
CA TYR M 43 -132.16 67.77 31.27
C TYR M 43 -132.03 68.12 32.74
N LEU M 44 -130.85 67.89 33.33
CA LEU M 44 -130.64 68.13 34.75
C LEU M 44 -130.28 69.57 35.08
N GLU M 45 -130.08 70.44 34.08
CA GLU M 45 -129.63 71.80 34.34
C GLU M 45 -130.62 72.55 35.22
N GLU M 46 -131.92 72.39 34.98
CA GLU M 46 -132.91 73.14 35.76
C GLU M 46 -132.84 72.77 37.24
N PHE M 47 -132.70 71.50 37.55
CA PHE M 47 -132.48 71.09 38.94
C PHE M 47 -131.16 71.63 39.47
N GLN M 48 -130.11 71.61 38.62
CA GLN M 48 -128.76 71.88 39.10
C GLN M 48 -128.62 73.32 39.59
N ASN M 49 -129.04 74.29 38.79
CA ASN M 49 -128.78 75.69 39.10
C ASN M 49 -129.99 76.60 38.91
N GLY M 50 -131.16 76.03 38.63
CA GLY M 50 -132.35 76.83 38.43
C GLY M 50 -133.01 77.20 39.75
N THR M 51 -134.15 77.90 39.63
CA THR M 51 -134.99 78.23 40.76
C THR M 51 -136.31 77.48 40.63
N VAL M 52 -137.17 77.66 41.65
CA VAL M 52 -138.39 76.87 41.73
C VAL M 52 -139.26 77.09 40.50
N GLU M 53 -139.39 78.34 40.06
CA GLU M 53 -140.21 78.64 38.89
C GLU M 53 -139.67 77.92 37.65
N GLU M 54 -138.35 77.93 37.45
CA GLU M 54 -137.76 77.22 36.32
C GLU M 54 -138.02 75.73 36.43
N ILE M 55 -137.93 75.16 37.64
CA ILE M 55 -138.15 73.73 37.81
C ILE M 55 -139.58 73.36 37.44
N VAL M 56 -140.57 74.11 37.92
CA VAL M 56 -141.95 73.76 37.60
C VAL M 56 -142.22 74.01 36.12
N GLU M 57 -141.57 75.03 35.54
CA GLU M 57 -141.73 75.29 34.11
C GLU M 57 -141.23 74.14 33.26
N ALA M 58 -140.01 73.68 33.53
CA ALA M 58 -139.36 72.76 32.59
C ALA M 58 -139.95 71.36 32.63
N TYR M 59 -140.17 70.82 33.82
CA TYR M 59 -140.50 69.40 33.93
C TYR M 59 -141.99 69.14 33.82
N LEU M 60 -142.81 70.09 34.25
CA LEU M 60 -144.23 70.09 33.97
C LEU M 60 -144.51 71.21 32.97
N GLN M 61 -145.03 70.85 31.81
CA GLN M 61 -145.24 71.81 30.73
C GLN M 61 -146.40 72.72 31.09
N VAL M 62 -146.07 73.85 31.73
CA VAL M 62 -147.11 74.80 32.15
C VAL M 62 -147.71 75.50 30.94
N GLN M 63 -146.85 75.98 30.03
CA GLN M 63 -147.34 76.72 28.88
C GLN M 63 -147.99 75.81 27.84
N ALA M 64 -147.50 74.58 27.72
CA ALA M 64 -148.06 73.65 26.75
C ALA M 64 -149.38 73.05 27.20
N SER M 65 -149.80 73.28 28.44
CA SER M 65 -151.08 72.77 28.91
C SER M 65 -152.22 73.55 28.26
N ALA M 66 -153.42 73.01 28.38
CA ALA M 66 -154.60 73.66 27.80
C ALA M 66 -154.74 75.08 28.32
N ASP M 67 -155.03 76.01 27.42
CA ASP M 67 -155.05 77.42 27.76
C ASP M 67 -156.14 77.71 28.78
N GLY M 68 -155.75 78.38 29.87
CA GLY M 68 -156.59 78.51 31.03
C GLY M 68 -156.25 77.39 31.97
N PHE M 69 -155.52 77.68 33.04
CA PHE M 69 -154.95 76.61 33.85
C PHE M 69 -156.05 75.78 34.50
N ASP M 70 -155.99 74.48 34.29
CA ASP M 70 -156.91 73.57 34.97
C ASP M 70 -156.44 73.37 36.40
N PRO M 71 -157.13 73.91 37.40
CA PRO M 71 -156.76 73.67 38.80
C PRO M 71 -157.19 72.30 39.31
N SER M 72 -157.69 71.44 38.44
CA SER M 72 -158.09 70.10 38.80
C SER M 72 -156.88 69.29 39.29
N GLU M 73 -157.15 68.39 40.23
CA GLU M 73 -156.09 67.50 40.71
C GLU M 73 -155.74 66.46 39.65
N GLN M 74 -156.67 66.15 38.77
CA GLN M 74 -156.37 65.23 37.67
C GLN M 74 -155.31 65.82 36.75
N ALA M 75 -155.35 67.14 36.51
CA ALA M 75 -154.35 67.78 35.69
C ALA M 75 -152.96 67.65 36.31
N ALA M 76 -152.86 67.87 37.62
CA ALA M 76 -151.60 67.68 38.31
C ALA M 76 -151.14 66.23 38.23
N TYR M 77 -152.07 65.28 38.36
CA TYR M 77 -151.71 63.87 38.26
C TYR M 77 -151.12 63.55 36.90
N GLU M 78 -151.75 64.02 35.82
CA GLU M 78 -151.23 63.74 34.49
C GLU M 78 -149.88 64.43 34.26
N ALA M 79 -149.73 65.66 34.74
CA ALA M 79 -148.45 66.35 34.58
C ALA M 79 -147.32 65.62 35.29
N PHE M 80 -147.57 65.18 36.52
CA PHE M 80 -146.53 64.47 37.26
C PHE M 80 -146.25 63.11 36.64
N GLU M 81 -147.28 62.44 36.10
CA GLU M 81 -147.06 61.18 35.40
C GLU M 81 -146.18 61.36 34.18
N ALA M 82 -146.43 62.42 33.40
CA ALA M 82 -145.59 62.69 32.23
C ALA M 82 -144.15 62.98 32.65
N ALA M 83 -143.97 63.77 33.71
CA ALA M 83 -142.61 64.02 34.21
C ALA M 83 -141.94 62.72 34.63
N ARG M 84 -142.68 61.82 35.27
CA ARG M 84 -142.13 60.54 35.67
C ARG M 84 -141.68 59.73 34.47
N VAL M 85 -142.50 59.67 33.42
CA VAL M 85 -142.12 58.89 32.24
C VAL M 85 -140.87 59.47 31.60
N ARG M 86 -140.78 60.80 31.51
CA ARG M 86 -139.59 61.43 30.93
C ARG M 86 -138.34 61.09 31.74
N ALA M 87 -138.43 61.20 33.08
CA ALA M 87 -137.29 60.86 33.91
C ALA M 87 -136.93 59.37 33.79
N SER M 88 -137.95 58.52 33.63
CA SER M 88 -137.71 57.09 33.49
C SER M 88 -136.92 56.78 32.22
N GLN M 89 -137.25 57.45 31.12
CA GLN M 89 -136.46 57.24 29.90
C GLN M 89 -135.04 57.79 30.04
N GLU M 90 -134.91 58.96 30.68
CA GLU M 90 -133.57 59.52 30.89
C GLU M 90 -132.71 58.60 31.73
N LEU M 91 -133.32 57.88 32.68
CA LEU M 91 -132.57 56.96 33.52
C LEU M 91 -131.95 55.82 32.71
N ALA M 92 -132.73 55.23 31.79
CA ALA M 92 -132.17 54.19 30.93
C ALA M 92 -131.08 54.75 30.02
N ALA M 93 -131.27 55.97 29.53
CA ALA M 93 -130.22 56.60 28.73
C ALA M 93 -128.91 56.72 29.53
N SER M 94 -128.98 57.18 30.78
CA SER M 94 -127.78 57.29 31.59
C SER M 94 -127.19 55.92 31.90
N ALA M 95 -128.05 54.90 32.06
CA ALA M 95 -127.56 53.55 32.27
C ALA M 95 -126.70 53.09 31.10
N GLU M 96 -127.14 53.36 29.88
CA GLU M 96 -126.32 52.96 28.72
C GLU M 96 -125.06 53.83 28.59
N THR M 97 -125.16 55.10 28.99
CA THR M 97 -123.98 55.97 29.00
C THR M 97 -122.90 55.42 29.93
N ILE M 98 -123.31 54.85 31.07
CA ILE M 98 -122.36 54.21 31.97
C ILE M 98 -121.57 53.12 31.25
N THR M 99 -122.28 52.23 30.54
CA THR M 99 -121.61 51.12 29.86
C THR M 99 -120.65 51.63 28.79
N LYS M 100 -121.06 52.64 28.02
CA LYS M 100 -120.19 53.14 26.97
C LYS M 100 -118.93 53.80 27.55
N THR M 101 -119.08 54.58 28.62
CA THR M 101 -117.91 55.19 29.23
C THR M 101 -116.98 54.15 29.83
N ARG M 102 -117.53 53.03 30.31
CA ARG M 102 -116.69 51.93 30.78
C ARG M 102 -115.90 51.31 29.63
N GLU M 103 -116.58 51.06 28.50
CA GLU M 103 -115.93 50.44 27.36
C GLU M 103 -114.78 51.32 26.84
N SER M 104 -114.97 52.63 26.87
CA SER M 104 -113.93 53.54 26.41
C SER M 104 -112.66 53.43 27.26
N VAL M 105 -112.80 53.39 28.58
CA VAL M 105 -111.64 53.23 29.45
C VAL M 105 -110.99 51.87 29.22
N ALA M 106 -111.81 50.85 28.97
CA ALA M 106 -111.26 49.51 28.68
C ALA M 106 -110.36 49.55 27.47
N TYR M 107 -110.77 50.26 26.41
CA TYR M 107 -109.91 50.39 25.23
C TYR M 107 -108.64 51.18 25.54
N ALA M 108 -108.79 52.31 26.22
CA ALA M 108 -107.65 53.20 26.43
C ALA M 108 -106.56 52.53 27.24
N LEU M 109 -106.92 51.86 28.34
CA LEU M 109 -105.88 51.25 29.16
C LEU M 109 -105.23 50.07 28.44
N LYS M 110 -105.99 49.33 27.64
CA LYS M 110 -105.41 48.22 26.90
C LYS M 110 -104.32 48.71 25.94
N VAL M 111 -104.63 49.75 25.16
CA VAL M 111 -103.61 50.23 24.24
C VAL M 111 -102.43 50.83 25.01
N ASP M 112 -102.69 51.42 26.17
CA ASP M 112 -101.61 51.98 26.97
C ASP M 112 -100.64 50.89 27.47
N GLN M 113 -101.19 49.79 27.98
CA GLN M 113 -100.35 48.68 28.42
C GLN M 113 -99.56 48.09 27.26
N GLU M 114 -100.19 47.95 26.10
CA GLU M 114 -99.47 47.43 24.94
C GLU M 114 -98.29 48.35 24.58
N ALA M 115 -98.51 49.66 24.62
CA ALA M 115 -97.43 50.60 24.32
C ALA M 115 -96.28 50.47 25.31
N THR M 116 -96.61 50.37 26.60
CA THR M 116 -95.56 50.22 27.61
C THR M 116 -94.76 48.93 27.38
N ALA M 117 -95.44 47.83 27.09
CA ALA M 117 -94.76 46.57 26.84
C ALA M 117 -93.82 46.67 25.63
N ALA M 118 -94.31 47.28 24.55
CA ALA M 118 -93.48 47.42 23.35
C ALA M 118 -92.25 48.29 23.62
N PHE M 119 -92.42 49.40 24.34
CA PHE M 119 -91.27 50.24 24.64
C PHE M 119 -90.26 49.50 25.49
N GLU M 120 -90.74 48.73 26.47
CA GLU M 120 -89.82 47.96 27.31
C GLU M 120 -89.04 46.96 26.46
N ALA M 121 -89.72 46.24 25.58
CA ALA M 121 -89.03 45.23 24.78
C ALA M 121 -87.97 45.87 23.87
N TYR M 122 -88.33 47.00 23.24
CA TYR M 122 -87.41 47.59 22.28
C TYR M 122 -86.22 48.26 22.99
N ARG M 123 -86.45 48.88 24.14
CA ARG M 123 -85.33 49.41 24.92
C ARG M 123 -84.44 48.29 25.43
N ASN M 124 -85.02 47.15 25.81
CA ASN M 124 -84.21 46.02 26.25
C ASN M 124 -83.34 45.50 25.12
N ALA M 125 -83.90 45.41 23.90
CA ALA M 125 -83.10 44.99 22.76
C ALA M 125 -81.96 45.97 22.50
N LEU M 126 -82.24 47.27 22.56
CA LEU M 126 -81.18 48.26 22.36
C LEU M 126 -80.09 48.14 23.42
N ARG M 127 -80.49 47.93 24.68
CA ARG M 127 -79.51 47.76 25.75
C ARG M 127 -78.66 46.52 25.53
N ASP M 128 -79.30 45.42 25.12
CA ASP M 128 -78.57 44.17 24.88
C ASP M 128 -77.64 44.31 23.69
N ALA M 129 -77.95 45.22 22.76
CA ALA M 129 -77.09 45.41 21.60
C ALA M 129 -75.69 45.85 21.99
N ALA M 130 -75.57 46.81 22.91
CA ALA M 130 -74.27 47.35 23.25
C ALA M 130 -73.41 46.33 23.99
N ILE M 131 -73.88 45.87 25.15
CA ILE M 131 -73.15 44.88 25.93
C ILE M 131 -74.07 43.70 26.19
N SER M 132 -73.94 42.65 25.39
CA SER M 132 -74.80 41.48 25.54
C SER M 132 -74.42 40.69 26.78
N ILE M 133 -75.41 40.08 27.41
CA ILE M 133 -75.21 39.27 28.62
C ILE M 133 -75.80 37.89 28.38
N ASN M 134 -75.03 36.86 28.71
CA ASN M 134 -75.41 35.48 28.49
C ASN M 134 -76.55 35.11 29.43
N PRO M 135 -77.29 34.03 29.12
CA PRO M 135 -78.33 33.58 30.06
C PRO M 135 -77.79 33.28 31.45
N ASP M 136 -76.54 32.81 31.55
CA ASP M 136 -75.93 32.57 32.85
C ASP M 136 -75.58 33.85 33.58
N GLY M 137 -75.53 34.99 32.89
CA GLY M 137 -75.22 36.25 33.52
C GLY M 137 -73.84 36.79 33.26
N SER M 138 -73.22 36.45 32.14
CA SER M 138 -71.86 36.90 31.82
C SER M 138 -71.86 37.59 30.47
N ILE M 139 -70.91 38.51 30.29
CA ILE M 139 -70.78 39.22 29.03
C ILE M 139 -70.35 38.25 27.94
N ASN M 140 -70.90 38.42 26.75
CA ASN M 140 -70.57 37.58 25.60
C ASN M 140 -69.85 38.43 24.57
N PRO M 141 -68.51 38.41 24.53
CA PRO M 141 -67.80 39.23 23.53
C PRO M 141 -68.08 38.82 22.10
N ASP M 142 -68.57 37.61 21.86
CA ASP M 142 -68.89 37.19 20.50
C ASP M 142 -70.01 38.05 19.93
N THR M 143 -71.04 38.33 20.73
CA THR M 143 -72.20 39.08 20.26
C THR M 143 -72.37 40.41 20.99
N SER M 144 -71.28 41.09 21.33
CA SER M 144 -71.33 42.39 21.99
C SER M 144 -70.74 43.45 21.08
N ILE M 145 -71.46 44.56 20.91
CA ILE M 145 -71.04 45.58 19.95
C ILE M 145 -69.78 46.30 20.44
N ASN M 146 -69.76 46.74 21.69
CA ASN M 146 -68.67 47.59 22.15
C ASN M 146 -67.36 46.82 22.20
N LEU M 147 -67.39 45.56 22.61
CA LEU M 147 -66.18 44.75 22.64
C LEU M 147 -65.62 44.54 21.24
N LEU M 148 -66.48 44.23 20.27
CA LEU M 148 -66.03 44.10 18.89
C LEU M 148 -65.50 45.42 18.37
N ILE M 149 -66.13 46.52 18.76
CA ILE M 149 -65.67 47.85 18.36
C ILE M 149 -64.26 48.09 18.85
N ASP M 150 -63.99 47.79 20.12
CA ASP M 150 -62.66 48.02 20.66
C ASP M 150 -61.64 47.05 20.07
N ALA M 151 -62.06 45.82 19.76
CA ALA M 151 -61.19 44.88 19.09
C ALA M 151 -60.76 45.40 17.73
N ALA M 152 -61.71 45.93 16.95
CA ALA M 152 -61.38 46.49 15.65
C ALA M 152 -60.56 47.77 15.80
N ASN M 153 -60.82 48.53 16.86
CA ASN M 153 -60.10 49.79 17.08
C ASN M 153 -58.63 49.54 17.41
N ALA M 154 -58.35 48.50 18.17
CA ALA M 154 -56.98 48.14 18.52
C ALA M 154 -56.27 47.37 17.42
N ALA M 155 -57.00 46.86 16.44
CA ALA M 155 -56.42 46.02 15.39
C ALA M 155 -56.08 46.79 14.12
N ASN M 156 -56.07 48.13 14.17
CA ASN M 156 -55.71 48.93 13.03
C ASN M 156 -54.40 49.68 13.30
N ARG M 157 -53.68 50.00 12.23
CA ARG M 157 -52.40 50.67 12.33
C ARG M 157 -52.36 51.98 11.55
N THR M 158 -53.47 52.36 10.91
CA THR M 158 -53.53 53.53 10.06
C THR M 158 -53.44 54.81 10.90
N ASP M 159 -53.21 55.94 10.23
CA ASP M 159 -53.05 57.21 10.91
C ASP M 159 -54.38 57.99 10.88
N ARG M 160 -55.48 57.30 11.12
CA ARG M 160 -56.75 57.93 11.44
C ARG M 160 -57.35 58.75 10.31
N ALA M 161 -56.65 58.86 9.19
CA ALA M 161 -57.07 59.78 8.14
C ALA M 161 -58.36 59.33 7.46
N GLU M 162 -58.43 58.05 7.09
CA GLU M 162 -59.57 57.53 6.34
C GLU M 162 -60.31 56.42 7.05
N ILE M 163 -59.64 55.62 7.87
CA ILE M 163 -60.30 54.64 8.73
C ILE M 163 -60.10 55.13 10.17
N GLU M 164 -61.19 55.53 10.81
CA GLU M 164 -61.12 56.25 12.07
C GLU M 164 -61.56 55.35 13.22
N ASP M 165 -61.27 55.81 14.43
CA ASP M 165 -61.73 55.08 15.61
C ASP M 165 -63.24 55.19 15.74
N TYR M 166 -63.88 54.05 15.94
CA TYR M 166 -65.33 54.03 16.14
C TYR M 166 -65.65 54.41 17.58
N ALA M 167 -66.46 55.46 17.75
CA ALA M 167 -66.89 55.87 19.07
C ALA M 167 -67.83 54.81 19.67
N HIS M 168 -67.84 54.75 20.99
CA HIS M 168 -68.65 53.74 21.68
C HIS M 168 -70.12 54.06 21.52
N LEU M 169 -70.95 53.01 21.64
CA LEU M 169 -72.36 53.13 21.28
C LEU M 169 -73.09 54.13 22.17
N TYR M 170 -74.03 54.84 21.55
CA TYR M 170 -74.95 55.75 22.23
C TYR M 170 -74.19 56.88 22.93
N THR M 171 -73.53 57.71 22.11
CA THR M 171 -72.90 58.91 22.64
C THR M 171 -73.94 60.00 22.92
N GLN M 172 -75.06 59.97 22.19
CA GLN M 172 -76.09 60.99 22.38
C GLN M 172 -76.82 60.81 23.71
N THR M 173 -77.21 59.57 24.02
CA THR M 173 -78.04 59.29 25.17
C THR M 173 -77.37 58.27 26.09
N ASP M 174 -77.84 58.25 27.33
CA ASP M 174 -77.41 57.26 28.32
C ASP M 174 -78.47 56.18 28.39
N ILE M 175 -78.20 55.03 27.77
CA ILE M 175 -79.20 53.96 27.71
C ILE M 175 -79.32 53.24 29.04
N ALA M 176 -78.42 53.52 29.99
CA ALA M 176 -78.56 52.92 31.32
C ALA M 176 -79.74 53.51 32.07
N LEU M 177 -80.16 54.73 31.70
CA LEU M 177 -81.27 55.38 32.37
C LEU M 177 -82.57 54.63 32.09
N GLU M 178 -83.56 54.85 32.95
CA GLU M 178 -84.83 54.15 32.84
C GLU M 178 -85.52 54.51 31.52
N THR M 179 -85.68 55.80 31.26
CA THR M 179 -86.37 56.26 30.05
C THR M 179 -85.43 57.09 29.18
N PRO M 180 -84.69 56.47 28.27
CA PRO M 180 -83.82 57.23 27.38
C PRO M 180 -84.47 57.58 26.05
N GLN M 181 -83.83 58.44 25.27
CA GLN M 181 -84.32 58.80 23.94
C GLN M 181 -83.83 57.76 22.95
N LEU M 182 -84.68 56.78 22.64
CA LEU M 182 -84.24 55.60 21.90
C LEU M 182 -84.04 55.90 20.43
N ALA M 183 -84.69 56.95 19.91
CA ALA M 183 -84.46 57.36 18.54
C ALA M 183 -83.01 57.76 18.32
N TYR M 184 -82.44 58.48 19.28
CA TYR M 184 -81.03 58.85 19.21
C TYR M 184 -80.14 57.62 19.16
N ALA M 185 -80.45 56.59 19.97
CA ALA M 185 -79.67 55.38 20.00
C ALA M 185 -79.75 54.64 18.67
N PHE M 186 -80.94 54.52 18.10
CA PHE M 186 -81.07 53.87 16.80
C PHE M 186 -80.35 54.65 15.71
N GLN M 187 -80.40 55.98 15.78
CA GLN M 187 -79.63 56.80 14.86
C GLN M 187 -78.15 56.49 14.96
N ASP M 188 -77.61 56.39 16.18
CA ASP M 188 -76.20 56.10 16.35
C ASP M 188 -75.85 54.71 15.82
N LEU M 189 -76.72 53.73 16.05
CA LEU M 189 -76.47 52.38 15.55
C LEU M 189 -76.44 52.34 14.02
N LYS M 190 -77.38 53.03 13.38
CA LYS M 190 -77.39 53.08 11.92
C LYS M 190 -76.17 53.83 11.40
N ALA M 191 -75.75 54.88 12.09
CA ALA M 191 -74.54 55.60 11.70
C ALA M 191 -73.32 54.68 11.77
N LEU M 192 -73.24 53.85 12.81
CA LEU M 192 -72.14 52.90 12.90
C LEU M 192 -72.16 51.90 11.75
N GLN M 193 -73.34 51.36 11.43
CA GLN M 193 -73.43 50.41 10.32
C GLN M 193 -72.96 51.05 9.01
N ALA M 194 -73.42 52.27 8.76
CA ALA M 194 -73.01 52.98 7.54
C ALA M 194 -71.51 53.25 7.52
N GLU M 195 -70.95 53.67 8.66
CA GLU M 195 -69.53 53.97 8.71
C GLU M 195 -68.69 52.73 8.46
N VAL M 196 -69.09 51.58 9.01
CA VAL M 196 -68.37 50.34 8.77
C VAL M 196 -68.41 49.98 7.30
N ASP M 197 -69.61 50.03 6.70
CA ASP M 197 -69.72 49.69 5.28
C ASP M 197 -68.93 50.68 4.41
N ALA M 198 -68.80 51.92 4.87
CA ALA M 198 -68.04 52.90 4.10
C ALA M 198 -66.54 52.65 4.19
N ASP M 199 -66.05 52.32 5.38
CA ASP M 199 -64.62 52.03 5.53
C ASP M 199 -64.24 50.71 4.86
N PHE M 200 -65.24 49.86 4.59
CA PHE M 200 -64.97 48.62 3.86
C PHE M 200 -64.19 48.86 2.57
N GLU M 201 -64.58 49.86 1.79
CA GLU M 201 -63.94 50.06 0.49
C GLU M 201 -62.55 50.68 0.64
N TRP M 202 -62.32 51.43 1.70
CA TRP M 202 -60.97 51.93 1.97
C TRP M 202 -60.08 50.82 2.50
N LEU M 203 -60.68 49.75 3.03
CA LEU M 203 -59.92 48.56 3.36
C LEU M 203 -59.47 47.82 2.11
N GLY M 204 -60.21 47.96 1.01
CA GLY M 204 -59.90 47.31 -0.24
C GLY M 204 -59.05 48.10 -1.21
N GLU M 205 -58.33 49.11 -0.72
CA GLU M 205 -57.48 49.91 -1.58
C GLU M 205 -56.11 49.24 -1.77
N PHE M 206 -55.44 49.61 -2.87
CA PHE M 206 -54.10 49.10 -3.12
C PHE M 206 -53.06 49.81 -2.26
N GLY M 207 -53.19 51.12 -2.12
CA GLY M 207 -52.18 51.94 -1.51
C GLY M 207 -52.41 52.33 -0.07
N ILE M 208 -53.28 51.63 0.66
CA ILE M 208 -53.48 51.94 2.07
C ILE M 208 -52.22 51.68 2.87
N ASP M 209 -51.55 50.56 2.60
CA ASP M 209 -50.28 50.23 3.25
C ASP M 209 -49.22 51.19 2.72
N GLN M 210 -48.82 52.16 3.54
CA GLN M 210 -47.89 53.18 3.06
C GLN M 210 -46.55 53.15 3.79
N GLU M 211 -46.59 53.26 5.11
CA GLU M 211 -45.42 53.60 5.90
C GLU M 211 -45.59 53.04 7.32
N ASP M 212 -44.49 52.95 8.05
CA ASP M 212 -44.56 52.68 9.47
C ASP M 212 -45.48 53.68 10.15
N GLY M 213 -46.61 53.18 10.66
CA GLY M 213 -47.62 54.02 11.24
C GLY M 213 -48.81 54.30 10.34
N ASN M 214 -48.69 54.09 9.03
CA ASN M 214 -49.84 54.15 8.13
C ASN M 214 -49.84 52.87 7.31
N TYR M 215 -50.44 51.82 7.84
CA TYR M 215 -50.57 50.58 7.09
C TYR M 215 -51.64 49.70 7.73
N VAL M 216 -52.01 48.65 7.03
CA VAL M 216 -53.10 47.77 7.43
C VAL M 216 -52.54 46.38 7.68
N GLN M 217 -52.76 45.87 8.89
CA GLN M 217 -52.34 44.52 9.24
C GLN M 217 -53.36 43.49 8.74
N ARG M 218 -52.95 42.22 8.79
CA ARG M 218 -53.77 41.16 8.20
C ARG M 218 -54.92 40.76 9.11
N TYR M 219 -54.95 41.26 10.35
CA TYR M 219 -56.00 40.85 11.28
C TYR M 219 -57.07 41.93 11.41
N HIS M 220 -56.82 43.13 10.89
CA HIS M 220 -57.82 44.20 10.94
C HIS M 220 -59.09 43.81 10.22
N LEU M 221 -58.95 43.23 9.02
CA LEU M 221 -60.12 42.95 8.19
C LEU M 221 -61.06 41.92 8.81
N PRO M 222 -60.59 40.79 9.37
CA PRO M 222 -61.53 39.89 10.05
C PRO M 222 -62.26 40.52 11.22
N ALA M 223 -61.60 41.40 11.98
CA ALA M 223 -62.26 42.09 13.07
C ALA M 223 -63.38 42.98 12.55
N VAL M 224 -63.09 43.76 11.50
CA VAL M 224 -64.12 44.61 10.92
C VAL M 224 -65.26 43.77 10.34
N GLU M 225 -64.93 42.62 9.74
CA GLU M 225 -65.95 41.77 9.14
C GLU M 225 -66.88 41.18 10.20
N ALA M 226 -66.32 40.71 11.30
CA ALA M 226 -67.14 40.19 12.39
C ALA M 226 -68.03 41.29 12.97
N LEU M 227 -67.46 42.49 13.16
CA LEU M 227 -68.27 43.59 13.66
C LEU M 227 -69.41 43.91 12.71
N LYS M 228 -69.15 43.89 11.40
CA LYS M 228 -70.19 44.18 10.41
C LYS M 228 -71.29 43.13 10.43
N ALA M 229 -70.91 41.85 10.47
CA ALA M 229 -71.93 40.79 10.49
C ALA M 229 -72.79 40.89 11.74
N GLU M 230 -72.17 41.17 12.89
CA GLU M 230 -72.92 41.30 14.13
C GLU M 230 -73.87 42.49 14.07
N VAL M 231 -73.42 43.63 13.55
CA VAL M 231 -74.29 44.80 13.45
C VAL M 231 -75.45 44.51 12.50
N ASP M 232 -75.17 43.77 11.42
CA ASP M 232 -76.23 43.44 10.43
C ASP M 232 -77.31 42.59 11.11
N ALA M 233 -76.92 41.54 11.86
CA ALA M 233 -77.89 40.70 12.54
C ALA M 233 -78.64 41.50 13.62
N ARG M 234 -77.93 42.36 14.36
CA ARG M 234 -78.56 43.13 15.42
C ARG M 234 -79.62 44.07 14.85
N VAL M 235 -79.31 44.74 13.74
CA VAL M 235 -80.28 45.64 13.12
C VAL M 235 -81.48 44.86 12.60
N ALA M 236 -81.23 43.70 11.99
CA ALA M 236 -82.35 42.87 11.52
C ALA M 236 -83.25 42.46 12.67
N ALA M 237 -82.67 42.27 13.86
CA ALA M 237 -83.50 41.94 15.02
C ALA M 237 -84.24 43.16 15.55
N ILE M 238 -83.59 44.33 15.55
CA ILE M 238 -84.17 45.51 16.19
C ILE M 238 -85.25 46.14 15.31
N GLU M 239 -85.25 45.82 14.02
CA GLU M 239 -86.24 46.42 13.12
C GLU M 239 -87.69 46.15 13.53
N PRO M 240 -88.19 44.91 13.61
CA PRO M 240 -89.61 44.72 13.94
C PRO M 240 -89.99 45.27 15.30
N LEU M 241 -89.08 45.20 16.27
CA LEU M 241 -89.35 45.74 17.60
C LEU M 241 -89.58 47.25 17.54
N ARG M 242 -88.72 47.97 16.82
CA ARG M 242 -88.88 49.40 16.70
C ARG M 242 -90.16 49.75 15.95
N ALA M 243 -90.47 48.99 14.90
CA ALA M 243 -91.71 49.23 14.16
C ALA M 243 -92.93 49.08 15.05
N ASP M 244 -93.01 47.98 15.80
CA ASP M 244 -94.15 47.75 16.67
C ASP M 244 -94.21 48.79 17.78
N SER M 245 -93.06 49.17 18.33
CA SER M 245 -93.04 50.18 19.37
C SER M 245 -93.58 51.51 18.87
N ILE M 246 -93.16 51.94 17.68
CA ILE M 246 -93.68 53.18 17.12
C ILE M 246 -95.18 53.07 16.89
N ALA M 247 -95.62 51.95 16.31
CA ALA M 247 -97.03 51.79 15.96
C ALA M 247 -97.93 51.85 17.20
N LYS M 248 -97.49 51.23 18.29
CA LYS M 248 -98.34 51.17 19.47
C LYS M 248 -98.21 52.44 20.33
N ASN M 249 -97.02 53.02 20.37
CA ASN M 249 -96.83 54.25 21.14
C ASN M 249 -97.53 55.44 20.49
N LEU M 250 -97.67 55.43 19.16
CA LEU M 250 -98.46 56.46 18.50
C LEU M 250 -99.94 56.31 18.85
N GLU M 251 -100.45 55.09 18.83
CA GLU M 251 -101.86 54.86 19.13
C GLU M 251 -102.18 55.14 20.58
N ALA M 252 -101.22 54.96 21.49
CA ALA M 252 -101.43 55.24 22.91
C ALA M 252 -101.35 56.73 23.23
N GLN M 253 -101.19 57.58 22.23
CA GLN M 253 -101.26 59.02 22.42
C GLN M 253 -102.56 59.63 21.93
N LYS M 254 -103.31 58.91 21.10
CA LYS M 254 -104.64 59.36 20.70
C LYS M 254 -105.58 59.46 21.89
N SER M 255 -105.54 58.45 22.77
CA SER M 255 -106.49 58.34 23.88
C SER M 255 -105.86 58.87 25.17
N ASP M 256 -106.70 59.42 26.03
CA ASP M 256 -106.29 59.85 27.37
C ASP M 256 -107.29 59.26 28.36
N VAL M 257 -106.81 58.34 29.20
CA VAL M 257 -107.71 57.50 29.99
C VAL M 257 -108.34 58.28 31.14
N LEU M 258 -107.66 59.34 31.60
CA LEU M 258 -108.16 60.07 32.76
C LEU M 258 -109.41 60.88 32.42
N VAL M 259 -109.47 61.43 31.20
CA VAL M 259 -110.69 62.10 30.76
C VAL M 259 -111.86 61.13 30.74
N ARG M 260 -111.64 59.92 30.24
CA ARG M 260 -112.70 58.94 30.14
C ARG M 260 -113.15 58.49 31.53
N GLN M 261 -112.21 58.39 32.48
CA GLN M 261 -112.59 58.13 33.86
C GLN M 261 -113.44 59.27 34.44
N LEU M 262 -113.07 60.51 34.15
CA LEU M 262 -113.85 61.65 34.62
C LEU M 262 -115.27 61.61 34.06
N PHE M 263 -115.40 61.25 32.79
CA PHE M 263 -116.73 61.18 32.19
C PHE M 263 -117.55 60.03 32.78
N LEU M 264 -116.90 58.91 33.09
CA LEU M 264 -117.59 57.83 33.77
C LEU M 264 -118.12 58.28 35.14
N GLU M 265 -117.31 59.01 35.89
CA GLU M 265 -117.74 59.47 37.22
C GLU M 265 -118.89 60.46 37.09
N ARG M 266 -118.83 61.36 36.10
CA ARG M 266 -119.93 62.27 35.88
C ARG M 266 -121.21 61.53 35.50
N ALA M 267 -121.08 60.48 34.68
CA ALA M 267 -122.25 59.71 34.30
C ALA M 267 -122.86 58.99 35.50
N THR M 268 -122.03 58.50 36.42
CA THR M 268 -122.56 57.90 37.65
C THR M 268 -123.32 58.91 38.48
N ALA M 269 -122.76 60.11 38.65
CA ALA M 269 -123.46 61.15 39.41
C ALA M 269 -124.78 61.51 38.74
N GLN M 270 -124.79 61.59 37.41
CA GLN M 270 -126.04 61.83 36.69
C GLN M 270 -127.04 60.72 36.94
N ARG M 271 -126.59 59.47 36.95
CA ARG M 271 -127.52 58.35 37.15
C ARG M 271 -128.18 58.41 38.52
N ASP M 272 -127.40 58.67 39.58
CA ASP M 272 -128.02 58.60 40.90
C ASP M 272 -128.90 59.83 41.15
N THR M 273 -128.48 61.00 40.66
CA THR M 273 -129.37 62.15 40.72
C THR M 273 -130.66 61.90 39.93
N LEU M 274 -130.55 61.19 38.81
CA LEU M 274 -131.73 60.87 38.00
C LEU M 274 -132.69 59.97 38.75
N ARG M 275 -132.19 58.96 39.45
CA ARG M 275 -133.12 58.10 40.17
C ARG M 275 -133.74 58.83 41.36
N VAL M 276 -132.98 59.75 41.98
CA VAL M 276 -133.59 60.58 43.03
C VAL M 276 -134.75 61.40 42.47
N VAL M 277 -134.54 62.02 41.31
CA VAL M 277 -135.59 62.85 40.70
C VAL M 277 -136.78 61.99 40.28
N GLU M 278 -136.52 60.80 39.74
CA GLU M 278 -137.62 59.92 39.34
C GLU M 278 -138.43 59.47 40.54
N ALA M 279 -137.75 59.19 41.66
CA ALA M 279 -138.47 58.87 42.89
C ALA M 279 -139.34 60.03 43.33
N ILE M 280 -138.80 61.26 43.26
CA ILE M 280 -139.58 62.43 43.61
C ILE M 280 -140.86 62.51 42.79
N PHE M 281 -140.74 62.35 41.47
CA PHE M 281 -141.90 62.49 40.60
C PHE M 281 -142.90 61.36 40.83
N SER M 282 -142.44 60.13 41.00
CA SER M 282 -143.36 59.03 41.23
C SER M 282 -144.09 59.19 42.57
N THR M 283 -143.37 59.65 43.60
CA THR M 283 -144.00 59.90 44.90
C THR M 283 -145.08 60.96 44.79
N SER M 284 -144.78 62.07 44.11
CA SER M 284 -145.76 63.13 43.96
C SER M 284 -146.98 62.64 43.16
N ALA M 285 -146.75 61.86 42.11
CA ALA M 285 -147.85 61.35 41.31
C ALA M 285 -148.75 60.44 42.12
N ARG M 286 -148.17 59.55 42.93
CA ARG M 286 -149.00 58.67 43.76
C ARG M 286 -149.72 59.45 44.84
N TYR M 287 -149.08 60.47 45.41
CA TYR M 287 -149.72 61.30 46.42
C TYR M 287 -150.94 62.01 45.85
N VAL M 288 -150.83 62.54 44.64
CA VAL M 288 -151.97 63.22 44.03
C VAL M 288 -153.05 62.22 43.62
N GLU M 289 -152.65 61.06 43.08
CA GLU M 289 -153.63 60.11 42.56
C GLU M 289 -154.50 59.50 43.66
N LEU M 290 -154.03 59.49 44.90
CA LEU M 290 -154.79 58.91 46.01
C LEU M 290 -155.79 59.90 46.61
N TYR M 291 -156.15 60.94 45.87
CA TYR M 291 -157.16 61.90 46.32
C TYR M 291 -158.53 61.24 46.30
N GLU M 292 -159.06 60.91 47.48
CA GLU M 292 -160.38 60.29 47.64
C GLU M 292 -160.49 59.02 46.79
N ASN M 293 -159.41 58.26 46.74
CA ASN M 293 -159.38 57.02 45.98
C ASN M 293 -159.79 55.85 46.87
N VAL M 294 -160.31 54.80 46.23
CA VAL M 294 -160.69 53.59 46.96
C VAL M 294 -159.49 52.86 47.55
N GLU M 295 -158.28 53.22 47.13
CA GLU M 295 -157.07 52.58 47.61
C GLU M 295 -156.42 53.31 48.78
N ASN M 296 -156.92 54.48 49.14
CA ASN M 296 -156.37 55.24 50.27
C ASN M 296 -156.93 54.64 51.56
N VAL M 297 -156.23 53.64 52.09
CA VAL M 297 -156.70 52.90 53.25
C VAL M 297 -155.93 53.34 54.48
N ASN M 298 -156.36 52.86 55.64
CA ASN M 298 -155.72 53.19 56.91
C ASN M 298 -154.66 52.15 57.25
N VAL M 299 -153.45 52.63 57.53
CA VAL M 299 -152.34 51.76 57.92
C VAL M 299 -151.50 52.50 58.95
N GLU M 300 -151.23 51.85 60.08
CA GLU M 300 -150.34 52.37 61.12
C GLU M 300 -150.79 53.74 61.62
N ASN M 301 -152.03 53.79 62.12
CA ASN M 301 -152.59 55.00 62.73
C ASN M 301 -152.59 56.19 61.76
N LYS M 302 -152.66 55.91 60.46
CA LYS M 302 -152.64 56.96 59.45
C LYS M 302 -153.14 56.39 58.14
N THR M 303 -153.29 57.27 57.16
CA THR M 303 -153.62 56.87 55.81
C THR M 303 -152.36 56.81 54.94
N LEU M 304 -152.56 56.38 53.69
CA LEU M 304 -151.43 56.12 52.81
C LEU M 304 -150.69 57.40 52.44
N ARG M 305 -151.43 58.51 52.32
CA ARG M 305 -150.83 59.73 51.79
C ARG M 305 -149.95 60.44 52.80
N GLN M 306 -150.21 60.25 54.10
CA GLN M 306 -149.42 60.94 55.10
C GLN M 306 -147.97 60.45 55.11
N HIS M 307 -147.75 59.16 54.85
CA HIS M 307 -146.39 58.65 54.71
C HIS M 307 -145.67 59.33 53.56
N TYR M 308 -146.34 59.42 52.42
CA TYR M 308 -145.75 60.07 51.25
C TYR M 308 -145.41 61.53 51.56
N SER M 309 -146.30 62.21 52.28
CA SER M 309 -146.03 63.59 52.66
C SER M 309 -144.82 63.68 53.58
N ALA M 310 -144.72 62.76 54.54
CA ALA M 310 -143.58 62.77 55.46
C ALA M 310 -142.27 62.43 54.74
N LEU M 311 -142.34 61.77 53.59
CA LEU M 311 -141.15 61.48 52.81
C LEU M 311 -140.42 62.72 52.29
N ILE M 312 -140.93 63.92 52.55
CA ILE M 312 -140.43 65.11 51.87
C ILE M 312 -139.04 65.53 52.35
N PRO M 313 -138.78 65.72 53.64
CA PRO M 313 -137.43 66.17 54.05
C PRO M 313 -136.32 65.19 53.67
N ASN M 314 -136.61 63.88 53.68
CA ASN M 314 -135.63 62.90 53.24
C ASN M 314 -135.23 63.15 51.79
N LEU M 315 -136.22 63.29 50.92
CA LEU M 315 -135.94 63.55 49.51
C LEU M 315 -135.23 64.89 49.33
N PHE M 316 -135.57 65.87 50.15
CA PHE M 316 -134.90 67.17 50.07
C PHE M 316 -133.41 67.03 50.36
N ILE M 317 -133.07 66.37 51.47
CA ILE M 317 -131.65 66.21 51.81
C ILE M 317 -130.93 65.38 50.76
N ALA M 318 -131.55 64.29 50.30
CA ALA M 318 -130.92 63.44 49.29
C ALA M 318 -130.66 64.23 48.01
N ALA M 319 -131.63 65.02 47.56
CA ALA M 319 -131.46 65.81 46.35
C ALA M 319 -130.37 66.85 46.51
N VAL M 320 -130.29 67.50 47.68
CA VAL M 320 -129.27 68.51 47.89
C VAL M 320 -127.88 67.89 47.81
N ALA M 321 -127.69 66.74 48.47
CA ALA M 321 -126.39 66.08 48.43
C ALA M 321 -126.03 65.64 47.01
N ASN M 322 -126.98 65.02 46.31
CA ASN M 322 -126.70 64.57 44.95
C ASN M 322 -126.39 65.73 44.02
N ILE M 323 -127.10 66.85 44.19
CA ILE M 323 -126.86 68.02 43.35
C ILE M 323 -125.47 68.58 43.61
N SER M 324 -125.06 68.65 44.87
CA SER M 324 -123.72 69.17 45.16
C SER M 324 -122.64 68.29 44.54
N GLU M 325 -122.80 66.96 44.66
CA GLU M 325 -121.80 66.08 44.08
C GLU M 325 -121.78 66.16 42.56
N LEU M 326 -122.97 66.31 41.95
CA LEU M 326 -123.02 66.43 40.49
C LEU M 326 -122.38 67.73 40.02
N ASN M 327 -122.56 68.82 40.76
CA ASN M 327 -121.90 70.07 40.43
C ASN M 327 -120.39 69.93 40.50
N ALA M 328 -119.89 69.27 41.55
CA ALA M 328 -118.45 69.07 41.67
C ALA M 328 -117.92 68.23 40.51
N ALA M 329 -118.63 67.16 40.16
CA ALA M 329 -118.19 66.31 39.05
C ALA M 329 -118.20 67.08 37.72
N ASP M 330 -119.23 67.89 37.50
CA ASP M 330 -119.32 68.68 36.27
C ASP M 330 -118.15 69.64 36.16
N ALA M 331 -117.84 70.35 37.25
CA ALA M 331 -116.71 71.26 37.22
C ALA M 331 -115.40 70.52 36.97
N GLU M 332 -115.23 69.36 37.61
CA GLU M 332 -114.00 68.60 37.44
C GLU M 332 -113.81 68.16 35.99
N ALA M 333 -114.87 67.62 35.37
CA ALA M 333 -114.73 67.15 34.00
C ALA M 333 -114.60 68.30 33.01
N ALA M 334 -115.21 69.45 33.31
CA ALA M 334 -115.11 70.57 32.38
C ALA M 334 -113.74 71.23 32.43
N ALA M 335 -113.17 71.40 33.62
CA ALA M 335 -111.91 72.13 33.73
C ALA M 335 -110.69 71.34 33.27
N TYR M 336 -110.82 70.01 33.13
CA TYR M 336 -109.69 69.17 32.77
C TYR M 336 -110.01 68.30 31.57
N TYR M 337 -110.64 68.88 30.55
CA TYR M 337 -110.87 68.15 29.31
C TYR M 337 -109.57 68.00 28.53
N LEU M 338 -108.73 69.04 28.53
CA LEU M 338 -107.42 68.99 27.88
C LEU M 338 -106.45 69.75 28.77
N HIS M 339 -105.79 69.01 29.66
CA HIS M 339 -104.87 69.60 30.62
C HIS M 339 -103.69 68.66 30.82
N TRP M 340 -102.59 69.22 31.35
CA TRP M 340 -101.41 68.42 31.62
C TRP M 340 -101.69 67.36 32.68
N ASP M 341 -102.44 67.72 33.71
CA ASP M 341 -102.69 66.84 34.85
C ASP M 341 -103.57 65.65 34.46
N THR M 342 -103.86 65.53 33.17
CA THR M 342 -104.64 64.42 32.64
C THR M 342 -103.86 63.54 31.69
N ASP M 343 -102.98 64.11 30.87
CA ASP M 343 -102.01 63.38 30.08
C ASP M 343 -100.64 63.66 30.69
N LEU M 344 -100.14 62.72 31.49
CA LEU M 344 -98.97 62.95 32.31
C LEU M 344 -97.69 62.54 31.57
N ALA M 345 -96.59 62.44 32.31
CA ALA M 345 -95.27 62.32 31.71
C ALA M 345 -95.13 61.05 30.89
N THR M 346 -95.19 59.89 31.54
CA THR M 346 -95.02 58.65 30.81
C THR M 346 -96.28 58.36 29.99
N ASN M 347 -96.13 57.54 28.96
CA ASN M 347 -97.32 57.08 28.24
C ASN M 347 -98.15 56.15 29.12
N ASP M 348 -97.50 55.42 30.03
CA ASP M 348 -98.19 54.44 30.85
C ASP M 348 -99.25 55.08 31.73
N GLU M 349 -98.84 56.03 32.58
CA GLU M 349 -99.72 56.73 33.53
C GLU M 349 -100.76 55.79 34.13
N ASP M 350 -100.28 54.70 34.74
CA ASP M 350 -101.17 53.70 35.31
C ASP M 350 -101.38 53.89 36.81
N GLU M 351 -100.38 54.40 37.52
CA GLU M 351 -100.51 54.59 38.96
C GLU M 351 -101.60 55.61 39.27
N ALA M 352 -101.66 56.69 38.51
CA ALA M 352 -102.70 57.70 38.72
C ALA M 352 -104.07 57.13 38.42
N TYR M 353 -104.19 56.32 37.36
CA TYR M 353 -105.46 55.71 37.03
C TYR M 353 -105.92 54.78 38.14
N TYR M 354 -105.01 53.99 38.71
CA TYR M 354 -105.41 53.06 39.76
C TYR M 354 -105.74 53.79 41.05
N LYS M 355 -105.02 54.87 41.36
CA LYS M 355 -105.38 55.69 42.52
C LYS M 355 -106.77 56.31 42.36
N ALA M 356 -107.06 56.84 41.17
CA ALA M 356 -108.38 57.40 40.90
C ALA M 356 -109.46 56.34 40.97
N LYS M 357 -109.18 55.14 40.45
CA LYS M 357 -110.16 54.05 40.52
C LYS M 357 -110.45 53.66 41.96
N LEU M 358 -109.41 53.64 42.80
CA LEU M 358 -109.62 53.37 44.21
C LEU M 358 -110.50 54.43 44.85
N ASP M 359 -110.21 55.71 44.60
CA ASP M 359 -111.02 56.78 45.18
C ASP M 359 -112.48 56.68 44.71
N PHE M 360 -112.67 56.39 43.42
CA PHE M 360 -114.01 56.25 42.86
C PHE M 360 -114.76 55.10 43.50
N ALA M 361 -114.10 53.96 43.71
CA ALA M 361 -114.75 52.82 44.35
C ALA M 361 -115.12 53.13 45.78
N ILE M 362 -114.23 53.81 46.52
CA ILE M 362 -114.55 54.21 47.89
C ILE M 362 -115.78 55.08 47.91
N GLU M 363 -115.84 56.07 47.03
CA GLU M 363 -116.98 56.97 46.98
C GLU M 363 -118.26 56.22 46.63
N THR M 364 -118.20 55.29 45.67
CA THR M 364 -119.37 54.54 45.27
C THR M 364 -119.90 53.68 46.41
N TYR M 365 -119.00 53.01 47.12
CA TYR M 365 -119.43 52.15 48.23
C TYR M 365 -120.02 52.99 49.36
N ALA M 366 -119.45 54.16 49.65
CA ALA M 366 -120.05 55.04 50.64
C ALA M 366 -121.42 55.53 50.20
N LYS M 367 -121.56 55.84 48.91
CA LYS M 367 -122.82 56.36 48.39
C LYS M 367 -123.92 55.30 48.45
N ILE M 368 -123.57 54.03 48.27
CA ILE M 368 -124.58 52.98 48.39
C ILE M 368 -125.26 53.05 49.76
N LEU M 369 -124.45 53.12 50.82
CA LEU M 369 -124.99 53.21 52.17
C LEU M 369 -125.75 54.51 52.38
N PHE M 370 -125.20 55.63 51.91
CA PHE M 370 -125.85 56.92 52.10
C PHE M 370 -127.24 56.94 51.47
N ASN M 371 -127.32 56.55 50.20
CA ASN M 371 -128.61 56.56 49.50
C ASN M 371 -129.57 55.54 50.09
N GLY M 372 -129.08 54.35 50.44
CA GLY M 372 -129.97 53.37 51.05
C GLY M 372 -130.56 53.84 52.36
N GLU M 373 -129.78 54.58 53.15
CA GLU M 373 -130.29 55.00 54.45
C GLU M 373 -131.15 56.25 54.36
N VAL M 374 -130.92 57.12 53.39
CA VAL M 374 -131.60 58.42 53.39
C VAL M 374 -132.99 58.34 52.78
N TRP M 375 -133.13 57.81 51.57
CA TRP M 375 -134.41 57.89 50.87
C TRP M 375 -134.94 56.58 50.30
N GLN M 376 -134.08 55.61 49.97
CA GLN M 376 -134.57 54.42 49.29
C GLN M 376 -135.53 53.62 50.17
N GLU M 377 -135.17 53.41 51.42
CA GLU M 377 -135.93 52.49 52.25
C GLU M 377 -137.18 53.12 52.85
N PRO M 378 -137.14 54.40 53.25
CA PRO M 378 -138.42 55.07 53.58
C PRO M 378 -139.43 55.01 52.46
N LEU M 379 -138.99 55.13 51.20
CA LEU M 379 -139.93 55.02 50.09
C LEU M 379 -140.36 53.58 49.85
N ALA M 380 -139.42 52.64 49.98
CA ALA M 380 -139.73 51.23 49.75
C ALA M 380 -140.75 50.73 50.76
N TYR M 381 -140.70 51.24 51.99
CA TYR M 381 -141.65 50.84 53.01
C TYR M 381 -143.07 51.23 52.62
N VAL M 382 -143.25 52.47 52.16
CA VAL M 382 -144.58 52.93 51.76
C VAL M 382 -145.06 52.16 50.53
N GLN M 383 -144.17 51.92 49.57
CA GLN M 383 -144.57 51.15 48.39
C GLN M 383 -144.94 49.72 48.76
N ASN M 384 -144.26 49.13 49.73
CA ASN M 384 -144.63 47.80 50.20
C ASN M 384 -145.97 47.82 50.90
N LEU M 385 -146.26 48.87 51.65
CA LEU M 385 -147.60 49.01 52.23
C LEU M 385 -148.66 49.03 51.14
N ASP M 386 -148.42 49.83 50.09
CA ASP M 386 -149.33 49.86 48.95
C ASP M 386 -149.55 48.48 48.35
N ALA M 387 -148.46 47.80 48.02
CA ALA M 387 -148.56 46.50 47.35
C ALA M 387 -149.23 45.47 48.24
N GLY M 388 -148.93 45.49 49.54
CA GLY M 388 -149.57 44.58 50.46
C GLY M 388 -151.06 44.81 50.56
N ALA M 389 -151.48 46.08 50.59
CA ALA M 389 -152.91 46.38 50.62
C ALA M 389 -153.62 45.84 49.38
N ARG M 390 -153.06 46.11 48.20
CA ARG M 390 -153.69 45.60 46.98
C ARG M 390 -153.72 44.08 46.96
N GLN M 391 -152.61 43.45 47.35
CA GLN M 391 -152.55 41.99 47.33
C GLN M 391 -153.55 41.36 48.29
N GLU M 392 -153.68 41.92 49.49
CA GLU M 392 -154.62 41.36 50.46
C GLU M 392 -156.06 41.54 49.98
N ALA M 393 -156.38 42.70 49.39
CA ALA M 393 -157.72 42.86 48.82
C ALA M 393 -157.96 41.82 47.73
N ALA M 394 -156.97 41.62 46.85
CA ALA M 394 -157.15 40.72 45.72
C ALA M 394 -157.36 39.27 46.17
N ASP M 395 -156.50 38.78 47.07
CA ASP M 395 -156.65 37.37 47.43
C ASP M 395 -157.80 37.17 48.40
N ARG M 396 -158.23 38.23 49.11
CA ARG M 396 -159.47 38.13 49.88
C ARG M 396 -160.66 37.91 48.95
N GLU M 397 -160.74 38.70 47.88
CA GLU M 397 -161.81 38.49 46.90
C GLU M 397 -161.71 37.11 46.26
N ALA M 398 -160.50 36.69 45.91
CA ALA M 398 -160.33 35.38 45.29
C ALA M 398 -160.73 34.25 46.23
N ALA M 399 -160.36 34.35 47.50
CA ALA M 399 -160.73 33.33 48.47
C ALA M 399 -162.23 33.29 48.69
N ARG M 400 -162.89 34.45 48.74
CA ARG M 400 -164.33 34.48 48.87
C ARG M 400 -165.00 33.78 47.69
N ALA M 401 -164.55 34.10 46.47
CA ALA M 401 -165.12 33.46 45.28
C ALA M 401 -164.87 31.96 45.28
N ALA M 402 -163.66 31.54 45.66
CA ALA M 402 -163.34 30.12 45.68
C ALA M 402 -164.20 29.38 46.70
N ASP M 403 -164.38 29.97 47.88
CA ASP M 403 -165.23 29.34 48.90
C ASP M 403 -166.66 29.21 48.42
N GLU M 404 -167.19 30.27 47.80
CA GLU M 404 -168.56 30.21 47.30
C GLU M 404 -168.71 29.12 46.24
N ALA M 405 -167.76 29.05 45.30
CA ALA M 405 -167.82 28.04 44.25
C ALA M 405 -167.71 26.63 44.84
N TYR M 406 -166.83 26.44 45.82
CA TYR M 406 -166.65 25.13 46.42
C TYR M 406 -167.91 24.68 47.15
N ARG M 407 -168.54 25.61 47.89
CA ARG M 407 -169.78 25.28 48.58
C ARG M 407 -170.88 24.93 47.58
N ALA M 408 -171.00 25.71 46.51
CA ALA M 408 -172.02 25.43 45.49
C ALA M 408 -171.78 24.08 44.84
N GLU M 409 -170.52 23.77 44.54
CA GLU M 409 -170.19 22.48 43.94
C GLU M 409 -170.57 21.33 44.86
N GLN M 410 -170.21 21.42 46.15
CA GLN M 410 -170.55 20.36 47.09
C GLN M 410 -172.06 20.19 47.20
N LEU M 411 -172.78 21.30 47.33
CA LEU M 411 -174.23 21.20 47.49
C LEU M 411 -174.89 20.61 46.25
N ARG M 412 -174.45 21.02 45.05
CA ARG M 412 -175.05 20.50 43.84
C ARG M 412 -174.74 19.02 43.66
N ILE M 413 -173.51 18.60 44.00
CA ILE M 413 -173.17 17.18 43.89
C ILE M 413 -174.00 16.36 44.86
N ALA M 414 -174.13 16.83 46.11
CA ALA M 414 -174.91 16.09 47.10
C ALA M 414 -176.37 15.98 46.69
N GLN M 415 -176.96 17.09 46.24
CA GLN M 415 -178.36 17.06 45.82
C GLN M 415 -178.56 16.18 44.59
N GLU M 416 -177.62 16.22 43.65
CA GLU M 416 -177.79 15.45 42.42
C GLU M 416 -177.66 13.96 42.73
N ALA M 417 -176.74 13.59 43.62
CA ALA M 417 -176.68 12.22 44.11
C ALA M 417 -177.97 11.85 44.85
N ALA M 418 -178.56 12.82 45.55
CA ALA M 418 -179.82 12.57 46.22
C ALA M 418 -180.91 12.20 45.22
N ASP M 419 -181.01 12.94 44.12
CA ASP M 419 -181.95 12.56 43.07
C ASP M 419 -181.60 11.22 42.42
N ALA M 420 -180.31 10.87 42.36
CA ALA M 420 -179.93 9.53 41.90
C ALA M 420 -180.51 8.45 42.83
N GLN M 421 -180.37 8.67 44.14
CA GLN M 421 -180.99 7.76 45.10
C GLN M 421 -182.50 7.78 44.95
N LYS M 422 -183.06 8.92 44.57
CA LYS M 422 -184.50 9.02 44.33
C LYS M 422 -184.92 8.14 43.18
N ALA M 423 -184.12 8.14 42.11
CA ALA M 423 -184.37 7.25 40.98
C ALA M 423 -184.30 5.79 41.41
N ILE M 424 -183.32 5.45 42.24
CA ILE M 424 -183.23 4.09 42.78
C ILE M 424 -184.51 3.74 43.52
N ALA M 425 -184.96 4.65 44.40
CA ALA M 425 -186.13 4.38 45.22
C ALA M 425 -187.37 4.18 44.37
N GLU M 426 -187.60 5.06 43.39
CA GLU M 426 -188.79 4.92 42.56
C GLU M 426 -188.71 3.67 41.70
N ALA M 427 -187.52 3.32 41.21
CA ALA M 427 -187.40 2.13 40.37
C ALA M 427 -187.73 0.87 41.14
N LEU M 428 -187.10 0.67 42.30
CA LEU M 428 -187.37 -0.54 43.07
C LEU M 428 -188.71 -0.48 43.80
N ALA M 429 -189.34 0.69 43.88
CA ALA M 429 -190.74 0.71 44.29
C ALA M 429 -191.67 0.28 43.17
N LYS M 430 -191.33 0.64 41.93
CA LYS M 430 -192.19 0.31 40.80
C LYS M 430 -192.05 -1.17 40.41
N GLU M 431 -190.86 -1.74 40.57
CA GLU M 431 -190.68 -3.15 40.21
C GLU M 431 -191.59 -4.05 41.04
N ALA M 432 -191.73 -3.76 42.33
CA ALA M 432 -192.62 -4.52 43.19
C ALA M 432 -193.80 -3.67 43.64
N GLU N 1 -129.22 33.60 48.29
CA GLU N 1 -130.12 32.99 49.25
C GLU N 1 -130.06 33.72 50.58
N THR N 2 -130.56 33.09 51.64
CA THR N 2 -130.54 33.70 52.95
C THR N 2 -129.11 33.74 53.48
N ASN N 3 -128.95 34.22 54.71
CA ASN N 3 -127.64 34.26 55.34
C ASN N 3 -127.63 33.40 56.60
N PRO N 4 -127.51 32.06 56.50
CA PRO N 4 -127.57 31.22 57.71
C PRO N 4 -126.24 31.07 58.43
N THR N 5 -125.25 31.91 58.14
CA THR N 5 -123.91 31.67 58.65
C THR N 5 -123.83 31.66 60.18
N PHE N 6 -124.54 32.57 60.84
CA PHE N 6 -124.40 32.64 62.29
C PHE N 6 -125.66 32.30 63.08
N ASN N 7 -126.42 31.38 62.55
CA ASN N 7 -127.64 30.98 63.26
C ASN N 7 -128.16 29.78 62.52
N ILE N 8 -128.83 28.86 63.18
CA ILE N 8 -129.55 27.74 62.54
C ILE N 8 -128.57 26.68 62.14
N THR N 9 -127.32 26.91 62.50
CA THR N 9 -126.26 26.00 62.05
C THR N 9 -126.14 24.89 63.07
N ASN N 10 -125.89 23.64 62.63
CA ASN N 10 -125.56 22.73 63.72
C ASN N 10 -124.91 23.53 64.83
N GLY N 11 -125.55 23.51 66.01
CA GLY N 11 -125.16 24.43 67.07
C GLY N 11 -123.69 24.39 67.38
N PHE N 12 -123.08 23.21 67.28
CA PHE N 12 -121.64 23.08 67.47
C PHE N 12 -121.05 22.60 66.15
N ASN N 13 -120.33 23.48 65.46
CA ASN N 13 -119.86 23.24 64.11
C ASN N 13 -118.35 23.36 64.06
N ASP N 14 -117.72 22.51 63.23
CA ASP N 14 -116.27 22.58 63.08
C ASP N 14 -115.86 23.78 62.24
N ALA N 15 -116.79 24.33 61.47
CA ALA N 15 -116.45 25.41 60.54
C ALA N 15 -116.03 26.69 61.25
N ASP N 16 -116.44 26.89 62.51
CA ASP N 16 -116.13 28.11 63.23
C ASP N 16 -115.15 27.88 64.38
N GLY N 17 -114.89 26.64 64.76
CA GLY N 17 -114.12 26.36 65.95
C GLY N 17 -114.94 26.22 67.22
N SER N 18 -116.22 25.87 67.09
CA SER N 18 -117.12 25.71 68.24
C SER N 18 -117.29 24.26 68.66
N THR N 19 -116.96 23.31 67.80
CA THR N 19 -117.08 21.91 68.15
C THR N 19 -115.91 21.48 69.04
N ILE N 20 -116.05 20.29 69.63
CA ILE N 20 -115.02 19.72 70.49
C ILE N 20 -114.01 18.99 69.63
N GLN N 21 -112.79 18.85 70.12
CA GLN N 21 -111.72 18.23 69.36
C GLN N 21 -110.89 17.31 70.26
N PRO N 22 -110.97 16.00 70.09
CA PRO N 22 -110.09 15.09 70.82
C PRO N 22 -108.65 15.26 70.37
N VAL N 23 -107.72 15.29 71.32
CA VAL N 23 -106.31 15.52 71.03
C VAL N 23 -105.48 14.41 71.67
N GLY N 24 -104.56 13.85 70.88
CA GLY N 24 -103.48 13.04 71.41
C GLY N 24 -102.21 13.88 71.43
N PRO N 25 -101.12 13.31 71.90
CA PRO N 25 -99.85 14.06 71.84
C PRO N 25 -99.13 13.88 70.52
N VAL N 26 -99.00 14.97 69.76
CA VAL N 26 -98.24 14.99 68.51
C VAL N 26 -97.35 16.23 68.53
N ASN N 27 -96.10 16.07 68.14
CA ASN N 27 -95.12 17.15 68.24
C ASN N 27 -95.15 17.99 66.97
N HIS N 28 -95.67 19.21 67.09
CA HIS N 28 -95.53 20.23 66.07
C HIS N 28 -94.61 21.31 66.61
N THR N 29 -93.53 21.58 65.89
CA THR N 29 -92.48 22.43 66.40
C THR N 29 -92.95 23.88 66.54
N GLU N 30 -92.22 24.65 67.34
CA GLU N 30 -92.53 26.06 67.49
C GLU N 30 -92.46 26.79 66.16
N GLU N 31 -91.52 26.41 65.30
CA GLU N 31 -91.44 27.00 63.97
C GLU N 31 -92.67 26.68 63.13
N THR N 32 -93.15 25.44 63.20
CA THR N 32 -94.34 25.06 62.44
C THR N 32 -95.56 25.86 62.89
N LEU N 33 -95.72 26.01 64.21
CA LEU N 33 -96.84 26.79 64.73
C LEU N 33 -96.72 28.25 64.35
N ARG N 34 -95.51 28.80 64.40
CA ARG N 34 -95.33 30.20 64.02
C ARG N 34 -95.65 30.41 62.54
N ASP N 35 -95.25 29.46 61.69
CA ASP N 35 -95.61 29.54 60.28
C ASP N 35 -97.11 29.48 60.08
N LEU N 36 -97.78 28.56 60.78
CA LEU N 36 -99.22 28.42 60.62
C LEU N 36 -99.96 29.66 61.10
N THR N 37 -99.48 30.30 62.17
CA THR N 37 -100.14 31.50 62.66
C THR N 37 -99.84 32.69 61.74
N ASP N 38 -98.62 32.81 61.25
CA ASP N 38 -98.29 33.91 60.34
C ASP N 38 -99.02 33.78 59.02
N SER N 39 -99.39 32.56 58.63
CA SER N 39 -100.18 32.39 57.41
C SER N 39 -101.50 33.16 57.48
N THR N 40 -102.18 33.09 58.63
CA THR N 40 -103.42 33.84 58.80
C THR N 40 -103.14 35.30 59.18
N GLY N 41 -102.02 35.56 59.85
CA GLY N 41 -101.65 36.92 60.17
C GLY N 41 -101.44 37.75 58.92
N ALA N 42 -100.94 37.13 57.85
CA ALA N 42 -100.82 37.83 56.58
C ALA N 42 -102.18 38.30 56.08
N TYR N 43 -103.19 37.44 56.19
CA TYR N 43 -104.53 37.83 55.76
C TYR N 43 -105.10 38.93 56.64
N LEU N 44 -104.85 38.87 57.94
CA LEU N 44 -105.40 39.84 58.88
C LEU N 44 -104.60 41.12 58.99
N GLU N 45 -103.44 41.21 58.35
CA GLU N 45 -102.57 42.37 58.51
C GLU N 45 -103.27 43.66 58.07
N GLU N 46 -104.01 43.62 56.98
CA GLU N 46 -104.66 44.82 56.48
C GLU N 46 -105.66 45.37 57.48
N PHE N 47 -106.46 44.49 58.10
CA PHE N 47 -107.34 44.93 59.18
C PHE N 47 -106.53 45.43 60.38
N GLN N 48 -105.43 44.76 60.68
CA GLN N 48 -104.73 45.01 61.94
C GLN N 48 -104.14 46.41 61.99
N ASN N 49 -103.41 46.81 60.95
CA ASN N 49 -102.67 48.06 60.99
C ASN N 49 -102.81 48.90 59.72
N GLY N 50 -103.67 48.48 58.79
CA GLY N 50 -103.85 49.23 57.56
C GLY N 50 -104.81 50.39 57.72
N THR N 51 -105.06 51.07 56.61
CA THR N 51 -106.04 52.13 56.54
C THR N 51 -107.18 51.70 55.63
N VAL N 52 -108.19 52.56 55.52
CA VAL N 52 -109.42 52.20 54.82
C VAL N 52 -109.13 51.82 53.37
N GLU N 53 -108.26 52.60 52.70
CA GLU N 53 -107.93 52.31 51.32
C GLU N 53 -107.28 50.93 51.18
N GLU N 54 -106.36 50.60 52.08
CA GLU N 54 -105.74 49.28 52.05
C GLU N 54 -106.76 48.19 52.28
N ILE N 55 -107.71 48.41 53.20
CA ILE N 55 -108.71 47.39 53.48
C ILE N 55 -109.58 47.13 52.26
N VAL N 56 -110.05 48.19 51.60
CA VAL N 56 -110.90 47.98 50.42
C VAL N 56 -110.08 47.37 49.29
N GLU N 57 -108.80 47.74 49.20
CA GLU N 57 -107.93 47.17 48.17
C GLU N 57 -107.76 45.67 48.34
N ALA N 58 -107.42 45.23 49.56
CA ALA N 58 -106.98 43.86 49.74
C ALA N 58 -108.12 42.86 49.65
N TYR N 59 -109.24 43.13 50.31
CA TYR N 59 -110.27 42.12 50.48
C TYR N 59 -111.27 42.11 49.32
N LEU N 60 -111.49 43.26 48.71
CA LEU N 60 -112.20 43.35 47.44
C LEU N 60 -111.20 43.73 46.37
N GLN N 61 -111.04 42.88 45.37
CA GLN N 61 -110.02 43.05 44.34
C GLN N 61 -110.45 44.20 43.44
N VAL N 62 -110.00 45.41 43.78
CA VAL N 62 -110.36 46.59 42.99
C VAL N 62 -109.64 46.57 41.65
N GLN N 63 -108.34 46.28 41.66
CA GLN N 63 -107.57 46.32 40.41
C GLN N 63 -107.87 45.12 39.54
N ALA N 64 -108.16 43.96 40.15
CA ALA N 64 -108.45 42.75 39.38
C ALA N 64 -109.84 42.77 38.77
N SER N 65 -110.69 43.73 39.13
CA SER N 65 -112.02 43.82 38.53
C SER N 65 -111.92 44.27 37.08
N ALA N 66 -113.02 44.12 36.35
CA ALA N 66 -113.05 44.51 34.95
C ALA N 66 -112.66 45.98 34.79
N ASP N 67 -111.82 46.26 33.80
CA ASP N 67 -111.26 47.59 33.64
C ASP N 67 -112.36 48.60 33.33
N GLY N 68 -112.37 49.68 34.10
CA GLY N 68 -113.49 50.60 34.09
C GLY N 68 -114.44 50.17 35.18
N PHE N 69 -114.45 50.89 36.31
CA PHE N 69 -115.15 50.40 37.49
C PHE N 69 -116.65 50.30 37.23
N ASP N 70 -117.20 49.12 37.46
CA ASP N 70 -118.64 48.93 37.38
C ASP N 70 -119.28 49.51 38.63
N PRO N 71 -119.98 50.64 38.55
CA PRO N 71 -120.70 51.18 39.72
C PRO N 71 -122.01 50.45 40.02
N SER N 72 -122.27 49.34 39.34
CA SER N 72 -123.45 48.54 39.58
C SER N 72 -123.44 47.97 41.00
N GLU N 73 -124.63 47.83 41.57
CA GLU N 73 -124.74 47.21 42.88
C GLU N 73 -124.49 45.70 42.80
N GLN N 74 -124.71 45.11 41.63
CA GLN N 74 -124.39 43.70 41.45
C GLN N 74 -122.89 43.46 41.58
N ALA N 75 -122.08 44.39 41.08
CA ALA N 75 -120.62 44.26 41.21
C ALA N 75 -120.22 44.25 42.69
N ALA N 76 -120.78 45.17 43.47
CA ALA N 76 -120.52 45.19 44.90
C ALA N 76 -120.98 43.90 45.57
N TYR N 77 -122.14 43.38 45.17
CA TYR N 77 -122.62 42.12 45.73
C TYR N 77 -121.65 40.98 45.47
N GLU N 78 -121.16 40.86 44.23
CA GLU N 78 -120.22 39.79 43.93
C GLU N 78 -118.90 39.97 44.66
N ALA N 79 -118.41 41.21 44.76
CA ALA N 79 -117.16 41.45 45.47
C ALA N 79 -117.28 41.06 46.94
N PHE N 80 -118.37 41.46 47.58
CA PHE N 80 -118.55 41.13 49.00
C PHE N 80 -118.77 39.63 49.18
N GLU N 81 -119.45 38.97 48.23
CA GLU N 81 -119.60 37.53 48.31
C GLU N 81 -118.25 36.82 48.23
N ALA N 82 -117.39 37.26 47.32
CA ALA N 82 -116.05 36.67 47.22
C ALA N 82 -115.26 36.88 48.50
N ALA N 83 -115.33 38.08 49.07
CA ALA N 83 -114.64 38.33 50.34
C ALA N 83 -115.18 37.42 51.43
N ARG N 84 -116.50 37.19 51.45
CA ARG N 84 -117.09 36.30 52.43
C ARG N 84 -116.56 34.87 52.28
N VAL N 85 -116.49 34.37 51.04
CA VAL N 85 -116.00 33.01 50.83
C VAL N 85 -114.55 32.89 51.28
N ARG N 86 -113.72 33.89 50.98
CA ARG N 86 -112.33 33.85 51.39
C ARG N 86 -112.21 33.83 52.92
N ALA N 87 -112.96 34.69 53.61
CA ALA N 87 -112.95 34.69 55.07
C ALA N 87 -113.46 33.38 55.63
N SER N 88 -114.44 32.77 54.96
CA SER N 88 -115.00 31.51 55.42
C SER N 88 -113.95 30.40 55.37
N GLN N 89 -113.16 30.36 54.30
CA GLN N 89 -112.09 29.36 54.24
C GLN N 89 -111.01 29.64 55.29
N GLU N 90 -110.65 30.91 55.48
CA GLU N 90 -109.65 31.25 56.49
C GLU N 90 -110.12 30.84 57.89
N LEU N 91 -111.42 30.90 58.14
CA LEU N 91 -111.95 30.51 59.44
C LEU N 91 -111.73 29.03 59.72
N ALA N 92 -111.98 28.17 58.73
CA ALA N 92 -111.72 26.74 58.91
C ALA N 92 -110.22 26.48 59.08
N ALA N 93 -109.39 27.23 58.35
CA ALA N 93 -107.95 27.09 58.54
C ALA N 93 -107.55 27.40 59.98
N SER N 94 -108.06 28.50 60.54
CA SER N 94 -107.73 28.84 61.92
C SER N 94 -108.29 27.82 62.89
N ALA N 95 -109.45 27.24 62.57
CA ALA N 95 -110.01 26.19 63.42
C ALA N 95 -109.07 25.00 63.51
N GLU N 96 -108.48 24.60 62.39
CA GLU N 96 -107.53 23.47 62.44
C GLU N 96 -106.22 23.88 63.12
N THR N 97 -105.82 25.14 62.96
CA THR N 97 -104.64 25.64 63.66
C THR N 97 -104.80 25.53 65.17
N ILE N 98 -106.02 25.80 65.66
CA ILE N 98 -106.31 25.63 67.09
C ILE N 98 -106.00 24.21 67.54
N THR N 99 -106.50 23.21 66.81
CA THR N 99 -106.31 21.83 67.19
C THR N 99 -104.84 21.45 67.18
N LYS N 100 -104.10 21.90 66.17
CA LYS N 100 -102.68 21.54 66.10
C LYS N 100 -101.89 22.18 67.25
N THR N 101 -102.17 23.44 67.56
CA THR N 101 -101.47 24.08 68.68
C THR N 101 -101.82 23.42 70.00
N ARG N 102 -103.04 22.89 70.13
CA ARG N 102 -103.39 22.13 71.34
C ARG N 102 -102.59 20.84 71.42
N GLU N 103 -102.48 20.12 70.30
CA GLU N 103 -101.76 18.84 70.28
C GLU N 103 -100.29 19.05 70.65
N SER N 104 -99.72 20.16 70.19
CA SER N 104 -98.32 20.45 70.51
C SER N 104 -98.08 20.61 72.01
N VAL N 105 -98.96 21.37 72.68
CA VAL N 105 -98.84 21.53 74.12
C VAL N 105 -99.05 20.19 74.83
N ALA N 106 -99.96 19.38 74.31
CA ALA N 106 -100.18 18.05 74.89
C ALA N 106 -98.90 17.22 74.87
N TYR N 107 -98.17 17.26 73.76
CA TYR N 107 -96.89 16.53 73.70
C TYR N 107 -95.86 17.12 74.66
N ALA N 108 -95.73 18.45 74.66
CA ALA N 108 -94.67 19.08 75.45
C ALA N 108 -94.84 18.81 76.94
N LEU N 109 -96.05 18.97 77.46
CA LEU N 109 -96.22 18.76 78.90
C LEU N 109 -96.05 17.29 79.26
N LYS N 110 -96.46 16.38 78.40
CA LYS N 110 -96.28 14.96 78.69
C LYS N 110 -94.80 14.61 78.83
N VAL N 111 -93.97 15.06 77.89
CA VAL N 111 -92.55 14.75 78.01
C VAL N 111 -91.95 15.46 79.22
N ASP N 112 -92.47 16.64 79.56
CA ASP N 112 -91.96 17.35 80.73
C ASP N 112 -92.24 16.59 82.02
N GLN N 113 -93.47 16.09 82.18
CA GLN N 113 -93.80 15.31 83.37
C GLN N 113 -92.99 14.04 83.44
N GLU N 114 -92.78 13.37 82.30
CA GLU N 114 -91.94 12.17 82.31
C GLU N 114 -90.53 12.48 82.78
N ALA N 115 -89.97 13.61 82.31
CA ALA N 115 -88.62 14.00 82.74
C ALA N 115 -88.57 14.26 84.24
N THR N 116 -89.56 14.97 84.77
CA THR N 116 -89.58 15.24 86.21
C THR N 116 -89.66 13.94 87.01
N ALA N 117 -90.51 13.01 86.57
CA ALA N 117 -90.63 11.73 87.27
C ALA N 117 -89.32 10.96 87.26
N ALA N 118 -88.65 10.93 86.11
CA ALA N 118 -87.38 10.20 86.02
C ALA N 118 -86.31 10.83 86.90
N PHE N 119 -86.22 12.17 86.91
CA PHE N 119 -85.24 12.82 87.77
C PHE N 119 -85.52 12.52 89.23
N GLU N 120 -86.79 12.56 89.64
CA GLU N 120 -87.12 12.25 91.01
C GLU N 120 -86.71 10.83 91.38
N ALA N 121 -87.01 9.86 90.51
CA ALA N 121 -86.67 8.47 90.82
C ALA N 121 -85.16 8.29 90.95
N TYR N 122 -84.39 8.90 90.03
CA TYR N 122 -82.96 8.67 90.03
C TYR N 122 -82.27 9.39 91.19
N ARG N 123 -82.74 10.59 91.54
CA ARG N 123 -82.23 11.26 92.73
C ARG N 123 -82.58 10.49 93.99
N ASN N 124 -83.78 9.90 94.04
CA ASN N 124 -84.15 9.10 95.20
C ASN N 124 -83.24 7.89 95.35
N ALA N 125 -82.93 7.23 94.23
CA ALA N 125 -82.02 6.10 94.28
C ALA N 125 -80.63 6.52 94.76
N LEU N 126 -80.14 7.67 94.26
CA LEU N 126 -78.83 8.15 94.71
C LEU N 126 -78.84 8.48 96.20
N ARG N 127 -79.93 9.09 96.69
CA ARG N 127 -80.05 9.39 98.11
C ARG N 127 -80.06 8.12 98.94
N ASP N 128 -80.81 7.12 98.49
CA ASP N 128 -80.92 5.85 99.21
C ASP N 128 -79.59 5.11 99.20
N ALA N 129 -78.74 5.37 98.19
CA ALA N 129 -77.45 4.71 98.12
C ALA N 129 -76.58 5.04 99.33
N ALA N 130 -76.52 6.32 99.72
CA ALA N 130 -75.62 6.72 100.79
C ALA N 130 -76.07 6.16 102.14
N ILE N 131 -77.27 6.54 102.58
CA ILE N 131 -77.82 6.06 103.84
C ILE N 131 -79.17 5.44 103.58
N SER N 132 -79.20 4.11 103.47
CA SER N 132 -80.45 3.41 103.18
C SER N 132 -81.36 3.41 104.41
N ILE N 133 -82.67 3.46 104.16
CA ILE N 133 -83.67 3.47 105.21
C ILE N 133 -84.63 2.31 104.97
N ASN N 134 -84.92 1.55 106.02
CA ASN N 134 -85.78 0.38 105.92
C ASN N 134 -87.22 0.82 105.68
N PRO N 135 -88.08 -0.08 105.20
CA PRO N 135 -89.50 0.27 105.06
C PRO N 135 -90.13 0.72 106.37
N ASP N 136 -89.68 0.19 107.50
CA ASP N 136 -90.18 0.62 108.80
C ASP N 136 -89.69 2.02 109.18
N GLY N 137 -88.65 2.52 108.53
CA GLY N 137 -88.14 3.84 108.82
C GLY N 137 -86.85 3.89 109.61
N SER N 138 -86.01 2.86 109.52
CA SER N 138 -84.76 2.80 110.25
C SER N 138 -83.60 2.58 109.29
N ILE N 139 -82.43 3.05 109.71
CA ILE N 139 -81.24 2.88 108.89
C ILE N 139 -80.86 1.40 108.82
N ASN N 140 -80.42 0.96 107.65
CA ASN N 140 -80.02 -0.43 107.45
C ASN N 140 -78.52 -0.47 107.19
N PRO N 141 -77.69 -0.74 108.20
CA PRO N 141 -76.24 -0.78 107.97
C PRO N 141 -75.80 -1.86 107.00
N ASP N 142 -76.62 -2.89 106.79
CA ASP N 142 -76.27 -3.95 105.85
C ASP N 142 -76.14 -3.38 104.44
N THR N 143 -77.09 -2.53 104.04
CA THR N 143 -77.13 -1.98 102.69
C THR N 143 -76.92 -0.48 102.66
N SER N 144 -76.08 0.08 103.53
CA SER N 144 -75.80 1.51 103.55
C SER N 144 -74.33 1.74 103.21
N ILE N 145 -74.06 2.65 102.28
CA ILE N 145 -72.70 2.85 101.80
C ILE N 145 -71.83 3.48 102.87
N ASN N 146 -72.29 4.54 103.51
CA ASN N 146 -71.43 5.30 104.41
C ASN N 146 -71.07 4.48 105.65
N LEU N 147 -72.02 3.70 106.16
CA LEU N 147 -71.74 2.87 107.32
C LEU N 147 -70.70 1.79 106.99
N LEU N 148 -70.84 1.15 105.84
CA LEU N 148 -69.84 0.17 105.41
C LEU N 148 -68.49 0.84 105.18
N ILE N 149 -68.50 2.07 104.66
CA ILE N 149 -67.27 2.82 104.45
C ILE N 149 -66.56 3.04 105.77
N ASP N 150 -67.30 3.47 106.79
CA ASP N 150 -66.66 3.74 108.07
C ASP N 150 -66.23 2.45 108.74
N ALA N 151 -66.98 1.36 108.54
CA ALA N 151 -66.57 0.06 109.07
C ALA N 151 -65.24 -0.36 108.47
N ALA N 152 -65.09 -0.22 107.15
CA ALA N 152 -63.82 -0.57 106.51
C ALA N 152 -62.72 0.39 106.91
N ASN N 153 -63.07 1.66 107.14
CA ASN N 153 -62.08 2.66 107.51
C ASN N 153 -61.51 2.39 108.90
N ALA N 154 -62.35 1.94 109.82
CA ALA N 154 -61.90 1.62 111.17
C ALA N 154 -61.25 0.25 111.26
N ALA N 155 -61.40 -0.60 110.25
CA ALA N 155 -60.91 -1.97 110.29
C ALA N 155 -59.55 -2.13 109.63
N ASN N 156 -58.85 -1.03 109.32
CA ASN N 156 -57.52 -1.10 108.74
C ASN N 156 -56.49 -0.58 109.72
N ARG N 157 -55.25 -1.07 109.58
CA ARG N 157 -54.16 -0.68 110.46
C ARG N 157 -52.98 -0.08 109.70
N THR N 158 -53.08 0.05 108.38
CA THR N 158 -51.99 0.50 107.55
C THR N 158 -51.72 2.00 107.78
N ASP N 159 -50.59 2.48 107.30
CA ASP N 159 -50.18 3.87 107.50
C ASP N 159 -50.56 4.69 106.26
N ARG N 160 -51.75 4.48 105.72
CA ARG N 160 -52.38 5.39 104.77
C ARG N 160 -51.63 5.51 103.44
N ALA N 161 -50.50 4.83 103.30
CA ALA N 161 -49.65 5.05 102.13
C ALA N 161 -50.30 4.52 100.86
N GLU N 162 -50.82 3.31 100.90
CA GLU N 162 -51.36 2.65 99.71
C GLU N 162 -52.84 2.30 99.82
N ILE N 163 -53.33 2.01 101.02
CA ILE N 163 -54.76 1.84 101.27
C ILE N 163 -55.20 3.00 102.13
N GLU N 164 -56.02 3.88 101.57
CA GLU N 164 -56.30 5.17 102.18
C GLU N 164 -57.73 5.18 102.74
N ASP N 165 -58.00 6.18 103.56
CA ASP N 165 -59.35 6.36 104.09
C ASP N 165 -60.29 6.78 102.96
N TYR N 166 -61.43 6.09 102.87
CA TYR N 166 -62.43 6.46 101.87
C TYR N 166 -63.25 7.64 102.37
N ALA N 167 -63.27 8.71 101.59
CA ALA N 167 -64.08 9.87 101.94
C ALA N 167 -65.56 9.53 101.82
N HIS N 168 -66.37 10.23 102.62
CA HIS N 168 -67.80 9.97 102.63
C HIS N 168 -68.45 10.38 101.32
N LEU N 169 -69.58 9.76 101.01
CA LEU N 169 -70.18 9.89 99.69
C LEU N 169 -70.60 11.33 99.39
N TYR N 170 -70.43 11.71 98.12
CA TYR N 170 -70.87 12.99 97.59
C TYR N 170 -70.21 14.16 98.31
N THR N 171 -68.88 14.24 98.14
CA THR N 171 -68.15 15.40 98.62
C THR N 171 -68.36 16.61 97.73
N GLN N 172 -68.64 16.38 96.44
CA GLN N 172 -68.82 17.48 95.50
C GLN N 172 -70.13 18.21 95.75
N THR N 173 -71.22 17.48 95.95
CA THR N 173 -72.55 18.05 96.04
C THR N 173 -73.22 17.65 97.35
N ASP N 174 -74.24 18.41 97.73
CA ASP N 174 -75.07 18.11 98.89
C ASP N 174 -76.35 17.47 98.38
N ILE N 175 -76.45 16.14 98.50
CA ILE N 175 -77.60 15.43 97.97
C ILE N 175 -78.84 15.63 98.83
N ALA N 176 -78.69 16.24 100.01
CA ALA N 176 -79.85 16.54 100.83
C ALA N 176 -80.69 17.65 100.21
N LEU N 177 -80.08 18.49 99.38
CA LEU N 177 -80.79 19.59 98.75
C LEU N 177 -81.83 19.06 97.76
N GLU N 178 -82.82 19.91 97.46
CA GLU N 178 -83.90 19.49 96.57
C GLU N 178 -83.37 19.15 95.18
N THR N 179 -82.61 20.07 94.58
CA THR N 179 -82.09 19.87 93.23
C THR N 179 -80.56 19.87 93.25
N PRO N 180 -79.93 18.72 93.43
CA PRO N 180 -78.45 18.68 93.40
C PRO N 180 -77.91 18.31 92.03
N GLN N 181 -76.60 18.44 91.85
CA GLN N 181 -75.94 18.06 90.60
C GLN N 181 -75.63 16.57 90.66
N LEU N 182 -76.51 15.76 90.06
CA LEU N 182 -76.45 14.32 90.27
C LEU N 182 -75.32 13.68 89.49
N ALA N 183 -74.86 14.33 88.42
CA ALA N 183 -73.69 13.83 87.69
C ALA N 183 -72.47 13.79 88.58
N TYR N 184 -72.28 14.82 89.41
CA TYR N 184 -71.18 14.82 90.37
C TYR N 184 -71.28 13.64 91.33
N ALA N 185 -72.49 13.35 91.81
CA ALA N 185 -72.68 12.25 92.73
C ALA N 185 -72.37 10.91 92.08
N PHE N 186 -72.84 10.70 90.85
CA PHE N 186 -72.52 9.45 90.16
C PHE N 186 -71.03 9.34 89.88
N GLN N 187 -70.38 10.46 89.55
CA GLN N 187 -68.92 10.45 89.40
C GLN N 187 -68.24 9.99 90.68
N ASP N 188 -68.68 10.53 91.82
CA ASP N 188 -68.07 10.14 93.10
C ASP N 188 -68.30 8.66 93.40
N LEU N 189 -69.51 8.16 93.10
CA LEU N 189 -69.79 6.74 93.35
C LEU N 189 -68.92 5.83 92.48
N LYS N 190 -68.76 6.19 91.20
CA LYS N 190 -67.89 5.39 90.33
C LYS N 190 -66.44 5.47 90.78
N ALA N 191 -66.01 6.65 91.25
CA ALA N 191 -64.65 6.79 91.78
C ALA N 191 -64.44 5.88 92.98
N LEU N 192 -65.44 5.80 93.86
CA LEU N 192 -65.34 4.89 95.00
C LEU N 192 -65.24 3.44 94.56
N GLN N 193 -66.06 3.03 93.59
CA GLN N 193 -66.00 1.65 93.12
C GLN N 193 -64.61 1.33 92.54
N ALA N 194 -64.08 2.24 91.74
CA ALA N 194 -62.76 2.05 91.16
C ALA N 194 -61.68 1.99 92.25
N GLU N 195 -61.76 2.88 93.25
CA GLU N 195 -60.75 2.90 94.30
C GLU N 195 -60.77 1.61 95.12
N VAL N 196 -61.96 1.08 95.40
CA VAL N 196 -62.05 -0.18 96.13
C VAL N 196 -61.43 -1.31 95.31
N ASP N 197 -61.79 -1.39 94.03
CA ASP N 197 -61.21 -2.46 93.20
C ASP N 197 -59.71 -2.31 93.06
N ALA N 198 -59.21 -1.07 93.13
CA ALA N 198 -57.77 -0.85 93.01
C ALA N 198 -57.04 -1.26 94.28
N ASP N 199 -57.61 -0.94 95.45
CA ASP N 199 -56.98 -1.34 96.70
C ASP N 199 -57.08 -2.83 96.93
N PHE N 200 -57.98 -3.51 96.21
CA PHE N 200 -58.09 -4.97 96.31
C PHE N 200 -56.74 -5.65 96.10
N GLU N 201 -55.98 -5.22 95.08
CA GLU N 201 -54.73 -5.91 94.76
C GLU N 201 -53.63 -5.58 95.77
N TRP N 202 -53.70 -4.40 96.39
CA TRP N 202 -52.76 -4.08 97.46
C TRP N 202 -53.12 -4.84 98.73
N LEU N 203 -54.37 -5.28 98.84
CA LEU N 203 -54.75 -6.18 99.93
C LEU N 203 -54.14 -7.57 99.72
N GLY N 204 -53.88 -7.95 98.48
CA GLY N 204 -53.33 -9.25 98.13
C GLY N 204 -51.83 -9.31 98.03
N GLU N 205 -51.13 -8.36 98.62
CA GLU N 205 -49.67 -8.35 98.58
C GLU N 205 -49.09 -9.23 99.68
N PHE N 206 -47.85 -9.68 99.46
CA PHE N 206 -47.17 -10.47 100.47
C PHE N 206 -46.63 -9.59 101.61
N GLY N 207 -46.07 -8.44 101.26
CA GLY N 207 -45.36 -7.60 102.20
C GLY N 207 -46.13 -6.42 102.77
N ILE N 208 -47.46 -6.43 102.70
CA ILE N 208 -48.23 -5.34 103.29
C ILE N 208 -48.05 -5.31 104.80
N ASP N 209 -48.10 -6.48 105.44
CA ASP N 209 -47.88 -6.59 106.87
C ASP N 209 -46.41 -6.31 107.15
N GLN N 210 -46.10 -5.14 107.70
CA GLN N 210 -44.71 -4.76 107.89
C GLN N 210 -44.32 -4.60 109.35
N GLU N 211 -45.05 -3.75 110.06
CA GLU N 211 -44.61 -3.24 111.36
C GLU N 211 -45.82 -2.84 112.17
N ASP N 212 -45.61 -2.69 113.48
CA ASP N 212 -46.62 -2.08 114.33
C ASP N 212 -47.04 -0.73 113.77
N GLY N 213 -48.29 -0.64 113.32
CA GLY N 213 -48.79 0.53 112.67
C GLY N 213 -48.86 0.46 111.16
N ASN N 214 -48.13 -0.48 110.53
CA ASN N 214 -48.29 -0.74 109.10
C ASN N 214 -48.50 -2.24 108.94
N TYR N 215 -49.76 -2.68 109.04
CA TYR N 215 -50.08 -4.08 108.82
C TYR N 215 -51.57 -4.22 108.59
N VAL N 216 -51.98 -5.41 108.14
CA VAL N 216 -53.34 -5.69 107.75
C VAL N 216 -53.90 -6.76 108.69
N GLN N 217 -55.01 -6.44 109.35
CA GLN N 217 -55.69 -7.40 110.21
C GLN N 217 -56.59 -8.33 109.40
N ARG N 218 -57.05 -9.39 110.05
CA ARG N 218 -57.79 -10.43 109.33
C ARG N 218 -59.23 -10.04 109.08
N TYR N 219 -59.68 -8.92 109.66
CA TYR N 219 -61.09 -8.53 109.49
C TYR N 219 -61.24 -7.41 108.48
N HIS N 220 -60.13 -6.79 108.06
CA HIS N 220 -60.18 -5.72 107.06
C HIS N 220 -60.76 -6.23 105.74
N LEU N 221 -60.31 -7.40 105.30
CA LEU N 221 -60.69 -7.90 103.98
C LEU N 221 -62.17 -8.20 103.88
N PRO N 222 -62.82 -8.85 104.85
CA PRO N 222 -64.28 -9.04 104.74
C PRO N 222 -65.06 -7.73 104.70
N ALA N 223 -64.61 -6.72 105.45
CA ALA N 223 -65.28 -5.42 105.39
C ALA N 223 -65.17 -4.81 104.00
N VAL N 224 -63.97 -4.83 103.43
CA VAL N 224 -63.80 -4.30 102.08
C VAL N 224 -64.62 -5.11 101.08
N GLU N 225 -64.69 -6.43 101.26
CA GLU N 225 -65.44 -7.27 100.34
C GLU N 225 -66.93 -6.99 100.38
N ALA N 226 -67.48 -6.82 101.59
CA ALA N 226 -68.89 -6.47 101.71
C ALA N 226 -69.17 -5.11 101.10
N LEU N 227 -68.30 -4.13 101.34
CA LEU N 227 -68.47 -2.82 100.73
C LEU N 227 -68.46 -2.92 99.22
N LYS N 228 -67.55 -3.73 98.66
CA LYS N 228 -67.46 -3.87 97.22
C LYS N 228 -68.71 -4.51 96.63
N ALA N 229 -69.20 -5.58 97.25
CA ALA N 229 -70.40 -6.23 96.75
C ALA N 229 -71.60 -5.29 96.79
N GLU N 230 -71.72 -4.52 97.89
CA GLU N 230 -72.83 -3.58 97.99
C GLU N 230 -72.73 -2.49 96.93
N VAL N 231 -71.53 -1.95 96.69
CA VAL N 231 -71.38 -0.92 95.66
C VAL N 231 -71.70 -1.49 94.29
N ASP N 232 -71.30 -2.75 94.05
CA ASP N 232 -71.56 -3.39 92.74
C ASP N 232 -73.08 -3.49 92.52
N ALA N 233 -73.83 -3.98 93.52
CA ALA N 233 -75.28 -4.08 93.38
C ALA N 233 -75.93 -2.71 93.24
N ARG N 234 -75.44 -1.72 93.99
CA ARG N 234 -76.02 -0.38 93.93
C ARG N 234 -75.83 0.22 92.55
N VAL N 235 -74.64 0.08 91.97
CA VAL N 235 -74.40 0.62 90.64
C VAL N 235 -75.25 -0.09 89.61
N ALA N 236 -75.38 -1.42 89.72
CA ALA N 236 -76.23 -2.16 88.80
C ALA N 236 -77.67 -1.67 88.88
N ALA N 237 -78.11 -1.25 90.07
CA ALA N 237 -79.46 -0.70 90.20
C ALA N 237 -79.56 0.72 89.62
N ILE N 238 -78.52 1.54 89.84
CA ILE N 238 -78.61 2.95 89.48
C ILE N 238 -78.42 3.14 87.98
N GLU N 239 -77.85 2.15 87.29
CA GLU N 239 -77.62 2.29 85.86
C GLU N 239 -78.88 2.57 85.05
N PRO N 240 -79.91 1.70 85.02
CA PRO N 240 -81.06 1.99 84.15
C PRO N 240 -81.78 3.27 84.52
N LEU N 241 -81.82 3.61 85.82
CA LEU N 241 -82.46 4.85 86.24
C LEU N 241 -81.75 6.05 85.66
N ARG N 242 -80.42 6.08 85.72
CA ARG N 242 -79.67 7.19 85.16
C ARG N 242 -79.82 7.26 83.66
N ALA N 243 -79.83 6.10 82.99
CA ALA N 243 -80.02 6.10 81.54
C ALA N 243 -81.36 6.69 81.16
N ASP N 244 -82.44 6.26 81.82
CA ASP N 244 -83.76 6.77 81.50
C ASP N 244 -83.89 8.25 81.84
N SER N 245 -83.28 8.67 82.96
CA SER N 245 -83.32 10.07 83.34
C SER N 245 -82.65 10.95 82.29
N ILE N 246 -81.47 10.54 81.82
CA ILE N 246 -80.79 11.31 80.78
C ILE N 246 -81.63 11.35 79.52
N ALA N 247 -82.18 10.20 79.11
CA ALA N 247 -82.92 10.11 77.85
C ALA N 247 -84.14 11.02 77.88
N LYS N 248 -84.85 11.07 79.01
CA LYS N 248 -86.09 11.86 79.05
C LYS N 248 -85.81 13.33 79.34
N ASN N 249 -84.77 13.62 80.14
CA ASN N 249 -84.45 15.01 80.44
C ASN N 249 -83.86 15.70 79.22
N LEU N 250 -83.18 14.96 78.34
CA LEU N 250 -82.73 15.56 77.09
C LEU N 250 -83.91 15.90 76.19
N GLU N 251 -84.87 15.00 76.08
CA GLU N 251 -86.03 15.22 75.23
C GLU N 251 -86.91 16.34 75.76
N ALA N 252 -86.94 16.55 77.08
CA ALA N 252 -87.74 17.62 77.67
C ALA N 252 -87.06 18.98 77.57
N GLN N 253 -85.93 19.06 76.88
CA GLN N 253 -85.31 20.34 76.59
C GLN N 253 -85.49 20.78 75.14
N LYS N 254 -85.86 19.86 74.26
CA LYS N 254 -86.19 20.23 72.89
C LYS N 254 -87.41 21.14 72.84
N SER N 255 -88.43 20.84 73.63
CA SER N 255 -89.70 21.54 73.58
C SER N 255 -89.78 22.59 74.67
N ASP N 256 -90.49 23.67 74.40
CA ASP N 256 -90.77 24.71 75.39
C ASP N 256 -92.28 24.98 75.35
N VAL N 257 -92.97 24.64 76.44
CA VAL N 257 -94.43 24.57 76.41
C VAL N 257 -95.05 25.97 76.41
N LEU N 258 -94.33 26.96 76.95
CA LEU N 258 -94.90 28.30 77.06
C LEU N 258 -95.03 28.96 75.69
N VAL N 259 -94.06 28.73 74.79
CA VAL N 259 -94.19 29.23 73.43
C VAL N 259 -95.42 28.65 72.75
N ARG N 260 -95.65 27.34 72.94
CA ARG N 260 -96.79 26.69 72.31
C ARG N 260 -98.11 27.20 72.88
N GLN N 261 -98.13 27.50 74.18
CA GLN N 261 -99.30 28.14 74.77
C GLN N 261 -99.53 29.53 74.16
N LEU N 262 -98.46 30.30 73.98
CA LEU N 262 -98.59 31.62 73.36
C LEU N 262 -99.15 31.52 71.96
N PHE N 263 -98.70 30.53 71.19
CA PHE N 263 -99.21 30.37 69.83
C PHE N 263 -100.67 29.93 69.83
N LEU N 264 -101.06 29.08 70.80
CA LEU N 264 -102.47 28.73 70.92
C LEU N 264 -103.33 29.96 71.21
N GLU N 265 -102.87 30.83 72.10
CA GLU N 265 -103.65 32.03 72.42
C GLU N 265 -103.74 32.96 71.22
N ARG N 266 -102.65 33.10 70.46
CA ARG N 266 -102.69 33.91 69.24
C ARG N 266 -103.66 33.31 68.23
N ALA N 267 -103.68 31.99 68.11
CA ALA N 267 -104.60 31.36 67.17
C ALA N 267 -106.04 31.58 67.58
N THR N 268 -106.33 31.56 68.89
CA THR N 268 -107.69 31.86 69.35
C THR N 268 -108.10 33.29 68.99
N ALA N 269 -107.19 34.25 69.23
CA ALA N 269 -107.49 35.64 68.88
C ALA N 269 -107.73 35.78 67.37
N GLN N 270 -106.92 35.09 66.57
CA GLN N 270 -107.13 35.09 65.13
C GLN N 270 -108.49 34.52 64.78
N ARG N 271 -108.90 33.44 65.44
CA ARG N 271 -110.19 32.82 65.11
C ARG N 271 -111.35 33.77 65.40
N ASP N 272 -111.34 34.44 66.55
CA ASP N 272 -112.52 35.24 66.86
C ASP N 272 -112.54 36.53 66.03
N THR N 273 -111.37 37.12 65.77
CA THR N 273 -111.32 38.23 64.83
C THR N 273 -111.79 37.80 63.44
N LEU N 274 -111.45 36.57 63.05
CA LEU N 274 -111.88 36.06 61.75
C LEU N 274 -113.40 35.94 61.66
N ARG N 275 -114.05 35.44 62.71
CA ARG N 275 -115.49 35.32 62.63
C ARG N 275 -116.16 36.69 62.67
N VAL N 276 -115.56 37.66 63.38
CA VAL N 276 -116.07 39.02 63.32
C VAL N 276 -116.01 39.57 61.90
N VAL N 277 -114.88 39.37 61.22
CA VAL N 277 -114.72 39.86 59.86
C VAL N 277 -115.69 39.15 58.90
N GLU N 278 -115.86 37.84 59.08
CA GLU N 278 -116.77 37.09 58.22
C GLU N 278 -118.20 37.56 58.41
N ALA N 279 -118.60 37.85 59.65
CA ALA N 279 -119.91 38.43 59.90
C ALA N 279 -120.06 39.77 59.20
N ILE N 280 -119.03 40.62 59.26
CA ILE N 280 -119.07 41.91 58.58
C ILE N 280 -119.34 41.71 57.08
N PHE N 281 -118.58 40.81 56.46
CA PHE N 281 -118.72 40.62 55.02
C PHE N 281 -120.08 40.03 54.65
N SER N 282 -120.56 39.05 55.41
CA SER N 282 -121.87 38.47 55.11
C SER N 282 -122.98 39.49 55.29
N THR N 283 -122.88 40.32 56.33
CA THR N 283 -123.88 41.37 56.55
C THR N 283 -123.91 42.35 55.39
N SER N 284 -122.72 42.79 54.95
CA SER N 284 -122.68 43.73 53.84
C SER N 284 -123.22 43.11 52.56
N ALA N 285 -122.89 41.83 52.31
CA ALA N 285 -123.39 41.16 51.12
C ALA N 285 -124.91 41.05 51.12
N ARG N 286 -125.50 40.70 52.27
CA ARG N 286 -126.96 40.61 52.33
C ARG N 286 -127.60 41.99 52.21
N TYR N 287 -126.97 43.02 52.80
CA TYR N 287 -127.51 44.36 52.68
C TYR N 287 -127.54 44.82 51.23
N VAL N 288 -126.48 44.53 50.48
CA VAL N 288 -126.45 44.93 49.07
C VAL N 288 -127.42 44.09 48.26
N GLU N 289 -127.49 42.78 48.52
CA GLU N 289 -128.31 41.90 47.70
C GLU N 289 -129.81 42.18 47.82
N LEU N 290 -130.25 42.81 48.92
CA LEU N 290 -131.65 43.11 49.12
C LEU N 290 -132.08 44.41 48.45
N TYR N 291 -131.31 44.90 47.48
CA TYR N 291 -131.66 46.09 46.73
C TYR N 291 -132.85 45.80 45.82
N GLU N 292 -134.03 46.31 46.19
CA GLU N 292 -135.26 46.12 45.41
C GLU N 292 -135.53 44.64 45.15
N ASN N 293 -135.25 43.81 46.14
CA ASN N 293 -135.48 42.38 46.02
C ASN N 293 -136.87 42.02 46.52
N VAL N 294 -137.39 40.90 46.01
CA VAL N 294 -138.70 40.41 46.44
C VAL N 294 -138.70 39.95 47.89
N GLU N 295 -137.53 39.80 48.50
CA GLU N 295 -137.41 39.34 49.87
C GLU N 295 -137.30 40.49 50.87
N ASN N 296 -137.17 41.72 50.41
CA ASN N 296 -137.08 42.87 51.31
C ASN N 296 -138.47 43.22 51.77
N VAL N 297 -138.91 42.60 52.87
CA VAL N 297 -140.26 42.74 53.37
C VAL N 297 -140.25 43.66 54.59
N ASN N 298 -141.45 44.02 55.04
CA ASN N 298 -141.62 44.90 56.20
C ASN N 298 -141.72 44.08 57.47
N VAL N 299 -140.89 44.41 58.46
CA VAL N 299 -140.91 43.75 59.76
C VAL N 299 -140.58 44.77 60.83
N GLU N 300 -141.42 44.84 61.86
CA GLU N 300 -141.18 45.70 63.03
C GLU N 300 -141.00 47.15 62.63
N ASN N 301 -142.02 47.71 61.96
CA ASN N 301 -142.06 49.12 61.58
C ASN N 301 -140.86 49.52 60.72
N LYS N 302 -140.31 48.58 59.97
CA LYS N 302 -139.15 48.85 59.13
C LYS N 302 -139.00 47.71 58.12
N THR N 303 -138.04 47.89 57.22
CA THR N 303 -137.70 46.85 56.27
C THR N 303 -136.46 46.09 56.74
N LEU N 304 -136.10 45.06 55.96
CA LEU N 304 -135.04 44.15 56.38
C LEU N 304 -133.68 44.85 56.42
N ARG N 305 -133.45 45.79 55.51
CA ARG N 305 -132.12 46.36 55.35
C ARG N 305 -131.78 47.36 56.46
N GLN N 306 -132.79 47.99 57.05
CA GLN N 306 -132.51 48.98 58.09
C GLN N 306 -131.90 48.34 59.33
N HIS N 307 -132.31 47.12 59.67
CA HIS N 307 -131.67 46.40 60.77
C HIS N 307 -130.20 46.15 60.48
N TYR N 308 -129.90 45.68 59.26
CA TYR N 308 -128.52 45.44 58.88
C TYR N 308 -127.70 46.71 58.96
N SER N 309 -128.28 47.84 58.53
CA SER N 309 -127.59 49.12 58.62
C SER N 309 -127.33 49.51 60.07
N ALA N 310 -128.32 49.30 60.94
CA ALA N 310 -128.14 49.62 62.35
C ALA N 310 -127.12 48.72 63.03
N LEU N 311 -126.86 47.55 62.46
CA LEU N 311 -125.84 46.65 63.00
C LEU N 311 -124.42 47.22 62.95
N ILE N 312 -124.24 48.43 62.40
CA ILE N 312 -122.88 48.90 62.10
C ILE N 312 -122.08 49.27 63.34
N PRO N 313 -122.57 50.12 64.26
CA PRO N 313 -121.73 50.47 65.42
C PRO N 313 -121.38 49.28 66.30
N ASN N 314 -122.27 48.29 66.41
CA ASN N 314 -121.94 47.08 67.15
C ASN N 314 -120.73 46.38 66.55
N LEU N 315 -120.75 46.17 65.24
CA LEU N 315 -119.63 45.52 64.57
C LEU N 315 -118.36 46.36 64.68
N PHE N 316 -118.51 47.68 64.64
CA PHE N 316 -117.35 48.56 64.81
C PHE N 316 -116.68 48.35 66.15
N ILE N 317 -117.47 48.39 67.23
CA ILE N 317 -116.89 48.21 68.57
C ILE N 317 -116.29 46.82 68.72
N ALA N 318 -117.00 45.80 68.24
CA ALA N 318 -116.50 44.44 68.33
C ALA N 318 -115.17 44.28 67.60
N ALA N 319 -115.08 44.83 66.39
CA ALA N 319 -113.85 44.74 65.62
C ALA N 319 -112.71 45.47 66.30
N VAL N 320 -112.98 46.65 66.86
CA VAL N 320 -111.92 47.41 67.53
C VAL N 320 -111.37 46.61 68.71
N ALA N 321 -112.26 46.04 69.52
CA ALA N 321 -111.81 45.26 70.67
C ALA N 321 -111.00 44.04 70.23
N ASN N 322 -111.51 43.30 69.24
CA ASN N 322 -110.80 42.11 68.78
C ASN N 322 -109.45 42.46 68.18
N ILE N 323 -109.37 43.57 67.45
CA ILE N 323 -108.11 43.99 66.86
C ILE N 323 -107.10 44.35 67.94
N SER N 324 -107.54 45.05 68.98
CA SER N 324 -106.61 45.40 70.06
C SER N 324 -106.07 44.15 70.75
N GLU N 325 -106.96 43.18 71.02
CA GLU N 325 -106.49 41.97 71.68
C GLU N 325 -105.56 41.16 70.77
N LEU N 326 -105.84 41.14 69.46
CA LEU N 326 -104.98 40.42 68.53
C LEU N 326 -103.61 41.07 68.44
N ASN N 327 -103.56 42.40 68.46
CA ASN N 327 -102.27 43.10 68.46
C ASN N 327 -101.47 42.76 69.72
N ALA N 328 -102.13 42.76 70.88
CA ALA N 328 -101.43 42.40 72.11
C ALA N 328 -100.89 40.98 72.05
N ALA N 329 -101.70 40.04 71.55
CA ALA N 329 -101.25 38.65 71.45
C ALA N 329 -100.08 38.50 70.48
N ASP N 330 -100.15 39.22 69.34
CA ASP N 330 -99.07 39.16 68.36
C ASP N 330 -97.77 39.66 68.97
N ALA N 331 -97.81 40.80 69.67
CA ALA N 331 -96.61 41.31 70.30
C ALA N 331 -96.08 40.35 71.34
N GLU N 332 -96.97 39.76 72.14
CA GLU N 332 -96.54 38.83 73.18
C GLU N 332 -95.82 37.62 72.58
N ALA N 333 -96.40 37.02 71.54
CA ALA N 333 -95.79 35.84 70.96
C ALA N 333 -94.51 36.18 70.19
N ALA N 334 -94.43 37.37 69.61
CA ALA N 334 -93.23 37.73 68.87
C ALA N 334 -92.05 38.04 69.79
N ALA N 335 -92.30 38.75 70.89
CA ALA N 335 -91.20 39.18 71.74
C ALA N 335 -90.63 38.07 72.61
N TYR N 336 -91.34 36.95 72.76
CA TYR N 336 -90.90 35.87 73.63
C TYR N 336 -90.88 34.54 72.89
N TYR N 337 -90.36 34.54 71.66
CA TYR N 337 -90.17 33.28 70.95
C TYR N 337 -89.01 32.49 71.53
N LEU N 338 -87.94 33.17 71.92
CA LEU N 338 -86.79 32.53 72.56
C LEU N 338 -86.30 33.49 73.64
N HIS N 339 -86.80 33.29 74.86
CA HIS N 339 -86.48 34.15 75.98
C HIS N 339 -86.39 33.30 77.24
N TRP N 340 -85.71 33.85 78.25
CA TRP N 340 -85.58 33.17 79.53
C TRP N 340 -86.94 32.96 80.20
N ASP N 341 -87.80 33.98 80.14
CA ASP N 341 -89.08 33.95 80.82
C ASP N 341 -90.04 32.94 80.22
N THR N 342 -89.55 32.16 79.26
CA THR N 342 -90.32 31.10 78.62
C THR N 342 -89.77 29.71 78.90
N ASP N 343 -88.45 29.55 78.95
CA ASP N 343 -87.80 28.33 79.42
C ASP N 343 -87.17 28.66 80.76
N LEU N 344 -87.83 28.28 81.85
CA LEU N 344 -87.46 28.73 83.18
C LEU N 344 -86.48 27.76 83.82
N ALA N 345 -86.29 27.91 85.14
CA ALA N 345 -85.19 27.24 85.84
C ALA N 345 -85.34 25.73 85.78
N THR N 346 -86.37 25.18 86.39
CA THR N 346 -86.51 23.73 86.40
C THR N 346 -86.98 23.26 85.03
N ASN N 347 -86.73 21.98 84.74
CA ASN N 347 -87.30 21.42 83.52
C ASN N 347 -88.82 21.31 83.62
N ASP N 348 -89.33 21.14 84.84
CA ASP N 348 -90.77 20.94 85.03
C ASP N 348 -91.57 22.14 84.57
N GLU N 349 -91.29 23.32 85.15
CA GLU N 349 -91.99 24.58 84.86
C GLU N 349 -93.49 24.35 84.63
N ASP N 350 -94.13 23.73 85.63
CA ASP N 350 -95.55 23.41 85.52
C ASP N 350 -96.44 24.46 86.19
N GLU N 351 -95.95 25.09 87.26
CA GLU N 351 -96.76 26.09 87.94
C GLU N 351 -97.06 27.28 87.04
N ALA N 352 -96.07 27.73 86.27
CA ALA N 352 -96.28 28.83 85.35
C ALA N 352 -97.26 28.44 84.25
N TYR N 353 -97.15 27.21 83.75
CA TYR N 353 -98.08 26.75 82.72
C TYR N 353 -99.51 26.74 83.24
N TYR N 354 -99.70 26.25 84.47
CA TYR N 354 -101.06 26.19 85.01
C TYR N 354 -101.61 27.57 85.33
N LYS N 355 -100.76 28.49 85.80
CA LYS N 355 -101.20 29.86 86.01
C LYS N 355 -101.62 30.51 84.68
N ALA N 356 -100.83 30.30 83.64
CA ALA N 356 -101.17 30.84 82.33
C ALA N 356 -102.45 30.20 81.77
N LYS N 357 -102.63 28.90 81.99
CA LYS N 357 -103.85 28.24 81.54
C LYS N 357 -105.07 28.80 82.27
N LEU N 358 -104.94 29.08 83.57
CA LEU N 358 -106.03 29.72 84.30
C LEU N 358 -106.36 31.09 83.73
N ASP N 359 -105.33 31.91 83.49
CA ASP N 359 -105.58 33.25 82.93
C ASP N 359 -106.26 33.15 81.57
N PHE N 360 -105.79 32.22 80.74
CA PHE N 360 -106.36 32.01 79.40
C PHE N 360 -107.83 31.59 79.48
N ALA N 361 -108.15 30.68 80.40
CA ALA N 361 -109.53 30.24 80.55
C ALA N 361 -110.43 31.38 81.03
N ILE N 362 -109.94 32.18 81.98
CA ILE N 362 -110.70 33.34 82.44
C ILE N 362 -110.99 34.28 81.28
N GLU N 363 -109.97 34.58 80.48
CA GLU N 363 -110.16 35.47 79.34
C GLU N 363 -111.16 34.89 78.34
N THR N 364 -111.05 33.59 78.06
CA THR N 364 -111.95 32.97 77.09
C THR N 364 -113.40 33.02 77.57
N TYR N 365 -113.63 32.73 78.86
CA TYR N 365 -114.99 32.75 79.38
C TYR N 365 -115.56 34.16 79.38
N ALA N 366 -114.74 35.17 79.70
CA ALA N 366 -115.19 36.55 79.61
C ALA N 366 -115.51 36.93 78.16
N LYS N 367 -114.68 36.46 77.22
CA LYS N 367 -114.88 36.81 75.82
C LYS N 367 -116.15 36.19 75.26
N ILE N 368 -116.54 35.00 75.75
CA ILE N 368 -117.79 34.41 75.29
C ILE N 368 -118.95 35.37 75.56
N LEU N 369 -119.03 35.88 76.79
CA LEU N 369 -120.09 36.82 77.14
C LEU N 369 -119.97 38.12 76.35
N PHE N 370 -118.75 38.65 76.23
CA PHE N 370 -118.55 39.91 75.51
C PHE N 370 -119.03 39.81 74.06
N ASN N 371 -118.57 38.78 73.35
CA ASN N 371 -118.94 38.61 71.95
C ASN N 371 -120.43 38.30 71.80
N GLY N 372 -120.97 37.47 72.70
CA GLY N 372 -122.40 37.18 72.61
C GLY N 372 -123.26 38.41 72.79
N GLU N 373 -122.83 39.32 73.67
CA GLU N 373 -123.65 40.49 73.94
C GLU N 373 -123.46 41.60 72.91
N VAL N 374 -122.29 41.70 72.31
CA VAL N 374 -122.00 42.86 71.46
C VAL N 374 -122.55 42.69 70.05
N TRP N 375 -122.21 41.60 69.36
CA TRP N 375 -122.55 41.48 67.95
C TRP N 375 -123.26 40.21 67.53
N GLN N 376 -123.08 39.09 68.24
CA GLN N 376 -123.63 37.83 67.76
C GLN N 376 -125.15 37.86 67.73
N GLU N 377 -125.78 38.34 68.79
CA GLU N 377 -127.22 38.20 68.91
C GLU N 377 -127.97 39.27 68.14
N PRO N 378 -127.50 40.52 68.10
CA PRO N 378 -128.10 41.48 67.15
C PRO N 378 -128.11 40.95 65.72
N LEU N 379 -127.05 40.27 65.28
CA LEU N 379 -127.03 39.70 63.94
C LEU N 379 -127.95 38.48 63.83
N ALA N 380 -127.95 37.64 64.86
CA ALA N 380 -128.78 36.44 64.84
C ALA N 380 -130.26 36.80 64.76
N TYR N 381 -130.65 37.90 65.41
CA TYR N 381 -132.05 38.32 65.36
C TYR N 381 -132.47 38.66 63.94
N VAL N 382 -131.65 39.41 63.22
CA VAL N 382 -131.98 39.79 61.84
C VAL N 382 -131.98 38.56 60.95
N GLN N 383 -131.02 37.67 61.14
CA GLN N 383 -131.00 36.45 60.32
C GLN N 383 -132.21 35.58 60.60
N ASN N 384 -132.67 35.54 61.85
CA ASN N 384 -133.89 34.80 62.17
C ASN N 384 -135.11 35.45 61.54
N LEU N 385 -135.15 36.78 61.50
CA LEU N 385 -136.22 37.45 60.77
C LEU N 385 -136.23 37.03 59.30
N ASP N 386 -135.05 37.02 58.67
CA ASP N 386 -134.93 36.57 57.30
C ASP N 386 -135.47 35.15 57.12
N ALA N 387 -134.99 34.23 57.94
CA ALA N 387 -135.36 32.82 57.79
C ALA N 387 -136.85 32.63 58.05
N GLY N 388 -137.40 33.33 59.03
CA GLY N 388 -138.82 33.23 59.30
C GLY N 388 -139.67 33.74 58.15
N ALA N 389 -139.24 34.84 57.53
CA ALA N 389 -139.97 35.36 56.37
C ALA N 389 -139.98 34.34 55.24
N ARG N 390 -138.81 33.78 54.91
CA ARG N 390 -138.78 32.79 53.83
C ARG N 390 -139.60 31.56 54.18
N GLN N 391 -139.51 31.08 55.42
CA GLN N 391 -140.24 29.88 55.81
C GLN N 391 -141.75 30.11 55.76
N GLU N 392 -142.21 31.27 56.23
CA GLU N 392 -143.65 31.53 56.21
C GLU N 392 -144.15 31.66 54.77
N ALA N 393 -143.39 32.30 53.89
CA ALA N 393 -143.79 32.33 52.49
C ALA N 393 -143.87 30.92 51.91
N ALA N 394 -142.87 30.10 52.22
CA ALA N 394 -142.82 28.76 51.64
C ALA N 394 -143.98 27.90 52.10
N ASP N 395 -144.25 27.86 53.42
CA ASP N 395 -145.31 26.97 53.85
C ASP N 395 -146.68 27.56 53.58
N ARG N 396 -146.79 28.89 53.41
CA ARG N 396 -148.03 29.45 52.93
C ARG N 396 -148.35 28.97 51.51
N GLU N 397 -147.35 29.00 50.63
CA GLU N 397 -147.55 28.47 49.29
C GLU N 397 -147.88 26.98 49.32
N ALA N 398 -147.17 26.23 50.16
CA ALA N 398 -147.41 24.79 50.26
C ALA N 398 -148.81 24.50 50.77
N ALA N 399 -149.26 25.24 51.78
CA ALA N 399 -150.60 25.04 52.31
C ALA N 399 -151.66 25.38 51.29
N ARG N 400 -151.45 26.46 50.53
CA ARG N 400 -152.40 26.82 49.48
C ARG N 400 -152.51 25.69 48.45
N ALA N 401 -151.36 25.17 48.01
CA ALA N 401 -151.38 24.08 47.03
C ALA N 401 -152.05 22.84 47.59
N ALA N 402 -151.75 22.50 48.85
CA ALA N 402 -152.34 21.32 49.46
C ALA N 402 -153.85 21.46 49.58
N ASP N 403 -154.33 22.64 49.99
CA ASP N 403 -155.76 22.86 50.09
C ASP N 403 -156.44 22.74 48.73
N GLU N 404 -155.83 23.33 47.70
CA GLU N 404 -156.41 23.23 46.36
C GLU N 404 -156.48 21.78 45.90
N ALA N 405 -155.40 21.02 46.09
CA ALA N 405 -155.38 19.62 45.69
C ALA N 405 -156.41 18.81 46.46
N TYR N 406 -156.54 19.06 47.76
CA TYR N 406 -157.49 18.32 48.58
C TYR N 406 -158.93 18.61 48.14
N ARG N 407 -159.24 19.88 47.87
CA ARG N 407 -160.57 20.23 47.38
C ARG N 407 -160.85 19.56 46.05
N ALA N 408 -159.88 19.60 45.12
CA ALA N 408 -160.08 18.98 43.82
C ALA N 408 -160.29 17.48 43.95
N GLU N 409 -159.52 16.83 44.83
CA GLU N 409 -159.68 15.39 45.05
C GLU N 409 -161.06 15.07 45.58
N GLN N 410 -161.52 15.82 46.59
CA GLN N 410 -162.85 15.57 47.14
C GLN N 410 -163.93 15.75 46.09
N LEU N 411 -163.85 16.85 45.32
CA LEU N 411 -164.88 17.11 44.33
C LEU N 411 -164.89 16.04 43.24
N ARG N 412 -163.71 15.61 42.78
CA ARG N 412 -163.66 14.61 41.73
C ARG N 412 -164.17 13.26 42.24
N ILE N 413 -163.84 12.91 43.49
CA ILE N 413 -164.34 11.66 44.04
C ILE N 413 -165.86 11.69 44.17
N ALA N 414 -166.40 12.80 44.68
CA ALA N 414 -167.84 12.90 44.84
C ALA N 414 -168.56 12.84 43.51
N GLN N 415 -168.06 13.58 42.51
CA GLN N 415 -168.69 13.56 41.19
C GLN N 415 -168.58 12.19 40.53
N GLU N 416 -167.44 11.52 40.70
CA GLU N 416 -167.26 10.23 40.04
C GLU N 416 -168.17 9.19 40.68
N ALA N 417 -168.32 9.24 42.01
CA ALA N 417 -169.31 8.40 42.67
C ALA N 417 -170.71 8.76 42.22
N ALA N 418 -170.96 10.05 41.92
CA ALA N 418 -172.26 10.45 41.41
C ALA N 418 -172.55 9.77 40.08
N ASP N 419 -171.57 9.75 39.17
CA ASP N 419 -171.75 9.00 37.92
C ASP N 419 -171.87 7.50 38.15
N ALA N 420 -171.25 6.96 39.20
CA ALA N 420 -171.49 5.56 39.54
C ALA N 420 -172.96 5.33 39.91
N GLN N 421 -173.51 6.22 40.74
CA GLN N 421 -174.94 6.15 41.05
C GLN N 421 -175.77 6.34 39.79
N LYS N 422 -175.26 7.14 38.84
CA LYS N 422 -175.95 7.34 37.57
C LYS N 422 -176.03 6.04 36.79
N ALA N 423 -174.92 5.29 36.77
CA ALA N 423 -174.90 3.98 36.14
C ALA N 423 -175.90 3.04 36.81
N ILE N 424 -175.96 3.07 38.15
CA ILE N 424 -176.96 2.27 38.86
C ILE N 424 -178.36 2.65 38.39
N ALA N 425 -178.64 3.95 38.34
CA ALA N 425 -179.98 4.41 37.98
C ALA N 425 -180.36 3.97 36.57
N GLU N 426 -179.46 4.17 35.61
CA GLU N 426 -179.79 3.80 34.24
C GLU N 426 -179.92 2.28 34.10
N ALA N 427 -179.10 1.51 34.83
CA ALA N 427 -179.18 0.06 34.73
C ALA N 427 -180.52 -0.46 35.23
N LEU N 428 -180.91 -0.07 36.45
CA LEU N 428 -182.18 -0.55 36.99
C LEU N 428 -183.39 0.15 36.37
N ALA N 429 -183.18 1.24 35.63
CA ALA N 429 -184.26 1.75 34.79
C ALA N 429 -184.40 0.92 33.53
N LYS N 430 -183.29 0.44 32.97
CA LYS N 430 -183.34 -0.32 31.73
C LYS N 430 -183.85 -1.74 31.97
N GLU N 431 -183.52 -2.33 33.13
CA GLU N 431 -183.97 -3.69 33.40
C GLU N 431 -185.48 -3.78 33.41
N ALA N 432 -186.16 -2.79 33.99
CA ALA N 432 -187.61 -2.75 33.99
C ALA N 432 -188.14 -1.61 33.14
N GLU O 1 -88.26 77.75 -79.50
CA GLU O 1 -89.71 77.93 -79.49
C GLU O 1 -90.04 79.27 -78.84
N THR O 2 -91.30 79.44 -78.45
CA THR O 2 -91.74 80.66 -77.81
C THR O 2 -91.14 80.75 -76.41
N ASN O 3 -91.51 81.79 -75.68
CA ASN O 3 -91.05 81.96 -74.31
C ASN O 3 -92.25 81.97 -73.35
N PRO O 4 -92.83 80.81 -72.99
CA PRO O 4 -94.02 80.82 -72.13
C PRO O 4 -93.71 80.88 -70.63
N THR O 5 -92.48 81.22 -70.25
CA THR O 5 -92.08 81.08 -68.85
C THR O 5 -92.93 81.92 -67.90
N PHE O 6 -93.27 83.15 -68.27
CA PHE O 6 -94.00 84.00 -67.32
C PHE O 6 -95.40 84.38 -67.76
N ASN O 7 -96.07 83.45 -68.38
CA ASN O 7 -97.44 83.71 -68.77
C ASN O 7 -97.95 82.42 -69.36
N ILE O 8 -99.22 82.11 -69.21
CA ILE O 8 -99.88 80.94 -69.85
C ILE O 8 -99.56 79.71 -69.05
N THR O 9 -98.85 79.93 -67.96
CA THR O 9 -98.40 78.80 -67.14
C THR O 9 -99.54 78.46 -66.24
N ASN O 10 -99.90 77.15 -66.09
CA ASN O 10 -100.82 76.97 -64.99
C ASN O 10 -100.66 78.13 -64.02
N GLY O 11 -101.74 78.88 -63.81
CA GLY O 11 -101.63 80.15 -63.12
C GLY O 11 -100.93 80.05 -61.78
N PHE O 12 -101.13 78.94 -61.08
CA PHE O 12 -100.42 78.67 -59.84
C PHE O 12 -99.54 77.44 -60.03
N ASN O 13 -98.23 77.67 -60.10
CA ASN O 13 -97.29 76.62 -60.47
C ASN O 13 -96.27 76.44 -59.36
N ASP O 14 -95.85 75.19 -59.15
CA ASP O 14 -94.84 74.90 -58.14
C ASP O 14 -93.45 75.33 -58.61
N ALA O 15 -93.28 75.51 -59.92
CA ALA O 15 -91.96 75.80 -60.46
C ALA O 15 -91.44 77.17 -60.04
N ASP O 16 -92.32 78.10 -59.66
CA ASP O 16 -91.90 79.44 -59.29
C ASP O 16 -92.09 79.73 -57.81
N GLY O 17 -92.82 78.90 -57.08
CA GLY O 17 -93.19 79.21 -55.72
C GLY O 17 -94.50 79.95 -55.58
N SER O 18 -95.40 79.81 -56.54
CA SER O 18 -96.70 80.48 -56.53
C SER O 18 -97.83 79.57 -56.07
N THR O 19 -97.63 78.25 -56.09
CA THR O 19 -98.65 77.34 -55.63
C THR O 19 -98.69 77.29 -54.10
N ILE O 20 -99.76 76.69 -53.57
CA ILE O 20 -99.94 76.53 -52.13
C ILE O 20 -99.20 75.28 -51.68
N GLN O 21 -98.81 75.24 -50.41
CA GLN O 21 -98.04 74.13 -49.87
C GLN O 21 -98.54 73.75 -48.49
N PRO O 22 -99.20 72.59 -48.33
CA PRO O 22 -99.58 72.12 -46.99
C PRO O 22 -98.34 71.76 -46.18
N VAL O 23 -98.31 72.16 -44.92
CA VAL O 23 -97.15 71.94 -44.05
C VAL O 23 -97.60 71.26 -42.78
N GLY O 24 -96.88 70.20 -42.39
CA GLY O 24 -96.95 69.67 -41.05
C GLY O 24 -95.75 70.14 -40.26
N PRO O 25 -95.65 69.76 -39.00
CA PRO O 25 -94.45 70.12 -38.23
C PRO O 25 -93.32 69.11 -38.42
N VAL O 26 -92.22 69.54 -39.03
CA VAL O 26 -91.02 68.73 -39.18
C VAL O 26 -89.83 69.60 -38.79
N ASN O 27 -88.91 69.03 -38.01
CA ASN O 27 -87.80 69.79 -37.46
C ASN O 27 -86.63 69.77 -38.43
N HIS O 28 -86.37 70.91 -39.05
CA HIS O 28 -85.14 71.14 -39.81
C HIS O 28 -84.32 72.17 -39.03
N THR O 29 -83.10 71.80 -38.69
CA THR O 29 -82.30 72.59 -37.78
C THR O 29 -81.90 73.92 -38.43
N GLU O 30 -81.51 74.87 -37.58
CA GLU O 30 -81.03 76.16 -38.07
C GLU O 30 -79.82 75.99 -38.98
N GLU O 31 -78.95 75.04 -38.66
CA GLU O 31 -77.80 74.76 -39.52
C GLU O 31 -78.23 74.24 -40.88
N THR O 32 -79.24 73.34 -40.92
CA THR O 32 -79.71 72.82 -42.18
C THR O 32 -80.31 73.92 -43.05
N LEU O 33 -81.10 74.81 -42.45
CA LEU O 33 -81.67 75.92 -43.20
C LEU O 33 -80.59 76.87 -43.68
N ARG O 34 -79.58 77.15 -42.85
CA ARG O 34 -78.51 78.03 -43.28
C ARG O 34 -77.73 77.43 -44.44
N ASP O 35 -77.50 76.12 -44.41
CA ASP O 35 -76.85 75.45 -45.52
C ASP O 35 -77.68 75.54 -46.79
N LEU O 36 -78.99 75.30 -46.67
CA LEU O 36 -79.85 75.35 -47.84
C LEU O 36 -79.92 76.75 -48.44
N THR O 37 -79.92 77.78 -47.59
CA THR O 37 -79.95 79.14 -48.10
C THR O 37 -78.62 79.55 -48.71
N ASP O 38 -77.51 79.15 -48.08
CA ASP O 38 -76.20 79.48 -48.62
C ASP O 38 -75.93 78.75 -49.94
N SER O 39 -76.59 77.61 -50.16
CA SER O 39 -76.45 76.93 -51.43
C SER O 39 -76.89 77.81 -52.60
N THR O 40 -78.01 78.52 -52.43
CA THR O 40 -78.47 79.43 -53.47
C THR O 40 -77.75 80.78 -53.39
N GLY O 41 -77.33 81.18 -52.19
CA GLY O 41 -76.54 82.40 -52.06
C GLY O 41 -75.24 82.32 -52.83
N ALA O 42 -74.65 81.14 -52.92
CA ALA O 42 -73.45 80.97 -53.74
C ALA O 42 -73.74 81.30 -55.20
N TYR O 43 -74.89 80.85 -55.71
CA TYR O 43 -75.25 81.15 -57.10
C TYR O 43 -75.53 82.64 -57.29
N LEU O 44 -76.16 83.27 -56.31
CA LEU O 44 -76.53 84.68 -56.43
C LEU O 44 -75.42 85.64 -56.04
N GLU O 45 -74.28 85.14 -55.55
CA GLU O 45 -73.23 86.04 -55.07
C GLU O 45 -72.71 86.95 -56.18
N GLU O 46 -72.56 86.42 -57.40
CA GLU O 46 -72.01 87.24 -58.48
C GLU O 46 -72.92 88.42 -58.79
N PHE O 47 -74.24 88.19 -58.83
CA PHE O 47 -75.18 89.29 -58.98
C PHE O 47 -75.12 90.24 -57.78
N GLN O 48 -74.98 89.67 -56.58
CA GLN O 48 -75.16 90.47 -55.36
C GLN O 48 -74.06 91.53 -55.22
N ASN O 49 -72.80 91.14 -55.37
CA ASN O 49 -71.70 92.05 -55.08
C ASN O 49 -70.61 92.04 -56.14
N GLY O 50 -70.80 91.33 -57.24
CA GLY O 50 -69.81 91.27 -58.29
C GLY O 50 -69.87 92.47 -59.22
N THR O 51 -69.01 92.45 -60.23
CA THR O 51 -69.01 93.44 -61.29
C THR O 51 -69.41 92.76 -62.59
N VAL O 52 -69.49 93.58 -63.65
CA VAL O 52 -70.03 93.09 -64.92
C VAL O 52 -69.21 91.93 -65.45
N GLU O 53 -67.88 92.03 -65.37
CA GLU O 53 -67.02 90.96 -65.85
C GLU O 53 -67.27 89.66 -65.10
N GLU O 54 -67.42 89.74 -63.77
CA GLU O 54 -67.71 88.54 -62.99
C GLU O 54 -69.06 87.96 -63.38
N ILE O 55 -70.05 88.83 -63.63
CA ILE O 55 -71.38 88.33 -63.99
C ILE O 55 -71.33 87.59 -65.32
N VAL O 56 -70.67 88.15 -66.33
CA VAL O 56 -70.62 87.46 -67.61
C VAL O 56 -69.78 86.19 -67.51
N GLU O 57 -68.74 86.22 -66.66
CA GLU O 57 -67.92 85.03 -66.45
C GLU O 57 -68.71 83.89 -65.85
N ALA O 58 -69.45 84.16 -64.77
CA ALA O 58 -70.03 83.07 -63.98
C ALA O 58 -71.20 82.40 -64.68
N TYR O 59 -72.13 83.20 -65.22
CA TYR O 59 -73.39 82.64 -65.66
C TYR O 59 -73.33 82.15 -67.11
N LEU O 60 -72.50 82.78 -67.92
CA LEU O 60 -72.14 82.26 -69.24
C LEU O 60 -70.71 81.79 -69.18
N GLN O 61 -70.48 80.51 -69.44
CA GLN O 61 -69.16 79.92 -69.30
C GLN O 61 -68.27 80.41 -70.44
N VAL O 62 -67.56 81.50 -70.19
CA VAL O 62 -66.69 82.07 -71.22
C VAL O 62 -65.48 81.19 -71.45
N GLN O 63 -64.84 80.74 -70.37
CA GLN O 63 -63.63 79.94 -70.52
C GLN O 63 -63.95 78.52 -70.96
N ALA O 64 -65.09 77.98 -70.55
CA ALA O 64 -65.47 76.62 -70.93
C ALA O 64 -65.95 76.52 -72.37
N SER O 65 -66.16 77.64 -73.05
CA SER O 65 -66.58 77.61 -74.44
C SER O 65 -65.43 77.15 -75.33
N ALA O 66 -65.75 76.80 -76.57
CA ALA O 66 -64.75 76.34 -77.51
C ALA O 66 -63.65 77.37 -77.65
N ASP O 67 -62.39 76.90 -77.66
CA ASP O 67 -61.25 77.79 -77.65
C ASP O 67 -61.21 78.62 -78.92
N GLY O 68 -61.09 79.93 -78.75
CA GLY O 68 -61.28 80.86 -79.84
C GLY O 68 -62.72 81.29 -79.81
N PHE O 69 -63.00 82.50 -79.35
CA PHE O 69 -64.39 82.88 -79.08
C PHE O 69 -65.20 82.92 -80.35
N ASP O 70 -66.30 82.19 -80.36
CA ASP O 70 -67.23 82.24 -81.47
C ASP O 70 -68.05 83.52 -81.37
N PRO O 71 -67.83 84.51 -82.25
CA PRO O 71 -68.67 85.72 -82.25
C PRO O 71 -70.03 85.52 -82.90
N SER O 72 -70.38 84.29 -83.23
CA SER O 72 -71.67 83.97 -83.80
C SER O 72 -72.80 84.30 -82.82
N GLU O 73 -73.94 84.72 -83.37
CA GLU O 73 -75.10 84.97 -82.54
C GLU O 73 -75.69 83.66 -82.02
N GLN O 74 -75.48 82.55 -82.74
CA GLN O 74 -75.92 81.25 -82.25
C GLN O 74 -75.21 80.88 -80.96
N ALA O 75 -73.93 81.22 -80.84
CA ALA O 75 -73.19 80.94 -79.62
C ALA O 75 -73.79 81.69 -78.44
N ALA O 76 -74.11 82.97 -78.65
CA ALA O 76 -74.77 83.74 -77.60
C ALA O 76 -76.13 83.14 -77.24
N TYR O 77 -76.88 82.70 -78.25
CA TYR O 77 -78.18 82.08 -78.00
C TYR O 77 -78.04 80.84 -77.12
N GLU O 78 -77.09 79.97 -77.44
CA GLU O 78 -76.90 78.77 -76.63
C GLU O 78 -76.43 79.10 -75.22
N ALA O 79 -75.52 80.08 -75.09
CA ALA O 79 -75.04 80.46 -73.76
C ALA O 79 -76.19 80.99 -72.89
N PHE O 80 -77.02 81.86 -73.46
CA PHE O 80 -78.12 82.41 -72.69
C PHE O 80 -79.17 81.35 -72.39
N GLU O 81 -79.37 80.40 -73.30
CA GLU O 81 -80.29 79.30 -73.02
C GLU O 81 -79.79 78.44 -71.86
N ALA O 82 -78.49 78.14 -71.83
CA ALA O 82 -77.93 77.38 -70.72
C ALA O 82 -78.08 78.13 -69.40
N ALA O 83 -77.81 79.44 -69.41
CA ALA O 83 -78.00 80.24 -68.21
C ALA O 83 -79.46 80.20 -67.75
N ARG O 84 -80.40 80.25 -68.70
CA ARG O 84 -81.81 80.18 -68.36
C ARG O 84 -82.17 78.85 -67.71
N VAL O 85 -81.65 77.74 -68.25
CA VAL O 85 -81.95 76.43 -67.67
C VAL O 85 -81.40 76.34 -66.24
N ARG O 86 -80.18 76.84 -66.04
CA ARG O 86 -79.60 76.80 -64.70
C ARG O 86 -80.43 77.62 -63.71
N ALA O 87 -80.83 78.84 -64.10
CA ALA O 87 -81.67 79.66 -63.23
C ALA O 87 -83.01 78.98 -62.98
N SER O 88 -83.55 78.30 -63.98
CA SER O 88 -84.83 77.62 -63.82
C SER O 88 -84.76 76.52 -62.79
N GLN O 89 -83.66 75.76 -62.78
CA GLN O 89 -83.51 74.73 -61.76
C GLN O 89 -83.31 75.35 -60.37
N GLU O 90 -82.52 76.43 -60.30
CA GLU O 90 -82.32 77.09 -59.01
C GLU O 90 -83.63 77.62 -58.45
N LEU O 91 -84.54 78.05 -59.33
CA LEU O 91 -85.84 78.55 -58.87
C LEU O 91 -86.65 77.46 -58.17
N ALA O 92 -86.70 76.26 -58.74
CA ALA O 92 -87.40 75.16 -58.09
C ALA O 92 -86.73 74.79 -56.77
N ALA O 93 -85.39 74.84 -56.74
CA ALA O 93 -84.69 74.59 -55.48
C ALA O 93 -85.12 75.57 -54.40
N SER O 94 -85.17 76.86 -54.73
CA SER O 94 -85.59 77.87 -53.75
C SER O 94 -87.06 77.68 -53.36
N ALA O 95 -87.88 77.23 -54.31
CA ALA O 95 -89.29 76.95 -53.99
C ALA O 95 -89.40 75.88 -52.92
N GLU O 96 -88.60 74.81 -53.02
CA GLU O 96 -88.64 73.78 -51.98
C GLU O 96 -88.02 74.26 -50.68
N THR O 97 -87.00 75.13 -50.76
CA THR O 97 -86.43 75.72 -49.56
C THR O 97 -87.47 76.51 -48.78
N ILE O 98 -88.36 77.21 -49.49
CA ILE O 98 -89.45 77.92 -48.83
C ILE O 98 -90.29 76.98 -47.99
N THR O 99 -90.70 75.84 -48.56
CA THR O 99 -91.55 74.90 -47.85
C THR O 99 -90.84 74.34 -46.62
N LYS O 100 -89.56 74.01 -46.76
CA LYS O 100 -88.84 73.44 -45.62
C LYS O 100 -88.69 74.46 -44.49
N THR O 101 -88.37 75.71 -44.83
CA THR O 101 -88.25 76.73 -43.79
C THR O 101 -89.60 77.00 -43.12
N ARG O 102 -90.70 76.86 -43.87
CA ARG O 102 -92.01 76.98 -43.24
C ARG O 102 -92.26 75.84 -42.26
N GLU O 103 -91.93 74.61 -42.66
CA GLU O 103 -92.16 73.44 -41.79
C GLU O 103 -91.36 73.57 -40.50
N SER O 104 -90.15 74.11 -40.59
CA SER O 104 -89.32 74.28 -39.40
C SER O 104 -89.97 75.22 -38.38
N VAL O 105 -90.50 76.36 -38.84
CA VAL O 105 -91.19 77.28 -37.94
C VAL O 105 -92.43 76.63 -37.36
N ALA O 106 -93.12 75.83 -38.17
CA ALA O 106 -94.30 75.11 -37.68
C ALA O 106 -93.95 74.21 -36.50
N TYR O 107 -92.83 73.49 -36.60
CA TYR O 107 -92.40 72.66 -35.48
C TYR O 107 -92.02 73.49 -34.25
N ALA O 108 -91.23 74.55 -34.48
CA ALA O 108 -90.71 75.33 -33.35
C ALA O 108 -91.82 75.97 -32.54
N LEU O 109 -92.79 76.60 -33.21
CA LEU O 109 -93.84 77.26 -32.45
C LEU O 109 -94.74 76.26 -31.74
N LYS O 110 -94.96 75.09 -32.34
CA LYS O 110 -95.78 74.08 -31.68
C LYS O 110 -95.15 73.63 -30.37
N VAL O 111 -93.85 73.32 -30.39
CA VAL O 111 -93.22 72.89 -29.15
C VAL O 111 -93.18 74.04 -28.15
N ASP O 112 -93.06 75.28 -28.64
CA ASP O 112 -93.05 76.42 -27.73
C ASP O 112 -94.39 76.58 -27.01
N GLN O 113 -95.50 76.48 -27.74
CA GLN O 113 -96.81 76.57 -27.11
C GLN O 113 -97.03 75.44 -26.13
N GLU O 114 -96.60 74.22 -26.47
CA GLU O 114 -96.73 73.11 -25.53
C GLU O 114 -95.96 73.39 -24.24
N ALA O 115 -94.75 73.95 -24.35
CA ALA O 115 -93.98 74.27 -23.17
C ALA O 115 -94.67 75.32 -22.31
N THR O 116 -95.21 76.35 -22.93
CA THR O 116 -95.92 77.38 -22.17
C THR O 116 -97.13 76.80 -21.44
N ALA O 117 -97.89 75.95 -22.13
CA ALA O 117 -99.06 75.31 -21.50
C ALA O 117 -98.65 74.47 -20.30
N ALA O 118 -97.59 73.67 -20.45
CA ALA O 118 -97.15 72.82 -19.36
C ALA O 118 -96.68 73.64 -18.16
N PHE O 119 -95.91 74.71 -18.42
CA PHE O 119 -95.46 75.56 -17.31
C PHE O 119 -96.64 76.18 -16.59
N GLU O 120 -97.64 76.65 -17.35
CA GLU O 120 -98.82 77.24 -16.72
C GLU O 120 -99.53 76.23 -15.84
N ALA O 121 -99.73 75.00 -16.34
CA ALA O 121 -100.44 74.00 -15.56
C ALA O 121 -99.68 73.65 -14.28
N TYR O 122 -98.36 73.51 -14.38
CA TYR O 122 -97.60 73.06 -13.21
C TYR O 122 -97.47 74.19 -12.18
N ARG O 123 -97.32 75.44 -12.64
CA ARG O 123 -97.34 76.56 -11.70
C ARG O 123 -98.71 76.71 -11.04
N ASN O 124 -99.78 76.46 -11.79
CA ASN O 124 -101.12 76.53 -11.20
C ASN O 124 -101.30 75.47 -10.12
N ALA O 125 -100.81 74.26 -10.38
CA ALA O 125 -100.88 73.21 -9.36
C ALA O 125 -100.08 73.59 -8.11
N LEU O 126 -98.88 74.15 -8.31
CA LEU O 126 -98.09 74.58 -7.16
C LEU O 126 -98.79 75.68 -6.36
N ARG O 127 -99.41 76.63 -7.07
CA ARG O 127 -100.15 77.70 -6.39
C ARG O 127 -101.33 77.13 -5.61
N ASP O 128 -102.06 76.20 -6.22
CA ASP O 128 -103.22 75.59 -5.56
C ASP O 128 -102.78 74.76 -4.35
N ALA O 129 -101.55 74.26 -4.36
CA ALA O 129 -101.06 73.47 -3.24
C ALA O 129 -101.06 74.26 -1.94
N ALA O 130 -100.57 75.50 -1.98
CA ALA O 130 -100.44 76.28 -0.74
C ALA O 130 -101.79 76.67 -0.18
N ILE O 131 -102.58 77.42 -0.95
CA ILE O 131 -103.91 77.84 -0.50
C ILE O 131 -104.92 77.41 -1.56
N SER O 132 -105.58 76.28 -1.32
CA SER O 132 -106.55 75.76 -2.27
C SER O 132 -107.82 76.61 -2.25
N ILE O 133 -108.45 76.73 -3.42
CA ILE O 133 -109.68 77.50 -3.59
C ILE O 133 -110.74 76.59 -4.19
N ASN O 134 -111.93 76.61 -3.61
CA ASN O 134 -113.02 75.76 -4.04
C ASN O 134 -113.54 76.23 -5.41
N PRO O 135 -114.26 75.36 -6.13
CA PRO O 135 -114.87 75.82 -7.39
C PRO O 135 -115.76 77.02 -7.22
N ASP O 136 -116.43 77.14 -6.08
CA ASP O 136 -117.28 78.31 -5.81
C ASP O 136 -116.46 79.58 -5.56
N GLY O 137 -115.17 79.45 -5.25
CA GLY O 137 -114.33 80.60 -5.01
C GLY O 137 -113.96 80.85 -3.56
N SER O 138 -113.95 79.82 -2.72
CA SER O 138 -113.65 79.98 -1.30
C SER O 138 -112.50 79.06 -0.92
N ILE O 139 -111.76 79.47 0.12
CA ILE O 139 -110.65 78.67 0.61
C ILE O 139 -111.17 77.37 1.21
N ASN O 140 -110.45 76.28 0.97
CA ASN O 140 -110.82 74.98 1.49
C ASN O 140 -109.78 74.54 2.51
N PRO O 141 -110.00 74.74 3.81
CA PRO O 141 -108.99 74.34 4.80
C PRO O 141 -108.75 72.85 4.84
N ASP O 142 -109.68 72.03 4.33
CA ASP O 142 -109.47 70.60 4.32
C ASP O 142 -108.28 70.23 3.45
N THR O 143 -108.17 70.86 2.28
CA THR O 143 -107.11 70.56 1.32
C THR O 143 -106.15 71.72 1.09
N SER O 144 -105.86 72.52 2.12
CA SER O 144 -104.93 73.64 2.00
C SER O 144 -103.71 73.38 2.88
N ILE O 145 -102.52 73.55 2.31
CA ILE O 145 -101.30 73.22 3.04
C ILE O 145 -101.05 74.17 4.19
N ASN O 146 -101.14 75.47 3.94
CA ASN O 146 -100.74 76.45 4.95
C ASN O 146 -101.68 76.42 6.15
N LEU O 147 -102.97 76.24 5.92
CA LEU O 147 -103.93 76.17 7.02
C LEU O 147 -103.67 74.93 7.89
N LEU O 148 -103.42 73.78 7.26
CA LEU O 148 -103.08 72.58 8.02
C LEU O 148 -101.76 72.77 8.76
N ILE O 149 -100.81 73.47 8.14
CA ILE O 149 -99.54 73.74 8.78
C ILE O 149 -99.75 74.54 10.06
N ASP O 150 -100.57 75.59 9.97
CA ASP O 150 -100.79 76.43 11.15
C ASP O 150 -101.61 75.68 12.21
N ALA O 151 -102.53 74.81 11.77
CA ALA O 151 -103.27 73.99 12.72
C ALA O 151 -102.34 73.08 13.49
N ALA O 152 -101.40 72.43 12.80
CA ALA O 152 -100.44 71.57 13.49
C ALA O 152 -99.48 72.39 14.34
N ASN O 153 -99.16 73.61 13.90
CA ASN O 153 -98.22 74.45 14.63
C ASN O 153 -98.84 74.92 15.95
N ALA O 154 -100.13 75.22 15.96
CA ALA O 154 -100.81 75.64 17.18
C ALA O 154 -101.20 74.47 18.07
N ALA O 155 -101.16 73.24 17.56
CA ALA O 155 -101.60 72.07 18.30
C ALA O 155 -100.47 71.33 18.99
N ASN O 156 -99.29 71.92 19.09
CA ASN O 156 -98.17 71.31 19.79
C ASN O 156 -97.82 72.11 21.04
N ARG O 157 -97.24 71.43 22.02
CA ARG O 157 -96.89 72.05 23.29
C ARG O 157 -95.40 71.91 23.61
N THR O 158 -94.63 71.29 22.72
CA THR O 158 -93.22 71.01 22.98
C THR O 158 -92.41 72.31 22.95
N ASP O 159 -91.16 72.23 23.43
CA ASP O 159 -90.30 73.40 23.52
C ASP O 159 -89.36 73.45 22.31
N ARG O 160 -89.89 73.16 21.12
CA ARG O 160 -89.24 73.48 19.85
C ARG O 160 -87.94 72.70 19.61
N ALA O 161 -87.53 71.88 20.58
CA ALA O 161 -86.21 71.26 20.49
C ALA O 161 -86.14 70.23 19.37
N GLU O 162 -87.14 69.35 19.28
CA GLU O 162 -87.12 68.25 18.34
C GLU O 162 -88.28 68.27 17.35
N ILE O 163 -89.44 68.80 17.74
CA ILE O 163 -90.54 69.03 16.82
C ILE O 163 -90.69 70.54 16.71
N GLU O 164 -90.40 71.08 15.54
CA GLU O 164 -90.25 72.52 15.35
C GLU O 164 -91.44 73.07 14.58
N ASP O 165 -91.56 74.40 14.60
CA ASP O 165 -92.58 75.07 13.82
C ASP O 165 -92.29 74.94 12.34
N TYR O 166 -93.29 74.53 11.58
CA TYR O 166 -93.14 74.43 10.13
C TYR O 166 -93.29 75.80 9.50
N ALA O 167 -92.28 76.24 8.77
CA ALA O 167 -92.36 77.51 8.05
C ALA O 167 -93.38 77.42 6.92
N HIS O 168 -93.96 78.57 6.60
CA HIS O 168 -94.99 78.61 5.57
C HIS O 168 -94.39 78.33 4.20
N LEU O 169 -95.25 77.85 3.29
CA LEU O 169 -94.77 77.30 2.02
C LEU O 169 -94.08 78.38 1.18
N TYR O 170 -93.04 77.94 0.47
CA TYR O 170 -92.32 78.76 -0.50
C TYR O 170 -91.70 80.00 0.15
N THR O 171 -90.75 79.75 1.06
CA THR O 171 -89.97 80.83 1.63
C THR O 171 -88.91 81.33 0.65
N GLN O 172 -88.48 80.47 -0.27
CA GLN O 172 -87.45 80.87 -1.24
C GLN O 172 -88.01 81.83 -2.28
N THR O 173 -89.18 81.53 -2.81
CA THR O 173 -89.75 82.28 -3.93
C THR O 173 -91.13 82.79 -3.58
N ASP O 174 -91.56 83.80 -4.34
CA ASP O 174 -92.91 84.35 -4.23
C ASP O 174 -93.74 83.76 -5.36
N ILE O 175 -94.57 82.78 -5.04
CA ILE O 175 -95.35 82.09 -6.07
C ILE O 175 -96.51 82.95 -6.57
N ALA O 176 -96.78 84.08 -5.91
CA ALA O 176 -97.81 84.98 -6.40
C ALA O 176 -97.36 85.68 -7.68
N LEU O 177 -96.06 85.78 -7.89
CA LEU O 177 -95.54 86.44 -9.08
C LEU O 177 -95.89 85.64 -10.34
N GLU O 178 -95.86 86.32 -11.48
CA GLU O 178 -96.23 85.67 -12.74
C GLU O 178 -95.27 84.53 -13.06
N THR O 179 -93.97 84.81 -13.06
CA THR O 179 -92.96 83.80 -13.39
C THR O 179 -92.04 83.55 -12.21
N PRO O 180 -92.37 82.60 -11.32
CA PRO O 180 -91.48 82.30 -10.20
C PRO O 180 -90.53 81.14 -10.49
N GLN O 181 -89.56 80.92 -9.61
CA GLN O 181 -88.63 79.81 -9.76
C GLN O 181 -89.27 78.58 -9.12
N LEU O 182 -89.89 77.74 -9.95
CA LEU O 182 -90.74 76.68 -9.43
C LEU O 182 -89.93 75.52 -8.86
N ALA O 183 -88.67 75.38 -9.28
CA ALA O 183 -87.81 74.36 -8.69
C ALA O 183 -87.59 74.62 -7.21
N TYR O 184 -87.43 75.89 -6.84
CA TYR O 184 -87.31 76.23 -5.42
C TYR O 184 -88.55 75.83 -4.64
N ALA O 185 -89.73 76.08 -5.23
CA ALA O 185 -90.99 75.74 -4.57
C ALA O 185 -91.13 74.23 -4.38
N PHE O 186 -90.81 73.45 -5.41
CA PHE O 186 -90.86 72.00 -5.28
C PHE O 186 -89.85 71.50 -4.26
N GLN O 187 -88.67 72.11 -4.21
CA GLN O 187 -87.69 71.78 -3.18
C GLN O 187 -88.27 71.99 -1.79
N ASP O 188 -88.92 73.15 -1.58
CA ASP O 188 -89.49 73.44 -0.28
C ASP O 188 -90.60 72.46 0.09
N LEU O 189 -91.43 72.09 -0.90
CA LEU O 189 -92.50 71.13 -0.63
C LEU O 189 -91.95 69.77 -0.24
N LYS O 190 -90.92 69.30 -0.95
CA LYS O 190 -90.30 68.02 -0.60
C LYS O 190 -89.63 68.09 0.77
N ALA O 191 -89.02 69.24 1.09
CA ALA O 191 -88.42 69.41 2.41
C ALA O 191 -89.48 69.32 3.50
N LEU O 192 -90.65 69.90 3.27
CA LEU O 192 -91.74 69.79 4.23
C LEU O 192 -92.19 68.35 4.41
N GLN O 193 -92.34 67.63 3.30
CA GLN O 193 -92.76 66.22 3.41
C GLN O 193 -91.76 65.42 4.22
N ALA O 194 -90.47 65.61 3.94
CA ALA O 194 -89.42 64.91 4.67
C ALA O 194 -89.43 65.28 6.15
N GLU O 195 -89.59 66.58 6.46
CA GLU O 195 -89.57 67.01 7.85
C GLU O 195 -90.75 66.43 8.62
N VAL O 196 -91.92 66.36 8.00
CA VAL O 196 -93.08 65.77 8.67
C VAL O 196 -92.83 64.28 8.95
N ASP O 197 -92.35 63.56 7.94
CA ASP O 197 -92.08 62.13 8.15
C ASP O 197 -90.98 61.92 9.20
N ALA O 198 -90.07 62.87 9.32
CA ALA O 198 -88.99 62.74 10.31
C ALA O 198 -89.51 63.00 11.72
N ASP O 199 -90.37 64.01 11.88
CA ASP O 199 -90.92 64.28 13.21
C ASP O 199 -91.92 63.22 13.63
N PHE O 200 -92.42 62.43 12.67
CA PHE O 200 -93.31 61.31 13.00
C PHE O 200 -92.73 60.41 14.08
N GLU O 201 -91.44 60.06 13.97
CA GLU O 201 -90.85 59.11 14.92
C GLU O 201 -90.61 59.75 16.28
N TRP O 202 -90.37 61.07 16.30
CA TRP O 202 -90.26 61.76 17.58
C TRP O 202 -91.62 61.93 18.23
N LEU O 203 -92.68 61.84 17.44
CA LEU O 203 -94.02 61.78 18.00
C LEU O 203 -94.28 60.45 18.68
N GLY O 204 -93.60 59.40 18.25
CA GLY O 204 -93.75 58.06 18.79
C GLY O 204 -92.80 57.69 19.91
N GLU O 205 -92.21 58.68 20.56
CA GLU O 205 -91.29 58.41 21.66
C GLU O 205 -92.04 58.22 22.97
N PHE O 206 -91.40 57.52 23.91
CA PHE O 206 -92.00 57.34 25.23
C PHE O 206 -91.86 58.58 26.08
N GLY O 207 -90.70 59.24 26.03
CA GLY O 207 -90.37 60.31 26.93
C GLY O 207 -90.55 61.72 26.38
N ILE O 208 -91.32 61.91 25.32
CA ILE O 208 -91.56 63.25 24.80
C ILE O 208 -92.32 64.09 25.81
N ASP O 209 -93.33 63.51 26.45
CA ASP O 209 -94.09 64.19 27.48
C ASP O 209 -93.21 64.31 28.71
N GLN O 210 -92.71 65.52 28.99
CA GLN O 210 -91.77 65.69 30.07
C GLN O 210 -92.31 66.58 31.19
N GLU O 211 -92.72 67.79 30.85
CA GLU O 211 -92.92 68.85 31.82
C GLU O 211 -93.94 69.84 31.27
N ASP O 212 -94.49 70.67 32.16
CA ASP O 212 -95.28 71.80 31.72
C ASP O 212 -94.49 72.65 30.74
N GLY O 213 -94.95 72.68 29.50
CA GLY O 213 -94.24 73.37 28.44
C GLY O 213 -93.44 72.46 27.52
N ASN O 214 -93.14 71.23 27.94
CA ASN O 214 -92.53 70.24 27.04
C ASN O 214 -93.37 68.97 27.14
N TYR O 215 -94.43 68.90 26.35
CA TYR O 215 -95.24 67.68 26.32
C TYR O 215 -96.10 67.70 25.05
N VAL O 216 -96.72 66.55 24.78
CA VAL O 216 -97.48 66.34 23.55
C VAL O 216 -98.93 66.10 23.93
N GLN O 217 -99.83 66.91 23.39
CA GLN O 217 -101.26 66.73 23.61
C GLN O 217 -101.83 65.68 22.67
N ARG O 218 -103.06 65.26 22.94
CA ARG O 218 -103.65 64.14 22.21
C ARG O 218 -104.17 64.56 20.85
N TYR O 219 -104.20 65.87 20.56
CA TYR O 219 -104.74 66.33 19.29
C TYR O 219 -103.64 66.70 18.30
N HIS O 220 -102.40 66.77 18.77
CA HIS O 220 -101.28 67.09 17.88
C HIS O 220 -101.13 66.04 16.79
N LEU O 221 -101.22 64.77 17.16
CA LEU O 221 -100.94 63.69 16.21
C LEU O 221 -101.96 63.64 15.08
N PRO O 222 -103.28 63.75 15.30
CA PRO O 222 -104.20 63.80 14.16
C PRO O 222 -103.96 64.97 13.23
N ALA O 223 -103.58 66.13 13.76
CA ALA O 223 -103.26 67.27 12.90
C ALA O 223 -102.06 66.97 12.01
N VAL O 224 -101.00 66.42 12.61
CA VAL O 224 -99.82 66.07 11.82
C VAL O 224 -100.17 64.99 10.79
N GLU O 225 -101.03 64.03 11.17
CA GLU O 225 -101.40 62.96 10.25
C GLU O 225 -102.18 63.47 9.05
N ALA O 226 -103.14 64.38 9.29
CA ALA O 226 -103.89 64.96 8.20
C ALA O 226 -102.97 65.77 7.28
N LEU O 227 -102.06 66.55 7.87
CA LEU O 227 -101.11 67.30 7.06
C LEU O 227 -100.26 66.37 6.21
N LYS O 228 -99.82 65.25 6.78
CA LYS O 228 -98.99 64.30 6.03
C LYS O 228 -99.76 63.67 4.88
N ALA O 229 -101.00 63.24 5.12
CA ALA O 229 -101.78 62.63 4.05
C ALA O 229 -102.04 63.62 2.93
N GLU O 230 -102.34 64.87 3.28
CA GLU O 230 -102.57 65.89 2.27
C GLU O 230 -101.32 66.16 1.45
N VAL O 231 -100.15 66.26 2.11
CA VAL O 231 -98.91 66.48 1.38
C VAL O 231 -98.61 65.31 0.46
N ASP O 232 -98.91 64.10 0.94
CA ASP O 232 -98.64 62.88 0.11
C ASP O 232 -99.49 62.93 -1.16
N ALA O 233 -100.79 63.23 -1.03
CA ALA O 233 -101.66 63.31 -2.20
C ALA O 233 -101.24 64.46 -3.12
N ARG O 234 -100.86 65.60 -2.55
CA ARG O 234 -100.46 66.75 -3.35
C ARG O 234 -99.22 66.44 -4.17
N VAL O 235 -98.23 65.79 -3.55
CA VAL O 235 -97.00 65.44 -4.27
C VAL O 235 -97.31 64.43 -5.36
N ALA O 236 -98.16 63.45 -5.07
CA ALA O 236 -98.53 62.48 -6.10
C ALA O 236 -99.20 63.15 -7.28
N ALA O 237 -99.94 64.24 -7.02
CA ALA O 237 -100.55 64.98 -8.13
C ALA O 237 -99.53 65.83 -8.88
N ILE O 238 -98.58 66.43 -8.16
CA ILE O 238 -97.67 67.39 -8.78
C ILE O 238 -96.57 66.68 -9.56
N GLU O 239 -96.35 65.38 -9.28
CA GLU O 239 -95.29 64.65 -9.98
C GLU O 239 -95.45 64.64 -11.51
N PRO O 240 -96.52 64.10 -12.09
CA PRO O 240 -96.57 64.05 -13.57
C PRO O 240 -96.54 65.41 -14.22
N LEU O 241 -97.14 66.42 -13.57
CA LEU O 241 -97.12 67.77 -14.12
C LEU O 241 -95.70 68.30 -14.21
N ARG O 242 -94.92 68.13 -13.14
CA ARG O 242 -93.53 68.59 -13.16
C ARG O 242 -92.71 67.82 -14.19
N ALA O 243 -92.94 66.51 -14.30
CA ALA O 243 -92.23 65.72 -15.30
C ALA O 243 -92.50 66.23 -16.70
N ASP O 244 -93.78 66.42 -17.04
CA ASP O 244 -94.13 66.88 -18.38
C ASP O 244 -93.61 68.29 -18.63
N SER O 245 -93.68 69.16 -17.61
CA SER O 245 -93.17 70.52 -17.76
C SER O 245 -91.68 70.52 -18.06
N ILE O 246 -90.90 69.72 -17.34
CA ILE O 246 -89.47 69.65 -17.61
C ILE O 246 -89.23 69.12 -19.01
N ALA O 247 -89.94 68.05 -19.38
CA ALA O 247 -89.70 67.42 -20.68
C ALA O 247 -89.98 68.37 -21.83
N LYS O 248 -91.05 69.16 -21.73
CA LYS O 248 -91.42 70.03 -22.84
C LYS O 248 -90.61 71.33 -22.81
N ASN O 249 -90.31 71.84 -21.63
CA ASN O 249 -89.54 73.08 -21.54
C ASN O 249 -88.09 72.86 -21.96
N LEU O 250 -87.55 71.65 -21.78
CA LEU O 250 -86.23 71.36 -22.30
C LEU O 250 -86.25 71.33 -23.83
N GLU O 251 -87.26 70.70 -24.42
CA GLU O 251 -87.34 70.60 -25.87
C GLU O 251 -87.60 71.96 -26.51
N ALA O 252 -88.28 72.86 -25.81
CA ALA O 252 -88.55 74.20 -26.32
C ALA O 252 -87.34 75.14 -26.21
N GLN O 253 -86.20 74.62 -25.75
CA GLN O 253 -84.96 75.39 -25.75
C GLN O 253 -84.01 74.97 -26.86
N LYS O 254 -84.21 73.78 -27.44
CA LYS O 254 -83.41 73.37 -28.59
C LYS O 254 -83.63 74.29 -29.77
N SER O 255 -84.88 74.67 -30.03
CA SER O 255 -85.26 75.42 -31.21
C SER O 255 -85.39 76.90 -30.88
N ASP O 256 -85.09 77.75 -31.85
CA ASP O 256 -85.28 79.18 -31.75
C ASP O 256 -86.03 79.64 -32.99
N VAL O 257 -87.28 80.09 -32.81
CA VAL O 257 -88.19 80.27 -33.93
C VAL O 257 -87.83 81.51 -34.75
N LEU O 258 -87.17 82.49 -34.13
CA LEU O 258 -86.87 83.73 -34.83
C LEU O 258 -85.80 83.53 -35.89
N VAL O 259 -84.81 82.67 -35.62
CA VAL O 259 -83.82 82.33 -36.64
C VAL O 259 -84.49 81.68 -37.84
N ARG O 260 -85.43 80.78 -37.60
CA ARG O 260 -86.11 80.09 -38.69
C ARG O 260 -86.98 81.04 -39.49
N GLN O 261 -87.59 82.02 -38.81
CA GLN O 261 -88.31 83.07 -39.54
C GLN O 261 -87.35 83.89 -40.41
N LEU O 262 -86.18 84.24 -39.87
CA LEU O 262 -85.20 84.98 -40.66
C LEU O 262 -84.78 84.20 -41.89
N PHE O 263 -84.58 82.89 -41.76
CA PHE O 263 -84.19 82.09 -42.90
C PHE O 263 -85.32 81.98 -43.91
N LEU O 264 -86.57 81.90 -43.45
CA LEU O 264 -87.69 81.93 -44.38
C LEU O 264 -87.73 83.23 -45.17
N GLU O 265 -87.51 84.37 -44.51
CA GLU O 265 -87.53 85.65 -45.22
C GLU O 265 -86.39 85.74 -46.23
N ARG O 266 -85.20 85.25 -45.85
CA ARG O 266 -84.09 85.23 -46.80
C ARG O 266 -84.40 84.33 -48.00
N ALA O 267 -85.05 83.19 -47.76
CA ALA O 267 -85.40 82.32 -48.86
C ALA O 267 -86.42 82.97 -49.80
N THR O 268 -87.36 83.74 -49.25
CA THR O 268 -88.30 84.48 -50.10
C THR O 268 -87.57 85.50 -50.97
N ALA O 269 -86.65 86.27 -50.37
CA ALA O 269 -85.89 87.24 -51.14
C ALA O 269 -85.08 86.55 -52.24
N GLN O 270 -84.48 85.40 -51.91
CA GLN O 270 -83.77 84.63 -52.93
C GLN O 270 -84.71 84.20 -54.05
N ARG O 271 -85.92 83.76 -53.72
CA ARG O 271 -86.85 83.31 -54.75
C ARG O 271 -87.22 84.42 -55.71
N ASP O 272 -87.53 85.61 -55.19
CA ASP O 272 -88.00 86.64 -56.11
C ASP O 272 -86.85 87.22 -56.94
N THR O 273 -85.67 87.35 -56.32
CA THR O 273 -84.49 87.72 -57.11
C THR O 273 -84.20 86.67 -58.18
N LEU O 274 -84.41 85.39 -57.86
CA LEU O 274 -84.19 84.33 -58.82
C LEU O 274 -85.13 84.44 -60.01
N ARG O 275 -86.41 84.73 -59.77
CA ARG O 275 -87.31 84.84 -60.92
C ARG O 275 -87.01 86.09 -61.74
N VAL O 276 -86.53 87.16 -61.09
CA VAL O 276 -86.09 88.32 -61.86
C VAL O 276 -84.94 87.96 -62.78
N VAL O 277 -83.96 87.22 -62.25
CA VAL O 277 -82.80 86.83 -63.06
C VAL O 277 -83.21 85.88 -64.18
N GLU O 278 -84.11 84.94 -63.89
CA GLU O 278 -84.58 84.01 -64.91
C GLU O 278 -85.31 84.75 -66.04
N ALA O 279 -86.11 85.75 -65.68
CA ALA O 279 -86.76 86.57 -66.69
C ALA O 279 -85.73 87.30 -67.54
N ILE O 280 -84.68 87.84 -66.90
CA ILE O 280 -83.62 88.51 -67.67
C ILE O 280 -83.02 87.56 -68.69
N PHE O 281 -82.67 86.35 -68.25
CA PHE O 281 -82.01 85.41 -69.17
C PHE O 281 -82.94 84.96 -70.28
N SER O 282 -84.21 84.68 -69.97
CA SER O 282 -85.14 84.26 -71.01
C SER O 282 -85.38 85.38 -72.01
N THR O 283 -85.50 86.62 -71.54
CA THR O 283 -85.67 87.75 -72.43
C THR O 283 -84.48 87.91 -73.37
N SER O 284 -83.27 87.82 -72.83
CA SER O 284 -82.09 87.94 -73.67
C SER O 284 -82.01 86.81 -74.69
N ALA O 285 -82.35 85.59 -74.26
CA ALA O 285 -82.31 84.46 -75.18
C ALA O 285 -83.30 84.63 -76.33
N ARG O 286 -84.52 85.09 -76.03
CA ARG O 286 -85.49 85.30 -77.10
C ARG O 286 -85.09 86.46 -78.00
N TYR O 287 -84.50 87.51 -77.42
CA TYR O 287 -84.03 88.63 -78.23
C TYR O 287 -82.96 88.19 -79.22
N VAL O 288 -82.02 87.36 -78.77
CA VAL O 288 -80.97 86.88 -79.67
C VAL O 288 -81.54 85.91 -80.69
N GLU O 289 -82.44 85.01 -80.27
CA GLU O 289 -82.93 83.97 -81.18
C GLU O 289 -83.77 84.54 -82.32
N LEU O 290 -84.34 85.72 -82.17
CA LEU O 290 -85.17 86.32 -83.22
C LEU O 290 -84.34 87.08 -84.26
N TYR O 291 -83.04 86.80 -84.35
CA TYR O 291 -82.18 87.40 -85.36
C TYR O 291 -82.54 86.86 -86.74
N GLU O 292 -83.20 87.68 -87.54
CA GLU O 292 -83.59 87.30 -88.91
C GLU O 292 -84.40 86.00 -88.92
N ASN O 293 -85.26 85.83 -87.91
CA ASN O 293 -86.08 84.65 -87.81
C ASN O 293 -87.42 84.87 -88.51
N VAL O 294 -88.04 83.76 -88.93
CA VAL O 294 -89.35 83.84 -89.57
C VAL O 294 -90.44 84.28 -88.61
N GLU O 295 -90.16 84.29 -87.31
CA GLU O 295 -91.13 84.67 -86.30
C GLU O 295 -91.04 86.14 -85.90
N ASN O 296 -90.04 86.86 -86.38
CA ASN O 296 -89.88 88.28 -86.06
C ASN O 296 -90.82 89.07 -86.96
N VAL O 297 -92.07 89.25 -86.49
CA VAL O 297 -93.10 89.88 -87.29
C VAL O 297 -93.32 91.31 -86.79
N ASN O 298 -94.14 92.05 -87.52
CA ASN O 298 -94.44 93.44 -87.19
C ASN O 298 -95.69 93.51 -86.33
N VAL O 299 -95.57 94.18 -85.18
CA VAL O 299 -96.70 94.38 -84.28
C VAL O 299 -96.57 95.76 -83.64
N GLU O 300 -97.65 96.54 -83.70
CA GLU O 300 -97.74 97.84 -83.05
C GLU O 300 -96.62 98.78 -83.49
N ASN O 301 -96.56 99.02 -84.81
CA ASN O 301 -95.60 99.96 -85.40
C ASN O 301 -94.15 99.60 -85.08
N LYS O 302 -93.88 98.31 -84.86
CA LYS O 302 -92.54 97.86 -84.52
C LYS O 302 -92.46 96.36 -84.74
N THR O 303 -91.25 95.83 -84.56
CA THR O 303 -91.04 94.39 -84.61
C THR O 303 -90.97 93.83 -83.19
N LEU O 304 -90.83 92.51 -83.10
CA LEU O 304 -90.92 91.82 -81.82
C LEU O 304 -89.73 92.16 -80.92
N ARG O 305 -88.56 92.38 -81.51
CA ARG O 305 -87.35 92.54 -80.71
C ARG O 305 -87.26 93.90 -80.04
N GLN O 306 -87.88 94.93 -80.63
CA GLN O 306 -87.79 96.26 -80.05
C GLN O 306 -88.49 96.33 -78.69
N HIS O 307 -89.58 95.59 -78.51
CA HIS O 307 -90.22 95.53 -77.20
C HIS O 307 -89.28 94.91 -76.17
N TYR O 308 -88.64 93.80 -76.54
CA TYR O 308 -87.70 93.15 -75.64
C TYR O 308 -86.56 94.09 -75.28
N SER O 309 -86.07 94.86 -76.26
CA SER O 309 -85.02 95.83 -75.97
C SER O 309 -85.50 96.91 -75.01
N ALA O 310 -86.72 97.41 -75.22
CA ALA O 310 -87.26 98.42 -74.33
C ALA O 310 -87.51 97.90 -72.93
N LEU O 311 -87.64 96.58 -72.77
CA LEU O 311 -87.81 95.98 -71.45
C LEU O 311 -86.62 96.18 -70.53
N ILE O 312 -85.54 96.82 -71.00
CA ILE O 312 -84.28 96.81 -70.24
C ILE O 312 -84.33 97.66 -68.98
N PRO O 313 -84.70 98.95 -69.02
CA PRO O 313 -84.68 99.75 -67.78
C PRO O 313 -85.61 99.21 -66.70
N ASN O 314 -86.75 98.62 -67.08
CA ASN O 314 -87.63 97.99 -66.10
C ASN O 314 -86.91 96.88 -65.35
N LEU O 315 -86.27 95.99 -66.09
CA LEU O 315 -85.54 94.89 -65.45
C LEU O 315 -84.38 95.42 -64.62
N PHE O 316 -83.75 96.50 -65.08
CA PHE O 316 -82.65 97.09 -64.30
C PHE O 316 -83.15 97.57 -62.94
N ILE O 317 -84.24 98.34 -62.92
CA ILE O 317 -84.76 98.85 -61.66
C ILE O 317 -85.22 97.70 -60.76
N ALA O 318 -85.92 96.72 -61.35
CA ALA O 318 -86.40 95.59 -60.56
C ALA O 318 -85.23 94.82 -59.93
N ALA O 319 -84.18 94.57 -60.71
CA ALA O 319 -83.02 93.86 -60.19
C ALA O 319 -82.33 94.65 -59.09
N VAL O 320 -82.21 95.97 -59.25
CA VAL O 320 -81.54 96.77 -58.23
C VAL O 320 -82.32 96.69 -56.91
N ALA O 321 -83.64 96.83 -56.99
CA ALA O 321 -84.45 96.78 -55.77
C ALA O 321 -84.35 95.40 -55.11
N ASN O 322 -84.47 94.34 -55.91
CA ASN O 322 -84.40 92.99 -55.34
C ASN O 322 -83.05 92.71 -54.73
N ILE O 323 -81.98 93.19 -55.37
CA ILE O 323 -80.63 92.97 -54.84
C ILE O 323 -80.46 93.70 -53.52
N SER O 324 -80.96 94.93 -53.41
CA SER O 324 -80.83 95.65 -52.15
C SER O 324 -81.58 94.93 -51.03
N GLU O 325 -82.79 94.46 -51.31
CA GLU O 325 -83.54 93.76 -50.27
C GLU O 325 -82.87 92.44 -49.89
N LEU O 326 -82.29 91.74 -50.87
CA LEU O 326 -81.61 90.49 -50.57
C LEU O 326 -80.36 90.74 -49.72
N ASN O 327 -79.63 91.82 -50.00
CA ASN O 327 -78.48 92.15 -49.18
C ASN O 327 -78.89 92.45 -47.74
N ALA O 328 -79.98 93.21 -47.57
CA ALA O 328 -80.46 93.50 -46.22
C ALA O 328 -80.85 92.21 -45.50
N ALA O 329 -81.56 91.31 -46.18
CA ALA O 329 -81.97 90.06 -45.55
C ALA O 329 -80.76 89.19 -45.19
N ASP O 330 -79.76 89.14 -46.07
CA ASP O 330 -78.56 88.37 -45.80
C ASP O 330 -77.85 88.89 -44.56
N ALA O 331 -77.68 90.21 -44.47
CA ALA O 331 -77.03 90.79 -43.29
C ALA O 331 -77.83 90.50 -42.03
N GLU O 332 -79.16 90.60 -42.11
CA GLU O 332 -79.99 90.36 -40.94
C GLU O 332 -79.85 88.93 -40.45
N ALA O 333 -79.92 87.96 -41.36
CA ALA O 333 -79.83 86.57 -40.92
C ALA O 333 -78.42 86.19 -40.48
N ALA O 334 -77.40 86.83 -41.04
CA ALA O 334 -76.04 86.50 -40.65
C ALA O 334 -75.69 87.06 -39.27
N ALA O 335 -76.11 88.29 -38.99
CA ALA O 335 -75.70 88.94 -37.75
C ALA O 335 -76.45 88.43 -36.53
N TYR O 336 -77.56 87.72 -36.71
CA TYR O 336 -78.39 87.27 -35.60
C TYR O 336 -78.65 85.77 -35.69
N TYR O 337 -77.62 84.99 -36.01
CA TYR O 337 -77.75 83.54 -35.99
C TYR O 337 -77.81 83.02 -34.55
N LEU O 338 -77.01 83.61 -33.66
CA LEU O 338 -77.02 83.26 -32.24
C LEU O 338 -76.84 84.55 -31.46
N HIS O 339 -77.97 85.16 -31.09
CA HIS O 339 -77.97 86.43 -30.39
C HIS O 339 -79.10 86.44 -29.37
N TRP O 340 -78.98 87.34 -28.39
CA TRP O 340 -80.02 87.47 -27.37
C TRP O 340 -81.34 87.92 -27.97
N ASP O 341 -81.30 88.84 -28.94
CA ASP O 341 -82.49 89.45 -29.51
C ASP O 341 -83.27 88.44 -30.35
N THR O 342 -82.83 87.18 -30.35
CA THR O 342 -83.49 86.11 -31.05
C THR O 342 -84.05 85.03 -30.14
N ASP O 343 -83.35 84.71 -29.05
CA ASP O 343 -83.88 83.88 -27.98
C ASP O 343 -84.11 84.80 -26.78
N LEU O 344 -85.35 85.20 -26.56
CA LEU O 344 -85.66 86.25 -25.60
C LEU O 344 -85.96 85.66 -24.23
N ALA O 345 -86.53 86.49 -23.35
CA ALA O 345 -86.63 86.15 -21.93
C ALA O 345 -87.48 84.91 -21.70
N THR O 346 -88.77 85.00 -22.01
CA THR O 346 -89.63 83.85 -21.76
C THR O 346 -89.36 82.78 -22.81
N ASN O 347 -89.72 81.54 -22.48
CA ASN O 347 -89.66 80.49 -23.49
C ASN O 347 -90.70 80.72 -24.57
N ASP O 348 -91.82 81.35 -24.22
CA ASP O 348 -92.92 81.54 -25.16
C ASP O 348 -92.49 82.39 -26.35
N GLU O 349 -92.04 83.62 -26.08
CA GLU O 349 -91.63 84.59 -27.10
C GLU O 349 -92.54 84.54 -28.34
N ASP O 350 -93.84 84.72 -28.10
CA ASP O 350 -94.82 84.64 -29.18
C ASP O 350 -95.19 86.01 -29.73
N GLU O 351 -95.19 87.04 -28.89
CA GLU O 351 -95.55 88.38 -29.35
C GLU O 351 -94.57 88.88 -30.39
N ALA O 352 -93.28 88.63 -30.19
CA ALA O 352 -92.27 89.06 -31.16
C ALA O 352 -92.44 88.29 -32.46
N TYR O 353 -92.73 87.00 -32.38
CA TYR O 353 -92.95 86.20 -33.58
C TYR O 353 -94.14 86.73 -34.37
N TYR O 354 -95.22 87.06 -33.69
CA TYR O 354 -96.41 87.53 -34.40
C TYR O 354 -96.20 88.94 -34.98
N LYS O 355 -95.47 89.80 -34.27
CA LYS O 355 -95.12 91.09 -34.83
C LYS O 355 -94.26 90.95 -36.08
N ALA O 356 -93.27 90.06 -36.04
CA ALA O 356 -92.44 89.81 -37.20
C ALA O 356 -93.23 89.21 -38.35
N LYS O 357 -94.17 88.31 -38.06
CA LYS O 357 -95.01 87.74 -39.09
C LYS O 357 -95.88 88.79 -39.75
N LEU O 358 -96.40 89.73 -38.95
CA LEU O 358 -97.15 90.85 -39.52
C LEU O 358 -96.29 91.69 -40.45
N ASP O 359 -95.09 92.05 -40.00
CA ASP O 359 -94.21 92.86 -40.84
C ASP O 359 -93.88 92.13 -42.14
N PHE O 360 -93.60 90.83 -42.04
CA PHE O 360 -93.28 90.02 -43.21
C PHE O 360 -94.44 89.96 -44.19
N ALA O 361 -95.67 89.79 -43.68
CA ALA O 361 -96.83 89.76 -44.55
C ALA O 361 -97.06 91.10 -45.23
N ILE O 362 -96.88 92.20 -44.50
CA ILE O 362 -97.00 93.53 -45.10
C ILE O 362 -96.01 93.70 -46.24
N GLU O 363 -94.75 93.31 -45.99
CA GLU O 363 -93.73 93.43 -47.03
C GLU O 363 -94.06 92.56 -48.24
N THR O 364 -94.52 91.33 -48.01
CA THR O 364 -94.84 90.44 -49.12
C THR O 364 -95.98 90.99 -49.97
N TYR O 365 -97.03 91.52 -49.32
CA TYR O 365 -98.15 92.06 -50.07
C TYR O 365 -97.74 93.32 -50.85
N ALA O 366 -96.89 94.16 -50.26
CA ALA O 366 -96.39 95.31 -51.02
C ALA O 366 -95.54 94.86 -52.20
N LYS O 367 -94.73 93.81 -52.00
CA LYS O 367 -93.84 93.34 -53.06
C LYS O 367 -94.63 92.73 -54.22
N ILE O 368 -95.78 92.12 -53.94
CA ILE O 368 -96.59 91.59 -55.03
C ILE O 368 -96.95 92.72 -56.01
N LEU O 369 -97.44 93.84 -55.47
CA LEU O 369 -97.79 94.98 -56.32
C LEU O 369 -96.56 95.56 -57.00
N PHE O 370 -95.46 95.72 -56.26
CA PHE O 370 -94.26 96.30 -56.84
C PHE O 370 -93.75 95.49 -58.03
N ASN O 371 -93.61 94.18 -57.84
CA ASN O 371 -93.11 93.32 -58.91
C ASN O 371 -94.10 93.24 -60.07
N GLY O 372 -95.39 93.15 -59.77
CA GLY O 372 -96.37 93.12 -60.84
C GLY O 372 -96.35 94.37 -61.69
N GLU O 373 -96.12 95.52 -61.07
CA GLU O 373 -96.17 96.76 -61.84
C GLU O 373 -94.86 97.04 -62.56
N VAL O 374 -93.72 96.59 -62.03
CA VAL O 374 -92.44 97.00 -62.59
C VAL O 374 -92.04 96.17 -63.79
N TRP O 375 -92.01 94.84 -63.68
CA TRP O 375 -91.45 94.02 -64.75
C TRP O 375 -92.32 92.87 -65.23
N GLN O 376 -93.21 92.33 -64.39
CA GLN O 376 -93.95 91.13 -64.81
C GLN O 376 -94.86 91.40 -65.99
N GLU O 377 -95.58 92.49 -65.97
CA GLU O 377 -96.62 92.69 -66.98
C GLU O 377 -96.06 93.26 -68.28
N PRO O 378 -95.07 94.17 -68.24
CA PRO O 378 -94.39 94.50 -69.49
C PRO O 378 -93.82 93.28 -70.21
N LEU O 379 -93.30 92.30 -69.48
CA LEU O 379 -92.80 91.09 -70.12
C LEU O 379 -93.94 90.19 -70.59
N ALA O 380 -95.00 90.09 -69.79
CA ALA O 380 -96.14 89.25 -70.14
C ALA O 380 -96.81 89.75 -71.41
N TYR O 381 -96.83 91.06 -71.61
CA TYR O 381 -97.44 91.63 -72.82
C TYR O 381 -96.69 91.17 -74.07
N VAL O 382 -95.36 91.24 -74.03
CA VAL O 382 -94.56 90.83 -75.19
C VAL O 382 -94.70 89.33 -75.42
N GLN O 383 -94.69 88.54 -74.35
CA GLN O 383 -94.85 87.10 -74.52
C GLN O 383 -96.22 86.76 -75.08
N ASN O 384 -97.27 87.51 -74.69
CA ASN O 384 -98.59 87.30 -75.26
C ASN O 384 -98.62 87.67 -76.73
N LEU O 385 -97.91 88.73 -77.11
CA LEU O 385 -97.77 89.06 -78.53
C LEU O 385 -97.15 87.89 -79.30
N ASP O 386 -96.07 87.33 -78.75
CA ASP O 386 -95.43 86.17 -79.35
C ASP O 386 -96.42 85.02 -79.53
N ALA O 387 -97.08 84.64 -78.45
CA ALA O 387 -97.98 83.49 -78.49
C ALA O 387 -99.14 83.72 -79.43
N GLY O 388 -99.68 84.94 -79.45
CA GLY O 388 -100.76 85.25 -80.37
C GLY O 388 -100.33 85.17 -81.82
N ALA O 389 -99.13 85.64 -82.12
CA ALA O 389 -98.63 85.53 -83.48
C ALA O 389 -98.50 84.07 -83.91
N ARG O 390 -97.90 83.24 -83.07
CA ARG O 390 -97.78 81.82 -83.43
C ARG O 390 -99.14 81.16 -83.57
N GLN O 391 -100.06 81.46 -82.65
CA GLN O 391 -101.38 80.83 -82.70
C GLN O 391 -102.15 81.24 -83.94
N GLU O 392 -102.09 82.52 -84.32
CA GLU O 392 -102.81 82.96 -85.50
C GLU O 392 -102.22 82.36 -86.76
N ALA O 393 -100.89 82.25 -86.84
CA ALA O 393 -100.30 81.56 -87.98
C ALA O 393 -100.77 80.10 -88.05
N ALA O 394 -100.77 79.43 -86.89
CA ALA O 394 -101.12 78.02 -86.85
C ALA O 394 -102.56 77.78 -87.29
N ASP O 395 -103.51 78.52 -86.71
CA ASP O 395 -104.89 78.23 -87.05
C ASP O 395 -105.25 78.79 -88.41
N ARG O 396 -104.51 79.78 -88.92
CA ARG O 396 -104.69 80.20 -90.29
C ARG O 396 -104.32 79.06 -91.25
N GLU O 397 -103.17 78.42 -91.01
CA GLU O 397 -102.80 77.27 -91.82
C GLU O 397 -103.82 76.14 -91.69
N ALA O 398 -104.27 75.87 -90.46
CA ALA O 398 -105.23 74.80 -90.24
C ALA O 398 -106.55 75.09 -90.95
N ALA O 399 -107.03 76.34 -90.89
CA ALA O 399 -108.27 76.70 -91.56
C ALA O 399 -108.13 76.59 -93.07
N ARG O 400 -106.98 77.00 -93.62
CA ARG O 400 -106.76 76.86 -95.05
C ARG O 400 -106.83 75.39 -95.47
N ALA O 401 -106.14 74.52 -94.72
CA ALA O 401 -106.16 73.10 -95.04
C ALA O 401 -107.56 72.52 -94.91
N ALA O 402 -108.29 72.90 -93.87
CA ALA O 402 -109.65 72.40 -93.67
C ALA O 402 -110.56 72.83 -94.80
N ASP O 403 -110.46 74.09 -95.22
CA ASP O 403 -111.28 74.58 -96.32
C ASP O 403 -110.96 73.82 -97.61
N GLU O 404 -109.68 73.62 -97.89
CA GLU O 404 -109.30 72.89 -99.10
C GLU O 404 -109.85 71.46 -99.07
N ALA O 405 -109.71 70.79 -97.94
CA ALA O 405 -110.21 69.42 -97.83
C ALA O 405 -111.72 69.37 -97.97
N TYR O 406 -112.42 70.32 -97.36
CA TYR O 406 -113.89 70.35 -97.44
C TYR O 406 -114.35 70.58 -98.88
N ARG O 407 -113.70 71.50 -99.58
CA ARG O 407 -114.05 71.75 -100.98
C ARG O 407 -113.79 70.50 -101.82
N ALA O 408 -112.64 69.85 -101.62
CA ALA O 408 -112.34 68.65 -102.39
C ALA O 408 -113.35 67.54 -102.11
N GLU O 409 -113.73 67.37 -100.84
CA GLU O 409 -114.72 66.37 -100.48
C GLU O 409 -116.06 66.64 -101.16
N GLN O 410 -116.52 67.89 -101.10
CA GLN O 410 -117.79 68.22 -101.74
C GLN O 410 -117.73 67.96 -103.25
N LEU O 411 -116.66 68.41 -103.89
CA LEU O 411 -116.56 68.23 -105.34
C LEU O 411 -116.51 66.76 -105.72
N ARG O 412 -115.75 65.96 -104.98
CA ARG O 412 -115.64 64.54 -105.32
C ARG O 412 -116.96 63.83 -105.08
N ILE O 413 -117.68 64.18 -104.00
CA ILE O 413 -118.98 63.56 -103.76
C ILE O 413 -119.97 63.92 -104.86
N ALA O 414 -120.00 65.20 -105.26
CA ALA O 414 -120.93 65.62 -106.30
C ALA O 414 -120.62 64.94 -107.62
N GLN O 415 -119.34 64.90 -108.01
CA GLN O 415 -118.96 64.25 -109.26
C GLN O 415 -119.25 62.75 -109.22
N GLU O 416 -119.00 62.11 -108.08
CA GLU O 416 -119.19 60.66 -108.01
C GLU O 416 -120.68 60.34 -108.09
N ALA O 417 -121.51 61.15 -107.44
CA ALA O 417 -122.96 61.01 -107.61
C ALA O 417 -123.36 61.29 -109.05
N ALA O 418 -122.65 62.20 -109.71
CA ALA O 418 -122.93 62.46 -111.13
C ALA O 418 -122.69 61.21 -111.96
N ASP O 419 -121.57 60.52 -111.74
CA ASP O 419 -121.36 59.25 -112.42
C ASP O 419 -122.36 58.17 -112.02
N ALA O 420 -122.89 58.22 -110.79
CA ALA O 420 -123.98 57.32 -110.44
C ALA O 420 -125.21 57.60 -111.29
N GLN O 421 -125.56 58.87 -111.46
CA GLN O 421 -126.65 59.23 -112.36
C GLN O 421 -126.33 58.82 -113.78
N LYS O 422 -125.04 58.85 -114.15
CA LYS O 422 -124.61 58.42 -115.47
C LYS O 422 -124.90 56.94 -115.67
N ALA O 423 -124.60 56.14 -114.65
CA ALA O 423 -124.93 54.72 -114.68
C ALA O 423 -126.43 54.51 -114.83
N ILE O 424 -127.22 55.28 -114.10
CA ILE O 424 -128.68 55.21 -114.25
C ILE O 424 -129.06 55.49 -115.71
N ALA O 425 -128.51 56.57 -116.27
CA ALA O 425 -128.88 56.96 -117.63
C ALA O 425 -128.52 55.88 -118.64
N GLU O 426 -127.30 55.35 -118.55
CA GLU O 426 -126.90 54.33 -119.52
C GLU O 426 -127.71 53.05 -119.33
N ALA O 427 -128.04 52.70 -118.10
CA ALA O 427 -128.81 51.47 -117.86
C ALA O 427 -130.20 51.57 -118.47
N LEU O 428 -130.93 52.64 -118.15
CA LEU O 428 -132.29 52.75 -118.70
C LEU O 428 -132.30 53.18 -120.15
N ALA O 429 -131.15 53.63 -120.70
CA ALA O 429 -131.05 53.75 -122.14
C ALA O 429 -130.85 52.40 -122.81
N LYS O 430 -130.10 51.51 -122.16
CA LYS O 430 -129.82 50.20 -122.74
C LYS O 430 -131.01 49.26 -122.65
N GLU O 431 -131.80 49.38 -121.57
CA GLU O 431 -132.97 48.51 -121.42
C GLU O 431 -133.95 48.70 -122.56
N ALA O 432 -134.17 49.94 -122.98
CA ALA O 432 -135.05 50.22 -124.11
C ALA O 432 -134.24 50.76 -125.29
N GLU P 1 -86.29 91.94 -107.56
CA GLU P 1 -87.21 91.31 -106.62
C GLU P 1 -87.15 92.05 -105.28
N THR P 2 -87.64 91.41 -104.23
CA THR P 2 -87.62 92.01 -102.91
C THR P 2 -86.19 92.06 -102.38
N ASN P 3 -86.03 92.52 -101.15
CA ASN P 3 -84.72 92.55 -100.52
C ASN P 3 -84.72 91.69 -99.25
N PRO P 4 -84.59 90.35 -99.36
CA PRO P 4 -84.67 89.50 -98.16
C PRO P 4 -83.34 89.35 -97.43
N THR P 5 -82.35 90.18 -97.71
CA THR P 5 -81.00 89.94 -97.21
C THR P 5 -80.93 89.93 -95.69
N PHE P 6 -81.64 90.82 -95.01
CA PHE P 6 -81.50 90.89 -93.56
C PHE P 6 -82.76 90.55 -92.78
N ASN P 7 -83.43 89.55 -93.24
CA ASN P 7 -84.58 89.16 -92.44
C ASN P 7 -85.22 88.05 -93.18
N ILE P 8 -85.93 87.21 -92.49
CA ILE P 8 -86.81 86.22 -93.15
C ILE P 8 -85.97 85.06 -93.62
N THR P 9 -84.70 85.12 -93.32
CA THR P 9 -83.80 84.09 -93.89
C THR P 9 -83.57 83.01 -92.86
N ASN P 10 -83.01 81.90 -93.28
CA ASN P 10 -82.68 80.98 -92.20
C ASN P 10 -82.03 81.76 -91.07
N GLY P 11 -82.67 81.73 -89.90
CA GLY P 11 -82.29 82.65 -88.84
C GLY P 11 -80.81 82.62 -88.52
N PHE P 12 -80.20 81.44 -88.61
CA PHE P 12 -78.77 81.29 -88.45
C PHE P 12 -78.17 80.83 -89.76
N ASN P 13 -77.45 81.71 -90.44
CA ASN P 13 -76.98 81.47 -91.79
C ASN P 13 -75.46 81.59 -91.85
N ASP P 14 -74.83 80.75 -92.67
CA ASP P 14 -73.39 80.81 -92.82
C ASP P 14 -72.97 82.02 -93.65
N ALA P 15 -73.90 82.58 -94.41
CA ALA P 15 -73.57 83.66 -95.33
C ALA P 15 -73.15 84.94 -94.62
N ASP P 16 -73.55 85.12 -93.37
CA ASP P 16 -73.24 86.34 -92.63
C ASP P 16 -72.26 86.11 -91.48
N GLY P 17 -72.01 84.86 -91.10
CA GLY P 17 -71.24 84.57 -89.92
C GLY P 17 -72.06 84.43 -88.66
N SER P 18 -73.34 84.08 -88.77
CA SER P 18 -74.23 83.92 -87.65
C SER P 18 -74.42 82.47 -87.23
N THR P 19 -74.09 81.52 -88.10
CA THR P 19 -74.20 80.11 -87.74
C THR P 19 -73.05 79.68 -86.86
N ILE P 20 -73.18 78.49 -86.28
CA ILE P 20 -72.16 77.92 -85.42
C ILE P 20 -71.15 77.19 -86.28
N GLN P 21 -69.92 77.04 -85.78
CA GLN P 21 -68.84 76.42 -86.55
C GLN P 21 -68.03 75.50 -85.65
N PRO P 22 -68.10 74.18 -85.84
CA PRO P 22 -67.23 73.26 -85.10
C PRO P 22 -65.78 73.44 -85.55
N VAL P 23 -64.86 73.47 -84.60
CA VAL P 23 -63.44 73.70 -84.88
C VAL P 23 -62.62 72.58 -84.25
N GLY P 24 -61.71 72.03 -85.04
CA GLY P 24 -60.63 71.22 -84.51
C GLY P 24 -59.36 72.06 -84.49
N PRO P 25 -58.25 71.49 -84.02
CA PRO P 25 -56.99 72.23 -84.06
C PRO P 25 -56.27 72.05 -85.40
N VAL P 26 -56.14 73.15 -86.15
CA VAL P 26 -55.38 73.18 -87.39
C VAL P 26 -54.49 74.42 -87.36
N ASN P 27 -53.23 74.24 -87.75
CA ASN P 27 -52.25 75.32 -87.65
C ASN P 27 -52.29 76.18 -88.91
N HIS P 28 -52.79 77.40 -88.78
CA HIS P 28 -52.66 78.42 -89.80
C HIS P 28 -51.74 79.50 -89.25
N THR P 29 -50.65 79.77 -89.97
CA THR P 29 -49.60 80.62 -89.45
C THR P 29 -50.07 82.06 -89.30
N GLU P 30 -49.34 82.83 -88.49
CA GLU P 30 -49.64 84.25 -88.33
C GLU P 30 -49.58 84.98 -89.67
N GLU P 31 -48.63 84.60 -90.52
CA GLU P 31 -48.55 85.20 -91.85
C GLU P 31 -49.78 84.89 -92.69
N THR P 32 -50.26 83.64 -92.63
CA THR P 32 -51.45 83.28 -93.39
C THR P 32 -52.66 84.07 -92.94
N LEU P 33 -52.84 84.21 -91.62
CA LEU P 33 -53.95 84.99 -91.11
C LEU P 33 -53.83 86.46 -91.47
N ARG P 34 -52.61 87.01 -91.41
CA ARG P 34 -52.44 88.40 -91.80
C ARG P 34 -52.75 88.62 -93.26
N ASP P 35 -52.36 87.68 -94.12
CA ASP P 35 -52.71 87.77 -95.53
C ASP P 35 -54.21 87.71 -95.74
N LEU P 36 -54.88 86.79 -95.04
CA LEU P 36 -56.32 86.65 -95.21
C LEU P 36 -57.06 87.89 -94.73
N THR P 37 -56.59 88.51 -93.65
CA THR P 37 -57.23 89.72 -93.15
C THR P 37 -56.94 90.92 -94.06
N ASP P 38 -55.71 91.03 -94.56
CA ASP P 38 -55.38 92.14 -95.45
C ASP P 38 -56.11 92.02 -96.78
N SER P 39 -56.49 90.80 -97.18
CA SER P 39 -57.27 90.64 -98.40
C SER P 39 -58.59 91.40 -98.32
N THR P 40 -59.28 91.33 -97.18
CA THR P 40 -60.52 92.09 -97.01
C THR P 40 -60.24 93.54 -96.62
N GLY P 41 -59.12 93.79 -95.93
CA GLY P 41 -58.74 95.15 -95.62
C GLY P 41 -58.52 96.00 -96.86
N ALA P 42 -58.03 95.37 -97.93
CA ALA P 42 -57.90 96.08 -99.20
C ALA P 42 -59.25 96.55 -99.71
N TYR P 43 -60.27 95.70 -99.59
CA TYR P 43 -61.61 96.09 -100.03
C TYR P 43 -62.19 97.19 -99.14
N LEU P 44 -61.93 97.12 -97.85
CA LEU P 44 -62.49 98.09 -96.89
C LEU P 44 -61.68 99.37 -96.77
N GLU P 45 -60.52 99.45 -97.43
CA GLU P 45 -59.65 100.62 -97.25
C GLU P 45 -60.34 101.91 -97.68
N GLU P 46 -61.08 101.87 -98.78
CA GLU P 46 -61.73 103.09 -99.27
C GLU P 46 -62.73 103.63 -98.26
N PHE P 47 -63.53 102.74 -97.66
CA PHE P 47 -64.41 103.17 -96.57
C PHE P 47 -63.61 103.67 -95.37
N GLN P 48 -62.51 102.99 -95.06
CA GLN P 48 -61.81 103.24 -93.81
C GLN P 48 -61.22 104.63 -93.75
N ASN P 49 -60.49 105.04 -94.78
CA ASN P 49 -59.74 106.29 -94.75
C ASN P 49 -59.89 107.13 -96.00
N GLY P 50 -60.75 106.72 -96.94
CA GLY P 50 -60.92 107.47 -98.17
C GLY P 50 -61.88 108.64 -97.99
N THR P 51 -62.12 109.33 -99.10
CA THR P 51 -63.11 110.39 -99.17
C THR P 51 -64.24 109.96 -100.08
N VAL P 52 -65.25 110.83 -100.19
CA VAL P 52 -66.49 110.47 -100.89
C VAL P 52 -66.19 110.11 -102.34
N GLU P 53 -65.32 110.88 -103.00
CA GLU P 53 -64.98 110.59 -104.40
C GLU P 53 -64.33 109.22 -104.54
N GLU P 54 -63.42 108.88 -103.63
CA GLU P 54 -62.80 107.57 -103.67
C GLU P 54 -63.82 106.46 -103.45
N ILE P 55 -64.77 106.69 -102.53
CA ILE P 55 -65.78 105.67 -102.26
C ILE P 55 -66.64 105.42 -103.49
N VAL P 56 -67.11 106.48 -104.14
CA VAL P 56 -67.96 106.27 -105.32
C VAL P 56 -67.13 105.67 -106.46
N GLU P 57 -65.85 106.04 -106.54
CA GLU P 57 -64.98 105.48 -107.57
C GLU P 57 -64.83 103.98 -107.40
N ALA P 58 -64.48 103.53 -106.19
CA ALA P 58 -64.04 102.15 -106.01
C ALA P 58 -65.18 101.16 -106.11
N TYR P 59 -66.30 101.43 -105.45
CA TYR P 59 -67.34 100.42 -105.29
C TYR P 59 -68.32 100.41 -106.45
N LEU P 60 -68.55 101.57 -107.06
CA LEU P 60 -69.26 101.67 -108.33
C LEU P 60 -68.25 102.05 -109.39
N GLN P 61 -68.09 101.20 -110.40
CA GLN P 61 -67.07 101.39 -111.43
C GLN P 61 -67.50 102.55 -112.32
N VAL P 62 -67.05 103.75 -111.97
CA VAL P 62 -67.41 104.93 -112.75
C VAL P 62 -66.69 104.92 -114.10
N GLN P 63 -65.38 104.63 -114.09
CA GLN P 63 -64.61 104.67 -115.33
C GLN P 63 -64.91 103.46 -116.21
N ALA P 64 -65.21 102.32 -115.61
CA ALA P 64 -65.49 101.11 -116.37
C ALA P 64 -66.89 101.13 -117.00
N SER P 65 -67.73 102.09 -116.64
CA SER P 65 -69.06 102.19 -117.24
C SER P 65 -68.95 102.64 -118.69
N ALA P 66 -70.06 102.50 -119.42
CA ALA P 66 -70.07 102.90 -120.82
C ALA P 66 -69.69 104.36 -120.96
N ASP P 67 -68.84 104.64 -121.95
CA ASP P 67 -68.29 105.98 -122.11
C ASP P 67 -69.38 106.99 -122.41
N GLY P 68 -69.39 108.07 -121.64
CA GLY P 68 -70.51 108.99 -121.64
C GLY P 68 -71.46 108.55 -120.55
N PHE P 69 -71.47 109.27 -119.42
CA PHE P 69 -72.18 108.77 -118.25
C PHE P 69 -73.67 108.68 -118.51
N ASP P 70 -74.22 107.50 -118.28
CA ASP P 70 -75.66 107.32 -118.36
C ASP P 70 -76.31 107.89 -117.12
N PRO P 71 -77.01 109.02 -117.20
CA PRO P 71 -77.73 109.55 -116.02
C PRO P 71 -79.04 108.82 -115.73
N SER P 72 -79.30 107.72 -116.41
CA SER P 72 -80.48 106.91 -116.18
C SER P 72 -80.48 106.34 -114.78
N GLU P 73 -81.66 106.20 -114.20
CA GLU P 73 -81.78 105.56 -112.89
C GLU P 73 -81.53 104.06 -112.98
N GLN P 74 -81.75 103.47 -114.16
CA GLN P 74 -81.43 102.06 -114.35
C GLN P 74 -79.94 101.82 -114.21
N ALA P 75 -79.12 102.75 -114.71
CA ALA P 75 -77.66 102.62 -114.56
C ALA P 75 -77.26 102.62 -113.10
N ALA P 76 -77.83 103.52 -112.31
CA ALA P 76 -77.56 103.53 -110.88
C ALA P 76 -78.03 102.24 -110.22
N TYR P 77 -79.19 101.72 -110.63
CA TYR P 77 -79.68 100.46 -110.07
C TYR P 77 -78.70 99.32 -110.33
N GLU P 78 -78.21 99.21 -111.57
CA GLU P 78 -77.27 98.13 -111.88
C GLU P 78 -75.95 98.31 -111.14
N ALA P 79 -75.47 99.55 -111.04
CA ALA P 79 -74.21 99.79 -110.32
C ALA P 79 -74.33 99.39 -108.86
N PHE P 80 -75.44 99.78 -108.21
CA PHE P 80 -75.62 99.44 -106.81
C PHE P 80 -75.84 97.95 -106.62
N GLU P 81 -76.52 97.30 -107.58
CA GLU P 81 -76.67 95.85 -107.51
C GLU P 81 -75.32 95.14 -107.60
N ALA P 82 -74.45 95.59 -108.50
CA ALA P 82 -73.12 94.99 -108.60
C ALA P 82 -72.32 95.19 -107.31
N ALA P 83 -72.39 96.39 -106.74
CA ALA P 83 -71.72 96.64 -105.47
C ALA P 83 -72.25 95.72 -104.38
N ARG P 84 -73.56 95.49 -104.36
CA ARG P 84 -74.16 94.59 -103.38
C ARG P 84 -73.65 93.17 -103.55
N VAL P 85 -73.56 92.68 -104.79
CA VAL P 85 -73.07 91.32 -105.00
C VAL P 85 -71.62 91.18 -104.55
N ARG P 86 -70.80 92.19 -104.86
CA ARG P 86 -69.40 92.15 -104.43
C ARG P 86 -69.28 92.11 -102.90
N ALA P 87 -70.04 92.97 -102.21
CA ALA P 87 -70.03 92.97 -100.75
C ALA P 87 -70.55 91.65 -100.20
N SER P 88 -71.54 91.05 -100.87
CA SER P 88 -72.09 89.78 -100.42
C SER P 88 -71.05 88.67 -100.48
N GLN P 89 -70.24 88.64 -101.54
CA GLN P 89 -69.18 87.64 -101.61
C GLN P 89 -68.10 87.91 -100.56
N GLU P 90 -67.75 89.18 -100.36
CA GLU P 90 -66.74 89.51 -99.35
C GLU P 90 -67.21 89.10 -97.96
N LEU P 91 -68.51 89.16 -97.70
CA LEU P 91 -69.06 88.76 -96.40
C LEU P 91 -68.82 87.28 -96.13
N ALA P 92 -69.08 86.42 -97.13
CA ALA P 92 -68.82 85.00 -96.95
C ALA P 92 -67.33 84.73 -96.78
N ALA P 93 -66.49 85.47 -97.51
CA ALA P 93 -65.05 85.33 -97.31
C ALA P 93 -64.65 85.64 -95.87
N SER P 94 -65.16 86.74 -95.31
CA SER P 94 -64.84 87.07 -93.92
C SER P 94 -65.40 86.05 -92.95
N ALA P 95 -66.56 85.47 -93.28
CA ALA P 95 -67.12 84.42 -92.44
C ALA P 95 -66.19 83.22 -92.35
N GLU P 96 -65.60 82.82 -93.49
CA GLU P 96 -64.64 81.71 -93.44
C GLU P 96 -63.33 82.10 -92.74
N THR P 97 -62.93 83.37 -92.90
CA THR P 97 -61.74 83.85 -92.20
C THR P 97 -61.93 83.73 -90.68
N ILE P 98 -63.13 84.00 -90.20
CA ILE P 98 -63.42 83.83 -88.77
C ILE P 98 -63.12 82.41 -88.32
N THR P 99 -63.63 81.42 -89.06
CA THR P 99 -63.43 80.02 -88.69
C THR P 99 -61.96 79.65 -88.69
N LYS P 100 -61.22 80.10 -89.71
CA LYS P 100 -59.81 79.75 -89.77
C LYS P 100 -59.02 80.36 -88.62
N THR P 101 -59.29 81.64 -88.29
CA THR P 101 -58.60 82.26 -87.18
C THR P 101 -58.96 81.60 -85.85
N ARG P 102 -60.18 81.08 -85.74
CA ARG P 102 -60.52 80.30 -84.54
C ARG P 102 -59.72 79.01 -84.46
N GLU P 103 -59.62 78.29 -85.57
CA GLU P 103 -58.90 77.03 -85.60
C GLU P 103 -57.43 77.23 -85.23
N SER P 104 -56.84 78.34 -85.68
CA SER P 104 -55.45 78.62 -85.37
C SER P 104 -55.22 78.77 -83.86
N VAL P 105 -56.10 79.53 -83.18
CA VAL P 105 -55.98 79.68 -81.74
C VAL P 105 -56.19 78.34 -81.04
N ALA P 106 -57.11 77.52 -81.57
CA ALA P 106 -57.32 76.20 -81.00
C ALA P 106 -56.05 75.37 -81.02
N TYR P 107 -55.31 75.41 -82.13
CA TYR P 107 -54.04 74.68 -82.19
C TYR P 107 -53.01 75.26 -81.22
N ALA P 108 -52.88 76.59 -81.22
CA ALA P 108 -51.82 77.22 -80.42
C ALA P 108 -51.99 76.94 -78.94
N LEU P 109 -53.20 77.10 -78.41
CA LEU P 109 -53.38 76.88 -76.98
C LEU P 109 -53.21 75.42 -76.62
N LYS P 110 -53.61 74.50 -77.50
CA LYS P 110 -53.44 73.08 -77.20
C LYS P 110 -51.96 72.73 -77.06
N VAL P 111 -51.13 73.18 -78.00
CA VAL P 111 -49.71 72.87 -77.88
C VAL P 111 -49.11 73.56 -76.66
N ASP P 112 -49.62 74.75 -76.32
CA ASP P 112 -49.11 75.45 -75.14
C ASP P 112 -49.40 74.69 -73.86
N GLN P 113 -50.64 74.19 -73.70
CA GLN P 113 -50.98 73.40 -72.52
C GLN P 113 -50.15 72.13 -72.45
N GLU P 114 -49.94 71.47 -73.60
CA GLU P 114 -49.12 70.27 -73.59
C GLU P 114 -47.69 70.58 -73.11
N ALA P 115 -47.13 71.70 -73.58
CA ALA P 115 -45.79 72.08 -73.15
C ALA P 115 -45.74 72.34 -71.65
N THR P 116 -46.73 73.05 -71.11
CA THR P 116 -46.75 73.32 -69.67
C THR P 116 -46.84 72.02 -68.88
N ALA P 117 -47.68 71.08 -69.32
CA ALA P 117 -47.81 69.80 -68.62
C ALA P 117 -46.49 69.03 -68.64
N ALA P 118 -45.82 69.00 -69.80
CA ALA P 118 -44.56 68.28 -69.89
C ALA P 118 -43.49 68.89 -69.00
N PHE P 119 -43.40 70.23 -68.98
CA PHE P 119 -42.42 70.87 -68.12
C PHE P 119 -42.70 70.57 -66.66
N GLU P 120 -43.97 70.61 -66.26
CA GLU P 120 -44.31 70.29 -64.88
C GLU P 120 -43.89 68.87 -64.52
N ALA P 121 -44.20 67.90 -65.39
CA ALA P 121 -43.86 66.52 -65.09
C ALA P 121 -42.35 66.33 -64.96
N TYR P 122 -41.59 66.94 -65.88
CA TYR P 122 -40.15 66.71 -65.88
C TYR P 122 -39.47 67.42 -64.71
N ARG P 123 -39.94 68.62 -64.37
CA ARG P 123 -39.42 69.28 -63.17
C ARG P 123 -39.77 68.51 -61.91
N ASN P 124 -40.97 67.92 -61.86
CA ASN P 124 -41.34 67.12 -60.70
C ASN P 124 -40.44 65.90 -60.56
N ALA P 125 -40.14 65.24 -61.69
CA ALA P 125 -39.21 64.11 -61.63
C ALA P 125 -37.83 64.54 -61.16
N LEU P 126 -37.34 65.67 -61.64
CA LEU P 126 -36.04 66.16 -61.18
C LEU P 126 -36.05 66.47 -59.70
N ARG P 127 -37.13 67.09 -59.21
CA ARG P 127 -37.24 67.38 -57.79
C ARG P 127 -37.27 66.10 -56.96
N ASP P 128 -38.03 65.10 -57.43
CA ASP P 128 -38.13 63.84 -56.71
C ASP P 128 -36.80 63.10 -56.72
N ALA P 129 -35.96 63.36 -57.72
CA ALA P 129 -34.66 62.70 -57.79
C ALA P 129 -33.79 63.02 -56.59
N ALA P 130 -33.72 64.29 -56.18
CA ALA P 130 -32.82 64.68 -55.10
C ALA P 130 -33.29 64.13 -53.76
N ILE P 131 -34.49 64.51 -53.33
CA ILE P 131 -35.03 64.02 -52.07
C ILE P 131 -36.40 63.40 -52.35
N SER P 132 -36.43 62.07 -52.45
CA SER P 132 -37.68 61.37 -52.75
C SER P 132 -38.58 61.37 -51.52
N ILE P 133 -39.89 61.42 -51.77
CA ILE P 133 -40.90 61.42 -50.72
C ILE P 133 -41.86 60.27 -50.98
N ASN P 134 -42.15 59.50 -49.94
CA ASN P 134 -43.02 58.34 -50.04
C ASN P 134 -44.45 58.78 -50.27
N PRO P 135 -45.31 57.88 -50.77
CA PRO P 135 -46.74 58.24 -50.90
C PRO P 135 -47.36 58.69 -49.60
N ASP P 136 -46.92 58.14 -48.47
CA ASP P 136 -47.42 58.57 -47.17
C ASP P 136 -46.93 59.96 -46.78
N GLY P 137 -45.89 60.47 -47.42
CA GLY P 137 -45.38 61.79 -47.11
C GLY P 137 -44.08 61.83 -46.34
N SER P 138 -43.25 60.80 -46.43
CA SER P 138 -42.00 60.73 -45.68
C SER P 138 -40.84 60.51 -46.64
N ILE P 139 -39.66 60.98 -46.23
CA ILE P 139 -38.47 60.80 -47.04
C ILE P 139 -38.09 59.33 -47.11
N ASN P 140 -37.66 58.90 -48.29
CA ASN P 140 -37.26 57.51 -48.51
C ASN P 140 -35.75 57.47 -48.76
N PRO P 141 -34.93 57.20 -47.74
CA PRO P 141 -33.48 57.16 -47.98
C PRO P 141 -33.04 56.07 -48.95
N ASP P 142 -33.86 55.05 -49.16
CA ASP P 142 -33.51 54.00 -50.11
C ASP P 142 -33.38 54.56 -51.52
N THR P 143 -34.33 55.42 -51.91
CA THR P 143 -34.35 55.98 -53.26
C THR P 143 -34.15 57.49 -53.28
N SER P 144 -33.31 58.03 -52.41
CA SER P 144 -33.02 59.46 -52.37
C SER P 144 -31.56 59.69 -52.71
N ILE P 145 -31.29 60.61 -53.65
CA ILE P 145 -29.93 60.81 -54.12
C ILE P 145 -29.05 61.43 -53.05
N ASN P 146 -29.52 62.50 -52.40
CA ASN P 146 -28.65 63.24 -51.48
C ASN P 146 -28.30 62.42 -50.26
N LEU P 147 -29.25 61.64 -49.75
CA LEU P 147 -28.97 60.80 -48.59
C LEU P 147 -27.94 59.73 -48.93
N LEU P 148 -28.08 59.08 -50.09
CA LEU P 148 -27.08 58.11 -50.52
C LEU P 148 -25.72 58.77 -50.74
N ILE P 149 -25.74 60.01 -51.26
CA ILE P 149 -24.50 60.75 -51.46
C ILE P 149 -23.79 60.97 -50.15
N ASP P 150 -24.53 61.40 -49.12
CA ASP P 150 -23.90 61.65 -47.83
C ASP P 150 -23.47 60.36 -47.16
N ALA P 151 -24.22 59.27 -47.37
CA ALA P 151 -23.80 57.97 -46.85
C ALA P 151 -22.48 57.55 -47.45
N ALA P 152 -22.33 57.69 -48.77
CA ALA P 152 -21.06 57.35 -49.41
C ALA P 152 -19.95 58.32 -49.00
N ASN P 153 -20.31 59.58 -48.76
CA ASN P 153 -19.31 60.58 -48.38
C ASN P 153 -18.75 60.30 -47.01
N ALA P 154 -19.59 59.84 -46.08
CA ALA P 154 -19.14 59.52 -44.74
C ALA P 154 -18.49 58.14 -44.64
N ALA P 155 -18.64 57.30 -45.66
CA ALA P 155 -18.15 55.93 -45.63
C ALA P 155 -16.79 55.77 -46.29
N ASN P 156 -16.10 56.86 -46.58
CA ASN P 156 -14.76 56.81 -47.17
C ASN P 156 -13.73 57.31 -46.19
N ARG P 157 -12.49 56.84 -46.33
CA ARG P 157 -11.41 57.20 -45.45
C ARG P 157 -10.22 57.80 -46.19
N THR P 158 -10.33 57.95 -47.51
CA THR P 158 -9.22 58.41 -48.34
C THR P 158 -8.96 59.90 -48.09
N ASP P 159 -7.82 60.38 -48.58
CA ASP P 159 -7.42 61.77 -48.37
C ASP P 159 -7.79 62.61 -49.59
N ARG P 160 -8.98 62.40 -50.14
CA ARG P 160 -9.60 63.32 -51.09
C ARG P 160 -8.86 63.43 -52.41
N ALA P 161 -7.72 62.75 -52.56
CA ALA P 161 -6.87 62.98 -53.72
C ALA P 161 -7.51 62.46 -55.00
N GLU P 162 -8.04 61.24 -54.97
CA GLU P 162 -8.58 60.60 -56.16
C GLU P 162 -10.05 60.24 -56.05
N ILE P 163 -10.56 59.95 -54.86
CA ILE P 163 -11.98 59.78 -54.62
C ILE P 163 -12.42 60.94 -53.75
N GLU P 164 -13.23 61.83 -54.30
CA GLU P 164 -13.52 63.11 -53.68
C GLU P 164 -14.95 63.12 -53.14
N ASP P 165 -15.23 64.11 -52.31
CA ASP P 165 -16.58 64.29 -51.78
C ASP P 165 -17.50 64.72 -52.90
N TYR P 166 -18.64 64.04 -53.00
CA TYR P 166 -19.64 64.40 -54.00
C TYR P 166 -20.47 65.58 -53.50
N ALA P 167 -20.49 66.67 -54.27
CA ALA P 167 -21.29 67.82 -53.92
C ALA P 167 -22.78 67.48 -54.05
N HIS P 168 -23.58 68.18 -53.25
CA HIS P 168 -25.01 67.91 -53.23
C HIS P 168 -25.66 68.35 -54.54
N LEU P 169 -26.80 67.73 -54.86
CA LEU P 169 -27.38 67.87 -56.19
C LEU P 169 -27.80 69.30 -56.47
N TYR P 170 -27.63 69.69 -57.74
CA TYR P 170 -28.08 70.98 -58.27
C TYR P 170 -27.41 72.14 -57.54
N THR P 171 -26.09 72.22 -57.71
CA THR P 171 -25.34 73.38 -57.21
C THR P 171 -25.55 74.59 -58.11
N GLN P 172 -25.83 74.36 -59.39
CA GLN P 172 -26.01 75.47 -60.32
C GLN P 172 -27.32 76.21 -60.07
N THR P 173 -28.41 75.47 -59.87
CA THR P 173 -29.74 76.05 -59.78
C THR P 173 -30.41 75.63 -58.49
N ASP P 174 -31.42 76.40 -58.10
CA ASP P 174 -32.26 76.09 -56.95
C ASP P 174 -33.54 75.46 -57.47
N ILE P 175 -33.65 74.13 -57.35
CA ILE P 175 -34.80 73.42 -57.89
C ILE P 175 -36.03 73.62 -57.02
N ALA P 176 -35.89 74.22 -55.84
CA ALA P 176 -37.05 74.53 -55.03
C ALA P 176 -37.89 75.63 -55.64
N LEU P 177 -37.27 76.47 -56.47
CA LEU P 177 -37.98 77.58 -57.10
C LEU P 177 -39.02 77.06 -58.09
N GLU P 178 -40.01 77.90 -58.39
CA GLU P 178 -41.09 77.50 -59.28
C GLU P 178 -40.56 77.17 -60.66
N THR P 179 -39.79 78.09 -61.26
CA THR P 179 -39.27 77.89 -62.60
C THR P 179 -37.74 77.90 -62.59
N PRO P 180 -37.10 76.74 -62.42
CA PRO P 180 -35.64 76.70 -62.44
C PRO P 180 -35.09 76.33 -63.81
N GLN P 181 -33.78 76.46 -63.99
CA GLN P 181 -33.12 76.09 -65.24
C GLN P 181 -32.81 74.60 -65.18
N LEU P 182 -33.68 73.79 -65.79
CA LEU P 182 -33.64 72.35 -65.60
C LEU P 182 -32.50 71.71 -66.38
N ALA P 183 -32.03 72.38 -67.43
CA ALA P 183 -30.88 71.88 -68.17
C ALA P 183 -29.65 71.82 -67.28
N TYR P 184 -29.47 72.84 -66.44
CA TYR P 184 -28.36 72.85 -65.48
C TYR P 184 -28.46 71.66 -64.53
N ALA P 185 -29.67 71.37 -64.05
CA ALA P 185 -29.87 70.26 -63.13
C ALA P 185 -29.56 68.92 -63.79
N PHE P 186 -30.03 68.72 -65.02
CA PHE P 186 -29.71 67.49 -65.73
C PHE P 186 -28.22 67.36 -66.00
N GLN P 187 -27.56 68.48 -66.32
CA GLN P 187 -26.12 68.48 -66.46
C GLN P 187 -25.43 68.00 -65.19
N ASP P 188 -25.87 68.53 -64.04
CA ASP P 188 -25.26 68.14 -62.77
C ASP P 188 -25.50 66.66 -62.47
N LEU P 189 -26.70 66.16 -62.78
CA LEU P 189 -26.99 64.75 -62.55
C LEU P 189 -26.12 63.85 -63.41
N LYS P 190 -25.95 64.21 -64.69
CA LYS P 190 -25.09 63.41 -65.55
C LYS P 190 -23.63 63.49 -65.11
N ALA P 191 -23.20 64.66 -64.63
CA ALA P 191 -21.85 64.80 -64.10
C ALA P 191 -21.64 63.88 -62.90
N LEU P 192 -22.64 63.79 -62.02
CA LEU P 192 -22.54 62.88 -60.89
C LEU P 192 -22.44 61.43 -61.34
N GLN P 193 -23.27 61.02 -62.31
CA GLN P 193 -23.20 59.65 -62.79
C GLN P 193 -21.82 59.33 -63.36
N ALA P 194 -21.28 60.25 -64.17
CA ALA P 194 -19.95 60.06 -64.73
C ALA P 194 -18.88 59.99 -63.65
N GLU P 195 -18.97 60.87 -62.64
CA GLU P 195 -17.96 60.88 -61.59
C GLU P 195 -17.97 59.60 -60.79
N VAL P 196 -19.17 59.06 -60.51
CA VAL P 196 -19.27 57.80 -59.78
C VAL P 196 -18.65 56.67 -60.60
N ASP P 197 -19.00 56.59 -61.88
CA ASP P 197 -18.43 55.54 -62.71
C ASP P 197 -16.92 55.69 -62.86
N ALA P 198 -16.42 56.92 -62.79
CA ALA P 198 -14.98 57.14 -62.90
C ALA P 198 -14.25 56.73 -61.63
N ASP P 199 -14.82 57.04 -60.46
CA ASP P 199 -14.19 56.64 -59.22
C ASP P 199 -14.29 55.13 -58.99
N PHE P 200 -15.20 54.47 -59.71
CA PHE P 200 -15.30 53.01 -59.62
C PHE P 200 -13.95 52.32 -59.84
N GLU P 201 -13.20 52.76 -60.85
CA GLU P 201 -11.95 52.07 -61.17
C GLU P 201 -10.85 52.39 -60.15
N TRP P 202 -10.92 53.58 -59.53
CA TRP P 202 -9.99 53.87 -58.46
C TRP P 202 -10.35 53.12 -57.19
N LEU P 203 -11.59 52.67 -57.08
CA LEU P 203 -11.97 51.77 -56.01
C LEU P 203 -11.38 50.38 -56.21
N GLY P 204 -11.11 50.01 -57.47
CA GLY P 204 -10.56 48.71 -57.82
C GLY P 204 -9.06 48.64 -57.91
N GLU P 205 -8.36 49.60 -57.31
CA GLU P 205 -6.89 49.60 -57.36
C GLU P 205 -6.32 48.72 -56.26
N PHE P 206 -5.08 48.26 -56.48
CA PHE P 206 -4.40 47.47 -55.46
C PHE P 206 -3.86 48.34 -54.33
N GLY P 207 -3.31 49.50 -54.67
CA GLY P 207 -2.60 50.32 -53.71
C GLY P 207 -3.36 51.50 -53.14
N ILE P 208 -4.70 51.49 -53.22
CA ILE P 208 -5.47 52.59 -52.62
C ILE P 208 -5.29 52.60 -51.11
N ASP P 209 -5.34 51.43 -50.48
CA ASP P 209 -5.12 51.32 -49.04
C ASP P 209 -3.64 51.58 -48.76
N GLN P 210 -3.34 52.75 -48.21
CA GLN P 210 -1.94 53.13 -48.01
C GLN P 210 -1.57 53.29 -46.55
N GLU P 211 -2.30 54.13 -45.83
CA GLU P 211 -1.85 54.63 -44.54
C GLU P 211 -3.07 55.02 -43.72
N ASP P 212 -2.86 55.17 -42.41
CA ASP P 212 -3.89 55.78 -41.56
C ASP P 212 -4.29 57.13 -42.11
N GLY P 213 -5.54 57.22 -42.57
CA GLY P 213 -6.04 58.40 -43.21
C GLY P 213 -6.10 58.33 -44.73
N ASN P 214 -5.38 57.40 -45.35
CA ASN P 214 -5.52 57.15 -46.78
C ASN P 214 -5.75 55.65 -46.96
N TYR P 215 -7.00 55.22 -46.85
CA TYR P 215 -7.32 53.81 -47.09
C TYR P 215 -8.82 53.68 -47.32
N VAL P 216 -9.22 52.50 -47.77
CA VAL P 216 -10.59 52.21 -48.18
C VAL P 216 -11.15 51.14 -47.24
N GLN P 217 -12.27 51.45 -46.59
CA GLN P 217 -12.94 50.49 -45.73
C GLN P 217 -13.84 49.57 -46.55
N ARG P 218 -14.30 48.50 -45.91
CA ARG P 218 -15.04 47.47 -46.63
C ARG P 218 -16.49 47.86 -46.88
N TYR P 219 -16.93 48.98 -46.30
CA TYR P 219 -18.34 49.37 -46.47
C TYR P 219 -18.49 50.51 -47.47
N HIS P 220 -17.38 51.12 -47.89
CA HIS P 220 -17.42 52.19 -48.87
C HIS P 220 -18.01 51.70 -50.20
N LEU P 221 -17.54 50.53 -50.65
CA LEU P 221 -17.93 50.04 -51.96
C LEU P 221 -19.42 49.74 -52.08
N PRO P 222 -20.06 49.07 -51.11
CA PRO P 222 -21.52 48.89 -51.23
C PRO P 222 -22.29 50.20 -51.25
N ALA P 223 -21.86 51.22 -50.51
CA ALA P 223 -22.52 52.51 -50.55
C ALA P 223 -22.41 53.13 -51.94
N VAL P 224 -21.20 53.11 -52.51
CA VAL P 224 -21.03 53.65 -53.86
C VAL P 224 -21.85 52.84 -54.87
N GLU P 225 -21.92 51.53 -54.69
CA GLU P 225 -22.67 50.68 -55.62
C GLU P 225 -24.16 50.98 -55.58
N ALA P 226 -24.72 51.13 -54.37
CA ALA P 226 -26.13 51.48 -54.25
C ALA P 226 -26.40 52.85 -54.87
N LEU P 227 -25.53 53.82 -54.60
CA LEU P 227 -25.70 55.14 -55.20
C LEU P 227 -25.68 55.06 -56.72
N LYS P 228 -24.77 54.25 -57.28
CA LYS P 228 -24.68 54.11 -58.73
C LYS P 228 -25.93 53.47 -59.32
N ALA P 229 -26.43 52.40 -58.70
CA ALA P 229 -27.63 51.75 -59.22
C ALA P 229 -28.83 52.70 -59.17
N GLU P 230 -28.95 53.46 -58.07
CA GLU P 230 -30.05 54.40 -57.97
C GLU P 230 -29.95 55.50 -59.02
N VAL P 231 -28.75 56.04 -59.25
CA VAL P 231 -28.59 57.07 -60.28
C VAL P 231 -28.91 56.52 -61.65
N ASP P 232 -28.52 55.26 -61.89
CA ASP P 232 -28.78 54.62 -63.21
C ASP P 232 -30.28 54.52 -63.43
N ALA P 233 -31.04 54.03 -62.44
CA ALA P 233 -32.50 53.93 -62.59
C ALA P 233 -33.14 55.30 -62.72
N ARG P 234 -32.66 56.28 -61.95
CA ARG P 234 -33.23 57.63 -62.01
C ARG P 234 -33.04 58.25 -63.38
N VAL P 235 -31.85 58.10 -63.96
CA VAL P 235 -31.59 58.64 -65.29
C VAL P 235 -32.45 57.95 -66.33
N ALA P 236 -32.58 56.62 -66.22
CA ALA P 236 -33.43 55.89 -67.15
C ALA P 236 -34.86 56.38 -67.07
N ALA P 237 -35.31 56.79 -65.89
CA ALA P 237 -36.67 57.34 -65.76
C ALA P 237 -36.75 58.76 -66.31
N ILE P 238 -35.72 59.57 -66.10
CA ILE P 238 -35.80 60.99 -66.45
C ILE P 238 -35.60 61.19 -67.95
N GLU P 239 -35.03 60.20 -68.64
CA GLU P 239 -34.81 60.35 -70.07
C GLU P 239 -36.07 60.63 -70.89
N PRO P 240 -37.10 59.76 -70.93
CA PRO P 240 -38.25 60.06 -71.79
C PRO P 240 -38.97 61.34 -71.41
N LEU P 241 -39.01 61.67 -70.12
CA LEU P 241 -39.65 62.91 -69.69
C LEU P 241 -38.93 64.12 -70.26
N ARG P 242 -37.60 64.14 -70.19
CA ARG P 242 -36.85 65.25 -70.74
C ARG P 242 -37.00 65.34 -72.25
N ALA P 243 -37.01 64.18 -72.92
CA ALA P 243 -37.20 64.17 -74.38
C ALA P 243 -38.54 64.79 -74.76
N ASP P 244 -39.62 64.34 -74.10
CA ASP P 244 -40.94 64.86 -74.42
C ASP P 244 -41.06 66.33 -74.07
N SER P 245 -40.46 66.74 -72.95
CA SER P 245 -40.50 68.15 -72.56
C SER P 245 -39.82 69.03 -73.60
N ILE P 246 -38.63 68.62 -74.07
CA ILE P 246 -37.96 69.40 -75.10
C ILE P 246 -38.80 69.44 -76.38
N ALA P 247 -39.34 68.29 -76.78
CA ALA P 247 -40.09 68.22 -78.03
C ALA P 247 -41.31 69.13 -78.01
N LYS P 248 -42.01 69.18 -76.88
CA LYS P 248 -43.25 69.96 -76.84
C LYS P 248 -42.96 71.43 -76.55
N ASN P 249 -41.94 71.72 -75.74
CA ASN P 249 -41.60 73.10 -75.44
C ASN P 249 -41.01 73.81 -76.64
N LEU P 250 -40.34 73.07 -77.53
CA LEU P 250 -39.88 73.67 -78.78
C LEU P 250 -41.05 74.03 -79.68
N GLU P 251 -42.03 73.12 -79.79
CA GLU P 251 -43.18 73.36 -80.64
C GLU P 251 -44.07 74.47 -80.11
N ALA P 252 -44.10 74.67 -78.79
CA ALA P 252 -44.89 75.73 -78.19
C ALA P 252 -44.22 77.10 -78.28
N GLN P 253 -43.07 77.18 -78.97
CA GLN P 253 -42.45 78.46 -79.26
C GLN P 253 -42.63 78.91 -80.70
N LYS P 254 -43.01 77.99 -81.60
CA LYS P 254 -43.33 78.36 -82.96
C LYS P 254 -44.54 79.28 -83.01
N SER P 255 -45.57 78.97 -82.22
CA SER P 255 -46.83 79.68 -82.27
C SER P 255 -46.91 80.72 -81.17
N ASP P 256 -47.63 81.81 -81.43
CA ASP P 256 -47.91 82.85 -80.44
C ASP P 256 -49.41 83.12 -80.48
N VAL P 257 -50.11 82.77 -79.40
CA VAL P 257 -51.57 82.70 -79.43
C VAL P 257 -52.18 84.10 -79.42
N LEU P 258 -51.46 85.09 -78.87
CA LEU P 258 -52.04 86.43 -78.76
C LEU P 258 -52.16 87.10 -80.12
N VAL P 259 -51.20 86.87 -81.02
CA VAL P 259 -51.31 87.37 -82.38
C VAL P 259 -52.55 86.80 -83.06
N ARG P 260 -52.78 85.50 -82.89
CA ARG P 260 -53.92 84.85 -83.53
C ARG P 260 -55.23 85.35 -82.95
N GLN P 261 -55.25 85.65 -81.65
CA GLN P 261 -56.43 86.29 -81.07
C GLN P 261 -56.66 87.68 -81.66
N LEU P 262 -55.58 88.45 -81.84
CA LEU P 262 -55.71 89.78 -82.44
C LEU P 262 -56.27 89.68 -83.86
N PHE P 263 -55.82 88.69 -84.62
CA PHE P 263 -56.33 88.54 -85.98
C PHE P 263 -57.79 88.10 -85.99
N LEU P 264 -58.18 87.26 -85.03
CA LEU P 264 -59.60 86.90 -84.91
C LEU P 264 -60.46 88.13 -84.62
N GLU P 265 -59.99 89.00 -83.72
CA GLU P 265 -60.77 90.19 -83.40
C GLU P 265 -60.86 91.14 -84.60
N ARG P 266 -59.76 91.28 -85.34
CA ARG P 266 -59.81 92.10 -86.56
C ARG P 266 -60.77 91.50 -87.58
N ALA P 267 -60.79 90.18 -87.70
CA ALA P 267 -61.71 89.55 -88.65
C ALA P 267 -63.17 89.77 -88.25
N THR P 268 -63.45 89.74 -86.94
CA THR P 268 -64.81 90.05 -86.49
C THR P 268 -65.21 91.49 -86.83
N ALA P 269 -64.30 92.44 -86.58
CA ALA P 269 -64.61 93.82 -86.93
C ALA P 269 -64.84 93.97 -88.42
N GLN P 270 -64.03 93.29 -89.23
CA GLN P 270 -64.24 93.31 -90.67
C GLN P 270 -65.60 92.74 -91.03
N ARG P 271 -66.01 91.64 -90.38
CA ARG P 271 -67.29 91.04 -90.71
C ARG P 271 -68.46 91.98 -90.43
N ASP P 272 -68.46 92.64 -89.27
CA ASP P 272 -69.63 93.45 -88.95
C ASP P 272 -69.65 94.74 -89.78
N THR P 273 -68.47 95.32 -90.03
CA THR P 273 -68.43 96.45 -90.97
C THR P 273 -68.88 96.03 -92.36
N LEU P 274 -68.56 94.80 -92.76
CA LEU P 274 -68.98 94.30 -94.06
C LEU P 274 -70.49 94.18 -94.15
N ARG P 275 -71.14 93.67 -93.10
CA ARG P 275 -72.60 93.55 -93.20
C ARG P 275 -73.25 94.93 -93.14
N VAL P 276 -72.65 95.89 -92.44
CA VAL P 276 -73.17 97.26 -92.47
C VAL P 276 -73.10 97.81 -93.91
N VAL P 277 -71.97 97.60 -94.57
CA VAL P 277 -71.81 98.12 -95.94
C VAL P 277 -72.77 97.41 -96.90
N GLU P 278 -72.95 96.09 -96.73
CA GLU P 278 -73.86 95.35 -97.60
C GLU P 278 -75.30 95.83 -97.41
N ALA P 279 -75.69 96.12 -96.16
CA ALA P 279 -77.00 96.69 -95.92
C ALA P 279 -77.15 98.04 -96.60
N ILE P 280 -76.11 98.87 -96.54
CA ILE P 280 -76.16 100.17 -97.21
C ILE P 280 -76.42 99.98 -98.71
N PHE P 281 -75.66 99.08 -99.34
CA PHE P 281 -75.80 98.91 -100.79
C PHE P 281 -77.16 98.32 -101.15
N SER P 282 -77.64 97.33 -100.40
CA SER P 282 -78.95 96.75 -100.70
C SER P 282 -80.06 97.78 -100.53
N THR P 283 -79.97 98.60 -99.48
CA THR P 283 -80.97 99.65 -99.25
C THR P 283 -80.98 100.64 -100.41
N SER P 284 -79.80 101.09 -100.84
CA SER P 284 -79.75 102.03 -101.95
C SER P 284 -80.29 101.41 -103.24
N ALA P 285 -79.97 100.14 -103.49
CA ALA P 285 -80.45 99.47 -104.69
C ALA P 285 -81.98 99.37 -104.68
N ARG P 286 -82.57 99.01 -103.54
CA ARG P 286 -84.03 98.92 -103.49
C ARG P 286 -84.66 100.30 -103.59
N TYR P 287 -84.05 101.32 -103.01
CA TYR P 287 -84.57 102.67 -103.12
C TYR P 287 -84.60 103.13 -104.56
N VAL P 288 -83.53 102.86 -105.32
CA VAL P 288 -83.51 103.25 -106.72
C VAL P 288 -84.48 102.42 -107.55
N GLU P 289 -84.55 101.11 -107.28
CA GLU P 289 -85.38 100.24 -108.10
C GLU P 289 -86.87 100.52 -107.99
N LEU P 290 -87.31 101.14 -106.89
CA LEU P 290 -88.72 101.44 -106.70
C LEU P 290 -89.14 102.74 -107.35
N TYR P 291 -88.37 103.24 -108.32
CA TYR P 291 -88.71 104.44 -109.07
C TYR P 291 -89.90 104.15 -109.98
N GLU P 292 -91.08 104.66 -109.60
CA GLU P 292 -92.30 104.48 -110.39
C GLU P 292 -92.58 103.01 -110.66
N ASN P 293 -92.30 102.17 -109.67
CA ASN P 293 -92.54 100.73 -109.80
C ASN P 293 -93.93 100.38 -109.31
N VAL P 294 -94.45 99.26 -109.82
CA VAL P 294 -95.76 98.76 -109.40
C VAL P 294 -95.77 98.31 -107.95
N GLU P 295 -94.59 98.14 -107.35
CA GLU P 295 -94.48 97.68 -105.97
C GLU P 295 -94.37 98.82 -104.96
N ASN P 296 -94.24 100.05 -105.42
CA ASN P 296 -94.14 101.20 -104.52
C ASN P 296 -95.55 101.55 -104.05
N VAL P 297 -95.98 100.93 -102.96
CA VAL P 297 -97.33 101.07 -102.46
C VAL P 297 -97.32 101.97 -101.24
N ASN P 298 -98.52 102.33 -100.78
CA ASN P 298 -98.69 103.21 -99.62
C ASN P 298 -98.80 102.38 -98.35
N VAL P 299 -97.96 102.70 -97.37
CA VAL P 299 -97.99 102.03 -96.07
C VAL P 299 -97.66 103.05 -95.00
N GLU P 300 -98.50 103.12 -93.97
CA GLU P 300 -98.27 103.96 -92.79
C GLU P 300 -98.09 105.43 -93.17
N ASN P 301 -99.10 105.98 -93.84
CA ASN P 301 -99.14 107.40 -94.22
C ASN P 301 -97.94 107.80 -95.07
N LYS P 302 -97.38 106.85 -95.83
CA LYS P 302 -96.22 107.13 -96.66
C LYS P 302 -96.08 106.01 -97.68
N THR P 303 -95.12 106.18 -98.58
CA THR P 303 -94.77 105.15 -99.53
C THR P 303 -93.53 104.39 -99.07
N LEU P 304 -93.16 103.37 -99.85
CA LEU P 304 -92.11 102.45 -99.43
C LEU P 304 -90.75 103.14 -99.39
N ARG P 305 -90.53 104.09 -100.29
CA ARG P 305 -89.18 104.66 -100.44
C ARG P 305 -88.85 105.65 -99.33
N GLN P 306 -89.86 106.28 -98.73
CA GLN P 306 -89.57 107.27 -97.69
C GLN P 306 -88.97 106.61 -96.45
N HIS P 307 -89.39 105.39 -96.12
CA HIS P 307 -88.76 104.66 -95.02
C HIS P 307 -87.28 104.41 -95.31
N TYR P 308 -86.98 103.96 -96.53
CA TYR P 308 -85.60 103.71 -96.91
C TYR P 308 -84.77 104.99 -96.83
N SER P 309 -85.36 106.11 -97.25
CA SER P 309 -84.67 107.39 -97.16
C SER P 309 -84.40 107.76 -95.71
N ALA P 310 -85.40 107.57 -94.83
CA ALA P 310 -85.23 107.87 -93.42
C ALA P 310 -84.20 106.98 -92.75
N LEU P 311 -83.93 105.80 -93.32
CA LEU P 311 -82.92 104.90 -92.77
C LEU P 311 -81.51 105.47 -92.83
N ILE P 312 -81.31 106.68 -93.37
CA ILE P 312 -79.96 107.16 -93.66
C ILE P 312 -79.16 107.51 -92.41
N PRO P 313 -79.65 108.36 -91.49
CA PRO P 313 -78.82 108.70 -90.32
C PRO P 313 -78.46 107.50 -89.45
N ASN P 314 -79.36 106.52 -89.35
CA ASN P 314 -79.03 105.30 -88.61
C ASN P 314 -77.82 104.60 -89.22
N LEU P 315 -77.84 104.39 -90.54
CA LEU P 315 -76.72 103.75 -91.20
C LEU P 315 -75.46 104.59 -91.09
N PHE P 316 -75.59 105.92 -91.11
CA PHE P 316 -74.44 106.78 -90.95
C PHE P 316 -73.77 106.56 -89.60
N ILE P 317 -74.56 106.60 -88.52
CA ILE P 317 -73.99 106.41 -87.19
C ILE P 317 -73.39 105.02 -87.04
N ALA P 318 -74.10 104.00 -87.53
CA ALA P 318 -73.59 102.63 -87.44
C ALA P 318 -72.26 102.49 -88.17
N ALA P 319 -72.17 103.04 -89.38
CA ALA P 319 -70.95 102.96 -90.15
C ALA P 319 -69.80 103.69 -89.46
N VAL P 320 -70.07 104.86 -88.88
CA VAL P 320 -69.02 105.61 -88.22
C VAL P 320 -68.47 104.80 -87.04
N ALA P 321 -69.36 104.23 -86.23
CA ALA P 321 -68.90 103.44 -85.08
C ALA P 321 -68.10 102.22 -85.54
N ASN P 322 -68.61 101.50 -86.53
CA ASN P 322 -67.91 100.30 -87.00
C ASN P 322 -66.56 100.65 -87.59
N ILE P 323 -66.47 101.77 -88.31
CA ILE P 323 -65.21 102.19 -88.90
C ILE P 323 -64.19 102.54 -87.81
N SER P 324 -64.64 103.24 -86.76
CA SER P 324 -63.72 103.58 -85.69
C SER P 324 -63.18 102.33 -85.01
N GLU P 325 -64.06 101.36 -84.74
CA GLU P 325 -63.60 100.14 -84.08
C GLU P 325 -62.68 99.33 -85.00
N LEU P 326 -62.95 99.33 -86.31
CA LEU P 326 -62.09 98.61 -87.24
C LEU P 326 -60.71 99.27 -87.32
N ASN P 327 -60.67 100.60 -87.29
CA ASN P 327 -59.38 101.29 -87.29
C ASN P 327 -58.58 100.94 -86.04
N ALA P 328 -59.24 100.93 -84.88
CA ALA P 328 -58.54 100.57 -83.65
C ALA P 328 -58.00 99.14 -83.72
N ALA P 329 -58.81 98.20 -84.22
CA ALA P 329 -58.37 96.81 -84.33
C ALA P 329 -57.20 96.68 -85.29
N ASP P 330 -57.26 97.40 -86.43
CA ASP P 330 -56.17 97.34 -87.40
C ASP P 330 -54.87 97.84 -86.79
N ALA P 331 -54.93 98.97 -86.08
CA ALA P 331 -53.72 99.49 -85.45
C ALA P 331 -53.18 98.51 -84.41
N GLU P 332 -54.07 97.92 -83.62
CA GLU P 332 -53.65 96.98 -82.58
C GLU P 332 -52.93 95.78 -83.19
N ALA P 333 -53.51 95.19 -84.23
CA ALA P 333 -52.90 94.00 -84.82
C ALA P 333 -51.62 94.34 -85.58
N ALA P 334 -51.54 95.54 -86.15
CA ALA P 334 -50.34 95.91 -86.90
C ALA P 334 -49.17 96.21 -85.97
N ALA P 335 -49.41 96.90 -84.86
CA ALA P 335 -48.31 97.34 -84.01
C ALA P 335 -47.75 96.22 -83.15
N TYR P 336 -48.45 95.10 -83.00
CA TYR P 336 -48.02 94.01 -82.14
C TYR P 336 -48.00 92.68 -82.89
N TYR P 337 -47.48 92.70 -84.11
CA TYR P 337 -47.29 91.44 -84.83
C TYR P 337 -46.13 90.64 -84.25
N LEU P 338 -45.06 91.32 -83.86
CA LEU P 338 -43.91 90.67 -83.22
C LEU P 338 -43.42 91.62 -82.13
N HIS P 339 -43.94 91.42 -80.92
CA HIS P 339 -43.61 92.27 -79.79
C HIS P 339 -43.52 91.41 -78.53
N TRP P 340 -42.84 91.97 -77.52
CA TRP P 340 -42.71 91.27 -76.24
C TRP P 340 -44.07 91.06 -75.58
N ASP P 341 -44.94 92.08 -75.64
CA ASP P 341 -46.22 92.06 -74.95
C ASP P 341 -47.17 91.04 -75.56
N THR P 342 -46.68 90.27 -76.53
CA THR P 342 -47.46 89.22 -77.17
C THR P 342 -46.91 87.82 -76.91
N ASP P 343 -45.59 87.66 -76.86
CA ASP P 343 -44.94 86.44 -76.39
C ASP P 343 -44.32 86.76 -75.04
N LEU P 344 -44.98 86.38 -73.96
CA LEU P 344 -44.61 86.82 -72.62
C LEU P 344 -43.63 85.83 -71.98
N ALA P 345 -43.44 85.99 -70.66
CA ALA P 345 -42.35 85.31 -69.97
C ALA P 345 -42.50 83.79 -70.03
N THR P 346 -43.53 83.25 -69.42
CA THR P 346 -43.68 81.80 -69.42
C THR P 346 -44.13 81.33 -70.80
N ASN P 347 -43.90 80.06 -71.10
CA ASN P 347 -44.46 79.51 -72.32
C ASN P 347 -45.98 79.39 -72.23
N ASP P 348 -46.50 79.21 -71.00
CA ASP P 348 -47.93 79.01 -70.81
C ASP P 348 -48.73 80.23 -71.29
N GLU P 349 -48.46 81.39 -70.69
CA GLU P 349 -49.16 82.65 -70.98
C GLU P 349 -50.65 82.43 -71.21
N ASP P 350 -51.29 81.82 -70.22
CA ASP P 350 -52.71 81.50 -70.33
C ASP P 350 -53.60 82.54 -69.66
N GLU P 351 -53.12 83.17 -68.59
CA GLU P 351 -53.93 84.16 -67.89
C GLU P 351 -54.22 85.36 -68.79
N ALA P 352 -53.22 85.80 -69.56
CA ALA P 352 -53.44 86.92 -70.47
C ALA P 352 -54.41 86.54 -71.58
N TYR P 353 -54.30 85.31 -72.08
CA TYR P 353 -55.23 84.85 -73.11
C TYR P 353 -56.66 84.84 -72.59
N TYR P 354 -56.86 84.36 -71.36
CA TYR P 354 -58.20 84.27 -70.83
C TYR P 354 -58.77 85.66 -70.51
N LYS P 355 -57.92 86.57 -70.03
CA LYS P 355 -58.36 87.94 -69.82
C LYS P 355 -58.77 88.60 -71.13
N ALA P 356 -57.97 88.40 -72.19
CA ALA P 356 -58.32 88.95 -73.49
C ALA P 356 -59.59 88.31 -74.04
N LYS P 357 -59.78 87.02 -73.84
CA LYS P 357 -61.00 86.35 -74.29
C LYS P 357 -62.22 86.91 -73.57
N LEU P 358 -62.09 87.18 -72.27
CA LEU P 358 -63.18 87.82 -71.53
C LEU P 358 -63.51 89.20 -72.11
N ASP P 359 -62.48 90.02 -72.33
CA ASP P 359 -62.73 91.35 -72.88
C ASP P 359 -63.40 91.27 -74.25
N PHE P 360 -62.93 90.34 -75.09
CA PHE P 360 -63.50 90.15 -76.41
C PHE P 360 -64.96 89.72 -76.34
N ALA P 361 -65.29 88.80 -75.43
CA ALA P 361 -66.67 88.36 -75.28
C ALA P 361 -67.56 89.51 -74.80
N ILE P 362 -67.07 90.31 -73.85
CA ILE P 362 -67.84 91.46 -73.37
C ILE P 362 -68.14 92.40 -74.53
N GLU P 363 -67.10 92.70 -75.33
CA GLU P 363 -67.29 93.60 -76.47
C GLU P 363 -68.28 93.03 -77.47
N THR P 364 -68.18 91.73 -77.76
CA THR P 364 -69.09 91.12 -78.74
C THR P 364 -70.54 91.17 -78.26
N TYR P 365 -70.77 90.87 -76.98
CA TYR P 365 -72.13 90.90 -76.46
C TYR P 365 -72.69 92.32 -76.45
N ALA P 366 -71.86 93.31 -76.12
CA ALA P 366 -72.33 94.69 -76.21
C ALA P 366 -72.63 95.09 -77.65
N LYS P 367 -71.81 94.62 -78.59
CA LYS P 367 -72.01 94.96 -79.99
C LYS P 367 -73.27 94.35 -80.56
N ILE P 368 -73.66 93.16 -80.08
CA ILE P 368 -74.92 92.58 -80.54
C ILE P 368 -76.07 93.53 -80.27
N LEU P 369 -76.16 94.04 -79.04
CA LEU P 369 -77.22 94.99 -78.69
C LEU P 369 -77.09 96.28 -79.47
N PHE P 370 -75.87 96.82 -79.58
CA PHE P 370 -75.67 98.09 -80.29
C PHE P 370 -76.15 97.98 -81.74
N ASN P 371 -75.69 96.96 -82.46
CA ASN P 371 -76.05 96.80 -83.86
C ASN P 371 -77.54 96.49 -84.01
N GLY P 372 -78.09 95.66 -83.13
CA GLY P 372 -79.52 95.37 -83.23
C GLY P 372 -80.37 96.60 -83.03
N GLU P 373 -79.95 97.51 -82.14
CA GLU P 373 -80.78 98.67 -81.86
C GLU P 373 -80.58 99.78 -82.89
N VAL P 374 -79.39 99.88 -83.50
CA VAL P 374 -79.11 101.04 -84.32
C VAL P 374 -79.65 100.89 -85.74
N TRP P 375 -79.31 99.80 -86.44
CA TRP P 375 -79.66 99.71 -87.86
C TRP P 375 -80.36 98.42 -88.28
N GLN P 376 -80.18 97.30 -87.58
CA GLN P 376 -80.74 96.05 -88.07
C GLN P 376 -82.26 96.07 -88.10
N GLU P 377 -82.88 96.56 -87.03
CA GLU P 377 -84.32 96.42 -86.92
C GLU P 377 -85.08 97.49 -87.68
N PRO P 378 -84.60 98.74 -87.72
CA PRO P 378 -85.19 99.70 -88.67
C PRO P 378 -85.19 99.20 -90.10
N LEU P 379 -84.14 98.51 -90.54
CA LEU P 379 -84.12 97.94 -91.88
C LEU P 379 -85.04 96.73 -92.00
N ALA P 380 -85.05 95.88 -90.97
CA ALA P 380 -85.89 94.68 -91.01
C ALA P 380 -87.36 95.04 -91.08
N TYR P 381 -87.75 96.13 -90.44
CA TYR P 381 -89.15 96.57 -90.47
C TYR P 381 -89.57 96.91 -91.90
N VAL P 382 -88.74 97.68 -92.61
CA VAL P 382 -89.07 98.05 -93.98
C VAL P 382 -89.08 96.83 -94.88
N GLN P 383 -88.11 95.92 -94.70
CA GLN P 383 -88.09 94.72 -95.52
C GLN P 383 -89.31 93.84 -95.25
N ASN P 384 -89.78 93.80 -94.00
CA ASN P 384 -90.99 93.06 -93.69
C ASN P 384 -92.21 93.72 -94.32
N LEU P 385 -92.25 95.05 -94.36
CA LEU P 385 -93.31 95.73 -95.09
C LEU P 385 -93.32 95.32 -96.55
N ASP P 386 -92.15 95.31 -97.18
CA ASP P 386 -92.01 94.86 -98.56
C ASP P 386 -92.56 93.45 -98.75
N ALA P 387 -92.07 92.51 -97.93
CA ALA P 387 -92.46 91.12 -98.09
C ALA P 387 -93.94 90.92 -97.84
N GLY P 388 -94.49 91.62 -96.84
CA GLY P 388 -95.92 91.52 -96.58
C GLY P 388 -96.75 92.04 -97.73
N ALA P 389 -96.33 93.14 -98.35
CA ALA P 389 -97.06 93.66 -99.49
C ALA P 389 -97.06 92.65 -100.64
N ARG P 390 -95.89 92.09 -100.97
CA ARG P 390 -95.86 91.11 -102.05
C ARG P 390 -96.69 89.88 -101.71
N GLN P 391 -96.60 89.39 -100.47
CA GLN P 391 -97.33 88.19 -100.10
C GLN P 391 -98.83 88.42 -100.14
N GLU P 392 -99.30 89.58 -99.68
CA GLU P 392 -100.73 89.85 -99.70
C GLU P 392 -101.24 89.98 -101.13
N ALA P 393 -100.47 90.62 -102.01
CA ALA P 393 -100.87 90.67 -103.40
C ALA P 393 -100.95 89.26 -103.99
N ALA P 394 -99.95 88.42 -103.69
CA ALA P 394 -99.90 87.09 -104.27
C ALA P 394 -101.07 86.24 -103.83
N ASP P 395 -101.34 86.19 -102.51
CA ASP P 395 -102.40 85.29 -102.07
C ASP P 395 -103.78 85.89 -102.35
N ARG P 396 -103.86 87.22 -102.52
CA ARG P 396 -105.12 87.79 -103.00
C ARG P 396 -105.43 87.31 -104.41
N GLU P 397 -104.44 87.35 -105.30
CA GLU P 397 -104.63 86.82 -106.64
C GLU P 397 -104.96 85.34 -106.60
N ALA P 398 -104.25 84.57 -105.78
CA ALA P 398 -104.49 83.14 -105.69
C ALA P 398 -105.90 82.84 -105.19
N ALA P 399 -106.35 83.58 -104.17
CA ALA P 399 -107.69 83.37 -103.63
C ALA P 399 -108.76 83.73 -104.67
N ARG P 400 -108.54 84.81 -105.41
CA ARG P 400 -109.48 85.17 -106.46
C ARG P 400 -109.59 84.06 -107.50
N ALA P 401 -108.45 83.54 -107.95
CA ALA P 401 -108.45 82.46 -108.94
C ALA P 401 -109.13 81.21 -108.38
N ALA P 402 -108.83 80.86 -107.12
CA ALA P 402 -109.43 79.68 -106.51
C ALA P 402 -110.94 79.82 -106.39
N ASP P 403 -111.42 81.00 -105.98
CA ASP P 403 -112.86 81.22 -105.88
C ASP P 403 -113.52 81.11 -107.25
N GLU P 404 -112.92 81.70 -108.27
CA GLU P 404 -113.48 81.61 -109.62
C GLU P 404 -113.56 80.17 -110.08
N ALA P 405 -112.48 79.41 -109.89
CA ALA P 405 -112.47 78.01 -110.30
C ALA P 405 -113.50 77.19 -109.54
N TYR P 406 -113.63 77.44 -108.24
CA TYR P 406 -114.59 76.69 -107.42
C TYR P 406 -116.02 76.98 -107.87
N ARG P 407 -116.33 78.26 -108.13
CA ARG P 407 -117.65 78.60 -108.61
C ARG P 407 -117.93 77.95 -109.96
N ALA P 408 -116.96 77.99 -110.88
CA ALA P 408 -117.16 77.38 -112.18
C ALA P 408 -117.37 75.87 -112.06
N GLU P 409 -116.60 75.22 -111.20
CA GLU P 409 -116.77 73.78 -110.98
C GLU P 409 -118.15 73.46 -110.44
N GLN P 410 -118.61 74.20 -109.44
CA GLN P 410 -119.94 73.96 -108.88
C GLN P 410 -121.01 74.15 -109.94
N LEU P 411 -120.93 75.25 -110.70
CA LEU P 411 -121.96 75.52 -111.70
C LEU P 411 -121.97 74.45 -112.78
N ARG P 412 -120.79 74.03 -113.25
CA ARG P 412 -120.74 73.03 -114.31
C ARG P 412 -121.25 71.68 -113.80
N ILE P 413 -120.93 71.32 -112.56
CA ILE P 413 -121.44 70.06 -112.02
C ILE P 413 -122.94 70.09 -111.89
N ALA P 414 -123.48 71.21 -111.37
CA ALA P 414 -124.94 71.31 -111.21
C ALA P 414 -125.65 71.25 -112.55
N GLN P 415 -125.15 72.00 -113.54
CA GLN P 415 -125.78 71.98 -114.86
C GLN P 415 -125.67 70.62 -115.53
N GLU P 416 -124.52 69.95 -115.36
CA GLU P 416 -124.35 68.66 -116.03
C GLU P 416 -125.26 67.62 -115.39
N ALA P 417 -125.41 67.66 -114.06
CA ALA P 417 -126.40 66.82 -113.40
C ALA P 417 -127.82 67.19 -113.87
N ALA P 418 -128.05 68.47 -114.15
CA ALA P 418 -129.35 68.88 -114.67
C ALA P 418 -129.64 68.21 -116.00
N ASP P 419 -128.65 68.20 -116.91
CA ASP P 419 -128.82 67.45 -118.17
C ASP P 419 -128.96 65.94 -117.95
N ALA P 420 -128.34 65.40 -116.90
CA ALA P 420 -128.58 64.01 -116.56
C ALA P 420 -130.05 63.76 -116.19
N GLN P 421 -130.60 64.66 -115.37
CA GLN P 421 -132.03 64.59 -115.06
C GLN P 421 -132.86 64.79 -116.32
N LYS P 422 -132.35 65.59 -117.25
CA LYS P 422 -133.03 65.80 -118.53
C LYS P 422 -133.12 64.50 -119.32
N ALA P 423 -132.01 63.75 -119.34
CA ALA P 423 -131.99 62.44 -119.98
C ALA P 423 -132.99 61.50 -119.31
N ILE P 424 -133.05 61.52 -117.98
CA ILE P 424 -134.05 60.72 -117.27
C ILE P 424 -135.46 61.10 -117.74
N ALA P 425 -135.73 62.40 -117.78
CA ALA P 425 -137.06 62.87 -118.14
C ALA P 425 -137.44 62.45 -119.55
N GLU P 426 -136.54 62.64 -120.52
CA GLU P 426 -136.86 62.27 -121.89
C GLU P 426 -137.00 60.76 -122.04
N ALA P 427 -136.19 59.99 -121.31
CA ALA P 427 -136.27 58.53 -121.42
C ALA P 427 -137.61 58.02 -120.93
N LEU P 428 -138.00 58.40 -119.70
CA LEU P 428 -139.27 57.91 -119.17
C LEU P 428 -140.47 58.62 -119.78
N ALA P 429 -140.27 59.71 -120.52
CA ALA P 429 -141.34 60.23 -121.35
C ALA P 429 -141.49 59.41 -122.63
N LYS P 430 -140.38 58.93 -123.19
CA LYS P 430 -140.43 58.18 -124.43
C LYS P 430 -140.94 56.75 -124.20
N GLU P 431 -140.60 56.16 -123.04
CA GLU P 431 -141.05 54.80 -122.77
C GLU P 431 -142.58 54.71 -122.77
N ALA P 432 -143.25 55.70 -122.19
CA ALA P 432 -144.71 55.74 -122.19
C ALA P 432 -145.22 56.89 -123.04
N GLU Q 1 34.27 33.12 -133.62
CA GLU Q 1 33.50 33.56 -134.78
C GLU Q 1 33.67 35.06 -134.97
N THR Q 2 32.77 35.66 -135.75
CA THR Q 2 32.82 37.09 -136.00
C THR Q 2 32.43 37.85 -134.74
N ASN Q 3 32.37 39.16 -134.84
CA ASN Q 3 31.95 39.99 -133.71
C ASN Q 3 30.69 40.77 -134.08
N PRO Q 4 29.48 40.16 -134.04
CA PRO Q 4 28.28 40.90 -134.46
C PRO Q 4 27.64 41.74 -133.36
N THR Q 5 28.35 42.00 -132.27
CA THR Q 5 27.71 42.61 -131.10
C THR Q 5 27.12 43.98 -131.40
N PHE Q 6 27.82 44.82 -132.17
CA PHE Q 6 27.32 46.17 -132.37
C PHE Q 6 26.93 46.50 -133.81
N ASN Q 7 26.39 45.52 -134.45
CA ASN Q 7 25.89 45.75 -135.81
C ASN Q 7 25.24 44.47 -136.27
N ILE Q 8 24.27 44.53 -137.14
CA ILE Q 8 23.64 43.37 -137.80
C ILE Q 8 22.64 42.79 -136.85
N THR Q 9 22.59 43.41 -135.71
CA THR Q 9 21.70 42.90 -134.66
C THR Q 9 20.28 43.40 -134.88
N ASN Q 10 19.25 42.56 -134.63
CA ASN Q 10 17.96 43.23 -134.64
C ASN Q 10 18.14 44.67 -134.21
N GLY Q 11 17.78 45.59 -135.10
CA GLY Q 11 18.17 46.99 -134.92
C GLY Q 11 17.77 47.52 -133.56
N PHE Q 12 16.63 47.08 -133.05
CA PHE Q 12 16.19 47.44 -131.71
C PHE Q 12 16.15 46.19 -130.85
N ASN Q 13 17.10 46.07 -129.93
CA ASN Q 13 17.29 44.84 -129.18
C ASN Q 13 17.17 45.13 -127.69
N ASP Q 14 16.60 44.17 -126.95
CA ASP Q 14 16.48 44.33 -125.50
C ASP Q 14 17.81 44.14 -124.81
N ALA Q 15 18.78 43.50 -125.48
CA ALA Q 15 20.04 43.17 -124.85
C ALA Q 15 20.88 44.40 -124.51
N ASP Q 16 20.64 45.53 -125.18
CA ASP Q 16 21.43 46.73 -124.95
C ASP Q 16 20.63 47.85 -124.30
N GLY Q 17 19.31 47.73 -124.25
CA GLY Q 17 18.47 48.84 -123.81
C GLY Q 17 18.02 49.75 -124.91
N SER Q 18 17.95 49.27 -126.15
CA SER Q 18 17.55 50.06 -127.30
C SER Q 18 16.08 49.82 -127.69
N THR Q 19 15.49 48.72 -127.24
CA THR Q 19 14.09 48.45 -127.55
C THR Q 19 13.17 49.29 -126.67
N ILE Q 20 11.90 49.32 -127.05
CA ILE Q 20 10.89 50.05 -126.30
C ILE Q 20 10.37 49.17 -125.17
N GLN Q 21 9.84 49.79 -124.11
CA GLN Q 21 9.38 49.06 -122.95
C GLN Q 21 8.08 49.64 -122.44
N PRO Q 22 6.96 48.94 -122.57
CA PRO Q 22 5.69 49.40 -121.97
C PRO Q 22 5.77 49.33 -120.45
N VAL Q 23 5.30 50.37 -119.78
CA VAL Q 23 5.37 50.47 -118.34
C VAL Q 23 3.98 50.74 -117.77
N GLY Q 24 3.61 49.99 -116.73
CA GLY Q 24 2.51 50.33 -115.89
C GLY Q 24 3.05 50.92 -114.60
N PRO Q 25 2.17 51.32 -113.69
CA PRO Q 25 2.65 51.81 -112.39
C PRO Q 25 2.86 50.68 -111.40
N VAL Q 26 4.12 50.47 -111.00
CA VAL Q 26 4.48 49.51 -109.97
C VAL Q 26 5.46 50.19 -109.02
N ASN Q 27 5.25 50.01 -107.71
CA ASN Q 27 6.01 50.71 -106.70
C ASN Q 27 7.27 49.92 -106.37
N HIS Q 28 8.42 50.42 -106.80
CA HIS Q 28 9.71 49.94 -106.34
C HIS Q 28 10.34 51.03 -105.49
N THR Q 29 10.68 50.70 -104.25
CA THR Q 29 11.08 51.70 -103.29
C THR Q 29 12.42 52.32 -103.66
N GLU Q 30 12.70 53.48 -103.09
CA GLU Q 30 13.99 54.14 -103.30
C GLU Q 30 15.14 53.24 -102.87
N GLU Q 31 14.96 52.49 -101.77
CA GLU Q 31 15.99 51.57 -101.33
C GLU Q 31 16.21 50.46 -102.35
N THR Q 32 15.14 49.92 -102.92
CA THR Q 32 15.28 48.86 -103.93
C THR Q 32 16.04 49.37 -105.15
N LEU Q 33 15.71 50.57 -105.62
CA LEU Q 33 16.41 51.14 -106.76
C LEU Q 33 17.88 51.42 -106.43
N ARG Q 34 18.15 51.92 -105.22
CA ARG Q 34 19.54 52.17 -104.85
C ARG Q 34 20.33 50.88 -104.79
N ASP Q 35 19.72 49.80 -104.28
CA ASP Q 35 20.39 48.50 -104.28
C ASP Q 35 20.66 48.02 -105.70
N LEU Q 36 19.67 48.15 -106.58
CA LEU Q 36 19.85 47.68 -107.94
C LEU Q 36 20.93 48.47 -108.68
N THR Q 37 21.01 49.78 -108.42
CA THR Q 37 22.05 50.58 -109.07
C THR Q 37 23.43 50.30 -108.48
N ASP Q 38 23.51 50.13 -107.15
CA ASP Q 38 24.80 49.83 -106.53
C ASP Q 38 25.31 48.45 -106.94
N SER Q 39 24.41 47.54 -107.30
CA SER Q 39 24.83 46.22 -107.78
C SER Q 39 25.72 46.35 -109.02
N THR Q 40 25.35 47.23 -109.96
CA THR Q 40 26.19 47.46 -111.14
C THR Q 40 27.32 48.43 -110.85
N GLY Q 41 27.11 49.35 -109.90
CA GLY Q 41 28.18 50.25 -109.50
C GLY Q 41 29.37 49.51 -108.93
N ALA Q 42 29.11 48.40 -108.24
CA ALA Q 42 30.21 47.56 -107.77
C ALA Q 42 31.05 47.05 -108.92
N TYR Q 43 30.41 46.62 -110.01
CA TYR Q 43 31.15 46.13 -111.17
C TYR Q 43 31.92 47.26 -111.85
N LEU Q 44 31.33 48.45 -111.91
CA LEU Q 44 31.95 49.58 -112.59
C LEU Q 44 32.95 50.35 -111.73
N GLU Q 45 33.06 50.02 -110.45
CA GLU Q 45 33.92 50.79 -109.56
C GLU Q 45 35.37 50.80 -110.01
N GLU Q 46 35.87 49.65 -110.48
CA GLU Q 46 37.27 49.58 -110.89
C GLU Q 46 37.56 50.52 -112.05
N PHE Q 47 36.66 50.56 -113.04
CA PHE Q 47 36.80 51.54 -114.12
C PHE Q 47 36.67 52.96 -113.59
N GLN Q 48 35.75 53.18 -112.64
CA GLN Q 48 35.40 54.53 -112.25
C GLN Q 48 36.56 55.26 -111.58
N ASN Q 49 37.19 54.62 -110.60
CA ASN Q 49 38.19 55.30 -109.78
C ASN Q 49 39.45 54.47 -109.56
N GLY Q 50 39.57 53.31 -110.20
CA GLY Q 50 40.74 52.47 -110.02
C GLY Q 50 41.89 52.91 -110.90
N THR Q 51 42.98 52.14 -110.80
CA THR Q 51 44.14 52.33 -111.66
C THR Q 51 44.28 51.13 -112.58
N VAL Q 52 45.28 51.18 -113.46
CA VAL Q 52 45.42 50.18 -114.51
C VAL Q 52 45.57 48.79 -113.92
N GLU Q 53 46.38 48.67 -112.86
CA GLU Q 53 46.58 47.37 -112.22
C GLU Q 53 45.27 46.81 -111.68
N GLU Q 54 44.47 47.66 -111.02
CA GLU Q 54 43.18 47.21 -110.53
C GLU Q 54 42.26 46.78 -111.66
N ILE Q 55 42.29 47.52 -112.77
CA ILE Q 55 41.43 47.18 -113.90
C ILE Q 55 41.79 45.81 -114.46
N VAL Q 56 43.09 45.56 -114.68
CA VAL Q 56 43.47 44.26 -115.23
C VAL Q 56 43.21 43.16 -114.22
N GLU Q 57 43.36 43.47 -112.93
CA GLU Q 57 43.09 42.48 -111.88
C GLU Q 57 41.62 42.06 -111.90
N ALA Q 58 40.71 43.03 -111.88
CA ALA Q 58 39.31 42.72 -111.61
C ALA Q 58 38.63 42.02 -112.78
N TYR Q 59 38.82 42.52 -113.99
CA TYR Q 59 38.01 42.06 -115.11
C TYR Q 59 38.60 40.84 -115.80
N LEU Q 60 39.92 40.71 -115.78
CA LEU Q 60 40.60 39.48 -116.16
C LEU Q 60 41.18 38.86 -114.90
N GLN Q 61 40.75 37.65 -114.57
CA GLN Q 61 41.12 37.00 -113.33
C GLN Q 61 42.58 36.58 -113.43
N VAL Q 62 43.48 37.44 -112.99
CA VAL Q 62 44.91 37.15 -113.05
C VAL Q 62 45.28 36.07 -112.04
N GLN Q 63 44.79 36.21 -110.80
CA GLN Q 63 45.16 35.25 -109.76
C GLN Q 63 44.43 33.93 -109.94
N ALA Q 64 43.21 33.96 -110.46
CA ALA Q 64 42.45 32.73 -110.66
C ALA Q 64 42.92 31.93 -111.86
N SER Q 65 43.81 32.47 -112.68
CA SER Q 65 44.34 31.73 -113.81
C SER Q 65 45.28 30.63 -113.33
N ALA Q 66 45.60 29.70 -114.24
CA ALA Q 66 46.49 28.60 -113.90
C ALA Q 66 47.81 29.13 -113.37
N ASP Q 67 48.30 28.51 -112.30
CA ASP Q 67 49.48 29.01 -111.61
C ASP Q 67 50.70 28.93 -112.52
N GLY Q 68 51.40 30.05 -112.63
CA GLY Q 68 52.43 30.21 -113.63
C GLY Q 68 51.79 30.85 -114.85
N PHE Q 69 52.03 32.13 -115.06
CA PHE Q 69 51.24 32.86 -116.06
C PHE Q 69 51.51 32.31 -117.46
N ASP Q 70 50.44 31.95 -118.15
CA ASP Q 70 50.55 31.52 -119.53
C ASP Q 70 50.71 32.76 -120.41
N PRO Q 71 51.89 33.01 -120.98
CA PRO Q 71 52.06 34.14 -121.90
C PRO Q 71 51.51 33.87 -123.30
N SER Q 72 50.80 32.76 -123.48
CA SER Q 72 50.18 32.44 -124.75
C SER Q 72 49.12 33.47 -125.12
N GLU Q 73 48.98 33.70 -126.42
CA GLU Q 73 47.93 34.61 -126.89
C GLU Q 73 46.55 33.98 -126.75
N GLN Q 74 46.49 32.65 -126.73
CA GLN Q 74 45.22 31.97 -126.49
C GLN Q 74 44.69 32.27 -125.09
N ALA Q 75 45.59 32.35 -124.11
CA ALA Q 75 45.18 32.70 -122.75
C ALA Q 75 44.56 34.08 -122.70
N ALA Q 76 45.20 35.05 -123.37
CA ALA Q 76 44.62 36.39 -123.46
C ALA Q 76 43.28 36.38 -124.16
N TYR Q 77 43.15 35.60 -125.23
CA TYR Q 77 41.88 35.49 -125.93
C TYR Q 77 40.77 34.99 -125.02
N GLU Q 78 41.05 33.92 -124.26
CA GLU Q 78 40.02 33.39 -123.36
C GLU Q 78 39.69 34.37 -122.24
N ALA Q 79 40.70 35.05 -121.70
CA ALA Q 79 40.44 36.03 -120.64
C ALA Q 79 39.56 37.16 -121.14
N PHE Q 80 39.86 37.69 -122.32
CA PHE Q 80 39.06 38.78 -122.86
C PHE Q 80 37.65 38.31 -123.23
N GLU Q 81 37.53 37.07 -123.71
CA GLU Q 81 36.20 36.52 -124.00
C GLU Q 81 35.36 36.41 -122.73
N ALA Q 82 35.97 35.94 -121.64
CA ALA Q 82 35.24 35.86 -120.38
C ALA Q 82 34.82 37.24 -119.89
N ALA Q 83 35.71 38.23 -119.99
CA ALA Q 83 35.34 39.59 -119.62
C ALA Q 83 34.18 40.10 -120.47
N ARG Q 84 34.20 39.78 -121.77
CA ARG Q 84 33.12 40.19 -122.64
C ARG Q 84 31.79 39.56 -122.23
N VAL Q 85 31.79 38.28 -121.89
CA VAL Q 85 30.55 37.63 -121.47
C VAL Q 85 30.01 38.26 -120.19
N ARG Q 86 30.90 38.54 -119.24
CA ARG Q 86 30.47 39.16 -117.99
C ARG Q 86 29.86 40.54 -118.24
N ALA Q 87 30.52 41.36 -119.06
CA ALA Q 87 29.97 42.67 -119.39
C ALA Q 87 28.64 42.54 -120.13
N SER Q 88 28.52 41.52 -120.98
CA SER Q 88 27.27 41.32 -121.73
C SER Q 88 26.10 41.02 -120.79
N GLN Q 89 26.34 40.20 -119.77
CA GLN Q 89 25.28 39.94 -118.80
C GLN Q 89 24.95 41.19 -117.98
N GLU Q 90 25.97 41.94 -117.58
CA GLU Q 90 25.74 43.16 -116.83
C GLU Q 90 24.92 44.17 -117.64
N LEU Q 91 25.11 44.18 -118.96
CA LEU Q 91 24.35 45.09 -119.81
C LEU Q 91 22.85 44.78 -119.78
N ALA Q 92 22.48 43.50 -119.86
CA ALA Q 92 21.07 43.14 -119.76
C ALA Q 92 20.52 43.46 -118.38
N ALA Q 93 21.32 43.26 -117.34
CA ALA Q 93 20.89 43.65 -116.00
C ALA Q 93 20.56 45.13 -115.94
N SER Q 94 21.44 45.99 -116.48
CA SER Q 94 21.18 47.42 -116.46
C SER Q 94 19.97 47.78 -117.32
N ALA Q 95 19.76 47.03 -118.41
CA ALA Q 95 18.59 47.27 -119.23
C ALA Q 95 17.30 47.04 -118.45
N GLU Q 96 17.26 45.99 -117.64
CA GLU Q 96 16.06 45.75 -116.82
C GLU Q 96 15.95 46.77 -115.68
N THR Q 97 17.10 47.21 -115.15
CA THR Q 97 17.08 48.26 -114.13
C THR Q 97 16.45 49.54 -114.67
N ILE Q 98 16.71 49.87 -115.94
CA ILE Q 98 16.07 51.02 -116.57
C ILE Q 98 14.55 50.92 -116.50
N THR Q 99 14.00 49.76 -116.89
CA THR Q 99 12.56 49.57 -116.91
C THR Q 99 11.98 49.69 -115.51
N LYS Q 100 12.64 49.10 -114.52
CA LYS Q 100 12.11 49.17 -113.16
C LYS Q 100 12.12 50.59 -112.62
N THR Q 101 13.20 51.33 -112.86
CA THR Q 101 13.25 52.72 -112.40
C THR Q 101 12.21 53.58 -113.11
N ARG Q 102 11.88 53.26 -114.37
CA ARG Q 102 10.80 53.95 -115.05
C ARG Q 102 9.45 53.66 -114.39
N GLU Q 103 9.20 52.38 -114.09
CA GLU Q 103 7.92 52.00 -113.48
C GLU Q 103 7.72 52.68 -112.14
N SER Q 104 8.81 52.82 -111.37
CA SER Q 104 8.72 53.48 -110.07
C SER Q 104 8.26 54.93 -110.20
N VAL Q 105 8.84 55.68 -111.14
CA VAL Q 105 8.42 57.07 -111.37
C VAL Q 105 6.98 57.12 -111.84
N ALA Q 106 6.58 56.15 -112.66
CA ALA Q 106 5.20 56.09 -113.12
C ALA Q 106 4.24 55.97 -111.94
N TYR Q 107 4.56 55.12 -110.97
CA TYR Q 107 3.71 55.02 -109.78
C TYR Q 107 3.71 56.32 -108.96
N ALA Q 108 4.90 56.87 -108.73
CA ALA Q 108 5.00 58.03 -107.84
C ALA Q 108 4.21 59.23 -108.37
N LEU Q 109 4.37 59.54 -109.66
CA LEU Q 109 3.67 60.71 -110.19
C LEU Q 109 2.16 60.48 -110.23
N LYS Q 110 1.73 59.25 -110.49
CA LYS Q 110 0.29 58.97 -110.50
C LYS Q 110 -0.33 59.24 -109.14
N VAL Q 111 0.29 58.73 -108.07
CA VAL Q 111 -0.28 58.98 -106.75
C VAL Q 111 -0.19 60.46 -106.40
N ASP Q 112 0.85 61.14 -106.88
CA ASP Q 112 0.98 62.57 -106.61
C ASP Q 112 -0.15 63.38 -107.26
N GLN Q 113 -0.46 63.08 -108.52
CA GLN Q 113 -1.56 63.77 -109.20
C GLN Q 113 -2.89 63.48 -108.52
N GLU Q 114 -3.10 62.22 -108.10
CA GLU Q 114 -4.34 61.90 -107.39
C GLU Q 114 -4.46 62.71 -106.11
N ALA Q 115 -3.36 62.86 -105.37
CA ALA Q 115 -3.40 63.64 -104.14
C ALA Q 115 -3.73 65.11 -104.41
N THR Q 116 -3.11 65.68 -105.45
CA THR Q 116 -3.41 67.08 -105.79
C THR Q 116 -4.87 67.25 -106.17
N ALA Q 117 -5.42 66.33 -106.95
CA ALA Q 117 -6.82 66.42 -107.34
C ALA Q 117 -7.74 66.35 -106.13
N ALA Q 118 -7.46 65.42 -105.22
CA ALA Q 118 -8.29 65.28 -104.02
C ALA Q 118 -8.23 66.53 -103.15
N PHE Q 119 -7.04 67.09 -102.96
CA PHE Q 119 -6.93 68.30 -102.15
C PHE Q 119 -7.70 69.44 -102.79
N GLU Q 120 -7.61 69.58 -104.12
CA GLU Q 120 -8.35 70.63 -104.80
C GLU Q 120 -9.85 70.46 -104.60
N ALA Q 121 -10.36 69.23 -104.76
CA ALA Q 121 -11.80 69.02 -104.62
C ALA Q 121 -12.26 69.34 -103.20
N TYR Q 122 -11.50 68.90 -102.21
CA TYR Q 122 -11.94 69.08 -100.83
C TYR Q 122 -11.84 70.54 -100.38
N ARG Q 123 -10.80 71.24 -100.82
CA ARG Q 123 -10.72 72.68 -100.55
C ARG Q 123 -11.83 73.43 -101.25
N ASN Q 124 -12.19 73.01 -102.47
CA ASN Q 124 -13.29 73.67 -103.17
C ASN Q 124 -14.61 73.47 -102.43
N ALA Q 125 -14.84 72.26 -101.92
CA ALA Q 125 -16.04 72.03 -101.13
C ALA Q 125 -16.06 72.89 -99.87
N LEU Q 126 -14.93 72.99 -99.18
CA LEU Q 126 -14.88 73.84 -97.99
C LEU Q 126 -15.14 75.30 -98.34
N ARG Q 127 -14.58 75.78 -99.44
CA ARG Q 127 -14.82 77.16 -99.87
C ARG Q 127 -16.29 77.38 -100.20
N ASP Q 128 -16.90 76.43 -100.89
CA ASP Q 128 -18.30 76.55 -101.26
C ASP Q 128 -19.20 76.49 -100.03
N ALA Q 129 -18.74 75.85 -98.96
CA ALA Q 129 -19.53 75.76 -97.74
C ALA Q 129 -19.83 77.14 -97.16
N ALA Q 130 -18.82 78.01 -97.09
CA ALA Q 130 -19.01 79.31 -96.44
C ALA Q 130 -19.94 80.20 -97.25
N ILE Q 131 -19.55 80.51 -98.49
CA ILE Q 131 -20.37 81.36 -99.35
C ILE Q 131 -20.62 80.61 -100.66
N SER Q 132 -21.78 79.97 -100.77
CA SER Q 132 -22.10 79.20 -101.96
C SER Q 132 -22.41 80.13 -103.13
N ILE Q 133 -22.06 79.68 -104.33
CA ILE Q 133 -22.27 80.44 -105.56
C ILE Q 133 -23.06 79.57 -106.53
N ASN Q 134 -24.11 80.15 -107.11
CA ASN Q 134 -24.99 79.44 -108.01
C ASN Q 134 -24.26 79.13 -109.32
N PRO Q 135 -24.76 78.17 -110.11
CA PRO Q 135 -24.14 77.93 -111.42
C PRO Q 135 -24.11 79.16 -112.30
N ASP Q 136 -25.11 80.04 -112.18
CA ASP Q 136 -25.10 81.28 -112.94
C ASP Q 136 -24.06 82.27 -112.45
N GLY Q 137 -23.53 82.10 -111.25
CA GLY Q 137 -22.53 82.99 -110.72
C GLY Q 137 -23.00 83.95 -109.65
N SER Q 138 -24.04 83.61 -108.90
CA SER Q 138 -24.60 84.48 -107.88
C SER Q 138 -24.62 83.75 -106.54
N ILE Q 139 -24.55 84.53 -105.46
CA ILE Q 139 -24.60 83.96 -104.13
C ILE Q 139 -25.99 83.37 -103.87
N ASN Q 140 -26.02 82.22 -103.19
CA ASN Q 140 -27.28 81.55 -102.88
C ASN Q 140 -27.47 81.58 -101.37
N PRO Q 141 -28.24 82.54 -100.83
CA PRO Q 141 -28.42 82.58 -99.36
C PRO Q 141 -29.13 81.36 -98.80
N ASP Q 142 -29.85 80.61 -99.63
CA ASP Q 142 -30.52 79.41 -99.14
C ASP Q 142 -29.49 78.39 -98.65
N THR Q 143 -28.41 78.21 -99.39
CA THR Q 143 -27.40 77.21 -99.06
C THR Q 143 -26.04 77.82 -98.74
N SER Q 144 -26.01 78.98 -98.09
CA SER Q 144 -24.76 79.63 -97.70
C SER Q 144 -24.68 79.70 -96.18
N ILE Q 145 -23.54 79.27 -95.63
CA ILE Q 145 -23.41 79.18 -94.18
C ILE Q 145 -23.38 80.56 -93.53
N ASN Q 146 -22.56 81.48 -94.06
CA ASN Q 146 -22.37 82.75 -93.38
C ASN Q 146 -23.64 83.60 -93.39
N LEU Q 147 -24.38 83.57 -94.49
CA LEU Q 147 -25.63 84.33 -94.56
C LEU Q 147 -26.66 83.78 -93.57
N LEU Q 148 -26.78 82.46 -93.47
CA LEU Q 148 -27.68 81.88 -92.48
C LEU Q 148 -27.21 82.19 -91.07
N ILE Q 149 -25.90 82.22 -90.86
CA ILE Q 149 -25.34 82.56 -89.56
C ILE Q 149 -25.76 83.97 -89.16
N ASP Q 150 -25.62 84.91 -90.09
CA ASP Q 150 -25.97 86.29 -89.76
C ASP Q 150 -27.48 86.46 -89.61
N ALA Q 151 -28.26 85.69 -90.37
CA ALA Q 151 -29.71 85.72 -90.20
C ALA Q 151 -30.10 85.25 -88.81
N ALA Q 152 -29.50 84.16 -88.34
CA ALA Q 152 -29.79 83.68 -86.98
C ALA Q 152 -29.24 84.64 -85.94
N ASN Q 153 -28.12 85.30 -86.23
CA ASN Q 153 -27.51 86.21 -85.27
C ASN Q 153 -28.38 87.45 -85.07
N ALA Q 154 -28.99 87.94 -86.14
CA ALA Q 154 -29.86 89.10 -86.06
C ALA Q 154 -31.26 88.76 -85.56
N ALA Q 155 -31.63 87.48 -85.54
CA ALA Q 155 -32.97 87.06 -85.18
C ALA Q 155 -33.10 86.65 -83.72
N ASN Q 156 -32.11 86.95 -82.89
CA ASN Q 156 -32.17 86.64 -81.47
C ASN Q 156 -32.24 87.93 -80.65
N ARG Q 157 -32.83 87.83 -79.46
CA ARG Q 157 -33.01 88.98 -78.58
C ARG Q 157 -32.37 88.77 -77.22
N THR Q 158 -31.74 87.62 -76.99
CA THR Q 158 -31.19 87.27 -75.69
C THR Q 158 -29.97 88.13 -75.38
N ASP Q 159 -29.53 88.10 -74.12
CA ASP Q 159 -28.42 88.91 -73.67
C ASP Q 159 -27.13 88.07 -73.66
N ARG Q 160 -26.93 87.28 -74.70
CA ARG Q 160 -25.63 86.68 -75.01
C ARG Q 160 -25.15 85.67 -73.97
N ALA Q 161 -25.91 85.49 -72.89
CA ALA Q 161 -25.42 84.69 -71.77
C ALA Q 161 -25.30 83.22 -72.14
N GLU Q 162 -26.34 82.67 -72.75
CA GLU Q 162 -26.40 81.24 -73.04
C GLU Q 162 -26.52 80.91 -74.53
N ILE Q 163 -27.15 81.78 -75.32
CA ILE Q 163 -27.16 81.66 -76.77
C ILE Q 163 -26.34 82.83 -77.31
N GLU Q 164 -25.18 82.53 -77.89
CA GLU Q 164 -24.20 83.54 -78.22
C GLU Q 164 -24.16 83.77 -79.72
N ASP Q 165 -23.52 84.87 -80.11
CA ASP Q 165 -23.31 85.15 -81.52
C ASP Q 165 -22.36 84.14 -82.13
N TYR Q 166 -22.75 83.57 -83.25
CA TYR Q 166 -21.88 82.63 -83.96
C TYR Q 166 -20.86 83.41 -84.77
N ALA Q 167 -19.57 83.13 -84.53
CA ALA Q 167 -18.51 83.76 -85.30
C ALA Q 167 -18.52 83.24 -86.73
N HIS Q 168 -18.05 84.08 -87.65
CA HIS Q 168 -18.06 83.73 -89.06
C HIS Q 168 -17.07 82.59 -89.34
N LEU Q 169 -17.33 81.86 -90.41
CA LEU Q 169 -16.62 80.62 -90.66
C LEU Q 169 -15.13 80.86 -90.88
N TYR Q 170 -14.33 79.90 -90.38
CA TYR Q 170 -12.89 79.85 -90.59
C TYR Q 170 -12.20 81.10 -90.01
N THR Q 171 -12.29 81.22 -88.69
CA THR Q 171 -11.54 82.27 -88.01
C THR Q 171 -10.07 81.91 -87.88
N GLN Q 172 -9.75 80.61 -87.87
CA GLN Q 172 -8.36 80.19 -87.74
C GLN Q 172 -7.57 80.47 -89.01
N THR Q 173 -8.13 80.14 -90.17
CA THR Q 173 -7.41 80.21 -91.43
C THR Q 173 -8.16 81.09 -92.42
N ASP Q 174 -7.43 81.54 -93.44
CA ASP Q 174 -8.00 82.30 -94.54
C ASP Q 174 -8.18 81.35 -95.72
N ILE Q 175 -9.42 80.90 -95.94
CA ILE Q 175 -9.67 79.92 -96.99
C ILE Q 175 -9.60 80.55 -98.38
N ALA Q 176 -9.52 81.87 -98.47
CA ALA Q 176 -9.35 82.51 -99.76
C ALA Q 176 -7.96 82.25 -100.33
N LEU Q 177 -6.99 81.95 -99.47
CA LEU Q 177 -5.63 81.70 -99.93
C LEU Q 177 -5.57 80.42 -100.74
N GLU Q 178 -4.52 80.29 -101.55
CA GLU Q 178 -4.38 79.13 -102.43
C GLU Q 178 -4.26 77.85 -101.61
N THR Q 179 -3.32 77.82 -100.66
CA THR Q 179 -3.10 76.64 -99.84
C THR Q 179 -3.34 76.93 -98.37
N PRO Q 180 -4.57 76.75 -97.89
CA PRO Q 180 -4.85 76.98 -96.47
C PRO Q 180 -4.76 75.71 -95.64
N GLN Q 181 -4.80 75.85 -94.31
CA GLN Q 181 -4.78 74.69 -93.41
C GLN Q 181 -6.22 74.20 -93.25
N LEU Q 182 -6.58 73.18 -94.02
CA LEU Q 182 -7.98 72.79 -94.13
C LEU Q 182 -8.47 72.04 -92.90
N ALA Q 183 -7.54 71.45 -92.14
CA ALA Q 183 -7.91 70.80 -90.88
C ALA Q 183 -8.50 71.81 -89.91
N TYR Q 184 -7.92 73.01 -89.85
CA TYR Q 184 -8.46 74.07 -89.01
C TYR Q 184 -9.87 74.43 -89.43
N ALA Q 185 -10.11 74.52 -90.74
CA ALA Q 185 -11.43 74.86 -91.24
C ALA Q 185 -12.46 73.80 -90.89
N PHE Q 186 -12.11 72.52 -91.07
CA PHE Q 186 -13.03 71.46 -90.69
C PHE Q 186 -13.29 71.44 -89.19
N GLN Q 187 -12.26 71.72 -88.40
CA GLN Q 187 -12.45 71.86 -86.96
C GLN Q 187 -13.46 72.95 -86.63
N ASP Q 188 -13.35 74.11 -87.28
CA ASP Q 188 -14.28 75.20 -87.03
C ASP Q 188 -15.69 74.83 -87.45
N LEU Q 189 -15.84 74.13 -88.58
CA LEU Q 189 -17.17 73.74 -89.03
C LEU Q 189 -17.81 72.76 -88.05
N LYS Q 190 -17.05 71.78 -87.56
CA LYS Q 190 -17.59 70.85 -86.58
C LYS Q 190 -17.92 71.55 -85.27
N ALA Q 191 -17.11 72.53 -84.87
CA ALA Q 191 -17.41 73.31 -83.68
C ALA Q 191 -18.72 74.07 -83.84
N LEU Q 192 -18.96 74.63 -85.02
CA LEU Q 192 -20.23 75.30 -85.27
C LEU Q 192 -21.41 74.33 -85.18
N GLN Q 193 -21.27 73.15 -85.79
CA GLN Q 193 -22.37 72.18 -85.71
C GLN Q 193 -22.67 71.81 -84.27
N ALA Q 194 -21.63 71.55 -83.48
CA ALA Q 194 -21.81 71.20 -82.08
C ALA Q 194 -22.45 72.35 -81.30
N GLU Q 195 -22.01 73.59 -81.55
CA GLU Q 195 -22.55 74.73 -80.82
C GLU Q 195 -24.03 74.94 -81.13
N VAL Q 196 -24.42 74.75 -82.40
CA VAL Q 196 -25.83 74.88 -82.77
C VAL Q 196 -26.66 73.81 -82.06
N ASP Q 197 -26.19 72.56 -82.10
CA ASP Q 197 -26.95 71.50 -81.44
C ASP Q 197 -27.01 71.71 -79.94
N ALA Q 198 -25.99 72.36 -79.36
CA ALA Q 198 -25.99 72.62 -77.93
C ALA Q 198 -26.97 73.72 -77.56
N ASP Q 199 -27.01 74.79 -78.36
CA ASP Q 199 -27.95 75.88 -78.08
C ASP Q 199 -29.39 75.45 -78.35
N PHE Q 200 -29.57 74.37 -79.12
CA PHE Q 200 -30.92 73.85 -79.36
C PHE Q 200 -31.69 73.63 -78.05
N GLU Q 201 -31.06 73.05 -77.05
CA GLU Q 201 -31.77 72.71 -75.82
C GLU Q 201 -32.03 73.95 -74.97
N TRP Q 202 -31.18 74.98 -75.08
CA TRP Q 202 -31.45 76.23 -74.40
C TRP Q 202 -32.56 77.00 -75.12
N LEU Q 203 -32.79 76.68 -76.38
CA LEU Q 203 -33.96 77.22 -77.08
C LEU Q 203 -35.25 76.59 -76.57
N GLY Q 204 -35.17 75.37 -76.04
CA GLY Q 204 -36.32 74.65 -75.54
C GLY Q 204 -36.59 74.81 -74.06
N GLU Q 205 -36.05 75.85 -73.45
CA GLU Q 205 -36.28 76.10 -72.02
C GLU Q 205 -37.59 76.83 -71.80
N PHE Q 206 -38.13 76.69 -70.58
CA PHE Q 206 -39.35 77.41 -70.22
C PHE Q 206 -39.06 78.86 -69.91
N GLY Q 207 -37.97 79.13 -69.19
CA GLY Q 207 -37.69 80.45 -68.67
C GLY Q 207 -36.70 81.28 -69.45
N ILE Q 208 -36.46 80.97 -70.72
CA ILE Q 208 -35.54 81.80 -71.51
C ILE Q 208 -36.13 83.19 -71.71
N ASP Q 209 -37.42 83.28 -71.99
CA ASP Q 209 -38.10 84.57 -72.13
C ASP Q 209 -38.20 85.20 -70.74
N GLN Q 210 -37.39 86.22 -70.49
CA GLN Q 210 -37.35 86.80 -69.16
C GLN Q 210 -37.82 88.25 -69.12
N GLU Q 211 -37.19 89.10 -69.92
CA GLU Q 211 -37.27 90.54 -69.76
C GLU Q 211 -37.03 91.22 -71.10
N ASP Q 212 -37.42 92.49 -71.20
CA ASP Q 212 -37.00 93.29 -72.33
C ASP Q 212 -35.49 93.27 -72.49
N GLY Q 213 -35.04 92.66 -73.59
CA GLY Q 213 -33.62 92.46 -73.82
C GLY Q 213 -33.12 91.07 -73.53
N ASN Q 214 -33.86 90.26 -72.76
CA ASN Q 214 -33.53 88.85 -72.58
C ASN Q 214 -34.81 88.05 -72.88
N TYR Q 215 -35.03 87.74 -74.15
CA TYR Q 215 -36.18 86.91 -74.52
C TYR Q 215 -35.96 86.37 -75.93
N VAL Q 216 -36.80 85.41 -76.30
CA VAL Q 216 -36.69 84.69 -77.56
C VAL Q 216 -37.92 84.99 -78.40
N GLN Q 217 -37.69 85.50 -79.62
CA GLN Q 217 -38.78 85.76 -80.54
C GLN Q 217 -39.16 84.50 -81.30
N ARG Q 218 -40.30 84.56 -81.99
CA ARG Q 218 -40.86 83.36 -82.61
C ARG Q 218 -40.15 83.03 -83.93
N TYR Q 219 -39.28 83.91 -84.41
CA TYR Q 219 -38.63 83.65 -85.69
C TYR Q 219 -37.19 83.17 -85.51
N HIS Q 220 -36.66 83.26 -84.28
CA HIS Q 220 -35.30 82.78 -84.01
C HIS Q 220 -35.17 81.29 -84.30
N LEU Q 221 -36.15 80.50 -83.84
CA LEU Q 221 -36.04 79.05 -83.94
C LEU Q 221 -36.02 78.56 -85.38
N PRO Q 222 -36.88 79.04 -86.29
CA PRO Q 222 -36.77 78.59 -87.69
C PRO Q 222 -35.43 78.95 -88.33
N ALA Q 223 -34.85 80.10 -87.99
CA ALA Q 223 -33.54 80.46 -88.52
C ALA Q 223 -32.48 79.48 -88.04
N VAL Q 224 -32.48 79.17 -86.74
CA VAL Q 224 -31.52 78.22 -86.20
C VAL Q 224 -31.74 76.84 -86.83
N GLU Q 225 -33.01 76.46 -87.06
CA GLU Q 225 -33.31 75.14 -87.62
C GLU Q 225 -32.80 75.02 -89.05
N ALA Q 226 -33.02 76.07 -89.86
CA ALA Q 226 -32.51 76.05 -91.22
C ALA Q 226 -30.98 76.00 -91.23
N LEU Q 227 -30.34 76.78 -90.36
CA LEU Q 227 -28.88 76.74 -90.29
C LEU Q 227 -28.41 75.34 -89.91
N LYS Q 228 -29.09 74.69 -88.98
CA LYS Q 228 -28.68 73.35 -88.55
C LYS Q 228 -28.84 72.34 -89.67
N ALA Q 229 -29.97 72.37 -90.39
CA ALA Q 229 -30.17 71.43 -91.48
C ALA Q 229 -29.12 71.63 -92.58
N GLU Q 230 -28.81 72.88 -92.89
CA GLU Q 230 -27.81 73.15 -93.91
C GLU Q 230 -26.43 72.66 -93.48
N VAL Q 231 -26.06 72.90 -92.22
CA VAL Q 231 -24.75 72.42 -91.73
C VAL Q 231 -24.71 70.89 -91.77
N ASP Q 232 -25.83 70.25 -91.43
CA ASP Q 232 -25.88 68.77 -91.42
C ASP Q 232 -25.63 68.25 -92.84
N ALA Q 233 -26.32 68.80 -93.84
CA ALA Q 233 -26.12 68.36 -95.22
C ALA Q 233 -24.71 68.67 -95.70
N ARG Q 234 -24.18 69.84 -95.34
CA ARG Q 234 -22.83 70.22 -95.77
C ARG Q 234 -21.79 69.27 -95.22
N VAL Q 235 -21.91 68.90 -93.93
CA VAL Q 235 -20.96 67.99 -93.33
C VAL Q 235 -21.07 66.60 -93.98
N ALA Q 236 -22.31 66.15 -94.22
CA ALA Q 236 -22.48 64.87 -94.89
C ALA Q 236 -21.82 64.87 -96.27
N ALA Q 237 -21.82 66.01 -96.94
CA ALA Q 237 -21.14 66.10 -98.24
C ALA Q 237 -19.62 66.14 -98.08
N ILE Q 238 -19.13 66.86 -97.07
CA ILE Q 238 -17.69 67.10 -96.95
C ILE Q 238 -16.98 65.86 -96.38
N GLU Q 239 -17.73 64.95 -95.75
CA GLU Q 239 -17.09 63.77 -95.18
C GLU Q 239 -16.32 62.91 -96.18
N PRO Q 240 -16.93 62.34 -97.24
CA PRO Q 240 -16.14 61.47 -98.13
C PRO Q 240 -14.99 62.19 -98.81
N LEU Q 241 -15.17 63.47 -99.13
CA LEU Q 241 -14.08 64.24 -99.75
C LEU Q 241 -12.89 64.34 -98.82
N ARG Q 242 -13.12 64.66 -97.55
CA ARG Q 242 -12.02 64.75 -96.59
C ARG Q 242 -11.36 63.38 -96.38
N ALA Q 243 -12.17 62.32 -96.32
CA ALA Q 243 -11.60 60.98 -96.16
C ALA Q 243 -10.68 60.64 -97.32
N ASP Q 244 -11.15 60.84 -98.56
CA ASP Q 244 -10.34 60.53 -99.72
C ASP Q 244 -9.10 61.40 -99.80
N SER Q 245 -9.24 62.68 -99.45
CA SER Q 245 -8.09 63.58 -99.46
C SER Q 245 -7.02 63.13 -98.49
N ILE Q 246 -7.41 62.76 -97.27
CA ILE Q 246 -6.43 62.27 -96.30
C ILE Q 246 -5.78 60.99 -96.82
N ALA Q 247 -6.59 60.06 -97.34
CA ALA Q 247 -6.06 58.77 -97.77
C ALA Q 247 -5.04 58.93 -98.89
N LYS Q 248 -5.30 59.83 -99.83
CA LYS Q 248 -4.39 59.96 -100.97
C LYS Q 248 -3.21 60.86 -100.65
N ASN Q 249 -3.42 61.88 -99.82
CA ASN Q 249 -2.32 62.77 -99.47
C ASN Q 249 -1.32 62.08 -98.54
N LEU Q 250 -1.78 61.11 -97.75
CA LEU Q 250 -0.85 60.32 -96.96
C LEU Q 250 0.01 59.42 -97.85
N GLU Q 251 -0.62 58.79 -98.84
CA GLU Q 251 0.10 57.90 -99.73
C GLU Q 251 1.08 58.66 -100.62
N ALA Q 252 0.77 59.92 -100.95
CA ALA Q 252 1.65 60.74 -101.77
C ALA Q 252 2.82 61.32 -100.99
N GLN Q 253 2.97 60.95 -99.72
CA GLN Q 253 4.14 61.32 -98.95
C GLN Q 253 5.11 60.17 -98.75
N LYS Q 254 4.66 58.93 -98.97
CA LYS Q 254 5.58 57.79 -98.92
C LYS Q 254 6.63 57.89 -100.02
N SER Q 255 6.23 58.29 -101.21
CA SER Q 255 7.11 58.29 -102.38
C SER Q 255 7.66 59.69 -102.63
N ASP Q 256 8.88 59.74 -103.17
CA ASP Q 256 9.49 60.99 -103.60
C ASP Q 256 10.01 60.78 -105.02
N VAL Q 257 9.40 61.49 -105.97
CA VAL Q 257 9.60 61.17 -107.39
C VAL Q 257 10.97 61.62 -107.87
N LEU Q 258 11.56 62.63 -107.22
CA LEU Q 258 12.83 63.16 -107.69
C LEU Q 258 13.98 62.18 -107.44
N VAL Q 259 13.93 61.46 -106.32
CA VAL Q 259 14.92 60.41 -106.07
C VAL Q 259 14.85 59.34 -107.15
N ARG Q 260 13.64 58.94 -107.51
CA ARG Q 260 13.47 57.90 -108.52
C ARG Q 260 13.94 58.37 -109.89
N GLN Q 261 13.73 59.65 -110.20
CA GLN Q 261 14.30 60.22 -111.42
C GLN Q 261 15.82 60.19 -111.39
N LEU Q 262 16.41 60.54 -110.24
CA LEU Q 262 17.87 60.50 -110.12
C LEU Q 262 18.40 59.10 -110.34
N PHE Q 263 17.71 58.09 -109.80
CA PHE Q 263 18.16 56.72 -109.98
C PHE Q 263 17.99 56.27 -111.43
N LEU Q 264 16.94 56.71 -112.11
CA LEU Q 264 16.80 56.43 -113.53
C LEU Q 264 17.96 57.01 -114.32
N GLU Q 265 18.34 58.26 -114.02
CA GLU Q 265 19.45 58.88 -114.75
C GLU Q 265 20.77 58.16 -114.48
N ARG Q 266 20.99 57.75 -113.23
CA ARG Q 266 22.20 56.97 -112.92
C ARG Q 266 22.20 55.64 -113.66
N ALA Q 267 21.04 54.99 -113.76
CA ALA Q 267 20.97 53.72 -114.48
C ALA Q 267 21.26 53.91 -115.96
N THR Q 268 20.80 55.01 -116.55
CA THR Q 268 21.13 55.30 -117.95
C THR Q 268 22.63 55.49 -118.13
N ALA Q 269 23.27 56.26 -117.25
CA ALA Q 269 24.72 56.44 -117.34
C ALA Q 269 25.44 55.11 -117.20
N GLN Q 270 24.98 54.27 -116.28
CA GLN Q 270 25.56 52.94 -116.14
C GLN Q 270 25.40 52.13 -117.42
N ARG Q 271 24.24 52.21 -118.06
CA ARG Q 271 24.02 51.43 -119.28
C ARG Q 271 24.97 51.85 -120.39
N ASP Q 272 25.15 53.14 -120.61
CA ASP Q 272 25.96 53.54 -121.76
C ASP Q 272 27.45 53.31 -121.48
N THR Q 273 27.88 53.53 -120.23
CA THR Q 273 29.25 53.15 -119.87
C THR Q 273 29.46 51.64 -120.02
N LEU Q 274 28.43 50.86 -119.71
CA LEU Q 274 28.52 49.40 -119.85
C LEU Q 274 28.70 49.00 -121.30
N ARG Q 275 27.95 49.62 -122.22
CA ARG Q 275 28.13 49.22 -123.62
C ARG Q 275 29.47 49.68 -124.16
N VAL Q 276 29.98 50.82 -123.66
CA VAL Q 276 31.34 51.23 -124.05
C VAL Q 276 32.36 50.18 -123.60
N VAL Q 277 32.24 49.71 -122.37
CA VAL Q 277 33.17 48.71 -121.85
C VAL Q 277 33.05 47.40 -122.61
N GLU Q 278 31.81 46.98 -122.91
CA GLU Q 278 31.61 45.74 -123.66
C GLU Q 278 32.21 45.84 -125.05
N ALA Q 279 32.08 47.00 -125.70
CA ALA Q 279 32.73 47.20 -126.99
C ALA Q 279 34.24 47.09 -126.86
N ILE Q 280 34.81 47.69 -125.80
CA ILE Q 280 36.25 47.58 -125.58
C ILE Q 280 36.68 46.12 -125.50
N PHE Q 281 35.97 45.33 -124.69
CA PHE Q 281 36.37 43.93 -124.50
C PHE Q 281 36.19 43.12 -125.77
N SER Q 282 35.10 43.32 -126.49
CA SER Q 282 34.89 42.57 -127.73
C SER Q 282 35.95 42.93 -128.77
N THR Q 283 36.29 44.21 -128.87
CA THR Q 283 37.32 44.64 -129.80
C THR Q 283 38.67 44.00 -129.46
N SER Q 284 39.04 44.02 -128.18
CA SER Q 284 40.31 43.41 -127.79
C SER Q 284 40.30 41.90 -128.06
N ALA Q 285 39.18 41.23 -127.79
CA ALA Q 285 39.10 39.80 -128.04
C ALA Q 285 39.26 39.47 -129.52
N ARG Q 286 38.61 40.24 -130.40
CA ARG Q 286 38.75 39.99 -131.83
C ARG Q 286 40.16 40.32 -132.31
N TYR Q 287 40.77 41.38 -131.76
CA TYR Q 287 42.14 41.72 -132.13
C TYR Q 287 43.10 40.60 -131.78
N VAL Q 288 42.94 40.00 -130.60
CA VAL Q 288 43.83 38.91 -130.21
C VAL Q 288 43.53 37.66 -131.03
N GLU Q 289 42.25 37.36 -131.26
CA GLU Q 289 41.89 36.12 -131.93
C GLU Q 289 42.36 36.06 -133.38
N LEU Q 290 42.59 37.20 -134.01
CA LEU Q 290 43.02 37.24 -135.41
C LEU Q 290 44.54 37.09 -135.56
N TYR Q 291 45.22 36.57 -134.54
CA TYR Q 291 46.65 36.31 -134.60
C TYR Q 291 46.92 35.15 -135.56
N GLU Q 292 47.44 35.47 -136.74
CA GLU Q 292 47.77 34.47 -137.76
C GLU Q 292 46.57 33.58 -138.08
N ASN Q 293 45.39 34.19 -138.11
CA ASN Q 293 44.16 33.46 -138.43
C ASN Q 293 43.90 33.50 -139.92
N VAL Q 294 43.15 32.50 -140.39
CA VAL Q 294 42.76 32.43 -141.80
C VAL Q 294 41.81 33.55 -142.19
N GLU Q 295 41.23 34.25 -141.20
CA GLU Q 295 40.28 35.32 -141.46
C GLU Q 295 40.92 36.70 -141.49
N ASN Q 296 42.21 36.80 -141.16
CA ASN Q 296 42.90 38.09 -141.19
C ASN Q 296 43.28 38.39 -142.64
N VAL Q 297 42.38 39.04 -143.36
CA VAL Q 297 42.56 39.29 -144.78
C VAL Q 297 42.93 40.76 -144.98
N ASN Q 298 43.28 41.09 -146.22
CA ASN Q 298 43.68 42.45 -146.58
C ASN Q 298 42.47 43.23 -147.06
N VAL Q 299 42.26 44.40 -146.46
CA VAL Q 299 41.17 45.29 -146.84
C VAL Q 299 41.65 46.73 -146.70
N GLU Q 300 41.47 47.52 -147.76
CA GLU Q 300 41.76 48.96 -147.74
C GLU Q 300 43.22 49.23 -147.35
N ASN Q 301 44.14 48.66 -148.13
CA ASN Q 301 45.57 48.88 -147.96
C ASN Q 301 46.07 48.50 -146.56
N LYS Q 302 45.39 47.55 -145.92
CA LYS Q 302 45.75 47.12 -144.57
C LYS Q 302 45.08 45.79 -144.29
N THR Q 303 45.42 45.23 -143.13
CA THR Q 303 44.77 44.02 -142.66
C THR Q 303 43.69 44.37 -141.63
N LEU Q 304 42.99 43.34 -141.17
CA LEU Q 304 41.82 43.54 -140.33
C LEU Q 304 42.20 44.10 -138.96
N ARG Q 305 43.37 43.72 -138.46
CA ARG Q 305 43.73 44.05 -137.08
C ARG Q 305 44.16 45.50 -136.93
N GLN Q 306 44.69 46.11 -138.00
CA GLN Q 306 45.15 47.49 -137.89
C GLN Q 306 44.00 48.45 -137.66
N HIS Q 307 42.82 48.19 -138.23
CA HIS Q 307 41.65 49.00 -137.94
C HIS Q 307 41.28 48.91 -136.46
N TYR Q 308 41.27 47.70 -135.92
CA TYR Q 308 40.95 47.51 -134.51
C TYR Q 308 41.95 48.25 -133.63
N SER Q 309 43.23 48.21 -134.01
CA SER Q 309 44.25 48.94 -133.26
C SER Q 309 44.01 50.44 -133.32
N ALA Q 310 43.66 50.95 -134.50
CA ALA Q 310 43.40 52.38 -134.64
C ALA Q 310 42.15 52.81 -133.88
N LEU Q 311 41.25 51.88 -133.58
CA LEU Q 311 40.05 52.19 -132.80
C LEU Q 311 40.36 52.64 -131.38
N ILE Q 312 41.64 52.68 -130.97
CA ILE Q 312 41.95 52.85 -129.54
C ILE Q 312 41.67 54.27 -129.04
N PRO Q 313 42.19 55.34 -129.66
CA PRO Q 313 41.92 56.68 -129.10
C PRO Q 313 40.45 57.05 -129.06
N ASN Q 314 39.66 56.58 -130.03
CA ASN Q 314 38.22 56.81 -129.99
C ASN Q 314 37.61 56.23 -128.73
N LEU Q 315 37.91 54.95 -128.45
CA LEU Q 315 37.38 54.30 -127.26
C LEU Q 315 37.90 54.98 -125.99
N PHE Q 316 39.14 55.46 -126.02
CA PHE Q 316 39.69 56.17 -124.87
C PHE Q 316 38.88 57.42 -124.56
N ILE Q 317 38.64 58.25 -125.57
CA ILE Q 317 37.88 59.49 -125.35
C ILE Q 317 36.45 59.16 -124.92
N ALA Q 318 35.82 58.18 -125.57
CA ALA Q 318 34.45 57.82 -125.21
C ALA Q 318 34.37 57.35 -123.77
N ALA Q 319 35.31 56.51 -123.35
CA ALA Q 319 35.31 56.00 -121.97
C ALA Q 319 35.53 57.13 -120.98
N VAL Q 320 36.43 58.07 -121.29
CA VAL Q 320 36.69 59.16 -120.36
C VAL Q 320 35.43 60.00 -120.17
N ALA Q 321 34.76 60.33 -121.26
CA ALA Q 321 33.54 61.13 -121.17
C ALA Q 321 32.45 60.39 -120.38
N ASN Q 322 32.24 59.10 -120.69
CA ASN Q 322 31.21 58.34 -120.00
C ASN Q 322 31.53 58.21 -118.52
N ILE Q 323 32.80 58.02 -118.18
CA ILE Q 323 33.19 57.89 -116.77
C ILE Q 323 32.94 59.19 -116.03
N SER Q 324 33.27 60.33 -116.65
CA SER Q 324 33.02 61.61 -115.97
C SER Q 324 31.53 61.82 -115.73
N GLU Q 325 30.69 61.51 -116.73
CA GLU Q 325 29.26 61.69 -116.53
C GLU Q 325 28.71 60.73 -115.48
N LEU Q 326 29.23 59.49 -115.44
CA LEU Q 326 28.78 58.54 -114.44
C LEU Q 326 29.18 58.97 -113.03
N ASN Q 327 30.38 59.54 -112.89
CA ASN Q 327 30.79 60.06 -111.59
C ASN Q 327 29.88 61.20 -111.14
N ALA Q 328 29.56 62.11 -112.06
CA ALA Q 328 28.65 63.20 -111.70
C ALA Q 328 27.28 62.66 -111.28
N ALA Q 329 26.74 61.69 -112.02
CA ALA Q 329 25.44 61.13 -111.67
C ALA Q 329 25.48 60.42 -110.33
N ASP Q 330 26.56 59.68 -110.05
CA ASP Q 330 26.70 58.98 -108.78
C ASP Q 330 26.71 59.98 -107.62
N ALA Q 331 27.49 61.05 -107.75
CA ALA Q 331 27.52 62.05 -106.69
C ALA Q 331 26.16 62.69 -106.50
N GLU Q 332 25.46 62.99 -107.60
CA GLU Q 332 24.16 63.63 -107.51
C GLU Q 332 23.17 62.74 -106.77
N ALA Q 333 23.10 61.46 -107.13
CA ALA Q 333 22.13 60.58 -106.49
C ALA Q 333 22.52 60.26 -105.05
N ALA Q 334 23.81 60.25 -104.73
CA ALA Q 334 24.22 59.94 -103.37
C ALA Q 334 23.96 61.11 -102.43
N ALA Q 335 24.23 62.34 -102.87
CA ALA Q 335 24.12 63.49 -101.97
C ALA Q 335 22.68 63.92 -101.72
N TYR Q 336 21.73 63.47 -102.52
CA TYR Q 336 20.34 63.90 -102.40
C TYR Q 336 19.40 62.70 -102.31
N TYR Q 337 19.78 61.70 -101.52
CA TYR Q 337 18.87 60.58 -101.26
C TYR Q 337 17.73 61.00 -100.35
N LEU Q 338 18.03 61.83 -99.34
CA LEU Q 338 17.01 62.36 -98.43
C LEU Q 338 17.38 63.81 -98.14
N HIS Q 339 16.84 64.72 -98.94
CA HIS Q 339 17.14 66.13 -98.82
C HIS Q 339 15.88 66.94 -99.10
N TRP Q 340 15.89 68.19 -98.64
CA TRP Q 340 14.76 69.08 -98.88
C TRP Q 340 14.56 69.35 -100.36
N ASP Q 341 15.65 69.53 -101.11
CA ASP Q 341 15.59 69.90 -102.52
C ASP Q 341 15.05 68.77 -103.37
N THR Q 342 14.61 67.69 -102.73
CA THR Q 342 14.03 66.56 -103.42
C THR Q 342 12.57 66.33 -103.06
N ASP Q 343 12.17 66.56 -101.81
CA ASP Q 343 10.77 66.61 -101.39
C ASP Q 343 10.47 68.07 -101.07
N LEU Q 344 9.83 68.77 -102.00
CA LEU Q 344 9.68 70.20 -101.93
C LEU Q 344 8.38 70.58 -101.21
N ALA Q 345 7.99 71.85 -101.32
CA ALA Q 345 6.93 72.41 -100.49
C ALA Q 345 5.59 71.71 -100.73
N THR Q 346 5.04 71.85 -101.93
CA THR Q 346 3.75 71.25 -102.19
C THR Q 346 3.91 69.74 -102.34
N ASN Q 347 2.81 69.01 -102.14
CA ASN Q 347 2.86 67.59 -102.44
C ASN Q 347 2.97 67.35 -103.94
N ASP Q 348 2.44 68.28 -104.75
CA ASP Q 348 2.43 68.10 -106.20
C ASP Q 348 3.84 68.02 -106.76
N GLU Q 349 4.65 69.07 -106.55
CA GLU Q 349 6.01 69.18 -107.05
C GLU Q 349 6.15 68.61 -108.46
N ASP Q 350 5.32 69.13 -109.37
CA ASP Q 350 5.31 68.64 -110.75
C ASP Q 350 6.17 69.50 -111.68
N GLU Q 351 6.26 70.80 -111.42
CA GLU Q 351 7.04 71.67 -112.28
C GLU Q 351 8.52 71.28 -112.26
N ALA Q 352 9.04 70.96 -111.07
CA ALA Q 352 10.43 70.55 -110.98
C ALA Q 352 10.66 69.22 -111.68
N TYR Q 353 9.71 68.29 -111.56
CA TYR Q 353 9.83 67.01 -112.25
C TYR Q 353 9.86 67.21 -113.76
N TYR Q 354 8.99 68.08 -114.27
CA TYR Q 354 8.95 68.27 -115.72
C TYR Q 354 10.18 69.02 -116.23
N LYS Q 355 10.70 69.97 -115.44
CA LYS Q 355 11.95 70.62 -115.81
C LYS Q 355 13.11 69.62 -115.84
N ALA Q 356 13.19 68.75 -114.84
CA ALA Q 356 14.23 67.72 -114.82
C ALA Q 356 14.07 66.74 -115.97
N LYS Q 357 12.83 66.37 -116.32
CA LYS Q 357 12.60 65.48 -117.43
C LYS Q 357 13.05 66.12 -118.74
N LEU Q 358 12.79 67.42 -118.90
CA LEU Q 358 13.28 68.14 -120.08
C LEU Q 358 14.80 68.12 -120.15
N ASP Q 359 15.47 68.43 -119.04
CA ASP Q 359 16.93 68.42 -119.05
C ASP Q 359 17.47 67.03 -119.37
N PHE Q 360 16.85 65.99 -118.80
CA PHE Q 360 17.27 64.62 -119.05
C PHE Q 360 17.10 64.24 -120.52
N ALA Q 361 15.97 64.63 -121.12
CA ALA Q 361 15.75 64.33 -122.54
C ALA Q 361 16.76 65.06 -123.43
N ILE Q 362 17.06 66.32 -123.10
CA ILE Q 362 18.07 67.06 -123.86
C ILE Q 362 19.41 66.35 -123.80
N GLU Q 363 19.81 65.94 -122.60
CA GLU Q 363 21.08 65.24 -122.43
C GLU Q 363 21.10 63.92 -123.20
N THR Q 364 20.00 63.17 -123.14
CA THR Q 364 19.94 61.88 -123.84
C THR Q 364 20.05 62.06 -125.35
N TYR Q 365 19.35 63.05 -125.90
CA TYR Q 365 19.40 63.27 -127.33
C TYR Q 365 20.80 63.74 -127.77
N ALA Q 366 21.44 64.59 -126.96
CA ALA Q 366 22.82 64.98 -127.28
C ALA Q 366 23.76 63.78 -127.21
N LYS Q 367 23.55 62.90 -126.22
CA LYS Q 367 24.42 61.74 -126.05
C LYS Q 367 24.28 60.76 -127.20
N ILE Q 368 23.09 60.64 -127.78
CA ILE Q 368 22.92 59.77 -128.94
C ILE Q 368 23.88 60.17 -130.04
N LEU Q 369 23.91 61.46 -130.37
CA LEU Q 369 24.82 61.96 -131.41
C LEU Q 369 26.27 61.79 -130.99
N PHE Q 370 26.60 62.13 -129.74
CA PHE Q 370 27.99 62.04 -129.28
C PHE Q 370 28.52 60.61 -129.41
N ASN Q 371 27.77 59.64 -128.87
CA ASN Q 371 28.21 58.25 -128.92
C ASN Q 371 28.23 57.71 -130.33
N GLY Q 372 27.23 58.07 -131.15
CA GLY Q 372 27.24 57.61 -132.53
C GLY Q 372 28.43 58.12 -133.30
N GLU Q 373 28.86 59.35 -133.03
CA GLU Q 373 29.96 59.90 -133.80
C GLU Q 373 31.31 59.47 -133.28
N VAL Q 374 31.44 59.19 -131.99
CA VAL Q 374 32.77 58.96 -131.41
C VAL Q 374 33.24 57.52 -131.62
N TRP Q 375 32.45 56.53 -131.22
CA TRP Q 375 32.94 55.16 -131.22
C TRP Q 375 32.04 54.14 -131.91
N GLN Q 376 30.73 54.35 -131.99
CA GLN Q 376 29.86 53.30 -132.52
C GLN Q 376 30.15 53.01 -133.98
N GLU Q 377 30.29 54.04 -134.79
CA GLU Q 377 30.37 53.82 -136.23
C GLU Q 377 31.76 53.42 -136.70
N PRO Q 378 32.83 53.98 -136.12
CA PRO Q 378 34.16 53.39 -136.39
C PRO Q 378 34.23 51.89 -136.10
N LEU Q 379 33.59 51.43 -135.03
CA LEU Q 379 33.57 50.00 -134.73
C LEU Q 379 32.66 49.24 -135.70
N ALA Q 380 31.51 49.83 -136.02
CA ALA Q 380 30.56 49.16 -136.91
C ALA Q 380 31.16 48.97 -138.29
N TYR Q 381 31.99 49.91 -138.74
CA TYR Q 381 32.62 49.78 -140.04
C TYR Q 381 33.54 48.57 -140.09
N VAL Q 382 34.37 48.39 -139.06
CA VAL Q 382 35.28 47.24 -139.02
C VAL Q 382 34.50 45.94 -138.91
N GLN Q 383 33.44 45.92 -138.09
CA GLN Q 383 32.64 44.71 -137.98
C GLN Q 383 31.94 44.38 -139.29
N ASN Q 384 31.51 45.40 -140.04
CA ASN Q 384 30.92 45.16 -141.35
C ASN Q 384 31.97 44.62 -142.33
N LEU Q 385 33.20 45.12 -142.25
CA LEU Q 385 34.27 44.53 -143.06
C LEU Q 385 34.44 43.05 -142.76
N ASP Q 386 34.47 42.71 -141.46
CA ASP Q 386 34.55 41.31 -141.05
C ASP Q 386 33.42 40.48 -141.65
N ALA Q 387 32.18 40.93 -141.45
CA ALA Q 387 31.03 40.16 -141.89
C ALA Q 387 31.00 40.03 -143.40
N GLY Q 388 31.36 41.10 -144.12
CA GLY Q 388 31.41 41.04 -145.56
C GLY Q 388 32.45 40.05 -146.06
N ALA Q 389 33.61 40.02 -145.42
CA ALA Q 389 34.64 39.05 -145.81
C ALA Q 389 34.13 37.62 -145.63
N ARG Q 390 33.55 37.32 -144.47
CA ARG Q 390 33.05 35.97 -144.25
C ARG Q 390 31.94 35.62 -145.24
N GLN Q 391 31.02 36.56 -145.48
CA GLN Q 391 29.91 36.29 -146.38
C GLN Q 391 30.39 36.05 -147.81
N GLU Q 392 31.35 36.85 -148.27
CA GLU Q 392 31.84 36.67 -149.63
C GLU Q 392 32.58 35.34 -149.78
N ALA Q 393 33.37 34.96 -148.76
CA ALA Q 393 33.99 33.64 -148.82
C ALA Q 393 32.94 32.54 -148.87
N ALA Q 394 31.90 32.66 -148.05
CA ALA Q 394 30.89 31.62 -147.96
C ALA Q 394 30.13 31.46 -149.28
N ASP Q 395 29.65 32.57 -149.84
CA ASP Q 395 28.84 32.41 -151.06
C ASP Q 395 29.72 32.15 -152.27
N ARG Q 396 31.01 32.51 -152.21
CA ARG Q 396 31.93 32.07 -153.26
C ARG Q 396 32.05 30.56 -153.27
N GLU Q 397 32.25 29.97 -152.09
CA GLU Q 397 32.30 28.50 -152.01
C GLU Q 397 30.99 27.88 -152.46
N ALA Q 398 29.86 28.45 -152.03
CA ALA Q 398 28.56 27.91 -152.40
C ALA Q 398 28.34 27.99 -153.91
N ALA Q 399 28.71 29.11 -154.52
CA ALA Q 399 28.55 29.26 -155.96
C ALA Q 399 29.44 28.28 -156.72
N ARG Q 400 30.67 28.08 -156.24
CA ARG Q 400 31.54 27.10 -156.88
C ARG Q 400 30.93 25.71 -156.83
N ALA Q 401 30.43 25.32 -155.66
CA ALA Q 401 29.81 24.00 -155.53
C ALA Q 401 28.57 23.88 -156.41
N ALA Q 402 27.74 24.93 -156.45
CA ALA Q 402 26.54 24.88 -157.27
C ALA Q 402 26.87 24.77 -158.74
N ASP Q 403 27.88 25.52 -159.20
CA ASP Q 403 28.28 25.43 -160.60
C ASP Q 403 28.80 24.03 -160.93
N GLU Q 404 29.61 23.45 -160.05
CA GLU Q 404 30.13 22.11 -160.30
C GLU Q 404 28.99 21.10 -160.38
N ALA Q 405 28.05 21.18 -159.45
CA ALA Q 405 26.92 20.25 -159.44
C ALA Q 405 26.06 20.42 -160.68
N TYR Q 406 25.83 21.65 -161.10
CA TYR Q 406 25.00 21.92 -162.28
C TYR Q 406 25.67 21.36 -163.54
N ARG Q 407 26.98 21.59 -163.67
CA ARG Q 407 27.70 21.04 -164.81
C ARG Q 407 27.66 19.52 -164.82
N ALA Q 408 27.87 18.89 -163.67
CA ALA Q 408 27.83 17.43 -163.59
C ALA Q 408 26.45 16.91 -163.95
N GLU Q 409 25.40 17.57 -163.46
CA GLU Q 409 24.03 17.17 -163.79
C GLU Q 409 23.77 17.26 -165.28
N GLN Q 410 24.14 18.37 -165.91
CA GLN Q 410 23.93 18.51 -167.35
C GLN Q 410 24.68 17.44 -168.12
N LEU Q 411 25.95 17.21 -167.78
CA LEU Q 411 26.75 16.24 -168.50
C LEU Q 411 26.17 14.83 -168.35
N ARG Q 412 25.77 14.47 -167.13
CA ARG Q 412 25.23 13.13 -166.91
C ARG Q 412 23.90 12.94 -167.63
N ILE Q 413 23.05 13.98 -167.64
CA ILE Q 413 21.78 13.87 -168.36
C ILE Q 413 22.02 13.72 -169.85
N ALA Q 414 22.94 14.53 -170.41
CA ALA Q 414 23.21 14.45 -171.84
C ALA Q 414 23.78 13.08 -172.22
N GLN Q 415 24.74 12.59 -171.44
CA GLN Q 415 25.33 11.28 -171.74
C GLN Q 415 24.30 10.15 -171.58
N GLU Q 416 23.44 10.24 -170.58
CA GLU Q 416 22.48 9.18 -170.35
C GLU Q 416 21.45 9.16 -171.47
N ALA Q 417 21.02 10.34 -171.92
CA ALA Q 417 20.18 10.40 -173.11
C ALA Q 417 20.91 9.88 -174.34
N ALA Q 418 22.23 10.10 -174.39
CA ALA Q 418 23.02 9.55 -175.49
C ALA Q 418 22.94 8.02 -175.51
N ASP Q 419 23.11 7.39 -174.35
CA ASP Q 419 22.92 5.94 -174.29
C ASP Q 419 21.48 5.51 -174.59
N ALA Q 420 20.50 6.35 -174.27
CA ALA Q 420 19.13 6.05 -174.70
C ALA Q 420 19.03 6.01 -176.22
N GLN Q 421 19.62 7.00 -176.89
CA GLN Q 421 19.69 6.99 -178.35
C GLN Q 421 20.48 5.78 -178.84
N LYS Q 422 21.47 5.36 -178.06
CA LYS Q 422 22.25 4.17 -178.39
C LYS Q 422 21.36 2.93 -178.40
N ALA Q 423 20.51 2.82 -177.38
CA ALA Q 423 19.54 1.73 -177.33
C ALA Q 423 18.61 1.76 -178.52
N ILE Q 424 18.14 2.96 -178.89
CA ILE Q 424 17.31 3.09 -180.09
C ILE Q 424 18.07 2.56 -181.31
N ALA Q 425 19.32 2.98 -181.47
CA ALA Q 425 20.11 2.60 -182.63
C ALA Q 425 20.30 1.10 -182.70
N GLU Q 426 20.68 0.47 -181.58
CA GLU Q 426 20.91 -0.97 -181.60
C GLU Q 426 19.61 -1.73 -181.82
N ALA Q 427 18.50 -1.24 -181.27
CA ALA Q 427 17.23 -1.93 -181.43
C ALA Q 427 16.80 -1.94 -182.89
N LEU Q 428 16.75 -0.76 -183.53
CA LEU Q 428 16.32 -0.72 -184.92
C LEU Q 428 17.39 -1.20 -185.89
N ALA Q 429 18.63 -1.38 -185.43
CA ALA Q 429 19.60 -2.13 -186.23
C ALA Q 429 19.34 -3.63 -186.14
N LYS Q 430 18.93 -4.12 -184.97
CA LYS Q 430 18.71 -5.55 -184.79
C LYS Q 430 17.41 -5.99 -185.45
N GLU Q 431 16.38 -5.13 -185.45
CA GLU Q 431 15.12 -5.52 -186.06
C GLU Q 431 15.28 -5.83 -187.54
N ALA Q 432 16.08 -5.04 -188.24
CA ALA Q 432 16.36 -5.30 -189.65
C ALA Q 432 17.81 -5.70 -189.86
N GLU R 1 59.56 28.46 -152.05
CA GLU R 1 58.12 28.67 -152.04
C GLU R 1 57.79 30.01 -151.39
N THR R 2 56.54 30.17 -150.99
CA THR R 2 56.10 31.40 -150.34
C THR R 2 56.70 31.48 -148.95
N ASN R 3 56.34 32.52 -148.20
CA ASN R 3 56.79 32.67 -146.83
C ASN R 3 55.59 32.69 -145.89
N PRO R 4 55.00 31.54 -145.53
CA PRO R 4 53.81 31.55 -144.67
C PRO R 4 54.10 31.60 -143.18
N THR R 5 55.33 31.92 -142.79
CA THR R 5 55.72 31.77 -141.39
C THR R 5 54.87 32.62 -140.44
N PHE R 6 54.55 33.84 -140.80
CA PHE R 6 53.84 34.70 -139.86
C PHE R 6 52.43 35.10 -140.29
N ASN R 7 51.75 34.08 -140.73
CA ASN R 7 50.37 34.33 -141.04
C ASN R 7 49.89 33.13 -141.76
N ILE R 8 48.61 33.00 -141.89
CA ILE R 8 47.99 32.03 -142.82
C ILE R 8 47.95 30.64 -142.25
N THR R 9 48.45 30.49 -141.07
CA THR R 9 48.55 29.07 -140.65
C THR R 9 47.49 28.77 -139.66
N ASN R 10 47.86 27.90 -138.70
CA ASN R 10 46.93 27.72 -137.59
C ASN R 10 47.10 28.88 -136.61
N GLY R 11 46.02 29.63 -136.40
CA GLY R 11 46.14 30.90 -135.70
C GLY R 11 46.84 30.78 -134.37
N PHE R 12 46.62 29.67 -133.67
CA PHE R 12 47.31 29.40 -132.42
C PHE R 12 48.19 28.16 -132.62
N ASN R 13 49.50 28.36 -132.69
CA ASN R 13 50.43 27.31 -133.06
C ASN R 13 51.45 27.11 -131.94
N ASP R 14 51.85 25.85 -131.74
CA ASP R 14 52.85 25.55 -130.73
C ASP R 14 54.24 25.97 -131.18
N ALA R 15 54.43 26.15 -132.49
CA ALA R 15 55.75 26.44 -133.03
C ALA R 15 56.29 27.79 -132.59
N ASP R 16 55.42 28.73 -132.22
CA ASP R 16 55.85 30.06 -131.84
C ASP R 16 55.65 30.36 -130.35
N GLY R 17 54.90 29.52 -129.64
CA GLY R 17 54.53 29.83 -128.27
C GLY R 17 53.23 30.57 -128.14
N SER R 18 52.33 30.45 -129.10
CA SER R 18 51.05 31.14 -129.09
C SER R 18 49.90 30.24 -128.64
N THR R 19 50.09 28.92 -128.67
CA THR R 19 49.06 28.01 -128.22
C THR R 19 49.01 27.96 -126.69
N ILE R 20 47.94 27.36 -126.17
CA ILE R 20 47.75 27.20 -124.73
C ILE R 20 48.47 25.93 -124.29
N GLN R 21 48.85 25.88 -123.01
CA GLN R 21 49.60 24.75 -122.48
C GLN R 21 49.09 24.37 -121.10
N PRO R 22 48.43 23.22 -120.95
CA PRO R 22 48.04 22.75 -119.61
C PRO R 22 49.27 22.37 -118.82
N VAL R 23 49.30 22.76 -117.54
CA VAL R 23 50.45 22.53 -116.68
C VAL R 23 49.98 21.84 -115.39
N GLY R 24 50.69 20.78 -115.02
CA GLY R 24 50.60 20.24 -113.69
C GLY R 24 51.81 20.68 -112.89
N PRO R 25 51.90 20.30 -111.63
CA PRO R 25 53.10 20.64 -110.86
C PRO R 25 54.22 19.62 -111.04
N VAL R 26 55.33 20.05 -111.64
CA VAL R 26 56.53 19.23 -111.80
C VAL R 26 57.72 20.07 -111.39
N ASN R 27 58.62 19.49 -110.61
CA ASN R 27 59.75 20.23 -110.05
C ASN R 27 60.91 20.21 -111.01
N HIS R 28 61.19 21.35 -111.63
CA HIS R 28 62.43 21.57 -112.37
C HIS R 28 63.25 22.59 -111.59
N THR R 29 64.48 22.20 -111.25
CA THR R 29 65.29 22.98 -110.33
C THR R 29 65.70 24.31 -110.96
N GLU R 30 66.09 25.26 -110.10
CA GLU R 30 66.59 26.54 -110.59
C GLU R 30 67.79 26.36 -111.49
N GLU R 31 68.65 25.39 -111.18
CA GLU R 31 69.80 25.12 -112.04
C GLU R 31 69.36 24.61 -113.41
N THR R 32 68.37 23.72 -113.44
CA THR R 32 67.88 23.21 -114.72
C THR R 32 67.31 24.33 -115.58
N LEU R 33 66.52 25.22 -114.98
CA LEU R 33 65.96 26.34 -115.72
C LEU R 33 67.05 27.29 -116.20
N ARG R 34 68.06 27.54 -115.35
CA ARG R 34 69.15 28.42 -115.77
C ARG R 34 69.92 27.82 -116.93
N ASP R 35 70.14 26.50 -116.91
CA ASP R 35 70.80 25.84 -118.02
C ASP R 35 69.96 25.96 -119.29
N LEU R 36 68.65 25.72 -119.18
CA LEU R 36 67.79 25.77 -120.36
C LEU R 36 67.74 27.19 -120.94
N THR R 37 67.75 28.21 -120.09
CA THR R 37 67.73 29.59 -120.60
C THR R 37 69.08 29.97 -121.19
N ASP R 38 70.18 29.56 -120.56
CA ASP R 38 71.50 29.88 -121.09
C ASP R 38 71.76 29.16 -122.41
N SER R 39 71.09 28.03 -122.64
CA SER R 39 71.24 27.35 -123.93
C SER R 39 70.80 28.25 -125.08
N THR R 40 69.68 28.96 -124.93
CA THR R 40 69.25 29.89 -125.96
C THR R 40 69.99 31.23 -125.87
N GLY R 41 70.41 31.61 -124.67
CA GLY R 41 71.20 32.82 -124.52
C GLY R 41 72.51 32.75 -125.28
N ALA R 42 73.08 31.55 -125.38
CA ALA R 42 74.28 31.38 -126.19
C ALA R 42 74.00 31.72 -127.65
N TYR R 43 72.86 31.28 -128.17
CA TYR R 43 72.50 31.59 -129.55
C TYR R 43 72.24 33.08 -129.74
N LEU R 44 71.61 33.72 -128.76
CA LEU R 44 71.24 35.13 -128.87
C LEU R 44 72.37 36.08 -128.48
N GLU R 45 73.50 35.57 -127.98
CA GLU R 45 74.56 36.45 -127.49
C GLU R 45 75.09 37.36 -128.59
N GLU R 46 75.25 36.84 -129.80
CA GLU R 46 75.81 37.66 -130.88
C GLU R 46 74.91 38.85 -131.19
N PHE R 47 73.59 38.63 -131.24
CA PHE R 47 72.66 39.75 -131.38
C PHE R 47 72.72 40.68 -130.19
N GLN R 48 72.85 40.11 -128.99
CA GLN R 48 72.68 40.90 -127.77
C GLN R 48 73.77 41.95 -127.61
N ASN R 49 75.03 41.55 -127.75
CA ASN R 49 76.15 42.44 -127.45
C ASN R 49 77.25 42.43 -128.51
N GLY R 50 77.05 41.73 -129.62
CA GLY R 50 78.05 41.67 -130.66
C GLY R 50 78.00 42.88 -131.58
N THR R 51 78.88 42.84 -132.58
CA THR R 51 78.89 43.84 -133.64
C THR R 51 78.49 43.18 -134.95
N VAL R 52 78.41 44.00 -136.00
CA VAL R 52 77.88 43.54 -137.28
C VAL R 52 78.69 42.37 -137.82
N GLU R 53 80.02 42.46 -137.73
CA GLU R 53 80.88 41.38 -138.20
C GLU R 53 80.60 40.08 -137.46
N GLU R 54 80.45 40.15 -136.14
CA GLU R 54 80.13 38.96 -135.36
C GLU R 54 78.79 38.39 -135.77
N ILE R 55 77.80 39.25 -136.01
CA ILE R 55 76.48 38.78 -136.39
C ILE R 55 76.52 38.04 -137.71
N VAL R 56 77.19 38.61 -138.72
CA VAL R 56 77.24 37.92 -140.02
C VAL R 56 78.07 36.65 -139.90
N GLU R 57 79.10 36.66 -139.05
CA GLU R 57 79.91 35.47 -138.85
C GLU R 57 79.10 34.32 -138.27
N ALA R 58 78.37 34.59 -137.19
CA ALA R 58 77.78 33.51 -136.40
C ALA R 58 76.60 32.86 -137.11
N TYR R 59 75.69 33.66 -137.65
CA TYR R 59 74.41 33.12 -138.11
C TYR R 59 74.48 32.64 -139.56
N LEU R 60 75.32 33.26 -140.37
CA LEU R 60 75.67 32.76 -141.68
C LEU R 60 77.11 32.28 -141.63
N GLN R 61 77.32 30.99 -141.88
CA GLN R 61 78.64 30.37 -141.74
C GLN R 61 79.53 30.86 -142.87
N VAL R 62 80.26 31.96 -142.61
CA VAL R 62 81.14 32.52 -143.64
C VAL R 62 82.34 31.62 -143.86
N GLN R 63 82.97 31.16 -142.78
CA GLN R 63 84.17 30.35 -142.93
C GLN R 63 83.85 28.93 -143.38
N ALA R 64 82.70 28.41 -142.98
CA ALA R 64 82.30 27.06 -143.37
C ALA R 64 81.83 26.97 -144.81
N SER R 65 81.63 28.10 -145.49
CA SER R 65 81.22 28.08 -146.88
C SER R 65 82.36 27.61 -147.76
N ALA R 66 82.04 27.27 -149.01
CA ALA R 66 83.05 26.80 -149.95
C ALA R 66 84.17 27.83 -150.08
N ASP R 67 85.41 27.35 -150.09
CA ASP R 67 86.57 28.22 -150.07
C ASP R 67 86.62 29.06 -151.33
N GLY R 68 86.75 30.37 -151.14
CA GLY R 68 86.58 31.32 -152.23
C GLY R 68 85.13 31.75 -152.22
N PHE R 69 84.87 32.96 -151.74
CA PHE R 69 83.49 33.35 -151.47
C PHE R 69 82.68 33.41 -152.76
N ASP R 70 81.56 32.70 -152.76
CA ASP R 70 80.64 32.76 -153.89
C ASP R 70 79.83 34.04 -153.79
N PRO R 71 80.07 35.03 -154.65
CA PRO R 71 79.25 36.25 -154.64
C PRO R 71 77.88 36.08 -155.30
N SER R 72 77.52 34.84 -155.64
CA SER R 72 76.23 34.55 -156.23
C SER R 72 75.10 34.88 -155.26
N GLU R 73 73.97 35.32 -155.80
CA GLU R 73 72.81 35.57 -154.97
C GLU R 73 72.19 34.26 -154.47
N GLN R 74 72.41 33.16 -155.20
CA GLN R 74 71.95 31.87 -154.71
C GLN R 74 72.65 31.47 -153.42
N ALA R 75 73.94 31.79 -153.30
CA ALA R 75 74.66 31.50 -152.07
C ALA R 75 74.07 32.26 -150.89
N ALA R 76 73.76 33.54 -151.08
CA ALA R 76 73.10 34.32 -150.04
C ALA R 76 71.74 33.73 -149.70
N TYR R 77 70.98 33.29 -150.72
CA TYR R 77 69.68 32.69 -150.46
C TYR R 77 69.80 31.45 -149.59
N GLU R 78 70.75 30.57 -149.91
CA GLU R 78 70.92 29.35 -149.11
C GLU R 78 71.39 29.67 -147.69
N ALA R 79 72.30 30.64 -147.55
CA ALA R 79 72.78 31.02 -146.22
C ALA R 79 71.64 31.55 -145.36
N PHE R 80 70.82 32.43 -145.92
CA PHE R 80 69.71 32.98 -145.15
C PHE R 80 68.65 31.93 -144.86
N GLU R 81 68.45 30.99 -145.78
CA GLU R 81 67.52 29.89 -145.52
C GLU R 81 68.00 29.02 -144.36
N ALA R 82 69.30 28.72 -144.32
CA ALA R 82 69.84 27.93 -143.21
C ALA R 82 69.70 28.68 -141.89
N ALA R 83 69.97 29.99 -141.90
CA ALA R 83 69.79 30.77 -140.68
C ALA R 83 68.33 30.75 -140.23
N ARG R 84 67.40 30.82 -141.19
CA ARG R 84 65.99 30.76 -140.86
C ARG R 84 65.61 29.43 -140.22
N VAL R 85 66.11 28.32 -140.76
CA VAL R 85 65.80 27.02 -140.18
C VAL R 85 66.34 26.91 -138.76
N ARG R 86 67.57 27.39 -138.55
CA ARG R 86 68.15 27.35 -137.21
C ARG R 86 67.32 28.16 -136.22
N ALA R 87 66.93 29.38 -136.60
CA ALA R 87 66.10 30.19 -135.73
C ALA R 87 64.74 29.54 -135.48
N SER R 88 64.20 28.87 -136.50
CA SER R 88 62.92 28.20 -136.36
C SER R 88 62.98 27.09 -135.31
N GLN R 89 64.06 26.31 -135.32
CA GLN R 89 64.20 25.28 -134.29
C GLN R 89 64.40 25.89 -132.90
N GLU R 90 65.20 26.96 -132.82
CA GLU R 90 65.40 27.62 -131.53
C GLU R 90 64.09 28.16 -130.97
N LEU R 91 63.18 28.60 -131.85
CA LEU R 91 61.89 29.12 -131.40
C LEU R 91 61.06 28.04 -130.71
N ALA R 92 61.01 26.83 -131.28
CA ALA R 92 60.29 25.74 -130.64
C ALA R 92 60.96 25.35 -129.32
N ALA R 93 62.29 25.39 -129.28
CA ALA R 93 62.98 25.12 -128.02
C ALA R 93 62.56 26.11 -126.94
N SER R 94 62.52 27.40 -127.27
CA SER R 94 62.10 28.39 -126.28
C SER R 94 60.64 28.22 -125.90
N ALA R 95 59.81 27.79 -126.85
CA ALA R 95 58.41 27.52 -126.54
C ALA R 95 58.28 26.44 -125.47
N GLU R 96 59.07 25.37 -125.58
CA GLU R 96 59.02 24.32 -124.56
C GLU R 96 59.63 24.80 -123.24
N THR R 97 60.66 25.65 -123.31
CA THR R 97 61.23 26.23 -122.10
C THR R 97 60.19 27.03 -121.33
N ILE R 98 59.32 27.74 -122.04
CA ILE R 98 58.22 28.46 -121.39
C ILE R 98 57.37 27.51 -120.54
N THR R 99 56.95 26.40 -121.13
CA THR R 99 56.09 25.44 -120.42
C THR R 99 56.79 24.88 -119.20
N LYS R 100 58.07 24.53 -119.33
CA LYS R 100 58.78 23.95 -118.20
C LYS R 100 58.94 24.97 -117.06
N THR R 101 59.27 26.22 -117.39
CA THR R 101 59.39 27.23 -116.34
C THR R 101 58.05 27.51 -115.68
N ARG R 102 56.95 27.38 -116.43
CA ARG R 102 55.64 27.51 -115.80
C ARG R 102 55.36 26.36 -114.83
N GLU R 103 55.68 25.13 -115.24
CA GLU R 103 55.44 23.97 -114.38
C GLU R 103 56.24 24.07 -113.08
N SER R 104 57.46 24.61 -113.17
CA SER R 104 58.28 24.75 -111.97
C SER R 104 57.63 25.70 -110.94
N VAL R 105 57.12 26.84 -111.40
CA VAL R 105 56.44 27.77 -110.50
C VAL R 105 55.18 27.12 -109.93
N ALA R 106 54.49 26.33 -110.76
CA ALA R 106 53.30 25.63 -110.27
C ALA R 106 53.63 24.71 -109.10
N TYR R 107 54.75 23.99 -109.18
CA TYR R 107 55.16 23.14 -108.07
C TYR R 107 55.54 23.97 -106.84
N ALA R 108 56.35 25.02 -107.05
CA ALA R 108 56.88 25.77 -105.93
C ALA R 108 55.77 26.42 -105.11
N LEU R 109 54.81 27.07 -105.78
CA LEU R 109 53.76 27.74 -105.03
C LEU R 109 52.85 26.74 -104.33
N LYS R 110 52.61 25.58 -104.94
CA LYS R 110 51.79 24.57 -104.29
C LYS R 110 52.40 24.10 -102.97
N VAL R 111 53.69 23.78 -102.99
CA VAL R 111 54.32 23.33 -101.74
C VAL R 111 54.36 24.49 -100.74
N ASP R 112 54.50 25.72 -101.21
CA ASP R 112 54.52 26.86 -100.30
C ASP R 112 53.18 27.03 -99.59
N GLN R 113 52.07 26.94 -100.33
CA GLN R 113 50.75 27.04 -99.71
C GLN R 113 50.52 25.90 -98.73
N GLU R 114 50.95 24.69 -99.08
CA GLU R 114 50.80 23.58 -98.15
C GLU R 114 51.55 23.84 -96.85
N ALA R 115 52.77 24.38 -96.95
CA ALA R 115 53.54 24.69 -95.76
C ALA R 115 52.86 25.74 -94.88
N THR R 116 52.33 26.79 -95.52
CA THR R 116 51.63 27.81 -94.75
C THR R 116 50.41 27.23 -94.03
N ALA R 117 49.64 26.39 -94.72
CA ALA R 117 48.47 25.78 -94.11
C ALA R 117 48.86 24.92 -92.91
N ALA R 118 49.91 24.11 -93.07
CA ALA R 118 50.34 23.25 -91.97
C ALA R 118 50.82 24.06 -90.77
N PHE R 119 51.59 25.12 -91.02
CA PHE R 119 52.04 25.95 -89.90
C PHE R 119 50.87 26.59 -89.19
N GLU R 120 49.88 27.07 -89.94
CA GLU R 120 48.70 27.67 -89.31
C GLU R 120 47.98 26.65 -88.45
N ALA R 121 47.77 25.44 -88.96
CA ALA R 121 47.04 24.44 -88.19
C ALA R 121 47.79 24.08 -86.90
N TYR R 122 49.11 23.91 -86.99
CA TYR R 122 49.86 23.47 -85.83
C TYR R 122 49.99 24.58 -84.79
N ARG R 123 50.15 25.82 -85.24
CA ARG R 123 50.15 26.94 -84.29
C ARG R 123 48.78 27.10 -83.64
N ASN R 124 47.71 26.86 -84.39
CA ASN R 124 46.37 26.95 -83.81
C ASN R 124 46.17 25.88 -82.74
N ALA R 125 46.65 24.67 -83.00
CA ALA R 125 46.57 23.61 -81.99
C ALA R 125 47.36 23.98 -80.74
N LEU R 126 48.57 24.53 -80.92
CA LEU R 126 49.36 24.94 -79.76
C LEU R 126 48.66 26.04 -78.97
N ARG R 127 48.07 27.01 -79.67
CA ARG R 127 47.33 28.07 -78.99
C ARG R 127 46.14 27.52 -78.22
N ASP R 128 45.41 26.58 -78.83
CA ASP R 128 44.25 26.00 -78.19
C ASP R 128 44.65 25.15 -76.98
N ALA R 129 45.88 24.64 -76.99
CA ALA R 129 46.35 23.83 -75.87
C ALA R 129 46.36 24.62 -74.57
N ALA R 130 46.87 25.85 -74.59
CA ALA R 130 47.01 26.62 -73.35
C ALA R 130 45.64 27.02 -72.79
N ILE R 131 44.87 27.79 -73.56
CA ILE R 131 43.55 28.21 -73.12
C ILE R 131 42.54 27.79 -74.18
N SER R 132 41.86 26.68 -73.95
CA SER R 132 40.89 26.18 -74.91
C SER R 132 39.63 27.04 -74.90
N ILE R 133 39.00 27.16 -76.06
CA ILE R 133 37.78 27.95 -76.24
C ILE R 133 36.72 27.06 -76.86
N ASN R 134 35.52 27.09 -76.27
CA ASN R 134 34.42 26.26 -76.72
C ASN R 134 33.93 26.73 -78.07
N PRO R 135 33.19 25.88 -78.81
CA PRO R 135 32.60 26.36 -80.07
C PRO R 135 31.71 27.57 -79.90
N ASP R 136 31.04 27.69 -78.76
CA ASP R 136 30.22 28.86 -78.49
C ASP R 136 31.04 30.11 -78.22
N GLY R 137 32.32 29.97 -77.91
CA GLY R 137 33.18 31.10 -77.65
C GLY R 137 33.53 31.34 -76.21
N SER R 138 33.53 30.31 -75.37
CA SER R 138 33.82 30.46 -73.95
C SER R 138 34.97 29.52 -73.57
N ILE R 139 35.71 29.92 -72.53
CA ILE R 139 36.81 29.11 -72.03
C ILE R 139 36.27 27.82 -71.44
N ASN R 140 36.98 26.71 -71.68
CA ASN R 140 36.59 25.41 -71.17
C ASN R 140 37.63 24.96 -70.15
N PRO R 141 37.40 25.15 -68.85
CA PRO R 141 38.40 24.73 -67.85
C PRO R 141 38.63 23.24 -67.83
N ASP R 142 37.69 22.43 -68.35
CA ASP R 142 37.89 21.00 -68.37
C ASP R 142 39.08 20.63 -69.24
N THR R 143 39.20 21.26 -70.40
CA THR R 143 40.27 20.95 -71.35
C THR R 143 41.23 22.12 -71.58
N SER R 144 41.53 22.89 -70.54
CA SER R 144 42.47 24.01 -70.65
C SER R 144 43.67 23.73 -69.76
N ILE R 145 44.87 23.89 -70.33
CA ILE R 145 46.10 23.54 -69.60
C ILE R 145 46.34 24.49 -68.44
N ASN R 146 46.27 25.80 -68.69
CA ASN R 146 46.67 26.76 -67.66
C ASN R 146 45.73 26.73 -66.45
N LEU R 147 44.43 26.56 -66.70
CA LEU R 147 43.47 26.49 -65.61
C LEU R 147 43.71 25.25 -64.75
N LEU R 148 43.95 24.10 -65.38
CA LEU R 148 44.28 22.89 -64.63
C LEU R 148 45.59 23.06 -63.88
N ILE R 149 46.55 23.75 -64.49
CA ILE R 149 47.84 24.02 -63.83
C ILE R 149 47.62 24.81 -62.56
N ASP R 150 46.82 25.87 -62.64
CA ASP R 150 46.59 26.69 -61.46
C ASP R 150 45.76 25.95 -60.41
N ALA R 151 44.84 25.10 -60.85
CA ALA R 151 44.07 24.27 -59.92
C ALA R 151 45.00 23.35 -59.14
N ALA R 152 45.93 22.70 -59.83
CA ALA R 152 46.88 21.83 -59.15
C ALA R 152 47.85 22.63 -58.29
N ASN R 153 48.18 23.85 -58.73
CA ASN R 153 49.12 24.68 -57.98
C ASN R 153 48.51 25.14 -56.66
N ALA R 154 47.21 25.45 -56.66
CA ALA R 154 46.54 25.87 -55.44
C ALA R 154 46.13 24.69 -54.55
N ALA R 155 46.17 23.47 -55.07
CA ALA R 155 45.70 22.31 -54.34
C ALA R 155 46.82 21.55 -53.64
N ASN R 156 48.02 22.13 -53.54
CA ASN R 156 49.13 21.50 -52.85
C ASN R 156 49.46 22.29 -51.59
N ARG R 157 50.04 21.60 -50.61
CA ARG R 157 50.40 22.20 -49.33
C ARG R 157 51.88 22.05 -49.00
N THR R 158 52.65 21.42 -49.89
CA THR R 158 54.04 21.13 -49.63
C THR R 158 54.88 22.42 -49.65
N ASP R 159 56.11 22.33 -49.17
CA ASP R 159 56.99 23.48 -49.06
C ASP R 159 57.94 23.52 -50.27
N ARG R 160 57.40 23.26 -51.47
CA ARG R 160 58.07 23.58 -52.72
C ARG R 160 59.35 22.79 -52.96
N ALA R 161 59.76 21.95 -52.00
CA ALA R 161 61.08 21.32 -52.08
C ALA R 161 61.14 20.30 -53.21
N GLU R 162 60.13 19.43 -53.30
CA GLU R 162 60.15 18.34 -54.26
C GLU R 162 58.99 18.37 -55.26
N ILE R 163 57.84 18.91 -54.87
CA ILE R 163 56.74 19.17 -55.79
C ILE R 163 56.60 20.68 -55.89
N GLU R 164 56.91 21.22 -57.06
CA GLU R 164 57.08 22.66 -57.24
C GLU R 164 55.89 23.23 -58.00
N ASP R 165 55.79 24.56 -57.97
CA ASP R 165 54.77 25.24 -58.75
C ASP R 165 55.07 25.11 -60.24
N TYR R 166 54.08 24.71 -61.02
CA TYR R 166 54.24 24.63 -62.46
C TYR R 166 54.09 26.01 -63.07
N ALA R 167 55.11 26.43 -63.81
CA ALA R 167 55.04 27.71 -64.51
C ALA R 167 54.04 27.64 -65.65
N HIS R 168 53.47 28.80 -65.97
CA HIS R 168 52.44 28.86 -67.00
C HIS R 168 53.04 28.58 -68.37
N LEU R 169 52.19 28.10 -69.28
CA LEU R 169 52.67 27.57 -70.55
C LEU R 169 53.37 28.64 -71.38
N TYR R 170 54.41 28.20 -72.09
CA TYR R 170 55.15 29.01 -73.06
C TYR R 170 55.77 30.25 -72.39
N THR R 171 56.72 29.97 -71.50
CA THR R 171 57.51 31.05 -70.90
C THR R 171 58.57 31.55 -71.87
N GLN R 172 59.01 30.69 -72.80
CA GLN R 172 60.04 31.09 -73.75
C GLN R 172 59.50 32.06 -74.79
N THR R 173 58.32 31.77 -75.34
CA THR R 173 57.77 32.53 -76.45
C THR R 173 56.39 33.06 -76.11
N ASP R 174 55.96 34.07 -76.85
CA ASP R 174 54.62 34.64 -76.74
C ASP R 174 53.79 34.06 -77.89
N ILE R 175 52.95 33.08 -77.57
CA ILE R 175 52.17 32.42 -78.61
C ILE R 175 51.03 33.29 -79.11
N ALA R 176 50.76 34.42 -78.45
CA ALA R 176 49.74 35.34 -78.94
C ALA R 176 50.20 36.03 -80.22
N LEU R 177 51.51 36.12 -80.43
CA LEU R 177 52.04 36.78 -81.61
C LEU R 177 51.69 35.99 -82.87
N GLU R 178 51.73 36.67 -84.01
CA GLU R 178 51.36 36.04 -85.27
C GLU R 178 52.31 34.90 -85.59
N THR R 179 53.62 35.16 -85.59
CA THR R 179 54.61 34.14 -85.91
C THR R 179 55.52 33.88 -84.74
N PRO R 180 55.18 32.93 -83.85
CA PRO R 180 56.06 32.62 -82.73
C PRO R 180 56.99 31.45 -83.02
N GLN R 181 57.97 31.21 -82.15
CA GLN R 181 58.89 30.08 -82.28
C GLN R 181 58.23 28.86 -81.65
N LEU R 182 57.60 28.04 -82.50
CA LEU R 182 56.73 26.98 -81.99
C LEU R 182 57.53 25.81 -81.43
N ALA R 183 58.79 25.66 -81.84
CA ALA R 183 59.64 24.63 -81.26
C ALA R 183 59.85 24.87 -79.77
N TYR R 184 60.03 26.13 -79.38
CA TYR R 184 60.15 26.47 -77.97
C TYR R 184 58.89 26.08 -77.20
N ALA R 185 57.72 26.34 -77.79
CA ALA R 185 56.47 26.01 -77.13
C ALA R 185 56.30 24.50 -76.96
N PHE R 186 56.62 23.73 -78.00
CA PHE R 186 56.55 22.28 -77.87
C PHE R 186 57.55 21.75 -76.85
N GLN R 187 58.74 22.35 -76.80
CA GLN R 187 59.71 22.01 -75.76
C GLN R 187 59.13 22.23 -74.37
N ASP R 188 58.49 23.38 -74.16
CA ASP R 188 57.91 23.67 -72.85
C ASP R 188 56.80 22.69 -72.50
N LEU R 189 55.96 22.34 -73.49
CA LEU R 189 54.87 21.39 -73.24
C LEU R 189 55.43 20.02 -72.85
N LYS R 190 56.45 19.55 -73.56
CA LYS R 190 57.05 18.26 -73.21
C LYS R 190 57.72 18.31 -71.84
N ALA R 191 58.34 19.45 -71.52
CA ALA R 191 58.93 19.61 -70.19
C ALA R 191 57.86 19.52 -69.11
N LEU R 192 56.70 20.13 -69.35
CA LEU R 192 55.61 20.02 -68.38
C LEU R 192 55.14 18.58 -68.21
N GLN R 193 54.98 17.86 -69.33
CA GLN R 193 54.55 16.47 -69.23
C GLN R 193 55.55 15.64 -68.42
N ALA R 194 56.84 15.82 -68.69
CA ALA R 194 57.87 15.11 -67.96
C ALA R 194 57.86 15.47 -66.48
N GLU R 195 57.71 16.76 -66.17
CA GLU R 195 57.73 17.19 -64.77
C GLU R 195 56.54 16.61 -64.00
N VAL R 196 55.37 16.56 -64.63
CA VAL R 196 54.20 15.97 -63.98
C VAL R 196 54.44 14.50 -63.70
N ASP R 197 54.93 13.76 -64.71
CA ASP R 197 55.17 12.34 -64.51
C ASP R 197 56.26 12.10 -63.47
N ALA R 198 57.20 13.05 -63.33
CA ALA R 198 58.25 12.90 -62.33
C ALA R 198 57.73 13.15 -60.93
N ASP R 199 56.89 14.17 -60.76
CA ASP R 199 56.33 14.44 -59.44
C ASP R 199 55.32 13.38 -59.02
N PHE R 200 54.81 12.60 -59.99
CA PHE R 200 53.91 11.50 -59.66
C PHE R 200 54.48 10.58 -58.59
N GLU R 201 55.77 10.22 -58.70
CA GLU R 201 56.33 9.25 -57.75
C GLU R 201 56.59 9.90 -56.40
N TRP R 202 56.83 11.20 -56.36
CA TRP R 202 56.95 11.89 -55.08
C TRP R 202 55.59 12.06 -54.43
N LEU R 203 54.52 11.99 -55.24
CA LEU R 203 53.17 11.94 -54.67
C LEU R 203 52.91 10.60 -54.00
N GLY R 204 53.59 9.54 -54.44
CA GLY R 204 53.41 8.21 -53.90
C GLY R 204 54.35 7.82 -52.79
N GLU R 205 54.96 8.81 -52.12
CA GLU R 205 55.86 8.52 -51.03
C GLU R 205 55.10 8.33 -49.72
N PHE R 206 55.74 7.62 -48.78
CA PHE R 206 55.13 7.43 -47.47
C PHE R 206 55.28 8.67 -46.60
N GLY R 207 56.44 9.31 -46.65
CA GLY R 207 56.78 10.38 -45.74
C GLY R 207 56.62 11.79 -46.28
N ILE R 208 55.85 11.99 -47.34
CA ILE R 208 55.64 13.34 -47.85
C ILE R 208 54.87 14.18 -46.83
N ASP R 209 53.85 13.60 -46.22
CA ASP R 209 53.09 14.28 -45.18
C ASP R 209 53.97 14.39 -43.93
N GLN R 210 54.47 15.59 -43.66
CA GLN R 210 55.42 15.75 -42.56
C GLN R 210 54.89 16.64 -41.44
N GLU R 211 54.49 17.85 -41.78
CA GLU R 211 54.29 18.91 -40.81
C GLU R 211 53.28 19.91 -41.35
N ASP R 212 52.74 20.74 -40.46
CA ASP R 212 51.95 21.89 -40.90
C ASP R 212 52.76 22.73 -41.86
N GLY R 213 52.30 22.78 -43.11
CA GLY R 213 53.03 23.45 -44.16
C GLY R 213 53.82 22.56 -45.08
N ASN R 214 54.11 21.32 -44.67
CA ASN R 214 54.72 20.33 -45.56
C ASN R 214 53.86 19.06 -45.48
N TYR R 215 52.81 19.00 -46.28
CA TYR R 215 51.98 17.80 -46.33
C TYR R 215 51.13 17.83 -47.59
N VAL R 216 50.50 16.70 -47.88
CA VAL R 216 49.74 16.50 -49.11
C VAL R 216 48.29 16.26 -48.73
N GLN R 217 47.39 17.09 -49.28
CA GLN R 217 45.97 16.93 -49.06
C GLN R 217 45.40 15.88 -50.01
N ARG R 218 44.15 15.48 -49.75
CA ARG R 218 43.56 14.36 -50.49
C ARG R 218 43.04 14.81 -51.85
N TYR R 219 43.03 16.11 -52.13
CA TYR R 219 42.50 16.59 -53.40
C TYR R 219 43.61 16.96 -54.38
N HIS R 220 44.85 17.01 -53.91
CA HIS R 220 45.97 17.33 -54.79
C HIS R 220 46.12 16.28 -55.89
N LEU R 221 46.02 15.00 -55.53
CA LEU R 221 46.29 13.93 -56.48
C LEU R 221 45.28 13.90 -57.62
N PRO R 222 43.96 14.03 -57.39
CA PRO R 222 43.04 14.08 -58.55
C PRO R 222 43.29 15.26 -59.47
N ALA R 223 43.69 16.42 -58.93
CA ALA R 223 44.02 17.55 -59.79
C ALA R 223 45.22 17.24 -60.67
N VAL R 224 46.28 16.68 -60.07
CA VAL R 224 47.45 16.32 -60.86
C VAL R 224 47.09 15.25 -61.89
N GLU R 225 46.23 14.31 -61.52
CA GLU R 225 45.85 13.24 -62.45
C GLU R 225 45.08 13.77 -63.65
N ALA R 226 44.13 14.68 -63.40
CA ALA R 226 43.40 15.29 -64.50
C ALA R 226 44.32 16.09 -65.40
N LEU R 227 45.24 16.85 -64.81
CA LEU R 227 46.20 17.60 -65.60
C LEU R 227 47.04 16.67 -66.47
N LYS R 228 47.47 15.54 -65.90
CA LYS R 228 48.29 14.60 -66.64
C LYS R 228 47.52 13.98 -67.81
N ALA R 229 46.28 13.55 -67.57
CA ALA R 229 45.49 12.96 -68.65
C ALA R 229 45.25 13.97 -69.77
N GLU R 230 44.96 15.21 -69.40
CA GLU R 230 44.75 16.24 -70.42
C GLU R 230 46.01 16.50 -71.23
N VAL R 231 47.17 16.58 -70.56
CA VAL R 231 48.42 16.80 -71.29
C VAL R 231 48.70 15.63 -72.21
N ASP R 232 48.41 14.42 -71.74
CA ASP R 232 48.65 13.20 -72.56
C ASP R 232 47.82 13.27 -73.84
N ALA R 233 46.52 13.58 -73.72
CA ALA R 233 45.66 13.67 -74.90
C ALA R 233 46.09 14.82 -75.81
N ARG R 234 46.47 15.96 -75.23
CA ARG R 234 46.89 17.10 -76.02
C ARG R 234 48.14 16.80 -76.84
N VAL R 235 49.12 16.13 -76.22
CA VAL R 235 50.34 15.77 -76.93
C VAL R 235 50.03 14.77 -78.04
N ALA R 236 49.17 13.78 -77.75
CA ALA R 236 48.79 12.83 -78.78
C ALA R 236 48.13 13.53 -79.97
N ALA R 237 47.40 14.61 -79.72
CA ALA R 237 46.81 15.37 -80.82
C ALA R 237 47.85 16.21 -81.56
N ILE R 238 48.79 16.81 -80.82
CA ILE R 238 49.72 17.75 -81.43
C ILE R 238 50.82 17.03 -82.20
N GLU R 239 51.01 15.74 -81.94
CA GLU R 239 52.07 15.01 -82.64
C GLU R 239 51.93 15.00 -84.16
N PRO R 240 50.84 14.47 -84.77
CA PRO R 240 50.80 14.43 -86.24
C PRO R 240 50.85 15.80 -86.88
N LEU R 241 50.25 16.81 -86.23
CA LEU R 241 50.29 18.16 -86.76
C LEU R 241 51.72 18.68 -86.84
N ARG R 242 52.50 18.49 -85.78
CA ARG R 242 53.89 18.94 -85.79
C ARG R 242 54.70 18.18 -86.81
N ALA R 243 54.46 16.86 -86.94
CA ALA R 243 55.17 16.07 -87.93
C ALA R 243 54.91 16.59 -89.35
N ASP R 244 53.63 16.80 -89.68
CA ASP R 244 53.29 17.28 -91.02
C ASP R 244 53.83 18.69 -91.25
N SER R 245 53.77 19.55 -90.23
CA SER R 245 54.28 20.89 -90.37
C SER R 245 55.78 20.89 -90.67
N ILE R 246 56.55 20.08 -89.94
CA ILE R 246 57.98 19.99 -90.21
C ILE R 246 58.23 19.46 -91.62
N ALA R 247 57.51 18.40 -92.00
CA ALA R 247 57.74 17.78 -93.29
C ALA R 247 57.48 18.73 -94.45
N LYS R 248 56.41 19.55 -94.34
CA LYS R 248 56.07 20.43 -95.44
C LYS R 248 56.88 21.72 -95.41
N ASN R 249 57.19 22.21 -94.22
CA ASN R 249 57.97 23.45 -94.11
C ASN R 249 59.41 23.22 -94.53
N LEU R 250 59.93 21.99 -94.36
CA LEU R 250 61.26 21.69 -94.88
C LEU R 250 61.26 21.67 -96.40
N GLU R 251 60.24 21.06 -97.00
CA GLU R 251 60.16 20.98 -98.45
C GLU R 251 59.92 22.33 -99.09
N ALA R 252 59.24 23.25 -98.38
CA ALA R 252 58.99 24.59 -98.90
C ALA R 252 60.20 25.51 -98.76
N GLN R 253 61.34 24.98 -98.30
CA GLN R 253 62.58 25.73 -98.30
C GLN R 253 63.54 25.31 -99.39
N LYS R 254 63.34 24.13 -99.99
CA LYS R 254 64.13 23.72 -101.13
C LYS R 254 63.92 24.65 -102.32
N SER R 255 62.68 25.03 -102.57
CA SER R 255 62.31 25.80 -103.76
C SER R 255 62.19 27.29 -103.42
N ASP R 256 62.52 28.13 -104.38
CA ASP R 256 62.32 29.57 -104.26
C ASP R 256 61.58 30.04 -105.52
N VAL R 257 60.35 30.51 -105.33
CA VAL R 257 59.44 30.70 -106.46
C VAL R 257 59.82 31.94 -107.26
N LEU R 258 60.49 32.91 -106.63
CA LEU R 258 60.80 34.15 -107.32
C LEU R 258 61.88 33.95 -108.39
N VAL R 259 62.86 33.07 -108.11
CA VAL R 259 63.84 32.73 -109.13
C VAL R 259 63.17 32.11 -110.34
N ARG R 260 62.22 31.20 -110.11
CA ARG R 260 61.55 30.52 -111.20
C ARG R 260 60.69 31.50 -112.01
N GLN R 261 60.08 32.47 -111.33
CA GLN R 261 59.39 33.53 -112.04
C GLN R 261 60.34 34.36 -112.90
N LEU R 262 61.52 34.68 -112.37
CA LEU R 262 62.50 35.42 -113.14
C LEU R 262 62.94 34.65 -114.38
N PHE R 263 63.12 33.34 -114.24
CA PHE R 263 63.51 32.53 -115.40
C PHE R 263 62.38 32.44 -116.42
N LEU R 264 61.12 32.38 -115.96
CA LEU R 264 60.00 32.42 -116.89
C LEU R 264 59.98 33.73 -117.68
N GLU R 265 60.22 34.85 -117.01
CA GLU R 265 60.21 36.14 -117.71
C GLU R 265 61.36 36.23 -118.71
N ARG R 266 62.54 35.72 -118.33
CA ARG R 266 63.66 35.70 -119.27
C ARG R 266 63.34 34.82 -120.48
N ALA R 267 62.68 33.68 -120.25
CA ALA R 267 62.32 32.81 -121.36
C ALA R 267 61.32 33.48 -122.30
N THR R 268 60.38 34.25 -121.75
CA THR R 268 59.45 35.00 -122.60
C THR R 268 60.19 36.03 -123.46
N ALA R 269 61.12 36.78 -122.85
CA ALA R 269 61.89 37.75 -123.62
C ALA R 269 62.70 37.05 -124.71
N GLN R 270 63.28 35.90 -124.39
CA GLN R 270 63.99 35.14 -125.41
C GLN R 270 63.06 34.73 -126.54
N ARG R 271 61.83 34.30 -126.20
CA ARG R 271 60.92 33.85 -127.25
C ARG R 271 60.56 34.98 -128.21
N ASP R 272 60.26 36.17 -127.68
CA ASP R 272 59.80 37.21 -128.60
C ASP R 272 60.97 37.78 -129.41
N THR R 273 62.15 37.89 -128.79
CA THR R 273 63.32 38.26 -129.57
C THR R 273 63.61 37.21 -130.65
N LEU R 274 63.38 35.93 -130.33
CA LEU R 274 63.60 34.87 -131.31
C LEU R 274 62.67 34.99 -132.49
N ARG R 275 61.39 35.30 -132.26
CA ARG R 275 60.49 35.43 -133.41
C ARG R 275 60.81 36.68 -134.22
N VAL R 276 61.29 37.75 -133.57
CA VAL R 276 61.75 38.92 -134.32
C VAL R 276 62.91 38.53 -135.24
N VAL R 277 63.88 37.79 -134.71
CA VAL R 277 65.04 37.39 -135.51
C VAL R 277 64.62 36.46 -136.65
N GLU R 278 63.70 35.52 -136.36
CA GLU R 278 63.24 34.61 -137.40
C GLU R 278 62.52 35.36 -138.52
N ALA R 279 61.72 36.36 -138.15
CA ALA R 279 61.09 37.19 -139.16
C ALA R 279 62.14 37.92 -140.01
N ILE R 280 63.18 38.45 -139.36
CA ILE R 280 64.25 39.11 -140.11
C ILE R 280 64.85 38.16 -141.14
N PHE R 281 65.18 36.94 -140.72
CA PHE R 281 65.84 36.00 -141.63
C PHE R 281 64.91 35.56 -142.76
N SER R 282 63.64 35.30 -142.44
CA SER R 282 62.70 34.90 -143.50
C SER R 282 62.48 36.01 -144.49
N THR R 283 62.38 37.25 -144.01
CA THR R 283 62.21 38.40 -144.90
C THR R 283 63.41 38.54 -145.83
N SER R 284 64.62 38.44 -145.28
CA SER R 284 65.82 38.56 -146.12
C SER R 284 65.87 37.44 -147.15
N ALA R 285 65.53 36.21 -146.73
CA ALA R 285 65.56 35.09 -147.66
C ALA R 285 64.57 35.28 -148.81
N ARG R 286 63.36 35.75 -148.50
CA ARG R 286 62.40 35.98 -149.58
C ARG R 286 62.83 37.14 -150.47
N TYR R 287 63.42 38.17 -149.88
CA TYR R 287 63.90 39.30 -150.69
C TYR R 287 64.96 38.85 -151.67
N VAL R 288 65.89 38.01 -151.23
CA VAL R 288 66.94 37.54 -152.12
C VAL R 288 66.36 36.57 -153.15
N GLU R 289 65.45 35.68 -152.74
CA GLU R 289 64.96 34.66 -153.65
C GLU R 289 64.13 35.23 -154.80
N LEU R 290 63.57 36.42 -154.64
CA LEU R 290 62.76 37.03 -155.69
C LEU R 290 63.60 37.78 -156.72
N TYR R 291 64.89 37.50 -156.80
CA TYR R 291 65.76 38.09 -157.81
C TYR R 291 65.41 37.56 -159.19
N GLU R 292 64.75 38.39 -160.00
CA GLU R 292 64.36 38.03 -161.36
C GLU R 292 63.55 36.73 -161.38
N ASN R 293 62.69 36.57 -160.39
CA ASN R 293 61.84 35.40 -160.30
C ASN R 293 60.52 35.64 -161.00
N VAL R 294 59.89 34.54 -161.43
CA VAL R 294 58.58 34.63 -162.07
C VAL R 294 57.49 35.07 -161.12
N GLU R 295 57.77 35.07 -159.82
CA GLU R 295 56.79 35.46 -158.82
C GLU R 295 56.90 36.93 -158.40
N ASN R 296 57.91 37.65 -158.87
CA ASN R 296 58.08 39.05 -158.54
C ASN R 296 57.15 39.86 -159.43
N VAL R 297 55.91 40.06 -158.98
CA VAL R 297 54.88 40.70 -159.77
C VAL R 297 54.67 42.12 -159.26
N ASN R 298 53.88 42.88 -160.00
CA ASN R 298 53.58 44.28 -159.66
C ASN R 298 52.33 44.35 -158.80
N VAL R 299 52.45 45.01 -157.66
CA VAL R 299 51.31 45.21 -156.75
C VAL R 299 51.46 46.59 -156.10
N GLU R 300 50.38 47.38 -156.17
CA GLU R 300 50.30 48.68 -155.50
C GLU R 300 51.44 49.61 -155.94
N ASN R 301 51.51 49.86 -157.25
CA ASN R 301 52.48 50.78 -157.84
C ASN R 301 53.91 50.41 -157.51
N LYS R 302 54.18 49.12 -157.30
CA LYS R 302 55.51 48.65 -156.96
C LYS R 302 55.58 47.15 -157.18
N THR R 303 56.77 46.61 -157.01
CA THR R 303 56.97 45.16 -157.05
C THR R 303 57.04 44.59 -155.63
N LEU R 304 57.15 43.27 -155.57
CA LEU R 304 57.06 42.58 -154.28
C LEU R 304 58.24 42.91 -153.38
N ARG R 305 59.42 43.13 -153.96
CA ARG R 305 60.63 43.25 -153.16
C ARG R 305 60.73 44.61 -152.48
N GLN R 306 60.11 45.65 -153.05
CA GLN R 306 60.22 46.97 -152.46
C GLN R 306 59.52 47.04 -151.11
N HIS R 307 58.41 46.32 -150.94
CA HIS R 307 57.76 46.25 -149.63
C HIS R 307 58.69 45.61 -148.60
N TYR R 308 59.33 44.51 -148.98
CA TYR R 308 60.26 43.84 -148.08
C TYR R 308 61.41 44.77 -147.70
N SER R 309 61.91 45.53 -148.67
CA SER R 309 62.97 46.48 -148.38
C SER R 309 62.50 47.56 -147.42
N ALA R 310 61.28 48.08 -147.62
CA ALA R 310 60.74 49.09 -146.73
C ALA R 310 60.48 48.57 -145.33
N LEU R 311 60.34 47.25 -145.18
CA LEU R 311 60.15 46.64 -143.87
C LEU R 311 61.35 46.83 -142.94
N ILE R 312 62.44 47.45 -143.40
CA ILE R 312 63.69 47.42 -142.64
C ILE R 312 63.65 48.28 -141.38
N PRO R 313 63.28 49.56 -141.42
CA PRO R 313 63.30 50.35 -140.16
C PRO R 313 62.36 49.82 -139.09
N ASN R 314 61.23 49.25 -139.48
CA ASN R 314 60.33 48.62 -138.51
C ASN R 314 61.04 47.50 -137.76
N LEU R 315 61.67 46.59 -138.50
CA LEU R 315 62.39 45.49 -137.87
C LEU R 315 63.54 46.01 -137.03
N PHE R 316 64.20 47.08 -137.47
CA PHE R 316 65.29 47.65 -136.70
C PHE R 316 64.80 48.13 -135.32
N ILE R 317 63.72 48.91 -135.31
CA ILE R 317 63.19 49.42 -134.04
C ILE R 317 62.71 48.27 -133.16
N ALA R 318 62.01 47.30 -133.75
CA ALA R 318 61.52 46.17 -132.98
C ALA R 318 62.67 45.39 -132.34
N ALA R 319 63.72 45.14 -133.12
CA ALA R 319 64.87 44.41 -132.61
C ALA R 319 65.56 45.18 -131.49
N VAL R 320 65.71 46.49 -131.64
CA VAL R 320 66.37 47.28 -130.61
C VAL R 320 65.59 47.21 -129.31
N ALA R 321 64.26 47.36 -129.38
CA ALA R 321 63.45 47.30 -128.17
C ALA R 321 63.54 45.92 -127.52
N ASN R 322 63.40 44.87 -128.32
CA ASN R 322 63.46 43.51 -127.77
C ASN R 322 64.81 43.21 -127.15
N ILE R 323 65.89 43.69 -127.78
CA ILE R 323 67.23 43.46 -127.25
C ILE R 323 67.40 44.17 -125.92
N SER R 324 66.91 45.41 -125.81
CA SER R 324 67.04 46.13 -124.54
C SER R 324 66.29 45.40 -123.43
N GLU R 325 65.06 44.94 -123.72
CA GLU R 325 64.30 44.25 -122.69
C GLU R 325 64.95 42.91 -122.31
N LEU R 326 65.53 42.22 -123.29
CA LEU R 326 66.21 40.96 -123.00
C LEU R 326 67.46 41.18 -122.15
N ASN R 327 68.19 42.26 -122.41
CA ASN R 327 69.35 42.58 -121.58
C ASN R 327 68.93 42.87 -120.15
N ALA R 328 67.85 43.65 -119.98
CA ALA R 328 67.37 43.92 -118.62
C ALA R 328 66.96 42.64 -117.91
N ALA R 329 66.23 41.75 -118.60
CA ALA R 329 65.81 40.49 -117.98
C ALA R 329 67.02 39.62 -117.63
N ASP R 330 68.01 39.57 -118.50
CA ASP R 330 69.21 38.77 -118.22
C ASP R 330 69.92 39.29 -116.98
N ALA R 331 70.10 40.60 -116.88
CA ALA R 331 70.76 41.16 -115.70
C ALA R 331 69.94 40.87 -114.44
N GLU R 332 68.62 40.99 -114.53
CA GLU R 332 67.78 40.75 -113.36
C GLU R 332 67.90 39.32 -112.88
N ALA R 333 67.83 38.35 -113.80
CA ALA R 333 67.89 36.96 -113.38
C ALA R 333 69.30 36.57 -112.93
N ALA R 334 70.33 37.19 -113.48
CA ALA R 334 71.69 36.84 -113.08
C ALA R 334 72.03 37.40 -111.70
N ALA R 335 71.63 38.64 -111.41
CA ALA R 335 72.04 39.27 -110.16
C ALA R 335 71.27 38.75 -108.95
N TYR R 336 70.16 38.06 -109.14
CA TYR R 336 69.32 37.61 -108.04
C TYR R 336 69.04 36.12 -108.13
N TYR R 337 70.07 35.33 -108.46
CA TYR R 337 69.92 33.88 -108.43
C TYR R 337 69.85 33.35 -107.01
N LEU R 338 70.65 33.92 -106.11
CA LEU R 338 70.63 33.56 -104.70
C LEU R 338 70.82 34.85 -103.90
N HIS R 339 69.69 35.47 -103.54
CA HIS R 339 69.71 36.74 -102.83
C HIS R 339 68.57 36.75 -101.81
N TRP R 340 68.69 37.64 -100.83
CA TRP R 340 67.66 37.78 -99.82
C TRP R 340 66.34 38.24 -100.43
N ASP R 341 66.41 39.17 -101.38
CA ASP R 341 65.21 39.78 -101.94
C ASP R 341 64.43 38.79 -102.81
N THR R 342 64.86 37.54 -102.80
CA THR R 342 64.19 36.47 -103.52
C THR R 342 63.62 35.40 -102.61
N ASP R 343 64.30 35.06 -101.53
CA ASP R 343 63.75 34.22 -100.46
C ASP R 343 63.54 35.14 -99.26
N LEU R 344 62.30 35.56 -99.04
CA LEU R 344 62.00 36.60 -98.08
C LEU R 344 61.69 36.00 -96.70
N ALA R 345 61.12 36.84 -95.82
CA ALA R 345 61.02 36.49 -94.41
C ALA R 345 60.14 35.25 -94.20
N THR R 346 58.86 35.35 -94.51
CA THR R 346 57.99 34.22 -94.27
C THR R 346 58.24 33.14 -95.32
N ASN R 347 57.86 31.91 -95.01
CA ASN R 347 57.93 30.87 -96.03
C ASN R 347 56.89 31.11 -97.11
N ASP R 348 55.77 31.75 -96.76
CA ASP R 348 54.68 31.96 -97.70
C ASP R 348 55.13 32.82 -98.88
N GLU R 349 55.59 34.04 -98.61
CA GLU R 349 56.01 35.01 -99.62
C GLU R 349 55.11 34.98 -100.85
N ASP R 350 53.81 35.16 -100.62
CA ASP R 350 52.84 35.11 -101.71
C ASP R 350 52.48 36.49 -102.25
N GLU R 351 52.49 37.51 -101.39
CA GLU R 351 52.14 38.85 -101.85
C GLU R 351 53.14 39.34 -102.90
N ALA R 352 54.43 39.10 -102.68
CA ALA R 352 55.44 39.50 -103.66
C ALA R 352 55.28 38.75 -104.96
N TYR R 353 54.96 37.46 -104.89
CA TYR R 353 54.75 36.67 -106.10
C TYR R 353 53.56 37.22 -106.88
N TYR R 354 52.47 37.56 -106.20
CA TYR R 354 51.30 38.05 -106.92
C TYR R 354 51.52 39.44 -107.48
N LYS R 355 52.27 40.29 -106.77
CA LYS R 355 52.63 41.59 -107.32
C LYS R 355 53.49 41.45 -108.57
N ALA R 356 54.48 40.55 -108.52
CA ALA R 356 55.32 40.30 -109.69
C ALA R 356 54.51 39.73 -110.84
N LYS R 357 53.57 38.83 -110.55
CA LYS R 357 52.73 38.26 -111.61
C LYS R 357 51.87 39.34 -112.26
N LEU R 358 51.35 40.27 -111.46
CA LEU R 358 50.61 41.40 -112.02
C LEU R 358 51.49 42.24 -112.93
N ASP R 359 52.70 42.58 -112.48
CA ASP R 359 53.58 43.39 -113.32
C ASP R 359 53.92 42.66 -114.61
N PHE R 360 54.17 41.36 -114.52
CA PHE R 360 54.50 40.56 -115.69
C PHE R 360 53.33 40.52 -116.68
N ALA R 361 52.11 40.36 -116.17
CA ALA R 361 50.94 40.34 -117.06
C ALA R 361 50.74 41.69 -117.74
N ILE R 362 50.94 42.79 -116.99
CA ILE R 362 50.82 44.12 -117.58
C ILE R 362 51.82 44.28 -118.72
N GLU R 363 53.07 43.88 -118.46
CA GLU R 363 54.10 44.00 -119.49
C GLU R 363 53.77 43.14 -120.71
N THR R 364 53.29 41.91 -120.49
CA THR R 364 52.96 41.03 -121.61
C THR R 364 51.83 41.60 -122.46
N TYR R 365 50.80 42.13 -121.82
CA TYR R 365 49.68 42.70 -122.57
C TYR R 365 50.10 43.95 -123.34
N ALA R 366 50.96 44.78 -122.74
CA ALA R 366 51.48 45.93 -123.49
C ALA R 366 52.33 45.48 -124.67
N LYS R 367 53.13 44.42 -124.47
CA LYS R 367 54.01 43.94 -125.53
C LYS R 367 53.23 43.36 -126.69
N ILE R 368 52.08 42.76 -126.43
CA ILE R 368 51.26 42.24 -127.52
C ILE R 368 50.91 43.37 -128.49
N LEU R 369 50.43 44.50 -127.94
CA LEU R 369 50.10 45.64 -128.79
C LEU R 369 51.33 46.23 -129.47
N PHE R 370 52.43 46.36 -128.72
CA PHE R 370 53.65 46.94 -129.29
C PHE R 370 54.15 46.12 -130.48
N ASN R 371 54.28 44.81 -130.29
CA ASN R 371 54.78 43.96 -131.37
C ASN R 371 53.79 43.89 -132.53
N GLY R 372 52.49 43.82 -132.25
CA GLY R 372 51.52 43.79 -133.32
C GLY R 372 51.55 45.05 -134.16
N GLU R 373 51.79 46.20 -133.53
CA GLU R 373 51.77 47.44 -134.29
C GLU R 373 53.09 47.72 -135.01
N VAL R 374 54.21 47.25 -134.48
CA VAL R 374 55.50 47.66 -135.02
C VAL R 374 55.89 46.83 -136.24
N TRP R 375 55.92 45.50 -136.13
CA TRP R 375 56.47 44.68 -137.19
C TRP R 375 55.59 43.54 -137.68
N GLN R 376 54.68 43.00 -136.86
CA GLN R 376 53.94 41.82 -137.28
C GLN R 376 53.04 42.10 -138.48
N GLU R 377 52.32 43.20 -138.45
CA GLU R 377 51.30 43.42 -139.46
C GLU R 377 51.87 43.99 -140.75
N PRO R 378 52.86 44.89 -140.71
CA PRO R 378 53.57 45.22 -141.95
C PRO R 378 54.11 44.00 -142.68
N LEU R 379 54.63 43.01 -141.95
CA LEU R 379 55.11 41.79 -142.60
C LEU R 379 53.96 40.92 -143.09
N ALA R 380 52.90 40.82 -142.28
CA ALA R 380 51.76 39.99 -142.65
C ALA R 380 51.10 40.50 -143.92
N TYR R 381 51.08 41.82 -144.11
CA TYR R 381 50.50 42.40 -145.31
C TYR R 381 51.24 41.95 -146.56
N VAL R 382 52.57 42.00 -146.52
CA VAL R 382 53.37 41.59 -147.68
C VAL R 382 53.22 40.09 -147.92
N GLN R 383 53.21 39.30 -146.84
CA GLN R 383 53.04 37.85 -147.03
C GLN R 383 51.67 37.52 -147.60
N ASN R 384 50.64 38.28 -147.21
CA ASN R 384 49.32 38.09 -147.79
C ASN R 384 49.29 38.47 -149.25
N LEU R 385 50.02 39.53 -149.62
CA LEU R 385 50.16 39.86 -151.04
C LEU R 385 50.77 38.70 -151.81
N ASP R 386 51.85 38.12 -151.27
CA ASP R 386 52.49 36.96 -151.88
C ASP R 386 51.48 35.82 -152.06
N ALA R 387 50.80 35.44 -150.99
CA ALA R 387 49.90 34.30 -151.03
C ALA R 387 48.74 34.55 -151.99
N GLY R 388 48.21 35.78 -152.00
CA GLY R 388 47.15 36.11 -152.91
C GLY R 388 47.58 36.02 -154.36
N ALA R 389 48.79 36.48 -154.67
CA ALA R 389 49.29 36.38 -156.03
C ALA R 389 49.40 34.92 -156.46
N ARG R 390 49.99 34.08 -155.62
CA ARG R 390 50.11 32.66 -155.99
C ARG R 390 48.74 32.02 -156.14
N GLN R 391 47.81 32.32 -155.23
CA GLN R 391 46.49 31.69 -155.27
C GLN R 391 45.73 32.13 -156.52
N GLU R 392 45.81 33.41 -156.89
CA GLU R 392 45.09 33.87 -158.07
C GLU R 392 45.69 33.26 -159.33
N ALA R 393 47.01 33.14 -159.41
CA ALA R 393 47.60 32.44 -160.55
C ALA R 393 47.12 31.00 -160.62
N ALA R 394 47.10 30.31 -159.48
CA ALA R 394 46.75 28.91 -159.45
C ALA R 394 45.30 28.69 -159.89
N ASP R 395 44.36 29.44 -159.31
CA ASP R 395 42.97 29.17 -159.66
C ASP R 395 42.62 29.74 -161.02
N ARG R 396 43.38 30.73 -161.52
CA ARG R 396 43.21 31.15 -162.90
C ARG R 396 43.57 30.01 -163.86
N GLU R 397 44.71 29.36 -163.61
CA GLU R 397 45.08 28.21 -164.43
C GLU R 397 44.05 27.09 -164.31
N ALA R 398 43.59 26.82 -163.10
CA ALA R 398 42.61 25.77 -162.88
C ALA R 398 41.30 26.07 -163.60
N ALA R 399 40.84 27.33 -163.53
CA ALA R 399 39.61 27.71 -164.20
C ALA R 399 39.75 27.60 -165.71
N ARG R 400 40.90 28.00 -166.25
CA ARG R 400 41.12 27.87 -167.69
C ARG R 400 41.05 26.40 -168.11
N ALA R 401 41.72 25.52 -167.36
CA ALA R 401 41.69 24.09 -167.68
C ALA R 401 40.28 23.53 -167.58
N ALA R 402 39.55 23.92 -166.53
CA ALA R 402 38.19 23.42 -166.34
C ALA R 402 37.28 23.88 -167.48
N ASP R 403 37.39 25.14 -167.89
CA ASP R 403 36.59 25.64 -168.99
C ASP R 403 36.90 24.89 -170.28
N GLU R 404 38.19 24.67 -170.56
CA GLU R 404 38.56 23.95 -171.78
C GLU R 404 38.00 22.53 -171.76
N ALA R 405 38.13 21.84 -170.63
CA ALA R 405 37.62 20.47 -170.52
C ALA R 405 36.10 20.44 -170.67
N TYR R 406 35.41 21.40 -170.06
CA TYR R 406 33.95 21.44 -170.14
C TYR R 406 33.50 21.68 -171.58
N ARG R 407 34.15 22.61 -172.28
CA ARG R 407 33.81 22.86 -173.67
C ARG R 407 34.06 21.62 -174.53
N ALA R 408 35.20 20.95 -174.32
CA ALA R 408 35.51 19.75 -175.10
C ALA R 408 34.49 18.66 -174.83
N GLU R 409 34.10 18.48 -173.56
CA GLU R 409 33.09 17.49 -173.21
C GLU R 409 31.76 17.78 -173.89
N GLN R 410 31.31 19.03 -173.84
CA GLN R 410 30.05 19.38 -174.48
C GLN R 410 30.10 19.14 -175.98
N LEU R 411 31.19 19.56 -176.63
CA LEU R 411 31.30 19.41 -178.08
C LEU R 411 31.33 17.93 -178.46
N ARG R 412 32.09 17.12 -177.73
CA ARG R 412 32.18 15.70 -178.07
C ARG R 412 30.85 15.00 -177.84
N ILE R 413 30.13 15.36 -176.77
CA ILE R 413 28.82 14.74 -176.54
C ILE R 413 27.84 15.13 -177.64
N ALA R 414 27.82 16.40 -178.02
CA ALA R 414 26.90 16.85 -179.06
C ALA R 414 27.21 16.17 -180.39
N GLN R 415 28.49 16.12 -180.77
CA GLN R 415 28.86 15.47 -182.03
C GLN R 415 28.57 13.98 -182.01
N GLU R 416 28.81 13.32 -180.86
CA GLU R 416 28.60 11.88 -180.81
C GLU R 416 27.11 11.57 -180.89
N ALA R 417 26.27 12.38 -180.23
CA ALA R 417 24.83 12.26 -180.42
C ALA R 417 24.43 12.55 -181.86
N ALA R 418 25.16 13.46 -182.52
CA ALA R 418 24.89 13.73 -183.93
C ALA R 418 25.12 12.49 -184.77
N ASP R 419 26.23 11.78 -184.54
CA ASP R 419 26.44 10.51 -185.24
C ASP R 419 25.42 9.44 -184.84
N ALA R 420 24.89 9.50 -183.62
CA ALA R 420 23.79 8.60 -183.27
C ALA R 420 22.55 8.89 -184.13
N GLN R 421 22.23 10.17 -184.29
CA GLN R 421 21.14 10.55 -185.19
C GLN R 421 21.47 10.15 -186.63
N LYS R 422 22.76 10.16 -186.97
CA LYS R 422 23.19 9.74 -188.30
C LYS R 422 22.89 8.26 -188.52
N ALA R 423 23.17 7.45 -187.49
CA ALA R 423 22.83 6.03 -187.53
C ALA R 423 21.33 5.84 -187.69
N ILE R 424 20.54 6.61 -186.96
CA ILE R 424 19.09 6.56 -187.13
C ILE R 424 18.70 6.85 -188.58
N ALA R 425 19.27 7.92 -189.13
CA ALA R 425 18.92 8.34 -190.49
C ALA R 425 19.27 7.26 -191.50
N GLU R 426 20.48 6.71 -191.42
CA GLU R 426 20.88 5.69 -192.39
C GLU R 426 20.06 4.42 -192.22
N ALA R 427 19.71 4.07 -190.97
CA ALA R 427 18.93 2.85 -190.75
C ALA R 427 17.55 2.95 -191.37
N LEU R 428 16.82 4.03 -191.05
CA LEU R 428 15.47 4.17 -191.60
C LEU R 428 15.47 4.61 -193.06
N ALA R 429 16.62 5.04 -193.59
CA ALA R 429 16.73 5.17 -195.04
C ALA R 429 16.93 3.81 -195.71
N LYS R 430 17.67 2.92 -195.06
CA LYS R 430 17.94 1.61 -195.65
C LYS R 430 16.72 0.70 -195.56
N GLU R 431 15.94 0.81 -194.49
CA GLU R 431 14.77 -0.05 -194.35
C GLU R 431 13.78 0.15 -195.50
N ALA R 432 13.58 1.41 -195.91
CA ALA R 432 12.72 1.69 -197.04
C ALA R 432 13.52 2.24 -198.22
#